data_4ZGX
#
_entry.id   4ZGX
#
_cell.length_a   104.700
_cell.length_b   125.960
_cell.length_c   155.230
_cell.angle_alpha   70.25
_cell.angle_beta   85.87
_cell.angle_gamma   73.84
#
_symmetry.space_group_name_H-M   'P 1'
#
loop_
_entity.id
_entity.type
_entity.pdbx_description
1 polymer 'Cytochrome P450 11B2, mitochondrial'
2 non-polymer 'PROTOPORPHYRIN IX CONTAINING FE'
3 non-polymer N-[(8R)-4-(4-chloro-3-fluorophenyl)-5,6,7,8-tetrahydroisoquinolin-8-yl]propanamide
4 water water
#
_entity_poly.entity_id   1
_entity_poly.type   'polypeptide(L)'
_entity_poly.pdbx_seq_one_letter_code
;MATKAARAPRTVLPFEAMPQHPGNRWLRLLQIWREQGYEHLHLEMHQTFQELGPIFRYNLGGPRMVCVMLPEDVEKLQQV
DSLHPCRMILEPWVAYRQHRGHKCGVFLLNGPEWRFNRLRLNPDVLSPKAVQRFLPMVDAVARDFSQALKKKVLQNARGS
LTLDVQPSIFHYTIEASNLALFGERLGLVGHSPSSASLNFLHALEVMFKSTVQLMFMPRSLSRWISPKVWKEHFEAWDCI
FQYGDNCIQKIYQELAFNRPQHYTGIVAELLLKAELSLEAIKANSMELTAGSVDTTAFPLLMTLFELARNPDVQQILRQE
SLAAAASISEHPQKATTELPLLRAALKETLRLYPVGLFLERVVSSDLVLQNYHIPAGTLVQVFLYSLGRNAALFPRPERY
NPQRWLDIRGSGRNFHHVPFGFGMRQCLGRRLAEAEMLLLLHHVLKHFLVETLTQEDIKMVYSFILRPGTSPLLTFRAIN
GGRHHHHHH
;
_entity_poly.pdbx_strand_id   A,B,C,D,E,F,G,H,I,J,K,L
#
# COMPACT_ATOMS: atom_id res chain seq x y z
N THR A 11 -1.05 -58.41 49.30
CA THR A 11 0.12 -58.33 50.18
C THR A 11 1.20 -57.40 49.58
N VAL A 12 1.48 -56.25 50.25
CA VAL A 12 2.43 -55.20 49.84
C VAL A 12 3.52 -54.92 50.91
N LEU A 13 4.79 -55.11 50.52
CA LEU A 13 5.98 -54.94 51.36
C LEU A 13 6.42 -53.47 51.48
N PRO A 14 7.09 -53.05 52.60
CA PRO A 14 7.55 -51.65 52.69
C PRO A 14 8.72 -51.33 51.76
N PHE A 15 9.06 -50.04 51.62
CA PHE A 15 10.12 -49.56 50.74
C PHE A 15 11.51 -50.05 51.12
N GLU A 16 11.91 -49.97 52.40
CA GLU A 16 13.25 -50.38 52.85
C GLU A 16 13.49 -51.90 52.78
N ALA A 17 12.43 -52.70 52.54
CA ALA A 17 12.50 -54.16 52.40
C ALA A 17 13.11 -54.55 51.04
N MET A 18 13.05 -53.64 50.06
CA MET A 18 13.55 -53.77 48.68
C MET A 18 15.07 -54.00 48.66
N PRO A 19 15.61 -54.86 47.76
CA PRO A 19 17.07 -55.05 47.71
C PRO A 19 17.80 -53.74 47.42
N GLN A 20 18.92 -53.51 48.08
CA GLN A 20 19.70 -52.29 47.93
C GLN A 20 20.93 -52.53 47.09
N HIS A 21 21.35 -51.52 46.31
CA HIS A 21 22.57 -51.56 45.49
C HIS A 21 23.77 -51.64 46.45
N PRO A 22 24.75 -52.55 46.21
CA PRO A 22 25.85 -52.68 47.18
C PRO A 22 26.84 -51.52 47.20
N GLY A 23 26.93 -50.81 46.08
CA GLY A 23 27.81 -49.64 45.95
C GLY A 23 27.27 -48.43 46.69
N ASN A 24 28.20 -47.66 47.29
CA ASN A 24 27.93 -46.42 48.03
C ASN A 24 28.14 -45.19 47.15
N ARG A 25 27.38 -44.12 47.41
CA ARG A 25 27.36 -42.86 46.67
C ARG A 25 28.69 -42.08 46.64
N TRP A 26 29.50 -42.17 47.70
CA TRP A 26 30.74 -41.40 47.78
C TRP A 26 31.84 -41.95 46.88
N LEU A 27 32.12 -43.25 46.98
CA LEU A 27 33.14 -43.86 46.13
C LEU A 27 32.73 -43.84 44.66
N ARG A 28 31.39 -43.83 44.42
CA ARG A 28 30.81 -43.71 43.07
C ARG A 28 31.21 -42.35 42.48
N LEU A 29 31.17 -41.29 43.30
CA LEU A 29 31.53 -39.92 42.92
C LEU A 29 33.02 -39.85 42.56
N LEU A 30 33.85 -40.51 43.38
CA LEU A 30 35.30 -40.49 43.27
C LEU A 30 35.81 -41.19 42.04
N GLN A 31 35.17 -42.30 41.62
CA GLN A 31 35.61 -43.02 40.42
C GLN A 31 35.39 -42.20 39.14
N ILE A 32 34.23 -41.52 38.97
CA ILE A 32 33.97 -40.67 37.80
C ILE A 32 35.04 -39.56 37.70
N TRP A 33 35.49 -39.01 38.85
CA TRP A 33 36.56 -38.01 38.88
C TRP A 33 37.87 -38.65 38.37
N ARG A 34 38.09 -39.95 38.69
CA ARG A 34 39.27 -40.72 38.29
C ARG A 34 39.21 -41.25 36.83
N GLU A 35 38.03 -41.64 36.39
CA GLU A 35 37.82 -42.24 35.09
C GLU A 35 37.31 -41.24 34.03
N GLN A 36 37.13 -39.95 34.41
CA GLN A 36 36.63 -38.91 33.50
C GLN A 36 35.26 -39.29 32.81
N GLY A 37 34.47 -40.17 33.46
CA GLY A 37 33.16 -40.60 32.96
C GLY A 37 32.67 -41.91 33.54
N TYR A 38 31.49 -42.35 33.08
CA TYR A 38 30.87 -43.61 33.51
C TYR A 38 30.54 -44.49 32.28
N GLU A 39 31.56 -44.79 31.46
CA GLU A 39 31.49 -45.56 30.21
C GLU A 39 30.65 -46.84 30.30
N HIS A 40 30.91 -47.65 31.33
CA HIS A 40 30.37 -48.98 31.57
C HIS A 40 28.97 -49.10 32.19
N LEU A 41 28.42 -47.99 32.67
CA LEU A 41 27.18 -47.93 33.43
C LEU A 41 26.08 -48.93 33.02
N HIS A 42 25.79 -49.08 31.71
CA HIS A 42 24.75 -49.98 31.24
C HIS A 42 24.99 -51.43 31.62
N LEU A 43 26.26 -51.88 31.47
CA LEU A 43 26.72 -53.23 31.79
C LEU A 43 26.71 -53.48 33.30
N GLU A 44 27.08 -52.46 34.11
CA GLU A 44 27.11 -52.51 35.58
C GLU A 44 25.70 -52.66 36.12
N MET A 45 24.76 -51.86 35.61
CA MET A 45 23.36 -51.88 36.02
C MET A 45 22.69 -53.18 35.65
N HIS A 46 22.98 -53.72 34.43
CA HIS A 46 22.44 -54.97 33.93
C HIS A 46 22.83 -56.14 34.85
N GLN A 47 24.10 -56.15 35.30
CA GLN A 47 24.70 -57.15 36.17
C GLN A 47 24.04 -57.12 37.55
N THR A 48 23.69 -55.91 38.02
CA THR A 48 23.01 -55.66 39.30
C THR A 48 21.61 -56.29 39.30
N PHE A 49 20.86 -56.13 38.20
CA PHE A 49 19.51 -56.70 38.05
C PHE A 49 19.52 -58.23 38.08
N GLN A 50 20.59 -58.83 37.56
CA GLN A 50 20.75 -60.28 37.53
C GLN A 50 21.03 -60.82 38.92
N GLU A 51 21.64 -59.99 39.80
CA GLU A 51 22.03 -60.35 41.17
C GLU A 51 20.99 -60.01 42.23
N LEU A 52 20.27 -58.89 42.09
CA LEU A 52 19.30 -58.39 43.07
C LEU A 52 17.81 -58.56 42.69
N GLY A 53 17.51 -58.85 41.44
CA GLY A 53 16.14 -59.04 40.98
C GLY A 53 15.65 -57.97 40.01
N PRO A 54 14.36 -58.00 39.58
CA PRO A 54 13.89 -56.98 38.62
C PRO A 54 13.60 -55.60 39.19
N ILE A 55 13.86 -55.41 40.51
CA ILE A 55 13.66 -54.17 41.25
C ILE A 55 14.70 -54.04 42.37
N PHE A 56 15.33 -52.86 42.47
CA PHE A 56 16.32 -52.52 43.50
C PHE A 56 16.37 -51.01 43.78
N ARG A 57 16.72 -50.63 45.00
CA ARG A 57 16.84 -49.23 45.41
C ARG A 57 18.30 -48.79 45.45
N TYR A 58 18.63 -47.60 44.89
CA TYR A 58 20.00 -47.07 44.86
C TYR A 58 20.21 -46.18 46.07
N ASN A 59 21.31 -46.43 46.80
CA ASN A 59 21.67 -45.66 48.00
C ASN A 59 22.12 -44.22 47.64
N LEU A 60 21.14 -43.34 47.34
CA LEU A 60 21.37 -41.93 46.99
C LEU A 60 21.64 -41.05 48.25
N GLY A 61 21.45 -41.63 49.44
CA GLY A 61 21.70 -40.96 50.71
C GLY A 61 20.71 -39.85 51.03
N GLY A 62 19.46 -40.24 51.25
CA GLY A 62 18.34 -39.36 51.54
C GLY A 62 17.21 -39.53 50.55
N PRO A 63 17.33 -39.01 49.29
CA PRO A 63 16.24 -39.19 48.34
C PRO A 63 16.06 -40.66 47.92
N ARG A 64 14.81 -41.03 47.68
CA ARG A 64 14.42 -42.37 47.28
C ARG A 64 14.60 -42.54 45.75
N MET A 65 15.39 -43.54 45.35
CA MET A 65 15.68 -43.89 43.96
C MET A 65 15.45 -45.40 43.75
N VAL A 66 14.56 -45.74 42.80
CA VAL A 66 14.16 -47.11 42.47
C VAL A 66 14.50 -47.41 41.01
N CYS A 67 15.06 -48.61 40.76
CA CYS A 67 15.41 -49.08 39.42
C CYS A 67 14.56 -50.29 39.03
N VAL A 68 13.94 -50.20 37.83
CA VAL A 68 13.07 -51.23 37.27
C VAL A 68 13.51 -51.64 35.86
N MET A 69 13.02 -52.80 35.36
CA MET A 69 13.36 -53.30 34.02
C MET A 69 12.23 -54.13 33.40
N LEU A 70 11.03 -54.11 34.02
CA LEU A 70 9.87 -54.87 33.55
C LEU A 70 8.79 -53.98 32.92
N PRO A 71 8.14 -54.42 31.82
CA PRO A 71 7.08 -53.59 31.22
C PRO A 71 5.84 -53.45 32.11
N GLU A 72 5.57 -54.47 32.96
CA GLU A 72 4.46 -54.45 33.91
C GLU A 72 4.62 -53.27 34.89
N ASP A 73 5.88 -52.84 35.12
CA ASP A 73 6.27 -51.72 35.98
C ASP A 73 6.06 -50.44 35.20
N VAL A 74 6.33 -50.46 33.88
CA VAL A 74 6.16 -49.30 32.98
C VAL A 74 4.67 -48.94 32.89
N GLU A 75 3.80 -49.96 32.81
CA GLU A 75 2.33 -49.81 32.77
C GLU A 75 1.84 -48.99 33.95
N LYS A 76 2.14 -49.48 35.18
CA LYS A 76 1.81 -48.91 36.49
C LYS A 76 2.41 -47.52 36.60
N LEU A 77 3.61 -47.32 36.03
CA LEU A 77 4.26 -46.02 36.05
C LEU A 77 3.50 -44.99 35.22
N GLN A 78 2.78 -45.41 34.17
CA GLN A 78 2.00 -44.51 33.30
C GLN A 78 0.69 -44.03 33.95
N GLN A 79 0.09 -44.90 34.80
CA GLN A 79 -1.15 -44.60 35.52
C GLN A 79 -0.98 -43.48 36.55
N VAL A 80 0.25 -43.31 37.05
CA VAL A 80 0.63 -42.32 38.06
C VAL A 80 1.17 -41.00 37.40
N ASP A 81 1.30 -40.99 36.06
CA ASP A 81 1.83 -39.86 35.28
C ASP A 81 1.29 -38.48 35.69
N SER A 82 -0.05 -38.36 35.85
CA SER A 82 -0.78 -37.11 36.17
C SER A 82 -0.72 -36.10 35.01
N LEU A 83 -1.24 -34.88 35.22
CA LEU A 83 -1.21 -33.84 34.19
C LEU A 83 0.18 -33.37 33.87
N HIS A 84 1.05 -33.35 34.89
CA HIS A 84 2.42 -32.88 34.74
C HIS A 84 3.45 -33.95 35.10
N PRO A 85 3.74 -34.92 34.19
CA PRO A 85 4.76 -35.94 34.50
C PRO A 85 6.12 -35.30 34.67
N CYS A 86 6.73 -35.50 35.84
CA CYS A 86 7.98 -34.88 36.23
C CYS A 86 9.19 -35.76 36.07
N ARG A 87 10.23 -35.23 35.42
CA ARG A 87 11.52 -35.89 35.20
C ARG A 87 12.55 -35.16 36.03
N MET A 88 13.64 -35.84 36.39
CA MET A 88 14.72 -35.25 37.19
C MET A 88 15.38 -34.10 36.46
N ILE A 89 15.65 -33.02 37.20
CA ILE A 89 16.25 -31.80 36.61
C ILE A 89 17.71 -32.04 36.23
N LEU A 90 18.01 -31.83 34.95
CA LEU A 90 19.34 -32.02 34.41
C LEU A 90 20.11 -30.73 34.63
N GLU A 91 20.69 -30.61 35.83
CA GLU A 91 21.45 -29.46 36.28
C GLU A 91 22.53 -28.89 35.29
N PRO A 92 23.44 -29.67 34.66
CA PRO A 92 24.42 -29.05 33.74
C PRO A 92 23.81 -28.28 32.56
N TRP A 93 22.77 -28.87 31.92
CA TRP A 93 22.08 -28.29 30.77
C TRP A 93 21.30 -27.03 31.13
N VAL A 94 20.54 -27.10 32.24
CA VAL A 94 19.74 -25.99 32.77
C VAL A 94 20.64 -24.80 33.18
N ALA A 95 21.82 -25.12 33.79
CA ALA A 95 22.80 -24.13 34.22
C ALA A 95 23.28 -23.27 33.06
N TYR A 96 23.44 -23.88 31.88
CA TYR A 96 23.87 -23.12 30.70
C TYR A 96 22.77 -22.12 30.28
N ARG A 97 21.50 -22.58 30.24
CA ARG A 97 20.35 -21.76 29.85
C ARG A 97 20.23 -20.52 30.76
N GLN A 98 20.34 -20.74 32.09
CA GLN A 98 20.25 -19.69 33.12
C GLN A 98 21.35 -18.67 32.95
N HIS A 99 22.60 -19.16 32.76
CA HIS A 99 23.81 -18.34 32.61
C HIS A 99 23.73 -17.42 31.38
N ARG A 100 23.26 -17.94 30.24
CA ARG A 100 23.19 -17.22 28.98
C ARG A 100 21.85 -16.51 28.75
N GLY A 101 20.94 -16.67 29.70
CA GLY A 101 19.62 -16.04 29.66
C GLY A 101 18.62 -16.60 28.67
N HIS A 102 18.76 -17.90 28.33
CA HIS A 102 17.86 -18.57 27.42
C HIS A 102 16.79 -19.29 28.20
N LYS A 103 15.62 -19.52 27.57
CA LYS A 103 14.55 -20.30 28.17
C LYS A 103 14.85 -21.79 27.94
N CYS A 104 14.21 -22.67 28.73
CA CYS A 104 14.36 -24.12 28.59
C CYS A 104 13.33 -24.69 27.65
N GLY A 105 13.75 -25.67 26.88
CA GLY A 105 12.83 -26.32 25.95
C GLY A 105 12.07 -27.42 26.66
N VAL A 106 11.07 -27.99 25.96
CA VAL A 106 10.15 -29.04 26.42
C VAL A 106 10.87 -30.25 27.08
N PHE A 107 12.13 -30.55 26.66
CA PHE A 107 12.94 -31.64 27.21
C PHE A 107 13.41 -31.36 28.65
N LEU A 108 13.81 -30.09 28.95
CA LEU A 108 14.30 -29.71 30.27
C LEU A 108 13.23 -29.14 31.20
N LEU A 109 12.01 -28.82 30.67
CA LEU A 109 10.93 -28.21 31.46
C LEU A 109 10.16 -29.21 32.31
N ASN A 110 9.42 -28.68 33.29
CA ASN A 110 8.57 -29.45 34.18
C ASN A 110 7.33 -28.66 34.57
N GLY A 111 6.26 -29.38 34.89
CA GLY A 111 5.01 -28.78 35.36
C GLY A 111 4.18 -28.01 34.37
N PRO A 112 3.46 -26.95 34.83
CA PRO A 112 2.60 -26.18 33.91
C PRO A 112 3.33 -25.54 32.75
N GLU A 113 4.61 -25.12 32.95
CA GLU A 113 5.42 -24.50 31.90
C GLU A 113 5.69 -25.49 30.78
N TRP A 114 5.91 -26.78 31.12
CA TRP A 114 6.14 -27.84 30.16
C TRP A 114 4.87 -28.10 29.30
N ARG A 115 3.71 -28.22 29.98
CA ARG A 115 2.41 -28.52 29.36
C ARG A 115 2.02 -27.49 28.31
N PHE A 116 2.25 -26.18 28.60
CA PHE A 116 1.96 -25.06 27.69
C PHE A 116 2.75 -25.23 26.42
N ASN A 117 4.08 -25.48 26.55
CA ASN A 117 5.01 -25.69 25.44
C ASN A 117 4.63 -26.93 24.62
N ARG A 118 4.59 -28.10 25.27
CA ARG A 118 4.27 -29.38 24.66
C ARG A 118 2.99 -29.39 23.81
N LEU A 119 1.91 -28.80 24.33
CA LEU A 119 0.62 -28.75 23.62
C LEU A 119 0.67 -27.88 22.37
N ARG A 120 1.55 -26.87 22.35
CA ARG A 120 1.73 -25.95 21.22
C ARG A 120 2.77 -26.46 20.21
N LEU A 121 3.48 -27.57 20.56
CA LEU A 121 4.50 -28.17 19.70
C LEU A 121 3.97 -29.41 19.00
N ASN A 122 3.18 -30.24 19.69
CA ASN A 122 2.58 -31.46 19.14
C ASN A 122 1.92 -31.30 17.75
N PRO A 123 1.12 -30.23 17.46
CA PRO A 123 0.48 -30.17 16.15
C PRO A 123 1.40 -29.98 14.94
N ASP A 124 2.66 -29.54 15.16
CA ASP A 124 3.59 -29.28 14.06
C ASP A 124 4.84 -30.16 14.07
N VAL A 125 5.11 -30.88 15.18
CA VAL A 125 6.28 -31.75 15.32
C VAL A 125 5.93 -33.26 15.29
N LEU A 126 4.85 -33.63 15.98
CA LEU A 126 4.48 -35.02 16.18
C LEU A 126 3.20 -35.46 15.47
N SER A 127 2.20 -34.58 15.35
CA SER A 127 0.88 -34.88 14.78
C SER A 127 0.92 -35.59 13.43
N PRO A 128 -0.05 -36.48 13.11
CA PRO A 128 -0.02 -37.17 11.81
C PRO A 128 -0.12 -36.23 10.60
N LYS A 129 -0.90 -35.14 10.74
CA LYS A 129 -1.09 -34.10 9.71
C LYS A 129 0.23 -33.41 9.38
N ALA A 130 1.08 -33.17 10.41
CA ALA A 130 2.41 -32.57 10.28
C ALA A 130 3.38 -33.53 9.59
N VAL A 131 3.32 -34.84 9.92
CA VAL A 131 4.16 -35.91 9.36
C VAL A 131 3.95 -36.01 7.84
N GLN A 132 2.69 -35.87 7.40
CA GLN A 132 2.27 -35.90 5.99
C GLN A 132 2.96 -34.81 5.20
N ARG A 133 3.30 -33.68 5.87
CA ARG A 133 3.93 -32.51 5.26
C ARG A 133 5.47 -32.55 5.22
N PHE A 134 6.13 -33.00 6.29
CA PHE A 134 7.59 -33.02 6.29
C PHE A 134 8.19 -34.31 5.74
N LEU A 135 7.39 -35.41 5.68
CA LEU A 135 7.83 -36.70 5.14
C LEU A 135 8.36 -36.64 3.71
N PRO A 136 7.68 -35.96 2.73
CA PRO A 136 8.25 -35.87 1.37
C PRO A 136 9.61 -35.13 1.29
N MET A 137 9.86 -34.20 2.24
CA MET A 137 11.10 -33.44 2.33
C MET A 137 12.23 -34.37 2.76
N VAL A 138 11.96 -35.22 3.75
CA VAL A 138 12.93 -36.19 4.27
C VAL A 138 13.25 -37.23 3.18
N ASP A 139 12.22 -37.69 2.45
CA ASP A 139 12.34 -38.62 1.33
C ASP A 139 13.36 -38.13 0.28
N ALA A 140 13.32 -36.81 -0.08
CA ALA A 140 14.23 -36.17 -1.03
C ALA A 140 15.70 -36.29 -0.59
N VAL A 141 15.96 -36.10 0.72
CA VAL A 141 17.30 -36.21 1.31
C VAL A 141 17.76 -37.68 1.27
N ALA A 142 16.88 -38.61 1.69
CA ALA A 142 17.12 -40.05 1.71
C ALA A 142 17.43 -40.58 0.32
N ARG A 143 16.76 -40.03 -0.70
CA ARG A 143 16.96 -40.37 -2.11
C ARG A 143 18.37 -39.95 -2.52
N ASP A 144 18.76 -38.70 -2.17
CA ASP A 144 20.05 -38.10 -2.47
C ASP A 144 21.20 -38.86 -1.85
N PHE A 145 21.00 -39.46 -0.65
CA PHE A 145 22.02 -40.26 0.04
C PHE A 145 22.31 -41.54 -0.76
N SER A 146 21.26 -42.27 -1.16
CA SER A 146 21.39 -43.51 -1.91
C SER A 146 21.97 -43.25 -3.29
N GLN A 147 21.54 -42.15 -3.95
CA GLN A 147 21.98 -41.78 -5.29
C GLN A 147 23.45 -41.38 -5.30
N ALA A 148 23.89 -40.62 -4.29
CA ALA A 148 25.27 -40.19 -4.12
C ALA A 148 26.17 -41.40 -3.88
N LEU A 149 25.67 -42.34 -3.07
CA LEU A 149 26.36 -43.60 -2.75
C LEU A 149 26.53 -44.45 -4.02
N LYS A 150 25.43 -44.60 -4.80
CA LYS A 150 25.39 -45.35 -6.06
C LYS A 150 26.41 -44.81 -7.06
N LYS A 151 26.61 -43.47 -7.08
CA LYS A 151 27.57 -42.80 -7.97
C LYS A 151 29.00 -43.25 -7.68
N LYS A 152 29.41 -43.32 -6.40
CA LYS A 152 30.75 -43.77 -5.98
C LYS A 152 30.95 -45.29 -6.07
N VAL A 153 29.87 -46.08 -5.87
CA VAL A 153 29.85 -47.55 -5.98
C VAL A 153 30.15 -47.96 -7.43
N LEU A 154 29.47 -47.34 -8.41
CA LEU A 154 29.63 -47.65 -9.83
C LEU A 154 30.99 -47.18 -10.42
N GLN A 155 31.82 -46.48 -9.62
CA GLN A 155 33.16 -46.04 -10.04
C GLN A 155 34.20 -47.14 -9.76
N ASN A 156 33.83 -48.12 -8.90
CA ASN A 156 34.68 -49.26 -8.52
C ASN A 156 34.37 -50.47 -9.42
N ALA A 157 35.42 -51.17 -9.88
CA ALA A 157 35.33 -52.34 -10.75
C ALA A 157 34.37 -53.44 -10.28
N ARG A 158 34.32 -53.68 -8.96
CA ARG A 158 33.47 -54.70 -8.36
C ARG A 158 32.02 -54.25 -8.16
N GLY A 159 31.77 -52.95 -8.37
CA GLY A 159 30.45 -52.36 -8.19
C GLY A 159 30.03 -52.40 -6.73
N SER A 160 31.00 -52.08 -5.85
CA SER A 160 30.82 -52.10 -4.40
C SER A 160 31.72 -51.08 -3.68
N LEU A 161 31.22 -50.54 -2.58
CA LEU A 161 31.98 -49.61 -1.79
C LEU A 161 32.02 -50.02 -0.32
N THR A 162 33.25 -50.26 0.18
CA THR A 162 33.51 -50.64 1.57
C THR A 162 34.01 -49.39 2.31
N LEU A 163 33.25 -48.95 3.34
CA LEU A 163 33.56 -47.75 4.10
C LEU A 163 33.03 -47.73 5.55
N ASP A 164 33.46 -46.71 6.32
CA ASP A 164 32.98 -46.40 7.65
C ASP A 164 31.79 -45.46 7.36
N VAL A 165 30.57 -45.96 7.58
CA VAL A 165 29.34 -45.22 7.27
C VAL A 165 29.04 -44.10 8.24
N GLN A 166 29.51 -44.19 9.52
CA GLN A 166 29.26 -43.21 10.58
C GLN A 166 29.33 -41.74 10.11
N PRO A 167 30.44 -41.19 9.56
CA PRO A 167 30.41 -39.79 9.11
C PRO A 167 29.28 -39.46 8.13
N SER A 168 29.12 -40.26 7.06
CA SER A 168 28.09 -40.06 6.03
C SER A 168 26.65 -40.09 6.58
N ILE A 169 26.37 -41.01 7.56
CA ILE A 169 25.06 -41.18 8.21
C ILE A 169 24.78 -39.96 9.09
N PHE A 170 25.81 -39.45 9.76
CA PHE A 170 25.67 -38.29 10.62
C PHE A 170 25.31 -37.06 9.83
N HIS A 171 25.95 -36.87 8.66
CA HIS A 171 25.67 -35.75 7.76
C HIS A 171 24.29 -35.86 7.12
N TYR A 172 23.73 -37.08 7.03
CA TYR A 172 22.37 -37.32 6.56
C TYR A 172 21.38 -36.79 7.62
N THR A 173 21.55 -37.20 8.91
CA THR A 173 20.68 -36.76 9.99
C THR A 173 20.73 -35.22 10.14
N ILE A 174 21.88 -34.57 9.86
CA ILE A 174 22.00 -33.11 9.90
C ILE A 174 21.19 -32.49 8.76
N GLU A 175 21.40 -32.96 7.53
CA GLU A 175 20.74 -32.50 6.30
C GLU A 175 19.21 -32.68 6.34
N ALA A 176 18.76 -33.90 6.70
CA ALA A 176 17.35 -34.27 6.79
C ALA A 176 16.60 -33.51 7.89
N SER A 177 17.23 -33.28 9.07
CA SER A 177 16.61 -32.55 10.16
C SER A 177 16.49 -31.07 9.86
N ASN A 178 17.55 -30.46 9.27
CA ASN A 178 17.55 -29.04 8.93
C ASN A 178 16.48 -28.76 7.88
N LEU A 179 16.32 -29.66 6.90
CA LEU A 179 15.29 -29.51 5.87
C LEU A 179 13.88 -29.68 6.45
N ALA A 180 13.69 -30.66 7.36
CA ALA A 180 12.39 -30.89 8.00
C ALA A 180 12.00 -29.78 8.95
N LEU A 181 12.98 -29.21 9.68
CA LEU A 181 12.73 -28.13 10.66
C LEU A 181 12.68 -26.74 10.04
N PHE A 182 13.70 -26.38 9.23
CA PHE A 182 13.85 -25.05 8.66
C PHE A 182 13.56 -24.92 7.17
N GLY A 183 13.50 -26.04 6.45
CA GLY A 183 13.24 -26.01 5.02
C GLY A 183 14.41 -25.48 4.23
N GLU A 184 15.63 -25.85 4.66
CA GLU A 184 16.89 -25.45 4.05
C GLU A 184 17.79 -26.65 3.80
N ARG A 185 18.29 -26.77 2.57
CA ARG A 185 19.22 -27.82 2.18
C ARG A 185 20.63 -27.31 2.51
N LEU A 186 21.38 -28.04 3.35
CA LEU A 186 22.72 -27.59 3.75
C LEU A 186 23.83 -28.04 2.77
N GLY A 187 23.48 -29.00 1.89
CA GLY A 187 24.38 -29.55 0.88
C GLY A 187 25.49 -30.42 1.43
N LEU A 188 25.19 -31.19 2.50
CA LEU A 188 26.12 -32.08 3.17
C LEU A 188 26.07 -33.50 2.59
N VAL A 189 24.89 -33.92 2.08
CA VAL A 189 24.66 -35.22 1.49
C VAL A 189 25.25 -35.25 0.06
N GLY A 190 26.23 -36.12 -0.13
CA GLY A 190 26.91 -36.29 -1.42
C GLY A 190 28.08 -35.35 -1.63
N HIS A 191 28.44 -34.58 -0.60
CA HIS A 191 29.53 -33.60 -0.64
C HIS A 191 30.44 -33.72 0.57
N SER A 192 31.60 -33.05 0.52
CA SER A 192 32.58 -33.01 1.61
C SER A 192 31.94 -32.36 2.84
N PRO A 193 32.24 -32.84 4.07
CA PRO A 193 31.64 -32.21 5.27
C PRO A 193 32.18 -30.79 5.52
N SER A 194 31.28 -29.86 5.85
CA SER A 194 31.63 -28.48 6.12
C SER A 194 32.27 -28.36 7.50
N SER A 195 33.17 -27.36 7.66
CA SER A 195 33.87 -27.09 8.92
C SER A 195 32.84 -26.84 10.04
N ALA A 196 31.78 -26.09 9.71
CA ALA A 196 30.67 -25.76 10.60
C ALA A 196 29.94 -27.01 11.12
N SER A 197 29.72 -28.02 10.25
CA SER A 197 29.05 -29.28 10.60
C SER A 197 29.93 -30.15 11.50
N LEU A 198 31.22 -30.28 11.14
CA LEU A 198 32.21 -31.06 11.89
C LEU A 198 32.40 -30.52 13.31
N ASN A 199 32.36 -29.18 13.46
CA ASN A 199 32.49 -28.50 14.76
C ASN A 199 31.26 -28.76 15.62
N PHE A 200 30.07 -28.72 14.99
CA PHE A 200 28.78 -28.96 15.64
C PHE A 200 28.73 -30.36 16.21
N LEU A 201 29.10 -31.39 15.39
CA LEU A 201 29.15 -32.81 15.75
C LEU A 201 30.05 -33.04 16.98
N HIS A 202 31.24 -32.41 16.98
CA HIS A 202 32.24 -32.47 18.05
C HIS A 202 31.75 -31.76 19.30
N ALA A 203 31.03 -30.64 19.12
CA ALA A 203 30.47 -29.89 20.23
C ALA A 203 29.47 -30.76 20.95
N LEU A 204 28.62 -31.50 20.20
CA LEU A 204 27.65 -32.43 20.80
C LEU A 204 28.39 -33.54 21.56
N GLU A 205 29.40 -34.16 20.91
CA GLU A 205 30.24 -35.22 21.45
C GLU A 205 30.80 -34.80 22.83
N VAL A 206 31.35 -33.57 22.90
CA VAL A 206 31.93 -32.99 24.12
C VAL A 206 30.86 -32.67 25.15
N MET A 207 29.72 -32.14 24.68
CA MET A 207 28.55 -31.79 25.50
C MET A 207 28.06 -33.00 26.31
N PHE A 208 27.85 -34.15 25.64
CA PHE A 208 27.37 -35.36 26.29
C PHE A 208 28.42 -35.92 27.25
N LYS A 209 29.71 -35.95 26.83
CA LYS A 209 30.85 -36.43 27.62
C LYS A 209 30.85 -35.74 28.97
N SER A 210 30.89 -34.40 28.96
CA SER A 210 30.92 -33.56 30.15
C SER A 210 29.63 -33.65 31.00
N THR A 211 28.45 -33.97 30.38
CA THR A 211 27.18 -34.14 31.10
C THR A 211 27.33 -35.23 32.16
N VAL A 212 27.75 -36.45 31.76
CA VAL A 212 27.95 -37.63 32.62
C VAL A 212 28.82 -37.28 33.83
N GLN A 213 29.95 -36.58 33.60
CA GLN A 213 30.89 -36.17 34.64
C GLN A 213 30.24 -35.24 35.70
N LEU A 214 29.35 -34.32 35.28
CA LEU A 214 28.68 -33.34 36.13
C LEU A 214 27.30 -33.76 36.65
N MET A 215 26.73 -34.85 36.10
CA MET A 215 25.40 -35.39 36.40
C MET A 215 25.18 -35.89 37.83
N PHE A 216 26.15 -36.63 38.36
CA PHE A 216 26.06 -37.35 39.62
C PHE A 216 26.35 -36.56 40.88
N MET A 217 27.09 -35.47 40.80
CA MET A 217 27.42 -34.70 42.00
C MET A 217 26.73 -33.33 42.08
N PRO A 218 26.49 -32.77 43.31
CA PRO A 218 25.82 -31.45 43.40
C PRO A 218 26.63 -30.30 42.82
N ARG A 219 25.97 -29.21 42.38
CA ARG A 219 26.64 -28.05 41.80
C ARG A 219 27.73 -27.58 42.76
N SER A 220 27.40 -27.49 44.06
CA SER A 220 28.31 -27.12 45.13
C SER A 220 29.66 -27.86 45.06
N LEU A 221 29.65 -29.21 44.98
CA LEU A 221 30.86 -30.01 44.92
C LEU A 221 31.61 -29.87 43.60
N SER A 222 30.91 -30.08 42.47
CA SER A 222 31.46 -30.03 41.12
C SER A 222 32.07 -28.68 40.76
N ARG A 223 31.56 -27.56 41.33
CA ARG A 223 32.06 -26.21 41.05
C ARG A 223 33.55 -25.99 41.35
N TRP A 224 34.11 -26.71 42.36
CA TRP A 224 35.52 -26.59 42.70
C TRP A 224 36.34 -27.85 42.43
N ILE A 225 35.68 -29.02 42.42
CA ILE A 225 36.33 -30.30 42.12
C ILE A 225 36.62 -30.36 40.62
N SER A 226 35.61 -30.08 39.76
CA SER A 226 35.72 -30.13 38.29
C SER A 226 35.37 -28.78 37.62
N PRO A 227 36.13 -27.67 37.85
CA PRO A 227 35.78 -26.41 37.19
C PRO A 227 36.02 -26.45 35.68
N LYS A 228 37.01 -27.25 35.21
CA LYS A 228 37.38 -27.34 33.80
C LYS A 228 36.47 -28.24 33.05
N VAL A 229 35.74 -29.06 33.78
CA VAL A 229 34.74 -29.89 33.14
C VAL A 229 33.57 -28.96 32.86
N TRP A 230 33.25 -28.05 33.83
CA TRP A 230 32.19 -27.05 33.71
C TRP A 230 32.48 -26.14 32.52
N LYS A 231 33.74 -25.62 32.43
CA LYS A 231 34.24 -24.76 31.35
C LYS A 231 34.06 -25.46 29.97
N GLU A 232 34.48 -26.75 29.89
CA GLU A 232 34.38 -27.58 28.68
C GLU A 232 32.93 -27.80 28.22
N HIS A 233 32.01 -28.01 29.20
CA HIS A 233 30.58 -28.22 29.00
C HIS A 233 29.89 -26.97 28.41
N PHE A 234 30.21 -25.79 28.97
CA PHE A 234 29.65 -24.52 28.52
C PHE A 234 30.20 -24.12 27.16
N GLU A 235 31.50 -24.36 26.92
CA GLU A 235 32.15 -24.07 25.62
C GLU A 235 31.52 -24.89 24.50
N ALA A 236 31.12 -26.16 24.79
CA ALA A 236 30.46 -27.10 23.86
C ALA A 236 29.05 -26.59 23.53
N TRP A 237 28.32 -26.10 24.54
CA TRP A 237 26.98 -25.54 24.39
C TRP A 237 27.02 -24.23 23.62
N ASP A 238 28.05 -23.37 23.87
CA ASP A 238 28.27 -22.10 23.15
C ASP A 238 28.38 -22.34 21.63
N CYS A 239 29.02 -23.45 21.24
CA CYS A 239 29.16 -23.87 19.87
C CYS A 239 27.85 -24.42 19.32
N ILE A 240 27.16 -25.29 20.08
CA ILE A 240 25.85 -25.88 19.70
C ILE A 240 24.82 -24.76 19.49
N PHE A 241 24.75 -23.81 20.43
CA PHE A 241 23.85 -22.68 20.39
C PHE A 241 24.16 -21.73 19.24
N GLN A 242 25.46 -21.55 18.90
CA GLN A 242 25.89 -20.72 17.78
C GLN A 242 25.36 -21.29 16.47
N TYR A 243 25.44 -22.61 16.31
CA TYR A 243 24.97 -23.33 15.13
C TYR A 243 23.43 -23.19 14.98
N GLY A 244 22.71 -23.52 16.04
CA GLY A 244 21.25 -23.44 16.08
C GLY A 244 20.69 -22.05 15.94
N ASP A 245 21.36 -21.03 16.53
CA ASP A 245 20.92 -19.65 16.45
C ASP A 245 21.04 -19.13 15.04
N ASN A 246 22.09 -19.57 14.32
CA ASN A 246 22.32 -19.21 12.91
C ASN A 246 21.12 -19.65 12.04
N CYS A 247 20.56 -20.84 12.30
CA CYS A 247 19.39 -21.40 11.61
C CYS A 247 18.15 -20.57 11.89
N ILE A 248 17.93 -20.25 13.17
CA ILE A 248 16.79 -19.50 13.67
C ILE A 248 16.82 -18.06 13.17
N GLN A 249 18.03 -17.44 13.06
CA GLN A 249 18.16 -16.05 12.58
C GLN A 249 17.84 -15.94 11.10
N LYS A 250 18.22 -16.98 10.32
CA LYS A 250 17.97 -17.08 8.88
C LYS A 250 16.46 -17.19 8.61
N ILE A 251 15.75 -18.15 9.27
CA ILE A 251 14.31 -18.40 9.09
C ILE A 251 13.46 -17.21 9.57
N TYR A 252 13.85 -16.56 10.68
CA TYR A 252 13.12 -15.41 11.22
C TYR A 252 13.17 -14.21 10.29
N GLN A 253 14.31 -14.00 9.59
CA GLN A 253 14.49 -12.91 8.63
C GLN A 253 13.75 -13.20 7.33
N GLU A 254 13.79 -14.47 6.88
CA GLU A 254 13.12 -14.94 5.66
C GLU A 254 11.59 -14.80 5.80
N LEU A 255 11.05 -15.10 7.00
CA LEU A 255 9.61 -15.02 7.28
C LEU A 255 9.13 -13.60 7.52
N ALA A 256 10.02 -12.72 8.00
CA ALA A 256 9.69 -11.33 8.29
C ALA A 256 9.37 -10.57 7.02
N PHE A 257 9.98 -10.97 5.89
CA PHE A 257 9.79 -10.30 4.59
C PHE A 257 8.74 -10.95 3.68
N ASN A 258 8.45 -12.25 3.90
CA ASN A 258 7.44 -12.98 3.12
C ASN A 258 6.90 -14.18 3.86
N ARG A 259 5.54 -14.25 3.94
CA ARG A 259 4.81 -15.37 4.54
C ARG A 259 4.51 -16.36 3.40
N PRO A 260 5.09 -17.58 3.40
CA PRO A 260 4.84 -18.50 2.30
C PRO A 260 3.48 -19.19 2.37
N GLN A 261 2.91 -19.52 1.21
CA GLN A 261 1.62 -20.21 1.16
C GLN A 261 1.78 -21.71 1.42
N HIS A 262 2.86 -22.29 0.89
CA HIS A 262 3.18 -23.71 1.02
C HIS A 262 4.02 -24.01 2.27
N TYR A 263 4.11 -25.31 2.62
CA TYR A 263 4.87 -25.81 3.77
C TYR A 263 6.35 -25.63 3.56
N THR A 264 7.03 -24.99 4.53
CA THR A 264 8.46 -24.73 4.47
C THR A 264 9.20 -25.15 5.76
N GLY A 265 8.69 -26.18 6.45
CA GLY A 265 9.31 -26.71 7.66
C GLY A 265 8.54 -26.49 8.94
N ILE A 266 8.86 -27.31 9.97
CA ILE A 266 8.30 -27.35 11.33
C ILE A 266 8.39 -25.99 12.03
N VAL A 267 9.61 -25.41 12.09
CA VAL A 267 9.93 -24.13 12.74
C VAL A 267 9.14 -22.99 12.09
N ALA A 268 9.06 -23.01 10.74
CA ALA A 268 8.29 -22.00 9.98
C ALA A 268 6.83 -21.96 10.47
N GLU A 269 6.20 -23.13 10.62
CA GLU A 269 4.82 -23.27 11.09
C GLU A 269 4.62 -22.72 12.50
N LEU A 270 5.60 -22.97 13.42
CA LEU A 270 5.57 -22.51 14.80
C LEU A 270 5.67 -20.98 14.88
N LEU A 271 6.56 -20.38 14.06
CA LEU A 271 6.78 -18.94 13.98
C LEU A 271 5.57 -18.21 13.42
N LEU A 272 4.93 -18.80 12.42
CA LEU A 272 3.75 -18.22 11.78
C LEU A 272 2.52 -18.29 12.69
N LYS A 273 2.38 -19.37 13.47
CA LYS A 273 1.29 -19.54 14.43
C LYS A 273 1.44 -18.58 15.62
N ALA A 274 2.71 -18.34 16.03
CA ALA A 274 3.13 -17.46 17.14
C ALA A 274 2.32 -17.67 18.45
N GLU A 275 2.01 -18.94 18.77
CA GLU A 275 1.28 -19.34 19.97
C GLU A 275 2.25 -19.31 21.14
N LEU A 276 3.53 -19.66 20.90
CA LEU A 276 4.63 -19.64 21.88
C LEU A 276 5.47 -18.35 21.69
N SER A 277 6.09 -17.82 22.77
CA SER A 277 6.93 -16.63 22.68
C SER A 277 8.18 -16.92 21.83
N LEU A 278 8.77 -15.88 21.19
CA LEU A 278 9.95 -16.09 20.34
C LEU A 278 11.06 -16.82 21.07
N GLU A 279 11.30 -16.42 22.33
CA GLU A 279 12.34 -16.96 23.21
C GLU A 279 12.11 -18.44 23.60
N ALA A 280 10.81 -18.90 23.54
CA ALA A 280 10.35 -20.28 23.77
C ALA A 280 10.47 -21.08 22.46
N ILE A 281 10.18 -20.45 21.30
CA ILE A 281 10.33 -21.08 19.97
C ILE A 281 11.83 -21.32 19.76
N LYS A 282 12.68 -20.31 20.10
CA LYS A 282 14.14 -20.35 20.02
C LYS A 282 14.66 -21.54 20.84
N ALA A 283 14.15 -21.69 22.08
CA ALA A 283 14.50 -22.76 23.03
C ALA A 283 14.16 -24.16 22.53
N ASN A 284 12.91 -24.36 22.09
CA ASN A 284 12.40 -25.62 21.59
C ASN A 284 13.03 -26.03 20.28
N SER A 285 13.24 -25.05 19.36
CA SER A 285 13.87 -25.24 18.07
C SER A 285 15.33 -25.69 18.24
N MET A 286 16.02 -25.17 19.27
CA MET A 286 17.41 -25.49 19.59
C MET A 286 17.52 -26.97 19.98
N GLU A 287 16.58 -27.44 20.82
CA GLU A 287 16.52 -28.82 21.27
C GLU A 287 16.24 -29.75 20.12
N LEU A 288 15.38 -29.34 19.18
CA LEU A 288 15.04 -30.15 18.00
C LEU A 288 16.24 -30.22 17.04
N THR A 289 17.01 -29.12 16.89
CA THR A 289 18.20 -29.05 16.02
C THR A 289 19.31 -29.96 16.54
N ALA A 290 19.69 -29.79 17.82
CA ALA A 290 20.76 -30.54 18.47
C ALA A 290 20.33 -31.95 18.81
N GLY A 291 19.05 -32.09 19.15
CA GLY A 291 18.45 -33.33 19.58
C GLY A 291 18.48 -34.43 18.56
N SER A 292 18.09 -34.07 17.32
CA SER A 292 17.93 -34.97 16.17
C SER A 292 19.21 -35.52 15.49
N VAL A 293 20.42 -35.05 15.84
CA VAL A 293 21.67 -35.49 15.18
C VAL A 293 22.12 -36.87 15.62
N ASP A 294 22.56 -37.02 16.88
CA ASP A 294 23.07 -38.27 17.46
C ASP A 294 21.96 -39.30 17.70
N THR A 295 20.78 -38.86 18.20
CA THR A 295 19.64 -39.73 18.50
C THR A 295 19.13 -40.56 17.31
N THR A 296 19.11 -39.99 16.10
CA THR A 296 18.63 -40.69 14.91
C THR A 296 19.74 -41.52 14.25
N ALA A 297 20.97 -40.96 14.18
CA ALA A 297 22.11 -41.61 13.53
C ALA A 297 22.56 -42.94 14.15
N PHE A 298 22.73 -43.00 15.49
CA PHE A 298 23.23 -44.22 16.14
C PHE A 298 22.32 -45.43 15.90
N PRO A 299 20.96 -45.39 16.08
CA PRO A 299 20.15 -46.56 15.73
C PRO A 299 20.13 -46.84 14.21
N LEU A 300 20.34 -45.80 13.34
CA LEU A 300 20.38 -46.00 11.88
C LEU A 300 21.59 -46.86 11.54
N LEU A 301 22.75 -46.52 12.15
CA LEU A 301 24.03 -47.21 12.01
C LEU A 301 23.93 -48.63 12.53
N MET A 302 23.20 -48.84 13.64
CA MET A 302 23.01 -50.15 14.27
C MET A 302 22.08 -51.05 13.47
N THR A 303 21.07 -50.47 12.79
CA THR A 303 20.16 -51.24 11.92
C THR A 303 20.99 -51.75 10.75
N LEU A 304 21.79 -50.84 10.13
CA LEU A 304 22.65 -51.16 9.00
C LEU A 304 23.60 -52.30 9.36
N PHE A 305 24.21 -52.24 10.57
CA PHE A 305 25.10 -53.30 11.05
C PHE A 305 24.36 -54.63 11.23
N GLU A 306 23.19 -54.61 11.91
CA GLU A 306 22.39 -55.80 12.14
C GLU A 306 21.84 -56.41 10.86
N LEU A 307 21.56 -55.57 9.84
CA LEU A 307 21.09 -56.08 8.54
C LEU A 307 22.25 -56.74 7.81
N ALA A 308 23.48 -56.19 7.98
CA ALA A 308 24.70 -56.71 7.36
C ALA A 308 25.07 -58.03 7.97
N ARG A 309 24.72 -58.19 9.26
CA ARG A 309 24.95 -59.37 10.07
C ARG A 309 23.94 -60.47 9.74
N ASN A 310 22.64 -60.09 9.56
CA ASN A 310 21.50 -60.99 9.28
C ASN A 310 21.06 -60.79 7.82
N PRO A 311 21.69 -61.51 6.86
CA PRO A 311 21.33 -61.31 5.45
C PRO A 311 19.92 -61.74 5.10
N ASP A 312 19.42 -62.78 5.83
CA ASP A 312 18.10 -63.39 5.68
C ASP A 312 17.00 -62.38 6.02
N VAL A 313 17.20 -61.62 7.09
CA VAL A 313 16.30 -60.57 7.57
C VAL A 313 16.25 -59.47 6.52
N GLN A 314 17.45 -59.05 6.02
CA GLN A 314 17.70 -58.03 4.99
C GLN A 314 16.90 -58.34 3.75
N GLN A 315 16.98 -59.59 3.28
CA GLN A 315 16.28 -60.04 2.09
C GLN A 315 14.77 -59.81 2.18
N ILE A 316 14.13 -60.17 3.32
CA ILE A 316 12.70 -60.00 3.55
C ILE A 316 12.34 -58.52 3.46
N LEU A 317 13.12 -57.65 4.14
CA LEU A 317 12.95 -56.19 4.15
C LEU A 317 13.12 -55.57 2.76
N ARG A 318 14.08 -56.12 1.95
CA ARG A 318 14.38 -55.70 0.59
C ARG A 318 13.21 -56.03 -0.30
N GLN A 319 12.63 -57.24 -0.14
CA GLN A 319 11.47 -57.71 -0.92
C GLN A 319 10.27 -56.83 -0.67
N GLU A 320 10.09 -56.43 0.59
CA GLU A 320 9.01 -55.55 1.02
C GLU A 320 9.19 -54.16 0.39
N SER A 321 10.42 -53.59 0.50
CA SER A 321 10.76 -52.27 -0.03
C SER A 321 10.70 -52.18 -1.57
N LEU A 322 11.08 -53.26 -2.29
CA LEU A 322 11.01 -53.30 -3.75
C LEU A 322 9.58 -53.42 -4.26
N ALA A 323 8.70 -54.07 -3.48
CA ALA A 323 7.29 -54.22 -3.81
C ALA A 323 6.59 -52.87 -3.66
N ALA A 324 6.84 -52.20 -2.50
CA ALA A 324 6.26 -50.90 -2.16
C ALA A 324 7.01 -49.69 -2.76
N ALA A 325 8.06 -49.95 -3.57
CA ALA A 325 8.88 -48.93 -4.21
C ALA A 325 8.09 -47.99 -5.10
N ALA A 326 7.22 -48.57 -5.95
CA ALA A 326 6.38 -47.86 -6.92
C ALA A 326 5.41 -46.89 -6.26
N SER A 327 4.71 -47.35 -5.20
CA SER A 327 3.74 -46.54 -4.47
C SER A 327 4.36 -45.43 -3.63
N ILE A 328 5.57 -45.68 -3.05
CA ILE A 328 6.31 -44.70 -2.24
C ILE A 328 6.96 -43.64 -3.14
N SER A 329 7.27 -44.00 -4.40
CA SER A 329 7.83 -43.08 -5.38
C SER A 329 6.81 -42.00 -5.75
N GLU A 330 5.52 -42.39 -5.87
CA GLU A 330 4.39 -41.52 -6.22
C GLU A 330 3.98 -40.65 -5.03
N HIS A 331 3.73 -41.28 -3.86
CA HIS A 331 3.36 -40.60 -2.63
C HIS A 331 4.27 -41.08 -1.50
N PRO A 332 5.25 -40.22 -1.06
CA PRO A 332 6.21 -40.67 -0.04
C PRO A 332 5.61 -40.96 1.32
N GLN A 333 4.56 -40.24 1.72
CA GLN A 333 3.87 -40.40 3.01
C GLN A 333 3.28 -41.80 3.24
N LYS A 334 3.14 -42.59 2.15
CA LYS A 334 2.66 -43.97 2.22
C LYS A 334 3.63 -44.84 3.01
N ALA A 335 4.95 -44.54 2.92
CA ALA A 335 6.04 -45.28 3.56
C ALA A 335 5.75 -45.75 4.98
N THR A 336 5.01 -44.94 5.75
CA THR A 336 4.63 -45.24 7.13
C THR A 336 3.72 -46.48 7.20
N THR A 337 2.67 -46.49 6.39
CA THR A 337 1.69 -47.56 6.36
C THR A 337 2.10 -48.77 5.51
N GLU A 338 2.87 -48.55 4.43
CA GLU A 338 3.27 -49.61 3.50
C GLU A 338 4.59 -50.34 3.83
N LEU A 339 5.21 -50.05 4.99
CA LEU A 339 6.45 -50.75 5.37
C LEU A 339 6.38 -51.27 6.82
N PRO A 340 5.48 -52.26 7.13
CA PRO A 340 5.40 -52.76 8.52
C PRO A 340 6.66 -53.51 9.01
N LEU A 341 7.32 -54.29 8.13
CA LEU A 341 8.52 -55.07 8.46
C LEU A 341 9.67 -54.15 8.79
N LEU A 342 9.88 -53.10 7.97
CA LEU A 342 10.94 -52.12 8.19
C LEU A 342 10.72 -51.31 9.46
N ARG A 343 9.44 -51.05 9.80
CA ARG A 343 9.10 -50.36 11.04
C ARG A 343 9.41 -51.28 12.22
N ALA A 344 9.16 -52.59 12.04
CA ALA A 344 9.42 -53.62 13.04
C ALA A 344 10.91 -53.91 13.17
N ALA A 345 11.69 -53.66 12.11
CA ALA A 345 13.15 -53.80 12.13
C ALA A 345 13.76 -52.69 12.99
N LEU A 346 13.14 -51.48 12.94
CA LEU A 346 13.55 -50.33 13.72
C LEU A 346 13.19 -50.52 15.20
N LYS A 347 12.03 -51.17 15.50
CA LYS A 347 11.58 -51.42 16.87
C LYS A 347 12.54 -52.41 17.52
N GLU A 348 13.08 -53.33 16.70
CA GLU A 348 14.03 -54.38 17.09
C GLU A 348 15.43 -53.79 17.42
N THR A 349 15.91 -52.83 16.58
CA THR A 349 17.21 -52.15 16.73
C THR A 349 17.23 -51.31 18.02
N LEU A 350 16.12 -50.62 18.33
CA LEU A 350 15.99 -49.78 19.50
C LEU A 350 15.82 -50.61 20.78
N ARG A 351 15.38 -51.87 20.62
CA ARG A 351 15.19 -52.80 21.73
C ARG A 351 16.57 -53.25 22.21
N LEU A 352 17.42 -53.68 21.24
CA LEU A 352 18.76 -54.17 21.51
C LEU A 352 19.74 -53.04 21.81
N TYR A 353 19.60 -51.93 21.07
CA TYR A 353 20.50 -50.77 21.20
C TYR A 353 19.70 -49.48 21.53
N PRO A 354 19.37 -49.23 22.82
CA PRO A 354 18.63 -48.01 23.14
C PRO A 354 19.53 -46.80 23.04
N VAL A 355 18.90 -45.63 22.72
CA VAL A 355 19.54 -44.31 22.54
C VAL A 355 20.03 -43.81 23.91
N GLY A 356 19.14 -43.79 24.89
CA GLY A 356 19.47 -43.44 26.26
C GLY A 356 19.48 -44.71 27.10
N LEU A 357 19.51 -44.58 28.41
CA LEU A 357 19.53 -45.77 29.25
C LEU A 357 18.36 -45.87 30.17
N PHE A 358 17.88 -44.70 30.62
CA PHE A 358 16.82 -44.58 31.61
C PHE A 358 15.67 -43.75 31.19
N LEU A 359 14.48 -44.24 31.55
CA LEU A 359 13.25 -43.48 31.46
C LEU A 359 13.06 -42.99 32.92
N GLU A 360 13.00 -41.64 33.13
CA GLU A 360 12.86 -41.09 34.48
C GLU A 360 11.45 -40.61 34.77
N ARG A 361 11.03 -40.82 36.03
CA ARG A 361 9.77 -40.33 36.55
C ARG A 361 9.87 -40.09 38.06
N VAL A 362 9.68 -38.84 38.49
CA VAL A 362 9.61 -38.45 39.89
C VAL A 362 8.12 -38.49 40.16
N VAL A 363 7.65 -39.65 40.66
CA VAL A 363 6.24 -39.98 40.90
C VAL A 363 5.51 -38.94 41.76
N SER A 364 4.32 -38.52 41.30
CA SER A 364 3.48 -37.50 41.94
C SER A 364 2.69 -38.05 43.12
N SER A 365 2.37 -39.37 43.11
CA SER A 365 1.63 -40.05 44.18
C SER A 365 2.17 -41.45 44.44
N ASP A 366 1.79 -42.05 45.57
CA ASP A 366 2.20 -43.40 45.97
C ASP A 366 1.73 -44.47 44.95
N LEU A 367 2.53 -45.54 44.79
CA LEU A 367 2.22 -46.65 43.88
C LEU A 367 2.88 -47.96 44.33
N VAL A 368 2.43 -49.08 43.77
CA VAL A 368 2.99 -50.37 44.11
C VAL A 368 3.71 -50.94 42.89
N LEU A 369 5.03 -51.12 43.00
CA LEU A 369 5.87 -51.69 41.95
C LEU A 369 6.51 -52.98 42.44
N GLN A 370 6.22 -54.10 41.76
CA GLN A 370 6.74 -55.45 42.09
C GLN A 370 6.42 -55.85 43.54
N ASN A 371 5.19 -55.51 43.99
CA ASN A 371 4.64 -55.73 45.34
C ASN A 371 5.42 -54.99 46.46
N TYR A 372 6.08 -53.86 46.08
CA TYR A 372 6.83 -52.99 47.00
C TYR A 372 6.18 -51.62 47.02
N HIS A 373 6.12 -51.00 48.21
CA HIS A 373 5.54 -49.68 48.37
C HIS A 373 6.49 -48.61 47.86
N ILE A 374 6.02 -47.81 46.87
CA ILE A 374 6.79 -46.72 46.30
C ILE A 374 6.15 -45.41 46.76
N PRO A 375 6.80 -44.66 47.68
CA PRO A 375 6.21 -43.41 48.17
C PRO A 375 6.24 -42.32 47.11
N ALA A 376 5.47 -41.24 47.34
CA ALA A 376 5.46 -40.09 46.40
C ALA A 376 6.81 -39.37 46.47
N GLY A 377 7.23 -38.82 45.33
CA GLY A 377 8.50 -38.11 45.21
C GLY A 377 9.69 -39.02 45.04
N THR A 378 9.43 -40.30 44.76
CA THR A 378 10.46 -41.28 44.54
C THR A 378 10.87 -41.26 43.05
N LEU A 379 12.19 -41.24 42.81
CA LEU A 379 12.71 -41.29 41.47
C LEU A 379 12.65 -42.74 41.00
N VAL A 380 11.89 -43.00 39.92
CA VAL A 380 11.76 -44.34 39.35
C VAL A 380 12.43 -44.30 37.97
N GLN A 381 13.45 -45.16 37.80
CA GLN A 381 14.23 -45.26 36.56
C GLN A 381 14.02 -46.58 35.84
N VAL A 382 13.50 -46.51 34.61
CA VAL A 382 13.28 -47.69 33.78
C VAL A 382 14.53 -47.89 32.94
N PHE A 383 15.27 -48.97 33.25
CA PHE A 383 16.49 -49.35 32.56
C PHE A 383 16.16 -50.16 31.27
N LEU A 384 16.21 -49.46 30.12
CA LEU A 384 15.85 -49.94 28.78
C LEU A 384 16.79 -51.00 28.21
N TYR A 385 18.09 -50.93 28.56
CA TYR A 385 19.07 -51.92 28.11
C TYR A 385 18.66 -53.36 28.60
N SER A 386 18.33 -53.50 29.89
CA SER A 386 17.91 -54.76 30.51
C SER A 386 16.54 -55.24 30.07
N LEU A 387 15.59 -54.29 29.95
CA LEU A 387 14.21 -54.54 29.54
C LEU A 387 14.18 -55.25 28.18
N GLY A 388 15.04 -54.80 27.25
CA GLY A 388 15.15 -55.40 25.92
C GLY A 388 15.77 -56.78 25.91
N ARG A 389 16.26 -57.28 27.06
CA ARG A 389 16.92 -58.58 27.02
C ARG A 389 16.26 -59.75 27.77
N ASN A 390 15.03 -59.57 28.25
CA ASN A 390 14.30 -60.58 29.02
C ASN A 390 13.71 -61.70 28.14
N ALA A 391 14.28 -62.89 28.29
CA ALA A 391 13.89 -64.07 27.54
C ALA A 391 12.52 -64.70 27.96
N ALA A 392 11.62 -63.92 28.60
CA ALA A 392 10.30 -64.43 28.99
C ALA A 392 9.28 -63.65 28.19
N LEU A 393 9.66 -62.40 27.89
CA LEU A 393 8.86 -61.42 27.19
C LEU A 393 9.33 -61.30 25.75
N PHE A 394 10.67 -61.39 25.51
CA PHE A 394 11.30 -61.29 24.19
C PHE A 394 12.05 -62.61 23.94
N PRO A 395 11.34 -63.72 23.58
CA PRO A 395 12.04 -65.02 23.41
C PRO A 395 13.16 -64.92 22.38
N ARG A 396 14.34 -65.51 22.69
CA ARG A 396 15.58 -65.44 21.90
C ARG A 396 15.98 -63.93 21.87
N PRO A 397 16.27 -63.27 23.03
CA PRO A 397 16.51 -61.82 22.96
C PRO A 397 17.74 -61.38 22.17
N GLU A 398 18.80 -62.19 22.12
CA GLU A 398 20.03 -61.85 21.37
C GLU A 398 19.79 -61.87 19.88
N ARG A 399 18.71 -62.60 19.45
CA ARG A 399 18.29 -62.78 18.05
C ARG A 399 17.55 -61.56 17.48
N TYR A 400 18.15 -60.96 16.43
CA TYR A 400 17.58 -59.80 15.75
C TYR A 400 16.49 -60.32 14.84
N ASN A 401 15.24 -60.31 15.33
CA ASN A 401 14.07 -60.78 14.60
C ASN A 401 12.95 -59.75 14.58
N PRO A 402 12.76 -59.01 13.46
CA PRO A 402 11.68 -58.01 13.39
C PRO A 402 10.29 -58.61 13.42
N GLN A 403 10.15 -59.89 12.98
CA GLN A 403 8.87 -60.60 12.94
C GLN A 403 8.16 -60.68 14.31
N ARG A 404 8.95 -60.60 15.40
CA ARG A 404 8.49 -60.72 16.78
C ARG A 404 7.47 -59.65 17.17
N TRP A 405 7.56 -58.48 16.50
CA TRP A 405 6.71 -57.33 16.71
C TRP A 405 5.35 -57.44 16.01
N LEU A 406 5.23 -58.40 15.06
CA LEU A 406 4.00 -58.61 14.28
C LEU A 406 3.14 -59.80 14.77
N ASP A 407 3.55 -60.44 15.88
CA ASP A 407 2.87 -61.57 16.52
C ASP A 407 1.92 -61.15 17.65
N ILE A 408 2.44 -60.22 18.54
CA ILE A 408 1.91 -59.69 19.82
C ILE A 408 0.36 -59.61 19.88
N ASN A 414 0.51 -52.26 25.24
CA ASN A 414 1.08 -53.46 25.84
C ASN A 414 2.41 -53.18 26.58
N PHE A 415 3.03 -51.99 26.33
CA PHE A 415 4.25 -51.45 26.96
C PHE A 415 5.54 -52.30 26.77
N HIS A 416 5.60 -53.12 25.69
CA HIS A 416 6.78 -53.93 25.34
C HIS A 416 7.79 -53.05 24.63
N HIS A 417 7.32 -52.34 23.62
CA HIS A 417 8.04 -51.34 22.85
C HIS A 417 7.75 -50.00 23.55
N VAL A 418 8.80 -49.44 24.19
CA VAL A 418 8.78 -48.17 24.90
C VAL A 418 10.15 -47.43 24.77
N PRO A 419 10.86 -47.44 23.60
CA PRO A 419 12.16 -46.72 23.56
C PRO A 419 12.04 -45.22 23.49
N PHE A 420 10.87 -44.72 23.02
CA PHE A 420 10.55 -43.31 22.90
C PHE A 420 9.81 -42.79 24.14
N GLY A 421 9.58 -43.67 25.10
CA GLY A 421 8.91 -43.32 26.34
C GLY A 421 7.45 -43.69 26.36
N PHE A 422 6.65 -42.91 27.14
CA PHE A 422 5.22 -43.13 27.33
C PHE A 422 4.44 -41.86 27.72
N GLY A 423 3.12 -41.94 27.59
CA GLY A 423 2.19 -40.86 27.95
C GLY A 423 2.37 -39.59 27.16
N MET A 424 2.08 -38.46 27.82
CA MET A 424 2.19 -37.12 27.23
C MET A 424 3.61 -36.68 27.07
N ARG A 425 4.52 -37.24 27.88
CA ARG A 425 5.94 -36.89 27.85
C ARG A 425 6.70 -37.67 26.79
N GLN A 426 6.07 -38.71 26.18
CA GLN A 426 6.69 -39.55 25.16
C GLN A 426 7.29 -38.67 24.07
N CYS A 427 8.52 -39.00 23.61
CA CYS A 427 9.34 -38.31 22.60
C CYS A 427 8.56 -37.44 21.61
N LEU A 428 9.01 -36.18 21.46
CA LEU A 428 8.42 -35.19 20.54
C LEU A 428 8.94 -35.42 19.11
N GLY A 429 10.20 -35.83 18.98
CA GLY A 429 10.83 -36.07 17.69
C GLY A 429 10.58 -37.45 17.12
N ARG A 430 9.90 -38.32 17.90
CA ARG A 430 9.58 -39.71 17.58
C ARG A 430 9.27 -39.92 16.11
N ARG A 431 8.28 -39.17 15.56
CA ARG A 431 7.83 -39.31 14.16
C ARG A 431 8.84 -38.79 13.18
N LEU A 432 9.60 -37.79 13.57
CA LEU A 432 10.61 -37.22 12.68
C LEU A 432 11.77 -38.19 12.56
N ALA A 433 12.22 -38.75 13.69
CA ALA A 433 13.31 -39.72 13.76
C ALA A 433 12.94 -40.95 12.96
N GLU A 434 11.70 -41.47 13.14
CA GLU A 434 11.16 -42.64 12.42
C GLU A 434 11.23 -42.42 10.91
N ALA A 435 10.80 -41.25 10.43
CA ALA A 435 10.79 -40.94 9.02
C ALA A 435 12.20 -40.93 8.46
N GLU A 436 13.17 -40.33 9.19
CA GLU A 436 14.58 -40.27 8.75
C GLU A 436 15.18 -41.65 8.63
N MET A 437 14.85 -42.53 9.58
CA MET A 437 15.33 -43.91 9.59
C MET A 437 14.71 -44.74 8.48
N LEU A 438 13.37 -44.81 8.44
CA LEU A 438 12.60 -45.56 7.45
C LEU A 438 13.01 -45.27 6.04
N LEU A 439 12.94 -43.99 5.65
CA LEU A 439 13.22 -43.51 4.31
C LEU A 439 14.66 -43.76 3.85
N LEU A 440 15.66 -43.65 4.77
CA LEU A 440 17.05 -43.93 4.38
C LEU A 440 17.20 -45.42 4.07
N LEU A 441 16.78 -46.28 5.02
CA LEU A 441 16.84 -47.72 4.89
C LEU A 441 16.06 -48.22 3.67
N HIS A 442 14.87 -47.65 3.38
CA HIS A 442 14.04 -48.01 2.22
C HIS A 442 14.84 -47.84 0.92
N HIS A 443 15.47 -46.67 0.73
CA HIS A 443 16.24 -46.38 -0.48
C HIS A 443 17.55 -47.16 -0.58
N VAL A 444 18.18 -47.46 0.57
CA VAL A 444 19.41 -48.23 0.60
C VAL A 444 19.11 -49.68 0.23
N LEU A 445 18.03 -50.27 0.80
CA LEU A 445 17.61 -51.64 0.54
C LEU A 445 17.18 -51.84 -0.90
N LYS A 446 16.60 -50.80 -1.51
CA LYS A 446 16.12 -50.80 -2.90
C LYS A 446 17.26 -51.06 -3.90
N HIS A 447 18.47 -50.48 -3.69
CA HIS A 447 19.61 -50.54 -4.62
C HIS A 447 20.86 -51.30 -4.16
N PHE A 448 21.07 -51.45 -2.84
CA PHE A 448 22.29 -52.09 -2.34
C PHE A 448 22.09 -53.32 -1.46
N LEU A 449 23.18 -54.08 -1.30
CA LEU A 449 23.30 -55.25 -0.44
C LEU A 449 24.35 -54.89 0.57
N VAL A 450 23.96 -54.77 1.84
CA VAL A 450 24.92 -54.45 2.87
C VAL A 450 25.52 -55.76 3.35
N GLU A 451 26.85 -55.77 3.53
CA GLU A 451 27.64 -56.93 3.96
C GLU A 451 28.78 -56.50 4.88
N THR A 452 29.23 -57.41 5.79
CA THR A 452 30.35 -57.20 6.71
C THR A 452 30.94 -58.51 7.22
N LEU A 453 32.26 -58.55 7.43
CA LEU A 453 32.95 -59.70 7.99
C LEU A 453 32.94 -59.65 9.54
N THR A 454 32.70 -58.46 10.10
CA THR A 454 32.62 -58.21 11.53
C THR A 454 31.30 -58.79 12.07
N GLN A 455 31.37 -59.98 12.67
CA GLN A 455 30.19 -60.64 13.24
C GLN A 455 30.15 -60.53 14.78
N GLU A 456 31.20 -59.92 15.36
CA GLU A 456 31.37 -59.68 16.78
C GLU A 456 30.49 -58.50 17.13
N ASP A 457 29.65 -58.63 18.18
CA ASP A 457 28.76 -57.55 18.64
C ASP A 457 29.59 -56.30 18.97
N ILE A 458 29.05 -55.11 18.68
CA ILE A 458 29.77 -53.86 18.95
C ILE A 458 29.57 -53.47 20.39
N LYS A 459 30.67 -53.15 21.09
CA LYS A 459 30.63 -52.70 22.49
C LYS A 459 30.14 -51.26 22.57
N MET A 460 29.01 -51.04 23.27
CA MET A 460 28.40 -49.72 23.45
C MET A 460 29.13 -48.94 24.57
N VAL A 461 29.16 -47.62 24.45
CA VAL A 461 29.82 -46.72 25.41
C VAL A 461 28.80 -45.73 25.98
N TYR A 462 28.70 -45.65 27.34
CA TYR A 462 27.78 -44.71 27.98
C TYR A 462 28.41 -43.33 28.11
N SER A 463 27.88 -42.38 27.30
CA SER A 463 28.26 -40.98 27.29
C SER A 463 26.94 -40.20 27.14
N PHE A 464 26.00 -40.41 28.09
CA PHE A 464 24.63 -39.88 28.15
C PHE A 464 23.78 -40.58 27.08
N ILE A 465 24.25 -40.55 25.82
CA ILE A 465 23.73 -41.27 24.67
C ILE A 465 24.58 -42.53 24.62
N LEU A 466 23.92 -43.70 24.61
CA LEU A 466 24.55 -44.99 24.53
C LEU A 466 25.05 -45.13 23.07
N ARG A 467 26.35 -44.90 22.85
CA ARG A 467 26.94 -44.93 21.50
C ARG A 467 27.98 -46.04 21.22
N PRO A 468 28.00 -46.61 20.00
CA PRO A 468 28.96 -47.70 19.70
C PRO A 468 30.40 -47.28 19.73
N GLY A 469 31.22 -48.11 20.33
CA GLY A 469 32.66 -47.86 20.46
C GLY A 469 33.43 -48.08 19.17
N THR A 470 32.85 -48.85 18.26
CA THR A 470 33.46 -49.21 16.98
C THR A 470 32.49 -48.96 15.85
N SER A 471 33.00 -48.50 14.70
CA SER A 471 32.20 -48.33 13.48
C SER A 471 32.73 -49.35 12.50
N PRO A 472 31.93 -50.40 12.19
CA PRO A 472 32.45 -51.46 11.32
C PRO A 472 32.48 -51.08 9.84
N LEU A 473 33.30 -51.80 9.09
CA LEU A 473 33.40 -51.60 7.65
C LEU A 473 32.20 -52.28 6.98
N LEU A 474 31.41 -51.51 6.22
CA LEU A 474 30.24 -52.05 5.55
C LEU A 474 30.43 -51.97 4.05
N THR A 475 30.14 -53.08 3.35
CA THR A 475 30.21 -53.16 1.91
C THR A 475 28.83 -52.90 1.35
N PHE A 476 28.73 -51.91 0.45
CA PHE A 476 27.48 -51.57 -0.24
C PHE A 476 27.64 -52.02 -1.70
N ARG A 477 27.05 -53.19 -2.04
CA ARG A 477 27.10 -53.80 -3.37
C ARG A 477 25.83 -53.45 -4.16
N ALA A 478 25.99 -52.85 -5.35
CA ALA A 478 24.83 -52.49 -6.18
C ALA A 478 24.16 -53.72 -6.77
N ILE A 479 22.83 -53.66 -6.94
CA ILE A 479 22.05 -54.76 -7.52
C ILE A 479 22.10 -54.66 -9.07
N ASN A 480 22.38 -53.44 -9.62
CA ASN A 480 22.52 -53.19 -11.06
C ASN A 480 23.88 -53.66 -11.60
N THR B 11 11.13 30.84 -58.37
CA THR B 11 10.28 30.02 -59.24
C THR B 11 8.97 29.60 -58.51
N VAL B 12 7.83 30.24 -58.91
CA VAL B 12 6.48 30.02 -58.35
C VAL B 12 5.44 29.62 -59.42
N LEU B 13 4.92 28.38 -59.30
CA LEU B 13 3.94 27.76 -60.18
C LEU B 13 2.50 28.29 -59.95
N PRO B 14 1.62 28.33 -61.00
CA PRO B 14 0.24 28.78 -60.77
C PRO B 14 -0.59 27.81 -59.93
N PHE B 15 -1.78 28.25 -59.49
CA PHE B 15 -2.68 27.46 -58.65
C PHE B 15 -3.19 26.18 -59.31
N GLU B 16 -3.68 26.26 -60.56
CA GLU B 16 -4.24 25.10 -61.27
C GLU B 16 -3.18 24.04 -61.65
N ALA B 17 -1.89 24.34 -61.48
CA ALA B 17 -0.78 23.43 -61.76
C ALA B 17 -0.66 22.34 -60.66
N MET B 18 -1.21 22.64 -59.48
CA MET B 18 -1.23 21.79 -58.29
C MET B 18 -1.99 20.48 -58.55
N PRO B 19 -1.55 19.32 -57.98
CA PRO B 19 -2.31 18.07 -58.17
C PRO B 19 -3.73 18.19 -57.63
N GLN B 20 -4.72 17.64 -58.36
CA GLN B 20 -6.12 17.70 -57.98
C GLN B 20 -6.61 16.39 -57.40
N HIS B 21 -7.52 16.47 -56.41
CA HIS B 21 -8.16 15.31 -55.77
C HIS B 21 -9.01 14.61 -56.84
N PRO B 22 -8.95 13.27 -56.97
CA PRO B 22 -9.72 12.61 -58.04
C PRO B 22 -11.24 12.64 -57.86
N GLY B 23 -11.71 12.74 -56.63
CA GLY B 23 -13.14 12.82 -56.36
C GLY B 23 -13.73 14.23 -56.40
N ASN B 24 -15.06 14.32 -56.44
CA ASN B 24 -15.76 15.61 -56.41
C ASN B 24 -16.86 15.64 -55.35
N ARG B 25 -17.24 16.86 -54.97
CA ARG B 25 -18.22 17.24 -53.92
C ARG B 25 -19.59 16.56 -54.01
N TRP B 26 -20.02 16.14 -55.22
CA TRP B 26 -21.32 15.52 -55.48
C TRP B 26 -21.42 14.04 -55.17
N LEU B 27 -20.32 13.26 -55.35
CA LEU B 27 -20.28 11.84 -55.00
C LEU B 27 -20.21 11.77 -53.47
N ARG B 28 -19.37 12.66 -52.88
CA ARG B 28 -19.15 12.83 -51.46
C ARG B 28 -20.50 13.07 -50.76
N LEU B 29 -21.25 14.08 -51.22
CA LEU B 29 -22.60 14.47 -50.76
C LEU B 29 -23.57 13.30 -50.78
N LEU B 30 -23.35 12.34 -51.69
CA LEU B 30 -24.23 11.19 -51.79
C LEU B 30 -23.74 10.02 -50.94
N GLN B 31 -22.42 9.85 -50.73
CA GLN B 31 -21.99 8.76 -49.84
C GLN B 31 -22.23 9.15 -48.38
N ILE B 32 -22.17 10.46 -48.07
CA ILE B 32 -22.44 11.00 -46.74
C ILE B 32 -23.92 10.76 -46.36
N TRP B 33 -24.83 10.94 -47.35
CA TRP B 33 -26.27 10.73 -47.17
C TRP B 33 -26.57 9.24 -46.90
N ARG B 34 -25.98 8.35 -47.72
CA ARG B 34 -26.16 6.88 -47.68
C ARG B 34 -25.58 6.22 -46.42
N GLU B 35 -24.34 6.56 -46.06
CA GLU B 35 -23.71 5.94 -44.91
C GLU B 35 -23.94 6.71 -43.58
N GLN B 36 -24.69 7.84 -43.63
CA GLN B 36 -25.03 8.71 -42.48
C GLN B 36 -23.79 9.33 -41.79
N GLY B 37 -22.70 9.48 -42.55
CA GLY B 37 -21.45 10.04 -42.06
C GLY B 37 -20.26 9.81 -42.97
N TYR B 38 -19.11 10.34 -42.55
CA TYR B 38 -17.85 10.22 -43.26
C TYR B 38 -16.80 9.65 -42.31
N GLU B 39 -17.12 8.50 -41.68
CA GLU B 39 -16.29 7.82 -40.68
C GLU B 39 -14.83 7.64 -41.11
N HIS B 40 -14.62 7.27 -42.39
CA HIS B 40 -13.31 7.00 -42.98
C HIS B 40 -12.70 8.24 -43.71
N LEU B 41 -12.84 9.46 -43.17
CA LEU B 41 -12.28 10.66 -43.80
C LEU B 41 -10.78 10.85 -43.59
N HIS B 42 -10.28 10.64 -42.36
CA HIS B 42 -8.85 10.76 -42.02
C HIS B 42 -7.99 9.81 -42.83
N LEU B 43 -8.45 8.55 -42.98
CA LEU B 43 -7.76 7.50 -43.73
C LEU B 43 -7.76 7.78 -45.25
N GLU B 44 -8.88 8.33 -45.76
CA GLU B 44 -9.07 8.70 -47.16
C GLU B 44 -8.11 9.83 -47.54
N MET B 45 -8.04 10.86 -46.69
CA MET B 45 -7.19 12.01 -46.89
C MET B 45 -5.71 11.65 -46.83
N HIS B 46 -5.35 10.76 -45.88
CA HIS B 46 -3.98 10.27 -45.68
C HIS B 46 -3.48 9.54 -46.94
N GLN B 47 -4.34 8.68 -47.52
CA GLN B 47 -4.09 7.89 -48.74
C GLN B 47 -3.84 8.83 -49.93
N THR B 48 -4.61 9.94 -50.00
CA THR B 48 -4.54 10.96 -51.04
C THR B 48 -3.17 11.64 -51.02
N PHE B 49 -2.65 12.02 -49.82
CA PHE B 49 -1.34 12.66 -49.64
C PHE B 49 -0.18 11.78 -50.08
N GLN B 50 -0.33 10.46 -49.89
CA GLN B 50 0.67 9.49 -50.29
C GLN B 50 0.71 9.32 -51.81
N GLU B 51 -0.40 9.59 -52.50
CA GLU B 51 -0.53 9.47 -53.95
C GLU B 51 -0.28 10.76 -54.74
N LEU B 52 -0.69 11.92 -54.18
CA LEU B 52 -0.58 13.22 -54.86
C LEU B 52 0.54 14.16 -54.36
N GLY B 53 1.12 13.86 -53.20
CA GLY B 53 2.20 14.66 -52.64
C GLY B 53 1.83 15.41 -51.37
N PRO B 54 2.72 16.26 -50.81
CA PRO B 54 2.38 16.98 -49.57
C PRO B 54 1.40 18.16 -49.71
N ILE B 55 0.93 18.41 -50.94
CA ILE B 55 -0.02 19.48 -51.29
C ILE B 55 -0.90 19.05 -52.46
N PHE B 56 -2.22 19.28 -52.33
CA PHE B 56 -3.22 18.99 -53.35
C PHE B 56 -4.46 19.89 -53.23
N ARG B 57 -5.12 20.18 -54.36
CA ARG B 57 -6.32 21.01 -54.39
C ARG B 57 -7.58 20.18 -54.53
N TYR B 58 -8.63 20.58 -53.81
CA TYR B 58 -9.88 19.84 -53.84
C TYR B 58 -10.91 20.51 -54.72
N ASN B 59 -11.48 19.71 -55.63
CA ASN B 59 -12.49 20.16 -56.57
C ASN B 59 -13.77 20.45 -55.81
N LEU B 60 -13.94 21.73 -55.52
CA LEU B 60 -15.08 22.27 -54.83
C LEU B 60 -15.98 22.99 -55.86
N GLY B 61 -15.59 22.88 -57.13
CA GLY B 61 -16.27 23.49 -58.28
C GLY B 61 -16.55 24.97 -58.07
N GLY B 62 -15.49 25.78 -58.18
CA GLY B 62 -15.56 27.23 -57.98
C GLY B 62 -14.67 27.69 -56.84
N PRO B 63 -15.08 27.52 -55.55
CA PRO B 63 -14.20 27.96 -54.43
C PRO B 63 -12.89 27.17 -54.35
N ARG B 64 -11.80 27.89 -54.03
CA ARG B 64 -10.46 27.31 -53.96
C ARG B 64 -10.19 26.67 -52.61
N MET B 65 -9.86 25.37 -52.61
CA MET B 65 -9.55 24.60 -51.40
C MET B 65 -8.22 23.86 -51.57
N VAL B 66 -7.27 24.09 -50.66
CA VAL B 66 -5.92 23.51 -50.66
C VAL B 66 -5.70 22.69 -49.38
N CYS B 67 -5.06 21.52 -49.53
CA CYS B 67 -4.75 20.61 -48.42
C CYS B 67 -3.24 20.46 -48.25
N VAL B 68 -2.74 20.69 -47.03
CA VAL B 68 -1.32 20.60 -46.67
C VAL B 68 -1.09 19.65 -45.48
N MET B 69 0.16 19.24 -45.23
CA MET B 69 0.52 18.33 -44.13
C MET B 69 1.96 18.53 -43.61
N LEU B 70 2.65 19.60 -44.09
CA LEU B 70 4.03 19.91 -43.69
C LEU B 70 4.12 21.11 -42.73
N PRO B 71 5.02 21.07 -41.71
CA PRO B 71 5.11 22.22 -40.78
C PRO B 71 5.65 23.49 -41.44
N GLU B 72 6.47 23.35 -42.51
CA GLU B 72 7.02 24.46 -43.28
C GLU B 72 5.89 25.25 -43.95
N ASP B 73 4.74 24.59 -44.19
CA ASP B 73 3.52 25.17 -44.75
C ASP B 73 2.76 25.89 -43.65
N VAL B 74 2.77 25.32 -42.42
CA VAL B 74 2.11 25.87 -41.23
C VAL B 74 2.75 27.21 -40.85
N GLU B 75 4.08 27.29 -40.83
CA GLU B 75 4.86 28.51 -40.54
C GLU B 75 4.42 29.61 -41.51
N LYS B 76 4.42 29.27 -42.85
CA LYS B 76 4.05 30.19 -43.94
C LYS B 76 2.61 30.63 -43.84
N LEU B 77 1.74 29.75 -43.31
CA LEU B 77 0.33 30.03 -43.10
C LEU B 77 0.15 30.96 -41.91
N GLN B 78 1.08 30.95 -40.93
CA GLN B 78 1.02 31.82 -39.76
C GLN B 78 1.34 33.30 -40.13
N GLN B 79 2.26 33.53 -41.07
CA GLN B 79 2.65 34.89 -41.48
C GLN B 79 1.51 35.65 -42.16
N VAL B 80 0.57 34.92 -42.76
CA VAL B 80 -0.59 35.46 -43.49
C VAL B 80 -1.84 35.56 -42.58
N ASP B 81 -1.73 35.13 -41.30
CA ASP B 81 -2.80 35.17 -40.32
C ASP B 81 -3.55 36.49 -40.27
N SER B 82 -2.82 37.64 -40.23
CA SER B 82 -3.31 39.03 -40.14
C SER B 82 -3.99 39.28 -38.79
N LEU B 83 -4.65 40.45 -38.64
CA LEU B 83 -5.35 40.81 -37.40
C LEU B 83 -6.53 39.91 -37.13
N HIS B 84 -7.22 39.49 -38.20
CA HIS B 84 -8.40 38.64 -38.09
C HIS B 84 -8.27 37.32 -38.84
N PRO B 85 -7.59 36.31 -38.25
CA PRO B 85 -7.49 34.99 -38.92
C PRO B 85 -8.87 34.37 -39.04
N CYS B 86 -9.29 34.10 -40.27
CA CYS B 86 -10.61 33.61 -40.59
C CYS B 86 -10.68 32.09 -40.82
N ARG B 87 -11.63 31.44 -40.16
CA ARG B 87 -11.92 30.00 -40.31
C ARG B 87 -13.24 29.88 -41.03
N MET B 88 -13.50 28.75 -41.71
CA MET B 88 -14.75 28.53 -42.43
C MET B 88 -15.94 28.58 -41.48
N ILE B 89 -17.05 29.25 -41.87
CA ILE B 89 -18.20 29.32 -40.96
C ILE B 89 -18.87 27.97 -40.89
N LEU B 90 -19.01 27.45 -39.65
CA LEU B 90 -19.60 26.15 -39.38
C LEU B 90 -21.11 26.34 -39.36
N GLU B 91 -21.72 26.24 -40.54
CA GLU B 91 -23.15 26.44 -40.77
C GLU B 91 -24.10 25.73 -39.78
N PRO B 92 -23.99 24.40 -39.46
CA PRO B 92 -24.98 23.79 -38.54
C PRO B 92 -25.02 24.42 -37.15
N TRP B 93 -23.83 24.71 -36.56
CA TRP B 93 -23.67 25.30 -35.21
C TRP B 93 -24.20 26.72 -35.16
N VAL B 94 -23.83 27.52 -36.15
CA VAL B 94 -24.23 28.93 -36.30
C VAL B 94 -25.76 29.03 -36.49
N ALA B 95 -26.33 28.10 -37.30
CA ALA B 95 -27.77 28.04 -37.56
C ALA B 95 -28.59 27.87 -36.29
N TYR B 96 -28.07 27.09 -35.31
CA TYR B 96 -28.76 26.90 -34.04
C TYR B 96 -28.77 28.22 -33.27
N ARG B 97 -27.64 28.92 -33.27
CA ARG B 97 -27.50 30.20 -32.58
C ARG B 97 -28.50 31.19 -33.11
N GLN B 98 -28.52 31.39 -34.44
CA GLN B 98 -29.43 32.32 -35.12
C GLN B 98 -30.90 32.02 -34.82
N HIS B 99 -31.27 30.73 -34.88
CA HIS B 99 -32.64 30.24 -34.66
C HIS B 99 -33.13 30.54 -33.24
N ARG B 100 -32.25 30.29 -32.25
CA ARG B 100 -32.56 30.46 -30.84
C ARG B 100 -32.17 31.85 -30.30
N GLY B 101 -31.61 32.69 -31.16
CA GLY B 101 -31.22 34.06 -30.84
C GLY B 101 -30.02 34.23 -29.94
N HIS B 102 -29.12 33.22 -29.90
CA HIS B 102 -27.91 33.26 -29.09
C HIS B 102 -26.76 33.83 -29.89
N LYS B 103 -25.84 34.52 -29.20
CA LYS B 103 -24.64 35.06 -29.84
C LYS B 103 -23.64 33.91 -29.98
N CYS B 104 -22.67 34.08 -30.86
CA CYS B 104 -21.66 33.06 -31.09
C CYS B 104 -20.45 33.28 -30.23
N GLY B 105 -19.85 32.19 -29.82
CA GLY B 105 -18.65 32.24 -29.01
C GLY B 105 -17.43 32.35 -29.91
N VAL B 106 -16.28 32.60 -29.29
CA VAL B 106 -14.97 32.81 -29.91
C VAL B 106 -14.60 31.72 -30.97
N PHE B 107 -15.07 30.48 -30.81
CA PHE B 107 -14.83 29.35 -31.72
C PHE B 107 -15.55 29.51 -33.04
N LEU B 108 -16.79 30.04 -33.06
CA LEU B 108 -17.60 30.25 -34.26
C LEU B 108 -17.54 31.68 -34.83
N LEU B 109 -16.91 32.60 -34.08
CA LEU B 109 -16.78 34.01 -34.47
C LEU B 109 -15.65 34.28 -35.45
N ASN B 110 -15.81 35.33 -36.28
CA ASN B 110 -14.83 35.79 -37.27
C ASN B 110 -14.74 37.32 -37.29
N GLY B 111 -13.56 37.81 -37.69
CA GLY B 111 -13.28 39.23 -37.86
C GLY B 111 -13.18 40.05 -36.59
N PRO B 112 -13.61 41.34 -36.67
CA PRO B 112 -13.50 42.23 -35.50
C PRO B 112 -14.25 41.74 -34.27
N GLU B 113 -15.40 41.07 -34.47
CA GLU B 113 -16.22 40.54 -33.37
C GLU B 113 -15.47 39.44 -32.63
N TRP B 114 -14.68 38.61 -33.35
CA TRP B 114 -13.88 37.56 -32.74
C TRP B 114 -12.77 38.15 -31.87
N ARG B 115 -12.03 39.12 -32.43
CA ARG B 115 -10.89 39.77 -31.77
C ARG B 115 -11.25 40.40 -30.42
N PHE B 116 -12.37 41.13 -30.37
CA PHE B 116 -12.78 41.77 -29.12
C PHE B 116 -13.17 40.68 -28.07
N ASN B 117 -13.81 39.55 -28.47
CA ASN B 117 -14.14 38.46 -27.54
C ASN B 117 -12.85 37.80 -27.03
N ARG B 118 -12.02 37.29 -27.97
CA ARG B 118 -10.75 36.62 -27.72
C ARG B 118 -9.82 37.38 -26.77
N LEU B 119 -9.64 38.72 -26.99
CA LEU B 119 -8.79 39.57 -26.14
C LEU B 119 -9.30 39.69 -24.71
N ARG B 120 -10.63 39.59 -24.52
CA ARG B 120 -11.31 39.70 -23.24
C ARG B 120 -11.51 38.33 -22.55
N LEU B 121 -11.07 37.24 -23.20
CA LEU B 121 -11.13 35.91 -22.64
C LEU B 121 -9.75 35.41 -22.24
N ASN B 122 -8.71 35.71 -23.06
CA ASN B 122 -7.32 35.31 -22.80
C ASN B 122 -6.83 35.56 -21.36
N PRO B 123 -7.11 36.71 -20.69
CA PRO B 123 -6.56 36.91 -19.34
C PRO B 123 -7.09 35.98 -18.23
N ASP B 124 -8.23 35.32 -18.46
CA ASP B 124 -8.84 34.47 -17.44
C ASP B 124 -8.95 32.99 -17.82
N VAL B 125 -8.74 32.67 -19.11
CA VAL B 125 -8.85 31.29 -19.62
C VAL B 125 -7.49 30.68 -19.98
N LEU B 126 -6.63 31.47 -20.65
CA LEU B 126 -5.35 31.00 -21.17
C LEU B 126 -4.10 31.52 -20.47
N SER B 127 -4.12 32.79 -19.97
CA SER B 127 -2.98 33.48 -19.33
C SER B 127 -2.26 32.69 -18.24
N PRO B 128 -0.90 32.81 -18.11
CA PRO B 128 -0.17 32.07 -17.06
C PRO B 128 -0.62 32.39 -15.63
N LYS B 129 -0.98 33.66 -15.38
CA LYS B 129 -1.46 34.14 -14.08
C LYS B 129 -2.72 33.43 -13.66
N ALA B 130 -3.64 33.24 -14.61
CA ALA B 130 -4.91 32.57 -14.35
C ALA B 130 -4.75 31.04 -14.16
N VAL B 131 -3.75 30.40 -14.84
CA VAL B 131 -3.40 28.97 -14.75
C VAL B 131 -2.97 28.64 -13.31
N GLN B 132 -2.23 29.53 -12.62
CA GLN B 132 -1.84 29.32 -11.23
C GLN B 132 -3.05 29.30 -10.28
N ARG B 133 -4.17 29.94 -10.73
CA ARG B 133 -5.42 30.06 -9.96
C ARG B 133 -6.31 28.82 -10.08
N PHE B 134 -6.48 28.28 -11.28
CA PHE B 134 -7.34 27.13 -11.45
C PHE B 134 -6.61 25.77 -11.37
N LEU B 135 -5.25 25.72 -11.56
CA LEU B 135 -4.45 24.50 -11.48
C LEU B 135 -4.63 23.74 -10.16
N PRO B 136 -4.65 24.39 -8.98
CA PRO B 136 -4.84 23.61 -7.74
C PRO B 136 -6.24 23.01 -7.62
N MET B 137 -7.25 23.68 -8.20
CA MET B 137 -8.62 23.18 -8.19
C MET B 137 -8.67 21.88 -8.98
N VAL B 138 -8.02 21.85 -10.17
CA VAL B 138 -7.95 20.67 -11.04
C VAL B 138 -7.20 19.53 -10.34
N ASP B 139 -6.08 19.89 -9.67
CA ASP B 139 -5.24 18.98 -8.89
C ASP B 139 -6.06 18.30 -7.80
N ALA B 140 -7.08 18.99 -7.22
CA ALA B 140 -7.96 18.41 -6.21
C ALA B 140 -8.82 17.27 -6.80
N VAL B 141 -9.40 17.47 -8.00
CA VAL B 141 -10.24 16.52 -8.73
C VAL B 141 -9.41 15.30 -9.15
N ALA B 142 -8.21 15.54 -9.73
CA ALA B 142 -7.27 14.49 -10.17
C ALA B 142 -6.84 13.58 -9.03
N ARG B 143 -6.69 14.15 -7.81
CA ARG B 143 -6.35 13.44 -6.58
C ARG B 143 -7.50 12.49 -6.23
N ASP B 144 -8.74 13.03 -6.28
CA ASP B 144 -9.98 12.32 -5.97
C ASP B 144 -10.22 11.14 -6.91
N PHE B 145 -9.83 11.28 -8.18
CA PHE B 145 -9.95 10.21 -9.17
C PHE B 145 -9.07 9.01 -8.79
N SER B 146 -7.78 9.26 -8.51
CA SER B 146 -6.80 8.24 -8.13
C SER B 146 -7.16 7.60 -6.82
N GLN B 147 -7.60 8.41 -5.83
CA GLN B 147 -7.97 7.96 -4.49
C GLN B 147 -9.19 7.05 -4.54
N ALA B 148 -10.22 7.47 -5.31
CA ALA B 148 -11.45 6.71 -5.48
C ALA B 148 -11.15 5.38 -6.14
N LEU B 149 -10.27 5.38 -7.16
CA LEU B 149 -9.83 4.20 -7.91
C LEU B 149 -9.10 3.25 -6.97
N LYS B 150 -8.16 3.78 -6.14
CA LYS B 150 -7.38 2.99 -5.17
C LYS B 150 -8.27 2.29 -4.16
N LYS B 151 -9.38 2.93 -3.76
CA LYS B 151 -10.35 2.37 -2.82
C LYS B 151 -11.03 1.13 -3.40
N LYS B 152 -11.39 1.17 -4.70
CA LYS B 152 -12.01 0.05 -5.43
C LYS B 152 -10.99 -1.09 -5.66
N VAL B 153 -9.77 -0.74 -6.07
CA VAL B 153 -8.66 -1.66 -6.34
C VAL B 153 -8.34 -2.53 -5.11
N LEU B 154 -8.22 -1.90 -3.92
CA LEU B 154 -7.90 -2.61 -2.67
C LEU B 154 -9.05 -3.50 -2.14
N GLN B 155 -10.23 -3.44 -2.78
CA GLN B 155 -11.37 -4.30 -2.42
C GLN B 155 -11.30 -5.66 -3.14
N ASN B 156 -10.47 -5.76 -4.20
CA ASN B 156 -10.23 -6.97 -4.98
C ASN B 156 -9.01 -7.72 -4.46
N ALA B 157 -9.14 -9.05 -4.31
CA ALA B 157 -8.10 -9.94 -3.78
C ALA B 157 -6.75 -9.83 -4.47
N ARG B 158 -6.74 -9.60 -5.79
CA ARG B 158 -5.51 -9.46 -6.58
C ARG B 158 -4.92 -8.06 -6.50
N GLY B 159 -5.62 -7.15 -5.81
CA GLY B 159 -5.20 -5.77 -5.63
C GLY B 159 -5.08 -5.05 -6.95
N SER B 160 -6.07 -5.25 -7.83
CA SER B 160 -6.13 -4.65 -9.16
C SER B 160 -7.57 -4.53 -9.66
N LEU B 161 -7.83 -3.58 -10.59
CA LEU B 161 -9.15 -3.36 -11.17
C LEU B 161 -9.09 -3.25 -12.69
N THR B 162 -9.81 -4.17 -13.38
CA THR B 162 -9.88 -4.23 -14.83
C THR B 162 -11.22 -3.67 -15.26
N LEU B 163 -11.20 -2.56 -16.04
CA LEU B 163 -12.42 -1.88 -16.46
C LEU B 163 -12.33 -1.10 -17.76
N ASP B 164 -13.48 -0.61 -18.25
CA ASP B 164 -13.58 0.30 -19.40
C ASP B 164 -13.44 1.67 -18.74
N VAL B 165 -12.30 2.33 -18.95
CA VAL B 165 -12.01 3.63 -18.31
C VAL B 165 -12.79 4.79 -18.90
N GLN B 166 -13.23 4.71 -20.17
CA GLN B 166 -13.95 5.78 -20.86
C GLN B 166 -15.03 6.47 -19.99
N PRO B 167 -16.05 5.80 -19.37
CA PRO B 167 -17.03 6.53 -18.54
C PRO B 167 -16.40 7.30 -17.39
N SER B 168 -15.50 6.66 -16.63
CA SER B 168 -14.83 7.30 -15.50
C SER B 168 -14.00 8.54 -15.88
N ILE B 169 -13.28 8.47 -17.04
CA ILE B 169 -12.44 9.53 -17.57
C ILE B 169 -13.33 10.69 -18.03
N PHE B 170 -14.52 10.39 -18.59
CA PHE B 170 -15.48 11.39 -19.07
C PHE B 170 -16.00 12.23 -17.94
N HIS B 171 -16.34 11.57 -16.84
CA HIS B 171 -16.89 12.20 -15.66
C HIS B 171 -15.82 12.95 -14.91
N TYR B 172 -14.51 12.65 -15.17
CA TYR B 172 -13.40 13.41 -14.63
C TYR B 172 -13.33 14.73 -15.37
N THR B 173 -13.34 14.71 -16.72
CA THR B 173 -13.29 15.92 -17.53
C THR B 173 -14.50 16.80 -17.26
N ILE B 174 -15.67 16.23 -16.94
CA ILE B 174 -16.86 17.01 -16.59
C ILE B 174 -16.65 17.69 -15.23
N GLU B 175 -16.23 16.93 -14.21
CA GLU B 175 -15.98 17.38 -12.84
C GLU B 175 -14.88 18.45 -12.75
N ALA B 176 -13.73 18.19 -13.40
CA ALA B 176 -12.57 19.08 -13.43
C ALA B 176 -12.87 20.37 -14.18
N SER B 177 -13.68 20.29 -15.25
CA SER B 177 -14.04 21.46 -16.04
C SER B 177 -15.04 22.34 -15.33
N ASN B 178 -16.03 21.73 -14.69
CA ASN B 178 -17.03 22.50 -13.99
C ASN B 178 -16.42 23.23 -12.81
N LEU B 179 -15.47 22.59 -12.11
CA LEU B 179 -14.80 23.22 -10.98
C LEU B 179 -13.88 24.36 -11.44
N ALA B 180 -13.14 24.15 -12.55
CA ALA B 180 -12.22 25.16 -13.05
C ALA B 180 -12.96 26.36 -13.58
N LEU B 181 -14.12 26.16 -14.19
CA LEU B 181 -14.88 27.25 -14.77
C LEU B 181 -15.83 27.91 -13.80
N PHE B 182 -16.69 27.12 -13.16
CA PHE B 182 -17.71 27.64 -12.28
C PHE B 182 -17.40 27.58 -10.79
N GLY B 183 -16.39 26.82 -10.40
CA GLY B 183 -16.04 26.66 -8.99
C GLY B 183 -17.07 25.86 -8.23
N GLU B 184 -17.63 24.81 -8.87
CA GLU B 184 -18.64 23.91 -8.30
C GLU B 184 -18.25 22.46 -8.50
N ARG B 185 -18.28 21.68 -7.40
CA ARG B 185 -18.00 20.24 -7.48
C ARG B 185 -19.31 19.54 -7.80
N LEU B 186 -19.35 18.76 -8.87
CA LEU B 186 -20.60 18.09 -9.25
C LEU B 186 -20.81 16.73 -8.58
N GLY B 187 -19.73 16.17 -8.01
CA GLY B 187 -19.75 14.88 -7.33
C GLY B 187 -19.86 13.66 -8.24
N LEU B 188 -19.20 13.71 -9.40
CA LEU B 188 -19.20 12.62 -10.39
C LEU B 188 -18.01 11.69 -10.18
N VAL B 189 -16.90 12.26 -9.69
CA VAL B 189 -15.67 11.53 -9.44
C VAL B 189 -15.82 10.69 -8.15
N GLY B 190 -15.73 9.37 -8.30
CA GLY B 190 -15.85 8.43 -7.19
C GLY B 190 -17.27 8.00 -6.88
N HIS B 191 -18.23 8.41 -7.72
CA HIS B 191 -19.64 8.09 -7.57
C HIS B 191 -20.25 7.61 -8.89
N SER B 192 -21.47 7.02 -8.81
CA SER B 192 -22.24 6.56 -9.98
C SER B 192 -22.60 7.77 -10.85
N PRO B 193 -22.58 7.64 -12.20
CA PRO B 193 -22.84 8.80 -13.06
C PRO B 193 -24.29 9.28 -12.98
N SER B 194 -24.46 10.61 -12.94
CA SER B 194 -25.78 11.21 -12.87
C SER B 194 -26.49 11.15 -14.23
N SER B 195 -27.82 11.04 -14.20
CA SER B 195 -28.67 11.00 -15.38
C SER B 195 -28.42 12.25 -16.23
N ALA B 196 -28.28 13.42 -15.57
CA ALA B 196 -28.02 14.72 -16.20
C ALA B 196 -26.70 14.74 -16.98
N SER B 197 -25.64 14.14 -16.42
CA SER B 197 -24.34 14.12 -17.09
C SER B 197 -24.30 13.10 -18.25
N LEU B 198 -24.98 11.95 -18.10
CA LEU B 198 -25.09 10.94 -19.14
C LEU B 198 -25.89 11.45 -20.35
N ASN B 199 -26.93 12.30 -20.10
CA ASN B 199 -27.76 12.93 -21.13
C ASN B 199 -26.98 13.97 -21.90
N PHE B 200 -26.16 14.75 -21.18
CA PHE B 200 -25.28 15.77 -21.74
C PHE B 200 -24.24 15.14 -22.69
N LEU B 201 -23.56 14.05 -22.24
CA LEU B 201 -22.56 13.31 -23.00
C LEU B 201 -23.15 12.78 -24.31
N HIS B 202 -24.39 12.23 -24.25
CA HIS B 202 -25.13 11.70 -25.40
C HIS B 202 -25.54 12.81 -26.38
N ALA B 203 -25.94 13.99 -25.86
CA ALA B 203 -26.30 15.16 -26.66
C ALA B 203 -25.11 15.65 -27.42
N LEU B 204 -23.90 15.57 -26.83
CA LEU B 204 -22.63 15.91 -27.51
C LEU B 204 -22.32 14.89 -28.62
N GLU B 205 -22.42 13.57 -28.28
CA GLU B 205 -22.23 12.45 -29.21
C GLU B 205 -23.08 12.63 -30.48
N VAL B 206 -24.38 12.95 -30.30
CA VAL B 206 -25.38 13.17 -31.34
C VAL B 206 -25.04 14.47 -32.11
N MET B 207 -24.66 15.55 -31.36
CA MET B 207 -24.31 16.85 -31.91
C MET B 207 -23.18 16.74 -32.93
N PHE B 208 -22.05 16.07 -32.56
CA PHE B 208 -20.90 15.91 -33.45
C PHE B 208 -21.25 15.03 -34.66
N LYS B 209 -21.96 13.91 -34.42
CA LYS B 209 -22.40 12.98 -35.45
C LYS B 209 -23.14 13.72 -36.57
N SER B 210 -24.20 14.45 -36.19
CA SER B 210 -25.05 15.22 -37.11
C SER B 210 -24.31 16.39 -37.78
N THR B 211 -23.24 16.93 -37.13
CA THR B 211 -22.43 18.03 -37.69
C THR B 211 -21.83 17.59 -39.03
N VAL B 212 -21.13 16.42 -39.04
CA VAL B 212 -20.46 15.84 -40.21
C VAL B 212 -21.44 15.66 -41.37
N GLN B 213 -22.63 15.15 -41.10
CA GLN B 213 -23.69 14.95 -42.09
C GLN B 213 -24.13 16.24 -42.76
N LEU B 214 -24.21 17.36 -42.00
CA LEU B 214 -24.65 18.69 -42.47
C LEU B 214 -23.52 19.63 -42.87
N MET B 215 -22.29 19.23 -42.61
CA MET B 215 -21.05 19.97 -42.83
C MET B 215 -20.62 20.21 -44.28
N PHE B 216 -20.86 19.23 -45.16
CA PHE B 216 -20.36 19.23 -46.53
C PHE B 216 -21.40 19.61 -47.63
N MET B 217 -22.54 20.18 -47.22
CA MET B 217 -23.55 20.61 -48.18
C MET B 217 -24.21 21.94 -47.80
N PRO B 218 -24.65 22.78 -48.78
CA PRO B 218 -25.27 24.08 -48.43
C PRO B 218 -26.57 23.91 -47.64
N ARG B 219 -26.92 24.91 -46.82
CA ARG B 219 -28.16 24.83 -46.05
C ARG B 219 -29.37 24.76 -47.00
N SER B 220 -29.20 25.20 -48.26
CA SER B 220 -30.24 25.14 -49.29
C SER B 220 -30.57 23.69 -49.68
N LEU B 221 -29.53 22.82 -49.78
CA LEU B 221 -29.67 21.40 -50.14
C LEU B 221 -30.09 20.52 -48.97
N SER B 222 -29.32 20.58 -47.88
CA SER B 222 -29.55 19.80 -46.68
C SER B 222 -30.94 20.00 -46.06
N ARG B 223 -31.55 21.20 -46.22
CA ARG B 223 -32.89 21.55 -45.71
C ARG B 223 -33.97 20.53 -46.07
N TRP B 224 -33.95 19.99 -47.32
CA TRP B 224 -34.95 19.04 -47.84
C TRP B 224 -34.41 17.62 -48.08
N ILE B 225 -33.09 17.46 -48.29
CA ILE B 225 -32.45 16.16 -48.44
C ILE B 225 -32.36 15.47 -47.04
N SER B 226 -31.90 16.21 -46.00
CA SER B 226 -31.75 15.72 -44.63
C SER B 226 -32.51 16.58 -43.58
N PRO B 227 -33.87 16.63 -43.60
CA PRO B 227 -34.57 17.43 -42.59
C PRO B 227 -34.53 16.83 -41.19
N LYS B 228 -34.55 15.47 -41.11
CA LYS B 228 -34.53 14.71 -39.86
C LYS B 228 -33.17 14.80 -39.19
N VAL B 229 -32.10 15.07 -39.99
CA VAL B 229 -30.73 15.24 -39.50
C VAL B 229 -30.66 16.62 -38.86
N TRP B 230 -31.30 17.62 -39.49
CA TRP B 230 -31.36 18.98 -38.97
C TRP B 230 -32.06 18.98 -37.61
N LYS B 231 -33.23 18.28 -37.53
CA LYS B 231 -34.02 18.12 -36.31
C LYS B 231 -33.17 17.48 -35.20
N GLU B 232 -32.43 16.39 -35.53
CA GLU B 232 -31.54 15.66 -34.59
C GLU B 232 -30.42 16.55 -34.04
N HIS B 233 -29.85 17.40 -34.91
CA HIS B 233 -28.77 18.32 -34.57
C HIS B 233 -29.21 19.41 -33.60
N PHE B 234 -30.38 20.02 -33.85
CA PHE B 234 -30.95 21.06 -33.00
C PHE B 234 -31.42 20.50 -31.67
N GLU B 235 -32.00 19.27 -31.65
CA GLU B 235 -32.45 18.56 -30.44
C GLU B 235 -31.28 18.29 -29.48
N ALA B 236 -30.09 17.98 -30.06
CA ALA B 236 -28.84 17.72 -29.34
C ALA B 236 -28.32 19.01 -28.71
N TRP B 237 -28.39 20.13 -29.45
CA TRP B 237 -27.97 21.44 -29.01
C TRP B 237 -28.90 21.96 -27.92
N ASP B 238 -30.22 21.73 -28.04
CA ASP B 238 -31.24 22.13 -27.06
C ASP B 238 -30.91 21.52 -25.68
N CYS B 239 -30.43 20.28 -25.67
CA CYS B 239 -30.01 19.56 -24.48
C CYS B 239 -28.67 20.10 -23.95
N ILE B 240 -27.67 20.34 -24.83
CA ILE B 240 -26.35 20.87 -24.46
C ILE B 240 -26.51 22.24 -23.83
N PHE B 241 -27.34 23.10 -24.46
CA PHE B 241 -27.61 24.46 -24.02
C PHE B 241 -28.34 24.49 -22.70
N GLN B 242 -29.26 23.54 -22.48
CA GLN B 242 -30.02 23.40 -21.24
C GLN B 242 -29.05 23.12 -20.08
N TYR B 243 -28.05 22.22 -20.31
CA TYR B 243 -27.05 21.84 -19.32
C TYR B 243 -26.17 23.04 -18.96
N GLY B 244 -25.59 23.69 -19.97
CA GLY B 244 -24.73 24.84 -19.81
C GLY B 244 -25.41 26.06 -19.22
N ASP B 245 -26.68 26.31 -19.61
CA ASP B 245 -27.45 27.45 -19.09
C ASP B 245 -27.74 27.28 -17.59
N ASN B 246 -27.98 26.04 -17.16
CA ASN B 246 -28.21 25.72 -15.75
C ASN B 246 -26.99 26.13 -14.89
N CYS B 247 -25.76 25.93 -15.41
CA CYS B 247 -24.49 26.28 -14.75
C CYS B 247 -24.35 27.79 -14.67
N ILE B 248 -24.64 28.46 -15.79
CA ILE B 248 -24.55 29.91 -15.93
C ILE B 248 -25.59 30.62 -15.05
N GLN B 249 -26.82 30.06 -14.91
CA GLN B 249 -27.86 30.68 -14.09
C GLN B 249 -27.51 30.59 -12.61
N LYS B 250 -26.84 29.49 -12.19
CA LYS B 250 -26.39 29.25 -10.82
C LYS B 250 -25.31 30.28 -10.41
N ILE B 251 -24.24 30.42 -11.23
CA ILE B 251 -23.12 31.33 -10.97
C ILE B 251 -23.53 32.81 -11.04
N TYR B 252 -24.45 33.17 -11.97
CA TYR B 252 -24.94 34.55 -12.12
C TYR B 252 -25.75 34.98 -10.90
N GLN B 253 -26.52 34.06 -10.30
CA GLN B 253 -27.31 34.34 -9.11
C GLN B 253 -26.42 34.41 -7.86
N GLU B 254 -25.43 33.52 -7.76
CA GLU B 254 -24.47 33.46 -6.66
C GLU B 254 -23.62 34.74 -6.60
N LEU B 255 -23.23 35.27 -7.77
CA LEU B 255 -22.42 36.49 -7.88
C LEU B 255 -23.23 37.78 -7.69
N ALA B 256 -24.52 37.75 -8.02
CA ALA B 256 -25.40 38.90 -7.92
C ALA B 256 -25.58 39.29 -6.48
N PHE B 257 -25.52 38.31 -5.55
CA PHE B 257 -25.73 38.55 -4.12
C PHE B 257 -24.44 38.72 -3.32
N ASN B 258 -23.31 38.19 -3.83
CA ASN B 258 -22.02 38.33 -3.16
C ASN B 258 -20.84 38.18 -4.11
N ARG B 259 -19.93 39.16 -4.08
CA ARG B 259 -18.69 39.17 -4.85
C ARG B 259 -17.61 38.54 -3.94
N PRO B 260 -17.06 37.36 -4.30
CA PRO B 260 -16.06 36.73 -3.42
C PRO B 260 -14.69 37.40 -3.47
N GLN B 261 -13.96 37.33 -2.35
CA GLN B 261 -12.61 37.91 -2.25
C GLN B 261 -11.58 37.01 -2.96
N HIS B 262 -11.71 35.69 -2.80
CA HIS B 262 -10.84 34.66 -3.37
C HIS B 262 -11.31 34.18 -4.75
N TYR B 263 -10.44 33.46 -5.46
CA TYR B 263 -10.71 32.91 -6.79
C TYR B 263 -11.77 31.81 -6.72
N THR B 264 -12.82 31.92 -7.57
CA THR B 264 -13.92 30.96 -7.61
C THR B 264 -14.25 30.48 -9.04
N GLY B 265 -13.22 30.44 -9.90
CA GLY B 265 -13.36 29.96 -11.27
C GLY B 265 -13.19 30.98 -12.37
N ILE B 266 -13.02 30.48 -13.61
CA ILE B 266 -12.85 31.21 -14.87
C ILE B 266 -14.05 32.12 -15.20
N VAL B 267 -15.28 31.54 -15.27
CA VAL B 267 -16.54 32.22 -15.57
C VAL B 267 -16.82 33.34 -14.55
N ALA B 268 -16.57 33.06 -13.26
CA ALA B 268 -16.73 34.02 -12.17
C ALA B 268 -15.92 35.28 -12.47
N GLU B 269 -14.64 35.11 -12.88
CA GLU B 269 -13.74 36.22 -13.20
C GLU B 269 -14.25 37.09 -14.36
N LEU B 270 -14.86 36.46 -15.38
CA LEU B 270 -15.39 37.09 -16.58
C LEU B 270 -16.71 37.80 -16.39
N LEU B 271 -17.48 37.37 -15.39
CA LEU B 271 -18.73 38.01 -14.98
C LEU B 271 -18.44 39.20 -14.07
N LEU B 272 -17.42 39.09 -13.20
CA LEU B 272 -17.02 40.15 -12.27
C LEU B 272 -16.38 41.32 -13.02
N LYS B 273 -15.61 41.00 -14.07
CA LYS B 273 -14.96 42.01 -14.88
C LYS B 273 -16.01 42.80 -15.70
N ALA B 274 -17.07 42.09 -16.18
CA ALA B 274 -18.20 42.60 -16.98
C ALA B 274 -17.75 43.47 -18.18
N GLU B 275 -16.66 43.02 -18.85
CA GLU B 275 -16.09 43.69 -20.01
C GLU B 275 -16.93 43.35 -21.25
N LEU B 276 -17.44 42.11 -21.32
CA LEU B 276 -18.26 41.65 -22.43
C LEU B 276 -19.71 41.53 -21.98
N SER B 277 -20.66 41.59 -22.95
CA SER B 277 -22.11 41.52 -22.68
C SER B 277 -22.51 40.18 -22.09
N LEU B 278 -23.61 40.17 -21.30
CA LEU B 278 -24.08 38.93 -20.68
C LEU B 278 -24.26 37.81 -21.71
N GLU B 279 -24.95 38.08 -22.82
CA GLU B 279 -25.20 37.10 -23.88
C GLU B 279 -23.91 36.59 -24.57
N ALA B 280 -22.84 37.40 -24.55
CA ALA B 280 -21.53 37.02 -25.10
C ALA B 280 -20.79 36.15 -24.08
N ILE B 281 -20.94 36.46 -22.76
CA ILE B 281 -20.35 35.67 -21.67
C ILE B 281 -21.05 34.30 -21.66
N LYS B 282 -22.39 34.32 -21.82
CA LYS B 282 -23.25 33.13 -21.90
C LYS B 282 -22.77 32.22 -23.04
N ALA B 283 -22.54 32.82 -24.22
CA ALA B 283 -22.08 32.17 -25.44
C ALA B 283 -20.70 31.51 -25.29
N ASN B 284 -19.71 32.28 -24.78
CA ASN B 284 -18.34 31.81 -24.59
C ASN B 284 -18.22 30.75 -23.51
N SER B 285 -18.99 30.91 -22.42
CA SER B 285 -19.05 29.96 -21.30
C SER B 285 -19.67 28.62 -21.74
N MET B 286 -20.63 28.66 -22.65
CA MET B 286 -21.29 27.48 -23.22
C MET B 286 -20.26 26.66 -24.02
N GLU B 287 -19.43 27.35 -24.83
CA GLU B 287 -18.38 26.72 -25.62
C GLU B 287 -17.33 26.08 -24.70
N LEU B 288 -17.00 26.74 -23.59
CA LEU B 288 -16.03 26.21 -22.65
C LEU B 288 -16.58 25.00 -21.92
N THR B 289 -17.89 25.00 -21.60
CA THR B 289 -18.56 23.89 -20.93
C THR B 289 -18.62 22.65 -21.84
N ALA B 290 -19.08 22.86 -23.12
CA ALA B 290 -19.25 21.85 -24.17
C ALA B 290 -17.90 21.34 -24.72
N GLY B 291 -17.00 22.26 -25.01
CA GLY B 291 -15.70 21.94 -25.59
C GLY B 291 -14.63 21.43 -24.67
N SER B 292 -14.96 21.12 -23.42
CA SER B 292 -13.96 20.67 -22.47
C SER B 292 -14.21 19.22 -22.05
N VAL B 293 -15.29 18.62 -22.58
CA VAL B 293 -15.64 17.25 -22.20
C VAL B 293 -14.91 16.21 -23.05
N ASP B 294 -15.27 16.11 -24.35
CA ASP B 294 -14.73 15.16 -25.32
C ASP B 294 -13.28 15.46 -25.68
N THR B 295 -12.93 16.73 -25.89
CA THR B 295 -11.59 17.16 -26.30
C THR B 295 -10.47 16.74 -25.36
N THR B 296 -10.71 16.78 -24.04
CA THR B 296 -9.69 16.42 -23.06
C THR B 296 -9.68 14.90 -22.81
N ALA B 297 -10.86 14.27 -22.72
CA ALA B 297 -11.01 12.86 -22.41
C ALA B 297 -10.40 11.90 -23.43
N PHE B 298 -10.65 12.11 -24.75
CA PHE B 298 -10.16 11.21 -25.78
C PHE B 298 -8.64 11.11 -25.77
N PRO B 299 -7.82 12.20 -25.77
CA PRO B 299 -6.37 12.02 -25.69
C PRO B 299 -5.90 11.46 -24.33
N LEU B 300 -6.67 11.69 -23.24
CA LEU B 300 -6.36 11.14 -21.90
C LEU B 300 -6.45 9.61 -21.96
N LEU B 301 -7.55 9.12 -22.57
CA LEU B 301 -7.84 7.70 -22.79
C LEU B 301 -6.77 7.07 -23.71
N MET B 302 -6.35 7.84 -24.75
CA MET B 302 -5.35 7.40 -25.72
C MET B 302 -3.94 7.36 -25.15
N THR B 303 -3.63 8.19 -24.12
CA THR B 303 -2.33 8.17 -23.45
C THR B 303 -2.31 6.91 -22.56
N LEU B 304 -3.38 6.71 -21.80
CA LEU B 304 -3.53 5.54 -20.92
C LEU B 304 -3.35 4.25 -21.68
N PHE B 305 -3.97 4.14 -22.88
CA PHE B 305 -3.87 2.96 -23.73
C PHE B 305 -2.44 2.76 -24.22
N GLU B 306 -1.80 3.84 -24.72
CA GLU B 306 -0.43 3.77 -25.23
C GLU B 306 0.59 3.49 -24.14
N LEU B 307 0.31 3.92 -22.89
CA LEU B 307 1.20 3.62 -21.76
C LEU B 307 1.03 2.17 -21.36
N ALA B 308 -0.20 1.66 -21.48
CA ALA B 308 -0.57 0.28 -21.19
C ALA B 308 -0.02 -0.67 -22.26
N ARG B 309 0.24 -0.15 -23.47
CA ARG B 309 0.82 -0.83 -24.63
C ARG B 309 2.37 -0.83 -24.56
N ASN B 310 2.96 0.29 -24.11
CA ASN B 310 4.40 0.51 -23.99
C ASN B 310 4.76 0.56 -22.48
N PRO B 311 5.01 -0.60 -21.84
CA PRO B 311 5.32 -0.59 -20.40
C PRO B 311 6.67 0.04 -20.06
N ASP B 312 7.63 -0.02 -21.01
CA ASP B 312 8.97 0.54 -20.90
C ASP B 312 8.91 2.08 -20.80
N VAL B 313 8.05 2.69 -21.64
CA VAL B 313 7.79 4.14 -21.69
C VAL B 313 7.15 4.54 -20.37
N GLN B 314 6.12 3.78 -19.95
CA GLN B 314 5.33 3.95 -18.72
C GLN B 314 6.25 4.04 -17.51
N GLN B 315 7.24 3.12 -17.42
CA GLN B 315 8.20 3.05 -16.32
C GLN B 315 9.00 4.35 -16.16
N ILE B 316 9.51 4.91 -17.28
CA ILE B 316 10.28 6.16 -17.30
C ILE B 316 9.44 7.31 -16.73
N LEU B 317 8.19 7.41 -17.19
CA LEU B 317 7.22 8.42 -16.77
C LEU B 317 6.85 8.30 -15.29
N ARG B 318 6.76 7.05 -14.80
CA ARG B 318 6.45 6.73 -13.40
C ARG B 318 7.61 7.16 -12.50
N GLN B 319 8.87 6.89 -12.93
CA GLN B 319 10.08 7.25 -12.19
C GLN B 319 10.18 8.77 -12.06
N GLU B 320 9.79 9.49 -13.15
CA GLU B 320 9.77 10.95 -13.22
C GLU B 320 8.73 11.49 -12.25
N SER B 321 7.49 10.95 -12.31
CA SER B 321 6.37 11.36 -11.47
C SER B 321 6.58 11.07 -9.97
N LEU B 322 7.24 9.97 -9.63
CA LEU B 322 7.53 9.61 -8.23
C LEU B 322 8.61 10.51 -7.64
N ALA B 323 9.55 10.98 -8.48
CA ALA B 323 10.63 11.88 -8.08
C ALA B 323 10.06 13.28 -7.76
N ALA B 324 9.25 13.83 -8.67
CA ALA B 324 8.64 15.14 -8.53
C ALA B 324 7.37 15.13 -7.66
N ALA B 325 6.94 13.95 -7.17
CA ALA B 325 5.74 13.75 -6.34
C ALA B 325 5.70 14.66 -5.12
N ALA B 326 6.83 14.76 -4.40
CA ALA B 326 6.98 15.56 -3.17
C ALA B 326 6.75 17.06 -3.41
N SER B 327 7.37 17.60 -4.47
CA SER B 327 7.27 19.02 -4.84
C SER B 327 5.89 19.42 -5.37
N ILE B 328 5.22 18.50 -6.11
CA ILE B 328 3.87 18.72 -6.67
C ILE B 328 2.79 18.61 -5.58
N SER B 329 3.07 17.80 -4.53
CA SER B 329 2.17 17.64 -3.39
C SER B 329 2.08 18.94 -2.58
N GLU B 330 3.22 19.66 -2.44
CA GLU B 330 3.32 20.92 -1.72
C GLU B 330 2.72 22.06 -2.52
N HIS B 331 3.16 22.22 -3.80
CA HIS B 331 2.69 23.24 -4.73
C HIS B 331 2.29 22.56 -6.06
N PRO B 332 0.96 22.44 -6.34
CA PRO B 332 0.52 21.74 -7.55
C PRO B 332 0.92 22.37 -8.89
N GLN B 333 1.03 23.71 -8.95
CA GLN B 333 1.41 24.46 -10.15
C GLN B 333 2.82 24.08 -10.70
N LYS B 334 3.65 23.42 -9.88
CA LYS B 334 5.01 22.96 -10.23
C LYS B 334 4.97 21.80 -11.24
N ALA B 335 3.81 21.14 -11.40
CA ALA B 335 3.60 20.00 -12.31
C ALA B 335 3.94 20.30 -13.77
N THR B 336 3.64 21.53 -14.20
CA THR B 336 3.91 22.01 -15.57
C THR B 336 5.40 21.95 -15.89
N THR B 337 6.23 22.56 -15.02
CA THR B 337 7.68 22.64 -15.21
C THR B 337 8.46 21.40 -14.80
N GLU B 338 7.98 20.66 -13.78
CA GLU B 338 8.69 19.50 -13.25
C GLU B 338 8.34 18.15 -13.91
N LEU B 339 7.55 18.16 -15.00
CA LEU B 339 7.24 16.91 -15.70
C LEU B 339 7.45 17.04 -17.23
N PRO B 340 8.72 17.19 -17.71
CA PRO B 340 8.95 17.33 -19.17
C PRO B 340 8.63 16.08 -20.00
N LEU B 341 8.91 14.87 -19.46
CA LEU B 341 8.65 13.58 -20.12
C LEU B 341 7.15 13.37 -20.31
N LEU B 342 6.35 13.64 -19.25
CA LEU B 342 4.90 13.49 -19.27
C LEU B 342 4.27 14.49 -20.22
N ARG B 343 4.85 15.70 -20.32
CA ARG B 343 4.38 16.72 -21.27
C ARG B 343 4.70 16.25 -22.69
N ALA B 344 5.87 15.60 -22.87
CA ALA B 344 6.32 15.07 -24.16
C ALA B 344 5.51 13.82 -24.54
N ALA B 345 4.98 13.09 -23.53
CA ALA B 345 4.13 11.92 -23.74
C ALA B 345 2.79 12.39 -24.30
N LEU B 346 2.31 13.58 -23.85
CA LEU B 346 1.07 14.22 -24.30
C LEU B 346 1.21 14.80 -25.72
N LYS B 347 2.41 15.34 -26.07
CA LYS B 347 2.73 15.86 -27.40
C LYS B 347 2.71 14.72 -28.41
N GLU B 348 3.16 13.52 -27.97
CA GLU B 348 3.23 12.26 -28.73
C GLU B 348 1.84 11.69 -29.00
N THR B 349 0.96 11.70 -27.97
CA THR B 349 -0.43 11.19 -28.03
C THR B 349 -1.27 12.01 -29.02
N LEU B 350 -1.11 13.35 -28.99
CA LEU B 350 -1.81 14.27 -29.88
C LEU B 350 -1.26 14.22 -31.30
N ARG B 351 -0.02 13.75 -31.48
CA ARG B 351 0.63 13.60 -32.78
C ARG B 351 0.00 12.41 -33.49
N LEU B 352 -0.10 11.26 -32.79
CA LEU B 352 -0.67 10.02 -33.31
C LEU B 352 -2.19 10.05 -33.39
N TYR B 353 -2.81 10.63 -32.35
CA TYR B 353 -4.27 10.69 -32.24
C TYR B 353 -4.74 12.15 -32.10
N PRO B 354 -4.88 12.91 -33.21
CA PRO B 354 -5.34 14.30 -33.06
C PRO B 354 -6.81 14.36 -32.67
N VAL B 355 -7.22 15.42 -31.95
CA VAL B 355 -8.60 15.64 -31.50
C VAL B 355 -9.48 15.97 -32.72
N GLY B 356 -9.05 16.95 -33.50
CA GLY B 356 -9.73 17.32 -34.73
C GLY B 356 -8.97 16.75 -35.91
N LEU B 357 -9.43 17.09 -37.11
CA LEU B 357 -8.80 16.59 -38.32
C LEU B 357 -7.83 17.56 -38.91
N PHE B 358 -8.35 18.72 -39.26
CA PHE B 358 -7.65 19.79 -39.94
C PHE B 358 -7.70 21.09 -39.20
N LEU B 359 -6.72 21.94 -39.53
CA LEU B 359 -6.63 23.32 -39.09
C LEU B 359 -7.11 24.12 -40.31
N GLU B 360 -8.12 25.00 -40.15
CA GLU B 360 -8.69 25.77 -41.26
C GLU B 360 -8.23 27.21 -41.25
N ARG B 361 -8.00 27.78 -42.44
CA ARG B 361 -7.66 29.18 -42.63
C ARG B 361 -8.10 29.67 -44.01
N VAL B 362 -9.01 30.65 -44.04
CA VAL B 362 -9.47 31.30 -45.26
C VAL B 362 -8.57 32.52 -45.34
N VAL B 363 -7.46 32.34 -46.07
CA VAL B 363 -6.36 33.30 -46.21
C VAL B 363 -6.84 34.70 -46.64
N SER B 364 -6.34 35.72 -45.94
CA SER B 364 -6.68 37.13 -46.13
C SER B 364 -5.94 37.75 -47.32
N SER B 365 -4.74 37.24 -47.64
CA SER B 365 -3.91 37.70 -48.74
C SER B 365 -3.20 36.54 -49.44
N ASP B 366 -2.64 36.80 -50.63
CA ASP B 366 -1.92 35.82 -51.43
C ASP B 366 -0.65 35.30 -50.73
N LEU B 367 -0.30 34.02 -50.94
CA LEU B 367 0.89 33.37 -50.35
C LEU B 367 1.43 32.22 -51.18
N VAL B 368 2.65 31.77 -50.89
CA VAL B 368 3.29 30.68 -51.62
C VAL B 368 3.46 29.47 -50.68
N LEU B 369 2.77 28.36 -51.03
CA LEU B 369 2.83 27.11 -50.29
C LEU B 369 3.36 26.01 -51.20
N GLN B 370 4.51 25.41 -50.83
CA GLN B 370 5.18 24.33 -51.58
C GLN B 370 5.48 24.76 -53.03
N ASN B 371 5.93 26.03 -53.23
CA ASN B 371 6.25 26.66 -54.52
C ASN B 371 5.02 26.83 -55.45
N TYR B 372 3.80 26.85 -54.87
CA TYR B 372 2.55 27.03 -55.60
C TYR B 372 1.87 28.32 -55.16
N HIS B 373 1.24 29.04 -56.11
CA HIS B 373 0.55 30.28 -55.82
C HIS B 373 -0.80 30.01 -55.17
N ILE B 374 -1.00 30.57 -53.96
CA ILE B 374 -2.24 30.44 -53.21
C ILE B 374 -2.93 31.81 -53.21
N PRO B 375 -4.04 31.99 -53.97
CA PRO B 375 -4.71 33.30 -54.02
C PRO B 375 -5.44 33.64 -52.73
N ALA B 376 -5.84 34.91 -52.55
CA ALA B 376 -6.58 35.32 -51.35
C ALA B 376 -7.99 34.72 -51.40
N GLY B 377 -8.52 34.42 -50.21
CA GLY B 377 -9.86 33.83 -50.06
C GLY B 377 -9.89 32.33 -50.28
N THR B 378 -8.70 31.71 -50.34
CA THR B 378 -8.54 30.28 -50.56
C THR B 378 -8.58 29.58 -49.21
N LEU B 379 -9.36 28.50 -49.13
CA LEU B 379 -9.43 27.70 -47.91
C LEU B 379 -8.21 26.78 -47.86
N VAL B 380 -7.39 26.95 -46.81
CA VAL B 380 -6.19 26.13 -46.63
C VAL B 380 -6.41 25.24 -45.40
N GLN B 381 -6.35 23.92 -45.58
CA GLN B 381 -6.57 22.94 -44.51
C GLN B 381 -5.30 22.15 -44.16
N VAL B 382 -4.83 22.28 -42.91
CA VAL B 382 -3.66 21.56 -42.43
C VAL B 382 -4.12 20.24 -41.84
N PHE B 383 -3.80 19.12 -42.52
CA PHE B 383 -4.19 17.77 -42.08
C PHE B 383 -3.21 17.19 -41.04
N LEU B 384 -3.63 17.28 -39.78
CA LEU B 384 -2.88 16.88 -38.60
C LEU B 384 -2.56 15.38 -38.46
N TYR B 385 -3.48 14.51 -38.92
CA TYR B 385 -3.30 13.05 -38.90
C TYR B 385 -2.06 12.68 -39.71
N SER B 386 -1.94 13.23 -40.94
CA SER B 386 -0.82 12.99 -41.85
C SER B 386 0.46 13.64 -41.40
N LEU B 387 0.39 14.88 -40.87
CA LEU B 387 1.54 15.66 -40.39
C LEU B 387 2.32 14.87 -39.35
N GLY B 388 1.59 14.21 -38.46
CA GLY B 388 2.14 13.39 -37.39
C GLY B 388 2.67 12.05 -37.84
N ARG B 389 2.22 11.58 -39.01
CA ARG B 389 2.62 10.32 -39.59
C ARG B 389 3.74 10.44 -40.64
N ASN B 390 4.22 11.67 -40.88
CA ASN B 390 5.30 12.03 -41.80
C ASN B 390 6.59 11.40 -41.31
N ALA B 391 6.99 10.29 -41.96
CA ALA B 391 8.17 9.49 -41.65
C ALA B 391 9.47 10.31 -41.70
N ALA B 392 9.56 11.28 -42.64
CA ALA B 392 10.72 12.16 -42.81
C ALA B 392 10.97 13.02 -41.56
N LEU B 393 9.91 13.60 -40.96
CA LEU B 393 10.03 14.44 -39.77
C LEU B 393 10.05 13.62 -38.48
N PHE B 394 9.22 12.56 -38.39
CA PHE B 394 9.14 11.69 -37.22
C PHE B 394 9.59 10.27 -37.56
N PRO B 395 10.90 9.96 -37.39
CA PRO B 395 11.38 8.58 -37.67
C PRO B 395 10.63 7.54 -36.85
N ARG B 396 10.16 6.47 -37.54
CA ARG B 396 9.28 5.40 -37.03
C ARG B 396 8.01 6.08 -36.48
N PRO B 397 7.16 6.68 -37.36
CA PRO B 397 6.01 7.43 -36.85
C PRO B 397 4.99 6.62 -36.05
N GLU B 398 4.81 5.33 -36.38
CA GLU B 398 3.89 4.43 -35.67
C GLU B 398 4.39 4.10 -34.24
N ARG B 399 5.68 4.35 -33.95
CA ARG B 399 6.29 4.12 -32.64
C ARG B 399 5.97 5.25 -31.65
N TYR B 400 5.40 4.91 -30.48
CA TYR B 400 5.07 5.87 -29.43
C TYR B 400 6.32 6.10 -28.59
N ASN B 401 7.05 7.18 -28.89
CA ASN B 401 8.28 7.53 -28.18
C ASN B 401 8.28 9.01 -27.75
N PRO B 402 8.01 9.31 -26.45
CA PRO B 402 8.01 10.72 -25.99
C PRO B 402 9.37 11.39 -26.03
N GLN B 403 10.46 10.58 -26.00
CA GLN B 403 11.84 11.06 -26.04
C GLN B 403 12.17 11.87 -27.28
N ARG B 404 11.48 11.63 -28.41
CA ARG B 404 11.71 12.33 -29.69
C ARG B 404 11.51 13.87 -29.60
N TRP B 405 10.65 14.32 -28.67
CA TRP B 405 10.34 15.72 -28.42
C TRP B 405 11.43 16.44 -27.65
N LEU B 406 12.35 15.68 -27.04
CA LEU B 406 13.44 16.25 -26.26
C LEU B 406 14.77 16.29 -27.09
N ASP B 407 14.66 16.04 -28.44
CA ASP B 407 15.73 16.07 -29.46
C ASP B 407 15.44 17.17 -30.55
N ILE B 408 14.20 17.17 -31.12
CA ILE B 408 13.74 18.14 -32.13
C ILE B 408 12.71 19.10 -31.54
N ASN B 414 10.03 25.69 -35.24
CA ASN B 414 9.90 24.60 -36.21
C ASN B 414 8.46 24.11 -36.42
N PHE B 415 7.57 24.40 -35.43
CA PHE B 415 6.13 24.08 -35.39
C PHE B 415 5.78 22.60 -35.64
N HIS B 416 6.65 21.65 -35.22
CA HIS B 416 6.45 20.21 -35.38
C HIS B 416 5.26 19.70 -34.54
N HIS B 417 4.93 20.44 -33.47
CA HIS B 417 3.82 20.13 -32.59
C HIS B 417 2.85 21.33 -32.63
N VAL B 418 1.74 21.18 -33.39
CA VAL B 418 0.71 22.23 -33.56
C VAL B 418 -0.71 21.62 -33.43
N PRO B 419 -0.99 20.74 -32.43
CA PRO B 419 -2.35 20.14 -32.36
C PRO B 419 -3.41 21.10 -31.84
N PHE B 420 -2.98 22.17 -31.13
CA PHE B 420 -3.87 23.19 -30.57
C PHE B 420 -4.00 24.39 -31.51
N GLY B 421 -3.30 24.31 -32.63
CA GLY B 421 -3.31 25.36 -33.64
C GLY B 421 -2.11 26.27 -33.56
N PHE B 422 -2.30 27.53 -34.00
CA PHE B 422 -1.24 28.55 -34.04
C PHE B 422 -1.77 29.97 -33.96
N GLY B 423 -0.85 30.89 -33.64
CA GLY B 423 -1.10 32.31 -33.54
C GLY B 423 -2.13 32.72 -32.51
N MET B 424 -2.90 33.77 -32.86
CA MET B 424 -3.94 34.36 -32.01
C MET B 424 -5.15 33.46 -31.92
N ARG B 425 -5.40 32.64 -32.95
CA ARG B 425 -6.54 31.73 -32.99
C ARG B 425 -6.27 30.41 -32.29
N GLN B 426 -5.01 30.14 -31.90
CA GLN B 426 -4.61 28.90 -31.19
C GLN B 426 -5.52 28.70 -29.99
N CYS B 427 -5.98 27.44 -29.80
CA CYS B 427 -6.90 26.97 -28.75
C CYS B 427 -6.95 27.81 -27.47
N LEU B 428 -8.17 28.16 -27.02
CA LEU B 428 -8.40 28.94 -25.81
C LEU B 428 -8.29 28.05 -24.53
N GLY B 429 -8.72 26.81 -24.65
CA GLY B 429 -8.68 25.85 -23.55
C GLY B 429 -7.39 25.08 -23.42
N ARG B 430 -6.44 25.29 -24.36
CA ARG B 430 -5.12 24.66 -24.49
C ARG B 430 -4.42 24.37 -23.13
N ARG B 431 -4.32 25.38 -22.27
CA ARG B 431 -3.66 25.30 -20.97
C ARG B 431 -4.50 24.53 -19.91
N LEU B 432 -5.85 24.72 -19.95
CA LEU B 432 -6.80 24.04 -19.06
C LEU B 432 -6.80 22.55 -19.35
N ALA B 433 -6.83 22.17 -20.64
CA ALA B 433 -6.83 20.78 -21.11
C ALA B 433 -5.54 20.10 -20.67
N GLU B 434 -4.38 20.77 -20.84
CA GLU B 434 -3.05 20.29 -20.46
C GLU B 434 -3.02 19.94 -18.97
N ALA B 435 -3.50 20.88 -18.12
CA ALA B 435 -3.54 20.70 -16.67
C ALA B 435 -4.40 19.50 -16.33
N GLU B 436 -5.57 19.37 -16.97
CA GLU B 436 -6.51 18.28 -16.78
C GLU B 436 -5.94 16.91 -17.13
N MET B 437 -5.07 16.83 -18.15
CA MET B 437 -4.40 15.61 -18.60
C MET B 437 -3.21 15.27 -17.71
N LEU B 438 -2.28 16.23 -17.55
CA LEU B 438 -1.06 16.09 -16.75
C LEU B 438 -1.32 15.59 -15.36
N LEU B 439 -2.19 16.31 -14.62
CA LEU B 439 -2.53 16.04 -13.23
C LEU B 439 -3.19 14.67 -12.99
N LEU B 440 -4.05 14.21 -13.93
CA LEU B 440 -4.68 12.88 -13.79
C LEU B 440 -3.60 11.82 -13.96
N LEU B 441 -2.83 11.87 -15.06
CA LEU B 441 -1.76 10.93 -15.38
C LEU B 441 -0.70 10.90 -14.31
N HIS B 442 -0.32 12.06 -13.76
CA HIS B 442 0.67 12.14 -12.70
C HIS B 442 0.24 11.27 -11.50
N HIS B 443 -1.00 11.48 -11.01
CA HIS B 443 -1.52 10.78 -9.83
C HIS B 443 -1.82 9.29 -10.08
N VAL B 444 -2.14 8.92 -11.33
CA VAL B 444 -2.41 7.54 -11.74
C VAL B 444 -1.06 6.78 -11.78
N LEU B 445 -0.02 7.38 -12.41
CA LEU B 445 1.33 6.79 -12.50
C LEU B 445 1.96 6.61 -11.14
N LYS B 446 1.65 7.52 -10.20
CA LYS B 446 2.16 7.52 -8.82
C LYS B 446 1.77 6.25 -8.04
N HIS B 447 0.52 5.77 -8.22
CA HIS B 447 -0.03 4.64 -7.46
C HIS B 447 -0.34 3.36 -8.25
N PHE B 448 -0.56 3.46 -9.57
CA PHE B 448 -0.94 2.28 -10.35
C PHE B 448 -0.02 1.90 -11.52
N LEU B 449 -0.17 0.65 -11.97
CA LEU B 449 0.50 0.08 -13.12
C LEU B 449 -0.62 -0.21 -14.12
N VAL B 450 -0.61 0.44 -15.29
CA VAL B 450 -1.64 0.26 -16.31
C VAL B 450 -1.19 -0.85 -17.26
N GLU B 451 -2.04 -1.87 -17.44
CA GLU B 451 -1.73 -3.03 -18.28
C GLU B 451 -2.92 -3.38 -19.19
N THR B 452 -2.64 -3.99 -20.37
CA THR B 452 -3.67 -4.45 -21.33
C THR B 452 -3.14 -5.55 -22.26
N LEU B 453 -4.02 -6.51 -22.59
CA LEU B 453 -3.73 -7.59 -23.53
C LEU B 453 -4.03 -7.13 -24.99
N THR B 454 -4.86 -6.09 -25.14
CA THR B 454 -5.25 -5.50 -26.42
C THR B 454 -4.06 -4.72 -27.01
N GLN B 455 -3.32 -5.34 -27.94
CA GLN B 455 -2.17 -4.70 -28.57
C GLN B 455 -2.49 -4.21 -30.00
N GLU B 456 -3.72 -4.47 -30.46
CA GLU B 456 -4.22 -4.06 -31.78
C GLU B 456 -4.57 -2.59 -31.68
N ASP B 457 -4.10 -1.77 -32.64
CA ASP B 457 -4.36 -0.33 -32.68
C ASP B 457 -5.86 -0.09 -32.69
N ILE B 458 -6.31 0.96 -31.99
CA ILE B 458 -7.74 1.28 -31.92
C ILE B 458 -8.10 2.08 -33.15
N LYS B 459 -9.15 1.63 -33.86
CA LYS B 459 -9.63 2.29 -35.07
C LYS B 459 -10.35 3.57 -34.69
N MET B 460 -9.86 4.71 -35.21
CA MET B 460 -10.42 6.04 -34.96
C MET B 460 -11.60 6.28 -35.90
N VAL B 461 -12.60 7.00 -35.43
CA VAL B 461 -13.81 7.30 -36.18
C VAL B 461 -13.94 8.81 -36.33
N TYR B 462 -14.10 9.30 -37.59
CA TYR B 462 -14.29 10.74 -37.81
C TYR B 462 -15.75 11.13 -37.62
N SER B 463 -15.99 11.86 -36.52
CA SER B 463 -17.30 12.37 -36.14
C SER B 463 -17.01 13.79 -35.62
N PHE B 464 -16.34 14.61 -36.48
CA PHE B 464 -15.77 15.95 -36.33
C PHE B 464 -14.60 15.86 -35.35
N ILE B 465 -14.87 15.30 -34.15
CA ILE B 465 -13.87 14.93 -33.17
C ILE B 465 -13.44 13.53 -33.60
N LEU B 466 -12.14 13.34 -33.83
CA LEU B 466 -11.57 12.05 -34.21
C LEU B 466 -11.57 11.16 -32.93
N ARG B 467 -12.58 10.29 -32.80
CA ARG B 467 -12.76 9.48 -31.59
C ARG B 467 -12.59 7.97 -31.74
N PRO B 468 -11.99 7.29 -30.73
CA PRO B 468 -11.79 5.85 -30.85
C PRO B 468 -13.06 5.04 -30.91
N GLY B 469 -13.08 4.07 -31.83
CA GLY B 469 -14.23 3.19 -32.03
C GLY B 469 -14.38 2.15 -30.95
N THR B 470 -13.27 1.84 -30.24
CA THR B 470 -13.24 0.83 -29.17
C THR B 470 -12.62 1.38 -27.90
N SER B 471 -13.12 0.96 -26.74
CA SER B 471 -12.53 1.31 -25.46
C SER B 471 -11.98 0.00 -24.87
N PRO B 472 -10.64 -0.13 -24.77
CA PRO B 472 -10.04 -1.37 -24.28
C PRO B 472 -10.11 -1.56 -22.77
N LEU B 473 -9.99 -2.81 -22.33
CA LEU B 473 -9.98 -3.17 -20.92
C LEU B 473 -8.59 -2.87 -20.35
N LEU B 474 -8.54 -2.01 -19.33
CA LEU B 474 -7.27 -1.64 -18.72
C LEU B 474 -7.23 -2.11 -17.28
N THR B 475 -6.12 -2.76 -16.90
CA THR B 475 -5.93 -3.22 -15.54
C THR B 475 -5.13 -2.16 -14.78
N PHE B 476 -5.65 -1.72 -13.63
CA PHE B 476 -5.00 -0.77 -12.75
C PHE B 476 -4.54 -1.52 -11.48
N ARG B 477 -3.24 -1.87 -11.42
CA ARG B 477 -2.64 -2.63 -10.31
C ARG B 477 -1.95 -1.69 -9.35
N ALA B 478 -2.31 -1.74 -8.05
CA ALA B 478 -1.73 -0.89 -7.02
C ALA B 478 -0.26 -1.25 -6.80
N ILE B 479 0.62 -0.23 -6.77
CA ILE B 479 2.08 -0.38 -6.64
C ILE B 479 2.49 -0.97 -5.28
N ASN B 480 1.94 -0.42 -4.18
CA ASN B 480 2.25 -0.83 -2.80
C ASN B 480 1.20 -1.76 -2.18
N THR C 11 49.51 65.96 7.76
CA THR C 11 49.68 66.33 9.16
C THR C 11 48.38 66.00 9.98
N VAL C 12 48.53 65.04 10.92
CA VAL C 12 47.53 64.46 11.83
C VAL C 12 48.09 64.58 13.26
N LEU C 13 47.24 64.96 14.23
CA LEU C 13 47.61 65.17 15.64
C LEU C 13 47.90 63.88 16.41
N PRO C 14 48.84 63.89 17.41
CA PRO C 14 49.11 62.65 18.17
C PRO C 14 47.95 62.25 19.10
N PHE C 15 48.04 61.03 19.65
CA PHE C 15 47.01 60.47 20.53
C PHE C 15 46.83 61.27 21.83
N GLU C 16 47.94 61.65 22.50
CA GLU C 16 47.92 62.38 23.79
C GLU C 16 47.59 63.88 23.66
N ALA C 17 47.20 64.31 22.45
CA ALA C 17 46.75 65.68 22.18
C ALA C 17 45.22 65.77 22.32
N MET C 18 44.54 64.61 22.23
CA MET C 18 43.09 64.44 22.33
C MET C 18 42.56 64.88 23.71
N PRO C 19 41.36 65.50 23.79
CA PRO C 19 40.82 65.88 25.11
C PRO C 19 40.61 64.65 26.01
N GLN C 20 40.95 64.78 27.29
CA GLN C 20 40.84 63.69 28.26
C GLN C 20 39.63 63.86 29.14
N HIS C 21 39.00 62.74 29.55
CA HIS C 21 37.86 62.72 30.46
C HIS C 21 38.32 63.24 31.84
N PRO C 22 37.57 64.17 32.48
CA PRO C 22 38.02 64.71 33.79
C PRO C 22 37.74 63.76 34.96
N GLY C 23 38.24 62.54 34.83
CA GLY C 23 38.05 61.48 35.81
C GLY C 23 38.80 60.21 35.50
N ASN C 24 39.25 59.56 36.59
CA ASN C 24 39.98 58.29 36.59
C ASN C 24 39.03 57.12 36.86
N ARG C 25 39.50 55.90 36.54
CA ARG C 25 38.81 54.60 36.68
C ARG C 25 38.37 54.25 38.12
N TRP C 26 39.15 54.69 39.12
CA TRP C 26 38.95 54.39 40.54
C TRP C 26 37.75 55.08 41.16
N LEU C 27 37.51 56.37 40.84
CA LEU C 27 36.36 57.09 41.37
C LEU C 27 35.05 56.51 40.85
N ARG C 28 35.09 56.03 39.60
CA ARG C 28 34.00 55.35 38.90
C ARG C 28 33.77 54.00 39.59
N LEU C 29 34.85 53.21 39.78
CA LEU C 29 34.87 51.89 40.45
C LEU C 29 34.26 51.97 41.85
N LEU C 30 34.59 53.06 42.57
CA LEU C 30 34.13 53.26 43.94
C LEU C 30 32.68 53.69 44.00
N GLN C 31 32.18 54.42 43.00
CA GLN C 31 30.78 54.79 43.04
C GLN C 31 29.90 53.62 42.60
N ILE C 32 30.43 52.68 41.80
CA ILE C 32 29.73 51.46 41.34
C ILE C 32 29.56 50.43 42.48
N TRP C 33 30.43 50.54 43.51
CA TRP C 33 30.40 49.71 44.71
C TRP C 33 29.21 50.17 45.55
N ARG C 34 29.19 51.49 45.91
CA ARG C 34 28.21 52.22 46.72
C ARG C 34 26.84 52.30 46.04
N GLU C 35 26.79 52.89 44.82
CA GLU C 35 25.57 53.05 44.03
C GLU C 35 25.08 51.74 43.39
N GLN C 36 25.78 50.62 43.65
CA GLN C 36 25.44 49.28 43.16
C GLN C 36 25.03 49.23 41.69
N GLY C 37 25.72 50.03 40.87
CA GLY C 37 25.48 50.16 39.44
C GLY C 37 25.74 51.57 38.93
N TYR C 38 25.77 51.73 37.58
CA TYR C 38 26.03 53.03 36.93
C TYR C 38 24.82 53.51 36.09
N GLU C 39 23.66 53.67 36.77
CA GLU C 39 22.38 54.09 36.18
C GLU C 39 22.45 55.26 35.20
N HIS C 40 23.12 56.36 35.56
CA HIS C 40 23.07 57.53 34.68
C HIS C 40 24.22 57.61 33.64
N LEU C 41 24.96 56.51 33.40
CA LEU C 41 26.10 56.49 32.47
C LEU C 41 25.86 57.18 31.11
N HIS C 42 24.70 56.95 30.48
CA HIS C 42 24.36 57.55 29.18
C HIS C 42 24.32 59.09 29.26
N LEU C 43 23.72 59.61 30.35
CA LEU C 43 23.58 61.04 30.60
C LEU C 43 24.92 61.72 30.95
N GLU C 44 25.76 60.99 31.68
CA GLU C 44 27.10 61.43 32.09
C GLU C 44 27.98 61.58 30.85
N MET C 45 27.96 60.56 29.97
CA MET C 45 28.75 60.52 28.74
C MET C 45 28.33 61.60 27.78
N HIS C 46 27.00 61.83 27.65
CA HIS C 46 26.41 62.83 26.78
C HIS C 46 26.87 64.23 27.16
N GLN C 47 26.90 64.50 28.48
CA GLN C 47 27.33 65.77 29.07
C GLN C 47 28.82 66.03 28.78
N THR C 48 29.64 64.96 28.84
CA THR C 48 31.08 64.96 28.57
C THR C 48 31.36 65.34 27.11
N PHE C 49 30.60 64.71 26.18
CA PHE C 49 30.71 64.93 24.74
C PHE C 49 30.39 66.35 24.38
N GLN C 50 29.45 66.98 25.10
CA GLN C 50 29.07 68.35 24.83
C GLN C 50 29.93 69.38 25.62
N GLU C 51 31.03 68.93 26.26
CA GLU C 51 32.03 69.77 26.95
C GLU C 51 33.44 69.60 26.35
N LEU C 52 33.77 68.38 25.86
CA LEU C 52 35.10 68.08 25.31
C LEU C 52 35.17 67.94 23.76
N GLY C 53 34.02 67.89 23.09
CA GLY C 53 33.94 67.75 21.64
C GLY C 53 33.46 66.39 21.17
N PRO C 54 33.47 66.10 19.85
CA PRO C 54 32.95 64.78 19.37
C PRO C 54 33.88 63.56 19.55
N ILE C 55 35.04 63.78 20.16
CA ILE C 55 36.06 62.77 20.43
C ILE C 55 36.81 63.10 21.72
N PHE C 56 36.98 62.09 22.60
CA PHE C 56 37.72 62.20 23.86
C PHE C 56 38.29 60.86 24.30
N ARG C 57 39.42 60.89 25.02
CA ARG C 57 40.07 59.69 25.54
C ARG C 57 39.81 59.50 27.03
N TYR C 58 39.76 58.23 27.47
CA TYR C 58 39.54 57.90 28.88
C TYR C 58 40.83 57.40 29.53
N ASN C 59 41.14 57.92 30.74
CA ASN C 59 42.30 57.49 31.51
C ASN C 59 41.98 56.13 32.12
N LEU C 60 42.41 55.08 31.42
CA LEU C 60 42.20 53.70 31.86
C LEU C 60 43.47 53.21 32.58
N GLY C 61 44.41 54.15 32.78
CA GLY C 61 45.68 53.97 33.48
C GLY C 61 46.70 53.08 32.79
N GLY C 62 46.51 52.86 31.49
CA GLY C 62 47.37 52.02 30.67
C GLY C 62 46.78 51.78 29.29
N PRO C 63 45.74 50.90 29.15
CA PRO C 63 45.14 50.69 27.81
C PRO C 63 44.47 51.94 27.25
N ARG C 64 44.59 52.11 25.94
CA ARG C 64 44.05 53.27 25.22
C ARG C 64 42.56 53.09 24.93
N MET C 65 41.74 54.05 25.39
CA MET C 65 40.29 54.04 25.20
C MET C 65 39.83 55.37 24.61
N VAL C 66 39.15 55.31 23.46
CA VAL C 66 38.64 56.46 22.71
C VAL C 66 37.11 56.39 22.58
N CYS C 67 36.44 57.54 22.80
CA CYS C 67 34.98 57.66 22.71
C CYS C 67 34.59 58.58 21.54
N VAL C 68 33.72 58.08 20.67
CA VAL C 68 33.24 58.80 19.48
C VAL C 68 31.70 58.86 19.45
N MET C 69 31.14 59.76 18.63
CA MET C 69 29.69 59.94 18.52
C MET C 69 29.24 60.42 17.11
N LEU C 70 30.18 60.44 16.14
CA LEU C 70 29.90 60.86 14.77
C LEU C 70 29.83 59.69 13.77
N PRO C 71 28.90 59.71 12.78
CA PRO C 71 28.83 58.58 11.83
C PRO C 71 30.04 58.51 10.90
N GLU C 72 30.71 59.65 10.64
CA GLU C 72 31.92 59.74 9.84
C GLU C 72 33.05 58.93 10.50
N ASP C 73 32.98 58.79 11.85
CA ASP C 73 33.92 58.01 12.65
C ASP C 73 33.56 56.52 12.56
N VAL C 74 32.25 56.20 12.51
CA VAL C 74 31.74 54.83 12.39
C VAL C 74 32.17 54.25 11.03
N GLU C 75 32.03 55.06 9.97
CA GLU C 75 32.42 54.71 8.60
C GLU C 75 33.93 54.35 8.56
N LYS C 76 34.78 55.16 9.24
CA LYS C 76 36.23 54.96 9.32
C LYS C 76 36.58 53.74 10.15
N LEU C 77 35.75 53.45 11.17
CA LEU C 77 35.92 52.30 12.04
C LEU C 77 35.57 51.00 11.32
N GLN C 78 34.67 51.05 10.33
CA GLN C 78 34.27 49.88 9.54
C GLN C 78 35.40 49.41 8.61
N GLN C 79 36.17 50.33 8.05
CA GLN C 79 37.27 50.02 7.12
C GLN C 79 38.41 49.24 7.78
N VAL C 80 38.57 49.42 9.09
CA VAL C 80 39.63 48.80 9.89
C VAL C 80 39.16 47.47 10.53
N ASP C 81 37.87 47.11 10.34
CA ASP C 81 37.24 45.90 10.88
C ASP C 81 38.08 44.63 10.78
N SER C 82 38.66 44.36 9.57
CA SER C 82 39.47 43.19 9.21
C SER C 82 38.63 41.90 9.19
N LEU C 83 39.29 40.74 9.04
CA LEU C 83 38.63 39.45 9.01
C LEU C 83 38.00 39.11 10.35
N HIS C 84 38.67 39.51 11.45
CA HIS C 84 38.18 39.23 12.78
C HIS C 84 37.95 40.50 13.61
N PRO C 85 36.79 41.19 13.44
CA PRO C 85 36.52 42.39 14.25
C PRO C 85 36.37 42.00 15.71
N CYS C 86 37.23 42.59 16.56
CA CYS C 86 37.33 42.26 17.97
C CYS C 86 36.59 43.23 18.88
N ARG C 87 35.76 42.70 19.78
CA ARG C 87 35.02 43.44 20.79
C ARG C 87 35.65 43.11 22.14
N MET C 88 35.49 43.99 23.13
CA MET C 88 36.04 43.76 24.45
C MET C 88 35.40 42.52 25.09
N ILE C 89 36.22 41.67 25.73
CA ILE C 89 35.72 40.45 26.34
C ILE C 89 34.92 40.79 27.58
N LEU C 90 33.66 40.35 27.59
CA LEU C 90 32.72 40.59 28.68
C LEU C 90 32.98 39.52 29.75
N GLU C 91 33.92 39.83 30.63
CA GLU C 91 34.38 38.97 31.72
C GLU C 91 33.27 38.29 32.55
N PRO C 92 32.21 38.96 33.08
CA PRO C 92 31.22 38.24 33.91
C PRO C 92 30.50 37.10 33.19
N TRP C 93 30.09 37.33 31.93
CA TRP C 93 29.37 36.37 31.08
C TRP C 93 30.24 35.17 30.71
N VAL C 94 31.48 35.45 30.29
CA VAL C 94 32.48 34.45 29.89
C VAL C 94 32.85 33.58 31.10
N ALA C 95 32.99 34.20 32.28
CA ALA C 95 33.32 33.50 33.52
C ALA C 95 32.30 32.43 33.87
N TYR C 96 30.99 32.68 33.59
CA TYR C 96 29.95 31.70 33.84
C TYR C 96 30.11 30.49 32.92
N ARG C 97 30.37 30.75 31.61
CA ARG C 97 30.56 29.73 30.59
C ARG C 97 31.72 28.79 30.97
N GLN C 98 32.88 29.37 31.38
CA GLN C 98 34.08 28.65 31.76
C GLN C 98 33.84 27.77 32.99
N HIS C 99 33.17 28.34 34.01
CA HIS C 99 32.86 27.68 35.28
C HIS C 99 31.97 26.46 35.09
N ARG C 100 30.94 26.60 34.24
CA ARG C 100 29.95 25.55 33.99
C ARG C 100 30.32 24.64 32.79
N GLY C 101 31.44 24.93 32.15
CA GLY C 101 31.97 24.17 31.02
C GLY C 101 31.21 24.31 29.72
N HIS C 102 30.50 25.44 29.53
CA HIS C 102 29.75 25.71 28.30
C HIS C 102 30.64 26.46 27.33
N LYS C 103 30.38 26.29 26.01
CA LYS C 103 31.11 27.06 25.01
C LYS C 103 30.48 28.44 24.93
N CYS C 104 31.23 29.40 24.38
CA CYS C 104 30.69 30.73 24.22
C CYS C 104 29.88 30.77 22.96
N GLY C 105 29.10 31.81 22.80
CA GLY C 105 28.34 31.98 21.58
C GLY C 105 29.02 33.02 20.71
N VAL C 106 28.42 33.31 19.54
CA VAL C 106 28.88 34.30 18.58
C VAL C 106 29.03 35.73 19.21
N PHE C 107 28.18 36.07 20.21
CA PHE C 107 28.19 37.36 20.90
C PHE C 107 29.43 37.55 21.77
N LEU C 108 29.87 36.49 22.48
CA LEU C 108 31.04 36.55 23.38
C LEU C 108 32.34 36.05 22.74
N LEU C 109 32.28 35.61 21.49
CA LEU C 109 33.46 35.07 20.86
C LEU C 109 34.20 36.07 20.02
N ASN C 110 35.50 35.80 19.83
CA ASN C 110 36.42 36.63 19.09
C ASN C 110 37.34 35.80 18.22
N GLY C 111 37.86 36.44 17.16
CA GLY C 111 38.83 35.84 16.25
C GLY C 111 38.34 34.73 15.35
N PRO C 112 39.23 33.74 15.06
CA PRO C 112 38.85 32.65 14.15
C PRO C 112 37.66 31.83 14.60
N GLU C 113 37.52 31.64 15.93
CA GLU C 113 36.42 30.86 16.50
C GLU C 113 35.10 31.53 16.26
N TRP C 114 35.07 32.88 16.32
CA TRP C 114 33.87 33.66 16.06
C TRP C 114 33.44 33.53 14.59
N ARG C 115 34.40 33.71 13.65
CA ARG C 115 34.17 33.68 12.21
C ARG C 115 33.53 32.40 11.74
N PHE C 116 34.00 31.26 12.22
CA PHE C 116 33.39 29.99 11.86
C PHE C 116 31.95 29.91 12.45
N ASN C 117 31.76 30.30 13.72
CA ASN C 117 30.45 30.26 14.38
C ASN C 117 29.41 31.16 13.65
N ARG C 118 29.80 32.41 13.29
CA ARG C 118 29.01 33.43 12.60
C ARG C 118 28.62 33.02 11.17
N LEU C 119 29.56 32.47 10.38
CA LEU C 119 29.31 32.07 9.00
C LEU C 119 28.30 30.93 8.86
N ARG C 120 28.11 30.11 9.92
CA ARG C 120 27.15 28.99 10.00
C ARG C 120 25.72 29.40 10.47
N LEU C 121 25.60 30.60 11.08
CA LEU C 121 24.39 31.23 11.62
C LEU C 121 23.81 32.30 10.67
N ASN C 122 24.66 32.84 9.79
CA ASN C 122 24.30 33.81 8.75
C ASN C 122 23.15 33.25 7.83
N PRO C 123 23.19 31.96 7.37
CA PRO C 123 22.13 31.48 6.45
C PRO C 123 20.75 31.11 7.03
N ASP C 124 20.64 30.92 8.36
CA ASP C 124 19.39 30.50 8.99
C ASP C 124 18.81 31.52 9.99
N VAL C 125 19.62 32.53 10.39
CA VAL C 125 19.17 33.53 11.37
C VAL C 125 18.94 34.90 10.74
N LEU C 126 19.83 35.32 9.82
CA LEU C 126 19.83 36.66 9.26
C LEU C 126 19.53 36.77 7.75
N SER C 127 19.86 35.73 6.95
CA SER C 127 19.67 35.69 5.49
C SER C 127 18.24 36.02 5.04
N PRO C 128 18.05 36.72 3.88
CA PRO C 128 16.68 37.03 3.41
C PRO C 128 15.79 35.81 3.17
N LYS C 129 16.39 34.69 2.70
CA LYS C 129 15.70 33.42 2.43
C LYS C 129 15.11 32.86 3.72
N ALA C 130 15.87 32.96 4.85
CA ALA C 130 15.47 32.52 6.18
C ALA C 130 14.31 33.37 6.72
N VAL C 131 14.37 34.70 6.51
CA VAL C 131 13.37 35.69 6.94
C VAL C 131 12.00 35.40 6.29
N GLN C 132 12.01 35.02 5.00
CA GLN C 132 10.82 34.67 4.23
C GLN C 132 10.07 33.49 4.83
N ARG C 133 10.80 32.61 5.57
CA ARG C 133 10.31 31.38 6.22
C ARG C 133 9.78 31.57 7.63
N PHE C 134 10.48 32.35 8.47
CA PHE C 134 10.03 32.58 9.86
C PHE C 134 9.07 33.79 10.00
N LEU C 135 9.06 34.73 9.01
CA LEU C 135 8.18 35.91 9.05
C LEU C 135 6.68 35.57 9.17
N PRO C 136 6.11 34.62 8.38
CA PRO C 136 4.68 34.30 8.55
C PRO C 136 4.35 33.69 9.92
N MET C 137 5.34 33.00 10.54
CA MET C 137 5.20 32.39 11.86
C MET C 137 5.07 33.49 12.92
N VAL C 138 5.89 34.57 12.83
CA VAL C 138 5.88 35.76 13.72
C VAL C 138 4.56 36.55 13.55
N ASP C 139 4.08 36.67 12.28
CA ASP C 139 2.82 37.32 11.92
C ASP C 139 1.65 36.70 12.72
N ALA C 140 1.62 35.34 12.84
CA ALA C 140 0.60 34.59 13.56
C ALA C 140 0.54 35.00 15.03
N VAL C 141 1.71 35.20 15.68
CA VAL C 141 1.83 35.62 17.08
C VAL C 141 1.34 37.06 17.23
N ALA C 142 1.81 37.97 16.32
CA ALA C 142 1.42 39.39 16.28
C ALA C 142 -0.09 39.57 16.11
N ARG C 143 -0.72 38.69 15.30
CA ARG C 143 -2.16 38.65 15.06
C ARG C 143 -2.87 38.31 16.37
N ASP C 144 -2.37 37.25 17.06
CA ASP C 144 -2.91 36.76 18.33
C ASP C 144 -2.86 37.79 19.44
N PHE C 145 -1.82 38.65 19.45
CA PHE C 145 -1.66 39.73 20.42
C PHE C 145 -2.78 40.76 20.25
N SER C 146 -2.99 41.24 19.03
CA SER C 146 -4.00 42.24 18.72
C SER C 146 -5.43 41.70 18.90
N GLN C 147 -5.67 40.41 18.53
CA GLN C 147 -6.95 39.73 18.67
C GLN C 147 -7.32 39.57 20.14
N ALA C 148 -6.34 39.14 20.97
CA ALA C 148 -6.50 38.96 22.42
C ALA C 148 -6.84 40.29 23.09
N LEU C 149 -6.16 41.36 22.65
CA LEU C 149 -6.36 42.72 23.12
C LEU C 149 -7.78 43.22 22.78
N LYS C 150 -8.23 43.03 21.51
CA LYS C 150 -9.57 43.42 21.03
C LYS C 150 -10.67 42.68 21.76
N LYS C 151 -10.41 41.46 22.24
CA LYS C 151 -11.38 40.68 23.00
C LYS C 151 -11.65 41.37 24.36
N LYS C 152 -10.57 41.84 25.04
CA LYS C 152 -10.63 42.53 26.33
C LYS C 152 -11.28 43.92 26.18
N VAL C 153 -10.86 44.68 25.15
CA VAL C 153 -11.32 46.03 24.81
C VAL C 153 -12.84 46.08 24.65
N LEU C 154 -13.41 45.15 23.85
CA LEU C 154 -14.83 45.07 23.56
C LEU C 154 -15.70 44.64 24.78
N GLN C 155 -15.06 44.23 25.89
CA GLN C 155 -15.76 43.86 27.12
C GLN C 155 -16.04 45.08 28.01
N ASN C 156 -15.35 46.20 27.74
CA ASN C 156 -15.48 47.47 28.46
C ASN C 156 -16.48 48.38 27.74
N ALA C 157 -17.38 49.02 28.53
CA ALA C 157 -18.42 49.92 28.06
C ALA C 157 -17.93 51.04 27.17
N ARG C 158 -16.74 51.60 27.44
CA ARG C 158 -16.16 52.66 26.64
C ARG C 158 -15.46 52.16 25.37
N GLY C 159 -15.37 50.84 25.23
CA GLY C 159 -14.74 50.18 24.08
C GLY C 159 -13.27 50.51 23.99
N SER C 160 -12.59 50.51 25.15
CA SER C 160 -11.17 50.82 25.28
C SER C 160 -10.55 50.15 26.51
N LEU C 161 -9.23 49.94 26.49
CA LEU C 161 -8.50 49.32 27.59
C LEU C 161 -7.25 50.10 27.96
N THR C 162 -7.18 50.58 29.22
CA THR C 162 -6.04 51.33 29.75
C THR C 162 -5.22 50.41 30.64
N LEU C 163 -3.94 50.17 30.28
CA LEU C 163 -3.09 49.24 31.02
C LEU C 163 -1.58 49.54 30.92
N ASP C 164 -0.78 48.81 31.71
CA ASP C 164 0.68 48.80 31.66
C ASP C 164 0.97 47.73 30.60
N VAL C 165 1.41 48.17 29.41
CA VAL C 165 1.67 47.25 28.30
C VAL C 165 2.93 46.41 28.46
N GLN C 166 3.95 46.90 29.21
CA GLN C 166 5.23 46.21 29.40
C GLN C 166 5.09 44.67 29.65
N PRO C 167 4.24 44.18 30.60
CA PRO C 167 4.14 42.72 30.84
C PRO C 167 3.34 41.89 29.81
N SER C 168 2.69 42.52 28.86
CA SER C 168 2.04 41.85 27.73
C SER C 168 3.00 41.83 26.52
N ILE C 169 3.79 42.92 26.34
CA ILE C 169 4.76 43.10 25.26
C ILE C 169 5.93 42.13 25.48
N PHE C 170 6.35 41.94 26.74
CA PHE C 170 7.43 41.02 27.08
C PHE C 170 7.07 39.59 26.77
N HIS C 171 5.83 39.19 27.07
CA HIS C 171 5.32 37.85 26.79
C HIS C 171 5.13 37.62 25.29
N TYR C 172 4.97 38.70 24.50
CA TYR C 172 4.90 38.64 23.04
C TYR C 172 6.28 38.28 22.51
N THR C 173 7.34 39.02 22.93
CA THR C 173 8.71 38.76 22.50
C THR C 173 9.14 37.35 22.86
N ILE C 174 8.68 36.79 24.00
CA ILE C 174 8.99 35.41 24.42
C ILE C 174 8.31 34.43 23.46
N GLU C 175 6.98 34.61 23.23
CA GLU C 175 6.16 33.76 22.36
C GLU C 175 6.63 33.75 20.91
N ALA C 176 6.85 34.96 20.34
CA ALA C 176 7.29 35.17 18.96
C ALA C 176 8.70 34.61 18.70
N SER C 177 9.61 34.77 19.66
CA SER C 177 10.98 34.25 19.53
C SER C 177 11.03 32.73 19.65
N ASN C 178 10.30 32.11 20.60
CA ASN C 178 10.31 30.64 20.76
C ASN C 178 9.72 29.95 19.52
N LEU C 179 8.68 30.54 18.92
CA LEU C 179 8.09 29.97 17.71
C LEU C 179 9.06 30.13 16.55
N ALA C 180 9.67 31.32 16.37
CA ALA C 180 10.61 31.57 15.27
C ALA C 180 11.89 30.74 15.42
N LEU C 181 12.38 30.53 16.65
CA LEU C 181 13.59 29.75 16.91
C LEU C 181 13.36 28.24 16.99
N PHE C 182 12.37 27.81 17.81
CA PHE C 182 12.11 26.40 18.06
C PHE C 182 10.87 25.84 17.36
N GLY C 183 10.01 26.68 16.82
CA GLY C 183 8.80 26.22 16.16
C GLY C 183 7.67 25.89 17.12
N GLU C 184 7.87 26.17 18.43
CA GLU C 184 6.90 25.89 19.51
C GLU C 184 6.15 27.13 19.98
N ARG C 185 4.83 26.97 20.21
CA ARG C 185 3.95 28.00 20.76
C ARG C 185 3.90 27.78 22.27
N LEU C 186 4.28 28.78 23.06
CA LEU C 186 4.31 28.64 24.51
C LEU C 186 2.97 28.93 25.20
N GLY C 187 2.04 29.56 24.47
CA GLY C 187 0.71 29.92 24.95
C GLY C 187 0.68 31.04 25.98
N LEU C 188 1.60 32.02 25.83
CA LEU C 188 1.73 33.18 26.70
C LEU C 188 0.90 34.36 26.20
N VAL C 189 0.70 34.45 24.87
CA VAL C 189 -0.07 35.52 24.22
C VAL C 189 -1.57 35.26 24.39
N GLY C 190 -2.24 36.18 25.08
CA GLY C 190 -3.67 36.12 25.39
C GLY C 190 -4.02 35.34 26.63
N HIS C 191 -3.01 34.92 27.40
CA HIS C 191 -3.18 34.14 28.63
C HIS C 191 -2.36 34.70 29.77
N SER C 192 -2.63 34.23 31.01
CA SER C 192 -1.91 34.62 32.21
C SER C 192 -0.43 34.19 32.10
N PRO C 193 0.55 35.01 32.58
CA PRO C 193 1.96 34.62 32.46
C PRO C 193 2.32 33.41 33.32
N SER C 194 3.10 32.48 32.75
CA SER C 194 3.53 31.27 33.46
C SER C 194 4.63 31.62 34.46
N SER C 195 4.70 30.87 35.57
CA SER C 195 5.72 31.03 36.62
C SER C 195 7.11 30.94 36.02
N ALA C 196 7.30 29.98 35.09
CA ALA C 196 8.54 29.73 34.37
C ALA C 196 8.99 30.93 33.54
N SER C 197 8.03 31.62 32.87
CA SER C 197 8.32 32.82 32.05
C SER C 197 8.70 34.00 32.93
N LEU C 198 7.85 34.23 33.97
CA LEU C 198 7.92 35.25 35.00
C LEU C 198 9.27 35.17 35.70
N ASN C 199 9.76 33.92 35.94
CA ASN C 199 11.05 33.58 36.56
C ASN C 199 12.22 33.95 35.67
N PHE C 200 12.19 33.53 34.38
CA PHE C 200 13.17 33.78 33.32
C PHE C 200 13.42 35.29 33.12
N LEU C 201 12.32 36.08 33.04
CA LEU C 201 12.34 37.52 32.88
C LEU C 201 13.12 38.19 34.02
N HIS C 202 12.88 37.75 35.27
CA HIS C 202 13.54 38.25 36.49
C HIS C 202 15.02 37.85 36.52
N ALA C 203 15.35 36.64 36.03
CA ALA C 203 16.71 36.14 35.94
C ALA C 203 17.50 37.03 34.99
N LEU C 204 16.89 37.44 33.85
CA LEU C 204 17.51 38.38 32.89
C LEU C 204 17.71 39.73 33.54
N GLU C 205 16.67 40.27 34.21
CA GLU C 205 16.68 41.54 34.94
C GLU C 205 17.88 41.62 35.88
N VAL C 206 18.08 40.54 36.69
CA VAL C 206 19.15 40.40 37.67
C VAL C 206 20.48 40.22 36.95
N MET C 207 20.45 39.45 35.85
CA MET C 207 21.63 39.13 35.03
C MET C 207 22.31 40.42 34.50
N PHE C 208 21.52 41.34 33.93
CA PHE C 208 21.99 42.62 33.39
C PHE C 208 22.44 43.57 34.50
N LYS C 209 21.66 43.65 35.60
CA LYS C 209 21.94 44.48 36.78
C LYS C 209 23.34 44.19 37.29
N SER C 210 23.62 42.91 37.63
CA SER C 210 24.91 42.45 38.14
C SER C 210 26.07 42.57 37.14
N THR C 211 25.78 42.56 35.80
CA THR C 211 26.80 42.72 34.74
C THR C 211 27.51 44.06 34.92
N VAL C 212 26.73 45.17 34.99
CA VAL C 212 27.24 46.53 35.15
C VAL C 212 28.17 46.66 36.38
N GLN C 213 27.78 46.05 37.51
CA GLN C 213 28.53 46.06 38.75
C GLN C 213 29.92 45.39 38.59
N LEU C 214 29.99 44.30 37.80
CA LEU C 214 31.23 43.52 37.57
C LEU C 214 31.99 43.89 36.29
N MET C 215 31.40 44.76 35.48
CA MET C 215 31.89 45.20 34.17
C MET C 215 33.13 46.10 34.16
N PHE C 216 33.27 47.01 35.15
CA PHE C 216 34.32 48.05 35.17
C PHE C 216 35.50 47.78 36.14
N MET C 217 35.68 46.52 36.56
CA MET C 217 36.81 46.14 37.42
C MET C 217 37.34 44.74 37.11
N PRO C 218 38.67 44.48 37.28
CA PRO C 218 39.20 43.15 36.96
C PRO C 218 38.62 42.03 37.81
N ARG C 219 38.54 40.79 37.26
CA ARG C 219 38.01 39.60 37.93
C ARG C 219 38.67 39.40 39.30
N SER C 220 39.99 39.71 39.39
CA SER C 220 40.83 39.66 40.60
C SER C 220 40.30 40.56 41.72
N LEU C 221 40.01 41.84 41.39
CA LEU C 221 39.50 42.84 42.34
C LEU C 221 38.07 42.56 42.79
N SER C 222 37.15 42.39 41.83
CA SER C 222 35.75 42.12 42.08
C SER C 222 35.47 40.85 42.88
N ARG C 223 36.34 39.82 42.75
CA ARG C 223 36.23 38.54 43.46
C ARG C 223 35.97 38.74 44.96
N TRP C 224 36.75 39.62 45.63
CA TRP C 224 36.69 39.89 47.07
C TRP C 224 35.98 41.20 47.47
N ILE C 225 35.92 42.20 46.57
CA ILE C 225 35.21 43.47 46.81
C ILE C 225 33.68 43.21 46.69
N SER C 226 33.24 42.49 45.64
CA SER C 226 31.83 42.16 45.39
C SER C 226 31.59 40.62 45.23
N PRO C 227 31.79 39.80 46.29
CA PRO C 227 31.57 38.35 46.13
C PRO C 227 30.09 37.98 45.99
N LYS C 228 29.20 38.70 46.71
CA LYS C 228 27.75 38.50 46.72
C LYS C 228 27.14 38.87 45.38
N VAL C 229 27.80 39.80 44.63
CA VAL C 229 27.39 40.26 43.30
C VAL C 229 27.74 39.15 42.32
N TRP C 230 28.94 38.52 42.48
CA TRP C 230 29.37 37.39 41.65
C TRP C 230 28.40 36.25 41.81
N LYS C 231 28.05 35.89 43.06
CA LYS C 231 27.08 34.84 43.39
C LYS C 231 25.71 35.15 42.76
N GLU C 232 25.29 36.44 42.82
CA GLU C 232 24.04 36.98 42.27
C GLU C 232 24.00 36.84 40.75
N HIS C 233 25.15 37.12 40.10
CA HIS C 233 25.32 37.04 38.66
C HIS C 233 25.11 35.61 38.20
N PHE C 234 25.88 34.67 38.76
CA PHE C 234 25.87 33.25 38.42
C PHE C 234 24.52 32.58 38.67
N GLU C 235 23.84 32.93 39.79
CA GLU C 235 22.51 32.41 40.16
C GLU C 235 21.47 32.79 39.09
N ALA C 236 21.59 34.00 38.51
CA ALA C 236 20.71 34.51 37.45
C ALA C 236 20.93 33.75 36.15
N TRP C 237 22.21 33.44 35.83
CA TRP C 237 22.60 32.71 34.65
C TRP C 237 22.15 31.26 34.77
N ASP C 238 22.26 30.66 35.97
CA ASP C 238 21.83 29.28 36.25
C ASP C 238 20.36 29.10 35.91
N CYS C 239 19.55 30.13 36.18
CA CYS C 239 18.12 30.16 35.88
C CYS C 239 17.88 30.37 34.38
N ILE C 240 18.60 31.31 33.74
CA ILE C 240 18.49 31.60 32.31
C ILE C 240 18.84 30.36 31.50
N PHE C 241 19.95 29.69 31.88
CA PHE C 241 20.44 28.47 31.24
C PHE C 241 19.50 27.32 31.40
N GLN C 242 18.83 27.21 32.56
CA GLN C 242 17.84 26.17 32.86
C GLN C 242 16.67 26.29 31.88
N TYR C 243 16.20 27.54 31.64
CA TYR C 243 15.09 27.86 30.72
C TYR C 243 15.47 27.50 29.28
N GLY C 244 16.60 28.01 28.81
CA GLY C 244 17.11 27.79 27.46
C GLY C 244 17.45 26.35 27.15
N ASP C 245 18.03 25.63 28.14
CA ASP C 245 18.38 24.22 27.96
C ASP C 245 17.13 23.37 27.81
N ASN C 246 16.03 23.71 28.52
CA ASN C 246 14.74 23.03 28.43
C ASN C 246 14.18 23.09 26.99
N CYS C 247 14.35 24.24 26.30
CA CYS C 247 13.93 24.44 24.91
C CYS C 247 14.77 23.58 23.97
N ILE C 248 16.10 23.60 24.18
CA ILE C 248 17.06 22.85 23.38
C ILE C 248 16.89 21.34 23.56
N GLN C 249 16.56 20.86 24.78
CA GLN C 249 16.38 19.43 25.04
C GLN C 249 15.11 18.92 24.38
N LYS C 250 14.04 19.77 24.30
CA LYS C 250 12.78 19.46 23.64
C LYS C 250 12.97 19.28 22.12
N ILE C 251 13.60 20.28 21.43
CA ILE C 251 13.85 20.27 19.99
C ILE C 251 14.84 19.17 19.57
N TYR C 252 15.87 18.89 20.39
CA TYR C 252 16.85 17.86 20.09
C TYR C 252 16.24 16.47 20.15
N GLN C 253 15.29 16.23 21.07
CA GLN C 253 14.60 14.95 21.18
C GLN C 253 13.60 14.77 20.05
N GLU C 254 12.88 15.85 19.69
CA GLU C 254 11.87 15.88 18.61
C GLU C 254 12.55 15.61 17.26
N LEU C 255 13.75 16.17 17.03
CA LEU C 255 14.51 15.99 15.79
C LEU C 255 15.24 14.66 15.70
N ALA C 256 15.60 14.06 16.86
CA ALA C 256 16.30 12.78 16.91
C ALA C 256 15.43 11.66 16.40
N PHE C 257 14.10 11.79 16.57
CA PHE C 257 13.15 10.76 16.16
C PHE C 257 12.52 10.99 14.79
N ASN C 258 12.48 12.26 14.33
CA ASN C 258 11.92 12.60 13.01
C ASN C 258 12.47 13.90 12.45
N ARG C 259 12.97 13.84 11.20
CA ARG C 259 13.48 14.97 10.44
C ARG C 259 12.29 15.52 9.62
N PRO C 260 11.79 16.74 9.91
CA PRO C 260 10.62 17.25 9.17
C PRO C 260 10.96 17.74 7.76
N GLN C 261 9.99 17.67 6.82
CA GLN C 261 10.20 18.08 5.43
C GLN C 261 9.78 19.55 5.18
N HIS C 262 9.16 20.20 6.17
CA HIS C 262 8.79 21.62 6.16
C HIS C 262 9.60 22.38 7.21
N TYR C 263 9.60 23.72 7.12
CA TYR C 263 10.31 24.63 8.03
C TYR C 263 9.69 24.59 9.42
N THR C 264 10.51 24.36 10.46
CA THR C 264 10.06 24.27 11.85
C THR C 264 10.91 25.14 12.80
N GLY C 265 11.45 26.24 12.27
CA GLY C 265 12.25 27.17 13.06
C GLY C 265 13.73 27.24 12.74
N ILE C 266 14.40 28.28 13.27
CA ILE C 266 15.82 28.61 13.12
C ILE C 266 16.75 27.52 13.69
N VAL C 267 16.55 27.16 14.98
CA VAL C 267 17.33 26.16 15.72
C VAL C 267 17.24 24.78 15.04
N ALA C 268 16.02 24.41 14.60
CA ALA C 268 15.77 23.16 13.87
C ALA C 268 16.70 23.07 12.66
N GLU C 269 16.78 24.16 11.87
CA GLU C 269 17.62 24.23 10.67
C GLU C 269 19.12 24.04 10.98
N LEU C 270 19.61 24.65 12.10
CA LEU C 270 21.00 24.56 12.54
C LEU C 270 21.36 23.14 12.98
N LEU C 271 20.46 22.50 13.73
CA LEU C 271 20.63 21.13 14.21
C LEU C 271 20.58 20.12 13.06
N LEU C 272 19.72 20.38 12.05
CA LEU C 272 19.56 19.49 10.89
C LEU C 272 20.82 19.53 10.04
N LYS C 273 21.38 20.75 9.84
CA LYS C 273 22.60 20.99 9.05
C LYS C 273 23.83 20.38 9.73
N ALA C 274 23.87 20.43 11.10
CA ALA C 274 24.93 19.90 11.98
C ALA C 274 26.35 20.29 11.54
N GLU C 275 26.52 21.55 11.12
CA GLU C 275 27.80 22.11 10.68
C GLU C 275 28.70 22.39 11.89
N LEU C 276 28.09 22.87 12.99
CA LEU C 276 28.80 23.15 14.22
C LEU C 276 28.52 22.01 15.18
N SER C 277 29.28 21.97 16.28
CA SER C 277 29.13 20.98 17.33
C SER C 277 27.87 21.24 18.17
N LEU C 278 27.33 20.18 18.82
CA LEU C 278 26.13 20.32 19.65
C LEU C 278 26.30 21.40 20.70
N GLU C 279 27.43 21.39 21.44
CA GLU C 279 27.72 22.39 22.49
C GLU C 279 27.82 23.84 21.95
N ALA C 280 28.20 24.00 20.67
CA ALA C 280 28.27 25.29 20.00
C ALA C 280 26.88 25.73 19.60
N ILE C 281 26.02 24.79 19.14
CA ILE C 281 24.63 25.06 18.79
C ILE C 281 23.87 25.42 20.09
N LYS C 282 24.14 24.67 21.17
CA LYS C 282 23.58 24.90 22.51
C LYS C 282 23.90 26.33 22.97
N ALA C 283 25.17 26.73 22.82
CA ALA C 283 25.72 28.05 23.17
C ALA C 283 25.04 29.18 22.41
N ASN C 284 24.99 29.06 21.07
CA ASN C 284 24.41 30.07 20.18
C ASN C 284 22.91 30.21 20.33
N SER C 285 22.22 29.07 20.49
CA SER C 285 20.77 29.02 20.69
C SER C 285 20.36 29.68 22.03
N MET C 286 21.20 29.55 23.06
CA MET C 286 21.00 30.15 24.38
C MET C 286 21.03 31.67 24.26
N GLU C 287 22.00 32.20 23.50
CA GLU C 287 22.16 33.65 23.23
C GLU C 287 20.97 34.19 22.45
N LEU C 288 20.46 33.41 21.50
CA LEU C 288 19.31 33.81 20.72
C LEU C 288 18.03 33.80 21.57
N THR C 289 17.90 32.84 22.49
CA THR C 289 16.74 32.71 23.38
C THR C 289 16.68 33.88 24.36
N ALA C 290 17.81 34.16 25.04
CA ALA C 290 17.91 35.21 26.05
C ALA C 290 17.90 36.60 25.41
N GLY C 291 18.74 36.77 24.39
CA GLY C 291 18.88 38.06 23.73
C GLY C 291 17.75 38.51 22.82
N SER C 292 16.62 37.81 22.79
CA SER C 292 15.52 38.19 21.92
C SER C 292 14.34 38.65 22.71
N VAL C 293 14.49 38.61 24.03
CA VAL C 293 13.43 39.03 24.93
C VAL C 293 13.47 40.54 25.08
N ASP C 294 14.28 41.02 26.04
CA ASP C 294 14.44 42.42 26.43
C ASP C 294 14.73 43.33 25.24
N THR C 295 15.65 42.92 24.34
CA THR C 295 16.09 43.71 23.18
C THR C 295 14.99 44.13 22.23
N THR C 296 14.01 43.27 21.98
CA THR C 296 12.92 43.60 21.05
C THR C 296 11.79 44.42 21.74
N ALA C 297 11.38 44.02 22.96
CA ALA C 297 10.33 44.59 23.79
C ALA C 297 10.56 46.04 24.24
N PHE C 298 11.81 46.45 24.65
CA PHE C 298 12.05 47.83 25.08
C PHE C 298 11.85 48.86 23.92
N PRO C 299 12.42 48.71 22.70
CA PRO C 299 12.10 49.68 21.64
C PRO C 299 10.67 49.56 21.16
N LEU C 300 10.08 48.37 21.30
CA LEU C 300 8.68 48.14 20.97
C LEU C 300 7.82 48.99 21.94
N LEU C 301 8.08 48.88 23.27
CA LEU C 301 7.40 49.67 24.31
C LEU C 301 7.62 51.18 24.15
N MET C 302 8.73 51.59 23.54
CA MET C 302 9.05 52.99 23.32
C MET C 302 8.38 53.54 22.08
N THR C 303 8.20 52.70 21.02
CA THR C 303 7.51 53.15 19.80
C THR C 303 6.05 53.42 20.15
N LEU C 304 5.42 52.47 20.89
CA LEU C 304 4.04 52.58 21.33
C LEU C 304 3.83 53.87 22.13
N PHE C 305 4.77 54.18 23.06
CA PHE C 305 4.72 55.40 23.87
C PHE C 305 4.84 56.65 23.00
N GLU C 306 5.84 56.68 22.10
CA GLU C 306 6.06 57.82 21.20
C GLU C 306 4.91 58.04 20.22
N LEU C 307 4.23 56.95 19.81
CA LEU C 307 3.06 57.06 18.93
C LEU C 307 1.86 57.58 19.71
N ALA C 308 1.74 57.20 21.01
CA ALA C 308 0.69 57.69 21.90
C ALA C 308 0.92 59.18 22.25
N ARG C 309 2.21 59.61 22.31
CA ARG C 309 2.65 60.98 22.63
C ARG C 309 2.57 61.93 21.40
N ASN C 310 2.71 61.37 20.17
CA ASN C 310 2.63 62.09 18.88
C ASN C 310 1.49 61.44 18.04
N PRO C 311 0.24 61.93 18.21
CA PRO C 311 -0.92 61.30 17.52
C PRO C 311 -0.99 61.56 16.02
N ASP C 312 -0.40 62.69 15.59
CA ASP C 312 -0.31 63.12 14.19
C ASP C 312 0.56 62.14 13.38
N VAL C 313 1.69 61.70 13.98
CA VAL C 313 2.64 60.74 13.43
C VAL C 313 1.91 59.39 13.32
N GLN C 314 1.23 58.98 14.41
CA GLN C 314 0.45 57.75 14.56
C GLN C 314 -0.56 57.61 13.43
N GLN C 315 -1.29 58.70 13.12
CA GLN C 315 -2.30 58.74 12.06
C GLN C 315 -1.72 58.37 10.68
N ILE C 316 -0.57 58.96 10.32
CA ILE C 316 0.11 58.71 9.04
C ILE C 316 0.45 57.22 8.93
N LEU C 317 1.02 56.64 9.99
CA LEU C 317 1.39 55.24 10.10
C LEU C 317 0.18 54.30 9.99
N ARG C 318 -0.96 54.71 10.59
CA ARG C 318 -2.22 53.97 10.57
C ARG C 318 -2.80 53.93 9.15
N GLN C 319 -2.75 55.07 8.44
CA GLN C 319 -3.24 55.21 7.06
C GLN C 319 -2.43 54.29 6.12
N GLU C 320 -1.11 54.22 6.37
CA GLU C 320 -0.17 53.37 5.63
C GLU C 320 -0.51 51.90 5.87
N SER C 321 -0.65 51.51 7.15
CA SER C 321 -0.94 50.14 7.57
C SER C 321 -2.33 49.63 7.11
N LEU C 322 -3.34 50.50 7.09
CA LEU C 322 -4.68 50.13 6.63
C LEU C 322 -4.74 49.92 5.12
N ALA C 323 -3.89 50.66 4.38
CA ALA C 323 -3.79 50.57 2.93
C ALA C 323 -3.15 49.23 2.53
N ALA C 324 -2.00 48.91 3.15
CA ALA C 324 -1.24 47.68 2.89
C ALA C 324 -1.79 46.45 3.63
N ALA C 325 -2.86 46.63 4.45
CA ALA C 325 -3.50 45.57 5.25
C ALA C 325 -3.90 44.35 4.43
N ALA C 326 -4.54 44.59 3.27
CA ALA C 326 -5.02 43.56 2.35
C ALA C 326 -3.90 42.68 1.79
N SER C 327 -2.80 43.31 1.33
CA SER C 327 -1.65 42.60 0.76
C SER C 327 -0.83 41.82 1.80
N ILE C 328 -0.74 42.34 3.04
CA ILE C 328 -0.02 41.69 4.15
C ILE C 328 -0.83 40.51 4.70
N SER C 329 -2.17 40.57 4.59
CA SER C 329 -3.08 39.50 5.01
C SER C 329 -2.91 38.26 4.10
N GLU C 330 -2.68 38.47 2.79
CA GLU C 330 -2.47 37.42 1.79
C GLU C 330 -1.08 36.82 1.92
N HIS C 331 -0.03 37.68 1.92
CA HIS C 331 1.37 37.29 2.05
C HIS C 331 2.04 38.15 3.15
N PRO C 332 2.32 37.55 4.34
CA PRO C 332 2.89 38.36 5.44
C PRO C 332 4.28 38.94 5.20
N GLN C 333 5.15 38.23 4.44
CA GLN C 333 6.52 38.66 4.12
C GLN C 333 6.58 40.02 3.35
N LYS C 334 5.44 40.48 2.79
CA LYS C 334 5.28 41.77 2.09
C LYS C 334 5.37 42.97 3.04
N ALA C 335 5.20 42.74 4.37
CA ALA C 335 5.22 43.78 5.41
C ALA C 335 6.53 44.57 5.46
N THR C 336 7.65 43.89 5.15
CA THR C 336 8.98 44.50 5.12
C THR C 336 9.07 45.59 4.04
N THR C 337 8.68 45.27 2.80
CA THR C 337 8.74 46.20 1.68
C THR C 337 7.58 47.21 1.61
N GLU C 338 6.37 46.81 2.06
CA GLU C 338 5.17 47.65 1.97
C GLU C 338 4.91 48.60 3.17
N LEU C 339 5.86 48.70 4.11
CA LEU C 339 5.68 49.62 5.24
C LEU C 339 6.93 50.51 5.44
N PRO C 340 7.27 51.44 4.51
CA PRO C 340 8.47 52.27 4.70
C PRO C 340 8.41 53.27 5.86
N LEU C 341 7.22 53.86 6.12
CA LEU C 341 7.02 54.82 7.21
C LEU C 341 7.19 54.15 8.56
N LEU C 342 6.60 52.94 8.74
CA LEU C 342 6.69 52.17 9.98
C LEU C 342 8.12 51.70 10.23
N ARG C 343 8.87 51.40 9.15
CA ARG C 343 10.28 51.02 9.24
C ARG C 343 11.09 52.23 9.68
N ALA C 344 10.74 53.43 9.15
CA ALA C 344 11.37 54.71 9.48
C ALA C 344 11.01 55.17 10.90
N ALA C 345 9.83 54.73 11.41
CA ALA C 345 9.38 55.03 12.77
C ALA C 345 10.24 54.24 13.75
N LEU C 346 10.63 53.00 13.36
CA LEU C 346 11.48 52.11 14.16
C LEU C 346 12.92 52.61 14.18
N LYS C 347 13.40 53.16 13.05
CA LYS C 347 14.73 53.74 12.94
C LYS C 347 14.83 54.96 13.88
N GLU C 348 13.73 55.76 13.97
CA GLU C 348 13.57 56.93 14.84
C GLU C 348 13.59 56.56 16.36
N THR C 349 12.88 55.47 16.73
CA THR C 349 12.77 54.98 18.11
C THR C 349 14.15 54.53 18.63
N LEU C 350 14.94 53.82 17.78
CA LEU C 350 16.29 53.32 18.13
C LEU C 350 17.31 54.45 18.19
N ARG C 351 17.02 55.55 17.47
CA ARG C 351 17.89 56.73 17.45
C ARG C 351 17.79 57.42 18.82
N LEU C 352 16.55 57.67 19.28
CA LEU C 352 16.26 58.33 20.57
C LEU C 352 16.50 57.38 21.75
N TYR C 353 16.08 56.12 21.60
CA TYR C 353 16.19 55.12 22.65
C TYR C 353 17.00 53.89 22.19
N PRO C 354 18.35 53.93 22.24
CA PRO C 354 19.12 52.75 21.83
C PRO C 354 18.99 51.65 22.87
N VAL C 355 19.07 50.37 22.40
CA VAL C 355 18.98 49.16 23.25
C VAL C 355 20.21 49.06 24.14
N GLY C 356 21.39 49.16 23.54
CA GLY C 356 22.63 49.17 24.29
C GLY C 356 23.19 50.55 24.34
N LEU C 357 24.39 50.67 24.89
CA LEU C 357 25.05 51.96 25.02
C LEU C 357 26.05 52.25 23.91
N PHE C 358 27.12 51.45 23.87
CA PHE C 358 28.19 51.68 22.94
C PHE C 358 28.53 50.49 22.07
N LEU C 359 29.03 50.82 20.89
CA LEU C 359 29.52 49.86 19.92
C LEU C 359 31.00 49.79 20.23
N GLU C 360 31.53 48.61 20.52
CA GLU C 360 32.95 48.53 20.86
C GLU C 360 33.76 47.77 19.83
N ARG C 361 34.97 48.29 19.55
CA ARG C 361 35.93 47.73 18.60
C ARG C 361 37.37 47.94 19.09
N VAL C 362 38.09 46.84 19.29
CA VAL C 362 39.49 46.83 19.67
C VAL C 362 40.19 46.72 18.32
N VAL C 363 40.56 47.88 17.77
CA VAL C 363 41.14 48.07 16.43
C VAL C 363 42.38 47.20 16.19
N SER C 364 42.38 46.52 15.03
CA SER C 364 43.45 45.61 14.60
C SER C 364 44.68 46.34 14.05
N SER C 365 44.46 47.53 13.47
CA SER C 365 45.52 48.38 12.91
C SER C 365 45.28 49.86 13.18
N ASP C 366 46.31 50.67 12.92
CA ASP C 366 46.31 52.13 13.06
C ASP C 366 45.19 52.75 12.24
N LEU C 367 44.68 53.93 12.69
CA LEU C 367 43.65 54.69 11.96
C LEU C 367 43.59 56.14 12.42
N VAL C 368 42.96 57.00 11.61
CA VAL C 368 42.81 58.41 11.94
C VAL C 368 41.33 58.72 12.16
N LEU C 369 40.98 59.14 13.39
CA LEU C 369 39.63 59.51 13.78
C LEU C 369 39.60 60.95 14.24
N GLN C 370 38.82 61.83 13.54
CA GLN C 370 38.68 63.26 13.82
C GLN C 370 40.05 63.99 13.81
N ASN C 371 40.92 63.59 12.84
CA ASN C 371 42.30 64.05 12.61
C ASN C 371 43.24 63.78 13.82
N TYR C 372 42.94 62.72 14.59
CA TYR C 372 43.74 62.24 15.72
C TYR C 372 44.28 60.84 15.43
N HIS C 373 45.53 60.58 15.82
CA HIS C 373 46.15 59.27 15.60
C HIS C 373 45.62 58.23 16.59
N ILE C 374 45.04 57.14 16.06
CA ILE C 374 44.51 56.05 16.87
C ILE C 374 45.43 54.83 16.66
N PRO C 375 46.25 54.46 17.67
CA PRO C 375 47.14 53.30 17.50
C PRO C 375 46.39 51.97 17.50
N ALA C 376 47.07 50.88 17.08
CA ALA C 376 46.46 49.55 17.08
C ALA C 376 46.27 49.04 18.52
N GLY C 377 45.22 48.27 18.74
CA GLY C 377 44.88 47.71 20.05
C GLY C 377 44.17 48.69 20.95
N THR C 378 43.70 49.82 20.37
CA THR C 378 42.97 50.86 21.07
C THR C 378 41.49 50.49 21.08
N LEU C 379 40.86 50.51 22.25
CA LEU C 379 39.41 50.24 22.34
C LEU C 379 38.71 51.55 21.89
N VAL C 380 37.86 51.46 20.85
CA VAL C 380 37.10 52.58 20.31
C VAL C 380 35.61 52.30 20.58
N GLN C 381 34.95 53.22 21.29
CA GLN C 381 33.54 53.09 21.66
C GLN C 381 32.64 54.14 20.99
N VAL C 382 31.68 53.67 20.20
CA VAL C 382 30.71 54.54 19.53
C VAL C 382 29.49 54.71 20.45
N PHE C 383 29.27 55.93 20.99
CA PHE C 383 28.14 56.17 21.90
C PHE C 383 26.84 56.50 21.15
N LEU C 384 26.00 55.46 21.02
CA LEU C 384 24.73 55.43 20.28
C LEU C 384 23.68 56.45 20.70
N TYR C 385 23.65 56.80 22.01
CA TYR C 385 22.75 57.78 22.60
C TYR C 385 23.07 59.16 22.01
N SER C 386 24.31 59.65 22.26
CA SER C 386 24.83 60.94 21.78
C SER C 386 24.75 61.11 20.27
N LEU C 387 25.08 60.06 19.51
CA LEU C 387 25.05 60.07 18.05
C LEU C 387 23.67 60.46 17.54
N GLY C 388 22.63 59.94 18.20
CA GLY C 388 21.23 60.21 17.89
C GLY C 388 20.73 61.57 18.35
N ARG C 389 21.43 62.20 19.31
CA ARG C 389 21.09 63.53 19.86
C ARG C 389 21.87 64.67 19.15
N ASN C 390 22.76 64.30 18.21
CA ASN C 390 23.57 65.23 17.43
C ASN C 390 22.65 66.12 16.59
N ALA C 391 22.42 67.34 17.09
CA ALA C 391 21.57 68.34 16.46
C ALA C 391 22.00 68.69 15.02
N ALA C 392 23.31 68.66 14.73
CA ALA C 392 23.88 68.95 13.41
C ALA C 392 23.39 67.94 12.35
N LEU C 393 23.37 66.64 12.69
CA LEU C 393 22.92 65.57 11.78
C LEU C 393 21.40 65.38 11.80
N PHE C 394 20.79 65.48 12.99
CA PHE C 394 19.34 65.31 13.14
C PHE C 394 18.66 66.61 13.54
N PRO C 395 17.99 67.30 12.56
CA PRO C 395 17.30 68.56 12.86
C PRO C 395 16.22 68.42 13.93
N ARG C 396 16.38 69.16 15.07
CA ARG C 396 15.53 69.10 16.27
C ARG C 396 15.58 67.63 16.77
N PRO C 397 16.70 67.22 17.42
CA PRO C 397 16.86 65.81 17.81
C PRO C 397 15.89 65.28 18.87
N GLU C 398 15.14 66.14 19.58
CA GLU C 398 14.16 65.73 20.58
C GLU C 398 12.79 65.40 19.95
N ARG C 399 12.53 65.88 18.72
CA ARG C 399 11.26 65.62 18.04
C ARG C 399 11.30 64.26 17.38
N TYR C 400 10.26 63.46 17.61
CA TYR C 400 10.08 62.13 17.04
C TYR C 400 9.44 62.29 15.67
N ASN C 401 10.27 62.26 14.61
CA ASN C 401 9.81 62.43 13.23
C ASN C 401 10.35 61.33 12.30
N PRO C 402 9.53 60.31 11.95
CA PRO C 402 10.01 59.25 11.05
C PRO C 402 10.31 59.72 9.64
N GLN C 403 9.69 60.84 9.21
CA GLN C 403 9.89 61.41 7.87
C GLN C 403 11.34 61.81 7.55
N ARG C 404 12.16 62.15 8.59
CA ARG C 404 13.58 62.54 8.44
C ARG C 404 14.47 61.47 7.77
N TRP C 405 14.03 60.19 7.84
CA TRP C 405 14.73 59.04 7.27
C TRP C 405 14.47 58.84 5.76
N LEU C 406 13.71 59.76 5.12
CA LEU C 406 13.39 59.62 3.70
C LEU C 406 13.78 60.83 2.82
N ASP C 407 14.63 61.77 3.34
CA ASP C 407 15.05 62.99 2.63
C ASP C 407 16.57 63.21 2.57
N ILE C 408 17.32 62.73 3.60
CA ILE C 408 18.78 62.85 3.71
C ILE C 408 19.51 62.11 2.60
N ASN C 414 25.09 58.83 4.08
CA ASN C 414 24.16 58.16 5.00
C ASN C 414 24.89 57.62 6.26
N PHE C 415 24.61 56.35 6.67
CA PHE C 415 25.15 55.64 7.84
C PHE C 415 24.67 56.20 9.18
N HIS C 416 23.81 57.24 9.14
CA HIS C 416 23.22 57.92 10.32
C HIS C 416 22.45 56.96 11.27
N HIS C 417 22.12 55.76 10.77
CA HIS C 417 21.43 54.70 11.49
C HIS C 417 22.39 53.53 11.56
N VAL C 418 22.81 53.16 12.80
CA VAL C 418 23.73 52.06 13.11
C VAL C 418 23.40 51.46 14.51
N PRO C 419 22.11 51.28 14.91
CA PRO C 419 21.85 50.71 16.25
C PRO C 419 22.14 49.21 16.33
N PHE C 420 22.13 48.50 15.19
CA PHE C 420 22.40 47.07 15.12
C PHE C 420 23.87 46.80 14.88
N GLY C 421 24.65 47.86 14.73
CA GLY C 421 26.07 47.77 14.50
C GLY C 421 26.43 47.92 13.04
N PHE C 422 27.56 47.28 12.65
CA PHE C 422 28.11 47.33 11.29
C PHE C 422 28.98 46.13 10.95
N GLY C 423 29.21 45.98 9.64
CA GLY C 423 30.05 44.92 9.06
C GLY C 423 29.57 43.51 9.32
N MET C 424 30.55 42.61 9.45
CA MET C 424 30.30 41.19 9.70
C MET C 424 29.80 40.92 11.12
N ARG C 425 30.14 41.79 12.05
CA ARG C 425 29.74 41.65 13.44
C ARG C 425 28.35 42.21 13.72
N GLN C 426 27.76 42.96 12.75
CA GLN C 426 26.42 43.57 12.87
C GLN C 426 25.42 42.51 13.33
N CYS C 427 24.56 42.88 14.29
CA CYS C 427 23.53 42.06 14.95
C CYS C 427 23.02 40.86 14.14
N LEU C 428 23.01 39.68 14.79
CA LEU C 428 22.55 38.42 14.22
C LEU C 428 21.00 38.31 14.27
N GLY C 429 20.40 38.87 15.31
CA GLY C 429 18.96 38.84 15.45
C GLY C 429 18.24 40.01 14.83
N ARG C 430 18.98 40.92 14.18
CA ARG C 430 18.50 42.14 13.52
C ARG C 430 17.16 41.99 12.79
N ARG C 431 17.08 41.13 11.76
CA ARG C 431 15.84 41.00 11.00
C ARG C 431 14.75 40.25 11.80
N LEU C 432 15.14 39.32 12.72
CA LEU C 432 14.16 38.64 13.58
C LEU C 432 13.46 39.67 14.50
N ALA C 433 14.25 40.59 15.11
CA ALA C 433 13.77 41.67 15.95
C ALA C 433 12.89 42.60 15.07
N GLU C 434 13.37 42.94 13.86
CA GLU C 434 12.64 43.80 12.92
C GLU C 434 11.28 43.27 12.57
N ALA C 435 11.19 41.95 12.31
CA ALA C 435 9.94 41.26 11.99
C ALA C 435 9.01 41.32 13.17
N GLU C 436 9.56 41.11 14.37
CA GLU C 436 8.76 41.17 15.57
C GLU C 436 8.24 42.58 15.84
N MET C 437 9.10 43.61 15.68
CA MET C 437 8.72 45.02 15.91
C MET C 437 7.85 45.61 14.81
N LEU C 438 7.80 44.98 13.62
CA LEU C 438 7.00 45.49 12.51
C LEU C 438 5.59 44.95 12.58
N LEU C 439 5.49 43.63 12.65
CA LEU C 439 4.25 42.89 12.63
C LEU C 439 3.31 43.17 13.82
N LEU C 440 3.86 43.43 15.03
CA LEU C 440 3.02 43.77 16.19
C LEU C 440 2.41 45.14 15.97
N LEU C 441 3.31 46.13 15.72
CA LEU C 441 2.98 47.52 15.43
C LEU C 441 2.13 47.64 14.17
N HIS C 442 2.11 46.62 13.30
CA HIS C 442 1.25 46.67 12.14
C HIS C 442 -0.21 46.39 12.54
N HIS C 443 -0.44 45.26 13.25
CA HIS C 443 -1.75 44.79 13.69
C HIS C 443 -2.40 45.69 14.74
N VAL C 444 -1.59 46.35 15.58
CA VAL C 444 -2.08 47.24 16.62
C VAL C 444 -2.66 48.53 15.98
N LEU C 445 -1.92 49.13 15.02
CA LEU C 445 -2.36 50.34 14.31
C LEU C 445 -3.60 50.10 13.47
N LYS C 446 -3.76 48.88 12.96
CA LYS C 446 -4.90 48.45 12.15
C LYS C 446 -6.24 48.56 12.88
N HIS C 447 -6.28 48.17 14.19
CA HIS C 447 -7.51 48.13 14.98
C HIS C 447 -7.64 49.12 16.14
N PHE C 448 -6.52 49.62 16.68
CA PHE C 448 -6.57 50.49 17.85
C PHE C 448 -5.95 51.90 17.68
N LEU C 449 -6.32 52.79 18.61
CA LEU C 449 -5.82 54.14 18.75
C LEU C 449 -5.11 54.16 20.09
N VAL C 450 -3.79 54.39 20.08
CA VAL C 450 -2.98 54.42 21.29
C VAL C 450 -2.94 55.85 21.83
N GLU C 451 -3.33 56.05 23.10
CA GLU C 451 -3.40 57.37 23.73
C GLU C 451 -2.78 57.33 25.13
N THR C 452 -2.28 58.50 25.60
CA THR C 452 -1.72 58.66 26.95
C THR C 452 -1.70 60.12 27.41
N LEU C 453 -1.97 60.35 28.71
CA LEU C 453 -1.94 61.68 29.31
C LEU C 453 -0.51 61.99 29.78
N THR C 454 0.31 60.92 29.91
CA THR C 454 1.73 60.95 30.26
C THR C 454 2.43 61.68 29.09
N GLN C 455 3.10 62.80 29.38
CA GLN C 455 3.79 63.53 28.33
C GLN C 455 5.24 63.83 28.70
N GLU C 456 5.65 63.43 29.93
CA GLU C 456 7.02 63.61 30.41
C GLU C 456 7.91 62.48 29.90
N ASP C 457 9.08 62.84 29.35
CA ASP C 457 10.09 61.92 28.83
C ASP C 457 10.34 60.82 29.84
N ILE C 458 10.28 59.54 29.41
CA ILE C 458 10.54 58.44 30.32
C ILE C 458 12.04 58.42 30.57
N LYS C 459 12.43 58.42 31.86
CA LYS C 459 13.84 58.38 32.27
C LYS C 459 14.39 56.98 32.03
N MET C 460 15.43 56.88 31.19
CA MET C 460 16.09 55.62 30.85
C MET C 460 17.10 55.27 31.94
N VAL C 461 17.27 53.99 32.22
CA VAL C 461 18.17 53.48 33.25
C VAL C 461 19.22 52.57 32.59
N TYR C 462 20.52 52.84 32.84
CA TYR C 462 21.58 51.98 32.31
C TYR C 462 21.80 50.77 33.20
N SER C 463 21.40 49.61 32.68
CA SER C 463 21.54 48.32 33.32
C SER C 463 21.96 47.36 32.20
N PHE C 464 23.10 47.69 31.51
CA PHE C 464 23.67 47.02 30.33
C PHE C 464 22.79 47.30 29.10
N ILE C 465 21.49 47.01 29.24
CA ILE C 465 20.41 47.31 28.33
C ILE C 465 19.85 48.62 28.85
N LEU C 466 19.78 49.63 28.00
CA LEU C 466 19.25 50.95 28.32
C LEU C 466 17.72 50.81 28.41
N ARG C 467 17.19 50.64 29.64
CA ARG C 467 15.76 50.36 29.84
C ARG C 467 14.97 51.45 30.55
N PRO C 468 13.70 51.68 30.14
CA PRO C 468 12.89 52.72 30.78
C PRO C 468 12.59 52.45 32.24
N GLY C 469 12.73 53.50 33.05
CA GLY C 469 12.48 53.42 34.48
C GLY C 469 11.00 53.36 34.82
N THR C 470 10.14 53.85 33.90
CA THR C 470 8.69 53.90 34.09
C THR C 470 7.95 53.27 32.93
N SER C 471 6.82 52.62 33.21
CA SER C 471 5.95 52.09 32.16
C SER C 471 4.64 52.87 32.24
N PRO C 472 4.37 53.72 31.22
CA PRO C 472 3.16 54.57 31.28
C PRO C 472 1.88 53.83 30.97
N LEU C 473 0.75 54.41 31.40
CA LEU C 473 -0.57 53.86 31.15
C LEU C 473 -0.98 54.22 29.72
N LEU C 474 -1.26 53.21 28.90
CA LEU C 474 -1.66 53.42 27.52
C LEU C 474 -3.08 52.94 27.28
N THR C 475 -3.89 53.79 26.63
CA THR C 475 -5.27 53.47 26.31
C THR C 475 -5.31 52.95 24.89
N PHE C 476 -5.92 51.76 24.71
CA PHE C 476 -6.10 51.11 23.41
C PHE C 476 -7.59 51.15 23.06
N ARG C 477 -7.99 52.13 22.22
CA ARG C 477 -9.38 52.35 21.80
C ARG C 477 -9.64 51.70 20.46
N ALA C 478 -10.67 50.84 20.37
CA ALA C 478 -11.02 50.14 19.12
C ALA C 478 -11.62 51.10 18.11
N ILE C 479 -11.34 50.88 16.82
CA ILE C 479 -11.86 51.71 15.72
C ILE C 479 -13.27 51.18 15.28
N ASN C 480 -13.44 49.84 15.23
CA ASN C 480 -14.70 49.15 14.90
C ASN C 480 -15.04 48.13 15.99
N THR D 11 -40.75 -85.99 -13.55
CA THR D 11 -41.44 -85.68 -14.80
C THR D 11 -40.48 -84.93 -15.75
N VAL D 12 -40.14 -85.57 -16.88
CA VAL D 12 -39.22 -85.07 -17.92
C VAL D 12 -39.94 -85.08 -19.29
N LEU D 13 -39.93 -83.91 -19.98
CA LEU D 13 -40.57 -83.70 -21.28
C LEU D 13 -39.81 -84.36 -22.45
N PRO D 14 -40.52 -84.81 -23.53
CA PRO D 14 -39.80 -85.43 -24.67
C PRO D 14 -38.97 -84.42 -25.47
N PHE D 15 -38.13 -84.94 -26.38
CA PHE D 15 -37.26 -84.10 -27.21
C PHE D 15 -38.00 -83.15 -28.15
N GLU D 16 -39.01 -83.64 -28.90
CA GLU D 16 -39.76 -82.83 -29.86
C GLU D 16 -40.63 -81.73 -29.21
N ALA D 17 -40.81 -81.78 -27.87
CA ALA D 17 -41.57 -80.79 -27.10
C ALA D 17 -40.81 -79.46 -26.94
N MET D 18 -39.49 -79.52 -27.10
CA MET D 18 -38.53 -78.41 -27.01
C MET D 18 -38.82 -77.34 -28.07
N PRO D 19 -38.66 -76.03 -27.76
CA PRO D 19 -38.88 -74.99 -28.78
C PRO D 19 -37.94 -75.17 -29.97
N GLN D 20 -38.46 -74.99 -31.18
CA GLN D 20 -37.70 -75.17 -32.41
C GLN D 20 -37.30 -73.83 -33.00
N HIS D 21 -36.11 -73.78 -33.64
CA HIS D 21 -35.60 -72.59 -34.33
C HIS D 21 -36.53 -72.32 -35.52
N PRO D 22 -36.98 -71.06 -35.75
CA PRO D 22 -37.92 -70.81 -36.87
C PRO D 22 -37.33 -70.97 -38.26
N GLY D 23 -36.01 -70.78 -38.39
CA GLY D 23 -35.30 -70.93 -39.65
C GLY D 23 -35.08 -72.38 -40.00
N ASN D 24 -35.15 -72.73 -41.31
CA ASN D 24 -34.92 -74.10 -41.78
C ASN D 24 -33.40 -74.37 -41.98
N ARG D 25 -33.05 -75.17 -43.01
CA ARG D 25 -31.65 -75.46 -43.34
C ARG D 25 -31.35 -75.09 -44.81
N TRP D 26 -32.39 -75.03 -45.64
CA TRP D 26 -32.26 -74.73 -47.06
C TRP D 26 -32.11 -73.25 -47.33
N LEU D 27 -33.01 -72.41 -46.76
CA LEU D 27 -32.89 -70.95 -46.94
C LEU D 27 -31.61 -70.43 -46.30
N ARG D 28 -31.14 -71.12 -45.25
CA ARG D 28 -29.90 -70.86 -44.53
C ARG D 28 -28.72 -71.16 -45.47
N LEU D 29 -28.77 -72.34 -46.12
CA LEU D 29 -27.75 -72.81 -47.06
C LEU D 29 -27.60 -71.82 -48.21
N LEU D 30 -28.74 -71.31 -48.70
CA LEU D 30 -28.74 -70.43 -49.86
C LEU D 30 -28.36 -69.00 -49.52
N GLN D 31 -28.51 -68.57 -48.26
CA GLN D 31 -28.13 -67.21 -47.87
C GLN D 31 -26.59 -67.08 -47.69
N ILE D 32 -25.89 -68.19 -47.25
CA ILE D 32 -24.42 -68.25 -47.10
C ILE D 32 -23.77 -68.13 -48.49
N TRP D 33 -24.31 -68.87 -49.50
CA TRP D 33 -23.84 -68.81 -50.89
C TRP D 33 -24.02 -67.36 -51.38
N ARG D 34 -25.25 -66.79 -51.19
CA ARG D 34 -25.62 -65.42 -51.60
C ARG D 34 -24.74 -64.34 -50.95
N GLU D 35 -24.34 -64.55 -49.68
CA GLU D 35 -23.50 -63.56 -49.02
C GLU D 35 -22.34 -64.24 -48.23
N GLN D 36 -21.46 -64.94 -48.99
CA GLN D 36 -20.22 -65.69 -48.63
C GLN D 36 -19.88 -65.75 -47.11
N GLY D 37 -20.72 -66.37 -46.31
CA GLY D 37 -20.50 -66.51 -44.88
C GLY D 37 -21.70 -66.20 -44.00
N TYR D 38 -21.50 -66.31 -42.69
CA TYR D 38 -22.54 -66.09 -41.68
C TYR D 38 -22.03 -65.06 -40.61
N GLU D 39 -21.64 -63.86 -41.06
CA GLU D 39 -21.06 -62.82 -40.21
C GLU D 39 -21.90 -62.49 -38.95
N HIS D 40 -23.22 -62.55 -39.07
CA HIS D 40 -24.16 -62.19 -38.01
C HIS D 40 -24.53 -63.31 -37.03
N LEU D 41 -23.94 -64.48 -37.15
CA LEU D 41 -24.29 -65.64 -36.34
C LEU D 41 -24.36 -65.44 -34.80
N HIS D 42 -23.39 -64.71 -34.17
CA HIS D 42 -23.34 -64.50 -32.71
C HIS D 42 -24.43 -63.62 -32.14
N LEU D 43 -25.01 -62.79 -33.00
CA LEU D 43 -26.10 -61.87 -32.66
C LEU D 43 -27.47 -62.51 -32.96
N GLU D 44 -27.56 -63.31 -34.05
CA GLU D 44 -28.76 -64.04 -34.48
C GLU D 44 -29.11 -65.09 -33.42
N MET D 45 -28.12 -65.85 -32.95
CA MET D 45 -28.29 -66.90 -31.94
C MET D 45 -28.72 -66.32 -30.61
N HIS D 46 -28.10 -65.17 -30.21
CA HIS D 46 -28.40 -64.48 -28.95
C HIS D 46 -29.88 -64.05 -28.91
N GLN D 47 -30.38 -63.52 -30.07
CA GLN D 47 -31.75 -63.05 -30.28
C GLN D 47 -32.74 -64.20 -30.17
N THR D 48 -32.34 -65.39 -30.67
CA THR D 48 -33.13 -66.62 -30.65
C THR D 48 -33.37 -67.09 -29.21
N PHE D 49 -32.32 -67.06 -28.37
CA PHE D 49 -32.41 -67.46 -26.96
C PHE D 49 -33.34 -66.55 -26.16
N GLN D 50 -33.40 -65.26 -26.53
CA GLN D 50 -34.26 -64.27 -25.90
C GLN D 50 -35.73 -64.52 -26.24
N GLU D 51 -35.99 -65.14 -27.41
CA GLU D 51 -37.34 -65.42 -27.92
C GLU D 51 -37.88 -66.80 -27.59
N LEU D 52 -37.01 -67.83 -27.57
CA LEU D 52 -37.40 -69.23 -27.36
C LEU D 52 -37.04 -69.83 -25.97
N GLY D 53 -36.18 -69.16 -25.21
CA GLY D 53 -35.77 -69.63 -23.89
C GLY D 53 -34.31 -70.06 -23.80
N PRO D 54 -33.85 -70.60 -22.64
CA PRO D 54 -32.43 -70.98 -22.52
C PRO D 54 -32.03 -72.29 -23.22
N ILE D 55 -33.00 -72.94 -23.90
CA ILE D 55 -32.83 -74.20 -24.63
C ILE D 55 -33.76 -74.24 -25.86
N PHE D 56 -33.18 -74.62 -27.02
CA PHE D 56 -33.92 -74.76 -28.28
C PHE D 56 -33.25 -75.77 -29.21
N ARG D 57 -34.05 -76.43 -30.05
CA ARG D 57 -33.56 -77.40 -31.02
C ARG D 57 -33.49 -76.82 -32.43
N TYR D 58 -32.43 -77.14 -33.18
CA TYR D 58 -32.26 -76.67 -34.55
C TYR D 58 -32.65 -77.79 -35.49
N ASN D 59 -33.56 -77.50 -36.44
CA ASN D 59 -34.01 -78.51 -37.40
C ASN D 59 -32.94 -78.75 -38.46
N LEU D 60 -32.02 -79.69 -38.13
CA LEU D 60 -30.93 -80.14 -39.00
C LEU D 60 -31.48 -81.17 -39.99
N GLY D 61 -32.78 -81.46 -39.87
CA GLY D 61 -33.50 -82.39 -40.73
C GLY D 61 -32.99 -83.80 -40.57
N GLY D 62 -33.31 -84.39 -39.43
CA GLY D 62 -32.88 -85.73 -39.07
C GLY D 62 -31.96 -85.73 -37.86
N PRO D 63 -30.66 -85.33 -37.99
CA PRO D 63 -29.79 -85.32 -36.81
C PRO D 63 -30.25 -84.32 -35.76
N ARG D 64 -30.20 -84.73 -34.48
CA ARG D 64 -30.63 -83.94 -33.35
C ARG D 64 -29.56 -82.93 -32.93
N MET D 65 -29.91 -81.64 -32.92
CA MET D 65 -29.02 -80.54 -32.55
C MET D 65 -29.73 -79.65 -31.52
N VAL D 66 -29.10 -79.49 -30.36
CA VAL D 66 -29.65 -78.68 -29.27
C VAL D 66 -28.68 -77.54 -28.90
N CYS D 67 -29.26 -76.38 -28.55
CA CYS D 67 -28.52 -75.18 -28.19
C CYS D 67 -28.83 -74.78 -26.78
N VAL D 68 -27.78 -74.58 -25.98
CA VAL D 68 -27.86 -74.18 -24.56
C VAL D 68 -27.01 -72.92 -24.27
N MET D 69 -27.25 -72.27 -23.12
CA MET D 69 -26.53 -71.05 -22.72
C MET D 69 -26.37 -70.91 -21.20
N LEU D 70 -26.76 -71.94 -20.44
CA LEU D 70 -26.70 -71.93 -18.98
C LEU D 70 -25.55 -72.79 -18.43
N PRO D 71 -24.84 -72.35 -17.37
CA PRO D 71 -23.75 -73.17 -16.82
C PRO D 71 -24.25 -74.46 -16.16
N GLU D 72 -25.52 -74.48 -15.66
CA GLU D 72 -26.14 -75.67 -15.09
C GLU D 72 -26.23 -76.79 -16.15
N ASP D 73 -26.32 -76.38 -17.44
CA ASP D 73 -26.37 -77.27 -18.59
C ASP D 73 -24.96 -77.75 -18.92
N VAL D 74 -23.94 -76.88 -18.74
CA VAL D 74 -22.52 -77.20 -18.94
C VAL D 74 -22.10 -78.20 -17.84
N GLU D 75 -22.61 -77.97 -16.59
CA GLU D 75 -22.42 -78.79 -15.37
C GLU D 75 -23.01 -80.19 -15.60
N LYS D 76 -24.21 -80.25 -16.24
CA LYS D 76 -24.90 -81.49 -16.58
C LYS D 76 -24.17 -82.20 -17.75
N LEU D 77 -23.44 -81.43 -18.57
CA LEU D 77 -22.67 -81.94 -19.71
C LEU D 77 -21.41 -82.66 -19.23
N GLN D 78 -20.87 -82.26 -18.06
CA GLN D 78 -19.66 -82.81 -17.45
C GLN D 78 -19.75 -84.33 -17.21
N GLN D 79 -20.78 -84.76 -16.46
CA GLN D 79 -21.01 -86.17 -16.11
C GLN D 79 -21.14 -87.12 -17.31
N VAL D 80 -21.57 -86.61 -18.48
CA VAL D 80 -21.80 -87.42 -19.68
C VAL D 80 -20.55 -87.49 -20.60
N ASP D 81 -19.49 -86.69 -20.32
CA ASP D 81 -18.24 -86.63 -21.11
C ASP D 81 -17.67 -87.97 -21.54
N SER D 82 -17.56 -88.93 -20.61
CA SER D 82 -16.98 -90.28 -20.78
C SER D 82 -15.46 -90.22 -21.05
N LEU D 83 -14.84 -91.38 -21.33
CA LEU D 83 -13.41 -91.46 -21.62
C LEU D 83 -13.03 -90.72 -22.89
N HIS D 84 -13.94 -90.74 -23.90
CA HIS D 84 -13.71 -90.12 -25.19
C HIS D 84 -14.77 -89.07 -25.53
N PRO D 85 -14.66 -87.83 -24.98
CA PRO D 85 -15.63 -86.78 -25.31
C PRO D 85 -15.53 -86.43 -26.79
N CYS D 86 -16.65 -86.57 -27.51
CA CYS D 86 -16.71 -86.39 -28.96
C CYS D 86 -17.24 -85.03 -29.39
N ARG D 87 -16.52 -84.39 -30.31
CA ARG D 87 -16.86 -83.09 -30.92
C ARG D 87 -17.19 -83.34 -32.38
N MET D 88 -17.95 -82.44 -33.00
CA MET D 88 -18.32 -82.57 -34.41
C MET D 88 -17.10 -82.55 -35.33
N ILE D 89 -17.08 -83.45 -36.32
CA ILE D 89 -15.97 -83.53 -37.27
C ILE D 89 -16.02 -82.33 -38.23
N LEU D 90 -14.90 -81.57 -38.29
CA LEU D 90 -14.85 -80.38 -39.12
C LEU D 90 -14.33 -80.78 -40.44
N GLU D 91 -15.29 -81.18 -41.27
CA GLU D 91 -15.09 -81.65 -42.64
C GLU D 91 -14.08 -80.81 -43.49
N PRO D 92 -14.13 -79.45 -43.58
CA PRO D 92 -13.14 -78.75 -44.43
C PRO D 92 -11.68 -78.95 -44.02
N TRP D 93 -11.39 -78.86 -42.69
CA TRP D 93 -10.04 -79.02 -42.12
C TRP D 93 -9.52 -80.45 -42.28
N VAL D 94 -10.37 -81.44 -41.95
CA VAL D 94 -10.06 -82.87 -42.06
C VAL D 94 -9.82 -83.25 -43.54
N ALA D 95 -10.62 -82.69 -44.46
CA ALA D 95 -10.49 -82.94 -45.90
C ALA D 95 -9.10 -82.56 -46.43
N TYR D 96 -8.53 -81.46 -45.92
CA TYR D 96 -7.20 -81.06 -46.32
C TYR D 96 -6.16 -82.09 -45.86
N ARG D 97 -6.26 -82.56 -44.58
CA ARG D 97 -5.34 -83.54 -43.99
C ARG D 97 -5.34 -84.84 -44.81
N GLN D 98 -6.55 -85.35 -45.16
CA GLN D 98 -6.73 -86.58 -45.95
C GLN D 98 -6.15 -86.43 -47.35
N HIS D 99 -6.41 -85.28 -48.01
CA HIS D 99 -5.95 -84.99 -49.37
C HIS D 99 -4.43 -84.94 -49.46
N ARG D 100 -3.78 -84.28 -48.48
CA ARG D 100 -2.33 -84.08 -48.43
C ARG D 100 -1.58 -85.19 -47.67
N GLY D 101 -2.33 -86.14 -47.13
CA GLY D 101 -1.78 -87.30 -46.43
C GLY D 101 -1.18 -87.02 -45.06
N HIS D 102 -1.67 -85.97 -44.37
CA HIS D 102 -1.21 -85.63 -43.05
C HIS D 102 -2.12 -86.26 -42.02
N LYS D 103 -1.60 -86.50 -40.80
CA LYS D 103 -2.41 -87.01 -39.70
C LYS D 103 -3.15 -85.82 -39.08
N CYS D 104 -4.23 -86.10 -38.33
CA CYS D 104 -5.00 -85.07 -37.64
C CYS D 104 -4.46 -84.84 -36.24
N GLY D 105 -4.44 -83.58 -35.84
CA GLY D 105 -4.01 -83.25 -34.50
C GLY D 105 -5.13 -83.44 -33.50
N VAL D 106 -4.80 -83.32 -32.21
CA VAL D 106 -5.68 -83.47 -31.03
C VAL D 106 -7.01 -82.66 -31.16
N PHE D 107 -6.99 -81.50 -31.86
CA PHE D 107 -8.15 -80.64 -32.08
C PHE D 107 -9.19 -81.28 -33.01
N LEU D 108 -8.74 -81.98 -34.06
CA LEU D 108 -9.61 -82.63 -35.05
C LEU D 108 -9.86 -84.13 -34.79
N LEU D 109 -9.11 -84.77 -33.86
CA LEU D 109 -9.33 -86.21 -33.60
C LEU D 109 -10.54 -86.47 -32.70
N ASN D 110 -10.88 -87.75 -32.53
CA ASN D 110 -11.97 -88.25 -31.70
C ASN D 110 -11.68 -89.68 -31.25
N GLY D 111 -12.22 -90.06 -30.11
CA GLY D 111 -12.09 -91.41 -29.59
C GLY D 111 -10.74 -91.84 -29.06
N PRO D 112 -10.40 -93.16 -29.20
CA PRO D 112 -9.12 -93.65 -28.66
C PRO D 112 -7.90 -92.98 -29.27
N GLU D 113 -7.96 -92.57 -30.56
CA GLU D 113 -6.85 -91.91 -31.25
C GLU D 113 -6.56 -90.57 -30.60
N TRP D 114 -7.63 -89.85 -30.18
CA TRP D 114 -7.50 -88.55 -29.52
C TRP D 114 -6.82 -88.69 -28.15
N ARG D 115 -7.30 -89.67 -27.35
CA ARG D 115 -6.84 -89.92 -25.98
C ARG D 115 -5.34 -90.23 -25.93
N PHE D 116 -4.83 -91.06 -26.88
CA PHE D 116 -3.41 -91.41 -27.00
C PHE D 116 -2.57 -90.14 -27.18
N ASN D 117 -3.00 -89.26 -28.14
CA ASN D 117 -2.33 -88.00 -28.47
C ASN D 117 -2.36 -87.03 -27.28
N ARG D 118 -3.57 -86.71 -26.79
CA ARG D 118 -3.82 -85.79 -25.68
C ARG D 118 -2.99 -86.10 -24.42
N LEU D 119 -2.93 -87.37 -24.02
CA LEU D 119 -2.17 -87.80 -22.83
C LEU D 119 -0.67 -87.60 -22.98
N ARG D 120 -0.16 -87.66 -24.23
CA ARG D 120 1.26 -87.50 -24.55
C ARG D 120 1.64 -86.04 -24.82
N LEU D 121 0.63 -85.14 -24.88
CA LEU D 121 0.85 -83.72 -25.11
C LEU D 121 0.76 -82.91 -23.82
N ASN D 122 -0.20 -83.26 -22.94
CA ASN D 122 -0.43 -82.58 -21.66
C ASN D 122 0.84 -82.32 -20.81
N PRO D 123 1.81 -83.28 -20.67
CA PRO D 123 2.98 -82.98 -19.82
C PRO D 123 3.93 -81.90 -20.31
N ASP D 124 3.87 -81.52 -21.61
CA ASP D 124 4.79 -80.53 -22.17
C ASP D 124 4.11 -79.26 -22.68
N VAL D 125 2.77 -79.28 -22.82
CA VAL D 125 2.01 -78.13 -23.33
C VAL D 125 1.18 -77.44 -22.23
N LEU D 126 0.51 -78.23 -21.38
CA LEU D 126 -0.42 -77.73 -20.38
C LEU D 126 0.03 -77.84 -18.92
N SER D 127 0.77 -78.91 -18.55
CA SER D 127 1.22 -79.19 -17.17
C SER D 127 1.90 -78.00 -16.46
N PRO D 128 1.74 -77.84 -15.11
CA PRO D 128 2.39 -76.72 -14.40
C PRO D 128 3.91 -76.71 -14.49
N LYS D 129 4.54 -77.92 -14.51
CA LYS D 129 5.98 -78.10 -14.64
C LYS D 129 6.49 -77.55 -15.98
N ALA D 130 5.70 -77.73 -17.06
CA ALA D 130 6.02 -77.23 -18.40
C ALA D 130 5.90 -75.72 -18.47
N VAL D 131 4.88 -75.15 -17.79
CA VAL D 131 4.60 -73.70 -17.74
C VAL D 131 5.77 -72.97 -17.10
N GLN D 132 6.36 -73.56 -16.03
CA GLN D 132 7.53 -73.04 -15.31
C GLN D 132 8.73 -72.85 -16.24
N ARG D 133 8.81 -73.67 -17.30
CA ARG D 133 9.92 -73.68 -18.23
C ARG D 133 9.74 -72.74 -19.43
N PHE D 134 8.54 -72.67 -20.03
CA PHE D 134 8.36 -71.78 -21.19
C PHE D 134 7.98 -70.35 -20.80
N LEU D 135 7.47 -70.12 -19.58
CA LEU D 135 7.08 -68.80 -19.11
C LEU D 135 8.22 -67.76 -19.16
N PRO D 136 9.48 -68.03 -18.72
CA PRO D 136 10.53 -67.01 -18.82
C PRO D 136 10.88 -66.61 -20.26
N MET D 137 10.64 -67.52 -21.23
CA MET D 137 10.86 -67.27 -22.66
C MET D 137 9.80 -66.28 -23.16
N VAL D 138 8.51 -66.46 -22.75
CA VAL D 138 7.36 -65.60 -23.08
C VAL D 138 7.56 -64.19 -22.49
N ASP D 139 8.17 -64.12 -21.28
CA ASP D 139 8.49 -62.89 -20.57
C ASP D 139 9.47 -62.02 -21.37
N ALA D 140 10.53 -62.65 -21.95
CA ALA D 140 11.55 -61.97 -22.76
C ALA D 140 10.96 -61.25 -23.96
N VAL D 141 10.01 -61.87 -24.66
CA VAL D 141 9.37 -61.24 -25.80
C VAL D 141 8.50 -60.11 -25.28
N ALA D 142 7.62 -60.41 -24.31
CA ALA D 142 6.72 -59.43 -23.72
C ALA D 142 7.46 -58.15 -23.30
N ARG D 143 8.70 -58.32 -22.77
CA ARG D 143 9.60 -57.25 -22.35
C ARG D 143 9.99 -56.43 -23.58
N ASP D 144 10.41 -57.12 -24.65
CA ASP D 144 10.85 -56.54 -25.92
C ASP D 144 9.75 -55.73 -26.59
N PHE D 145 8.47 -56.15 -26.44
CA PHE D 145 7.32 -55.44 -26.99
C PHE D 145 7.17 -54.07 -26.33
N SER D 146 7.17 -54.05 -24.99
CA SER D 146 7.03 -52.83 -24.21
C SER D 146 8.22 -51.89 -24.41
N GLN D 147 9.45 -52.45 -24.45
CA GLN D 147 10.68 -51.71 -24.62
C GLN D 147 10.74 -51.04 -25.99
N ALA D 148 10.34 -51.77 -27.03
CA ALA D 148 10.30 -51.27 -28.40
C ALA D 148 9.28 -50.15 -28.50
N LEU D 149 8.13 -50.31 -27.85
CA LEU D 149 7.06 -49.34 -27.82
C LEU D 149 7.52 -48.05 -27.13
N LYS D 150 8.18 -48.19 -25.94
CA LYS D 150 8.72 -47.10 -25.15
C LYS D 150 9.72 -46.26 -25.96
N LYS D 151 10.54 -46.92 -26.81
CA LYS D 151 11.53 -46.25 -27.66
C LYS D 151 10.82 -45.28 -28.62
N LYS D 152 9.70 -45.73 -29.25
CA LYS D 152 8.91 -44.94 -30.20
C LYS D 152 8.19 -43.78 -29.49
N VAL D 153 7.59 -44.07 -28.32
CA VAL D 153 6.84 -43.14 -27.48
C VAL D 153 7.68 -41.94 -27.09
N LEU D 154 8.92 -42.18 -26.62
CA LEU D 154 9.84 -41.12 -26.16
C LEU D 154 10.41 -40.26 -27.31
N GLN D 155 10.14 -40.63 -28.58
CA GLN D 155 10.57 -39.87 -29.75
C GLN D 155 9.55 -38.78 -30.11
N ASN D 156 8.32 -38.89 -29.55
CA ASN D 156 7.23 -37.92 -29.73
C ASN D 156 7.24 -36.89 -28.60
N ALA D 157 7.08 -35.61 -28.96
CA ALA D 157 7.11 -34.47 -28.04
C ALA D 157 6.17 -34.58 -26.85
N ARG D 158 4.99 -35.20 -27.05
CA ARG D 158 3.98 -35.39 -26.00
C ARG D 158 4.28 -36.61 -25.11
N GLY D 159 5.30 -37.36 -25.47
CA GLY D 159 5.69 -38.58 -24.77
C GLY D 159 4.60 -39.63 -24.79
N SER D 160 3.95 -39.79 -25.96
CA SER D 160 2.86 -40.75 -26.17
C SER D 160 2.76 -41.17 -27.63
N LEU D 161 2.16 -42.35 -27.88
CA LEU D 161 1.98 -42.89 -29.23
C LEU D 161 0.56 -43.42 -29.45
N THR D 162 -0.12 -42.84 -30.46
CA THR D 162 -1.48 -43.22 -30.83
C THR D 162 -1.40 -44.07 -32.11
N LEU D 163 -1.87 -45.33 -32.03
CA LEU D 163 -1.79 -46.27 -33.16
C LEU D 163 -2.87 -47.38 -33.15
N ASP D 164 -2.92 -48.15 -34.24
CA ASP D 164 -3.74 -49.33 -34.41
C ASP D 164 -2.81 -50.44 -33.89
N VAL D 165 -3.13 -50.98 -32.71
CA VAL D 165 -2.30 -52.00 -32.07
C VAL D 165 -2.39 -53.40 -32.70
N GLN D 166 -3.51 -53.74 -33.38
CA GLN D 166 -3.74 -55.05 -34.00
C GLN D 166 -2.50 -55.62 -34.73
N PRO D 167 -1.85 -54.97 -35.74
CA PRO D 167 -0.68 -55.59 -36.37
C PRO D 167 0.45 -55.95 -35.39
N SER D 168 0.83 -55.00 -34.53
CA SER D 168 1.89 -55.19 -33.55
C SER D 168 1.63 -56.33 -32.55
N ILE D 169 0.35 -56.46 -32.08
CA ILE D 169 -0.12 -57.51 -31.16
C ILE D 169 -0.07 -58.87 -31.86
N PHE D 170 -0.44 -58.91 -33.15
CA PHE D 170 -0.41 -60.15 -33.93
C PHE D 170 0.99 -60.67 -34.07
N HIS D 171 1.98 -59.79 -34.35
CA HIS D 171 3.38 -60.15 -34.49
C HIS D 171 4.00 -60.57 -33.16
N TYR D 172 3.39 -60.14 -32.04
CA TYR D 172 3.82 -60.54 -30.70
C TYR D 172 3.41 -62.01 -30.50
N THR D 173 2.14 -62.34 -30.78
CA THR D 173 1.63 -63.71 -30.61
C THR D 173 2.42 -64.68 -31.49
N ILE D 174 2.89 -64.25 -32.70
CA ILE D 174 3.71 -65.07 -33.59
C ILE D 174 5.09 -65.32 -32.96
N GLU D 175 5.77 -64.23 -32.54
CA GLU D 175 7.10 -64.24 -31.91
C GLU D 175 7.14 -65.06 -30.62
N ALA D 176 6.18 -64.80 -29.69
CA ALA D 176 6.04 -65.46 -28.40
C ALA D 176 5.70 -66.96 -28.53
N SER D 177 4.83 -67.34 -29.50
CA SER D 177 4.46 -68.74 -29.71
C SER D 177 5.60 -69.53 -30.31
N ASN D 178 6.31 -68.95 -31.31
CA ASN D 178 7.43 -69.62 -31.97
C ASN D 178 8.55 -69.89 -30.98
N LEU D 179 8.80 -68.92 -30.07
CA LEU D 179 9.84 -69.08 -29.07
C LEU D 179 9.44 -70.12 -28.04
N ALA D 180 8.15 -70.14 -27.63
CA ALA D 180 7.68 -71.10 -26.64
C ALA D 180 7.61 -72.52 -27.20
N LEU D 181 7.24 -72.64 -28.49
CA LEU D 181 7.13 -73.95 -29.15
C LEU D 181 8.47 -74.52 -29.68
N PHE D 182 9.21 -73.68 -30.45
CA PHE D 182 10.43 -74.10 -31.12
C PHE D 182 11.73 -73.56 -30.54
N GLY D 183 11.66 -72.55 -29.67
CA GLY D 183 12.84 -71.95 -29.07
C GLY D 183 13.65 -71.15 -30.07
N GLU D 184 12.94 -70.40 -30.95
CA GLU D 184 13.53 -69.54 -31.98
C GLU D 184 12.91 -68.15 -31.98
N ARG D 185 13.76 -67.11 -31.96
CA ARG D 185 13.30 -65.73 -32.03
C ARG D 185 13.20 -65.35 -33.50
N LEU D 186 12.01 -64.95 -33.96
CA LEU D 186 11.81 -64.61 -35.38
C LEU D 186 12.17 -63.16 -35.74
N GLY D 187 12.35 -62.32 -34.73
CA GLY D 187 12.72 -60.91 -34.89
C GLY D 187 11.63 -60.02 -35.44
N LEU D 188 10.36 -60.34 -35.12
CA LEU D 188 9.17 -59.61 -35.54
C LEU D 188 8.80 -58.50 -34.55
N VAL D 189 9.12 -58.68 -33.26
CA VAL D 189 8.85 -57.71 -32.19
C VAL D 189 9.89 -56.57 -32.25
N GLY D 190 9.36 -55.35 -32.46
CA GLY D 190 10.16 -54.14 -32.58
C GLY D 190 10.69 -53.87 -33.98
N HIS D 191 10.30 -54.71 -34.95
CA HIS D 191 10.74 -54.59 -36.33
C HIS D 191 9.58 -54.67 -37.32
N SER D 192 9.87 -54.32 -38.59
CA SER D 192 8.93 -54.37 -39.71
C SER D 192 8.49 -55.83 -39.92
N PRO D 193 7.21 -56.06 -40.29
CA PRO D 193 6.75 -57.44 -40.49
C PRO D 193 7.36 -58.10 -41.72
N SER D 194 7.74 -59.38 -41.59
CA SER D 194 8.31 -60.15 -42.69
C SER D 194 7.22 -60.58 -43.65
N SER D 195 7.58 -60.73 -44.95
CA SER D 195 6.66 -61.17 -46.01
C SER D 195 6.06 -62.53 -45.64
N ALA D 196 6.90 -63.41 -45.10
CA ALA D 196 6.50 -64.75 -44.65
C ALA D 196 5.45 -64.72 -43.55
N SER D 197 5.57 -63.76 -42.58
CA SER D 197 4.61 -63.61 -41.47
C SER D 197 3.28 -63.05 -41.96
N LEU D 198 3.33 -62.01 -42.82
CA LEU D 198 2.16 -61.36 -43.40
C LEU D 198 1.33 -62.34 -44.22
N ASN D 199 2.01 -63.25 -44.94
CA ASN D 199 1.37 -64.27 -45.77
C ASN D 199 0.70 -65.30 -44.90
N PHE D 200 1.35 -65.68 -43.80
CA PHE D 200 0.84 -66.65 -42.82
C PHE D 200 -0.45 -66.15 -42.19
N LEU D 201 -0.45 -64.87 -41.70
CA LEU D 201 -1.59 -64.19 -41.09
C LEU D 201 -2.81 -64.18 -42.05
N HIS D 202 -2.56 -63.86 -43.34
CA HIS D 202 -3.57 -63.79 -44.38
C HIS D 202 -4.07 -65.19 -44.73
N ALA D 203 -3.17 -66.17 -44.70
CA ALA D 203 -3.55 -67.54 -44.99
C ALA D 203 -4.50 -68.01 -43.93
N LEU D 204 -4.25 -67.69 -42.64
CA LEU D 204 -5.17 -68.04 -41.54
C LEU D 204 -6.52 -67.37 -41.77
N GLU D 205 -6.48 -66.06 -42.09
CA GLU D 205 -7.62 -65.19 -42.36
C GLU D 205 -8.57 -65.84 -43.38
N VAL D 206 -8.03 -66.26 -44.53
CA VAL D 206 -8.81 -66.90 -45.60
C VAL D 206 -9.20 -68.30 -45.17
N MET D 207 -8.42 -68.91 -44.26
CA MET D 207 -8.60 -70.30 -43.81
C MET D 207 -9.96 -70.47 -43.12
N PHE D 208 -10.21 -69.69 -42.06
CA PHE D 208 -11.45 -69.67 -41.33
C PHE D 208 -12.54 -69.10 -42.24
N LYS D 209 -12.31 -67.95 -42.95
CA LYS D 209 -13.31 -67.32 -43.84
C LYS D 209 -14.02 -68.42 -44.64
N SER D 210 -13.23 -69.21 -45.37
CA SER D 210 -13.71 -70.33 -46.20
C SER D 210 -14.30 -71.48 -45.40
N THR D 211 -13.88 -71.67 -44.11
CA THR D 211 -14.41 -72.71 -43.21
C THR D 211 -15.91 -72.51 -43.07
N VAL D 212 -16.35 -71.30 -42.67
CA VAL D 212 -17.75 -70.90 -42.45
C VAL D 212 -18.62 -71.21 -43.69
N GLN D 213 -18.12 -70.85 -44.89
CA GLN D 213 -18.80 -71.08 -46.16
C GLN D 213 -19.06 -72.57 -46.44
N LEU D 214 -18.09 -73.45 -46.12
CA LEU D 214 -18.22 -74.90 -46.35
C LEU D 214 -18.88 -75.67 -45.18
N MET D 215 -18.80 -75.10 -43.96
CA MET D 215 -19.26 -75.61 -42.66
C MET D 215 -20.74 -76.01 -42.58
N PHE D 216 -21.59 -75.30 -43.33
CA PHE D 216 -23.01 -75.55 -43.28
C PHE D 216 -23.57 -76.09 -44.59
N MET D 217 -23.03 -77.21 -45.04
CA MET D 217 -23.50 -77.99 -46.20
C MET D 217 -22.65 -79.24 -46.41
N PRO D 218 -23.27 -80.37 -46.86
CA PRO D 218 -22.48 -81.61 -47.07
C PRO D 218 -21.39 -81.50 -48.13
N ARG D 219 -20.31 -82.32 -48.02
CA ARG D 219 -19.19 -82.31 -48.97
C ARG D 219 -19.77 -82.36 -50.35
N SER D 220 -20.69 -83.33 -50.60
CA SER D 220 -21.43 -83.60 -51.84
C SER D 220 -22.02 -82.35 -52.52
N LEU D 221 -22.75 -81.51 -51.77
CA LEU D 221 -23.36 -80.28 -52.31
C LEU D 221 -22.32 -79.23 -52.62
N SER D 222 -21.49 -78.89 -51.61
CA SER D 222 -20.44 -77.88 -51.70
C SER D 222 -19.43 -78.19 -52.81
N ARG D 223 -19.27 -79.49 -53.15
CA ARG D 223 -18.36 -80.00 -54.18
C ARG D 223 -18.53 -79.40 -55.58
N TRP D 224 -19.75 -78.93 -55.92
CA TRP D 224 -20.08 -78.33 -57.22
C TRP D 224 -20.72 -76.96 -57.12
N ILE D 225 -21.35 -76.66 -55.97
CA ILE D 225 -21.95 -75.36 -55.70
C ILE D 225 -20.84 -74.32 -55.43
N SER D 226 -19.85 -74.68 -54.58
CA SER D 226 -18.72 -73.82 -54.22
C SER D 226 -17.35 -74.47 -54.47
N PRO D 227 -16.96 -74.78 -55.75
CA PRO D 227 -15.65 -75.38 -55.98
C PRO D 227 -14.50 -74.40 -55.73
N LYS D 228 -14.70 -73.10 -56.05
CA LYS D 228 -13.71 -72.02 -55.89
C LYS D 228 -13.46 -71.72 -54.43
N VAL D 229 -14.44 -72.01 -53.57
CA VAL D 229 -14.34 -71.83 -52.11
C VAL D 229 -13.45 -72.95 -51.58
N TRP D 230 -13.67 -74.19 -52.09
CA TRP D 230 -12.89 -75.35 -51.72
C TRP D 230 -11.43 -75.10 -52.07
N LYS D 231 -11.18 -74.63 -53.32
CA LYS D 231 -9.85 -74.30 -53.85
C LYS D 231 -9.15 -73.23 -52.97
N GLU D 232 -9.89 -72.16 -52.59
CA GLU D 232 -9.39 -71.08 -51.75
C GLU D 232 -9.01 -71.57 -50.34
N HIS D 233 -9.80 -72.51 -49.77
CA HIS D 233 -9.60 -73.12 -48.45
C HIS D 233 -8.32 -73.94 -48.41
N PHE D 234 -8.10 -74.78 -49.43
CA PHE D 234 -6.93 -75.64 -49.54
C PHE D 234 -5.67 -74.82 -49.81
N GLU D 235 -5.76 -73.76 -50.65
CA GLU D 235 -4.66 -72.85 -50.97
C GLU D 235 -4.16 -72.11 -49.70
N ALA D 236 -5.09 -71.78 -48.79
CA ALA D 236 -4.82 -71.12 -47.51
C ALA D 236 -4.07 -72.08 -46.57
N TRP D 237 -4.52 -73.35 -46.54
CA TRP D 237 -3.92 -74.41 -45.74
C TRP D 237 -2.51 -74.77 -46.27
N ASP D 238 -2.35 -74.79 -47.61
CA ASP D 238 -1.06 -75.06 -48.26
C ASP D 238 -0.01 -74.07 -47.79
N CYS D 239 -0.41 -72.80 -47.61
CA CYS D 239 0.45 -71.74 -47.10
C CYS D 239 0.71 -71.90 -45.60
N ILE D 240 -0.33 -72.17 -44.79
CA ILE D 240 -0.22 -72.39 -43.33
C ILE D 240 0.73 -73.56 -43.05
N PHE D 241 0.54 -74.67 -43.78
CA PHE D 241 1.34 -75.88 -43.67
C PHE D 241 2.79 -75.67 -44.09
N GLN D 242 3.01 -74.83 -45.13
CA GLN D 242 4.36 -74.47 -45.62
C GLN D 242 5.13 -73.75 -44.51
N TYR D 243 4.47 -72.81 -43.82
CA TYR D 243 5.04 -72.04 -42.73
C TYR D 243 5.43 -72.94 -41.56
N GLY D 244 4.48 -73.75 -41.10
CA GLY D 244 4.64 -74.66 -39.97
C GLY D 244 5.64 -75.76 -40.22
N ASP D 245 5.68 -76.30 -41.45
CA ASP D 245 6.62 -77.36 -41.80
C ASP D 245 8.05 -76.86 -41.79
N ASN D 246 8.24 -75.58 -42.19
CA ASN D 246 9.55 -74.93 -42.18
C ASN D 246 10.14 -74.88 -40.75
N CYS D 247 9.27 -74.63 -39.74
CA CYS D 247 9.63 -74.59 -38.31
C CYS D 247 10.03 -75.98 -37.83
N ILE D 248 9.21 -76.99 -38.19
CA ILE D 248 9.39 -78.39 -37.80
C ILE D 248 10.65 -78.98 -38.45
N GLN D 249 10.96 -78.60 -39.71
CA GLN D 249 12.15 -79.08 -40.41
C GLN D 249 13.44 -78.54 -39.81
N LYS D 250 13.40 -77.27 -39.37
CA LYS D 250 14.51 -76.58 -38.70
C LYS D 250 14.84 -77.26 -37.35
N ILE D 251 13.83 -77.42 -36.43
CA ILE D 251 14.04 -78.05 -35.12
C ILE D 251 14.47 -79.54 -35.25
N TYR D 252 13.84 -80.31 -36.17
CA TYR D 252 14.18 -81.71 -36.36
C TYR D 252 15.63 -81.90 -36.79
N GLN D 253 16.17 -80.99 -37.63
CA GLN D 253 17.56 -81.04 -38.08
C GLN D 253 18.51 -80.61 -36.94
N GLU D 254 18.11 -79.57 -36.18
CA GLU D 254 18.88 -79.04 -35.06
C GLU D 254 19.03 -80.11 -33.95
N LEU D 255 17.96 -80.89 -33.71
CA LEU D 255 17.94 -81.94 -32.70
C LEU D 255 18.64 -83.23 -33.15
N ALA D 256 18.69 -83.47 -34.48
CA ALA D 256 19.33 -84.65 -35.07
C ALA D 256 20.84 -84.62 -34.84
N PHE D 257 21.43 -83.42 -34.77
CA PHE D 257 22.87 -83.24 -34.59
C PHE D 257 23.28 -83.03 -33.15
N ASN D 258 22.40 -82.50 -32.30
CA ASN D 258 22.71 -82.26 -30.89
C ASN D 258 21.44 -82.21 -30.02
N ARG D 259 21.45 -83.01 -28.92
CA ARG D 259 20.39 -83.06 -27.92
C ARG D 259 20.78 -82.05 -26.83
N PRO D 260 20.03 -80.94 -26.66
CA PRO D 260 20.43 -79.92 -25.68
C PRO D 260 20.18 -80.32 -24.23
N GLN D 261 21.00 -79.80 -23.31
CA GLN D 261 20.87 -80.10 -21.88
C GLN D 261 19.73 -79.27 -21.27
N HIS D 262 19.62 -78.01 -21.69
CA HIS D 262 18.61 -77.06 -21.21
C HIS D 262 17.32 -77.10 -22.04
N TYR D 263 16.26 -76.48 -21.51
CA TYR D 263 14.94 -76.39 -22.15
C TYR D 263 15.01 -75.51 -23.38
N THR D 264 14.53 -76.02 -24.53
CA THR D 264 14.55 -75.29 -25.81
C THR D 264 13.18 -75.29 -26.51
N GLY D 265 12.10 -75.32 -25.72
CA GLY D 265 10.74 -75.29 -26.23
C GLY D 265 9.92 -76.56 -26.08
N ILE D 266 8.60 -76.41 -26.29
CA ILE D 266 7.56 -77.44 -26.21
C ILE D 266 7.80 -78.58 -27.23
N VAL D 267 7.94 -78.24 -28.54
CA VAL D 267 8.14 -79.18 -29.64
C VAL D 267 9.42 -79.99 -29.43
N ALA D 268 10.51 -79.32 -28.99
CA ALA D 268 11.80 -79.96 -28.69
C ALA D 268 11.59 -81.10 -27.69
N GLU D 269 10.83 -80.84 -26.59
CA GLU D 269 10.52 -81.82 -25.55
C GLU D 269 9.75 -83.02 -26.07
N LEU D 270 8.77 -82.79 -26.97
CA LEU D 270 7.95 -83.85 -27.59
C LEU D 270 8.80 -84.77 -28.50
N LEU D 271 9.68 -84.15 -29.30
CA LEU D 271 10.58 -84.86 -30.21
C LEU D 271 11.61 -85.69 -29.43
N LEU D 272 12.12 -85.17 -28.32
CA LEU D 272 13.12 -85.85 -27.50
C LEU D 272 12.51 -87.04 -26.77
N LYS D 273 11.25 -86.89 -26.31
CA LYS D 273 10.51 -87.95 -25.61
C LYS D 273 10.15 -89.09 -26.59
N ALA D 274 9.79 -88.70 -27.85
CA ALA D 274 9.41 -89.60 -28.95
C ALA D 274 8.35 -90.64 -28.57
N GLU D 275 7.35 -90.21 -27.76
CA GLU D 275 6.24 -91.05 -27.32
C GLU D 275 5.20 -91.14 -28.46
N LEU D 276 5.05 -90.04 -29.25
CA LEU D 276 4.17 -89.97 -30.41
C LEU D 276 5.00 -90.12 -31.70
N SER D 277 4.39 -90.64 -32.79
CA SER D 277 5.07 -90.80 -34.10
C SER D 277 5.43 -89.44 -34.67
N LEU D 278 6.46 -89.36 -35.54
CA LEU D 278 6.89 -88.08 -36.14
C LEU D 278 5.74 -87.35 -36.79
N GLU D 279 4.93 -88.08 -37.59
CA GLU D 279 3.77 -87.58 -38.34
C GLU D 279 2.58 -87.12 -37.45
N ALA D 280 2.58 -87.55 -36.17
CA ALA D 280 1.62 -87.15 -35.13
C ALA D 280 2.16 -85.90 -34.43
N ILE D 281 3.50 -85.82 -34.22
CA ILE D 281 4.16 -84.66 -33.61
C ILE D 281 4.02 -83.51 -34.60
N LYS D 282 4.25 -83.79 -35.91
CA LYS D 282 4.14 -82.83 -37.02
C LYS D 282 2.72 -82.26 -37.03
N ALA D 283 1.70 -83.13 -36.93
CA ALA D 283 0.27 -82.79 -36.92
C ALA D 283 -0.12 -81.89 -35.74
N ASN D 284 0.25 -82.29 -34.51
CA ASN D 284 -0.04 -81.56 -33.28
C ASN D 284 0.70 -80.24 -33.18
N SER D 285 1.97 -80.21 -33.62
CA SER D 285 2.81 -79.02 -33.66
C SER D 285 2.26 -77.97 -34.63
N MET D 286 1.67 -78.43 -35.75
CA MET D 286 1.07 -77.58 -36.78
C MET D 286 -0.12 -76.83 -36.19
N GLU D 287 -0.97 -77.56 -35.41
CA GLU D 287 -2.16 -77.03 -34.73
C GLU D 287 -1.77 -76.01 -33.68
N LEU D 288 -0.67 -76.27 -32.97
CA LEU D 288 -0.16 -75.34 -31.95
C LEU D 288 0.40 -74.07 -32.59
N THR D 289 1.08 -74.20 -33.75
CA THR D 289 1.66 -73.07 -34.49
C THR D 289 0.57 -72.14 -35.03
N ALA D 290 -0.42 -72.70 -35.74
CA ALA D 290 -1.51 -71.97 -36.34
C ALA D 290 -2.56 -71.52 -35.35
N GLY D 291 -2.88 -72.36 -34.38
CA GLY D 291 -3.91 -72.02 -33.41
C GLY D 291 -3.49 -71.11 -32.27
N SER D 292 -2.29 -70.56 -32.31
CA SER D 292 -1.81 -69.69 -31.24
C SER D 292 -1.65 -68.24 -31.70
N VAL D 293 -2.01 -67.96 -32.96
CA VAL D 293 -1.88 -66.61 -33.52
C VAL D 293 -3.12 -65.77 -33.25
N ASP D 294 -4.27 -66.15 -33.84
CA ASP D 294 -5.57 -65.48 -33.79
C ASP D 294 -6.26 -65.59 -32.44
N THR D 295 -6.17 -66.76 -31.82
CA THR D 295 -6.81 -67.07 -30.54
C THR D 295 -6.29 -66.25 -29.35
N THR D 296 -4.97 -65.95 -29.30
CA THR D 296 -4.37 -65.18 -28.23
C THR D 296 -4.49 -63.67 -28.48
N ALA D 297 -4.25 -63.23 -29.74
CA ALA D 297 -4.27 -61.81 -30.13
C ALA D 297 -5.64 -61.09 -29.96
N PHE D 298 -6.75 -61.69 -30.42
CA PHE D 298 -8.04 -61.01 -30.32
C PHE D 298 -8.45 -60.70 -28.87
N PRO D 299 -8.37 -61.62 -27.87
CA PRO D 299 -8.69 -61.20 -26.50
C PRO D 299 -7.64 -60.22 -25.95
N LEU D 300 -6.39 -60.24 -26.49
CA LEU D 300 -5.31 -59.34 -26.07
C LEU D 300 -5.70 -57.91 -26.42
N LEU D 301 -6.16 -57.70 -27.67
CA LEU D 301 -6.65 -56.46 -28.26
C LEU D 301 -8.00 -56.01 -27.72
N MET D 302 -8.75 -56.92 -27.07
CA MET D 302 -10.02 -56.58 -26.43
C MET D 302 -9.80 -56.16 -24.98
N THR D 303 -8.79 -56.77 -24.29
CA THR D 303 -8.44 -56.40 -22.91
C THR D 303 -7.90 -54.97 -22.94
N LEU D 304 -6.97 -54.69 -23.90
CA LEU D 304 -6.38 -53.38 -24.10
C LEU D 304 -7.46 -52.32 -24.31
N PHE D 305 -8.46 -52.63 -25.16
CA PHE D 305 -9.59 -51.74 -25.42
C PHE D 305 -10.42 -51.50 -24.17
N GLU D 306 -10.80 -52.58 -23.46
CA GLU D 306 -11.60 -52.47 -22.25
C GLU D 306 -10.89 -51.78 -21.10
N LEU D 307 -9.54 -51.91 -21.04
CA LEU D 307 -8.76 -51.19 -20.03
C LEU D 307 -8.68 -49.69 -20.38
N ALA D 308 -8.60 -49.37 -21.70
CA ALA D 308 -8.56 -48.00 -22.20
C ALA D 308 -9.92 -47.34 -22.00
N ARG D 309 -10.99 -48.16 -22.00
CA ARG D 309 -12.38 -47.74 -21.77
C ARG D 309 -12.65 -47.48 -20.26
N ASN D 310 -12.20 -48.41 -19.38
CA ASN D 310 -12.35 -48.36 -17.91
C ASN D 310 -10.99 -47.99 -17.27
N PRO D 311 -10.66 -46.66 -17.15
CA PRO D 311 -9.37 -46.27 -16.58
C PRO D 311 -9.23 -46.62 -15.10
N ASP D 312 -10.35 -46.68 -14.38
CA ASP D 312 -10.45 -47.00 -12.95
C ASP D 312 -9.97 -48.45 -12.69
N VAL D 313 -10.40 -49.40 -13.55
CA VAL D 313 -10.04 -50.80 -13.51
C VAL D 313 -8.55 -50.91 -13.81
N GLN D 314 -8.10 -50.20 -14.88
CA GLN D 314 -6.72 -50.11 -15.37
C GLN D 314 -5.77 -49.73 -14.24
N GLN D 315 -6.13 -48.70 -13.46
CA GLN D 315 -5.34 -48.21 -12.33
C GLN D 315 -5.06 -49.29 -11.28
N ILE D 316 -6.09 -50.09 -10.90
CA ILE D 316 -5.90 -51.18 -9.91
C ILE D 316 -4.90 -52.21 -10.42
N LEU D 317 -5.06 -52.65 -11.69
CA LEU D 317 -4.18 -53.63 -12.33
C LEU D 317 -2.75 -53.10 -12.48
N ARG D 318 -2.59 -51.76 -12.66
CA ARG D 318 -1.30 -51.10 -12.76
C ARG D 318 -0.61 -51.11 -11.42
N GLN D 319 -1.37 -50.80 -10.33
CA GLN D 319 -0.86 -50.79 -8.95
C GLN D 319 -0.39 -52.18 -8.56
N GLU D 320 -1.14 -53.21 -8.98
CA GLU D 320 -0.86 -54.61 -8.75
C GLU D 320 0.43 -55.00 -9.44
N SER D 321 0.54 -54.67 -10.76
CA SER D 321 1.69 -54.98 -11.60
C SER D 321 2.98 -54.26 -11.19
N LEU D 322 2.88 -53.01 -10.71
CA LEU D 322 4.04 -52.26 -10.25
C LEU D 322 4.56 -52.79 -8.91
N ALA D 323 3.66 -53.33 -8.08
CA ALA D 323 4.00 -53.89 -6.79
C ALA D 323 4.73 -55.22 -7.02
N ALA D 324 4.16 -56.02 -7.93
CA ALA D 324 4.63 -57.34 -8.32
C ALA D 324 5.82 -57.33 -9.28
N ALA D 325 6.21 -56.13 -9.77
CA ALA D 325 7.26 -55.90 -10.77
C ALA D 325 8.61 -56.43 -10.35
N ALA D 326 8.92 -56.27 -9.05
CA ALA D 326 10.14 -56.69 -8.39
C ALA D 326 10.44 -58.17 -8.54
N SER D 327 9.60 -59.03 -7.92
CA SER D 327 9.77 -60.49 -7.95
C SER D 327 9.65 -61.07 -9.34
N ILE D 328 8.75 -60.49 -10.20
CA ILE D 328 8.52 -60.96 -11.58
C ILE D 328 9.76 -60.69 -12.47
N SER D 329 10.41 -59.52 -12.32
CA SER D 329 11.64 -59.18 -13.05
C SER D 329 12.73 -60.25 -12.79
N GLU D 330 12.90 -60.69 -11.50
CA GLU D 330 13.84 -61.73 -11.05
C GLU D 330 13.35 -63.16 -11.48
N HIS D 331 12.23 -63.65 -10.91
CA HIS D 331 11.67 -64.95 -11.31
C HIS D 331 10.36 -64.72 -12.10
N PRO D 332 10.39 -64.87 -13.43
CA PRO D 332 9.18 -64.58 -14.23
C PRO D 332 7.99 -65.49 -14.00
N GLN D 333 8.22 -66.78 -13.67
CA GLN D 333 7.17 -67.77 -13.39
C GLN D 333 6.23 -67.40 -12.23
N LYS D 334 6.65 -66.44 -11.38
CA LYS D 334 5.87 -65.92 -10.26
C LYS D 334 4.66 -65.11 -10.74
N ALA D 335 4.64 -64.67 -12.02
CA ALA D 335 3.56 -63.87 -12.63
C ALA D 335 2.20 -64.51 -12.56
N THR D 336 2.14 -65.85 -12.65
CA THR D 336 0.90 -66.63 -12.58
C THR D 336 0.21 -66.45 -11.23
N THR D 337 0.96 -66.66 -10.14
CA THR D 337 0.45 -66.58 -8.78
C THR D 337 0.35 -65.16 -8.22
N GLU D 338 1.27 -64.26 -8.62
CA GLU D 338 1.34 -62.88 -8.10
C GLU D 338 0.49 -61.83 -8.86
N LEU D 339 -0.34 -62.25 -9.81
CA LEU D 339 -1.22 -61.30 -10.52
C LEU D 339 -2.68 -61.81 -10.59
N PRO D 340 -3.40 -61.91 -9.43
CA PRO D 340 -4.79 -62.42 -9.49
C PRO D 340 -5.78 -61.51 -10.20
N LEU D 341 -5.64 -60.17 -10.05
CA LEU D 341 -6.51 -59.17 -10.68
C LEU D 341 -6.35 -59.21 -12.19
N LEU D 342 -5.11 -59.26 -12.70
CA LEU D 342 -4.84 -59.32 -14.12
C LEU D 342 -5.35 -60.65 -14.74
N ARG D 343 -5.29 -61.74 -13.98
CA ARG D 343 -5.80 -63.02 -14.43
C ARG D 343 -7.30 -62.94 -14.52
N ALA D 344 -7.92 -62.25 -13.58
CA ALA D 344 -9.37 -62.13 -13.58
C ALA D 344 -9.84 -61.14 -14.62
N ALA D 345 -8.97 -60.15 -14.97
CA ALA D 345 -9.27 -59.19 -16.04
C ALA D 345 -9.37 -59.96 -17.36
N LEU D 346 -8.54 -61.02 -17.52
CA LEU D 346 -8.54 -61.88 -18.69
C LEU D 346 -9.77 -62.79 -18.73
N LYS D 347 -10.24 -63.25 -17.53
CA LYS D 347 -11.43 -64.11 -17.39
C LYS D 347 -12.67 -63.32 -17.81
N GLU D 348 -12.65 -62.01 -17.51
CA GLU D 348 -13.69 -61.02 -17.82
C GLU D 348 -13.76 -60.72 -19.32
N THR D 349 -12.60 -60.54 -19.99
CA THR D 349 -12.48 -60.25 -21.42
C THR D 349 -13.02 -61.41 -22.26
N LEU D 350 -12.72 -62.66 -21.84
CA LEU D 350 -13.16 -63.87 -22.54
C LEU D 350 -14.62 -64.15 -22.31
N ARG D 351 -15.19 -63.58 -21.24
CA ARG D 351 -16.61 -63.73 -20.89
C ARG D 351 -17.43 -62.86 -21.86
N LEU D 352 -17.02 -61.60 -22.01
CA LEU D 352 -17.68 -60.61 -22.87
C LEU D 352 -17.36 -60.86 -24.34
N TYR D 353 -16.11 -61.21 -24.65
CA TYR D 353 -15.65 -61.43 -26.02
C TYR D 353 -15.05 -62.84 -26.19
N PRO D 354 -15.88 -63.88 -26.44
CA PRO D 354 -15.32 -65.22 -26.65
C PRO D 354 -14.69 -65.34 -28.03
N VAL D 355 -13.63 -66.16 -28.12
CA VAL D 355 -12.84 -66.47 -29.33
C VAL D 355 -13.69 -67.26 -30.31
N GLY D 356 -14.31 -68.34 -29.84
CA GLY D 356 -15.24 -69.13 -30.64
C GLY D 356 -16.66 -68.84 -30.22
N LEU D 357 -17.62 -69.55 -30.81
CA LEU D 357 -19.02 -69.36 -30.51
C LEU D 357 -19.63 -70.52 -29.79
N PHE D 358 -19.12 -71.73 -30.02
CA PHE D 358 -19.74 -72.90 -29.42
C PHE D 358 -18.82 -73.85 -28.75
N LEU D 359 -19.28 -74.38 -27.60
CA LEU D 359 -18.61 -75.52 -27.01
C LEU D 359 -19.45 -76.72 -27.55
N GLU D 360 -18.81 -77.63 -28.33
CA GLU D 360 -19.51 -78.77 -28.93
C GLU D 360 -19.33 -80.07 -28.17
N ARG D 361 -20.39 -80.88 -28.13
CA ARG D 361 -20.38 -82.22 -27.56
C ARG D 361 -21.44 -83.10 -28.20
N VAL D 362 -21.00 -84.20 -28.85
CA VAL D 362 -21.89 -85.21 -29.42
C VAL D 362 -21.97 -86.24 -28.30
N VAL D 363 -23.02 -86.10 -27.47
CA VAL D 363 -23.25 -86.87 -26.25
C VAL D 363 -23.21 -88.37 -26.47
N SER D 364 -22.46 -89.08 -25.61
CA SER D 364 -22.25 -90.52 -25.66
C SER D 364 -23.44 -91.31 -25.11
N SER D 365 -24.19 -90.73 -24.15
CA SER D 365 -25.37 -91.35 -23.56
C SER D 365 -26.49 -90.34 -23.31
N ASP D 366 -27.71 -90.83 -23.02
CA ASP D 366 -28.90 -90.00 -22.75
C ASP D 366 -28.71 -89.14 -21.49
N LEU D 367 -29.31 -87.93 -21.51
CA LEU D 367 -29.23 -86.96 -20.40
C LEU D 367 -30.44 -86.01 -20.35
N VAL D 368 -30.62 -85.33 -19.20
CA VAL D 368 -31.72 -84.41 -18.94
C VAL D 368 -31.21 -82.94 -18.90
N LEU D 369 -31.52 -82.14 -19.96
CA LEU D 369 -31.12 -80.73 -20.02
C LEU D 369 -32.35 -79.84 -19.99
N GLN D 370 -32.47 -78.99 -18.94
CA GLN D 370 -33.58 -78.06 -18.74
C GLN D 370 -34.95 -78.79 -18.72
N ASN D 371 -35.00 -79.98 -18.07
CA ASN D 371 -36.17 -80.88 -17.93
C ASN D 371 -36.66 -81.45 -19.29
N TYR D 372 -35.74 -81.51 -20.29
CA TYR D 372 -36.01 -82.06 -21.62
C TYR D 372 -35.13 -83.29 -21.85
N HIS D 373 -35.70 -84.31 -22.51
CA HIS D 373 -34.96 -85.53 -22.81
C HIS D 373 -33.99 -85.31 -23.96
N ILE D 374 -32.69 -85.56 -23.70
CA ILE D 374 -31.64 -85.44 -24.71
C ILE D 374 -31.15 -86.85 -25.05
N PRO D 375 -31.49 -87.38 -26.25
CA PRO D 375 -31.05 -88.74 -26.60
C PRO D 375 -29.55 -88.82 -26.88
N ALA D 376 -28.99 -90.03 -26.92
CA ALA D 376 -27.57 -90.22 -27.24
C ALA D 376 -27.31 -89.88 -28.71
N GLY D 377 -26.14 -89.34 -28.98
CA GLY D 377 -25.73 -88.95 -30.33
C GLY D 377 -26.27 -87.59 -30.76
N THR D 378 -26.79 -86.83 -29.80
CA THR D 378 -27.35 -85.51 -30.03
C THR D 378 -26.21 -84.49 -29.91
N LEU D 379 -26.13 -83.56 -30.88
CA LEU D 379 -25.14 -82.50 -30.85
C LEU D 379 -25.64 -81.44 -29.89
N VAL D 380 -24.86 -81.18 -28.83
CA VAL D 380 -25.19 -80.17 -27.84
C VAL D 380 -24.19 -79.03 -28.01
N GLN D 381 -24.73 -77.88 -28.46
CA GLN D 381 -24.02 -76.64 -28.76
C GLN D 381 -24.21 -75.56 -27.68
N VAL D 382 -23.16 -75.32 -26.89
CA VAL D 382 -23.16 -74.31 -25.83
C VAL D 382 -22.77 -73.00 -26.48
N PHE D 383 -23.59 -71.98 -26.28
CA PHE D 383 -23.36 -70.65 -26.83
C PHE D 383 -22.77 -69.70 -25.77
N LEU D 384 -21.44 -69.49 -25.87
CA LEU D 384 -20.61 -68.71 -24.95
C LEU D 384 -20.90 -67.21 -24.94
N TYR D 385 -21.30 -66.62 -26.08
CA TYR D 385 -21.64 -65.20 -26.16
C TYR D 385 -22.82 -64.85 -25.21
N SER D 386 -23.91 -65.63 -25.26
CA SER D 386 -25.11 -65.48 -24.44
C SER D 386 -24.87 -65.85 -22.99
N LEU D 387 -24.13 -66.94 -22.73
CA LEU D 387 -23.78 -67.45 -21.39
C LEU D 387 -23.10 -66.35 -20.55
N GLY D 388 -22.19 -65.58 -21.17
CA GLY D 388 -21.47 -64.49 -20.54
C GLY D 388 -22.30 -63.24 -20.33
N ARG D 389 -23.45 -63.14 -21.04
CA ARG D 389 -24.36 -62.00 -20.97
C ARG D 389 -25.53 -62.23 -19.99
N ASN D 390 -25.59 -63.43 -19.37
CA ASN D 390 -26.59 -63.81 -18.36
C ASN D 390 -26.53 -62.88 -17.12
N ALA D 391 -27.61 -62.13 -16.92
CA ALA D 391 -27.71 -61.17 -15.81
C ALA D 391 -27.82 -61.81 -14.42
N ALA D 392 -28.51 -62.97 -14.30
CA ALA D 392 -28.67 -63.67 -13.03
C ALA D 392 -27.34 -64.19 -12.48
N LEU D 393 -26.47 -64.71 -13.37
CA LEU D 393 -25.14 -65.23 -13.01
C LEU D 393 -24.09 -64.15 -12.91
N PHE D 394 -24.11 -63.20 -13.85
CA PHE D 394 -23.14 -62.11 -13.85
C PHE D 394 -23.88 -60.79 -13.64
N PRO D 395 -24.04 -60.33 -12.37
CA PRO D 395 -24.75 -59.05 -12.13
C PRO D 395 -24.06 -57.90 -12.88
N ARG D 396 -24.86 -57.07 -13.60
CA ARG D 396 -24.41 -55.97 -14.49
C ARG D 396 -23.49 -56.65 -15.56
N PRO D 397 -24.02 -57.52 -16.46
CA PRO D 397 -23.14 -58.24 -17.40
C PRO D 397 -22.36 -57.36 -18.36
N GLU D 398 -22.92 -56.20 -18.74
CA GLU D 398 -22.25 -55.27 -19.67
C GLU D 398 -21.06 -54.55 -19.02
N ARG D 399 -20.99 -54.56 -17.66
CA ARG D 399 -19.92 -53.98 -16.85
C ARG D 399 -18.66 -54.86 -16.83
N TYR D 400 -17.53 -54.30 -17.28
CA TYR D 400 -16.26 -54.99 -17.29
C TYR D 400 -15.69 -54.82 -15.89
N ASN D 401 -15.90 -55.83 -15.05
CA ASN D 401 -15.44 -55.84 -13.67
C ASN D 401 -14.67 -57.11 -13.32
N PRO D 402 -13.33 -57.06 -13.28
CA PRO D 402 -12.55 -58.26 -12.92
C PRO D 402 -12.74 -58.73 -11.48
N GLN D 403 -13.14 -57.83 -10.58
CA GLN D 403 -13.35 -58.15 -9.18
C GLN D 403 -14.39 -59.25 -8.93
N ARG D 404 -15.37 -59.42 -9.86
CA ARG D 404 -16.47 -60.40 -9.77
C ARG D 404 -15.97 -61.85 -9.65
N TRP D 405 -14.81 -62.11 -10.25
CA TRP D 405 -14.16 -63.42 -10.28
C TRP D 405 -13.48 -63.79 -8.98
N LEU D 406 -13.25 -62.80 -8.11
CA LEU D 406 -12.59 -63.04 -6.84
C LEU D 406 -13.56 -63.28 -5.67
N ASP D 407 -14.86 -62.99 -5.88
CA ASP D 407 -15.91 -63.13 -4.87
C ASP D 407 -16.17 -64.58 -4.48
N ILE D 408 -16.23 -65.48 -5.49
CA ILE D 408 -16.44 -66.91 -5.34
C ILE D 408 -15.13 -67.59 -4.95
N ASN D 414 -17.36 -74.16 -10.28
CA ASN D 414 -18.69 -73.56 -10.39
C ASN D 414 -19.20 -73.49 -11.82
N PHE D 415 -18.30 -73.74 -12.81
CA PHE D 415 -18.54 -73.70 -14.26
C PHE D 415 -19.04 -72.34 -14.79
N HIS D 416 -18.71 -71.24 -14.06
CA HIS D 416 -19.04 -69.85 -14.40
C HIS D 416 -18.14 -69.45 -15.63
N HIS D 417 -16.82 -69.66 -15.45
CA HIS D 417 -15.75 -69.41 -16.40
C HIS D 417 -15.46 -70.74 -17.10
N VAL D 418 -15.86 -70.83 -18.38
CA VAL D 418 -15.64 -72.00 -19.24
C VAL D 418 -15.25 -71.57 -20.67
N PRO D 419 -14.41 -70.50 -20.91
CA PRO D 419 -14.08 -70.14 -22.30
C PRO D 419 -13.08 -71.08 -22.96
N PHE D 420 -12.30 -71.81 -22.14
CA PHE D 420 -11.32 -72.79 -22.59
C PHE D 420 -11.91 -74.20 -22.64
N GLY D 421 -13.17 -74.33 -22.25
CA GLY D 421 -13.88 -75.60 -22.28
C GLY D 421 -13.93 -76.26 -20.92
N PHE D 422 -14.03 -77.60 -20.92
CA PHE D 422 -14.13 -78.43 -19.72
C PHE D 422 -13.62 -79.86 -19.91
N GLY D 423 -13.39 -80.55 -18.80
CA GLY D 423 -12.94 -81.94 -18.77
C GLY D 423 -11.57 -82.17 -19.37
N MET D 424 -11.39 -83.37 -19.94
CA MET D 424 -10.14 -83.79 -20.59
C MET D 424 -9.93 -83.08 -21.93
N ARG D 425 -11.03 -82.64 -22.57
CA ARG D 425 -10.98 -81.96 -23.85
C ARG D 425 -10.70 -80.48 -23.71
N GLN D 426 -10.72 -79.94 -22.48
CA GLN D 426 -10.44 -78.52 -22.19
C GLN D 426 -9.12 -78.10 -22.86
N CYS D 427 -9.12 -76.92 -23.51
CA CYS D 427 -8.02 -76.32 -24.27
C CYS D 427 -6.61 -76.77 -23.87
N LEU D 428 -5.79 -77.15 -24.88
CA LEU D 428 -4.41 -77.59 -24.68
C LEU D 428 -3.47 -76.39 -24.56
N GLY D 429 -3.78 -75.34 -25.31
CA GLY D 429 -2.98 -74.11 -25.32
C GLY D 429 -3.31 -73.12 -24.21
N ARG D 430 -4.36 -73.43 -23.40
CA ARG D 430 -4.87 -72.62 -22.31
C ARG D 430 -3.78 -71.91 -21.51
N ARG D 431 -2.80 -72.65 -20.97
CA ARG D 431 -1.75 -72.05 -20.14
C ARG D 431 -0.67 -71.31 -20.96
N LEU D 432 -0.55 -71.60 -22.26
CA LEU D 432 0.39 -70.89 -23.12
C LEU D 432 -0.22 -69.54 -23.51
N ALA D 433 -1.53 -69.55 -23.84
CA ALA D 433 -2.27 -68.35 -24.21
C ALA D 433 -2.30 -67.38 -23.04
N GLU D 434 -2.58 -67.91 -21.81
CA GLU D 434 -2.63 -67.15 -20.56
C GLU D 434 -1.32 -66.43 -20.32
N ALA D 435 -0.19 -67.14 -20.46
CA ALA D 435 1.14 -66.56 -20.25
C ALA D 435 1.43 -65.42 -21.22
N GLU D 436 1.08 -65.60 -22.51
CA GLU D 436 1.32 -64.58 -23.53
C GLU D 436 0.51 -63.32 -23.22
N MET D 437 -0.75 -63.50 -22.78
CA MET D 437 -1.64 -62.38 -22.45
C MET D 437 -1.16 -61.65 -21.18
N LEU D 438 -1.01 -62.39 -20.05
CA LEU D 438 -0.55 -61.89 -18.77
C LEU D 438 0.72 -61.08 -18.86
N LEU D 439 1.78 -61.68 -19.38
CA LEU D 439 3.09 -61.07 -19.46
C LEU D 439 3.14 -59.83 -20.36
N LEU D 440 2.36 -59.78 -21.47
CA LEU D 440 2.35 -58.57 -22.31
C LEU D 440 1.70 -57.43 -21.54
N LEU D 441 0.50 -57.69 -20.99
CA LEU D 441 -0.27 -56.75 -20.23
C LEU D 441 0.55 -56.24 -19.05
N HIS D 442 1.18 -57.14 -18.27
CA HIS D 442 2.01 -56.79 -17.12
C HIS D 442 3.05 -55.72 -17.47
N HIS D 443 3.82 -55.96 -18.56
CA HIS D 443 4.85 -55.01 -19.00
C HIS D 443 4.28 -53.70 -19.59
N VAL D 444 3.12 -53.77 -20.25
CA VAL D 444 2.47 -52.58 -20.82
C VAL D 444 1.94 -51.69 -19.66
N LEU D 445 1.27 -52.32 -18.66
CA LEU D 445 0.74 -51.61 -17.50
C LEU D 445 1.84 -50.98 -16.65
N LYS D 446 3.01 -51.62 -16.61
CA LYS D 446 4.18 -51.16 -15.86
C LYS D 446 4.68 -49.80 -16.31
N HIS D 447 4.69 -49.53 -17.64
CA HIS D 447 5.26 -48.31 -18.23
C HIS D 447 4.29 -47.35 -18.90
N PHE D 448 3.10 -47.83 -19.34
CA PHE D 448 2.17 -46.98 -20.10
C PHE D 448 0.78 -46.84 -19.51
N LEU D 449 0.06 -45.80 -19.98
CA LEU D 449 -1.33 -45.48 -19.67
C LEU D 449 -2.06 -45.62 -21.01
N VAL D 450 -2.98 -46.58 -21.12
CA VAL D 450 -3.74 -46.83 -22.34
C VAL D 450 -5.02 -45.99 -22.30
N GLU D 451 -5.23 -45.17 -23.35
CA GLU D 451 -6.37 -44.26 -23.45
C GLU D 451 -7.00 -44.34 -24.84
N THR D 452 -8.32 -44.03 -24.94
CA THR D 452 -9.08 -43.99 -26.20
C THR D 452 -10.34 -43.13 -26.10
N LEU D 453 -10.67 -42.42 -27.18
CA LEU D 453 -11.89 -41.61 -27.25
C LEU D 453 -13.08 -42.46 -27.72
N THR D 454 -12.79 -43.61 -28.37
CA THR D 454 -13.77 -44.58 -28.86
C THR D 454 -14.40 -45.35 -27.68
N GLN D 455 -15.59 -44.90 -27.24
CA GLN D 455 -16.30 -45.53 -26.12
C GLN D 455 -17.45 -46.41 -26.61
N GLU D 456 -17.66 -46.44 -27.95
CA GLU D 456 -18.68 -47.24 -28.64
C GLU D 456 -18.16 -48.67 -28.69
N ASP D 457 -18.97 -49.64 -28.22
CA ASP D 457 -18.62 -51.07 -28.22
C ASP D 457 -18.21 -51.51 -29.62
N ILE D 458 -17.22 -52.45 -29.71
CA ILE D 458 -16.74 -52.92 -31.01
C ILE D 458 -17.64 -54.02 -31.52
N LYS D 459 -18.12 -53.88 -32.78
CA LYS D 459 -18.97 -54.90 -33.42
C LYS D 459 -18.12 -56.10 -33.83
N MET D 460 -18.44 -57.29 -33.27
CA MET D 460 -17.72 -58.54 -33.55
C MET D 460 -18.22 -59.16 -34.86
N VAL D 461 -17.34 -59.88 -35.57
CA VAL D 461 -17.66 -60.53 -36.85
C VAL D 461 -17.39 -62.05 -36.76
N TYR D 462 -18.38 -62.89 -37.15
CA TYR D 462 -18.20 -64.34 -37.11
C TYR D 462 -17.54 -64.86 -38.38
N SER D 463 -16.28 -65.30 -38.23
CA SER D 463 -15.47 -65.90 -39.28
C SER D 463 -14.74 -67.09 -38.62
N PHE D 464 -15.52 -68.03 -38.05
CA PHE D 464 -15.10 -69.19 -37.23
C PHE D 464 -14.58 -68.70 -35.87
N ILE D 465 -13.61 -67.79 -35.91
CA ILE D 465 -13.07 -67.04 -34.78
C ILE D 465 -13.86 -65.73 -34.77
N LEU D 466 -14.45 -65.36 -33.61
CA LEU D 466 -15.20 -64.12 -33.50
C LEU D 466 -14.17 -62.99 -33.46
N ARG D 467 -14.04 -62.25 -34.58
CA ARG D 467 -13.04 -61.17 -34.65
C ARG D 467 -13.64 -59.75 -34.72
N PRO D 468 -13.08 -58.79 -33.95
CA PRO D 468 -13.60 -57.41 -34.00
C PRO D 468 -13.52 -56.80 -35.40
N GLY D 469 -14.61 -56.14 -35.77
CA GLY D 469 -14.70 -55.47 -37.07
C GLY D 469 -13.93 -54.18 -37.14
N THR D 470 -13.62 -53.60 -35.97
CA THR D 470 -12.88 -52.35 -35.88
C THR D 470 -11.70 -52.49 -34.93
N SER D 471 -10.58 -51.84 -35.27
CA SER D 471 -9.43 -51.76 -34.35
C SER D 471 -9.32 -50.29 -33.98
N PRO D 472 -9.62 -49.96 -32.71
CA PRO D 472 -9.63 -48.54 -32.31
C PRO D 472 -8.22 -47.97 -32.12
N LEU D 473 -8.13 -46.66 -32.15
CA LEU D 473 -6.88 -45.94 -31.93
C LEU D 473 -6.61 -45.89 -30.43
N LEU D 474 -5.46 -46.44 -30.01
CA LEU D 474 -5.09 -46.47 -28.59
C LEU D 474 -3.87 -45.61 -28.37
N THR D 475 -3.90 -44.83 -27.30
CA THR D 475 -2.84 -43.90 -26.94
C THR D 475 -2.04 -44.49 -25.82
N PHE D 476 -0.74 -44.72 -26.07
CA PHE D 476 0.15 -45.29 -25.07
C PHE D 476 1.03 -44.17 -24.51
N ARG D 477 0.68 -43.63 -23.32
CA ARG D 477 1.41 -42.52 -22.66
C ARG D 477 2.39 -43.07 -21.62
N ALA D 478 3.66 -42.70 -21.74
CA ALA D 478 4.70 -43.17 -20.81
C ALA D 478 4.55 -42.51 -19.44
N ILE D 479 4.85 -43.27 -18.37
CA ILE D 479 4.84 -42.79 -16.99
C ILE D 479 6.26 -42.21 -16.71
N ASN D 480 7.26 -42.80 -17.42
CA ASN D 480 8.70 -42.49 -17.38
C ASN D 480 9.35 -42.65 -18.77
N THR E 11 43.55 40.72 2.32
CA THR E 11 44.04 40.40 3.66
C THR E 11 44.01 38.87 3.89
N VAL E 12 45.21 38.25 4.02
CA VAL E 12 45.44 36.81 4.19
C VAL E 12 46.20 36.55 5.50
N LEU E 13 45.64 35.68 6.36
CA LEU E 13 46.17 35.31 7.68
C LEU E 13 47.39 34.40 7.61
N PRO E 14 48.35 34.50 8.59
CA PRO E 14 49.52 33.60 8.55
C PRO E 14 49.16 32.15 8.89
N PHE E 15 50.12 31.22 8.66
CA PHE E 15 49.93 29.79 8.89
C PHE E 15 49.63 29.42 10.35
N GLU E 16 50.41 29.93 11.31
CA GLU E 16 50.25 29.61 12.73
C GLU E 16 48.96 30.17 13.36
N ALA E 17 48.25 31.05 12.62
CA ALA E 17 46.98 31.65 13.08
C ALA E 17 45.82 30.66 12.97
N MET E 18 45.99 29.63 12.12
CA MET E 18 45.04 28.55 11.86
C MET E 18 44.75 27.73 13.12
N PRO E 19 43.48 27.27 13.34
CA PRO E 19 43.20 26.45 14.53
C PRO E 19 44.03 25.19 14.56
N GLN E 20 44.55 24.84 15.74
CA GLN E 20 45.40 23.67 15.91
C GLN E 20 44.61 22.53 16.54
N HIS E 21 44.92 21.29 16.12
CA HIS E 21 44.32 20.07 16.66
C HIS E 21 44.72 19.98 18.14
N PRO E 22 43.78 19.68 19.09
CA PRO E 22 44.17 19.67 20.52
C PRO E 22 45.17 18.57 20.87
N GLY E 23 45.35 17.63 19.96
CA GLY E 23 46.34 16.57 20.06
C GLY E 23 47.45 16.77 19.05
N ASN E 24 48.68 16.41 19.44
CA ASN E 24 49.89 16.51 18.63
C ASN E 24 50.15 15.19 17.85
N ARG E 25 51.42 14.83 17.60
CA ARG E 25 51.83 13.61 16.90
C ARG E 25 52.58 12.61 17.83
N TRP E 26 52.38 12.75 19.16
CA TRP E 26 53.02 11.96 20.22
C TRP E 26 52.02 11.32 21.20
N LEU E 27 50.94 12.05 21.60
CA LEU E 27 49.87 11.56 22.49
C LEU E 27 49.10 10.45 21.74
N ARG E 28 49.03 10.59 20.39
CA ARG E 28 48.41 9.69 19.42
C ARG E 28 49.36 8.51 19.12
N LEU E 29 50.68 8.81 18.90
CA LEU E 29 51.76 7.85 18.61
C LEU E 29 51.81 6.69 19.62
N LEU E 30 51.39 6.95 20.87
CA LEU E 30 51.34 5.96 21.94
C LEU E 30 49.90 5.49 22.23
N GLN E 31 48.89 6.19 21.64
CA GLN E 31 47.47 5.77 21.68
C GLN E 31 47.39 4.63 20.67
N ILE E 32 48.26 4.67 19.62
CA ILE E 32 48.40 3.63 18.60
C ILE E 32 49.11 2.40 19.24
N TRP E 33 50.02 2.64 20.22
CA TRP E 33 50.75 1.60 20.98
C TRP E 33 49.76 0.84 21.88
N ARG E 34 48.87 1.57 22.57
CA ARG E 34 47.83 1.10 23.49
C ARG E 34 46.67 0.38 22.74
N GLU E 35 46.03 1.07 21.78
CA GLU E 35 44.90 0.57 20.99
C GLU E 35 45.26 -0.47 19.94
N GLN E 36 46.55 -0.47 19.48
CA GLN E 36 47.10 -1.35 18.43
C GLN E 36 46.42 -1.13 17.08
N GLY E 37 46.06 0.14 16.81
CA GLY E 37 45.37 0.60 15.60
C GLY E 37 44.40 1.74 15.87
N TYR E 38 44.48 2.81 15.06
CA TYR E 38 43.63 3.98 15.19
C TYR E 38 42.25 3.70 14.55
N GLU E 39 41.43 2.88 15.24
CA GLU E 39 40.11 2.41 14.80
C GLU E 39 39.08 3.50 14.50
N HIS E 40 38.83 4.42 15.44
CA HIS E 40 37.81 5.48 15.27
C HIS E 40 38.37 6.84 14.77
N LEU E 41 39.40 6.81 13.90
CA LEU E 41 40.03 7.99 13.32
C LEU E 41 39.07 8.84 12.48
N HIS E 42 38.20 8.23 11.64
CA HIS E 42 37.24 8.97 10.79
C HIS E 42 36.24 9.79 11.60
N LEU E 43 35.70 9.20 12.70
CA LEU E 43 34.76 9.85 13.60
C LEU E 43 35.45 10.95 14.41
N GLU E 44 36.72 10.72 14.83
CA GLU E 44 37.54 11.66 15.58
C GLU E 44 37.81 12.89 14.73
N MET E 45 38.20 12.71 13.47
CA MET E 45 38.49 13.78 12.52
C MET E 45 37.25 14.60 12.20
N HIS E 46 36.09 13.93 12.00
CA HIS E 46 34.81 14.56 11.69
C HIS E 46 34.38 15.50 12.83
N GLN E 47 34.53 15.03 14.09
CA GLN E 47 34.21 15.74 15.33
C GLN E 47 35.09 16.98 15.47
N THR E 48 36.38 16.88 15.06
CA THR E 48 37.39 17.94 15.10
C THR E 48 36.98 19.09 14.19
N PHE E 49 36.51 18.79 12.97
CA PHE E 49 36.04 19.78 11.99
C PHE E 49 34.83 20.57 12.50
N GLN E 50 33.95 19.91 13.26
CA GLN E 50 32.76 20.54 13.82
C GLN E 50 33.14 21.52 14.93
N GLU E 51 34.29 21.28 15.60
CA GLU E 51 34.80 22.08 16.73
C GLU E 51 35.79 23.18 16.37
N LEU E 52 36.65 22.94 15.37
CA LEU E 52 37.69 23.88 14.96
C LEU E 52 37.42 24.63 13.65
N GLY E 53 36.48 24.16 12.86
CA GLY E 53 36.13 24.80 11.60
C GLY E 53 36.45 23.96 10.39
N PRO E 54 36.24 24.48 9.16
CA PRO E 54 36.49 23.66 7.97
C PRO E 54 37.96 23.47 7.57
N ILE E 55 38.88 24.04 8.38
CA ILE E 55 40.33 24.00 8.19
C ILE E 55 41.04 24.02 9.56
N PHE E 56 42.02 23.12 9.74
CA PHE E 56 42.82 23.00 10.96
C PHE E 56 44.18 22.40 10.68
N ARG E 57 45.18 22.77 11.48
CA ARG E 57 46.55 22.27 11.35
C ARG E 57 46.86 21.22 12.41
N TYR E 58 47.59 20.18 12.00
CA TYR E 58 47.99 19.06 12.84
C TYR E 58 49.45 19.27 13.27
N ASN E 59 49.77 19.09 14.58
CA ASN E 59 51.13 19.28 15.10
C ASN E 59 52.01 18.05 14.92
N PRO E 63 56.61 18.52 10.54
CA PRO E 63 56.22 19.14 9.26
C PRO E 63 54.92 19.95 9.34
N ARG E 64 54.60 20.68 8.25
CA ARG E 64 53.35 21.43 8.17
C ARG E 64 52.25 20.50 7.59
N MET E 65 51.19 20.24 8.36
CA MET E 65 50.07 19.39 7.96
C MET E 65 48.74 20.14 8.15
N VAL E 66 47.96 20.27 7.06
CA VAL E 66 46.67 20.98 7.01
C VAL E 66 45.56 20.02 6.61
N CYS E 67 44.40 20.11 7.29
CA CYS E 67 43.22 19.29 7.03
C CYS E 67 42.06 20.14 6.52
N VAL E 68 41.46 19.73 5.39
CA VAL E 68 40.33 20.41 4.75
C VAL E 68 39.15 19.47 4.50
N MET E 69 37.95 20.03 4.23
CA MET E 69 36.72 19.24 3.99
C MET E 69 35.73 19.95 3.06
N LEU E 70 36.12 21.10 2.50
CA LEU E 70 35.24 21.86 1.65
C LEU E 70 35.53 21.75 0.17
N PRO E 71 34.44 21.79 -0.63
CA PRO E 71 34.58 21.76 -2.08
C PRO E 71 35.36 22.94 -2.63
N GLU E 72 35.29 24.14 -1.99
CA GLU E 72 36.04 25.31 -2.46
C GLU E 72 37.56 25.13 -2.27
N ASP E 73 37.96 24.17 -1.40
CA ASP E 73 39.35 23.85 -1.07
C ASP E 73 39.93 22.82 -2.03
N VAL E 74 39.15 21.80 -2.43
CA VAL E 74 39.62 20.77 -3.37
C VAL E 74 39.87 21.40 -4.74
N GLU E 75 38.94 22.30 -5.12
CA GLU E 75 38.96 23.03 -6.37
C GLU E 75 40.15 23.96 -6.39
N LYS E 76 40.56 24.44 -5.20
CA LYS E 76 41.75 25.26 -5.07
C LYS E 76 42.99 24.38 -5.18
N LEU E 77 42.99 23.23 -4.51
CA LEU E 77 44.09 22.26 -4.49
C LEU E 77 44.31 21.65 -5.88
N GLN E 78 43.20 21.56 -6.66
CA GLN E 78 43.07 21.07 -8.03
C GLN E 78 44.00 21.80 -8.98
N GLN E 79 44.19 23.14 -8.76
CA GLN E 79 45.04 23.96 -9.62
C GLN E 79 46.55 23.96 -9.26
N VAL E 80 46.94 23.78 -7.98
CA VAL E 80 48.35 23.76 -7.50
C VAL E 80 49.04 22.38 -7.81
N ASP E 81 48.28 21.41 -8.39
CA ASP E 81 48.74 20.04 -8.70
C ASP E 81 50.14 19.94 -9.33
N SER E 82 50.37 20.75 -10.39
CA SER E 82 51.60 20.80 -11.19
C SER E 82 51.81 19.52 -12.00
N LEU E 83 52.98 19.40 -12.65
CA LEU E 83 53.32 18.23 -13.46
C LEU E 83 53.47 16.98 -12.61
N HIS E 84 54.02 17.14 -11.40
CA HIS E 84 54.25 16.00 -10.54
C HIS E 84 53.50 16.16 -9.20
N PRO E 85 52.17 15.86 -9.16
CA PRO E 85 51.44 15.95 -7.88
C PRO E 85 52.02 14.93 -6.90
N CYS E 86 52.53 15.43 -5.79
CA CYS E 86 53.21 14.62 -4.80
C CYS E 86 52.32 14.22 -3.61
N ARG E 87 52.36 12.94 -3.25
CA ARG E 87 51.64 12.36 -2.12
C ARG E 87 52.68 11.99 -1.08
N MET E 88 52.30 11.97 0.20
CA MET E 88 53.18 11.61 1.32
C MET E 88 53.76 10.18 1.10
N ILE E 89 55.12 10.00 1.23
CA ILE E 89 55.77 8.70 1.02
C ILE E 89 55.38 7.75 2.13
N LEU E 90 54.76 6.62 1.72
CA LEU E 90 54.28 5.58 2.62
C LEU E 90 55.46 4.69 2.97
N GLU E 91 56.22 5.11 4.00
CA GLU E 91 57.43 4.45 4.49
C GLU E 91 57.34 2.91 4.69
N PRO E 92 56.31 2.32 5.36
CA PRO E 92 56.31 0.84 5.53
C PRO E 92 56.31 0.04 4.22
N TRP E 93 55.50 0.47 3.23
CA TRP E 93 55.35 -0.18 1.94
C TRP E 93 56.62 -0.05 1.12
N VAL E 94 57.19 1.16 1.06
CA VAL E 94 58.42 1.50 0.31
C VAL E 94 59.61 0.73 0.89
N ALA E 95 59.69 0.64 2.24
CA ALA E 95 60.74 -0.08 2.95
C ALA E 95 60.81 -1.55 2.53
N TYR E 96 59.65 -2.20 2.28
CA TYR E 96 59.60 -3.58 1.83
C TYR E 96 60.22 -3.70 0.43
N ARG E 97 59.83 -2.77 -0.49
CA ARG E 97 60.32 -2.74 -1.86
C ARG E 97 61.83 -2.61 -1.91
N GLN E 98 62.41 -1.67 -1.11
CA GLN E 98 63.86 -1.43 -1.02
C GLN E 98 64.61 -2.64 -0.45
N HIS E 99 64.07 -3.25 0.62
CA HIS E 99 64.62 -4.43 1.31
C HIS E 99 64.64 -5.66 0.39
N ARG E 100 63.57 -5.86 -0.36
CA ARG E 100 63.45 -6.99 -1.26
C ARG E 100 63.81 -6.67 -2.72
N GLY E 101 64.46 -5.51 -2.94
CA GLY E 101 64.96 -5.06 -4.24
C GLY E 101 63.97 -4.92 -5.38
N HIS E 102 62.71 -4.66 -5.06
CA HIS E 102 61.65 -4.47 -6.05
C HIS E 102 61.48 -3.00 -6.34
N LYS E 103 60.97 -2.68 -7.54
CA LYS E 103 60.67 -1.30 -7.90
C LYS E 103 59.31 -0.91 -7.31
N CYS E 104 59.05 0.39 -7.20
CA CYS E 104 57.80 0.91 -6.68
C CYS E 104 56.85 1.13 -7.83
N GLY E 105 55.59 0.84 -7.59
CA GLY E 105 54.56 1.06 -8.58
C GLY E 105 54.05 2.48 -8.51
N VAL E 106 53.21 2.85 -9.47
CA VAL E 106 52.59 4.17 -9.66
C VAL E 106 51.95 4.74 -8.36
N PHE E 107 51.43 3.87 -7.45
CA PHE E 107 50.82 4.28 -6.19
C PHE E 107 51.83 4.86 -5.19
N LEU E 108 53.05 4.26 -5.11
CA LEU E 108 54.12 4.66 -4.19
C LEU E 108 55.15 5.61 -4.81
N LEU E 109 55.09 5.84 -6.11
CA LEU E 109 56.07 6.70 -6.79
C LEU E 109 55.72 8.16 -6.68
N ASN E 110 56.70 9.01 -6.95
CA ASN E 110 56.57 10.45 -6.95
C ASN E 110 57.49 11.05 -8.01
N GLY E 111 57.12 12.23 -8.49
CA GLY E 111 57.91 12.98 -9.44
C GLY E 111 58.02 12.45 -10.85
N PRO E 112 59.18 12.66 -11.51
CA PRO E 112 59.35 12.21 -12.91
C PRO E 112 59.21 10.71 -13.12
N GLU E 113 59.61 9.89 -12.11
CA GLU E 113 59.52 8.44 -12.20
C GLU E 113 58.06 8.01 -12.23
N TRP E 114 57.18 8.73 -11.47
CA TRP E 114 55.76 8.43 -11.42
C TRP E 114 55.12 8.72 -12.77
N ARG E 115 55.42 9.91 -13.35
CA ARG E 115 54.85 10.39 -14.61
C ARG E 115 55.13 9.42 -15.78
N PHE E 116 56.36 8.89 -15.87
CA PHE E 116 56.77 7.92 -16.89
C PHE E 116 55.88 6.66 -16.83
N ASN E 117 55.71 6.10 -15.61
CA ASN E 117 54.92 4.91 -15.34
C ASN E 117 53.45 5.15 -15.67
N ARG E 118 52.84 6.16 -15.01
CA ARG E 118 51.43 6.56 -15.14
C ARG E 118 50.98 6.72 -16.61
N LEU E 119 51.78 7.43 -17.43
CA LEU E 119 51.46 7.67 -18.82
C LEU E 119 51.46 6.40 -19.67
N ARG E 120 52.28 5.40 -19.28
CA ARG E 120 52.40 4.12 -19.98
C ARG E 120 51.40 3.06 -19.46
N LEU E 121 50.65 3.40 -18.38
CA LEU E 121 49.65 2.52 -17.80
C LEU E 121 48.24 2.90 -18.21
N ASN E 122 47.94 4.22 -18.26
CA ASN E 122 46.63 4.76 -18.64
C ASN E 122 46.01 4.14 -19.90
N PRO E 123 46.75 3.88 -21.03
CA PRO E 123 46.10 3.33 -22.23
C PRO E 123 45.55 1.92 -22.11
N ASP E 124 46.01 1.13 -21.10
CA ASP E 124 45.57 -0.26 -20.95
C ASP E 124 44.80 -0.55 -19.67
N VAL E 125 44.83 0.38 -18.69
CA VAL E 125 44.17 0.19 -17.40
C VAL E 125 42.92 1.07 -17.24
N LEU E 126 43.02 2.33 -17.65
CA LEU E 126 41.96 3.31 -17.44
C LEU E 126 41.21 3.77 -18.72
N SER E 127 41.89 3.85 -19.88
CA SER E 127 41.34 4.32 -21.16
C SER E 127 40.00 3.67 -21.58
N PRO E 128 39.08 4.41 -22.26
CA PRO E 128 37.80 3.81 -22.67
C PRO E 128 37.93 2.62 -23.61
N LYS E 129 38.95 2.64 -24.51
CA LYS E 129 39.27 1.58 -25.46
C LYS E 129 39.62 0.29 -24.73
N ALA E 130 40.36 0.40 -23.61
CA ALA E 130 40.77 -0.72 -22.75
C ALA E 130 39.56 -1.33 -22.03
N VAL E 131 38.66 -0.47 -21.54
CA VAL E 131 37.45 -0.84 -20.81
C VAL E 131 36.50 -1.70 -21.66
N GLN E 132 36.23 -1.33 -22.94
CA GLN E 132 35.32 -2.14 -23.76
C GLN E 132 35.88 -3.54 -24.02
N ARG E 133 37.21 -3.74 -23.83
CA ARG E 133 37.93 -5.00 -24.02
C ARG E 133 37.91 -5.94 -22.81
N PHE E 134 38.10 -5.39 -21.57
CA PHE E 134 38.07 -6.21 -20.35
C PHE E 134 36.66 -6.34 -19.74
N LEU E 135 35.73 -5.41 -20.10
CA LEU E 135 34.35 -5.43 -19.63
C LEU E 135 33.61 -6.75 -19.89
N PRO E 136 33.64 -7.35 -21.11
CA PRO E 136 32.92 -8.63 -21.32
C PRO E 136 33.45 -9.78 -20.47
N MET E 137 34.76 -9.74 -20.12
CA MET E 137 35.43 -10.74 -19.28
C MET E 137 34.86 -10.66 -17.89
N VAL E 138 34.76 -9.44 -17.35
CA VAL E 138 34.21 -9.16 -16.01
C VAL E 138 32.73 -9.61 -15.95
N ASP E 139 31.96 -9.32 -17.03
CA ASP E 139 30.54 -9.70 -17.17
C ASP E 139 30.34 -11.20 -16.96
N ALA E 140 31.23 -12.03 -17.55
CA ALA E 140 31.20 -13.49 -17.47
C ALA E 140 31.32 -13.95 -16.02
N VAL E 141 32.23 -13.31 -15.23
CA VAL E 141 32.45 -13.63 -13.82
C VAL E 141 31.19 -13.23 -13.00
N ALA E 142 30.70 -12.00 -13.15
CA ALA E 142 29.50 -11.54 -12.47
C ALA E 142 28.30 -12.44 -12.79
N ARG E 143 28.15 -12.89 -14.05
CA ARG E 143 27.08 -13.82 -14.48
C ARG E 143 27.16 -15.09 -13.64
N ASP E 144 28.39 -15.63 -13.52
CA ASP E 144 28.71 -16.84 -12.77
C ASP E 144 28.39 -16.70 -11.28
N PHE E 145 28.59 -15.49 -10.72
CA PHE E 145 28.26 -15.20 -9.32
C PHE E 145 26.76 -15.31 -9.07
N SER E 146 25.96 -14.64 -9.89
CA SER E 146 24.50 -14.65 -9.78
C SER E 146 23.93 -16.03 -10.03
N GLN E 147 24.48 -16.76 -11.03
CA GLN E 147 24.04 -18.11 -11.42
C GLN E 147 24.32 -19.09 -10.28
N ALA E 148 25.51 -19.02 -9.68
CA ALA E 148 25.91 -19.88 -8.57
C ALA E 148 25.00 -19.66 -7.38
N LEU E 149 24.68 -18.39 -7.10
CA LEU E 149 23.80 -17.96 -6.02
C LEU E 149 22.37 -18.51 -6.22
N LYS E 150 21.75 -18.30 -7.41
CA LYS E 150 20.40 -18.81 -7.65
C LYS E 150 20.33 -20.31 -7.51
N LYS E 151 21.40 -21.06 -7.94
CA LYS E 151 21.46 -22.53 -7.82
C LYS E 151 21.20 -22.94 -6.37
N LYS E 152 21.86 -22.25 -5.40
CA LYS E 152 21.72 -22.50 -3.96
C LYS E 152 20.34 -22.08 -3.47
N VAL E 153 19.86 -20.88 -3.89
CA VAL E 153 18.57 -20.27 -3.54
C VAL E 153 17.40 -21.21 -3.86
N LEU E 154 17.37 -21.74 -5.09
CA LEU E 154 16.30 -22.63 -5.56
C LEU E 154 16.27 -24.01 -4.88
N GLN E 155 17.31 -24.33 -4.09
CA GLN E 155 17.40 -25.60 -3.35
C GLN E 155 16.69 -25.50 -1.99
N ASN E 156 16.37 -24.26 -1.55
CA ASN E 156 15.65 -23.99 -0.30
C ASN E 156 14.15 -23.84 -0.57
N ALA E 157 13.32 -24.45 0.30
CA ALA E 157 11.85 -24.46 0.23
C ALA E 157 11.21 -23.08 0.13
N ARG E 158 11.82 -22.05 0.79
CA ARG E 158 11.31 -20.69 0.73
C ARG E 158 11.78 -19.93 -0.52
N GLY E 159 12.64 -20.57 -1.32
CA GLY E 159 13.20 -19.99 -2.53
C GLY E 159 14.00 -18.74 -2.25
N SER E 160 14.80 -18.79 -1.16
CA SER E 160 15.65 -17.69 -0.70
C SER E 160 16.84 -18.18 0.10
N LEU E 161 17.91 -17.36 0.17
CA LEU E 161 19.13 -17.69 0.91
C LEU E 161 19.62 -16.50 1.74
N THR E 162 19.72 -16.72 3.05
CA THR E 162 20.18 -15.72 4.03
C THR E 162 21.62 -16.04 4.42
N LEU E 163 22.57 -15.13 4.10
CA LEU E 163 24.00 -15.36 4.35
C LEU E 163 24.82 -14.10 4.56
N ASP E 164 26.08 -14.30 4.97
CA ASP E 164 27.09 -13.26 5.13
C ASP E 164 27.72 -13.23 3.77
N VAL E 165 27.44 -12.17 3.00
CA VAL E 165 27.93 -12.05 1.63
C VAL E 165 29.42 -11.75 1.52
N GLN E 166 30.04 -11.12 2.56
CA GLN E 166 31.45 -10.73 2.57
C GLN E 166 32.43 -11.78 1.98
N PRO E 167 32.51 -13.07 2.44
CA PRO E 167 33.47 -14.00 1.79
C PRO E 167 33.25 -14.17 0.29
N SER E 168 31.99 -14.41 -0.12
CA SER E 168 31.61 -14.62 -1.53
C SER E 168 31.94 -13.43 -2.43
N ILE E 169 31.72 -12.19 -1.92
CA ILE E 169 32.00 -10.93 -2.62
C ILE E 169 33.52 -10.75 -2.79
N PHE E 170 34.30 -11.10 -1.75
CA PHE E 170 35.75 -11.04 -1.79
C PHE E 170 36.33 -11.95 -2.84
N HIS E 171 35.81 -13.18 -2.95
CA HIS E 171 36.24 -14.16 -3.95
C HIS E 171 35.83 -13.76 -5.37
N TYR E 172 34.78 -12.93 -5.49
CA TYR E 172 34.36 -12.37 -6.77
C TYR E 172 35.40 -11.36 -7.24
N THR E 173 35.78 -10.39 -6.36
CA THR E 173 36.77 -9.38 -6.67
C THR E 173 38.12 -10.02 -7.05
N ILE E 174 38.48 -11.17 -6.44
CA ILE E 174 39.72 -11.89 -6.77
C ILE E 174 39.59 -12.49 -8.17
N GLU E 175 38.50 -13.23 -8.44
CA GLU E 175 38.22 -13.90 -9.72
C GLU E 175 38.13 -12.90 -10.90
N ALA E 176 37.33 -11.83 -10.72
CA ALA E 176 37.11 -10.78 -11.72
C ALA E 176 38.37 -9.97 -12.02
N SER E 177 39.19 -9.65 -10.99
CA SER E 177 40.42 -8.90 -11.18
C SER E 177 41.49 -9.72 -11.89
N ASN E 178 41.64 -11.02 -11.50
CA ASN E 178 42.62 -11.92 -12.12
C ASN E 178 42.29 -12.13 -13.58
N LEU E 179 41.00 -12.27 -13.93
CA LEU E 179 40.60 -12.44 -15.32
C LEU E 179 40.81 -11.16 -16.12
N ALA E 180 40.52 -10.01 -15.54
CA ALA E 180 40.70 -8.73 -16.23
C ALA E 180 42.16 -8.38 -16.42
N LEU E 181 42.99 -8.74 -15.44
CA LEU E 181 44.41 -8.41 -15.48
C LEU E 181 45.24 -9.41 -16.23
N PHE E 182 45.09 -10.74 -15.92
CA PHE E 182 45.88 -11.83 -16.48
C PHE E 182 45.18 -12.73 -17.49
N GLY E 183 43.86 -12.65 -17.58
CA GLY E 183 43.08 -13.46 -18.51
C GLY E 183 43.05 -14.91 -18.09
N GLU E 184 42.96 -15.15 -16.75
CA GLU E 184 42.93 -16.49 -16.16
C GLU E 184 41.79 -16.61 -15.18
N ARG E 185 41.00 -17.69 -15.32
CA ARG E 185 39.89 -17.96 -14.42
C ARG E 185 40.46 -18.78 -13.27
N LEU E 186 40.30 -18.31 -12.03
CA LEU E 186 40.84 -19.02 -10.88
C LEU E 186 39.90 -20.12 -10.31
N GLY E 187 38.63 -20.07 -10.71
CA GLY E 187 37.61 -21.03 -10.27
C GLY E 187 37.17 -20.87 -8.83
N LEU E 188 37.16 -19.62 -8.34
CA LEU E 188 36.76 -19.29 -6.97
C LEU E 188 35.26 -18.98 -6.86
N VAL E 189 34.66 -18.47 -7.96
CA VAL E 189 33.24 -18.13 -8.04
C VAL E 189 32.40 -19.41 -8.19
N GLY E 190 31.54 -19.66 -7.19
CA GLY E 190 30.66 -20.83 -7.15
C GLY E 190 31.29 -22.07 -6.57
N HIS E 191 32.51 -21.94 -6.02
CA HIS E 191 33.26 -23.05 -5.42
C HIS E 191 33.84 -22.67 -4.08
N SER E 192 34.31 -23.67 -3.31
CA SER E 192 34.95 -23.47 -2.00
C SER E 192 36.24 -22.63 -2.19
N PRO E 193 36.56 -21.73 -1.24
CA PRO E 193 37.75 -20.89 -1.39
C PRO E 193 39.07 -21.65 -1.32
N SER E 194 40.05 -21.27 -2.17
CA SER E 194 41.38 -21.89 -2.22
C SER E 194 42.21 -21.53 -0.99
N SER E 195 43.12 -22.44 -0.58
CA SER E 195 44.04 -22.17 0.53
C SER E 195 44.88 -20.95 0.16
N ALA E 196 45.35 -20.90 -1.10
CA ALA E 196 46.14 -19.81 -1.65
C ALA E 196 45.38 -18.46 -1.63
N SER E 197 44.06 -18.46 -1.90
CA SER E 197 43.23 -17.25 -1.90
C SER E 197 43.01 -16.74 -0.49
N LEU E 198 42.68 -17.68 0.44
CA LEU E 198 42.44 -17.37 1.85
C LEU E 198 43.68 -16.79 2.53
N ASN E 199 44.88 -17.29 2.15
CA ASN E 199 46.17 -16.80 2.67
C ASN E 199 46.45 -15.39 2.17
N PHE E 200 46.14 -15.14 0.89
CA PHE E 200 46.32 -13.85 0.25
C PHE E 200 45.45 -12.79 0.92
N LEU E 201 44.15 -13.10 1.13
CA LEU E 201 43.16 -12.22 1.78
C LEU E 201 43.60 -11.82 3.20
N HIS E 202 44.12 -12.81 3.96
CA HIS E 202 44.57 -12.60 5.33
C HIS E 202 45.85 -11.79 5.35
N ALA E 203 46.74 -12.03 4.35
CA ALA E 203 48.01 -11.31 4.22
C ALA E 203 47.69 -9.84 4.03
N LEU E 204 46.66 -9.51 3.21
CA LEU E 204 46.21 -8.13 2.98
C LEU E 204 45.67 -7.54 4.26
N GLU E 205 44.79 -8.29 4.98
CA GLU E 205 44.17 -7.89 6.25
C GLU E 205 45.23 -7.46 7.29
N VAL E 206 46.29 -8.27 7.41
CA VAL E 206 47.44 -8.06 8.30
C VAL E 206 48.28 -6.87 7.82
N MET E 207 48.53 -6.74 6.48
CA MET E 207 49.33 -5.66 5.85
C MET E 207 48.74 -4.29 6.14
N PHE E 208 47.41 -4.14 6.02
CA PHE E 208 46.74 -2.89 6.29
C PHE E 208 46.78 -2.55 7.79
N LYS E 209 46.49 -3.56 8.64
CA LYS E 209 46.52 -3.44 10.10
C LYS E 209 47.86 -2.86 10.55
N SER E 210 48.97 -3.54 10.19
CA SER E 210 50.35 -3.13 10.52
C SER E 210 50.80 -1.81 9.88
N THR E 211 50.19 -1.41 8.73
CA THR E 211 50.51 -0.13 8.05
C THR E 211 50.20 1.03 8.99
N VAL E 212 48.94 1.10 9.53
CA VAL E 212 48.45 2.14 10.45
C VAL E 212 49.41 2.32 11.64
N GLN E 213 49.85 1.17 12.24
CA GLN E 213 50.77 1.11 13.36
C GLN E 213 52.14 1.75 13.05
N LEU E 214 52.65 1.57 11.82
CA LEU E 214 53.97 2.09 11.40
C LEU E 214 53.89 3.41 10.62
N MET E 215 52.68 3.86 10.31
CA MET E 215 52.36 5.01 9.46
C MET E 215 52.71 6.40 9.98
N PHE E 216 52.50 6.63 11.29
CA PHE E 216 52.63 7.94 11.91
C PHE E 216 53.93 8.18 12.74
N MET E 217 54.98 7.40 12.49
CA MET E 217 56.27 7.56 13.18
C MET E 217 57.46 7.29 12.25
N PRO E 218 58.61 8.01 12.44
CA PRO E 218 59.77 7.79 11.57
C PRO E 218 60.37 6.41 11.66
N ARG E 219 61.08 6.02 10.57
CA ARG E 219 61.75 4.73 10.43
C ARG E 219 62.54 4.48 11.71
N SER E 220 63.41 5.45 12.08
CA SER E 220 64.27 5.45 13.27
C SER E 220 63.62 4.92 14.52
N LEU E 221 62.51 5.57 14.95
CA LEU E 221 61.74 5.27 16.15
C LEU E 221 61.01 3.93 16.11
N SER E 222 60.21 3.69 15.06
CA SER E 222 59.44 2.44 14.91
C SER E 222 60.28 1.17 14.93
N ARG E 223 61.53 1.25 14.45
CA ARG E 223 62.49 0.14 14.40
C ARG E 223 62.65 -0.61 15.71
N TRP E 224 62.79 0.15 16.81
CA TRP E 224 63.00 -0.37 18.16
C TRP E 224 61.77 -0.32 19.06
N ILE E 225 60.82 0.59 18.80
CA ILE E 225 59.56 0.69 19.56
C ILE E 225 58.64 -0.47 19.15
N SER E 226 58.49 -0.71 17.84
CA SER E 226 57.62 -1.75 17.28
C SER E 226 58.37 -2.71 16.32
N PRO E 227 59.37 -3.52 16.79
CA PRO E 227 60.06 -4.42 15.85
C PRO E 227 59.20 -5.60 15.37
N LYS E 228 58.31 -6.10 16.26
CA LYS E 228 57.39 -7.21 16.00
C LYS E 228 56.30 -6.80 15.02
N VAL E 229 56.01 -5.49 14.95
CA VAL E 229 55.02 -4.95 14.01
C VAL E 229 55.67 -4.91 12.63
N TRP E 230 56.97 -4.52 12.56
CA TRP E 230 57.76 -4.51 11.33
C TRP E 230 57.83 -5.92 10.74
N LYS E 231 58.10 -6.95 11.59
CA LYS E 231 58.14 -8.39 11.24
C LYS E 231 56.82 -8.85 10.61
N GLU E 232 55.68 -8.62 11.30
CA GLU E 232 54.34 -9.00 10.84
C GLU E 232 53.92 -8.28 9.54
N HIS E 233 54.44 -7.04 9.28
CA HIS E 233 54.18 -6.23 8.08
C HIS E 233 54.91 -6.82 6.87
N PHE E 234 56.22 -7.16 7.03
CA PHE E 234 57.04 -7.73 5.97
C PHE E 234 56.63 -9.16 5.62
N GLU E 235 56.25 -9.96 6.64
CA GLU E 235 55.78 -11.33 6.46
C GLU E 235 54.46 -11.39 5.63
N ALA E 236 53.57 -10.38 5.78
CA ALA E 236 52.31 -10.25 5.01
C ALA E 236 52.63 -9.89 3.57
N TRP E 237 53.59 -8.96 3.38
CA TRP E 237 54.02 -8.54 2.06
C TRP E 237 54.68 -9.71 1.33
N ASP E 238 55.50 -10.52 2.04
CA ASP E 238 56.17 -11.71 1.48
C ASP E 238 55.16 -12.68 0.89
N CYS E 239 54.00 -12.82 1.55
CA CYS E 239 52.89 -13.64 1.12
C CYS E 239 52.14 -12.99 -0.07
N ILE E 240 51.84 -11.67 0.03
CA ILE E 240 51.16 -10.91 -1.03
C ILE E 240 51.98 -10.97 -2.34
N PHE E 241 53.30 -10.74 -2.22
CA PHE E 241 54.24 -10.75 -3.34
C PHE E 241 54.38 -12.11 -3.96
N GLN E 242 54.32 -13.19 -3.13
CA GLN E 242 54.40 -14.57 -3.58
C GLN E 242 53.21 -14.89 -4.49
N TYR E 243 52.02 -14.45 -4.08
CA TYR E 243 50.78 -14.62 -4.83
C TYR E 243 50.85 -13.91 -6.20
N GLY E 244 51.17 -12.62 -6.18
CA GLY E 244 51.28 -11.77 -7.36
C GLY E 244 52.37 -12.20 -8.32
N ASP E 245 53.53 -12.63 -7.80
CA ASP E 245 54.66 -13.07 -8.63
C ASP E 245 54.32 -14.35 -9.40
N ASN E 246 53.55 -15.25 -8.76
CA ASN E 246 53.08 -16.50 -9.37
C ASN E 246 52.23 -16.19 -10.63
N CYS E 247 51.37 -15.14 -10.59
CA CYS E 247 50.51 -14.69 -11.69
C CYS E 247 51.37 -14.15 -12.82
N ILE E 248 52.34 -13.31 -12.46
CA ILE E 248 53.24 -12.65 -13.40
C ILE E 248 54.17 -13.66 -14.10
N GLN E 249 54.64 -14.69 -13.37
CA GLN E 249 55.53 -15.70 -13.95
C GLN E 249 54.80 -16.58 -14.96
N LYS E 250 53.50 -16.86 -14.71
CA LYS E 250 52.62 -17.63 -15.57
C LYS E 250 52.39 -16.92 -16.91
N ILE E 251 51.96 -15.64 -16.87
CA ILE E 251 51.65 -14.82 -18.05
C ILE E 251 52.92 -14.51 -18.89
N TYR E 252 54.09 -14.30 -18.23
CA TYR E 252 55.35 -14.03 -18.92
C TYR E 252 55.84 -15.23 -19.72
N GLN E 253 55.62 -16.46 -19.20
CA GLN E 253 56.00 -17.70 -19.89
C GLN E 253 55.04 -18.00 -21.05
N GLU E 254 53.73 -17.76 -20.82
CA GLU E 254 52.69 -17.98 -21.81
C GLU E 254 52.90 -17.06 -23.03
N LEU E 255 53.29 -15.80 -22.79
CA LEU E 255 53.54 -14.80 -23.83
C LEU E 255 54.88 -14.96 -24.55
N ALA E 256 55.87 -15.55 -23.88
CA ALA E 256 57.19 -15.78 -24.44
C ALA E 256 57.14 -16.80 -25.58
N PHE E 257 56.19 -17.74 -25.52
CA PHE E 257 56.04 -18.79 -26.52
C PHE E 257 55.00 -18.51 -27.59
N ASN E 258 54.02 -17.63 -27.31
CA ASN E 258 52.99 -17.24 -28.28
C ASN E 258 52.36 -15.90 -27.95
N ARG E 259 52.32 -15.02 -28.97
CA ARG E 259 51.67 -13.70 -28.90
C ARG E 259 50.23 -13.88 -29.37
N PRO E 260 49.21 -13.71 -28.51
CA PRO E 260 47.83 -13.95 -28.95
C PRO E 260 47.27 -12.86 -29.86
N GLN E 261 46.32 -13.25 -30.75
CA GLN E 261 45.67 -12.39 -31.74
C GLN E 261 44.34 -11.77 -31.25
N HIS E 262 43.92 -12.14 -30.04
CA HIS E 262 42.77 -11.60 -29.31
C HIS E 262 43.24 -11.03 -27.96
N TYR E 263 42.40 -10.21 -27.32
CA TYR E 263 42.68 -9.59 -26.02
C TYR E 263 42.71 -10.65 -24.93
N THR E 264 43.79 -10.66 -24.11
CA THR E 264 43.96 -11.65 -23.02
C THR E 264 44.29 -11.00 -21.67
N GLY E 265 43.81 -9.78 -21.45
CA GLY E 265 44.03 -9.04 -20.21
C GLY E 265 44.92 -7.81 -20.30
N ILE E 266 44.88 -6.99 -19.24
CA ILE E 266 45.63 -5.74 -19.09
C ILE E 266 47.15 -5.95 -18.99
N VAL E 267 47.58 -6.92 -18.18
CA VAL E 267 49.00 -7.22 -17.99
C VAL E 267 49.59 -7.71 -19.30
N ALA E 268 48.84 -8.57 -20.03
CA ALA E 268 49.26 -9.10 -21.34
C ALA E 268 49.57 -7.94 -22.29
N GLU E 269 48.68 -6.93 -22.35
CA GLU E 269 48.84 -5.75 -23.22
C GLU E 269 50.10 -4.93 -22.88
N LEU E 270 50.38 -4.77 -21.56
CA LEU E 270 51.55 -4.05 -21.06
C LEU E 270 52.85 -4.76 -21.43
N LEU E 271 52.87 -6.10 -21.28
CA LEU E 271 54.02 -6.94 -21.59
C LEU E 271 54.32 -6.97 -23.09
N LEU E 272 53.27 -6.98 -23.92
CA LEU E 272 53.40 -7.00 -25.37
C LEU E 272 53.91 -5.67 -25.91
N LYS E 273 53.46 -4.56 -25.30
CA LYS E 273 53.87 -3.19 -25.65
C LYS E 273 55.31 -2.94 -25.24
N ALA E 274 55.73 -3.52 -24.08
CA ALA E 274 57.07 -3.42 -23.49
C ALA E 274 57.65 -1.98 -23.46
N GLU E 275 56.77 -1.01 -23.10
CA GLU E 275 57.11 0.40 -22.97
C GLU E 275 57.80 0.61 -21.62
N LEU E 276 57.36 -0.15 -20.60
CA LEU E 276 57.91 -0.15 -19.24
C LEU E 276 58.83 -1.35 -19.06
N SER E 277 59.86 -1.24 -18.19
CA SER E 277 60.80 -2.33 -17.89
C SER E 277 60.07 -3.49 -17.22
N LEU E 278 60.59 -4.74 -17.34
CA LEU E 278 59.96 -5.90 -16.73
C LEU E 278 59.66 -5.72 -15.24
N GLU E 279 60.64 -5.26 -14.44
CA GLU E 279 60.48 -5.01 -13.00
C GLU E 279 59.45 -3.93 -12.69
N ALA E 280 59.31 -2.95 -13.63
CA ALA E 280 58.31 -1.88 -13.48
C ALA E 280 56.93 -2.43 -13.76
N ILE E 281 56.82 -3.35 -14.75
CA ILE E 281 55.57 -4.03 -15.09
C ILE E 281 55.21 -4.93 -13.91
N LYS E 282 56.22 -5.67 -13.37
CA LYS E 282 56.10 -6.53 -12.19
C LYS E 282 55.57 -5.73 -10.98
N ALA E 283 56.16 -4.54 -10.74
CA ALA E 283 55.81 -3.59 -9.68
C ALA E 283 54.37 -3.07 -9.79
N ASN E 284 53.99 -2.55 -10.99
CA ASN E 284 52.68 -2.01 -11.26
C ASN E 284 51.58 -3.06 -11.25
N SER E 285 51.88 -4.24 -11.81
CA SER E 285 50.98 -5.39 -11.86
C SER E 285 50.68 -5.92 -10.44
N MET E 286 51.67 -5.85 -9.54
CA MET E 286 51.56 -6.27 -8.14
C MET E 286 50.55 -5.38 -7.43
N GLU E 287 50.65 -4.05 -7.67
CA GLU E 287 49.75 -3.07 -7.06
C GLU E 287 48.33 -3.25 -7.57
N LEU E 288 48.18 -3.60 -8.86
CA LEU E 288 46.87 -3.83 -9.47
C LEU E 288 46.24 -5.12 -8.92
N THR E 289 47.05 -6.16 -8.73
CA THR E 289 46.59 -7.44 -8.18
C THR E 289 46.10 -7.27 -6.72
N ALA E 290 46.93 -6.61 -5.90
CA ALA E 290 46.71 -6.38 -4.49
C ALA E 290 45.72 -5.26 -4.16
N GLY E 291 45.67 -4.24 -4.99
CA GLY E 291 44.78 -3.10 -4.77
C GLY E 291 43.41 -3.21 -5.40
N SER E 292 43.05 -4.38 -5.89
CA SER E 292 41.76 -4.59 -6.51
C SER E 292 40.89 -5.57 -5.70
N VAL E 293 41.36 -5.98 -4.52
CA VAL E 293 40.62 -6.93 -3.71
C VAL E 293 39.69 -6.24 -2.72
N ASP E 294 40.27 -5.57 -1.68
CA ASP E 294 39.50 -4.89 -0.62
C ASP E 294 38.77 -3.65 -1.16
N THR E 295 39.48 -2.87 -2.01
CA THR E 295 38.96 -1.62 -2.58
C THR E 295 37.64 -1.77 -3.31
N THR E 296 37.46 -2.83 -4.08
CA THR E 296 36.22 -3.05 -4.84
C THR E 296 35.16 -3.73 -3.98
N ALA E 297 35.55 -4.72 -3.15
CA ALA E 297 34.66 -5.53 -2.31
C ALA E 297 33.87 -4.74 -1.27
N PHE E 298 34.55 -3.89 -0.47
CA PHE E 298 33.88 -3.14 0.61
C PHE E 298 32.76 -2.20 0.08
N PRO E 299 32.93 -1.37 -0.97
CA PRO E 299 31.80 -0.58 -1.47
C PRO E 299 30.72 -1.43 -2.14
N LEU E 300 31.08 -2.62 -2.69
CA LEU E 300 30.10 -3.55 -3.30
C LEU E 300 29.16 -4.05 -2.20
N LEU E 301 29.74 -4.47 -1.07
CA LEU E 301 29.05 -4.95 0.12
C LEU E 301 28.15 -3.85 0.71
N MET E 302 28.65 -2.59 0.72
CA MET E 302 27.92 -1.45 1.25
C MET E 302 26.75 -1.07 0.37
N THR E 303 26.87 -1.22 -0.97
CA THR E 303 25.78 -0.93 -1.91
C THR E 303 24.68 -1.94 -1.65
N LEU E 304 25.06 -3.24 -1.53
CA LEU E 304 24.12 -4.31 -1.27
C LEU E 304 23.34 -4.06 0.00
N PHE E 305 24.03 -3.61 1.07
CA PHE E 305 23.42 -3.29 2.35
C PHE E 305 22.45 -2.12 2.23
N GLU E 306 22.88 -1.02 1.57
CA GLU E 306 22.06 0.18 1.37
C GLU E 306 20.86 -0.09 0.46
N LEU E 307 20.98 -1.03 -0.50
CA LEU E 307 19.85 -1.41 -1.35
C LEU E 307 18.86 -2.26 -0.55
N ALA E 308 19.37 -3.12 0.36
CA ALA E 308 18.55 -3.96 1.22
C ALA E 308 17.84 -3.09 2.26
N ARG E 309 18.46 -1.94 2.62
CA ARG E 309 17.94 -0.93 3.56
C ARG E 309 16.89 -0.03 2.91
N ASN E 310 17.11 0.35 1.63
CA ASN E 310 16.23 1.20 0.84
C ASN E 310 15.58 0.35 -0.26
N PRO E 311 14.43 -0.34 0.03
CA PRO E 311 13.81 -1.19 -0.98
C PRO E 311 13.21 -0.42 -2.15
N ASP E 312 12.79 0.82 -1.90
CA ASP E 312 12.22 1.74 -2.88
C ASP E 312 13.25 2.11 -3.96
N VAL E 313 14.50 2.38 -3.53
CA VAL E 313 15.66 2.71 -4.37
C VAL E 313 16.00 1.48 -5.20
N GLN E 314 16.08 0.31 -4.51
CA GLN E 314 16.37 -1.01 -5.08
C GLN E 314 15.43 -1.32 -6.24
N GLN E 315 14.12 -1.08 -6.07
CA GLN E 315 13.08 -1.31 -7.07
C GLN E 315 13.35 -0.54 -8.36
N ILE E 316 13.69 0.75 -8.26
CA ILE E 316 13.99 1.61 -9.42
C ILE E 316 15.16 1.04 -10.20
N LEU E 317 16.25 0.67 -9.49
CA LEU E 317 17.48 0.11 -10.04
C LEU E 317 17.25 -1.24 -10.74
N ARG E 318 16.41 -2.12 -10.15
CA ARG E 318 16.05 -3.43 -10.73
C ARG E 318 15.22 -3.23 -12.00
N GLN E 319 14.28 -2.23 -12.02
CA GLN E 319 13.45 -1.91 -13.19
C GLN E 319 14.32 -1.42 -14.33
N GLU E 320 15.37 -0.64 -14.01
CA GLU E 320 16.35 -0.12 -14.96
C GLU E 320 17.15 -1.30 -15.53
N SER E 321 17.68 -2.17 -14.64
CA SER E 321 18.47 -3.34 -15.01
C SER E 321 17.69 -4.40 -15.81
N LEU E 322 16.39 -4.59 -15.52
CA LEU E 322 15.56 -5.55 -16.25
C LEU E 322 15.23 -5.06 -17.63
N ALA E 323 15.13 -3.72 -17.80
CA ALA E 323 14.84 -3.07 -19.08
C ALA E 323 16.04 -3.23 -20.03
N ALA E 324 17.23 -2.86 -19.53
CA ALA E 324 18.48 -2.93 -20.28
C ALA E 324 19.10 -4.34 -20.32
N ALA E 325 18.49 -5.33 -19.64
CA ALA E 325 18.97 -6.72 -19.56
C ALA E 325 19.23 -7.34 -20.92
N ALA E 326 18.29 -7.16 -21.86
CA ALA E 326 18.35 -7.70 -23.21
C ALA E 326 19.54 -7.17 -24.03
N SER E 327 19.77 -5.84 -23.99
CA SER E 327 20.85 -5.17 -24.70
C SER E 327 22.25 -5.47 -24.11
N ILE E 328 22.34 -5.64 -22.78
CA ILE E 328 23.58 -5.95 -22.08
C ILE E 328 23.95 -7.43 -22.28
N SER E 329 22.94 -8.30 -22.50
CA SER E 329 23.15 -9.72 -22.76
C SER E 329 23.83 -9.92 -24.11
N GLU E 330 23.46 -9.09 -25.12
CA GLU E 330 24.01 -9.13 -26.48
C GLU E 330 25.43 -8.53 -26.50
N HIS E 331 25.59 -7.30 -25.98
CA HIS E 331 26.85 -6.58 -25.90
C HIS E 331 27.05 -6.07 -24.47
N PRO E 332 27.98 -6.69 -23.69
CA PRO E 332 28.15 -6.29 -22.28
C PRO E 332 28.66 -4.87 -22.06
N GLN E 333 29.50 -4.35 -22.98
CA GLN E 333 30.09 -2.99 -22.91
C GLN E 333 29.05 -1.85 -22.89
N LYS E 334 27.78 -2.16 -23.28
CA LYS E 334 26.64 -1.23 -23.25
C LYS E 334 26.23 -0.91 -21.80
N ALA E 335 26.72 -1.71 -20.85
CA ALA E 335 26.45 -1.56 -19.42
C ALA E 335 26.74 -0.15 -18.94
N THR E 336 27.91 0.37 -19.27
CA THR E 336 28.39 1.70 -18.88
C THR E 336 27.38 2.79 -19.22
N THR E 337 26.96 2.80 -20.49
CA THR E 337 26.07 3.75 -21.13
C THR E 337 24.59 3.57 -20.73
N GLU E 338 24.11 2.32 -20.58
CA GLU E 338 22.70 2.00 -20.35
C GLU E 338 22.26 1.86 -18.88
N LEU E 339 23.14 2.14 -17.92
CA LEU E 339 22.76 2.06 -16.50
C LEU E 339 23.16 3.31 -15.71
N PRO E 340 22.52 4.50 -15.99
CA PRO E 340 22.89 5.72 -15.26
C PRO E 340 22.56 5.73 -13.78
N LEU E 341 21.40 5.14 -13.39
CA LEU E 341 20.94 5.06 -12.00
C LEU E 341 21.89 4.20 -11.17
N LEU E 342 22.31 3.03 -11.72
CA LEU E 342 23.23 2.10 -11.04
C LEU E 342 24.61 2.72 -10.88
N ARG E 343 25.03 3.54 -11.85
CA ARG E 343 26.31 4.26 -11.77
C ARG E 343 26.21 5.34 -10.68
N ALA E 344 25.02 5.98 -10.55
CA ALA E 344 24.72 7.01 -9.54
C ALA E 344 24.56 6.38 -8.15
N ALA E 345 24.18 5.09 -8.11
CA ALA E 345 24.02 4.36 -6.86
C ALA E 345 25.39 4.10 -6.28
N LEU E 346 26.39 3.89 -7.16
CA LEU E 346 27.78 3.65 -6.80
C LEU E 346 28.47 4.92 -6.31
N LYS E 347 28.14 6.08 -6.91
CA LYS E 347 28.74 7.36 -6.51
C LYS E 347 28.22 7.68 -5.12
N GLU E 348 26.94 7.36 -4.88
CA GLU E 348 26.27 7.56 -3.60
C GLU E 348 26.90 6.72 -2.47
N THR E 349 27.22 5.44 -2.74
CA THR E 349 27.83 4.49 -1.80
C THR E 349 29.24 4.97 -1.41
N LEU E 350 30.02 5.48 -2.40
CA LEU E 350 31.38 5.95 -2.18
C LEU E 350 31.42 7.29 -1.46
N ARG E 351 30.32 8.04 -1.55
CA ARG E 351 30.16 9.33 -0.91
C ARG E 351 29.98 9.11 0.60
N LEU E 352 29.04 8.20 0.97
CA LEU E 352 28.72 7.84 2.35
C LEU E 352 29.78 6.95 2.98
N TYR E 353 30.29 5.99 2.20
CA TYR E 353 31.29 5.05 2.67
C TYR E 353 32.58 5.09 1.81
N PRO E 354 33.52 6.04 2.08
CA PRO E 354 34.75 6.09 1.30
C PRO E 354 35.65 4.90 1.67
N VAL E 355 36.43 4.39 0.69
CA VAL E 355 37.35 3.26 0.87
C VAL E 355 38.51 3.71 1.76
N GLY E 356 39.11 4.83 1.43
CA GLY E 356 40.20 5.38 2.22
C GLY E 356 39.71 6.54 3.05
N LEU E 357 40.63 7.24 3.71
CA LEU E 357 40.25 8.35 4.57
C LEU E 357 40.39 9.71 3.96
N PHE E 358 41.66 10.12 3.66
CA PHE E 358 42.04 11.43 3.16
C PHE E 358 42.68 11.36 1.81
N LEU E 359 42.51 12.44 0.99
CA LEU E 359 43.21 12.65 -0.27
C LEU E 359 44.45 13.48 0.13
N GLU E 360 45.66 13.01 -0.23
CA GLU E 360 46.91 13.65 0.16
C GLU E 360 47.54 14.43 -0.99
N ARG E 361 48.12 15.62 -0.67
CA ARG E 361 48.86 16.45 -1.61
C ARG E 361 49.92 17.27 -0.86
N VAL E 362 51.19 17.03 -1.17
CA VAL E 362 52.32 17.78 -0.65
C VAL E 362 52.51 18.85 -1.72
N VAL E 363 51.91 20.02 -1.47
CA VAL E 363 51.85 21.17 -2.38
C VAL E 363 53.23 21.62 -2.86
N SER E 364 53.35 21.82 -4.18
CA SER E 364 54.56 22.23 -4.88
C SER E 364 54.86 23.74 -4.73
N SER E 365 53.80 24.56 -4.57
CA SER E 365 53.92 26.01 -4.41
C SER E 365 52.93 26.52 -3.38
N ASP E 366 53.15 27.77 -2.90
CA ASP E 366 52.31 28.46 -1.92
C ASP E 366 50.87 28.66 -2.44
N LEU E 367 49.89 28.62 -1.53
CA LEU E 367 48.47 28.79 -1.86
C LEU E 367 47.67 29.33 -0.68
N VAL E 368 46.47 29.85 -0.96
CA VAL E 368 45.61 30.37 0.08
C VAL E 368 44.40 29.46 0.23
N LEU E 369 44.24 28.83 1.39
CA LEU E 369 43.10 27.96 1.68
C LEU E 369 42.33 28.52 2.86
N GLN E 370 41.04 28.84 2.64
CA GLN E 370 40.13 29.41 3.64
C GLN E 370 40.68 30.71 4.28
N ASN E 371 41.28 31.60 3.45
CA ASN E 371 41.86 32.90 3.87
C ASN E 371 43.18 32.76 4.70
N TYR E 372 43.79 31.54 4.74
CA TYR E 372 45.05 31.25 5.43
C TYR E 372 46.20 30.96 4.49
N HIS E 373 47.42 31.34 4.90
CA HIS E 373 48.60 31.12 4.09
C HIS E 373 49.08 29.66 4.22
N ILE E 374 49.15 28.94 3.09
CA ILE E 374 49.64 27.58 3.04
C ILE E 374 51.00 27.60 2.32
N PRO E 375 52.13 27.39 3.05
CA PRO E 375 53.44 27.43 2.40
C PRO E 375 53.68 26.21 1.52
N ALA E 376 54.72 26.26 0.65
CA ALA E 376 55.07 25.14 -0.19
C ALA E 376 55.66 24.01 0.67
N GLY E 377 55.39 22.76 0.27
CA GLY E 377 55.84 21.57 0.97
C GLY E 377 54.97 21.20 2.15
N THR E 378 53.77 21.81 2.23
CA THR E 378 52.80 21.57 3.28
C THR E 378 51.90 20.41 2.85
N LEU E 379 51.68 19.45 3.76
CA LEU E 379 50.82 18.31 3.48
C LEU E 379 49.38 18.77 3.66
N VAL E 380 48.59 18.68 2.60
CA VAL E 380 47.17 19.07 2.60
C VAL E 380 46.34 17.81 2.46
N GLN E 381 45.50 17.52 3.45
CA GLN E 381 44.66 16.32 3.47
C GLN E 381 43.17 16.64 3.36
N VAL E 382 42.53 16.11 2.29
CA VAL E 382 41.10 16.30 2.05
C VAL E 382 40.38 15.14 2.68
N PHE E 383 39.64 15.44 3.76
CA PHE E 383 38.89 14.43 4.51
C PHE E 383 37.56 14.13 3.83
N LEU E 384 37.52 12.97 3.18
CA LEU E 384 36.43 12.51 2.34
C LEU E 384 35.18 12.10 3.10
N TYR E 385 35.33 11.50 4.30
CA TYR E 385 34.19 11.13 5.13
C TYR E 385 33.31 12.37 5.41
N SER E 386 33.94 13.51 5.82
CA SER E 386 33.30 14.78 6.13
C SER E 386 32.80 15.47 4.87
N LEU E 387 33.57 15.33 3.77
CA LEU E 387 33.23 15.93 2.48
C LEU E 387 31.85 15.45 2.01
N GLY E 388 31.64 14.13 2.04
CA GLY E 388 30.40 13.49 1.63
C GLY E 388 29.24 13.77 2.54
N ARG E 389 29.52 14.22 3.77
CA ARG E 389 28.52 14.52 4.79
C ARG E 389 28.12 16.01 4.84
N ASN E 390 28.78 16.85 3.98
CA ASN E 390 28.55 18.29 3.82
C ASN E 390 27.11 18.54 3.34
N ALA E 391 26.23 18.97 4.28
CA ALA E 391 24.82 19.23 4.04
C ALA E 391 24.57 20.26 2.95
N ALA E 392 25.43 21.29 2.85
CA ALA E 392 25.33 22.36 1.84
C ALA E 392 25.43 21.82 0.41
N LEU E 393 26.37 20.89 0.16
CA LEU E 393 26.55 20.29 -1.17
C LEU E 393 25.59 19.13 -1.44
N PHE E 394 25.37 18.29 -0.42
CA PHE E 394 24.50 17.13 -0.56
C PHE E 394 23.28 17.29 0.37
N PRO E 395 22.17 17.88 -0.14
CA PRO E 395 20.96 18.03 0.71
C PRO E 395 20.49 16.67 1.23
N ARG E 396 20.24 16.60 2.56
CA ARG E 396 19.90 15.38 3.31
C ARG E 396 21.08 14.39 3.12
N PRO E 397 22.29 14.68 3.67
CA PRO E 397 23.44 13.80 3.41
C PRO E 397 23.31 12.36 3.91
N GLU E 398 22.54 12.13 4.99
CA GLU E 398 22.32 10.79 5.56
C GLU E 398 21.44 9.91 4.67
N ARG E 399 20.65 10.55 3.77
CA ARG E 399 19.77 9.90 2.81
C ARG E 399 20.53 9.25 1.64
N TYR E 400 20.34 7.94 1.41
CA TYR E 400 20.95 7.24 0.28
C TYR E 400 20.03 7.45 -0.92
N ASN E 401 20.37 8.46 -1.74
CA ASN E 401 19.58 8.82 -2.92
C ASN E 401 20.44 8.94 -4.17
N PRO E 402 20.42 7.92 -5.07
CA PRO E 402 21.22 8.00 -6.29
C PRO E 402 20.75 9.06 -7.29
N GLN E 403 19.48 9.46 -7.19
CA GLN E 403 18.89 10.47 -8.07
C GLN E 403 19.61 11.84 -8.02
N ARG E 404 20.27 12.17 -6.88
CA ARG E 404 20.98 13.44 -6.67
C ARG E 404 22.10 13.70 -7.68
N TRP E 405 22.70 12.61 -8.18
CA TRP E 405 23.80 12.64 -9.14
C TRP E 405 23.34 12.95 -10.56
N LEU E 406 22.02 12.89 -10.81
CA LEU E 406 21.41 13.16 -12.12
C LEU E 406 20.73 14.54 -12.18
N ASP E 407 20.48 15.15 -10.99
CA ASP E 407 19.84 16.46 -10.82
C ASP E 407 20.75 17.64 -11.22
N ILE E 408 22.05 17.34 -11.47
CA ILE E 408 23.12 18.27 -11.87
C ILE E 408 23.51 18.08 -13.34
N HIS E 416 33.80 16.99 -11.63
CA HIS E 416 33.74 17.90 -10.48
C HIS E 416 34.17 17.18 -9.18
N HIS E 417 33.34 16.19 -8.72
CA HIS E 417 33.49 15.40 -7.49
C HIS E 417 34.74 14.53 -7.48
N VAL E 418 35.18 14.12 -6.27
CA VAL E 418 36.43 13.40 -6.07
C VAL E 418 36.27 12.01 -5.40
N PRO E 419 35.42 11.07 -5.86
CA PRO E 419 35.35 9.78 -5.16
C PRO E 419 36.64 8.95 -5.35
N PHE E 420 37.31 9.16 -6.52
CA PHE E 420 38.53 8.49 -7.01
C PHE E 420 39.73 9.46 -7.11
N GLY E 421 39.57 10.63 -6.49
CA GLY E 421 40.59 11.67 -6.44
C GLY E 421 40.40 12.71 -7.51
N PHE E 422 41.50 13.32 -7.98
CA PHE E 422 41.49 14.35 -9.00
C PHE E 422 42.81 14.42 -9.79
N GLY E 423 42.74 15.11 -10.93
CA GLY E 423 43.87 15.37 -11.81
C GLY E 423 44.49 14.13 -12.42
N MET E 424 45.81 14.19 -12.62
CA MET E 424 46.60 13.12 -13.23
C MET E 424 46.79 11.94 -12.29
N ARG E 425 46.76 12.23 -10.99
CA ARG E 425 46.93 11.22 -9.94
C ARG E 425 45.65 10.45 -9.65
N GLN E 426 44.53 10.86 -10.29
CA GLN E 426 43.20 10.26 -10.17
C GLN E 426 43.27 8.74 -10.32
N CYS E 427 42.70 7.96 -9.40
CA CYS E 427 42.70 6.47 -9.38
C CYS E 427 42.93 5.78 -10.74
N LEU E 428 43.87 4.82 -10.80
CA LEU E 428 44.18 4.06 -12.00
C LEU E 428 43.18 2.91 -12.23
N GLY E 429 42.73 2.32 -11.15
CA GLY E 429 41.77 1.22 -11.22
C GLY E 429 40.32 1.64 -11.30
N ARG E 430 40.05 2.95 -11.26
CA ARG E 430 38.73 3.58 -11.29
C ARG E 430 37.72 2.87 -12.21
N ARG E 431 38.03 2.74 -13.51
CA ARG E 431 37.11 2.11 -14.47
C ARG E 431 37.04 0.58 -14.37
N LEU E 432 38.06 -0.07 -13.78
CA LEU E 432 38.05 -1.52 -13.54
C LEU E 432 37.16 -1.81 -12.35
N ALA E 433 37.30 -1.03 -11.28
CA ALA E 433 36.53 -1.17 -10.05
C ALA E 433 35.08 -0.94 -10.35
N GLU E 434 34.74 0.15 -11.09
CA GLU E 434 33.38 0.48 -11.51
C GLU E 434 32.77 -0.71 -12.27
N ALA E 435 33.58 -1.35 -13.16
CA ALA E 435 33.23 -2.50 -14.02
C ALA E 435 32.81 -3.71 -13.20
N GLU E 436 33.55 -4.00 -12.15
CA GLU E 436 33.29 -5.11 -11.27
C GLU E 436 32.03 -4.89 -10.43
N MET E 437 31.81 -3.67 -9.98
CA MET E 437 30.68 -3.33 -9.13
C MET E 437 29.39 -3.25 -9.94
N LEU E 438 29.40 -2.54 -11.09
CA LEU E 438 28.24 -2.41 -11.96
C LEU E 438 27.67 -3.74 -12.40
N LEU E 439 28.52 -4.57 -13.00
CA LEU E 439 28.14 -5.86 -13.55
C LEU E 439 27.67 -6.85 -12.51
N LEU E 440 28.23 -6.84 -11.28
CA LEU E 440 27.76 -7.74 -10.22
C LEU E 440 26.35 -7.35 -9.80
N LEU E 441 26.17 -6.06 -9.47
CA LEU E 441 24.90 -5.47 -9.06
C LEU E 441 23.81 -5.63 -10.13
N HIS E 442 24.17 -5.45 -11.41
CA HIS E 442 23.23 -5.63 -12.52
C HIS E 442 22.64 -7.04 -12.51
N HIS E 443 23.49 -8.08 -12.43
CA HIS E 443 23.05 -9.47 -12.45
C HIS E 443 22.34 -9.90 -11.17
N VAL E 444 22.70 -9.39 -9.99
CA VAL E 444 21.95 -9.78 -8.79
C VAL E 444 20.58 -9.08 -8.76
N LEU E 445 20.48 -7.81 -9.23
CA LEU E 445 19.20 -7.09 -9.27
C LEU E 445 18.23 -7.74 -10.25
N LYS E 446 18.78 -8.33 -11.33
CA LYS E 446 18.03 -9.01 -12.39
C LYS E 446 17.23 -10.21 -11.87
N HIS E 447 17.82 -11.01 -10.95
CA HIS E 447 17.23 -12.25 -10.43
C HIS E 447 16.80 -12.26 -8.97
N PHE E 448 17.41 -11.41 -8.10
CA PHE E 448 17.12 -11.44 -6.66
C PHE E 448 16.58 -10.17 -6.05
N LEU E 449 15.99 -10.31 -4.86
CA LEU E 449 15.48 -9.25 -4.01
C LEU E 449 16.35 -9.33 -2.76
N VAL E 450 17.13 -8.27 -2.49
CA VAL E 450 18.00 -8.20 -1.32
C VAL E 450 17.23 -7.55 -0.17
N GLU E 451 17.16 -8.27 0.96
CA GLU E 451 16.41 -7.82 2.15
C GLU E 451 17.26 -8.00 3.41
N THR E 452 17.01 -7.17 4.44
CA THR E 452 17.67 -7.27 5.74
C THR E 452 16.84 -6.63 6.87
N LEU E 453 16.91 -7.24 8.07
CA LEU E 453 16.23 -6.70 9.25
C LEU E 453 17.16 -5.69 9.97
N THR E 454 18.47 -5.74 9.67
CA THR E 454 19.50 -4.85 10.23
C THR E 454 19.36 -3.45 9.60
N GLN E 455 18.71 -2.54 10.31
CA GLN E 455 18.51 -1.18 9.81
C GLN E 455 19.46 -0.19 10.50
N GLU E 456 20.22 -0.68 11.50
CA GLU E 456 21.21 0.10 12.23
C GLU E 456 22.43 0.25 11.34
N ASP E 457 22.91 1.50 11.21
CA ASP E 457 24.08 1.84 10.42
C ASP E 457 25.29 1.01 10.86
N ILE E 458 26.12 0.59 9.88
CA ILE E 458 27.29 -0.24 10.17
C ILE E 458 28.43 0.64 10.63
N LYS E 459 29.03 0.32 11.80
CA LYS E 459 30.18 1.04 12.34
C LYS E 459 31.42 0.69 11.52
N MET E 460 32.03 1.71 10.91
CA MET E 460 33.23 1.57 10.08
C MET E 460 34.47 1.54 10.99
N VAL E 461 35.50 0.79 10.58
CA VAL E 461 36.74 0.63 11.34
C VAL E 461 37.92 1.11 10.50
N TYR E 462 38.75 2.03 11.03
CA TYR E 462 39.91 2.50 10.27
C TYR E 462 41.12 1.57 10.44
N SER E 463 41.47 0.87 9.34
CA SER E 463 42.61 -0.02 9.23
C SER E 463 43.18 0.22 7.81
N PHE E 464 43.58 1.50 7.55
CA PHE E 464 44.09 2.07 6.29
C PHE E 464 42.92 2.21 5.30
N ILE E 465 42.15 1.14 5.18
CA ILE E 465 40.88 1.03 4.45
C ILE E 465 39.81 1.21 5.54
N LEU E 466 38.84 2.05 5.25
CA LEU E 466 37.67 2.30 6.09
C LEU E 466 36.77 1.08 5.83
N ARG E 467 36.91 0.04 6.67
CA ARG E 467 36.15 -1.20 6.47
C ARG E 467 35.04 -1.41 7.49
N PRO E 468 33.87 -1.96 7.08
CA PRO E 468 32.76 -2.19 8.04
C PRO E 468 33.10 -3.20 9.11
N GLY E 469 32.74 -2.88 10.34
CA GLY E 469 33.00 -3.74 11.47
C GLY E 469 32.07 -4.95 11.53
N THR E 470 30.89 -4.81 10.91
CA THR E 470 29.87 -5.84 10.89
C THR E 470 29.48 -6.19 9.46
N SER E 471 29.24 -7.48 9.20
CA SER E 471 28.73 -7.93 7.91
C SER E 471 27.31 -8.43 8.20
N PRO E 472 26.29 -7.69 7.73
CA PRO E 472 24.91 -8.08 8.02
C PRO E 472 24.42 -9.27 7.20
N LEU E 473 23.39 -9.94 7.73
CA LEU E 473 22.76 -11.07 7.08
C LEU E 473 21.82 -10.53 6.02
N LEU E 474 22.06 -10.93 4.76
CA LEU E 474 21.25 -10.48 3.64
C LEU E 474 20.49 -11.65 3.05
N THR E 475 19.18 -11.46 2.84
CA THR E 475 18.34 -12.48 2.25
C THR E 475 18.26 -12.20 0.77
N PHE E 476 18.60 -13.20 -0.02
CA PHE E 476 18.47 -13.09 -1.46
C PHE E 476 17.31 -14.00 -1.82
N ARG E 477 16.19 -13.39 -2.27
CA ARG E 477 14.97 -14.06 -2.69
C ARG E 477 14.86 -14.02 -4.22
N ALA E 478 14.68 -15.20 -4.86
CA ALA E 478 14.58 -15.29 -6.32
C ALA E 478 13.25 -14.75 -6.82
N ILE E 479 13.26 -14.16 -8.03
CA ILE E 479 12.05 -13.60 -8.65
C ILE E 479 11.33 -14.67 -9.48
N THR F 11 94.51 -62.11 -20.50
CA THR F 11 94.88 -62.77 -19.24
C THR F 11 94.09 -62.13 -18.08
N VAL F 12 93.83 -62.87 -16.97
CA VAL F 12 93.00 -62.36 -15.86
C VAL F 12 93.80 -61.92 -14.61
N LEU F 13 93.66 -60.63 -14.25
CA LEU F 13 94.30 -59.93 -13.13
C LEU F 13 93.66 -60.25 -11.77
N PRO F 14 94.43 -60.23 -10.65
CA PRO F 14 93.83 -60.50 -9.33
C PRO F 14 92.92 -59.35 -8.83
N PHE F 15 92.17 -59.61 -7.74
CA PHE F 15 91.23 -58.65 -7.15
C PHE F 15 91.91 -57.41 -6.59
N GLU F 16 93.02 -57.63 -5.85
CA GLU F 16 93.82 -56.61 -5.17
C GLU F 16 94.83 -55.93 -6.10
N ALA F 17 94.43 -55.73 -7.37
CA ALA F 17 95.18 -55.04 -8.42
C ALA F 17 94.30 -53.89 -8.84
N MET F 18 92.99 -54.10 -8.71
CA MET F 18 91.91 -53.17 -9.02
C MET F 18 92.09 -51.83 -8.30
N PRO F 19 91.78 -50.70 -8.98
CA PRO F 19 91.89 -49.39 -8.32
C PRO F 19 90.97 -49.28 -7.12
N GLN F 20 91.47 -48.69 -6.03
CA GLN F 20 90.72 -48.54 -4.79
C GLN F 20 90.19 -47.12 -4.64
N HIS F 21 88.98 -46.99 -4.06
CA HIS F 21 88.35 -45.70 -3.78
C HIS F 21 89.23 -44.96 -2.75
N PRO F 22 89.52 -43.64 -2.94
CA PRO F 22 90.40 -42.95 -1.98
C PRO F 22 89.81 -42.71 -0.60
N GLY F 23 88.48 -42.66 -0.50
CA GLY F 23 87.78 -42.46 0.76
C GLY F 23 87.53 -43.74 1.53
N ASN F 24 87.21 -43.60 2.83
CA ASN F 24 86.92 -44.76 3.69
C ASN F 24 85.42 -44.85 3.99
N ARG F 25 85.07 -45.68 4.99
CA ARG F 25 83.71 -45.94 5.44
C ARG F 25 83.26 -45.02 6.58
N TRP F 26 84.23 -44.51 7.37
CA TRP F 26 83.99 -43.67 8.54
C TRP F 26 83.83 -42.18 8.23
N LEU F 27 84.64 -41.62 7.29
CA LEU F 27 84.47 -40.22 6.90
C LEU F 27 83.17 -40.09 6.08
N ARG F 28 82.79 -41.20 5.42
CA ARG F 28 81.56 -41.37 4.64
C ARG F 28 80.39 -41.28 5.63
N LEU F 29 80.50 -42.04 6.74
CA LEU F 29 79.53 -42.10 7.82
C LEU F 29 79.46 -40.79 8.60
N LEU F 30 80.54 -39.99 8.58
CA LEU F 30 80.63 -38.70 9.28
C LEU F 30 79.86 -37.60 8.56
N GLN F 31 80.06 -37.46 7.24
CA GLN F 31 79.36 -36.45 6.43
C GLN F 31 77.88 -36.86 6.14
N ILE F 32 77.44 -37.98 6.75
CA ILE F 32 76.06 -38.49 6.67
C ILE F 32 75.35 -38.04 7.96
N TRP F 33 76.09 -38.07 9.09
CA TRP F 33 75.64 -37.64 10.40
C TRP F 33 75.70 -36.09 10.46
N ARG F 34 76.24 -35.46 9.40
CA ARG F 34 76.39 -34.02 9.25
C ARG F 34 75.36 -33.39 8.30
N GLU F 35 75.31 -33.88 7.05
CA GLU F 35 74.43 -33.37 5.99
C GLU F 35 72.95 -33.71 6.18
N GLN F 36 72.66 -34.77 6.97
CA GLN F 36 71.33 -35.38 7.22
C GLN F 36 70.94 -36.20 5.97
N GLY F 37 71.88 -37.04 5.51
CA GLY F 37 71.73 -37.88 4.32
C GLY F 37 72.80 -37.68 3.26
N TYR F 38 72.83 -38.57 2.24
CA TYR F 38 73.81 -38.47 1.15
C TYR F 38 73.20 -37.87 -0.12
N GLU F 39 73.21 -36.53 -0.20
CA GLU F 39 72.64 -35.76 -1.31
C GLU F 39 73.36 -35.99 -2.65
N HIS F 40 74.63 -35.58 -2.75
CA HIS F 40 75.46 -35.64 -3.96
C HIS F 40 76.16 -37.01 -4.23
N LEU F 41 75.63 -38.14 -3.71
CA LEU F 41 76.25 -39.46 -3.89
C LEU F 41 76.46 -39.85 -5.35
N HIS F 42 75.45 -39.60 -6.23
CA HIS F 42 75.54 -39.90 -7.67
C HIS F 42 76.68 -39.15 -8.36
N LEU F 43 76.84 -37.87 -8.02
CA LEU F 43 77.88 -36.99 -8.56
C LEU F 43 79.27 -37.37 -8.06
N GLU F 44 79.39 -37.78 -6.78
CA GLU F 44 80.63 -38.22 -6.14
C GLU F 44 81.14 -39.49 -6.82
N MET F 45 80.23 -40.46 -7.01
CA MET F 45 80.52 -41.76 -7.62
C MET F 45 80.92 -41.62 -9.08
N HIS F 46 80.21 -40.73 -9.81
CA HIS F 46 80.47 -40.45 -11.23
C HIS F 46 81.88 -39.91 -11.41
N GLN F 47 82.30 -38.99 -10.53
CA GLN F 47 83.61 -38.34 -10.53
C GLN F 47 84.73 -39.36 -10.27
N THR F 48 84.43 -40.36 -9.40
CA THR F 48 85.33 -41.45 -9.03
C THR F 48 85.63 -42.33 -10.26
N PHE F 49 84.59 -42.69 -11.05
CA PHE F 49 84.72 -43.49 -12.27
C PHE F 49 85.61 -42.80 -13.32
N GLN F 50 85.67 -41.47 -13.27
CA GLN F 50 86.51 -40.66 -14.14
C GLN F 50 87.95 -40.71 -13.67
N GLU F 51 88.20 -40.76 -12.35
CA GLU F 51 89.56 -40.78 -11.82
C GLU F 51 90.17 -42.18 -11.77
N LEU F 52 89.33 -43.23 -11.62
CA LEU F 52 89.84 -44.57 -11.42
C LEU F 52 89.55 -45.59 -12.54
N GLY F 53 88.65 -45.29 -13.45
CA GLY F 53 88.32 -46.19 -14.56
C GLY F 53 86.93 -46.77 -14.48
N PRO F 54 86.54 -47.70 -15.42
CA PRO F 54 85.17 -48.25 -15.39
C PRO F 54 84.88 -49.29 -14.30
N ILE F 55 85.89 -49.58 -13.45
CA ILE F 55 85.82 -50.56 -12.37
C ILE F 55 86.74 -50.12 -11.21
N PHE F 56 86.20 -50.15 -9.97
CA PHE F 56 86.93 -49.82 -8.75
C PHE F 56 86.35 -50.54 -7.53
N ARG F 57 87.22 -50.83 -6.55
CA ARG F 57 86.83 -51.50 -5.31
C ARG F 57 86.72 -50.52 -4.13
N TYR F 58 85.77 -50.77 -3.19
CA TYR F 58 85.56 -49.91 -2.00
C TYR F 58 86.21 -50.48 -0.73
N ASN F 59 86.51 -49.58 0.24
CA ASN F 59 87.11 -49.93 1.52
C ASN F 59 86.00 -50.21 2.57
N LEU F 60 85.77 -51.51 2.85
CA LEU F 60 84.74 -51.99 3.78
C LEU F 60 85.38 -53.00 4.74
N GLY F 62 85.99 -55.99 5.53
CA GLY F 62 85.23 -57.22 5.62
C GLY F 62 84.51 -57.55 4.33
N PRO F 63 83.32 -56.92 4.07
CA PRO F 63 82.61 -57.20 2.80
C PRO F 63 83.41 -56.73 1.57
N ARG F 64 83.44 -57.54 0.50
CA ARG F 64 84.14 -57.20 -0.74
C ARG F 64 83.17 -56.36 -1.57
N MET F 65 83.56 -55.15 -2.00
CA MET F 65 82.63 -54.31 -2.76
C MET F 65 83.25 -53.80 -4.05
N VAL F 66 82.60 -54.08 -5.20
CA VAL F 66 83.05 -53.71 -6.54
C VAL F 66 81.99 -52.82 -7.21
N CYS F 67 82.45 -51.74 -7.88
CA CYS F 67 81.59 -50.80 -8.60
C CYS F 67 81.88 -50.84 -10.10
N VAL F 68 80.82 -51.01 -10.91
CA VAL F 68 80.89 -51.09 -12.37
C VAL F 68 79.95 -50.09 -13.04
N MET F 69 80.15 -49.82 -14.33
CA MET F 69 79.34 -48.87 -15.10
C MET F 69 79.22 -49.23 -16.59
N LEU F 70 79.69 -50.42 -17.00
CA LEU F 70 79.64 -50.88 -18.39
C LEU F 70 78.57 -51.97 -18.63
N PRO F 71 77.85 -51.95 -19.81
CA PRO F 71 76.81 -52.98 -20.05
C PRO F 71 77.39 -54.38 -20.21
N GLU F 72 78.65 -54.47 -20.69
CA GLU F 72 79.37 -55.74 -20.83
C GLU F 72 79.54 -56.40 -19.46
N ASP F 73 79.54 -55.59 -18.36
CA ASP F 73 79.65 -56.06 -16.98
C ASP F 73 78.33 -56.66 -16.50
N VAL F 74 77.19 -56.09 -16.93
CA VAL F 74 75.84 -56.56 -16.62
C VAL F 74 75.57 -57.91 -17.32
N GLU F 75 76.01 -58.03 -18.61
CA GLU F 75 75.92 -59.22 -19.46
C GLU F 75 76.60 -60.39 -18.77
N LYS F 76 77.71 -60.11 -18.06
CA LYS F 76 78.51 -61.08 -17.30
C LYS F 76 77.91 -61.35 -15.92
N LEU F 77 77.29 -60.32 -15.31
CA LEU F 77 76.66 -60.40 -14.00
C LEU F 77 75.38 -61.21 -14.04
N GLN F 78 74.69 -61.21 -15.19
CA GLN F 78 73.46 -61.98 -15.43
C GLN F 78 73.81 -63.49 -15.47
N GLN F 79 74.98 -63.83 -16.06
CA GLN F 79 75.57 -65.18 -16.22
C GLN F 79 75.72 -65.95 -14.90
N VAL F 80 75.94 -65.20 -13.79
CA VAL F 80 76.23 -65.72 -12.45
C VAL F 80 75.01 -65.68 -11.49
N ASP F 81 73.86 -65.12 -11.97
CA ASP F 81 72.62 -64.93 -11.21
C ASP F 81 72.21 -66.08 -10.29
N SER F 82 72.24 -67.33 -10.80
CA SER F 82 71.84 -68.56 -10.11
C SER F 82 70.33 -68.62 -9.85
N LEU F 83 69.87 -69.65 -9.11
CA LEU F 83 68.46 -69.85 -8.77
C LEU F 83 67.96 -68.73 -7.87
N HIS F 84 68.81 -68.26 -6.95
CA HIS F 84 68.44 -67.21 -5.99
C HIS F 84 69.36 -65.99 -6.08
N PRO F 85 69.13 -65.08 -7.05
CA PRO F 85 69.99 -63.88 -7.15
C PRO F 85 69.87 -63.03 -5.90
N CYS F 86 71.01 -62.77 -5.25
CA CYS F 86 71.01 -62.03 -3.99
C CYS F 86 71.36 -60.53 -4.11
N ARG F 87 70.61 -59.72 -3.36
CA ARG F 87 70.81 -58.29 -3.21
C ARG F 87 71.14 -58.03 -1.72
N MET F 88 71.71 -56.84 -1.37
CA MET F 88 71.98 -56.53 0.04
C MET F 88 70.63 -56.22 0.72
N ILE F 89 70.41 -56.82 1.90
CA ILE F 89 69.19 -56.64 2.68
C ILE F 89 69.13 -55.22 3.23
N LEU F 90 68.02 -54.54 2.94
CA LEU F 90 67.80 -53.17 3.36
C LEU F 90 67.29 -53.16 4.78
N GLU F 91 68.24 -53.13 5.72
CA GLU F 91 68.01 -53.20 7.17
C GLU F 91 66.89 -52.27 7.72
N PRO F 92 66.79 -50.94 7.40
CA PRO F 92 65.70 -50.13 7.97
C PRO F 92 64.28 -50.60 7.63
N TRP F 93 64.03 -50.98 6.36
CA TRP F 93 62.74 -51.46 5.87
C TRP F 93 62.35 -52.80 6.50
N VAL F 94 63.32 -53.76 6.53
CA VAL F 94 63.16 -55.11 7.10
C VAL F 94 62.89 -55.02 8.59
N ALA F 95 63.59 -54.10 9.29
CA ALA F 95 63.43 -53.86 10.72
C ALA F 95 62.01 -53.50 11.09
N TYR F 96 61.32 -52.70 10.23
CA TYR F 96 59.92 -52.32 10.48
C TYR F 96 59.02 -53.57 10.39
N ARG F 97 59.23 -54.41 9.35
CA ARG F 97 58.46 -55.63 9.12
C ARG F 97 58.57 -56.58 10.31
N GLN F 98 59.82 -56.81 10.82
CA GLN F 98 60.12 -57.69 11.97
C GLN F 98 59.48 -57.17 13.25
N HIS F 99 59.58 -55.84 13.49
CA HIS F 99 59.02 -55.16 14.66
C HIS F 99 57.50 -55.22 14.70
N ARG F 100 56.87 -55.03 13.52
CA ARG F 100 55.41 -55.05 13.42
C ARG F 100 54.82 -56.46 13.14
N GLY F 101 55.68 -57.44 12.90
CA GLY F 101 55.28 -58.82 12.69
C GLY F 101 54.80 -59.23 11.32
N HIS F 102 54.84 -58.35 10.30
CA HIS F 102 54.44 -58.82 8.96
C HIS F 102 55.60 -59.31 8.14
N LYS F 103 55.27 -60.04 7.10
CA LYS F 103 56.25 -60.65 6.21
C LYS F 103 56.84 -59.64 5.26
N CYS F 104 57.97 -59.99 4.64
CA CYS F 104 58.64 -59.16 3.64
C CYS F 104 58.16 -59.52 2.26
N GLY F 105 58.04 -58.52 1.43
CA GLY F 105 57.65 -58.71 0.04
C GLY F 105 58.86 -59.07 -0.82
N VAL F 106 58.60 -59.42 -2.08
CA VAL F 106 59.58 -59.84 -3.09
C VAL F 106 60.81 -58.89 -3.23
N PHE F 107 60.63 -57.59 -2.97
CA PHE F 107 61.68 -56.57 -3.05
C PHE F 107 62.71 -56.71 -1.91
N LEU F 108 62.26 -57.07 -0.70
CA LEU F 108 63.12 -57.24 0.48
C LEU F 108 63.53 -58.70 0.76
N LEU F 109 62.97 -59.67 0.03
CA LEU F 109 63.27 -61.08 0.23
C LEU F 109 64.54 -61.53 -0.48
N ASN F 110 65.03 -62.74 -0.12
CA ASN F 110 66.23 -63.39 -0.64
C ASN F 110 66.09 -64.87 -0.50
N GLY F 111 66.68 -65.58 -1.44
CA GLY F 111 66.73 -67.03 -1.41
C GLY F 111 65.46 -67.78 -1.75
N PRO F 112 65.26 -68.99 -1.13
CA PRO F 112 64.07 -69.81 -1.45
C PRO F 112 62.74 -69.12 -1.15
N GLU F 113 62.70 -68.26 -0.10
CA GLU F 113 61.51 -67.52 0.28
C GLU F 113 61.12 -66.52 -0.82
N TRP F 114 62.14 -65.89 -1.44
CA TRP F 114 61.95 -64.93 -2.53
C TRP F 114 61.36 -65.62 -3.76
N ARG F 115 61.95 -66.77 -4.15
CA ARG F 115 61.59 -67.55 -5.35
C ARG F 115 60.12 -67.99 -5.33
N PHE F 116 59.64 -68.45 -4.16
CA PHE F 116 58.26 -68.88 -3.96
C PHE F 116 57.30 -67.73 -4.26
N ASN F 117 57.58 -66.55 -3.69
CA ASN F 117 56.79 -65.33 -3.86
C ASN F 117 56.82 -64.85 -5.31
N ARG F 118 58.04 -64.56 -5.87
CA ARG F 118 58.30 -64.08 -7.23
C ARG F 118 57.54 -64.85 -8.32
N LEU F 119 57.58 -66.21 -8.24
CA LEU F 119 56.93 -67.10 -9.20
C LEU F 119 55.40 -67.05 -9.17
N ARG F 120 54.84 -66.75 -7.98
CA ARG F 120 53.40 -66.63 -7.76
C ARG F 120 52.86 -65.22 -8.03
N LEU F 121 53.76 -64.25 -8.28
CA LEU F 121 53.41 -62.87 -8.56
C LEU F 121 53.50 -62.52 -10.04
N ASN F 122 54.55 -63.03 -10.74
CA ASN F 122 54.76 -62.81 -12.18
C ASN F 122 53.52 -63.01 -13.07
N PRO F 123 52.67 -64.05 -12.89
CA PRO F 123 51.52 -64.20 -13.80
C PRO F 123 50.44 -63.14 -13.73
N ASP F 124 50.39 -62.34 -12.64
CA ASP F 124 49.34 -61.32 -12.47
C ASP F 124 49.87 -59.87 -12.42
N VAL F 125 51.19 -59.69 -12.26
CA VAL F 125 51.79 -58.36 -12.18
C VAL F 125 52.62 -57.99 -13.45
N LEU F 126 53.41 -58.94 -13.96
CA LEU F 126 54.35 -58.70 -15.05
C LEU F 126 54.03 -59.33 -16.42
N SER F 127 53.60 -60.62 -16.48
CA SER F 127 53.32 -61.37 -17.72
C SER F 127 52.45 -60.59 -18.74
N PRO F 128 52.65 -60.77 -20.08
CA PRO F 128 51.87 -60.02 -21.07
C PRO F 128 50.37 -60.18 -21.00
N LYS F 129 49.90 -61.38 -20.58
CA LYS F 129 48.48 -61.71 -20.42
C LYS F 129 47.81 -60.80 -19.37
N ALA F 130 48.52 -60.51 -18.27
CA ALA F 130 48.07 -59.63 -17.19
C ALA F 130 48.00 -58.17 -17.64
N VAL F 131 49.00 -57.74 -18.44
CA VAL F 131 49.12 -56.37 -18.99
C VAL F 131 47.93 -56.06 -19.88
N GLN F 132 47.50 -57.04 -20.70
CA GLN F 132 46.35 -56.93 -21.60
C GLN F 132 45.06 -56.60 -20.84
N ARG F 133 44.97 -57.03 -19.56
CA ARG F 133 43.81 -56.85 -18.71
C ARG F 133 43.79 -55.52 -17.92
N PHE F 134 44.94 -55.09 -17.35
CA PHE F 134 44.97 -53.85 -16.58
C PHE F 134 45.26 -52.60 -17.42
N LEU F 135 45.85 -52.78 -18.61
CA LEU F 135 46.17 -51.64 -19.47
C LEU F 135 44.96 -50.78 -19.82
N PRO F 136 43.79 -51.31 -20.26
CA PRO F 136 42.67 -50.41 -20.57
C PRO F 136 42.20 -49.60 -19.36
N MET F 137 42.42 -50.12 -18.13
CA MET F 137 42.05 -49.44 -16.87
C MET F 137 42.94 -48.21 -16.69
N VAL F 138 44.27 -48.39 -16.93
CA VAL F 138 45.27 -47.31 -16.85
C VAL F 138 44.96 -46.23 -17.92
N ASP F 139 44.59 -46.65 -19.13
CA ASP F 139 44.22 -45.77 -20.25
C ASP F 139 43.09 -44.82 -19.84
N ALA F 140 42.06 -45.33 -19.12
CA ALA F 140 40.90 -44.55 -18.65
C ALA F 140 41.34 -43.42 -17.73
N VAL F 141 42.32 -43.69 -16.84
CA VAL F 141 42.87 -42.71 -15.90
C VAL F 141 43.67 -41.67 -16.69
N ALA F 142 44.52 -42.13 -17.63
CA ALA F 142 45.32 -41.25 -18.47
C ALA F 142 44.43 -40.28 -19.21
N ARG F 143 43.33 -40.81 -19.84
CA ARG F 143 42.33 -40.04 -20.60
C ARG F 143 41.77 -38.93 -19.72
N ASP F 144 41.41 -39.28 -18.46
CA ASP F 144 40.85 -38.38 -17.46
C ASP F 144 41.80 -37.28 -17.06
N PHE F 145 43.12 -37.56 -17.03
CA PHE F 145 44.14 -36.57 -16.70
C PHE F 145 44.19 -35.50 -17.78
N SER F 146 44.27 -35.91 -19.05
CA SER F 146 44.33 -35.01 -20.19
C SER F 146 43.04 -34.20 -20.34
N GLN F 147 41.87 -34.85 -20.14
CA GLN F 147 40.54 -34.23 -20.23
C GLN F 147 40.35 -33.18 -19.16
N ALA F 148 40.76 -33.49 -17.92
CA ALA F 148 40.67 -32.58 -16.76
C ALA F 148 41.54 -31.37 -17.00
N LEU F 149 42.77 -31.59 -17.54
CA LEU F 149 43.74 -30.56 -17.87
C LEU F 149 43.18 -29.64 -18.94
N LYS F 150 42.61 -30.22 -20.02
CA LYS F 150 41.99 -29.50 -21.13
C LYS F 150 40.85 -28.59 -20.66
N LYS F 151 40.07 -29.04 -19.65
CA LYS F 151 38.97 -28.28 -19.08
C LYS F 151 39.48 -26.98 -18.43
N LYS F 152 40.60 -27.08 -17.69
CA LYS F 152 41.23 -25.93 -17.02
C LYS F 152 41.86 -24.97 -18.03
N VAL F 153 42.57 -25.52 -19.03
CA VAL F 153 43.25 -24.81 -20.12
C VAL F 153 42.28 -23.91 -20.88
N LEU F 154 41.13 -24.46 -21.29
CA LEU F 154 40.11 -23.74 -22.07
C LEU F 154 39.36 -22.64 -21.27
N GLN F 155 39.60 -22.55 -19.95
CA GLN F 155 39.00 -21.51 -19.12
C GLN F 155 39.84 -20.22 -19.14
N ASN F 156 41.12 -20.33 -19.58
CA ASN F 156 42.06 -19.22 -19.68
C ASN F 156 42.02 -18.60 -21.06
N ALA F 157 42.01 -17.25 -21.11
CA ALA F 157 41.93 -16.47 -22.35
C ALA F 157 42.98 -16.82 -23.39
N ARG F 158 44.20 -17.17 -22.96
CA ARG F 158 45.29 -17.56 -23.84
C ARG F 158 45.21 -19.02 -24.30
N GLY F 159 44.23 -19.76 -23.76
CA GLY F 159 44.01 -21.17 -24.06
C GLY F 159 45.21 -22.02 -23.71
N SER F 160 45.79 -21.74 -22.53
CA SER F 160 46.98 -22.43 -22.00
C SER F 160 47.03 -22.36 -20.47
N LEU F 161 47.76 -23.30 -19.85
CA LEU F 161 47.93 -23.35 -18.40
C LEU F 161 49.39 -23.59 -18.00
N THR F 162 49.96 -22.65 -17.24
CA THR F 162 51.33 -22.74 -16.75
C THR F 162 51.28 -23.15 -15.27
N LEU F 163 51.89 -24.31 -14.94
CA LEU F 163 51.84 -24.86 -13.58
C LEU F 163 53.01 -25.78 -13.20
N ASP F 164 53.07 -26.10 -11.89
CA ASP F 164 54.00 -27.05 -11.30
C ASP F 164 53.24 -28.37 -11.46
N VAL F 165 53.71 -29.22 -12.38
CA VAL F 165 52.99 -30.44 -12.74
C VAL F 165 53.29 -31.60 -11.79
N GLN F 166 54.28 -31.48 -10.90
CA GLN F 166 54.62 -32.51 -9.91
C GLN F 166 53.39 -32.99 -9.06
N PRO F 167 52.60 -32.13 -8.33
CA PRO F 167 51.46 -32.66 -7.56
C PRO F 167 50.43 -33.42 -8.40
N SER F 168 50.03 -32.85 -9.55
CA SER F 168 49.06 -33.47 -10.46
C SER F 168 49.51 -34.84 -11.01
N ILE F 169 50.81 -34.97 -11.34
CA ILE F 169 51.44 -36.19 -11.85
C ILE F 169 51.48 -37.24 -10.76
N PHE F 170 51.75 -36.82 -9.53
CA PHE F 170 51.78 -37.71 -8.36
C PHE F 170 50.43 -38.33 -8.11
N HIS F 171 49.36 -37.51 -8.18
CA HIS F 171 48.00 -37.98 -7.97
C HIS F 171 47.54 -38.89 -9.11
N TYR F 172 48.16 -38.78 -10.30
CA TYR F 172 47.88 -39.66 -11.44
C TYR F 172 48.44 -41.05 -11.12
N THR F 173 49.70 -41.11 -10.67
CA THR F 173 50.36 -42.35 -10.31
C THR F 173 49.59 -43.06 -9.24
N ILE F 174 49.03 -42.32 -8.25
CA ILE F 174 48.23 -42.89 -7.15
C ILE F 174 46.94 -43.48 -7.71
N GLU F 175 46.20 -42.69 -8.51
CA GLU F 175 44.92 -43.08 -9.10
C GLU F 175 45.02 -44.30 -10.03
N ALA F 176 45.96 -44.29 -10.98
CA ALA F 176 46.15 -45.37 -11.95
C ALA F 176 46.64 -46.63 -11.26
N SER F 177 47.58 -46.53 -10.29
CA SER F 177 48.08 -47.71 -9.57
C SER F 177 47.00 -48.37 -8.72
N ASN F 178 46.19 -47.58 -7.99
CA ASN F 178 45.10 -48.10 -7.17
C ASN F 178 44.07 -48.80 -8.04
N LEU F 179 43.76 -48.24 -9.22
CA LEU F 179 42.80 -48.85 -10.14
C LEU F 179 43.37 -50.13 -10.74
N ALA F 180 44.66 -50.12 -11.10
CA ALA F 180 45.29 -51.30 -11.68
C ALA F 180 45.47 -52.42 -10.66
N LEU F 181 45.78 -52.08 -9.39
CA LEU F 181 45.99 -53.05 -8.32
C LEU F 181 44.70 -53.53 -7.66
N PHE F 182 43.84 -52.59 -7.22
CA PHE F 182 42.64 -52.88 -6.48
C PHE F 182 41.32 -52.73 -7.24
N GLY F 183 41.34 -52.09 -8.40
CA GLY F 183 40.13 -51.88 -9.20
C GLY F 183 39.19 -50.87 -8.56
N GLU F 184 39.75 -49.81 -7.96
CA GLU F 184 39.01 -48.75 -7.31
C GLU F 184 39.48 -47.39 -7.79
N ARG F 185 38.53 -46.53 -8.19
CA ARG F 185 38.85 -45.17 -8.61
C ARG F 185 38.84 -44.31 -7.36
N LEU F 186 39.95 -43.62 -7.05
CA LEU F 186 40.04 -42.81 -5.83
C LEU F 186 39.50 -41.40 -5.99
N GLY F 187 39.32 -40.99 -7.25
CA GLY F 187 38.81 -39.66 -7.61
C GLY F 187 39.77 -38.52 -7.33
N LEU F 188 41.07 -38.77 -7.55
CA LEU F 188 42.13 -37.80 -7.33
C LEU F 188 42.45 -37.03 -8.59
N VAL F 189 42.25 -37.68 -9.76
CA VAL F 189 42.49 -37.10 -11.08
C VAL F 189 41.35 -36.14 -11.45
N GLY F 190 41.70 -34.87 -11.62
CA GLY F 190 40.76 -33.82 -11.96
C GLY F 190 40.05 -33.19 -10.78
N HIS F 191 40.47 -33.57 -9.55
CA HIS F 191 39.89 -33.05 -8.30
C HIS F 191 40.98 -32.62 -7.33
N SER F 192 40.58 -31.91 -6.26
CA SER F 192 41.48 -31.47 -5.20
C SER F 192 42.09 -32.70 -4.48
N PRO F 193 43.37 -32.64 -4.06
CA PRO F 193 43.98 -33.81 -3.38
C PRO F 193 43.41 -34.07 -2.00
N SER F 194 43.16 -35.35 -1.70
CA SER F 194 42.61 -35.76 -0.41
C SER F 194 43.68 -35.69 0.67
N SER F 195 43.26 -35.43 1.93
CA SER F 195 44.15 -35.35 3.09
C SER F 195 44.93 -36.66 3.23
N ALA F 196 44.22 -37.79 3.04
CA ALA F 196 44.76 -39.15 3.10
C ALA F 196 45.89 -39.38 2.08
N SER F 197 45.72 -38.86 0.83
CA SER F 197 46.71 -38.98 -0.24
C SER F 197 47.95 -38.14 0.06
N LEU F 198 47.74 -36.88 0.48
CA LEU F 198 48.81 -35.93 0.82
C LEU F 198 49.68 -36.44 1.96
N ASN F 199 49.06 -37.10 2.95
CA ASN F 199 49.76 -37.69 4.10
C ASN F 199 50.61 -38.88 3.67
N PHE F 200 50.06 -39.71 2.77
CA PHE F 200 50.71 -40.89 2.21
C PHE F 200 51.97 -40.48 1.44
N LEU F 201 51.85 -39.47 0.55
CA LEU F 201 52.95 -38.91 -0.27
C LEU F 201 54.11 -38.40 0.59
N HIS F 202 53.78 -37.66 1.67
CA HIS F 202 54.74 -37.11 2.60
C HIS F 202 55.38 -38.21 3.44
N ALA F 203 54.59 -39.27 3.81
CA ALA F 203 55.08 -40.43 4.56
C ALA F 203 56.16 -41.11 3.74
N LEU F 204 55.95 -41.25 2.41
CA LEU F 204 56.94 -41.84 1.49
C LEU F 204 58.19 -40.97 1.44
N GLU F 205 58.01 -39.65 1.28
CA GLU F 205 59.08 -38.67 1.23
C GLU F 205 60.01 -38.76 2.43
N VAL F 206 59.41 -38.85 3.63
CA VAL F 206 60.09 -39.01 4.93
C VAL F 206 60.77 -40.39 5.02
N MET F 207 60.04 -41.45 4.58
CA MET F 207 60.52 -42.84 4.58
C MET F 207 61.84 -42.97 3.82
N PHE F 208 61.92 -42.43 2.58
CA PHE F 208 63.12 -42.48 1.74
C PHE F 208 64.27 -41.67 2.34
N LYS F 209 63.96 -40.44 2.82
CA LYS F 209 64.92 -39.53 3.48
C LYS F 209 65.65 -40.27 4.60
N SER F 210 64.88 -40.82 5.58
CA SER F 210 65.40 -41.56 6.73
C SER F 210 66.11 -42.86 6.37
N THR F 211 65.76 -43.49 5.21
CA THR F 211 66.41 -44.73 4.72
C THR F 211 67.91 -44.47 4.52
N VAL F 212 68.27 -43.45 3.73
CA VAL F 212 69.66 -43.05 3.43
C VAL F 212 70.48 -42.84 4.71
N GLN F 213 69.89 -42.15 5.71
CA GLN F 213 70.54 -41.87 7.00
C GLN F 213 70.90 -43.16 7.75
N LEU F 214 70.03 -44.18 7.71
CA LEU F 214 70.19 -45.45 8.42
C LEU F 214 70.81 -46.58 7.57
N MET F 215 70.98 -46.33 6.27
CA MET F 215 71.45 -47.27 5.24
C MET F 215 72.88 -47.72 5.31
N PHE F 216 73.81 -46.82 5.70
CA PHE F 216 75.25 -47.10 5.65
C PHE F 216 75.93 -47.47 7.00
N MET F 217 75.13 -47.72 8.06
CA MET F 217 75.67 -48.12 9.36
C MET F 217 74.91 -49.28 10.01
N PRO F 218 75.56 -50.15 10.83
CA PRO F 218 74.84 -51.29 11.43
C PRO F 218 73.71 -50.92 12.40
N ARG F 219 72.74 -51.86 12.60
CA ARG F 219 71.59 -51.67 13.49
C ARG F 219 72.09 -51.21 14.84
N SER F 220 73.12 -51.88 15.35
CA SER F 220 73.78 -51.64 16.63
C SER F 220 74.22 -50.17 16.81
N LEU F 221 74.97 -49.64 15.83
CA LEU F 221 75.51 -48.28 15.85
C LEU F 221 74.45 -47.17 15.76
N SER F 222 73.59 -47.24 14.73
CA SER F 222 72.52 -46.29 14.46
C SER F 222 71.47 -46.17 15.58
N ARG F 223 71.25 -47.26 16.35
CA ARG F 223 70.29 -47.34 17.45
C ARG F 223 70.41 -46.18 18.42
N TRP F 224 71.64 -45.87 18.86
CA TRP F 224 71.98 -44.82 19.82
C TRP F 224 72.51 -43.52 19.19
N ILE F 225 73.07 -43.62 17.96
CA ILE F 225 73.62 -42.48 17.21
C ILE F 225 72.49 -41.65 16.62
N SER F 226 71.49 -42.31 16.05
CA SER F 226 70.34 -41.69 15.43
C SER F 226 69.02 -42.34 15.91
N PRO F 227 68.64 -42.20 17.22
CA PRO F 227 67.38 -42.85 17.67
C PRO F 227 66.14 -42.17 17.12
N LYS F 228 66.18 -40.83 17.01
CA LYS F 228 65.08 -40.01 16.52
C LYS F 228 64.85 -40.21 15.01
N VAL F 229 65.89 -40.66 14.29
CA VAL F 229 65.83 -40.97 12.85
C VAL F 229 65.09 -42.30 12.72
N TRP F 230 65.41 -43.28 13.62
CA TRP F 230 64.76 -44.58 13.67
C TRP F 230 63.26 -44.39 13.92
N LYS F 231 62.91 -43.57 14.95
CA LYS F 231 61.53 -43.23 15.31
C LYS F 231 60.78 -42.59 14.12
N GLU F 232 61.43 -41.61 13.42
CA GLU F 232 60.86 -40.92 12.25
C GLU F 232 60.62 -41.86 11.07
N HIS F 233 61.53 -42.82 10.87
CA HIS F 233 61.44 -43.83 9.82
C HIS F 233 60.19 -44.70 10.06
N PHE F 234 60.08 -45.33 11.26
CA PHE F 234 58.97 -46.21 11.66
C PHE F 234 57.62 -45.51 11.64
N GLU F 235 57.59 -44.21 12.07
CA GLU F 235 56.39 -43.36 12.04
C GLU F 235 55.90 -43.17 10.61
N ALA F 236 56.83 -43.06 9.63
CA ALA F 236 56.56 -42.89 8.20
C ALA F 236 55.95 -44.15 7.63
N TRP F 237 56.50 -45.32 8.03
CA TRP F 237 56.04 -46.64 7.62
C TRP F 237 54.67 -46.93 8.21
N ASP F 238 54.43 -46.55 9.50
CA ASP F 238 53.14 -46.71 10.18
C ASP F 238 52.02 -46.04 9.39
N CYS F 239 52.32 -44.88 8.78
CA CYS F 239 51.40 -44.13 7.96
C CYS F 239 51.21 -44.80 6.59
N ILE F 240 52.32 -45.24 5.95
CA ILE F 240 52.30 -45.92 4.65
C ILE F 240 51.48 -47.21 4.75
N PHE F 241 51.73 -47.99 5.82
CA PHE F 241 51.06 -49.25 6.09
C PHE F 241 49.59 -49.07 6.40
N GLN F 242 49.21 -47.96 7.09
CA GLN F 242 47.83 -47.62 7.40
C GLN F 242 47.05 -47.42 6.09
N TYR F 243 47.66 -46.71 5.12
CA TYR F 243 47.08 -46.42 3.80
C TYR F 243 46.85 -47.70 3.02
N GLY F 244 47.91 -48.50 2.88
CA GLY F 244 47.88 -49.75 2.15
C GLY F 244 46.97 -50.80 2.75
N ASP F 245 46.94 -50.89 4.09
CA ASP F 245 46.09 -51.87 4.77
C ASP F 245 44.61 -51.56 4.56
N ASN F 246 44.26 -50.27 4.49
CA ASN F 246 42.89 -49.81 4.25
C ASN F 246 42.41 -50.33 2.88
N CYS F 247 43.30 -50.33 1.85
CA CYS F 247 43.01 -50.82 0.49
C CYS F 247 42.81 -52.33 0.51
N ILE F 248 43.70 -53.05 1.21
CA ILE F 248 43.70 -54.50 1.34
C ILE F 248 42.46 -54.98 2.13
N GLN F 249 42.02 -54.24 3.17
CA GLN F 249 40.86 -54.62 3.97
C GLN F 249 39.56 -54.45 3.19
N LYS F 250 39.50 -53.44 2.30
CA LYS F 250 38.38 -53.16 1.42
C LYS F 250 38.19 -54.30 0.40
N ILE F 251 39.27 -54.64 -0.34
CA ILE F 251 39.26 -55.68 -1.39
C ILE F 251 39.01 -57.09 -0.80
N TYR F 252 39.57 -57.39 0.39
CA TYR F 252 39.40 -58.69 1.04
C TYR F 252 37.95 -58.92 1.47
N GLN F 253 37.26 -57.86 1.90
CA GLN F 253 35.86 -57.95 2.33
C GLN F 253 34.94 -58.08 1.11
N GLU F 254 35.25 -57.30 0.04
CA GLU F 254 34.49 -57.28 -1.22
C GLU F 254 34.53 -58.67 -1.90
N LEU F 255 35.71 -59.32 -1.85
CA LEU F 255 35.94 -60.63 -2.46
C LEU F 255 35.42 -61.79 -1.61
N ALA F 256 35.35 -61.60 -0.28
CA ALA F 256 34.86 -62.63 0.64
C ALA F 256 33.39 -62.90 0.42
N PHE F 257 32.63 -61.89 -0.05
CA PHE F 257 31.19 -61.99 -0.26
C PHE F 257 30.78 -62.29 -1.69
N ASN F 258 31.66 -62.00 -2.67
CA ASN F 258 31.39 -62.29 -4.08
C ASN F 258 32.66 -62.36 -4.91
N ARG F 259 32.82 -63.47 -5.65
CA ARG F 259 33.92 -63.72 -6.59
C ARG F 259 33.48 -63.17 -7.96
N PRO F 260 34.10 -62.10 -8.48
CA PRO F 260 33.63 -61.54 -9.75
C PRO F 260 34.04 -62.36 -10.98
N GLN F 261 33.21 -62.29 -12.02
CA GLN F 261 33.48 -62.98 -13.27
C GLN F 261 34.55 -62.24 -14.09
N HIS F 262 34.46 -60.92 -14.13
CA HIS F 262 35.36 -60.04 -14.87
C HIS F 262 36.60 -59.63 -14.06
N TYR F 263 37.61 -59.08 -14.75
CA TYR F 263 38.86 -58.62 -14.16
C TYR F 263 38.61 -57.38 -13.31
N THR F 264 39.09 -57.41 -12.05
CA THR F 264 38.92 -56.30 -11.09
C THR F 264 40.24 -55.91 -10.42
N GLY F 265 41.35 -56.08 -11.13
CA GLY F 265 42.67 -55.71 -10.62
C GLY F 265 43.63 -56.85 -10.32
N ILE F 266 44.92 -56.48 -10.13
CA ILE F 266 46.08 -57.35 -9.84
C ILE F 266 45.90 -58.09 -8.52
N VAL F 267 45.66 -57.32 -7.42
CA VAL F 267 45.50 -57.84 -6.05
C VAL F 267 44.31 -58.81 -5.96
N ALA F 268 43.18 -58.46 -6.62
CA ALA F 268 42.00 -59.31 -6.72
C ALA F 268 42.38 -60.70 -7.25
N GLU F 269 43.17 -60.74 -8.35
CA GLU F 269 43.63 -61.98 -8.98
C GLU F 269 44.48 -62.85 -8.05
N LEU F 270 45.37 -62.21 -7.26
CA LEU F 270 46.25 -62.89 -6.28
C LEU F 270 45.45 -63.52 -5.14
N LEU F 271 44.46 -62.78 -4.63
CA LEU F 271 43.58 -63.21 -3.55
C LEU F 271 42.67 -64.37 -3.98
N LEU F 272 42.18 -64.32 -5.23
CA LEU F 272 41.31 -65.36 -5.80
C LEU F 272 42.08 -66.65 -6.06
N LYS F 273 43.35 -66.53 -6.48
CA LYS F 273 44.24 -67.66 -6.75
C LYS F 273 44.64 -68.34 -5.44
N ALA F 274 44.84 -67.53 -4.38
CA ALA F 274 45.22 -67.96 -3.02
C ALA F 274 46.43 -68.93 -2.99
N GLU F 275 47.43 -68.67 -3.86
CA GLU F 275 48.65 -69.45 -3.96
C GLU F 275 49.60 -69.04 -2.82
N LEU F 276 49.58 -67.74 -2.45
CA LEU F 276 50.38 -67.15 -1.35
C LEU F 276 49.52 -66.94 -0.07
N SER F 277 50.13 -67.06 1.13
CA SER F 277 49.42 -66.85 2.40
C SER F 277 48.88 -65.41 2.47
N LEU F 278 47.80 -65.16 3.24
CA LEU F 278 47.22 -63.82 3.35
C LEU F 278 48.29 -62.78 3.70
N GLU F 279 49.12 -63.07 4.72
CA GLU F 279 50.20 -62.19 5.21
C GLU F 279 51.29 -61.93 4.15
N ALA F 280 51.48 -62.87 3.22
CA ALA F 280 52.43 -62.74 2.12
C ALA F 280 51.81 -61.88 1.03
N ILE F 281 50.47 -62.03 0.78
CA ILE F 281 49.72 -61.23 -0.20
C ILE F 281 49.69 -59.79 0.30
N LYS F 282 49.43 -59.61 1.61
CA LYS F 282 49.42 -58.33 2.32
C LYS F 282 50.76 -57.63 2.12
N ALA F 283 51.88 -58.37 2.35
CA ALA F 283 53.25 -57.90 2.22
C ALA F 283 53.59 -57.41 0.82
N ASN F 284 53.32 -58.25 -0.18
CA ASN F 284 53.64 -57.95 -1.55
C ASN F 284 52.78 -56.84 -2.13
N SER F 285 51.48 -56.80 -1.77
CA SER F 285 50.52 -55.77 -2.18
C SER F 285 50.91 -54.38 -1.62
N MET F 286 51.48 -54.36 -0.40
CA MET F 286 51.91 -53.14 0.27
C MET F 286 53.03 -52.46 -0.50
N GLU F 287 54.06 -53.23 -0.96
CA GLU F 287 55.18 -52.68 -1.77
C GLU F 287 54.70 -52.25 -3.15
N LEU F 288 53.73 -52.97 -3.70
CA LEU F 288 53.19 -52.57 -4.98
C LEU F 288 52.45 -51.25 -4.84
N THR F 289 51.73 -51.05 -3.74
CA THR F 289 50.98 -49.81 -3.48
C THR F 289 51.94 -48.60 -3.29
N ALA F 290 52.93 -48.76 -2.39
CA ALA F 290 53.92 -47.73 -2.06
C ALA F 290 54.99 -47.54 -3.12
N GLY F 291 55.45 -48.62 -3.75
CA GLY F 291 56.50 -48.56 -4.76
C GLY F 291 56.04 -48.18 -6.15
N SER F 292 54.79 -47.76 -6.33
CA SER F 292 54.27 -47.38 -7.64
C SER F 292 53.95 -45.90 -7.70
N VAL F 293 54.19 -45.16 -6.61
CA VAL F 293 53.87 -43.74 -6.55
C VAL F 293 55.01 -42.88 -7.07
N ASP F 294 56.14 -42.83 -6.33
CA ASP F 294 57.31 -42.02 -6.67
C ASP F 294 58.07 -42.54 -7.88
N THR F 295 58.25 -43.88 -7.99
CA THR F 295 59.01 -44.54 -9.08
C THR F 295 58.50 -44.23 -10.48
N THR F 296 57.18 -44.14 -10.67
CA THR F 296 56.59 -43.85 -11.97
C THR F 296 56.55 -42.34 -12.25
N ALA F 297 56.20 -41.54 -11.23
CA ALA F 297 56.04 -40.10 -11.34
C ALA F 297 57.29 -39.36 -11.71
N PHE F 298 58.43 -39.61 -11.03
CA PHE F 298 59.67 -38.86 -11.28
C PHE F 298 60.16 -38.97 -12.75
N PRO F 299 60.25 -40.17 -13.39
CA PRO F 299 60.62 -40.20 -14.82
C PRO F 299 59.53 -39.61 -15.74
N LEU F 300 58.24 -39.62 -15.32
CA LEU F 300 57.13 -39.03 -16.08
C LEU F 300 57.33 -37.54 -16.19
N LEU F 301 57.65 -36.89 -15.05
CA LEU F 301 57.90 -35.45 -14.95
C LEU F 301 59.14 -35.10 -15.75
N MET F 302 60.17 -35.97 -15.69
CA MET F 302 61.41 -35.75 -16.41
C MET F 302 61.25 -35.86 -17.91
N THR F 303 60.35 -36.76 -18.40
CA THR F 303 60.06 -36.88 -19.83
C THR F 303 59.39 -35.59 -20.29
N LEU F 304 58.39 -35.13 -19.50
CA LEU F 304 57.65 -33.90 -19.76
C LEU F 304 58.59 -32.71 -19.87
N PHE F 305 59.56 -32.63 -18.94
CA PHE F 305 60.55 -31.56 -18.93
C PHE F 305 61.44 -31.62 -20.16
N GLU F 306 61.97 -32.81 -20.47
CA GLU F 306 62.85 -33.01 -21.63
C GLU F 306 62.14 -32.78 -22.94
N LEU F 307 60.80 -33.03 -22.99
CA LEU F 307 59.97 -32.78 -24.16
C LEU F 307 59.73 -31.30 -24.33
N ALA F 308 59.60 -30.58 -23.21
CA ALA F 308 59.40 -29.14 -23.20
C ALA F 308 60.71 -28.42 -23.56
N ARG F 309 61.86 -29.07 -23.25
CA ARG F 309 63.22 -28.60 -23.54
C ARG F 309 63.61 -28.84 -25.02
N ASN F 310 63.21 -30.00 -25.57
CA ASN F 310 63.47 -30.41 -26.95
C ASN F 310 62.13 -30.37 -27.73
N PRO F 311 61.73 -29.20 -28.29
CA PRO F 311 60.44 -29.12 -28.99
C PRO F 311 60.42 -29.91 -30.30
N ASP F 312 61.59 -30.06 -30.93
CA ASP F 312 61.79 -30.81 -32.17
C ASP F 312 61.50 -32.31 -31.95
N VAL F 313 61.98 -32.86 -30.81
CA VAL F 313 61.79 -34.25 -30.40
C VAL F 313 60.29 -34.45 -30.12
N GLN F 314 59.70 -33.50 -29.38
CA GLN F 314 58.29 -33.45 -28.98
C GLN F 314 57.37 -33.55 -30.21
N GLN F 315 57.68 -32.78 -31.28
CA GLN F 315 56.93 -32.77 -32.52
C GLN F 315 56.85 -34.15 -33.18
N ILE F 316 57.99 -34.86 -33.27
CA ILE F 316 58.06 -36.20 -33.85
C ILE F 316 57.13 -37.16 -33.09
N LEU F 317 57.21 -37.13 -31.74
CA LEU F 317 56.42 -37.96 -30.84
C LEU F 317 54.93 -37.66 -30.95
N ARG F 318 54.58 -36.37 -31.14
CA ARG F 318 53.21 -35.89 -31.30
C ARG F 318 52.62 -36.40 -32.62
N GLN F 319 53.42 -36.36 -33.71
CA GLN F 319 53.02 -36.84 -35.04
C GLN F 319 52.76 -38.34 -35.02
N GLU F 320 53.59 -39.07 -34.26
CA GLU F 320 53.47 -40.51 -34.06
C GLU F 320 52.18 -40.81 -33.30
N SER F 321 51.95 -40.12 -32.17
CA SER F 321 50.78 -40.29 -31.30
C SER F 321 49.45 -39.91 -31.97
N LEU F 322 49.45 -38.87 -32.82
CA LEU F 322 48.24 -38.45 -33.54
C LEU F 322 47.86 -39.44 -34.64
N ALA F 323 48.88 -40.11 -35.23
CA ALA F 323 48.69 -41.11 -36.28
C ALA F 323 48.07 -42.37 -35.69
N ALA F 324 48.65 -42.88 -34.60
CA ALA F 324 48.18 -44.07 -33.92
C ALA F 324 46.99 -43.82 -32.97
N ALA F 325 46.54 -42.55 -32.84
CA ALA F 325 45.43 -42.12 -31.97
C ALA F 325 44.15 -42.91 -32.18
N ALA F 326 43.78 -43.12 -33.47
CA ALA F 326 42.58 -43.84 -33.89
C ALA F 326 42.58 -45.30 -33.45
N SER F 327 43.70 -46.01 -33.65
CA SER F 327 43.85 -47.42 -33.30
C SER F 327 43.94 -47.66 -31.78
N ILE F 328 44.54 -46.72 -31.03
CA ILE F 328 44.66 -46.81 -29.56
C ILE F 328 43.32 -46.49 -28.89
N SER F 329 42.48 -45.67 -29.56
CA SER F 329 41.14 -45.33 -29.07
C SER F 329 40.21 -46.57 -29.12
N GLU F 330 40.36 -47.42 -30.17
CA GLU F 330 39.60 -48.66 -30.39
C GLU F 330 40.07 -49.75 -29.41
N HIS F 331 41.39 -50.02 -29.38
CA HIS F 331 42.01 -51.00 -28.50
C HIS F 331 43.22 -50.36 -27.80
N PRO F 332 43.12 -50.08 -26.47
CA PRO F 332 44.24 -49.42 -25.77
C PRO F 332 45.56 -50.18 -25.73
N GLN F 333 45.54 -51.53 -25.65
CA GLN F 333 46.75 -52.37 -25.60
C GLN F 333 47.66 -52.22 -26.81
N LYS F 334 47.13 -51.69 -27.93
CA LYS F 334 47.88 -51.44 -29.17
C LYS F 334 48.97 -50.39 -28.97
N ALA F 335 48.88 -49.58 -27.90
CA ALA F 335 49.82 -48.50 -27.55
C ALA F 335 51.25 -48.99 -27.40
N THR F 336 51.42 -50.22 -26.86
CA THR F 336 52.71 -50.87 -26.63
C THR F 336 53.48 -51.06 -27.94
N THR F 337 52.83 -51.69 -28.92
CA THR F 337 53.42 -52.00 -30.23
C THR F 337 53.43 -50.84 -31.24
N GLU F 338 52.40 -49.95 -31.20
CA GLU F 338 52.25 -48.84 -32.14
C GLU F 338 52.93 -47.53 -31.75
N LEU F 339 53.72 -47.50 -30.67
CA LEU F 339 54.42 -46.27 -30.28
C LEU F 339 55.92 -46.54 -29.99
N PRO F 340 56.73 -46.91 -31.02
CA PRO F 340 58.16 -47.19 -30.76
C PRO F 340 58.99 -45.99 -30.35
N LEU F 341 58.71 -44.78 -30.93
CA LEU F 341 59.43 -43.53 -30.63
C LEU F 341 59.18 -43.13 -29.18
N LEU F 342 57.91 -43.18 -28.72
CA LEU F 342 57.53 -42.82 -27.37
C LEU F 342 58.13 -43.78 -26.36
N ARG F 343 58.25 -45.07 -26.71
CA ARG F 343 58.87 -46.06 -25.85
C ARG F 343 60.37 -45.78 -25.77
N ALA F 344 60.97 -45.32 -26.90
CA ALA F 344 62.38 -44.97 -26.98
C ALA F 344 62.67 -43.65 -26.27
N ALA F 345 61.65 -42.78 -26.15
CA ALA F 345 61.75 -41.52 -25.42
C ALA F 345 61.87 -41.81 -23.94
N LEU F 346 61.18 -42.88 -23.45
CA LEU F 346 61.22 -43.34 -22.04
C LEU F 346 62.59 -43.95 -21.72
N LYS F 347 63.08 -44.80 -22.65
CA LYS F 347 64.38 -45.49 -22.52
C LYS F 347 65.46 -44.44 -22.35
N GLU F 348 65.31 -43.30 -23.07
CA GLU F 348 66.21 -42.15 -23.04
C GLU F 348 66.12 -41.40 -21.70
N THR F 349 64.89 -41.19 -21.16
CA THR F 349 64.61 -40.50 -19.89
C THR F 349 65.20 -41.27 -18.72
N LEU F 350 65.07 -42.61 -18.74
CA LEU F 350 65.58 -43.50 -17.69
C LEU F 350 67.11 -43.65 -17.75
N ARG F 351 67.69 -43.38 -18.93
CA ARG F 351 69.14 -43.41 -19.17
C ARG F 351 69.77 -42.21 -18.49
N LEU F 352 69.23 -41.02 -18.76
CA LEU F 352 69.72 -39.75 -18.22
C LEU F 352 69.32 -39.56 -16.77
N TYR F 353 68.08 -39.95 -16.43
CA TYR F 353 67.53 -39.78 -15.09
C TYR F 353 67.09 -41.12 -14.50
N PRO F 354 68.02 -41.91 -13.89
CA PRO F 354 67.61 -43.19 -13.30
C PRO F 354 66.82 -42.95 -12.01
N VAL F 355 65.87 -43.87 -11.70
CA VAL F 355 65.01 -43.82 -10.51
C VAL F 355 65.86 -44.09 -9.26
N GLY F 356 66.65 -45.15 -9.30
CA GLY F 356 67.57 -45.49 -8.24
C GLY F 356 68.99 -45.21 -8.69
N LEU F 357 69.96 -45.58 -7.86
CA LEU F 357 71.37 -45.33 -8.14
C LEU F 357 72.09 -46.48 -8.85
N PHE F 358 72.02 -47.66 -8.26
CA PHE F 358 72.69 -48.86 -8.69
C PHE F 358 71.71 -50.02 -8.74
N LEU F 359 72.23 -51.19 -9.12
CA LEU F 359 71.56 -52.48 -9.08
C LEU F 359 72.59 -53.31 -8.34
N GLU F 360 72.20 -53.92 -7.21
CA GLU F 360 73.15 -54.71 -6.43
C GLU F 360 73.02 -56.21 -6.70
N ARG F 361 74.14 -56.95 -6.58
CA ARG F 361 74.25 -58.41 -6.71
C ARG F 361 75.38 -58.94 -5.84
N VAL F 362 75.03 -59.78 -4.86
CA VAL F 362 75.99 -60.46 -3.99
C VAL F 362 76.18 -61.79 -4.72
N VAL F 363 77.22 -61.83 -5.57
CA VAL F 363 77.54 -62.94 -6.47
C VAL F 363 77.67 -64.28 -5.73
N SER F 364 77.00 -65.32 -6.28
CA SER F 364 76.97 -66.67 -5.71
C SER F 364 78.26 -67.45 -6.00
N SER F 365 78.94 -67.15 -7.13
CA SER F 365 80.17 -67.82 -7.54
C SER F 365 81.16 -66.83 -8.16
N ASP F 366 82.43 -67.26 -8.34
CA ASP F 366 83.52 -66.48 -8.92
C ASP F 366 83.22 -66.09 -10.37
N LEU F 367 83.69 -64.90 -10.79
CA LEU F 367 83.50 -64.36 -12.15
C LEU F 367 84.59 -63.36 -12.56
N VAL F 368 84.68 -63.06 -13.85
CA VAL F 368 85.66 -62.11 -14.36
C VAL F 368 84.95 -60.85 -14.88
N LEU F 369 85.24 -59.71 -14.25
CA LEU F 369 84.69 -58.41 -14.64
C LEU F 369 85.82 -57.46 -14.98
N GLN F 370 85.86 -56.97 -16.24
CA GLN F 370 86.89 -56.07 -16.76
C GLN F 370 88.31 -56.65 -16.62
N ASN F 371 88.45 -57.96 -16.92
CA ASN F 371 89.70 -58.73 -16.85
C ASN F 371 90.24 -58.81 -15.40
N TYR F 372 89.36 -58.69 -14.40
CA TYR F 372 89.70 -58.77 -12.97
C TYR F 372 88.98 -59.95 -12.34
N HIS F 373 89.61 -60.60 -11.38
CA HIS F 373 89.02 -61.71 -10.66
C HIS F 373 88.06 -61.20 -9.58
N ILE F 374 86.79 -61.63 -9.66
CA ILE F 374 85.77 -61.27 -8.69
C ILE F 374 85.43 -62.54 -7.88
N PRO F 375 85.85 -62.61 -6.59
CA PRO F 375 85.55 -63.82 -5.80
C PRO F 375 84.08 -63.93 -5.41
N ALA F 376 83.69 -65.07 -4.80
CA ALA F 376 82.34 -65.30 -4.32
C ALA F 376 81.97 -64.33 -3.16
N GLY F 377 80.66 -64.11 -2.98
CA GLY F 377 80.11 -63.24 -1.93
C GLY F 377 80.47 -61.77 -2.04
N THR F 378 81.07 -61.39 -3.19
CA THR F 378 81.48 -60.02 -3.48
C THR F 378 80.25 -59.22 -3.90
N LEU F 379 80.08 -58.04 -3.31
CA LEU F 379 78.99 -57.15 -3.65
C LEU F 379 79.37 -56.39 -4.92
N VAL F 380 78.59 -56.58 -5.99
CA VAL F 380 78.83 -55.91 -7.27
C VAL F 380 77.69 -54.90 -7.49
N GLN F 381 78.05 -53.61 -7.63
CA GLN F 381 77.08 -52.54 -7.82
C GLN F 381 77.18 -51.89 -9.19
N VAL F 382 76.08 -51.96 -9.98
CA VAL F 382 76.02 -51.37 -11.33
C VAL F 382 75.50 -49.97 -11.21
N PHE F 383 76.38 -48.99 -11.42
CA PHE F 383 76.08 -47.57 -11.35
C PHE F 383 75.40 -47.07 -12.63
N LEU F 384 74.08 -46.89 -12.53
CA LEU F 384 73.23 -46.48 -13.64
C LEU F 384 73.39 -45.06 -14.13
N TYR F 385 73.67 -44.10 -13.22
CA TYR F 385 73.88 -42.69 -13.58
C TYR F 385 75.05 -42.56 -14.55
N SER F 386 76.18 -43.21 -14.22
CA SER F 386 77.40 -43.23 -15.02
C SER F 386 77.27 -44.02 -16.29
N LEU F 387 76.61 -45.20 -16.23
CA LEU F 387 76.37 -46.10 -17.37
C LEU F 387 75.69 -45.37 -18.53
N GLY F 388 74.72 -44.52 -18.18
CA GLY F 388 73.96 -43.73 -19.14
C GLY F 388 74.72 -42.52 -19.66
N ARG F 389 75.76 -42.09 -18.94
CA ARG F 389 76.57 -40.93 -19.30
C ARG F 389 77.87 -41.30 -20.04
N ASN F 390 78.09 -42.61 -20.25
CA ASN F 390 79.23 -43.18 -20.96
C ASN F 390 79.21 -42.70 -22.43
N ALA F 391 80.10 -41.74 -22.75
CA ALA F 391 80.22 -41.14 -24.08
C ALA F 391 80.54 -42.15 -25.18
N ALA F 392 81.35 -43.18 -24.86
CA ALA F 392 81.74 -44.23 -25.80
C ALA F 392 80.54 -45.01 -26.32
N LEU F 393 79.58 -45.38 -25.43
CA LEU F 393 78.38 -46.14 -25.80
C LEU F 393 77.25 -45.25 -26.31
N PHE F 394 77.07 -44.09 -25.68
CA PHE F 394 76.02 -43.15 -26.06
C PHE F 394 76.66 -41.86 -26.60
N PRO F 395 76.91 -41.78 -27.94
CA PRO F 395 77.49 -40.55 -28.49
C PRO F 395 76.61 -39.35 -28.15
N ARG F 396 77.24 -38.26 -27.65
CA ARG F 396 76.58 -37.04 -27.14
C ARG F 396 75.64 -37.47 -26.00
N PRO F 397 76.18 -37.95 -24.84
CA PRO F 397 75.30 -38.46 -23.77
C PRO F 397 74.35 -37.43 -23.16
N GLU F 398 74.77 -36.15 -23.10
CA GLU F 398 73.93 -35.06 -22.58
C GLU F 398 72.74 -34.77 -23.48
N ARG F 399 72.81 -35.19 -24.76
CA ARG F 399 71.77 -35.00 -25.75
C ARG F 399 70.61 -35.99 -25.59
N TYR F 400 69.38 -35.46 -25.43
CA TYR F 400 68.16 -36.26 -25.31
C TYR F 400 67.68 -36.58 -26.72
N ASN F 401 68.04 -37.78 -27.20
CA ASN F 401 67.69 -38.26 -28.53
C ASN F 401 67.10 -39.68 -28.51
N PRO F 402 65.76 -39.82 -28.62
CA PRO F 402 65.15 -41.15 -28.59
C PRO F 402 65.49 -42.03 -29.80
N GLN F 403 65.89 -41.40 -30.90
CA GLN F 403 66.25 -42.09 -32.15
C GLN F 403 67.43 -43.05 -31.99
N ARG F 404 68.33 -42.82 -30.99
CA ARG F 404 69.52 -43.65 -30.73
C ARG F 404 69.20 -45.12 -30.38
N TRP F 405 68.00 -45.35 -29.82
CA TRP F 405 67.49 -46.65 -29.43
C TRP F 405 66.95 -47.43 -30.61
N LEU F 406 67.07 -46.86 -31.82
CA LEU F 406 66.58 -47.46 -33.07
C LEU F 406 67.70 -47.63 -34.12
N ASP F 407 68.94 -48.05 -33.67
CA ASP F 407 70.10 -48.30 -34.54
C ASP F 407 71.35 -48.92 -33.82
N ILE F 408 72.51 -48.93 -34.56
CA ILE F 408 73.87 -49.37 -34.23
C ILE F 408 73.91 -50.76 -33.55
N ASN F 414 70.93 -55.36 -26.92
CA ASN F 414 72.31 -54.98 -26.60
C ASN F 414 72.52 -54.68 -25.09
N PHE F 415 71.44 -54.77 -24.27
CA PHE F 415 71.36 -54.53 -22.82
C PHE F 415 71.74 -53.09 -22.43
N HIS F 416 71.53 -52.15 -23.36
CA HIS F 416 71.78 -50.72 -23.13
C HIS F 416 70.63 -50.16 -22.28
N HIS F 417 69.46 -50.80 -22.34
CA HIS F 417 68.30 -50.47 -21.53
C HIS F 417 68.25 -51.49 -20.38
N VAL F 418 68.89 -51.14 -19.25
CA VAL F 418 68.84 -51.97 -18.07
C VAL F 418 68.38 -51.16 -16.83
N PRO F 419 67.44 -50.19 -16.93
CA PRO F 419 67.03 -49.44 -15.72
C PRO F 419 66.11 -50.22 -14.79
N PHE F 420 65.47 -51.28 -15.32
CA PHE F 420 64.57 -52.15 -14.57
C PHE F 420 65.29 -53.36 -13.99
N GLY F 421 66.53 -53.59 -14.40
CA GLY F 421 67.31 -54.71 -13.86
C GLY F 421 67.53 -55.87 -14.80
N PHE F 422 67.74 -57.06 -14.25
CA PHE F 422 67.99 -58.24 -15.07
C PHE F 422 67.58 -59.59 -14.44
N GLY F 423 67.35 -60.56 -15.33
CA GLY F 423 66.96 -61.92 -14.97
C GLY F 423 65.64 -62.02 -14.26
N MET F 424 65.56 -62.93 -13.30
CA MET F 424 64.37 -63.20 -12.48
C MET F 424 64.11 -62.09 -11.48
N ARG F 425 65.16 -61.37 -11.06
CA ARG F 425 65.05 -60.28 -10.10
C ARG F 425 64.65 -58.95 -10.73
N GLN F 426 64.71 -58.85 -12.07
CA GLN F 426 64.32 -57.65 -12.84
C GLN F 426 62.95 -57.19 -12.38
N CYS F 427 62.77 -55.88 -12.22
CA CYS F 427 61.55 -55.20 -11.75
C CYS F 427 60.21 -55.95 -12.01
N LEU F 428 59.38 -56.10 -10.95
CA LEU F 428 58.07 -56.72 -11.01
C LEU F 428 57.03 -55.74 -11.57
N GLY F 429 57.16 -54.45 -11.25
CA GLY F 429 56.24 -53.42 -11.72
C GLY F 429 56.55 -52.84 -13.09
N ARG F 430 57.73 -53.21 -13.65
CA ARG F 430 58.26 -52.76 -14.94
C ARG F 430 57.13 -52.51 -15.98
N ARG F 431 56.35 -53.58 -16.36
CA ARG F 431 55.24 -53.59 -17.33
C ARG F 431 53.98 -52.74 -16.91
N LEU F 432 53.87 -52.43 -15.60
CA LEU F 432 52.83 -51.56 -15.06
C LEU F 432 53.30 -50.10 -15.19
N ALA F 433 54.52 -49.76 -14.66
CA ALA F 433 55.14 -48.43 -14.71
C ALA F 433 55.20 -47.89 -16.14
N GLU F 434 55.62 -48.75 -17.09
CA GLU F 434 55.68 -48.46 -18.52
C GLU F 434 54.33 -48.00 -19.02
N ALA F 435 53.26 -48.74 -18.66
CA ALA F 435 51.90 -48.44 -19.10
C ALA F 435 51.45 -47.08 -18.62
N GLU F 436 51.71 -46.76 -17.34
CA GLU F 436 51.32 -45.48 -16.74
C GLU F 436 52.01 -44.31 -17.43
N MET F 437 53.30 -44.49 -17.80
CA MET F 437 54.10 -43.47 -18.48
C MET F 437 53.63 -43.27 -19.93
N LEU F 438 53.64 -44.35 -20.75
CA LEU F 438 53.29 -44.38 -22.18
C LEU F 438 51.88 -43.92 -22.54
N LEU F 439 50.88 -44.22 -21.68
CA LEU F 439 49.48 -43.81 -21.86
C LEU F 439 49.25 -42.35 -21.46
N LEU F 440 49.95 -41.84 -20.40
CA LEU F 440 49.77 -40.43 -20.00
C LEU F 440 50.35 -39.54 -21.08
N LEU F 441 51.60 -39.81 -21.49
CA LEU F 441 52.31 -39.05 -22.51
C LEU F 441 51.59 -39.06 -23.85
N HIS F 442 51.03 -40.21 -24.24
CA HIS F 442 50.26 -40.33 -25.48
C HIS F 442 49.08 -39.33 -25.50
N HIS F 443 48.26 -39.31 -24.43
CA HIS F 443 47.10 -38.41 -24.34
C HIS F 443 47.48 -36.94 -24.17
N VAL F 444 48.58 -36.65 -23.50
CA VAL F 444 49.06 -35.27 -23.32
C VAL F 444 49.58 -34.73 -24.66
N LEU F 445 50.38 -35.53 -25.40
CA LEU F 445 50.92 -35.14 -26.71
C LEU F 445 49.82 -34.95 -27.74
N LYS F 446 48.73 -35.73 -27.63
CA LYS F 446 47.58 -35.68 -28.52
C LYS F 446 46.89 -34.31 -28.54
N HIS F 447 46.76 -33.66 -27.35
CA HIS F 447 46.01 -32.40 -27.19
C HIS F 447 46.83 -31.14 -26.83
N PHE F 448 48.01 -31.31 -26.23
CA PHE F 448 48.78 -30.15 -25.77
C PHE F 448 50.18 -30.01 -26.33
N LEU F 449 50.75 -28.80 -26.15
CA LEU F 449 52.13 -28.48 -26.52
C LEU F 449 52.83 -28.03 -25.26
N VAL F 450 53.72 -28.88 -24.74
CA VAL F 450 54.49 -28.58 -23.54
C VAL F 450 55.61 -27.60 -23.90
N GLU F 451 55.73 -26.50 -23.12
CA GLU F 451 56.76 -25.48 -23.30
C GLU F 451 57.32 -25.05 -21.95
N THR F 452 58.60 -24.57 -21.93
CA THR F 452 59.26 -24.05 -20.71
C THR F 452 60.42 -23.10 -21.04
N LEU F 453 60.57 -22.05 -20.21
CA LEU F 453 61.65 -21.07 -20.31
C LEU F 453 62.89 -21.56 -19.52
N THR F 454 62.65 -22.30 -18.41
CA THR F 454 63.70 -22.88 -17.57
C THR F 454 64.35 -24.07 -18.29
N GLN F 455 65.46 -23.80 -19.04
CA GLN F 455 66.22 -24.81 -19.80
C GLN F 455 67.50 -25.25 -19.07
N GLU F 456 67.68 -24.80 -17.84
CA GLU F 456 68.78 -25.19 -16.97
C GLU F 456 68.47 -26.60 -16.51
N ASP F 457 69.44 -27.52 -16.59
CA ASP F 457 69.25 -28.91 -16.16
C ASP F 457 68.80 -28.97 -14.71
N ILE F 458 67.92 -29.91 -14.38
CA ILE F 458 67.43 -30.05 -13.01
C ILE F 458 68.40 -30.91 -12.20
N LYS F 459 68.86 -30.38 -11.07
CA LYS F 459 69.77 -31.08 -10.18
C LYS F 459 69.02 -32.14 -9.44
N MET F 460 69.47 -33.40 -9.57
CA MET F 460 68.89 -34.57 -8.91
C MET F 460 69.42 -34.67 -7.49
N VAL F 461 68.59 -35.16 -6.56
CA VAL F 461 68.95 -35.28 -5.15
C VAL F 461 68.86 -36.75 -4.75
N TYR F 462 69.93 -37.33 -4.16
CA TYR F 462 69.91 -38.74 -3.76
C TYR F 462 69.21 -38.90 -2.42
N SER F 463 68.01 -39.49 -2.46
CA SER F 463 67.17 -39.77 -1.30
C SER F 463 66.54 -41.13 -1.55
N PHE F 464 67.39 -42.17 -1.76
CA PHE F 464 67.05 -43.58 -2.04
C PHE F 464 66.42 -43.74 -3.41
N ILE F 465 65.86 -42.66 -3.95
CA ILE F 465 65.32 -42.49 -5.31
C ILE F 465 65.72 -41.10 -5.81
N LEU F 466 66.43 -41.02 -6.95
CA LEU F 466 66.86 -39.78 -7.59
C LEU F 466 65.62 -38.86 -7.82
N ARG F 467 65.35 -37.96 -6.85
CA ARG F 467 64.21 -37.03 -6.90
C ARG F 467 64.70 -35.62 -7.27
N PRO F 468 64.25 -35.08 -8.44
CA PRO F 468 64.67 -33.74 -8.87
C PRO F 468 64.47 -32.72 -7.78
N GLY F 469 65.47 -31.88 -7.60
CA GLY F 469 65.45 -30.81 -6.59
C GLY F 469 64.51 -29.66 -6.91
N THR F 470 64.22 -29.47 -8.22
CA THR F 470 63.35 -28.41 -8.70
C THR F 470 62.25 -28.95 -9.57
N SER F 471 61.05 -28.33 -9.47
CA SER F 471 59.92 -28.69 -10.34
C SER F 471 59.68 -27.49 -11.22
N PRO F 472 59.98 -27.62 -12.54
CA PRO F 472 59.85 -26.45 -13.42
C PRO F 472 58.42 -26.14 -13.84
N LEU F 473 58.22 -24.88 -14.23
CA LEU F 473 56.95 -24.38 -14.70
C LEU F 473 56.77 -24.83 -16.15
N LEU F 474 55.70 -25.58 -16.43
CA LEU F 474 55.42 -26.07 -17.77
C LEU F 474 54.13 -25.46 -18.28
N THR F 475 54.17 -24.96 -19.52
CA THR F 475 53.00 -24.39 -20.16
C THR F 475 52.34 -25.46 -21.02
N PHE F 476 51.04 -25.71 -20.80
CA PHE F 476 50.27 -26.68 -21.57
C PHE F 476 49.30 -25.91 -22.45
N ARG F 477 49.65 -25.74 -23.76
CA ARG F 477 48.87 -25.02 -24.75
C ARG F 477 48.02 -26.01 -25.56
N ALA F 478 46.69 -25.80 -25.58
CA ALA F 478 45.78 -26.66 -26.34
C ALA F 478 45.93 -26.48 -27.84
N ILE F 479 45.76 -27.57 -28.60
CA ILE F 479 45.81 -27.56 -30.07
C ILE F 479 44.39 -27.26 -30.61
N ASN F 480 43.36 -27.77 -29.87
CA ASN F 480 41.92 -27.64 -30.12
C ASN F 480 41.24 -26.99 -28.90
N THR G 11 -85.22 45.09 7.29
CA THR G 11 -85.65 43.90 6.53
C THR G 11 -84.45 43.06 6.06
N VAL G 12 -84.66 41.72 6.00
CA VAL G 12 -83.67 40.72 5.57
C VAL G 12 -83.91 40.44 4.08
N LEU G 13 -82.86 40.53 3.22
CA LEU G 13 -83.12 40.27 1.79
C LEU G 13 -83.28 38.77 1.47
N PRO G 14 -84.17 38.38 0.51
CA PRO G 14 -84.31 36.95 0.18
C PRO G 14 -83.09 36.38 -0.54
N PHE G 15 -83.04 35.04 -0.69
CA PHE G 15 -81.93 34.32 -1.32
C PHE G 15 -81.72 34.69 -2.79
N GLU G 16 -82.79 34.69 -3.61
CA GLU G 16 -82.69 34.97 -5.05
C GLU G 16 -82.33 36.43 -5.39
N ALA G 17 -82.34 37.33 -4.38
CA ALA G 17 -81.97 38.74 -4.52
C ALA G 17 -80.45 38.92 -4.65
N MET G 18 -79.69 37.91 -4.19
CA MET G 18 -78.23 37.83 -4.20
C MET G 18 -77.68 37.84 -5.63
N PRO G 19 -76.53 38.52 -5.91
CA PRO G 19 -75.97 38.50 -7.28
C PRO G 19 -75.63 37.07 -7.72
N GLN G 20 -75.93 36.74 -8.99
CA GLN G 20 -75.69 35.40 -9.54
C GLN G 20 -74.46 35.37 -10.42
N HIS G 21 -73.74 34.22 -10.40
CA HIS G 21 -72.55 33.97 -11.23
C HIS G 21 -73.01 33.94 -12.70
N PRO G 22 -72.31 34.62 -13.64
CA PRO G 22 -72.76 34.60 -15.04
C PRO G 22 -72.51 33.27 -15.81
N GLY G 23 -72.36 32.17 -15.05
CA GLY G 23 -72.10 30.84 -15.60
C GLY G 23 -72.78 29.67 -14.90
N ASN G 24 -73.53 28.86 -15.69
CA ASN G 24 -74.25 27.66 -15.27
C ASN G 24 -73.34 26.41 -15.34
N ARG G 25 -73.87 25.22 -14.97
CA ARG G 25 -73.15 23.93 -14.96
C ARG G 25 -72.77 23.37 -16.35
N TRP G 26 -73.24 24.00 -17.45
CA TRP G 26 -72.93 23.58 -18.82
C TRP G 26 -71.67 24.26 -19.37
N LEU G 27 -71.51 25.60 -19.15
CA LEU G 27 -70.35 26.38 -19.61
C LEU G 27 -69.11 26.18 -18.72
N ARG G 28 -69.19 25.22 -17.79
CA ARG G 28 -68.11 24.79 -16.89
C ARG G 28 -67.46 23.57 -17.53
N LEU G 29 -68.30 22.62 -18.02
CA LEU G 29 -67.96 21.36 -18.67
C LEU G 29 -66.85 21.48 -19.74
N LEU G 30 -66.88 22.57 -20.54
CA LEU G 30 -65.93 22.83 -21.62
C LEU G 30 -64.44 22.83 -21.17
N GLN G 31 -64.06 23.76 -20.24
CA GLN G 31 -62.70 23.89 -19.70
C GLN G 31 -62.15 22.57 -19.13
N ILE G 32 -62.98 21.87 -18.34
CA ILE G 32 -62.68 20.60 -17.66
C ILE G 32 -62.41 19.43 -18.67
N TRP G 33 -62.95 19.50 -19.90
CA TRP G 33 -62.66 18.52 -20.95
C TRP G 33 -61.43 19.03 -21.69
N ARG G 34 -61.42 20.34 -22.02
CA ARG G 34 -60.39 21.10 -22.73
C ARG G 34 -59.01 21.01 -22.04
N GLU G 35 -58.78 21.89 -21.06
CA GLU G 35 -57.54 21.99 -20.28
C GLU G 35 -57.40 20.84 -19.28
N GLN G 36 -58.39 19.92 -19.25
CA GLN G 36 -58.49 18.77 -18.34
C GLN G 36 -58.48 19.26 -16.88
N GLY G 37 -59.34 20.24 -16.61
CA GLY G 37 -59.52 20.87 -15.30
C GLY G 37 -59.55 22.40 -15.37
N TYR G 38 -60.02 23.05 -14.27
CA TYR G 38 -60.08 24.51 -14.14
C TYR G 38 -58.78 25.02 -13.52
N GLU G 39 -57.71 25.01 -14.34
CA GLU G 39 -56.34 25.42 -14.01
C GLU G 39 -56.31 26.82 -13.42
N HIS G 40 -57.20 27.70 -13.88
CA HIS G 40 -57.24 29.08 -13.42
C HIS G 40 -58.51 29.42 -12.61
N LEU G 41 -59.19 28.38 -12.03
CA LEU G 41 -60.40 28.50 -11.21
C LEU G 41 -60.30 29.63 -10.20
N HIS G 42 -59.26 29.59 -9.36
CA HIS G 42 -59.00 30.59 -8.33
C HIS G 42 -59.03 32.01 -8.88
N LEU G 43 -58.31 32.26 -9.99
CA LEU G 43 -58.26 33.56 -10.62
C LEU G 43 -59.60 34.01 -11.17
N GLU G 44 -60.39 33.05 -11.69
CA GLU G 44 -61.74 33.31 -12.23
C GLU G 44 -62.72 33.64 -11.13
N MET G 45 -62.58 33.00 -9.96
CA MET G 45 -63.41 33.24 -8.78
C MET G 45 -63.10 34.59 -8.16
N HIS G 46 -61.79 34.96 -8.10
CA HIS G 46 -61.32 36.24 -7.56
C HIS G 46 -61.88 37.41 -8.37
N GLN G 47 -61.85 37.27 -9.73
CA GLN G 47 -62.37 38.25 -10.69
C GLN G 47 -63.88 38.44 -10.51
N THR G 48 -64.61 37.34 -10.21
CA THR G 48 -66.06 37.32 -9.98
C THR G 48 -66.43 38.15 -8.74
N PHE G 49 -65.66 38.01 -7.64
CA PHE G 49 -65.87 38.76 -6.40
C PHE G 49 -65.69 40.25 -6.59
N GLN G 50 -64.75 40.64 -7.47
CA GLN G 50 -64.48 42.04 -7.80
C GLN G 50 -65.64 42.67 -8.59
N GLU G 51 -66.39 41.84 -9.33
CA GLU G 51 -67.50 42.25 -10.20
C GLU G 51 -68.87 42.17 -9.56
N LEU G 52 -69.11 41.15 -8.70
CA LEU G 52 -70.42 40.92 -8.09
C LEU G 52 -70.53 41.28 -6.58
N GLY G 53 -69.39 41.49 -5.90
CA GLY G 53 -69.38 41.85 -4.49
C GLY G 53 -68.80 40.78 -3.58
N PRO G 54 -68.82 40.96 -2.24
CA PRO G 54 -68.23 39.94 -1.34
C PRO G 54 -69.07 38.68 -1.14
N ILE G 55 -70.24 38.59 -1.80
CA ILE G 55 -71.17 37.47 -1.75
C ILE G 55 -71.90 37.30 -3.08
N PHE G 56 -71.95 36.05 -3.59
CA PHE G 56 -72.64 35.68 -4.83
C PHE G 56 -73.09 34.23 -4.82
N ARG G 57 -74.18 33.94 -5.54
CA ARG G 57 -74.75 32.59 -5.65
C ARG G 57 -74.40 31.95 -6.98
N TYR G 58 -74.17 30.64 -6.97
CA TYR G 58 -73.81 29.89 -8.16
C TYR G 58 -75.07 29.26 -8.80
N ASN G 59 -74.86 28.41 -9.83
CA ASN G 59 -75.90 27.67 -10.51
C ASN G 59 -75.47 26.23 -10.82
N LEU G 60 -75.80 25.31 -9.88
CA LEU G 60 -75.58 23.86 -9.97
C LEU G 60 -76.87 23.29 -10.62
N GLY G 61 -77.77 24.19 -11.00
CA GLY G 61 -79.06 23.92 -11.66
C GLY G 61 -80.25 24.01 -10.73
N GLY G 62 -80.07 23.43 -9.53
CA GLY G 62 -81.06 23.33 -8.47
C GLY G 62 -80.51 23.58 -7.08
N PRO G 63 -79.54 22.75 -6.55
CA PRO G 63 -79.01 23.00 -5.18
C PRO G 63 -78.36 24.38 -5.04
N ARG G 64 -78.59 24.99 -3.87
CA ARG G 64 -78.15 26.32 -3.48
C ARG G 64 -76.67 26.36 -3.11
N MET G 65 -75.89 27.18 -3.81
CA MET G 65 -74.46 27.35 -3.58
C MET G 65 -74.14 28.84 -3.42
N VAL G 66 -73.52 29.21 -2.28
CA VAL G 66 -73.16 30.58 -1.91
C VAL G 66 -71.66 30.71 -1.73
N CYS G 67 -71.05 31.77 -2.28
CA CYS G 67 -69.61 32.05 -2.18
C CYS G 67 -69.35 33.31 -1.37
N VAL G 68 -68.45 33.21 -0.37
CA VAL G 68 -68.06 34.30 0.52
C VAL G 68 -66.53 34.50 0.56
N MET G 69 -66.06 35.65 1.06
CA MET G 69 -64.64 36.00 1.15
C MET G 69 -64.32 36.95 2.33
N LEU G 70 -65.27 37.11 3.26
CA LEU G 70 -65.10 37.98 4.43
C LEU G 70 -65.01 37.19 5.74
N PRO G 71 -64.13 37.58 6.69
CA PRO G 71 -64.03 36.81 7.94
C PRO G 71 -65.27 36.93 8.85
N GLU G 72 -66.05 38.03 8.76
CA GLU G 72 -67.27 38.14 9.56
C GLU G 72 -68.36 37.19 9.05
N ASP G 73 -68.18 36.68 7.81
CA ASP G 73 -69.04 35.64 7.22
C ASP G 73 -68.58 34.28 7.78
N VAL G 74 -67.26 34.10 7.99
CA VAL G 74 -66.65 32.89 8.54
C VAL G 74 -67.11 32.71 9.98
N GLU G 75 -67.11 33.81 10.76
CA GLU G 75 -67.57 33.88 12.15
C GLU G 75 -69.04 33.44 12.24
N LYS G 76 -69.88 33.96 11.31
CA LYS G 76 -71.31 33.67 11.18
C LYS G 76 -71.58 32.24 10.73
N LEU G 77 -70.62 31.64 10.01
CA LEU G 77 -70.67 30.26 9.53
C LEU G 77 -70.27 29.27 10.62
N GLN G 78 -69.39 29.69 11.55
CA GLN G 78 -68.92 28.88 12.68
C GLN G 78 -70.06 28.64 13.70
N GLN G 79 -70.92 29.65 13.91
CA GLN G 79 -72.05 29.60 14.84
C GLN G 79 -73.08 28.51 14.46
N VAL G 80 -73.20 28.20 13.16
CA VAL G 80 -74.18 27.26 12.62
C VAL G 80 -73.59 25.84 12.46
N ASP G 81 -72.28 25.68 12.79
CA ASP G 81 -71.53 24.42 12.66
C ASP G 81 -72.28 23.17 13.16
N SER G 82 -72.86 23.23 14.36
CA SER G 82 -73.57 22.15 15.05
C SER G 82 -72.62 21.01 15.48
N LEU G 83 -73.16 19.91 16.02
CA LEU G 83 -72.34 18.78 16.42
C LEU G 83 -71.72 18.07 15.26
N HIS G 84 -72.41 18.06 14.12
CA HIS G 84 -71.90 17.40 12.93
C HIS G 84 -71.74 18.36 11.73
N PRO G 85 -70.63 19.18 11.69
CA PRO G 85 -70.43 20.08 10.54
C PRO G 85 -70.23 19.26 9.28
N CYS G 86 -71.11 19.49 8.29
CA CYS G 86 -71.15 18.73 7.05
C CYS G 86 -70.45 19.44 5.88
N ARG G 87 -69.58 18.69 5.18
CA ARG G 87 -68.84 19.12 3.99
C ARG G 87 -69.39 18.36 2.78
N MET G 88 -69.12 18.89 1.56
CA MET G 88 -69.50 18.31 0.28
C MET G 88 -68.91 16.91 0.15
N ILE G 89 -69.73 15.97 -0.35
CA ILE G 89 -69.36 14.58 -0.60
C ILE G 89 -68.42 14.54 -1.82
N LEU G 90 -67.12 14.32 -1.58
CA LEU G 90 -66.12 14.28 -2.64
C LEU G 90 -66.12 12.88 -3.31
N GLU G 91 -67.09 12.71 -4.24
CA GLU G 91 -67.40 11.51 -5.02
C GLU G 91 -66.19 10.72 -5.56
N PRO G 92 -65.15 11.31 -6.23
CA PRO G 92 -64.07 10.45 -6.75
C PRO G 92 -63.30 9.65 -5.71
N TRP G 93 -62.97 10.28 -4.55
CA TRP G 93 -62.21 9.65 -3.46
C TRP G 93 -63.02 8.58 -2.77
N VAL G 94 -64.32 8.87 -2.48
CA VAL G 94 -65.27 7.95 -1.82
C VAL G 94 -65.51 6.73 -2.70
N ALA G 95 -65.63 6.95 -4.03
CA ALA G 95 -65.84 5.90 -5.01
C ALA G 95 -64.72 4.84 -4.96
N TYR G 96 -63.46 5.26 -4.77
CA TYR G 96 -62.32 4.34 -4.65
C TYR G 96 -62.43 3.49 -3.35
N ARG G 97 -62.83 4.12 -2.21
CA ARG G 97 -62.99 3.45 -0.92
C ARG G 97 -64.05 2.36 -1.02
N GLN G 98 -65.22 2.68 -1.63
CA GLN G 98 -66.34 1.74 -1.83
C GLN G 98 -65.95 0.58 -2.74
N HIS G 99 -65.25 0.90 -3.84
CA HIS G 99 -64.76 -0.02 -4.88
C HIS G 99 -63.78 -1.05 -4.33
N ARG G 100 -62.87 -0.62 -3.44
CA ARG G 100 -61.86 -1.49 -2.85
C ARG G 100 -62.24 -2.02 -1.44
N GLY G 101 -63.41 -1.63 -0.96
CA GLY G 101 -63.96 -2.07 0.31
C GLY G 101 -63.31 -1.49 1.56
N HIS G 102 -62.70 -0.31 1.43
CA HIS G 102 -62.07 0.39 2.55
C HIS G 102 -63.09 1.33 3.21
N LYS G 103 -62.91 1.61 4.51
CA LYS G 103 -63.73 2.58 5.20
C LYS G 103 -63.20 3.98 4.89
N CYS G 104 -64.02 5.01 5.12
CA CYS G 104 -63.60 6.39 4.88
C CYS G 104 -62.96 7.00 6.10
N GLY G 105 -61.96 7.83 5.87
CA GLY G 105 -61.28 8.51 6.96
C GLY G 105 -62.02 9.78 7.33
N VAL G 106 -61.61 10.39 8.43
CA VAL G 106 -62.16 11.61 9.02
C VAL G 106 -62.36 12.79 8.00
N PHE G 107 -61.50 12.87 6.96
CA PHE G 107 -61.56 13.90 5.93
C PHE G 107 -62.77 13.72 5.04
N LEU G 108 -63.12 12.45 4.70
CA LEU G 108 -64.29 12.23 3.84
C LEU G 108 -65.47 11.57 4.53
N LEU G 109 -65.57 11.74 5.86
CA LEU G 109 -66.73 11.31 6.65
C LEU G 109 -67.63 12.49 6.96
N ASN G 110 -68.88 12.18 7.33
CA ASN G 110 -69.92 13.14 7.72
C ASN G 110 -70.81 12.55 8.82
N GLY G 111 -71.36 13.43 9.64
CA GLY G 111 -72.29 13.08 10.70
C GLY G 111 -71.74 12.32 11.89
N PRO G 112 -72.58 11.43 12.49
CA PRO G 112 -72.14 10.67 13.67
C PRO G 112 -70.90 9.80 13.46
N GLU G 113 -70.72 9.26 12.23
CA GLU G 113 -69.56 8.43 11.91
C GLU G 113 -68.28 9.24 11.97
N TRP G 114 -68.34 10.51 11.53
CA TRP G 114 -67.21 11.42 11.56
C TRP G 114 -66.78 11.71 13.01
N ARG G 115 -67.77 12.09 13.85
CA ARG G 115 -67.58 12.47 15.25
C ARG G 115 -66.89 11.38 16.07
N PHE G 116 -67.30 10.09 15.90
CA PHE G 116 -66.69 8.94 16.57
C PHE G 116 -65.20 8.85 16.25
N ASN G 117 -64.85 8.96 14.94
CA ASN G 117 -63.48 8.90 14.44
C ASN G 117 -62.64 10.08 14.96
N ARG G 118 -63.10 11.31 14.68
CA ARG G 118 -62.45 12.56 15.04
C ARG G 118 -62.07 12.64 16.51
N LEU G 119 -62.99 12.28 17.41
CA LEU G 119 -62.76 12.29 18.86
C LEU G 119 -61.69 11.33 19.32
N ARG G 120 -61.53 10.19 18.59
CA ARG G 120 -60.55 9.16 18.89
C ARG G 120 -59.19 9.40 18.20
N LEU G 121 -59.13 10.43 17.33
CA LEU G 121 -57.91 10.80 16.62
C LEU G 121 -57.21 12.00 17.25
N ASN G 122 -58.01 13.01 17.68
CA ASN G 122 -57.51 14.23 18.30
C ASN G 122 -56.46 14.02 19.41
N PRO G 123 -56.60 13.03 20.35
CA PRO G 123 -55.59 12.90 21.42
C PRO G 123 -54.19 12.49 21.00
N ASP G 124 -54.04 11.91 19.79
CA ASP G 124 -52.73 11.44 19.34
C ASP G 124 -52.19 12.15 18.08
N VAL G 125 -53.04 12.93 17.39
CA VAL G 125 -52.65 13.64 16.17
C VAL G 125 -52.54 15.17 16.37
N LEU G 126 -53.51 15.76 17.08
CA LEU G 126 -53.63 17.20 17.25
C LEU G 126 -53.32 17.75 18.65
N SER G 127 -53.68 17.00 19.73
CA SER G 127 -53.54 17.40 21.13
C SER G 127 -52.15 17.94 21.51
N PRO G 128 -52.05 18.94 22.44
CA PRO G 128 -50.72 19.47 22.83
C PRO G 128 -49.79 18.44 23.45
N LYS G 129 -50.35 17.44 24.20
CA LYS G 129 -49.60 16.35 24.83
C LYS G 129 -48.92 15.47 23.77
N ALA G 130 -49.63 15.23 22.64
CA ALA G 130 -49.13 14.45 21.50
C ALA G 130 -48.00 15.19 20.78
N VAL G 131 -48.14 16.53 20.62
CA VAL G 131 -47.20 17.41 19.95
C VAL G 131 -45.85 17.41 20.65
N GLN G 132 -45.84 17.46 21.99
CA GLN G 132 -44.58 17.45 22.74
C GLN G 132 -43.79 16.15 22.55
N ARG G 133 -44.49 15.03 22.17
CA ARG G 133 -43.90 13.70 21.92
C ARG G 133 -43.33 13.51 20.49
N PHE G 134 -44.06 13.95 19.44
CA PHE G 134 -43.56 13.81 18.07
C PHE G 134 -42.66 14.97 17.61
N LEU G 135 -42.75 16.16 18.27
CA LEU G 135 -41.95 17.34 17.92
C LEU G 135 -40.43 17.09 17.94
N PRO G 136 -39.83 16.43 18.97
CA PRO G 136 -38.38 16.20 18.93
C PRO G 136 -37.93 15.27 17.79
N MET G 137 -38.84 14.36 17.32
CA MET G 137 -38.60 13.44 16.18
C MET G 137 -38.49 14.26 14.90
N VAL G 138 -39.43 15.21 14.70
CA VAL G 138 -39.47 16.11 13.55
C VAL G 138 -38.21 16.99 13.52
N ASP G 139 -37.80 17.51 14.70
CA ASP G 139 -36.59 18.32 14.89
C ASP G 139 -35.35 17.61 14.35
N ALA G 140 -35.21 16.28 14.62
CA ALA G 140 -34.09 15.45 14.17
C ALA G 140 -34.00 15.42 12.66
N VAL G 141 -35.16 15.33 11.96
CA VAL G 141 -35.24 15.31 10.50
C VAL G 141 -34.84 16.70 9.95
N ALA G 142 -35.42 17.77 10.53
CA ALA G 142 -35.15 19.16 10.17
C ALA G 142 -33.67 19.52 10.34
N ARG G 143 -33.00 18.97 11.38
CA ARG G 143 -31.57 19.13 11.67
C ARG G 143 -30.77 18.49 10.54
N ASP G 144 -31.16 17.26 10.16
CA ASP G 144 -30.53 16.47 9.10
C ASP G 144 -30.61 17.12 7.74
N PHE G 145 -31.71 17.85 7.46
CA PHE G 145 -31.90 18.57 6.21
C PHE G 145 -30.86 19.67 6.07
N SER G 146 -30.62 20.46 7.11
CA SER G 146 -29.62 21.53 7.05
C SER G 146 -28.21 20.99 7.02
N GLN G 147 -27.89 19.96 7.83
CA GLN G 147 -26.55 19.37 7.92
C GLN G 147 -26.14 18.72 6.61
N ALA G 148 -27.15 18.20 5.88
CA ALA G 148 -26.92 17.59 4.58
C ALA G 148 -26.66 18.69 3.56
N LEU G 149 -27.46 19.77 3.62
CA LEU G 149 -27.37 20.94 2.75
C LEU G 149 -26.04 21.63 2.94
N LYS G 150 -25.62 21.84 4.21
CA LYS G 150 -24.36 22.48 4.60
C LYS G 150 -23.16 21.72 4.04
N LYS G 151 -23.23 20.36 4.00
CA LYS G 151 -22.16 19.52 3.47
C LYS G 151 -21.92 19.81 1.99
N LYS G 152 -23.03 19.94 1.21
CA LYS G 152 -23.00 20.23 -0.23
C LYS G 152 -22.48 21.64 -0.50
N VAL G 153 -22.99 22.63 0.26
CA VAL G 153 -22.66 24.05 0.19
C VAL G 153 -21.15 24.30 0.35
N LEU G 154 -20.53 23.70 1.38
CA LEU G 154 -19.11 23.87 1.67
C LEU G 154 -18.18 23.20 0.66
N GLN G 155 -18.74 22.42 -0.29
CA GLN G 155 -17.95 21.77 -1.34
C GLN G 155 -17.75 22.69 -2.56
N ASN G 156 -18.56 23.77 -2.63
CA ASN G 156 -18.51 24.80 -3.68
C ASN G 156 -17.62 25.96 -3.25
N ALA G 157 -16.75 26.42 -4.17
CA ALA G 157 -15.79 27.51 -3.99
C ALA G 157 -16.39 28.80 -3.46
N ARG G 158 -17.63 29.14 -3.87
CA ARG G 158 -18.32 30.34 -3.40
C ARG G 158 -19.01 30.14 -2.03
N GLY G 159 -18.98 28.92 -1.52
CA GLY G 159 -19.59 28.55 -0.26
C GLY G 159 -21.09 28.75 -0.27
N SER G 160 -21.73 28.36 -1.39
CA SER G 160 -23.17 28.49 -1.63
C SER G 160 -23.67 27.44 -2.61
N LEU G 161 -24.98 27.12 -2.55
CA LEU G 161 -25.62 26.15 -3.45
C LEU G 161 -26.92 26.67 -4.03
N THR G 162 -26.98 26.76 -5.37
CA THR G 162 -28.14 27.25 -6.14
C THR G 162 -28.86 26.04 -6.73
N LEU G 163 -30.13 25.82 -6.32
CA LEU G 163 -30.90 24.65 -6.75
C LEU G 163 -32.41 24.83 -6.75
N ASP G 164 -33.12 23.83 -7.32
CA ASP G 164 -34.57 23.72 -7.32
C ASP G 164 -34.84 22.97 -6.01
N VAL G 165 -35.38 23.69 -4.99
CA VAL G 165 -35.60 23.11 -3.68
C VAL G 165 -36.76 22.13 -3.61
N GLN G 166 -37.77 22.27 -4.50
CA GLN G 166 -38.98 21.44 -4.52
C GLN G 166 -38.72 19.92 -4.28
N PRO G 167 -37.88 19.18 -5.05
CA PRO G 167 -37.67 17.76 -4.74
C PRO G 167 -37.16 17.50 -3.33
N SER G 168 -36.12 18.24 -2.89
CA SER G 168 -35.53 18.09 -1.54
C SER G 168 -36.53 18.35 -0.40
N ILE G 169 -37.39 19.38 -0.57
CA ILE G 169 -38.44 19.76 0.39
C ILE G 169 -39.52 18.69 0.45
N PHE G 170 -39.87 18.11 -0.71
CA PHE G 170 -40.86 17.05 -0.78
C PHE G 170 -40.41 15.81 -0.04
N HIS G 171 -39.13 15.44 -0.19
CA HIS G 171 -38.55 14.29 0.49
C HIS G 171 -38.42 14.53 1.98
N TYR G 172 -38.36 15.81 2.41
CA TYR G 172 -38.33 16.18 3.82
C TYR G 172 -39.72 15.89 4.43
N THR G 173 -40.78 16.39 3.78
CA THR G 173 -42.15 16.17 4.25
C THR G 173 -42.49 14.67 4.31
N ILE G 174 -41.94 13.85 3.39
CA ILE G 174 -42.16 12.39 3.41
C ILE G 174 -41.44 11.78 4.62
N GLU G 175 -40.14 12.10 4.80
CA GLU G 175 -39.28 11.63 5.89
C GLU G 175 -39.80 12.03 7.27
N ALA G 176 -40.14 13.33 7.46
CA ALA G 176 -40.65 13.90 8.71
C ALA G 176 -42.02 13.34 9.09
N SER G 177 -42.93 13.15 8.11
CA SER G 177 -44.27 12.59 8.35
C SER G 177 -44.22 11.11 8.69
N ASN G 178 -43.40 10.33 7.97
CA ASN G 178 -43.27 8.89 8.23
C ASN G 178 -42.69 8.65 9.62
N LEU G 179 -41.72 9.47 10.05
CA LEU G 179 -41.13 9.33 11.38
C LEU G 179 -42.14 9.73 12.46
N ALA G 180 -42.90 10.81 12.23
CA ALA G 180 -43.88 11.28 13.20
C ALA G 180 -45.06 10.30 13.33
N LEU G 181 -45.50 9.71 12.20
CA LEU G 181 -46.63 8.78 12.17
C LEU G 181 -46.27 7.35 12.56
N PHE G 182 -45.24 6.78 11.91
CA PHE G 182 -44.85 5.38 12.09
C PHE G 182 -43.57 5.13 12.90
N GLY G 183 -42.77 6.16 13.13
CA GLY G 183 -41.51 6.03 13.86
C GLY G 183 -40.46 5.27 13.08
N GLU G 184 -40.40 5.51 11.74
CA GLU G 184 -39.49 4.87 10.79
C GLU G 184 -38.79 5.89 9.90
N ARG G 185 -37.44 5.94 9.96
CA ARG G 185 -36.62 6.83 9.12
C ARG G 185 -36.49 6.17 7.76
N LEU G 186 -36.91 6.86 6.70
CA LEU G 186 -36.87 6.29 5.35
C LEU G 186 -35.53 6.52 4.62
N GLY G 187 -34.70 7.40 5.15
CA GLY G 187 -33.37 7.72 4.60
C GLY G 187 -33.40 8.50 3.30
N LEU G 188 -34.40 9.39 3.16
CA LEU G 188 -34.60 10.24 1.99
C LEU G 188 -33.91 11.59 2.11
N VAL G 189 -33.76 12.08 3.35
CA VAL G 189 -33.12 13.37 3.66
C VAL G 189 -31.60 13.22 3.57
N GLY G 190 -31.01 13.97 2.63
CA GLY G 190 -29.57 13.98 2.36
C GLY G 190 -29.09 12.88 1.42
N HIS G 191 -30.04 12.14 0.82
CA HIS G 191 -29.73 11.03 -0.09
C HIS G 191 -30.58 11.11 -1.35
N SER G 192 -30.20 10.31 -2.37
CA SER G 192 -30.90 10.20 -3.65
C SER G 192 -32.34 9.68 -3.40
N PRO G 193 -33.36 10.20 -4.14
CA PRO G 193 -34.74 9.74 -3.91
C PRO G 193 -34.97 8.31 -4.35
N SER G 194 -35.70 7.53 -3.53
CA SER G 194 -36.01 6.13 -3.83
C SER G 194 -37.11 6.06 -4.90
N SER G 195 -37.09 4.98 -5.70
CA SER G 195 -38.07 4.73 -6.77
C SER G 195 -39.48 4.71 -6.17
N ALA G 196 -39.61 4.06 -4.99
CA ALA G 196 -40.86 3.97 -4.25
C ALA G 196 -41.43 5.34 -3.84
N SER G 197 -40.56 6.29 -3.43
CA SER G 197 -40.95 7.64 -3.03
C SER G 197 -41.39 8.47 -4.24
N LEU G 198 -40.61 8.40 -5.33
CA LEU G 198 -40.88 9.10 -6.59
C LEU G 198 -42.21 8.69 -7.21
N ASN G 199 -42.57 7.37 -7.15
CA ASN G 199 -43.84 6.84 -7.68
C ASN G 199 -45.00 7.29 -6.80
N PHE G 200 -44.78 7.38 -5.47
CA PHE G 200 -45.80 7.82 -4.52
C PHE G 200 -46.16 9.29 -4.79
N LEU G 201 -45.14 10.16 -4.93
CA LEU G 201 -45.29 11.59 -5.22
C LEU G 201 -46.06 11.83 -6.53
N HIS G 202 -45.72 11.05 -7.58
CA HIS G 202 -46.37 11.13 -8.88
C HIS G 202 -47.80 10.58 -8.81
N ALA G 203 -48.03 9.54 -7.97
CA ALA G 203 -49.36 8.96 -7.80
C ALA G 203 -50.27 10.04 -7.20
N LEU G 204 -49.76 10.84 -6.24
CA LEU G 204 -50.48 11.96 -5.62
C LEU G 204 -50.76 13.03 -6.65
N GLU G 205 -49.75 13.46 -7.44
CA GLU G 205 -49.89 14.47 -8.49
C GLU G 205 -50.96 14.11 -9.51
N VAL G 206 -51.03 12.83 -9.90
CA VAL G 206 -52.04 12.29 -10.82
C VAL G 206 -53.40 12.26 -10.12
N MET G 207 -53.43 11.79 -8.86
CA MET G 207 -54.64 11.70 -8.05
C MET G 207 -55.35 13.06 -7.96
N PHE G 208 -54.61 14.14 -7.62
CA PHE G 208 -55.17 15.50 -7.50
C PHE G 208 -55.61 16.04 -8.86
N LYS G 209 -54.72 15.94 -9.86
CA LYS G 209 -55.00 16.38 -11.23
C LYS G 209 -56.25 15.72 -11.81
N SER G 210 -56.51 14.44 -11.43
CA SER G 210 -57.68 13.68 -11.88
C SER G 210 -58.95 13.97 -11.05
N THR G 211 -58.79 14.47 -9.81
CA THR G 211 -59.89 14.81 -8.90
C THR G 211 -60.68 15.96 -9.50
N VAL G 212 -59.99 17.05 -9.91
CA VAL G 212 -60.56 18.26 -10.51
C VAL G 212 -61.45 17.93 -11.72
N GLN G 213 -60.97 17.04 -12.60
CA GLN G 213 -61.68 16.59 -13.80
C GLN G 213 -63.01 15.89 -13.46
N LEU G 214 -63.04 15.08 -12.39
CA LEU G 214 -64.21 14.31 -11.96
C LEU G 214 -65.07 15.00 -10.88
N MET G 215 -64.57 16.12 -10.34
CA MET G 215 -65.13 16.91 -9.25
C MET G 215 -66.45 17.63 -9.55
N PHE G 216 -66.69 18.00 -10.84
CA PHE G 216 -67.87 18.78 -11.23
C PHE G 216 -68.89 18.06 -12.18
N MET G 217 -69.36 16.85 -11.76
CA MET G 217 -70.41 16.02 -12.39
C MET G 217 -70.66 14.71 -11.59
N PRO G 218 -71.90 14.48 -11.07
CA PRO G 218 -72.17 13.25 -10.29
C PRO G 218 -72.04 11.94 -11.07
N ARG G 219 -71.25 11.00 -10.48
CA ARG G 219 -70.90 9.63 -10.89
C ARG G 219 -71.30 9.20 -12.32
N SER G 220 -72.60 8.84 -12.52
CA SER G 220 -73.19 8.33 -13.78
C SER G 220 -72.67 8.98 -15.05
N LEU G 221 -72.66 10.34 -15.10
CA LEU G 221 -72.23 11.17 -16.22
C LEU G 221 -70.76 10.94 -16.62
N SER G 222 -69.83 11.20 -15.69
CA SER G 222 -68.37 11.09 -15.85
C SER G 222 -67.88 9.68 -16.24
N ARG G 223 -68.57 8.59 -15.81
CA ARG G 223 -68.16 7.23 -16.14
C ARG G 223 -68.11 6.98 -17.65
N TRP G 224 -69.02 7.63 -18.41
CA TRP G 224 -69.02 7.49 -19.86
C TRP G 224 -68.19 8.59 -20.57
N ILE G 225 -68.28 9.86 -20.09
CA ILE G 225 -67.59 11.02 -20.67
C ILE G 225 -66.06 10.92 -20.48
N SER G 226 -65.61 10.60 -19.25
CA SER G 226 -64.21 10.49 -18.91
C SER G 226 -63.88 9.11 -18.30
N PRO G 227 -63.94 7.98 -19.06
CA PRO G 227 -63.62 6.68 -18.46
C PRO G 227 -62.13 6.50 -18.17
N LYS G 228 -61.27 7.07 -19.05
CA LYS G 228 -59.80 7.01 -18.94
C LYS G 228 -59.30 7.84 -17.76
N VAL G 229 -60.08 8.87 -17.36
CA VAL G 229 -59.79 9.73 -16.20
C VAL G 229 -60.12 8.93 -14.94
N TRP G 230 -61.25 8.18 -14.94
CA TRP G 230 -61.63 7.29 -13.85
C TRP G 230 -60.54 6.23 -13.64
N LYS G 231 -60.07 5.60 -14.73
CA LYS G 231 -59.00 4.60 -14.73
C LYS G 231 -57.69 5.20 -14.17
N GLU G 232 -57.30 6.42 -14.65
CA GLU G 232 -56.11 7.20 -14.24
C GLU G 232 -56.15 7.55 -12.75
N HIS G 233 -57.36 7.74 -12.22
CA HIS G 233 -57.64 8.11 -10.84
C HIS G 233 -57.44 6.92 -9.91
N PHE G 234 -58.09 5.79 -10.24
CA PHE G 234 -58.02 4.56 -9.43
C PHE G 234 -56.64 3.93 -9.47
N GLU G 235 -55.92 4.04 -10.62
CA GLU G 235 -54.53 3.56 -10.77
C GLU G 235 -53.61 4.34 -9.84
N ALA G 236 -53.87 5.66 -9.67
CA ALA G 236 -53.12 6.57 -8.80
C ALA G 236 -53.37 6.22 -7.33
N TRP G 237 -54.63 5.93 -6.98
CA TRP G 237 -55.04 5.56 -5.63
C TRP G 237 -54.49 4.18 -5.28
N ASP G 238 -54.48 3.23 -6.24
CA ASP G 238 -53.94 1.88 -6.08
C ASP G 238 -52.49 1.94 -5.62
N CYS G 239 -51.74 2.90 -6.19
CA CYS G 239 -50.34 3.14 -5.87
C CYS G 239 -50.20 3.81 -4.51
N ILE G 240 -51.01 4.84 -4.22
CA ILE G 240 -51.00 5.56 -2.95
C ILE G 240 -51.31 4.61 -1.80
N PHE G 241 -52.36 3.77 -1.98
CA PHE G 241 -52.80 2.78 -0.99
C PHE G 241 -51.77 1.70 -0.77
N GLN G 242 -51.06 1.29 -1.84
CA GLN G 242 -50.00 0.28 -1.78
C GLN G 242 -48.86 0.79 -0.88
N TYR G 243 -48.49 2.08 -1.02
CA TYR G 243 -47.43 2.72 -0.24
C TYR G 243 -47.80 2.79 1.23
N GLY G 244 -48.98 3.35 1.53
CA GLY G 244 -49.48 3.53 2.88
C GLY G 244 -49.74 2.23 3.62
N ASP G 245 -50.37 1.26 2.91
CA ASP G 245 -50.70 -0.06 3.46
C ASP G 245 -49.43 -0.89 3.75
N ASN G 246 -48.31 -0.54 3.08
CA ASN G 246 -47.01 -1.18 3.31
C ASN G 246 -46.52 -0.70 4.69
N CYS G 247 -46.60 0.63 4.93
CA CYS G 247 -46.22 1.26 6.20
C CYS G 247 -47.13 0.80 7.32
N ILE G 248 -48.41 0.54 6.99
CA ILE G 248 -49.41 0.05 7.92
C ILE G 248 -49.17 -1.44 8.24
N GLN G 249 -48.72 -2.25 7.25
CA GLN G 249 -48.42 -3.67 7.45
C GLN G 249 -47.11 -3.84 8.23
N LYS G 250 -46.13 -2.93 8.03
CA LYS G 250 -44.86 -2.95 8.74
C LYS G 250 -45.06 -2.67 10.24
N ILE G 251 -45.77 -1.57 10.60
CA ILE G 251 -46.04 -1.17 12.00
C ILE G 251 -46.93 -2.20 12.75
N TYR G 252 -47.93 -2.78 12.07
CA TYR G 252 -48.83 -3.76 12.67
C TYR G 252 -48.11 -5.05 13.01
N GLN G 253 -47.12 -5.45 12.18
CA GLN G 253 -46.33 -6.66 12.43
C GLN G 253 -45.29 -6.41 13.53
N GLU G 254 -44.68 -5.21 13.54
CA GLU G 254 -43.70 -4.79 14.52
C GLU G 254 -44.33 -4.73 15.93
N LEU G 255 -45.59 -4.24 16.02
CA LEU G 255 -46.31 -4.11 17.28
C LEU G 255 -46.90 -5.44 17.76
N ALA G 256 -47.19 -6.36 16.82
CA ALA G 256 -47.75 -7.67 17.14
C ALA G 256 -46.75 -8.51 17.93
N PHE G 257 -45.46 -8.31 17.71
CA PHE G 257 -44.39 -9.06 18.37
C PHE G 257 -43.77 -8.37 19.58
N ASN G 258 -43.90 -7.04 19.68
CA ASN G 258 -43.36 -6.28 20.82
C ASN G 258 -44.07 -4.95 21.00
N ARG G 259 -44.58 -4.72 22.23
CA ARG G 259 -45.23 -3.45 22.62
C ARG G 259 -44.11 -2.58 23.21
N PRO G 260 -43.75 -1.43 22.58
CA PRO G 260 -42.64 -0.63 23.12
C PRO G 260 -43.01 0.19 24.35
N GLN G 261 -42.04 0.43 25.24
CA GLN G 261 -42.24 1.22 26.46
C GLN G 261 -42.33 2.72 26.11
N HIS G 262 -41.45 3.18 25.20
CA HIS G 262 -41.34 4.58 24.77
C HIS G 262 -42.23 4.91 23.56
N TYR G 263 -42.40 6.22 23.28
CA TYR G 263 -43.17 6.74 22.15
C TYR G 263 -42.49 6.37 20.83
N THR G 264 -43.26 5.76 19.92
CA THR G 264 -42.77 5.33 18.59
C THR G 264 -43.67 5.80 17.44
N GLY G 265 -44.33 6.95 17.62
CA GLY G 265 -45.20 7.53 16.61
C GLY G 265 -46.68 7.57 16.90
N ILE G 266 -47.41 8.37 16.08
CA ILE G 266 -48.87 8.63 16.12
C ILE G 266 -49.68 7.34 15.90
N VAL G 267 -49.42 6.63 14.79
CA VAL G 267 -50.12 5.39 14.39
C VAL G 267 -49.93 4.30 15.44
N ALA G 268 -48.68 4.17 15.98
CA ALA G 268 -48.36 3.21 17.04
C ALA G 268 -49.29 3.42 18.24
N GLU G 269 -49.47 4.68 18.68
CA GLU G 269 -50.35 5.06 19.79
C GLU G 269 -51.80 4.67 19.54
N LEU G 270 -52.29 4.86 18.31
CA LEU G 270 -53.67 4.54 17.90
C LEU G 270 -53.93 3.03 17.96
N LEU G 271 -52.97 2.26 17.41
CA LEU G 271 -53.03 0.80 17.37
C LEU G 271 -52.98 0.19 18.77
N LEU G 272 -52.16 0.76 19.66
CA LEU G 272 -52.02 0.28 21.05
C LEU G 272 -53.27 0.59 21.88
N LYS G 273 -53.91 1.76 21.62
CA LYS G 273 -55.15 2.19 22.28
C LYS G 273 -56.34 1.35 21.81
N ALA G 274 -56.35 0.98 20.50
CA ALA G 274 -57.37 0.17 19.83
C ALA G 274 -58.84 0.62 20.11
N GLU G 275 -59.06 1.95 20.15
CA GLU G 275 -60.37 2.58 20.37
C GLU G 275 -61.18 2.52 19.06
N LEU G 276 -60.48 2.66 17.92
CA LEU G 276 -61.04 2.56 16.56
C LEU G 276 -60.73 1.17 15.99
N SER G 277 -61.61 0.64 15.12
CA SER G 277 -61.43 -0.67 14.47
C SER G 277 -60.21 -0.63 13.54
N LEU G 278 -59.59 -1.81 13.26
CA LEU G 278 -58.41 -1.87 12.41
C LEU G 278 -58.63 -1.17 11.07
N GLU G 279 -59.76 -1.45 10.40
CA GLU G 279 -60.11 -0.86 9.10
C GLU G 279 -60.33 0.67 9.16
N ALA G 280 -60.71 1.19 10.33
CA ALA G 280 -60.88 2.63 10.56
C ALA G 280 -59.51 3.27 10.80
N ILE G 281 -58.60 2.56 11.52
CA ILE G 281 -57.22 3.00 11.77
C ILE G 281 -56.50 3.02 10.41
N LYS G 282 -56.69 1.96 9.60
CA LYS G 282 -56.14 1.81 8.25
C LYS G 282 -56.53 3.02 7.40
N ALA G 283 -57.84 3.37 7.42
CA ALA G 283 -58.47 4.46 6.68
C ALA G 283 -57.89 5.83 7.05
N ASN G 284 -57.88 6.14 8.35
CA ASN G 284 -57.39 7.41 8.89
C ASN G 284 -55.89 7.58 8.73
N SER G 285 -55.11 6.50 8.92
CA SER G 285 -53.65 6.49 8.77
C SER G 285 -53.25 6.74 7.33
N MET G 286 -54.06 6.25 6.37
CA MET G 286 -53.84 6.42 4.93
C MET G 286 -53.96 7.90 4.57
N GLU G 287 -54.98 8.58 5.11
CA GLU G 287 -55.23 10.01 4.89
C GLU G 287 -54.10 10.84 5.45
N LEU G 288 -53.57 10.43 6.61
CA LEU G 288 -52.48 11.13 7.27
C LEU G 288 -51.18 10.95 6.49
N THR G 289 -50.95 9.76 5.93
CA THR G 289 -49.74 9.46 5.14
C THR G 289 -49.69 10.28 3.85
N ALA G 290 -50.79 10.23 3.06
CA ALA G 290 -50.93 10.91 1.79
C ALA G 290 -51.18 12.42 1.92
N GLY G 291 -51.97 12.83 2.90
CA GLY G 291 -52.27 14.25 3.08
C GLY G 291 -51.23 15.06 3.79
N SER G 292 -50.05 14.51 4.09
CA SER G 292 -49.00 15.24 4.81
C SER G 292 -47.80 15.52 3.91
N VAL G 293 -47.87 15.09 2.63
CA VAL G 293 -46.79 15.26 1.67
C VAL G 293 -46.85 16.61 0.97
N ASP G 294 -47.87 16.80 0.11
CA ASP G 294 -48.07 18.01 -0.68
C ASP G 294 -48.41 19.20 0.17
N THR G 295 -49.39 19.03 1.08
CA THR G 295 -49.93 20.08 1.94
C THR G 295 -48.88 20.85 2.74
N THR G 296 -47.85 20.17 3.26
CA THR G 296 -46.82 20.83 4.07
C THR G 296 -45.73 21.43 3.19
N ALA G 297 -45.32 20.72 2.12
CA ALA G 297 -44.24 21.11 1.21
C ALA G 297 -44.49 22.41 0.46
N PHE G 298 -45.67 22.58 -0.17
CA PHE G 298 -45.96 23.76 -0.97
C PHE G 298 -45.87 25.07 -0.14
N PRO G 299 -46.50 25.23 1.06
CA PRO G 299 -46.28 26.48 1.82
C PRO G 299 -44.85 26.63 2.36
N LEU G 300 -44.11 25.51 2.57
CA LEU G 300 -42.71 25.55 3.02
C LEU G 300 -41.86 26.21 1.92
N LEU G 301 -42.10 25.78 0.68
CA LEU G 301 -41.45 26.25 -0.54
C LEU G 301 -41.78 27.70 -0.76
N MET G 302 -43.02 28.09 -0.48
CA MET G 302 -43.47 29.45 -0.68
C MET G 302 -42.90 30.41 0.36
N THR G 303 -42.69 29.93 1.60
CA THR G 303 -42.08 30.74 2.66
C THR G 303 -40.62 31.00 2.26
N LEU G 304 -39.91 29.93 1.82
CA LEU G 304 -38.54 30.01 1.37
C LEU G 304 -38.39 31.04 0.24
N PHE G 305 -39.31 31.00 -0.74
CA PHE G 305 -39.34 31.93 -1.87
C PHE G 305 -39.56 33.36 -1.40
N GLU G 306 -40.58 33.58 -0.54
CA GLU G 306 -40.91 34.91 -0.04
C GLU G 306 -39.83 35.48 0.86
N LEU G 307 -39.08 34.62 1.58
CA LEU G 307 -37.97 35.07 2.42
C LEU G 307 -36.79 35.46 1.54
N ALA G 308 -36.60 34.74 0.41
CA ALA G 308 -35.55 35.04 -0.56
C ALA G 308 -35.88 36.32 -1.32
N ARG G 309 -37.18 36.61 -1.48
CA ARG G 309 -37.72 37.82 -2.12
C ARG G 309 -37.61 39.04 -1.19
N ASN G 310 -37.86 38.85 0.13
CA ASN G 310 -37.81 39.88 1.16
C ASN G 310 -36.62 39.60 2.09
N PRO G 311 -35.41 40.08 1.75
CA PRO G 311 -34.23 39.79 2.60
C PRO G 311 -34.26 40.47 3.97
N ASP G 312 -34.93 41.63 4.04
CA ASP G 312 -35.12 42.44 5.24
C ASP G 312 -35.96 41.68 6.27
N VAL G 313 -37.04 41.00 5.80
CA VAL G 313 -37.95 40.18 6.59
C VAL G 313 -37.18 38.96 7.11
N GLN G 314 -36.41 38.32 6.22
CA GLN G 314 -35.55 37.16 6.46
C GLN G 314 -34.58 37.41 7.61
N GLN G 315 -33.94 38.60 7.60
CA GLN G 315 -32.99 39.02 8.63
C GLN G 315 -33.60 39.04 10.04
N ILE G 316 -34.77 39.68 10.20
CA ILE G 316 -35.48 39.82 11.46
C ILE G 316 -36.09 38.46 11.91
N LEU G 317 -36.04 37.46 11.03
CA LEU G 317 -36.48 36.13 11.39
C LEU G 317 -35.26 35.36 11.91
N ARG G 318 -34.14 35.49 11.19
CA ARG G 318 -32.83 34.88 11.47
C ARG G 318 -32.32 35.31 12.84
N GLN G 319 -32.48 36.61 13.19
CA GLN G 319 -32.05 37.17 14.47
C GLN G 319 -32.82 36.51 15.61
N GLU G 320 -34.12 36.26 15.38
CA GLU G 320 -35.00 35.60 16.34
C GLU G 320 -34.56 34.14 16.54
N SER G 321 -34.34 33.40 15.42
CA SER G 321 -33.94 32.00 15.43
C SER G 321 -32.56 31.76 16.03
N LEU G 322 -31.61 32.69 15.82
CA LEU G 322 -30.26 32.58 16.38
C LEU G 322 -30.27 32.82 17.89
N ALA G 323 -31.19 33.68 18.36
CA ALA G 323 -31.34 34.00 19.78
C ALA G 323 -31.91 32.80 20.54
N ALA G 324 -33.01 32.21 20.01
CA ALA G 324 -33.69 31.06 20.61
C ALA G 324 -33.01 29.71 20.29
N ALA G 325 -31.94 29.73 19.46
CA ALA G 325 -31.18 28.54 19.02
C ALA G 325 -30.73 27.65 20.18
N ALA G 326 -30.15 28.27 21.22
CA ALA G 326 -29.64 27.60 22.41
C ALA G 326 -30.71 26.85 23.19
N SER G 327 -31.87 27.51 23.44
CA SER G 327 -33.00 26.93 24.16
C SER G 327 -33.74 25.85 23.38
N ILE G 328 -33.81 25.99 22.04
CA ILE G 328 -34.45 25.03 21.14
C ILE G 328 -33.59 23.72 21.05
N SER G 329 -32.24 23.88 21.13
CA SER G 329 -31.27 22.79 21.09
C SER G 329 -31.41 21.90 22.33
N GLU G 330 -31.73 22.50 23.50
CA GLU G 330 -31.93 21.80 24.78
C GLU G 330 -33.29 21.10 24.80
N HIS G 331 -34.36 21.84 24.47
CA HIS G 331 -35.73 21.33 24.42
C HIS G 331 -36.36 21.72 23.08
N PRO G 332 -36.51 20.76 22.12
CA PRO G 332 -37.08 21.13 20.80
C PRO G 332 -38.53 21.62 20.82
N GLN G 333 -39.37 21.09 21.73
CA GLN G 333 -40.78 21.46 21.88
C GLN G 333 -40.99 22.97 22.17
N LYS G 334 -39.88 23.65 22.61
CA LYS G 334 -39.79 25.07 22.92
C LYS G 334 -39.61 25.93 21.64
N ALA G 335 -39.88 25.36 20.45
CA ALA G 335 -39.83 26.08 19.18
C ALA G 335 -41.18 26.72 18.87
N THR G 336 -42.28 26.08 19.32
CA THR G 336 -43.65 26.59 19.14
C THR G 336 -43.86 27.94 19.84
N THR G 337 -43.48 28.00 21.12
CA THR G 337 -43.63 29.20 21.95
C THR G 337 -42.53 30.24 21.77
N GLU G 338 -41.28 29.82 21.48
CA GLU G 338 -40.14 30.75 21.36
C GLU G 338 -39.90 31.33 19.96
N LEU G 339 -40.79 31.09 18.99
CA LEU G 339 -40.62 31.67 17.66
C LEU G 339 -41.90 32.36 17.15
N PRO G 340 -42.34 33.49 17.78
CA PRO G 340 -43.57 34.16 17.32
C PRO G 340 -43.50 34.80 15.93
N LEU G 341 -42.34 35.37 15.55
CA LEU G 341 -42.11 35.99 14.23
C LEU G 341 -42.18 34.96 13.11
N LEU G 342 -41.52 33.80 13.30
CA LEU G 342 -41.50 32.71 12.34
C LEU G 342 -42.90 32.11 12.17
N ARG G 343 -43.69 32.07 13.28
CA ARG G 343 -45.07 31.59 13.24
C ARG G 343 -45.90 32.60 12.47
N ALA G 344 -45.61 33.90 12.63
CA ALA G 344 -46.30 34.98 11.93
C ALA G 344 -45.95 34.95 10.44
N ALA G 345 -44.70 34.55 10.12
CA ALA G 345 -44.22 34.45 8.74
C ALA G 345 -45.02 33.36 8.02
N LEU G 346 -45.37 32.27 8.75
CA LEU G 346 -46.17 31.16 8.24
C LEU G 346 -47.64 31.54 8.04
N LYS G 347 -48.16 32.45 8.90
CA LYS G 347 -49.54 32.94 8.84
C LYS G 347 -49.74 33.78 7.57
N GLU G 348 -48.68 34.51 7.16
CA GLU G 348 -48.65 35.38 5.97
C GLU G 348 -48.52 34.58 4.67
N THR G 349 -47.70 33.50 4.71
CA THR G 349 -47.48 32.61 3.57
C THR G 349 -48.81 31.92 3.21
N LEU G 350 -49.58 31.47 4.23
CA LEU G 350 -50.85 30.78 4.05
C LEU G 350 -51.95 31.73 3.63
N ARG G 351 -51.79 33.03 3.94
CA ARG G 351 -52.72 34.10 3.58
C ARG G 351 -52.64 34.34 2.06
N LEU G 352 -51.41 34.52 1.56
CA LEU G 352 -51.12 34.78 0.17
C LEU G 352 -51.22 33.53 -0.67
N TYR G 353 -50.74 32.40 -0.16
CA TYR G 353 -50.73 31.13 -0.87
C TYR G 353 -51.47 30.04 -0.10
N PRO G 354 -52.82 29.97 -0.23
CA PRO G 354 -53.55 28.91 0.49
C PRO G 354 -53.31 27.55 -0.16
N VAL G 355 -53.35 26.48 0.66
CA VAL G 355 -53.13 25.09 0.23
C VAL G 355 -54.31 24.61 -0.62
N GLY G 356 -55.51 24.82 -0.12
CA GLY G 356 -56.74 24.52 -0.84
C GLY G 356 -57.33 25.81 -1.34
N LEU G 357 -58.49 25.73 -1.98
CA LEU G 357 -59.16 26.90 -2.51
C LEU G 357 -60.24 27.48 -1.60
N PHE G 358 -61.24 26.65 -1.26
CA PHE G 358 -62.41 27.03 -0.46
C PHE G 358 -62.66 26.14 0.74
N LEU G 359 -63.24 26.73 1.80
CA LEU G 359 -63.68 26.03 3.00
C LEU G 359 -65.16 25.72 2.75
N GLU G 360 -65.56 24.45 2.84
CA GLU G 360 -66.95 24.02 2.55
C GLU G 360 -67.78 23.78 3.79
N ARG G 361 -69.07 24.14 3.73
CA ARG G 361 -70.04 23.88 4.78
C ARG G 361 -71.45 23.81 4.21
N VAL G 362 -72.10 22.64 4.36
CA VAL G 362 -73.49 22.41 3.98
C VAL G 362 -74.22 22.67 5.28
N VAL G 363 -74.69 23.93 5.44
CA VAL G 363 -75.34 24.46 6.63
C VAL G 363 -76.53 23.60 7.11
N SER G 364 -76.54 23.29 8.43
CA SER G 364 -77.55 22.46 9.09
C SER G 364 -78.85 23.22 9.36
N SER G 365 -78.76 24.54 9.54
CA SER G 365 -79.90 25.42 9.78
C SER G 365 -79.78 26.76 9.04
N ASP G 366 -80.89 27.52 8.96
CA ASP G 366 -80.95 28.83 8.31
C ASP G 366 -80.04 29.85 9.00
N LEU G 367 -79.49 30.80 8.23
CA LEU G 367 -78.60 31.87 8.71
C LEU G 367 -78.62 33.11 7.84
N VAL G 368 -78.10 34.23 8.35
CA VAL G 368 -78.05 35.48 7.59
C VAL G 368 -76.59 35.84 7.29
N LEU G 369 -76.23 35.88 5.99
CA LEU G 369 -74.89 36.20 5.48
C LEU G 369 -74.91 37.41 4.59
N GLN G 370 -74.21 38.49 5.00
CA GLN G 370 -74.13 39.77 4.29
C GLN G 370 -75.55 40.35 4.04
N ASN G 371 -76.45 40.24 5.06
CA ASN G 371 -77.86 40.67 5.08
C ASN G 371 -78.75 39.91 4.03
N TYR G 372 -78.33 38.68 3.66
CA TYR G 372 -79.07 37.80 2.74
C TYR G 372 -79.52 36.55 3.47
N HIS G 373 -80.73 36.06 3.15
CA HIS G 373 -81.26 34.84 3.76
C HIS G 373 -80.59 33.60 3.17
N ILE G 374 -79.96 32.79 4.02
CA ILE G 374 -79.30 31.55 3.62
C ILE G 374 -80.12 30.37 4.17
N PRO G 375 -80.85 29.64 3.31
CA PRO G 375 -81.66 28.52 3.81
C PRO G 375 -80.82 27.32 4.24
N ALA G 376 -81.43 26.36 4.98
CA ALA G 376 -80.72 25.16 5.41
C ALA G 376 -80.46 24.25 4.18
N GLY G 377 -79.37 23.50 4.22
CA GLY G 377 -78.98 22.64 3.11
C GLY G 377 -78.33 23.40 1.97
N THR G 378 -77.82 24.61 2.26
CA THR G 378 -77.14 25.47 1.28
C THR G 378 -75.64 25.29 1.43
N LEU G 379 -74.94 25.09 0.30
CA LEU G 379 -73.50 24.93 0.30
C LEU G 379 -72.87 26.31 0.38
N VAL G 380 -72.10 26.55 1.43
CA VAL G 380 -71.42 27.84 1.64
C VAL G 380 -69.92 27.60 1.49
N GLN G 381 -69.27 28.29 0.54
CA GLN G 381 -67.85 28.13 0.24
C GLN G 381 -66.96 29.37 0.46
N VAL G 382 -66.14 29.34 1.52
CA VAL G 382 -65.24 30.45 1.86
C VAL G 382 -64.00 30.43 0.97
N PHE G 383 -63.85 31.44 0.05
CA PHE G 383 -62.74 31.53 -0.91
C PHE G 383 -61.54 32.21 -0.32
N LEU G 384 -60.60 31.38 0.12
CA LEU G 384 -59.39 31.74 0.87
C LEU G 384 -58.41 32.63 0.11
N TYR G 385 -58.29 32.45 -1.20
CA TYR G 385 -57.43 33.31 -2.02
C TYR G 385 -57.99 34.77 -1.95
N SER G 386 -59.33 34.94 -2.14
CA SER G 386 -60.11 36.19 -2.14
C SER G 386 -60.38 36.79 -0.72
N LEU G 387 -60.02 36.03 0.32
CA LEU G 387 -60.12 36.49 1.70
C LEU G 387 -58.79 37.16 2.12
N GLY G 388 -57.67 36.53 1.75
CA GLY G 388 -56.33 37.01 2.05
C GLY G 388 -55.89 38.15 1.15
N ARG G 389 -56.57 38.32 0.02
CA ARG G 389 -56.26 39.37 -0.94
C ARG G 389 -57.15 40.61 -0.79
N ASN G 390 -58.17 40.51 0.11
CA ASN G 390 -59.06 41.63 0.37
C ASN G 390 -58.20 42.73 0.97
N ALA G 391 -58.06 43.84 0.20
CA ALA G 391 -57.29 45.04 0.52
C ALA G 391 -57.79 45.76 1.80
N ALA G 392 -59.09 45.66 2.11
CA ALA G 392 -59.69 46.29 3.29
C ALA G 392 -59.11 45.74 4.61
N LEU G 393 -58.96 44.40 4.73
CA LEU G 393 -58.42 43.77 5.95
C LEU G 393 -56.89 43.78 5.99
N PHE G 394 -56.25 43.65 4.80
CA PHE G 394 -54.80 43.56 4.68
C PHE G 394 -54.30 44.64 3.73
N PRO G 395 -53.97 45.87 4.26
CA PRO G 395 -53.49 46.96 3.37
C PRO G 395 -52.27 46.51 2.59
N ARG G 396 -52.27 46.82 1.27
CA ARG G 396 -51.28 46.40 0.27
C ARG G 396 -51.13 44.85 0.35
N PRO G 397 -52.21 44.09 -0.04
CA PRO G 397 -52.22 42.62 0.16
C PRO G 397 -51.06 41.85 -0.45
N GLU G 398 -50.46 42.39 -1.53
CA GLU G 398 -49.29 41.77 -2.20
C GLU G 398 -48.04 41.82 -1.34
N ARG G 399 -47.97 42.74 -0.37
CA ARG G 399 -46.85 42.86 0.53
C ARG G 399 -46.79 41.63 1.50
N TYR G 400 -45.58 41.06 1.71
CA TYR G 400 -45.32 39.96 2.62
C TYR G 400 -44.69 40.57 3.87
N ASN G 401 -45.50 40.78 4.91
CA ASN G 401 -45.02 41.40 6.16
C ASN G 401 -45.47 40.58 7.37
N PRO G 402 -44.56 39.92 8.14
CA PRO G 402 -45.01 39.19 9.34
C PRO G 402 -45.38 40.12 10.52
N GLN G 403 -45.19 41.44 10.37
CA GLN G 403 -45.53 42.43 11.39
C GLN G 403 -47.03 42.71 11.48
N ARG G 404 -47.80 42.37 10.41
CA ARG G 404 -49.26 42.61 10.40
C ARG G 404 -50.04 41.59 11.25
N TRP G 405 -49.50 40.37 11.44
CA TRP G 405 -50.15 39.35 12.25
C TRP G 405 -49.94 39.52 13.76
N LEU G 406 -48.76 40.05 14.14
CA LEU G 406 -48.37 40.24 15.54
C LEU G 406 -49.13 41.38 16.24
N ASP G 407 -50.24 41.81 15.61
CA ASP G 407 -51.14 42.83 16.12
C ASP G 407 -52.47 42.22 16.64
N ILE G 408 -52.49 40.88 16.87
CA ILE G 408 -53.68 40.15 17.36
C ILE G 408 -53.53 39.79 18.85
N ASN G 414 -58.17 38.05 14.93
CA ASN G 414 -58.12 36.71 15.50
C ASN G 414 -59.02 35.72 14.71
N PHE G 415 -59.48 36.14 13.51
CA PHE G 415 -60.39 35.39 12.63
C PHE G 415 -60.07 35.56 11.13
N HIS G 416 -59.02 36.35 10.82
CA HIS G 416 -58.52 36.60 9.47
C HIS G 416 -57.74 35.39 9.08
N HIS G 417 -57.04 34.78 10.07
CA HIS G 417 -56.25 33.56 9.93
C HIS G 417 -57.15 32.33 10.16
N VAL G 418 -57.59 31.74 9.04
CA VAL G 418 -58.43 30.53 8.97
C VAL G 418 -57.98 29.58 7.82
N PRO G 419 -56.65 29.39 7.53
CA PRO G 419 -56.28 28.48 6.43
C PRO G 419 -56.44 26.99 6.77
N PHE G 420 -56.46 26.67 8.06
CA PHE G 420 -56.64 25.30 8.54
C PHE G 420 -58.10 25.00 8.83
N GLY G 421 -58.95 26.01 8.65
CA GLY G 421 -60.38 25.90 8.87
C GLY G 421 -60.82 26.46 10.20
N PHE G 422 -61.92 25.91 10.74
CA PHE G 422 -62.54 26.34 11.98
C PHE G 422 -63.35 25.23 12.68
N GLY G 423 -63.63 25.46 13.95
CA GLY G 423 -64.43 24.58 14.79
C GLY G 423 -63.84 23.19 14.99
N MET G 424 -64.73 22.21 15.16
CA MET G 424 -64.38 20.80 15.42
C MET G 424 -63.80 20.12 14.21
N ARG G 425 -64.21 20.59 13.03
CA ARG G 425 -63.79 20.09 11.75
C ARG G 425 -62.43 20.70 11.26
N GLN G 426 -61.88 21.72 11.98
CA GLN G 426 -60.57 22.35 11.67
C GLN G 426 -59.49 21.26 11.57
N CYS G 427 -58.58 21.41 10.60
CA CYS G 427 -57.47 20.51 10.25
C CYS G 427 -56.94 19.62 11.40
N LEU G 428 -56.83 18.31 11.12
CA LEU G 428 -56.31 17.30 12.06
C LEU G 428 -54.77 17.30 12.08
N GLY G 429 -54.17 17.53 10.92
CA GLY G 429 -52.71 17.55 10.80
C GLY G 429 -52.10 18.89 11.13
N ARG G 430 -52.95 19.88 11.45
CA ARG G 430 -52.62 21.26 11.76
C ARG G 430 -51.27 21.39 12.48
N ARG G 431 -51.19 20.87 13.70
CA ARG G 431 -50.01 20.98 14.57
C ARG G 431 -48.83 20.14 14.09
N LEU G 432 -49.06 19.09 13.28
CA LEU G 432 -47.97 18.29 12.72
C LEU G 432 -47.33 19.09 11.56
N ALA G 433 -48.17 19.69 10.70
CA ALA G 433 -47.74 20.50 9.55
C ALA G 433 -46.93 21.70 10.05
N GLU G 434 -47.44 22.39 11.09
CA GLU G 434 -46.79 23.56 11.71
C GLU G 434 -45.39 23.22 12.18
N ALA G 435 -45.25 22.08 12.90
CA ALA G 435 -43.98 21.61 13.42
C ALA G 435 -42.97 21.37 12.30
N GLU G 436 -43.39 20.70 11.20
CA GLU G 436 -42.54 20.40 10.05
C GLU G 436 -42.02 21.68 9.41
N MET G 437 -42.90 22.69 9.29
CA MET G 437 -42.57 24.00 8.70
C MET G 437 -41.64 24.79 9.59
N LEU G 438 -42.04 25.03 10.84
CA LEU G 438 -41.27 25.80 11.83
C LEU G 438 -39.85 25.31 12.01
N LEU G 439 -39.69 24.02 12.35
CA LEU G 439 -38.40 23.37 12.60
C LEU G 439 -37.47 23.37 11.40
N LEU G 440 -37.99 23.20 10.15
CA LEU G 440 -37.13 23.25 8.96
C LEU G 440 -36.58 24.65 8.78
N LEU G 441 -37.49 25.65 8.76
CA LEU G 441 -37.15 27.05 8.59
C LEU G 441 -36.20 27.55 9.66
N HIS G 442 -36.42 27.14 10.93
CA HIS G 442 -35.54 27.50 12.05
C HIS G 442 -34.09 27.07 11.78
N HIS G 443 -33.87 25.80 11.41
CA HIS G 443 -32.53 25.28 11.15
C HIS G 443 -31.91 25.83 9.86
N VAL G 444 -32.73 26.16 8.86
CA VAL G 444 -32.24 26.74 7.61
C VAL G 444 -31.78 28.19 7.86
N LEU G 445 -32.59 28.98 8.60
CA LEU G 445 -32.29 30.38 8.95
C LEU G 445 -31.05 30.49 9.83
N LYS G 446 -30.83 29.48 10.69
CA LYS G 446 -29.69 29.40 11.61
C LYS G 446 -28.34 29.39 10.87
N HIS G 447 -28.24 28.66 9.73
CA HIS G 447 -26.97 28.47 8.99
C HIS G 447 -26.88 29.10 7.59
N PHE G 448 -28.03 29.35 6.93
CA PHE G 448 -28.00 29.87 5.55
C PHE G 448 -28.71 31.19 5.32
N LEU G 449 -28.38 31.82 4.17
CA LEU G 449 -28.96 33.04 3.65
C LEU G 449 -29.64 32.61 2.34
N VAL G 450 -30.96 32.73 2.25
CA VAL G 450 -31.71 32.35 1.06
C VAL G 450 -31.83 33.56 0.12
N GLU G 451 -31.41 33.41 -1.14
CA GLU G 451 -31.41 34.49 -2.15
C GLU G 451 -31.97 34.02 -3.49
N THR G 452 -32.56 34.95 -4.28
CA THR G 452 -33.09 34.69 -5.63
C THR G 452 -33.23 35.98 -6.46
N LEU G 453 -32.95 35.88 -7.77
CA LEU G 453 -33.09 36.99 -8.71
C LEU G 453 -34.52 37.02 -9.27
N THR G 454 -35.26 35.89 -9.13
CA THR G 454 -36.66 35.73 -9.56
C THR G 454 -37.57 36.52 -8.63
N GLN G 455 -37.94 37.72 -9.03
CA GLN G 455 -38.80 38.60 -8.23
C GLN G 455 -40.25 38.59 -8.75
N GLU G 456 -40.48 37.87 -9.86
CA GLU G 456 -41.79 37.71 -10.50
C GLU G 456 -42.58 36.73 -9.68
N ASP G 457 -43.82 37.09 -9.31
CA ASP G 457 -44.71 36.26 -8.52
C ASP G 457 -44.92 34.93 -9.21
N ILE G 458 -45.02 33.84 -8.41
CA ILE G 458 -45.21 32.50 -8.94
C ILE G 458 -46.67 32.27 -9.25
N LYS G 459 -46.97 31.87 -10.50
CA LYS G 459 -48.32 31.55 -10.96
C LYS G 459 -48.74 30.22 -10.32
N MET G 460 -49.83 30.24 -9.52
CA MET G 460 -50.37 29.05 -8.87
C MET G 460 -51.27 28.30 -9.85
N VAL G 461 -51.31 26.97 -9.74
CA VAL G 461 -52.08 26.09 -10.62
C VAL G 461 -53.11 25.32 -9.78
N TYR G 462 -54.39 25.41 -10.22
CA TYR G 462 -55.49 24.72 -9.56
C TYR G 462 -55.63 23.28 -10.03
N SER G 463 -55.33 22.36 -9.12
CA SER G 463 -55.49 20.94 -9.29
C SER G 463 -55.66 20.39 -7.91
N PHE G 464 -56.81 20.74 -7.32
CA PHE G 464 -57.32 20.42 -5.99
C PHE G 464 -56.50 21.11 -4.92
N ILE G 465 -55.18 20.85 -4.89
CA ILE G 465 -54.30 21.58 -4.00
C ILE G 465 -53.54 22.60 -4.82
N LEU G 466 -53.77 23.90 -4.50
CA LEU G 466 -53.23 25.08 -5.17
C LEU G 466 -51.72 25.02 -5.14
N ARG G 467 -51.11 24.57 -6.27
CA ARG G 467 -49.67 24.36 -6.37
C ARG G 467 -48.91 25.26 -7.34
N PRO G 468 -47.69 25.72 -6.98
CA PRO G 468 -46.94 26.61 -7.86
C PRO G 468 -46.54 25.99 -9.17
N GLY G 469 -46.70 26.77 -10.23
CA GLY G 469 -46.37 26.35 -11.58
C GLY G 469 -44.87 26.38 -11.88
N THR G 470 -44.10 27.20 -11.13
CA THR G 470 -42.66 27.34 -11.30
C THR G 470 -41.93 27.16 -9.99
N SER G 471 -40.85 26.38 -9.99
CA SER G 471 -40.00 26.24 -8.82
C SER G 471 -38.74 27.07 -9.11
N PRO G 472 -38.57 28.21 -8.40
CA PRO G 472 -37.45 29.10 -8.67
C PRO G 472 -36.12 28.59 -8.12
N LEU G 473 -35.03 29.13 -8.67
CA LEU G 473 -33.68 28.81 -8.26
C LEU G 473 -33.35 29.60 -6.99
N LEU G 474 -33.04 28.89 -5.91
CA LEU G 474 -32.72 29.52 -4.63
C LEU G 474 -31.28 29.26 -4.25
N THR G 475 -30.56 30.33 -3.86
CA THR G 475 -29.17 30.23 -3.43
C THR G 475 -29.13 30.11 -1.92
N PHE G 476 -28.46 29.07 -1.41
CA PHE G 476 -28.29 28.85 0.03
C PHE G 476 -26.83 29.12 0.38
N ARG G 477 -26.55 30.31 0.91
CA ARG G 477 -25.19 30.75 1.26
C ARG G 477 -24.93 30.52 2.74
N ALA G 478 -23.85 29.79 3.08
CA ALA G 478 -23.49 29.50 4.45
C ALA G 478 -22.98 30.74 5.15
N ILE G 479 -23.29 30.89 6.47
CA ILE G 479 -22.85 32.04 7.26
C ILE G 479 -21.37 31.83 7.69
N ASN G 480 -20.93 30.54 7.71
CA ASN G 480 -19.57 30.08 7.99
C ASN G 480 -19.10 29.22 6.82
N THR H 11 14.66 -32.93 54.36
CA THR H 11 13.89 -32.96 55.60
C THR H 11 13.67 -31.54 56.12
N VAL H 12 12.49 -31.27 56.74
CA VAL H 12 12.10 -29.92 57.20
C VAL H 12 12.99 -29.44 58.35
N LEU H 13 13.74 -28.37 58.05
CA LEU H 13 14.69 -27.68 58.92
C LEU H 13 14.00 -26.72 59.90
N PRO H 14 14.57 -26.51 61.12
CA PRO H 14 13.94 -25.55 62.05
C PRO H 14 14.06 -24.08 61.61
N PHE H 15 13.35 -23.18 62.30
CA PHE H 15 13.31 -21.76 61.99
C PHE H 15 14.67 -21.06 62.13
N GLU H 16 15.38 -21.26 63.25
CA GLU H 16 16.67 -20.59 63.51
C GLU H 16 17.80 -21.06 62.56
N ALA H 17 17.58 -22.15 61.79
CA ALA H 17 18.54 -22.69 60.82
C ALA H 17 18.63 -21.82 59.57
N MET H 18 17.59 -21.02 59.32
CA MET H 18 17.42 -20.09 58.20
C MET H 18 18.50 -19.01 58.20
N PRO H 19 19.04 -18.59 57.02
CA PRO H 19 20.05 -17.52 57.02
C PRO H 19 19.51 -16.22 57.63
N GLN H 20 20.33 -15.54 58.43
CA GLN H 20 19.95 -14.31 59.10
C GLN H 20 20.54 -13.10 58.40
N HIS H 21 19.80 -11.97 58.41
CA HIS H 21 20.24 -10.70 57.85
C HIS H 21 21.46 -10.19 58.66
N PRO H 22 22.54 -9.73 57.99
CA PRO H 22 23.74 -9.31 58.76
C PRO H 22 23.65 -7.92 59.42
N GLY H 23 22.46 -7.54 59.88
CA GLY H 23 22.25 -6.26 60.53
C GLY H 23 21.10 -6.26 61.52
N ASN H 24 21.42 -6.08 62.81
CA ASN H 24 20.47 -6.00 63.92
C ASN H 24 19.60 -4.73 63.79
N ARG H 25 18.42 -4.70 64.45
CA ARG H 25 17.49 -3.58 64.35
C ARG H 25 17.96 -2.28 65.11
N TRP H 26 19.24 -2.22 65.52
CA TRP H 26 19.82 -1.03 66.14
C TRP H 26 20.37 -0.16 64.98
N LEU H 27 20.92 -0.84 63.94
CA LEU H 27 21.43 -0.24 62.70
C LEU H 27 20.30 0.50 61.97
N ARG H 28 19.05 0.10 62.26
CA ARG H 28 17.83 0.71 61.72
C ARG H 28 17.78 2.18 62.19
N LEU H 29 17.92 2.41 63.53
CA LEU H 29 17.92 3.76 64.13
C LEU H 29 18.95 4.69 63.49
N LEU H 30 20.08 4.11 63.03
CA LEU H 30 21.16 4.82 62.36
C LEU H 30 20.70 5.45 61.03
N GLN H 31 20.19 4.64 60.07
CA GLN H 31 19.74 5.10 58.74
C GLN H 31 18.56 6.09 58.82
N ILE H 32 17.49 5.72 59.56
CA ILE H 32 16.23 6.45 59.73
C ILE H 32 16.44 7.88 60.30
N TRP H 33 17.42 8.07 61.21
CA TRP H 33 17.75 9.39 61.76
C TRP H 33 18.54 10.18 60.70
N ARG H 34 19.66 9.57 60.21
CA ARG H 34 20.62 10.10 59.22
C ARG H 34 19.96 10.57 57.92
N GLU H 35 19.58 9.64 57.03
CA GLU H 35 18.99 9.95 55.74
C GLU H 35 17.53 10.43 55.83
N GLN H 36 16.87 10.23 56.99
CA GLN H 36 15.46 10.56 57.26
C GLN H 36 14.57 9.81 56.25
N GLY H 37 14.65 8.48 56.30
CA GLY H 37 13.96 7.56 55.41
C GLY H 37 14.91 6.52 54.85
N TYR H 38 14.37 5.51 54.12
CA TYR H 38 15.17 4.42 53.55
C TYR H 38 15.14 4.40 52.02
N GLU H 39 15.63 5.50 51.39
CA GLU H 39 15.65 5.73 49.92
C GLU H 39 16.10 4.50 49.09
N HIS H 40 17.06 3.71 49.59
CA HIS H 40 17.62 2.57 48.88
C HIS H 40 17.23 1.18 49.46
N LEU H 41 16.22 1.13 50.36
CA LEU H 41 15.76 -0.11 50.99
C LEU H 41 15.58 -1.27 50.02
N HIS H 42 14.92 -1.03 48.88
CA HIS H 42 14.68 -2.04 47.86
C HIS H 42 15.97 -2.64 47.30
N LEU H 43 16.98 -1.79 47.05
CA LEU H 43 18.28 -2.17 46.52
C LEU H 43 19.11 -2.94 47.54
N GLU H 44 19.01 -2.53 48.84
CA GLU H 44 19.68 -3.17 49.96
C GLU H 44 19.14 -4.59 50.16
N MET H 45 17.81 -4.72 50.18
CA MET H 45 17.13 -5.99 50.34
C MET H 45 17.40 -6.95 49.16
N HIS H 46 17.40 -6.44 47.90
CA HIS H 46 17.67 -7.23 46.68
C HIS H 46 19.06 -7.84 46.74
N GLN H 47 20.04 -7.05 47.23
CA GLN H 47 21.44 -7.44 47.39
C GLN H 47 21.57 -8.56 48.43
N THR H 48 20.74 -8.48 49.50
CA THR H 48 20.66 -9.46 50.59
C THR H 48 20.23 -10.84 50.07
N PHE H 49 19.19 -10.88 49.21
CA PHE H 49 18.67 -12.12 48.60
C PHE H 49 19.72 -12.79 47.73
N GLN H 50 20.58 -11.99 47.07
CA GLN H 50 21.66 -12.48 46.20
C GLN H 50 22.78 -13.13 47.02
N GLU H 51 22.94 -12.69 48.30
CA GLU H 51 23.97 -13.16 49.22
C GLU H 51 23.56 -14.30 50.15
N LEU H 52 22.29 -14.30 50.60
CA LEU H 52 21.76 -15.28 51.57
C LEU H 52 20.81 -16.36 51.00
N GLY H 53 20.30 -16.15 49.77
CA GLY H 53 19.37 -17.09 49.15
C GLY H 53 17.96 -16.55 48.99
N PRO H 54 17.01 -17.38 48.47
CA PRO H 54 15.63 -16.89 48.26
C PRO H 54 14.77 -16.72 49.51
N ILE H 55 15.35 -17.04 50.70
CA ILE H 55 14.69 -16.96 52.01
C ILE H 55 15.71 -16.59 53.09
N PHE H 56 15.35 -15.59 53.93
CA PHE H 56 16.16 -15.12 55.06
C PHE H 56 15.30 -14.52 56.17
N ARG H 57 15.77 -14.61 57.41
CA ARG H 57 15.07 -14.07 58.57
C ARG H 57 15.73 -12.76 59.03
N TYR H 58 14.91 -11.76 59.36
CA TYR H 58 15.44 -10.49 59.82
C TYR H 58 15.61 -10.55 61.35
N ASN H 59 16.55 -9.76 61.90
CA ASN H 59 16.82 -9.70 63.35
C ASN H 59 16.14 -8.48 64.01
N LEU H 60 14.88 -8.68 64.43
CA LEU H 60 14.07 -7.67 65.11
C LEU H 60 14.12 -7.93 66.64
N GLY H 61 15.18 -8.61 67.09
CA GLY H 61 15.38 -8.97 68.49
C GLY H 61 14.53 -10.13 68.94
N GLY H 62 13.21 -10.01 68.74
CA GLY H 62 12.19 -10.96 69.16
C GLY H 62 11.20 -11.43 68.11
N PRO H 63 10.35 -10.54 67.49
CA PRO H 63 9.36 -11.03 66.51
C PRO H 63 9.98 -11.76 65.33
N ARG H 64 9.31 -12.83 64.89
CA ARG H 64 9.75 -13.65 63.76
C ARG H 64 9.35 -12.99 62.46
N MET H 65 10.35 -12.65 61.65
CA MET H 65 10.24 -11.99 60.37
C MET H 65 10.92 -12.84 59.34
N VAL H 66 10.20 -13.19 58.28
CA VAL H 66 10.73 -13.98 57.17
C VAL H 66 10.54 -13.24 55.86
N CYS H 67 11.59 -13.20 55.02
CA CYS H 67 11.58 -12.53 53.71
C CYS H 67 11.69 -13.57 52.59
N VAL H 68 10.75 -13.51 51.64
CA VAL H 68 10.70 -14.42 50.47
C VAL H 68 10.63 -13.62 49.15
N MET H 69 10.82 -14.29 48.00
CA MET H 69 10.76 -13.67 46.66
C MET H 69 10.46 -14.68 45.57
N LEU H 70 9.93 -15.86 45.95
CA LEU H 70 9.56 -16.91 45.00
C LEU H 70 8.04 -17.12 44.93
N PRO H 71 7.46 -17.33 43.72
CA PRO H 71 6.00 -17.51 43.66
C PRO H 71 5.51 -18.81 44.28
N GLU H 72 6.39 -19.84 44.33
CA GLU H 72 6.11 -21.14 44.99
C GLU H 72 5.88 -20.94 46.49
N ASP H 73 6.47 -19.85 47.06
CA ASP H 73 6.31 -19.42 48.44
C ASP H 73 4.98 -18.67 48.59
N VAL H 74 4.61 -17.86 47.59
CA VAL H 74 3.35 -17.08 47.55
C VAL H 74 2.16 -18.06 47.52
N GLU H 75 2.27 -19.16 46.73
CA GLU H 75 1.27 -20.21 46.62
C GLU H 75 1.03 -20.84 48.01
N LYS H 76 2.13 -21.17 48.71
CA LYS H 76 2.07 -21.78 50.03
C LYS H 76 1.47 -20.81 51.03
N LEU H 77 1.75 -19.52 50.85
CA LEU H 77 1.25 -18.45 51.71
C LEU H 77 -0.26 -18.22 51.53
N GLN H 78 -0.80 -18.47 50.34
CA GLN H 78 -2.23 -18.31 50.05
C GLN H 78 -3.04 -19.41 50.76
N GLN H 79 -2.50 -20.63 50.82
CA GLN H 79 -3.17 -21.76 51.44
C GLN H 79 -3.00 -21.83 52.97
N VAL H 80 -2.78 -20.65 53.60
CA VAL H 80 -2.68 -20.40 55.05
C VAL H 80 -3.48 -19.10 55.37
N ASP H 81 -4.01 -18.44 54.33
CA ASP H 81 -4.75 -17.18 54.45
C ASP H 81 -5.84 -17.15 55.55
N SER H 82 -6.68 -18.21 55.62
CA SER H 82 -7.80 -18.36 56.56
C SER H 82 -8.93 -17.34 56.28
N LEU H 83 -9.93 -17.31 57.13
CA LEU H 83 -11.09 -16.41 57.02
C LEU H 83 -10.65 -14.95 57.15
N HIS H 84 -9.68 -14.68 58.03
CA HIS H 84 -9.21 -13.34 58.30
C HIS H 84 -7.70 -13.20 58.06
N PRO H 85 -7.25 -13.01 56.78
CA PRO H 85 -5.81 -12.82 56.52
C PRO H 85 -5.33 -11.52 57.17
N CYS H 86 -4.35 -11.64 58.07
CA CYS H 86 -3.84 -10.54 58.88
C CYS H 86 -2.56 -9.91 58.32
N ARG H 87 -2.55 -8.56 58.23
CA ARG H 87 -1.41 -7.75 57.81
C ARG H 87 -0.91 -6.99 59.02
N MET H 88 0.37 -6.59 59.03
CA MET H 88 0.94 -5.86 60.16
C MET H 88 0.28 -4.50 60.26
N ILE H 89 -0.07 -4.12 61.49
CA ILE H 89 -0.72 -2.85 61.82
C ILE H 89 0.21 -1.68 61.55
N LEU H 90 -0.23 -0.79 60.67
CA LEU H 90 0.52 0.39 60.27
C LEU H 90 0.25 1.48 61.30
N GLU H 91 1.04 1.46 62.37
CA GLU H 91 0.94 2.36 63.51
C GLU H 91 0.80 3.88 63.17
N PRO H 92 1.60 4.53 62.28
CA PRO H 92 1.39 5.97 62.04
C PRO H 92 -0.01 6.34 61.52
N TRP H 93 -0.54 5.56 60.55
CA TRP H 93 -1.85 5.78 59.92
C TRP H 93 -2.98 5.55 60.90
N VAL H 94 -2.93 4.44 61.65
CA VAL H 94 -3.92 4.07 62.66
C VAL H 94 -3.96 5.10 63.80
N ALA H 95 -2.77 5.60 64.22
CA ALA H 95 -2.64 6.61 65.27
C ALA H 95 -3.42 7.88 64.94
N TYR H 96 -3.43 8.29 63.64
CA TYR H 96 -4.17 9.47 63.20
C TYR H 96 -5.68 9.23 63.36
N ARG H 97 -6.17 8.04 62.94
CA ARG H 97 -7.58 7.66 63.02
C ARG H 97 -8.10 7.69 64.48
N GLN H 98 -7.36 7.09 65.43
CA GLN H 98 -7.80 7.06 66.84
C GLN H 98 -7.61 8.40 67.56
N HIS H 99 -6.71 9.27 67.08
CA HIS H 99 -6.52 10.63 67.62
C HIS H 99 -7.69 11.53 67.20
N ARG H 100 -8.13 11.44 65.94
CA ARG H 100 -9.19 12.26 65.37
C ARG H 100 -10.60 11.61 65.48
N GLY H 101 -10.64 10.40 66.02
CA GLY H 101 -11.88 9.66 66.24
C GLY H 101 -12.54 9.07 65.01
N HIS H 102 -11.77 8.81 63.96
CA HIS H 102 -12.27 8.21 62.73
C HIS H 102 -12.13 6.71 62.79
N LYS H 103 -12.98 5.98 62.05
CA LYS H 103 -12.89 4.54 61.94
C LYS H 103 -11.80 4.21 60.90
N CYS H 104 -11.30 2.96 60.93
CA CYS H 104 -10.28 2.51 59.97
C CYS H 104 -10.94 1.88 58.77
N GLY H 105 -10.37 2.11 57.61
CA GLY H 105 -10.85 1.51 56.37
C GLY H 105 -10.30 0.13 56.21
N VAL H 106 -10.82 -0.60 55.22
CA VAL H 106 -10.49 -1.99 54.84
C VAL H 106 -8.94 -2.24 54.72
N PHE H 107 -8.15 -1.22 54.33
CA PHE H 107 -6.69 -1.31 54.21
C PHE H 107 -5.98 -1.45 55.56
N LEU H 108 -6.46 -0.73 56.60
CA LEU H 108 -5.88 -0.73 57.94
C LEU H 108 -6.55 -1.71 58.92
N LEU H 109 -7.68 -2.31 58.53
CA LEU H 109 -8.42 -3.24 59.38
C LEU H 109 -7.86 -4.66 59.36
N ASN H 110 -8.24 -5.43 60.38
CA ASN H 110 -7.85 -6.83 60.58
C ASN H 110 -8.99 -7.59 61.25
N GLY H 111 -9.04 -8.89 60.96
CA GLY H 111 -10.01 -9.80 61.57
C GLY H 111 -11.46 -9.64 61.14
N PRO H 112 -12.40 -9.90 62.08
CA PRO H 112 -13.84 -9.83 61.74
C PRO H 112 -14.30 -8.46 61.26
N GLU H 113 -13.68 -7.37 61.77
CA GLU H 113 -14.03 -6.00 61.37
C GLU H 113 -13.70 -5.77 59.92
N TRP H 114 -12.56 -6.32 59.46
CA TRP H 114 -12.12 -6.22 58.07
C TRP H 114 -13.07 -6.95 57.12
N ARG H 115 -13.46 -8.19 57.47
CA ARG H 115 -14.34 -9.05 56.68
C ARG H 115 -15.74 -8.42 56.43
N PHE H 116 -16.33 -7.80 57.48
CA PHE H 116 -17.63 -7.12 57.39
C PHE H 116 -17.58 -6.00 56.36
N ASN H 117 -16.53 -5.16 56.42
CA ASN H 117 -16.31 -4.03 55.52
C ASN H 117 -16.07 -4.51 54.09
N ARG H 118 -15.05 -5.36 53.91
CA ARG H 118 -14.63 -5.92 52.62
C ARG H 118 -15.78 -6.54 51.82
N LEU H 119 -16.64 -7.34 52.48
CA LEU H 119 -17.77 -8.00 51.83
C LEU H 119 -18.83 -7.03 51.35
N ARG H 120 -18.95 -5.87 52.01
CA ARG H 120 -19.91 -4.82 51.68
C ARG H 120 -19.36 -3.80 50.68
N LEU H 121 -18.06 -3.91 50.35
CA LEU H 121 -17.39 -3.02 49.41
C LEU H 121 -17.20 -3.69 48.06
N ASN H 122 -16.83 -4.99 48.05
CA ASN H 122 -16.62 -5.77 46.82
C ASN H 122 -17.72 -5.62 45.75
N PRO H 123 -19.05 -5.63 46.07
CA PRO H 123 -20.05 -5.52 44.99
C PRO H 123 -20.10 -4.21 44.21
N ASP H 124 -19.52 -3.12 44.76
CA ASP H 124 -19.57 -1.81 44.12
C ASP H 124 -18.20 -1.23 43.73
N VAL H 125 -17.11 -1.84 44.22
CA VAL H 125 -15.74 -1.36 43.93
C VAL H 125 -14.96 -2.31 43.01
N LEU H 126 -15.08 -3.63 43.24
CA LEU H 126 -14.30 -4.62 42.54
C LEU H 126 -15.08 -5.52 41.57
N SER H 127 -16.34 -5.87 41.90
CA SER H 127 -17.22 -6.78 41.12
C SER H 127 -17.29 -6.45 39.61
N PRO H 128 -17.40 -7.47 38.72
CA PRO H 128 -17.48 -7.18 37.27
C PRO H 128 -18.67 -6.32 36.87
N LYS H 129 -19.83 -6.50 37.55
CA LYS H 129 -21.08 -5.75 37.32
C LYS H 129 -20.86 -4.27 37.58
N ALA H 130 -20.08 -3.95 38.64
CA ALA H 130 -19.73 -2.58 39.01
C ALA H 130 -18.85 -1.96 37.93
N VAL H 131 -17.80 -2.69 37.51
CA VAL H 131 -16.81 -2.26 36.51
C VAL H 131 -17.48 -1.86 35.21
N GLN H 132 -18.51 -2.61 34.79
CA GLN H 132 -19.31 -2.36 33.59
C GLN H 132 -19.97 -0.97 33.63
N ARG H 133 -20.26 -0.47 34.85
CA ARG H 133 -20.93 0.81 35.10
C ARG H 133 -19.98 2.02 35.20
N PHE H 134 -18.80 1.88 35.85
CA PHE H 134 -17.88 3.01 35.98
C PHE H 134 -16.79 3.04 34.92
N LEU H 135 -16.68 2.01 34.10
CA LEU H 135 -15.70 1.99 33.01
C LEU H 135 -16.01 3.06 31.93
N PRO H 136 -17.27 3.24 31.44
CA PRO H 136 -17.52 4.28 30.42
C PRO H 136 -17.23 5.70 30.91
N MET H 137 -17.34 5.90 32.24
CA MET H 137 -17.06 7.18 32.92
C MET H 137 -15.56 7.46 32.80
N VAL H 138 -14.72 6.46 33.13
CA VAL H 138 -13.26 6.56 33.07
C VAL H 138 -12.82 6.81 31.62
N ASP H 139 -13.46 6.12 30.66
CA ASP H 139 -13.21 6.26 29.21
C ASP H 139 -13.33 7.72 28.75
N ALA H 140 -14.37 8.44 29.23
CA ALA H 140 -14.64 9.85 28.92
C ALA H 140 -13.48 10.74 29.35
N VAL H 141 -12.89 10.47 30.55
CA VAL H 141 -11.74 11.20 31.10
C VAL H 141 -10.50 10.90 30.26
N ALA H 142 -10.24 9.60 29.97
CA ALA H 142 -9.11 9.13 29.17
C ALA H 142 -9.14 9.73 27.75
N ARG H 143 -10.35 9.90 27.16
CA ARG H 143 -10.59 10.51 25.85
C ARG H 143 -10.16 11.98 25.91
N ASP H 144 -10.60 12.67 26.98
CA ASP H 144 -10.33 14.09 27.22
C ASP H 144 -8.84 14.37 27.41
N PHE H 145 -8.10 13.41 27.99
CA PHE H 145 -6.65 13.54 28.19
C PHE H 145 -5.94 13.56 26.84
N SER H 146 -6.25 12.59 25.97
CA SER H 146 -5.66 12.48 24.65
C SER H 146 -6.05 13.63 23.74
N GLN H 147 -7.32 14.06 23.80
CA GLN H 147 -7.86 15.17 23.01
C GLN H 147 -7.20 16.51 23.41
N ALA H 148 -7.04 16.74 24.73
CA ALA H 148 -6.40 17.94 25.28
C ALA H 148 -4.95 17.99 24.85
N LEU H 149 -4.27 16.83 24.88
CA LEU H 149 -2.87 16.65 24.47
C LEU H 149 -2.72 16.94 22.96
N LYS H 150 -3.62 16.37 22.13
CA LYS H 150 -3.65 16.57 20.68
C LYS H 150 -3.80 18.04 20.31
N LYS H 151 -4.59 18.80 21.10
CA LYS H 151 -4.81 20.24 20.89
C LYS H 151 -3.49 21.03 21.02
N LYS H 152 -2.70 20.71 22.06
CA LYS H 152 -1.39 21.33 22.32
C LYS H 152 -0.35 20.96 21.26
N VAL H 153 -0.30 19.65 20.91
CA VAL H 153 0.61 19.05 19.92
C VAL H 153 0.47 19.74 18.55
N LEU H 154 -0.76 19.91 18.07
CA LEU H 154 -1.03 20.51 16.77
C LEU H 154 -0.74 22.02 16.70
N GLN H 155 -0.40 22.64 17.84
CA GLN H 155 -0.02 24.07 17.90
C GLN H 155 1.46 24.28 17.62
N ASN H 156 2.25 23.19 17.70
CA ASN H 156 3.70 23.17 17.45
C ASN H 156 3.98 22.79 16.00
N ALA H 157 4.90 23.52 15.36
CA ALA H 157 5.33 23.37 13.97
C ALA H 157 5.71 21.93 13.58
N ARG H 158 6.38 21.20 14.51
CA ARG H 158 6.79 19.80 14.28
C ARG H 158 5.66 18.79 14.50
N GLY H 159 4.52 19.27 15.00
CA GLY H 159 3.34 18.45 15.28
C GLY H 159 3.63 17.42 16.35
N SER H 160 4.34 17.86 17.40
CA SER H 160 4.75 17.04 18.54
C SER H 160 4.96 17.88 19.80
N LEU H 161 4.86 17.25 20.99
CA LEU H 161 5.04 17.91 22.27
C LEU H 161 5.93 17.11 23.22
N THR H 162 7.04 17.73 23.63
CA THR H 162 8.02 17.14 24.56
C THR H 162 7.81 17.76 25.93
N LEU H 163 7.49 16.92 26.93
CA LEU H 163 7.19 17.40 28.29
C LEU H 163 7.45 16.39 29.40
N ASP H 164 7.36 16.87 30.65
CA ASP H 164 7.39 16.09 31.87
C ASP H 164 5.92 15.68 32.06
N VAL H 165 5.61 14.40 31.80
CA VAL H 165 4.24 13.89 31.86
C VAL H 165 3.69 13.74 33.28
N GLN H 166 4.57 13.54 34.29
CA GLN H 166 4.19 13.31 35.69
C GLN H 166 3.04 14.23 36.19
N PRO H 167 3.11 15.60 36.16
CA PRO H 167 1.97 16.40 36.63
C PRO H 167 0.65 16.10 35.90
N SER H 168 0.66 16.06 34.55
CA SER H 168 -0.53 15.77 33.74
C SER H 168 -1.17 14.42 34.04
N ILE H 169 -0.34 13.37 34.26
CA ILE H 169 -0.74 12.00 34.57
C ILE H 169 -1.38 11.94 35.96
N PHE H 170 -0.81 12.72 36.90
CA PHE H 170 -1.27 12.83 38.28
C PHE H 170 -2.65 13.44 38.33
N HIS H 171 -2.91 14.45 37.50
CA HIS H 171 -4.19 15.12 37.45
C HIS H 171 -5.23 14.25 36.75
N TYR H 172 -4.78 13.31 35.91
CA TYR H 172 -5.66 12.35 35.25
C TYR H 172 -6.21 11.38 36.28
N THR H 173 -5.31 10.79 37.09
CA THR H 173 -5.65 9.84 38.16
C THR H 173 -6.63 10.48 39.16
N ILE H 174 -6.48 11.80 39.44
CA ILE H 174 -7.37 12.54 40.34
C ILE H 174 -8.75 12.70 39.71
N GLU H 175 -8.81 13.17 38.45
CA GLU H 175 -10.04 13.40 37.67
C GLU H 175 -10.84 12.12 37.44
N ALA H 176 -10.15 11.05 36.97
CA ALA H 176 -10.74 9.74 36.68
C ALA H 176 -11.26 9.04 37.94
N SER H 177 -10.52 9.13 39.07
CA SER H 177 -10.94 8.51 40.32
C SER H 177 -12.14 9.22 40.94
N ASN H 178 -12.13 10.57 40.93
CA ASN H 178 -13.23 11.37 41.49
C ASN H 178 -14.51 11.12 40.72
N LEU H 179 -14.43 11.00 39.38
CA LEU H 179 -15.60 10.72 38.58
C LEU H 179 -16.11 9.29 38.81
N ALA H 180 -15.20 8.31 38.92
CA ALA H 180 -15.58 6.93 39.15
C ALA H 180 -16.17 6.72 40.54
N LEU H 181 -15.62 7.43 41.56
CA LEU H 181 -16.07 7.30 42.95
C LEU H 181 -17.30 8.15 43.29
N PHE H 182 -17.25 9.46 42.96
CA PHE H 182 -18.28 10.42 43.32
C PHE H 182 -19.18 10.89 42.19
N GLY H 183 -18.79 10.64 40.94
CA GLY H 183 -19.56 11.07 39.79
C GLY H 183 -19.52 12.57 39.58
N GLU H 184 -18.34 13.16 39.81
CA GLU H 184 -18.08 14.59 39.67
C GLU H 184 -16.81 14.84 38.85
N ARG H 185 -16.91 15.71 37.85
CA ARG H 185 -15.77 16.09 37.04
C ARG H 185 -15.12 17.28 37.74
N LEU H 186 -13.82 17.18 38.07
CA LEU H 186 -13.13 18.25 38.78
C LEU H 186 -12.56 19.34 37.86
N GLY H 187 -12.48 19.04 36.56
CA GLY H 187 -11.96 19.94 35.54
C GLY H 187 -10.45 20.17 35.63
N LEU H 188 -9.71 19.09 36.01
CA LEU H 188 -8.25 19.03 36.21
C LEU H 188 -7.46 18.59 34.97
N VAL H 189 -8.11 17.82 34.07
CA VAL H 189 -7.43 17.36 32.86
C VAL H 189 -7.78 18.32 31.73
N GLY H 190 -6.74 18.81 31.06
CA GLY H 190 -6.83 19.79 29.98
C GLY H 190 -6.82 21.23 30.48
N HIS H 191 -6.69 21.42 31.82
CA HIS H 191 -6.68 22.73 32.47
C HIS H 191 -5.55 22.87 33.47
N SER H 192 -5.29 24.10 33.93
CA SER H 192 -4.27 24.42 34.93
C SER H 192 -4.60 23.71 36.25
N PRO H 193 -3.59 23.17 36.99
CA PRO H 193 -3.89 22.47 38.25
C PRO H 193 -4.38 23.41 39.34
N SER H 194 -5.43 22.99 40.07
CA SER H 194 -6.00 23.79 41.14
C SER H 194 -5.09 23.75 42.37
N SER H 195 -5.10 24.86 43.15
CA SER H 195 -4.31 24.98 44.38
C SER H 195 -4.66 23.83 45.33
N ALA H 196 -5.98 23.50 45.42
CA ALA H 196 -6.52 22.43 46.24
C ALA H 196 -5.95 21.06 45.85
N SER H 197 -5.80 20.78 44.52
CA SER H 197 -5.25 19.51 44.01
C SER H 197 -3.76 19.41 44.30
N LEU H 198 -3.01 20.50 44.05
CA LEU H 198 -1.57 20.59 44.28
C LEU H 198 -1.22 20.40 45.76
N ASN H 199 -2.06 20.92 46.68
CA ASN H 199 -1.88 20.79 48.13
C ASN H 199 -2.13 19.36 48.57
N PHE H 200 -3.15 18.71 47.98
CA PHE H 200 -3.52 17.31 48.25
C PHE H 200 -2.39 16.37 47.84
N LEU H 201 -1.82 16.58 46.62
CA LEU H 201 -0.71 15.81 46.05
C LEU H 201 0.53 15.89 46.93
N HIS H 202 0.85 17.11 47.44
CA HIS H 202 1.98 17.35 48.33
C HIS H 202 1.73 16.74 49.70
N ALA H 203 0.45 16.78 50.18
CA ALA H 203 0.04 16.21 51.46
C ALA H 203 0.41 14.73 51.50
N LEU H 204 0.07 13.97 50.42
CA LEU H 204 0.42 12.56 50.28
C LEU H 204 1.93 12.39 50.34
N GLU H 205 2.69 13.06 49.45
CA GLU H 205 4.15 12.98 49.37
C GLU H 205 4.84 13.02 50.73
N VAL H 206 4.44 13.97 51.58
CA VAL H 206 4.97 14.11 52.92
C VAL H 206 4.44 12.98 53.81
N MET H 207 3.11 12.74 53.74
CA MET H 207 2.43 11.69 54.49
C MET H 207 3.22 10.37 54.32
N PHE H 208 3.62 10.03 53.07
CA PHE H 208 4.37 8.81 52.76
C PHE H 208 5.82 8.89 53.20
N LYS H 209 6.50 10.01 52.89
CA LYS H 209 7.89 10.29 53.25
C LYS H 209 8.12 10.06 54.76
N SER H 210 7.28 10.70 55.60
CA SER H 210 7.33 10.56 57.06
C SER H 210 6.96 9.14 57.53
N THR H 211 6.09 8.40 56.78
CA THR H 211 5.65 7.04 57.14
C THR H 211 6.87 6.15 57.34
N VAL H 212 7.79 6.12 56.37
CA VAL H 212 9.02 5.30 56.38
C VAL H 212 9.81 5.47 57.68
N GLN H 213 10.02 6.72 58.13
CA GLN H 213 10.75 7.01 59.36
C GLN H 213 10.04 6.39 60.59
N LEU H 214 8.72 6.66 60.72
CA LEU H 214 7.89 6.20 61.84
C LEU H 214 7.48 4.72 61.76
N MET H 215 7.72 4.08 60.62
CA MET H 215 7.34 2.72 60.31
C MET H 215 8.10 1.61 61.01
N PHE H 216 9.40 1.83 61.28
CA PHE H 216 10.28 0.79 61.77
C PHE H 216 10.42 0.69 63.29
N MET H 217 9.83 1.63 64.08
CA MET H 217 9.92 1.54 65.55
C MET H 217 8.60 1.82 66.27
N PRO H 218 8.31 1.09 67.40
CA PRO H 218 7.05 1.32 68.14
C PRO H 218 6.92 2.74 68.67
N ARG H 219 5.68 3.30 68.66
CA ARG H 219 5.32 4.67 69.04
C ARG H 219 6.07 5.20 70.25
N SER H 220 6.13 4.41 71.36
CA SER H 220 6.80 4.73 72.64
C SER H 220 8.26 5.23 72.51
N LEU H 221 8.86 5.15 71.31
CA LEU H 221 10.21 5.61 70.96
C LEU H 221 10.19 6.86 70.08
N SER H 222 9.48 6.78 68.93
CA SER H 222 9.37 7.80 67.89
C SER H 222 8.83 9.16 68.38
N ARG H 223 8.20 9.22 69.58
CA ARG H 223 7.68 10.48 70.12
C ARG H 223 8.80 11.46 70.49
N TRP H 224 9.82 11.00 71.24
CA TRP H 224 10.92 11.86 71.68
C TRP H 224 12.03 12.01 70.64
N ILE H 225 12.31 10.95 69.87
CA ILE H 225 13.35 11.01 68.84
C ILE H 225 12.88 11.88 67.68
N SER H 226 11.66 11.61 67.18
CA SER H 226 11.10 12.29 66.02
C SER H 226 9.72 12.95 66.30
N PRO H 227 9.63 14.00 67.16
CA PRO H 227 8.31 14.62 67.40
C PRO H 227 7.85 15.45 66.21
N LYS H 228 8.79 16.13 65.51
CA LYS H 228 8.52 16.99 64.35
C LYS H 228 8.10 16.15 63.15
N VAL H 229 8.49 14.86 63.11
CA VAL H 229 8.12 13.92 62.05
C VAL H 229 6.67 13.52 62.29
N TRP H 230 6.31 13.25 63.56
CA TRP H 230 4.94 12.93 63.95
C TRP H 230 4.00 14.09 63.60
N LYS H 231 4.41 15.35 63.93
CA LYS H 231 3.68 16.59 63.65
C LYS H 231 3.44 16.73 62.13
N GLU H 232 4.50 16.48 61.31
CA GLU H 232 4.47 16.54 59.84
C GLU H 232 3.52 15.51 59.26
N HIS H 233 3.49 14.31 59.86
CA HIS H 233 2.64 13.20 59.42
C HIS H 233 1.15 13.48 59.65
N PHE H 234 0.81 13.99 60.83
CA PHE H 234 -0.56 14.32 61.18
C PHE H 234 -1.07 15.54 60.39
N GLU H 235 -0.19 16.55 60.17
CA GLU H 235 -0.50 17.76 59.37
C GLU H 235 -0.84 17.38 57.92
N ALA H 236 -0.14 16.37 57.38
CA ALA H 236 -0.34 15.84 56.01
C ALA H 236 -1.67 15.12 55.92
N TRP H 237 -2.03 14.33 56.96
CA TRP H 237 -3.30 13.60 57.03
C TRP H 237 -4.45 14.57 57.20
N ASP H 238 -4.27 15.64 58.01
CA ASP H 238 -5.28 16.68 58.24
C ASP H 238 -5.70 17.31 56.91
N CYS H 239 -4.73 17.48 55.99
CA CYS H 239 -4.95 18.03 54.66
C CYS H 239 -5.63 17.01 53.76
N ILE H 240 -5.17 15.74 53.78
CA ILE H 240 -5.73 14.64 52.99
C ILE H 240 -7.20 14.44 53.36
N PHE H 241 -7.48 14.38 54.67
CA PHE H 241 -8.82 14.19 55.22
C PHE H 241 -9.72 15.36 54.89
N GLN H 242 -9.14 16.59 54.86
CA GLN H 242 -9.82 17.85 54.55
C GLN H 242 -10.36 17.83 53.14
N TYR H 243 -9.65 17.17 52.23
CA TYR H 243 -10.03 17.09 50.83
C TYR H 243 -11.02 15.98 50.55
N GLY H 244 -10.79 14.81 51.14
CA GLY H 244 -11.67 13.65 51.03
C GLY H 244 -13.02 13.88 51.68
N ASP H 245 -13.05 14.56 52.85
CA ASP H 245 -14.29 14.88 53.56
C ASP H 245 -15.13 15.86 52.75
N ASN H 246 -14.48 16.80 52.02
CA ASN H 246 -15.14 17.76 51.14
C ASN H 246 -15.94 17.03 50.05
N CYS H 247 -15.39 15.93 49.48
CA CYS H 247 -16.03 15.11 48.45
C CYS H 247 -17.21 14.38 49.03
N ILE H 248 -17.02 13.78 50.23
CA ILE H 248 -18.03 13.00 50.96
C ILE H 248 -19.19 13.89 51.42
N GLN H 249 -18.92 15.15 51.84
CA GLN H 249 -19.95 16.09 52.29
C GLN H 249 -20.82 16.53 51.12
N LYS H 250 -20.23 16.69 49.92
CA LYS H 250 -20.92 17.07 48.68
C LYS H 250 -21.91 15.98 48.25
N ILE H 251 -21.44 14.72 48.14
CA ILE H 251 -22.23 13.55 47.71
C ILE H 251 -23.34 13.20 48.74
N TYR H 252 -23.06 13.32 50.05
CA TYR H 252 -24.03 13.02 51.10
C TYR H 252 -25.21 14.01 51.08
N GLN H 253 -24.92 15.30 50.78
CA GLN H 253 -25.94 16.33 50.70
C GLN H 253 -26.76 16.22 49.40
N GLU H 254 -26.12 15.91 48.25
CA GLU H 254 -26.81 15.75 46.95
C GLU H 254 -27.74 14.54 46.99
N LEU H 255 -27.32 13.44 47.68
CA LEU H 255 -28.12 12.22 47.80
C LEU H 255 -29.26 12.39 48.80
N ALA H 256 -29.08 13.28 49.79
CA ALA H 256 -30.06 13.58 50.84
C ALA H 256 -31.30 14.25 50.26
N PHE H 257 -31.16 14.98 49.16
CA PHE H 257 -32.26 15.69 48.52
C PHE H 257 -32.83 15.02 47.26
N ASN H 258 -32.05 14.11 46.64
CA ASN H 258 -32.47 13.39 45.43
C ASN H 258 -31.75 12.07 45.25
N ARG H 259 -32.53 10.98 45.11
CA ARG H 259 -32.01 9.63 44.83
C ARG H 259 -32.01 9.47 43.29
N PRO H 260 -30.83 9.35 42.63
CA PRO H 260 -30.85 9.24 41.17
C PRO H 260 -31.23 7.85 40.66
N GLN H 261 -31.88 7.78 39.49
CA GLN H 261 -32.27 6.51 38.88
C GLN H 261 -31.08 5.81 38.25
N HIS H 262 -30.19 6.57 37.59
CA HIS H 262 -29.00 6.09 36.91
C HIS H 262 -27.77 6.03 37.82
N TYR H 263 -26.72 5.34 37.35
CA TYR H 263 -25.44 5.18 38.06
C TYR H 263 -24.70 6.51 38.15
N THR H 264 -24.29 6.90 39.37
CA THR H 264 -23.59 8.15 39.62
C THR H 264 -22.31 7.96 40.46
N GLY H 265 -21.68 6.79 40.33
CA GLY H 265 -20.44 6.49 41.04
C GLY H 265 -20.51 5.41 42.10
N ILE H 266 -19.32 4.94 42.52
CA ILE H 266 -19.06 3.90 43.53
C ILE H 266 -19.61 4.29 44.92
N VAL H 267 -19.21 5.48 45.43
CA VAL H 267 -19.59 6.01 46.75
C VAL H 267 -21.11 6.19 46.83
N ALA H 268 -21.73 6.72 45.75
CA ALA H 268 -23.17 6.90 45.65
C ALA H 268 -23.90 5.58 45.91
N GLU H 269 -23.44 4.48 45.27
CA GLU H 269 -24.00 3.14 45.42
C GLU H 269 -23.92 2.61 46.85
N LEU H 270 -22.78 2.86 47.54
CA LEU H 270 -22.53 2.44 48.92
C LEU H 270 -23.45 3.17 49.90
N LEU H 271 -23.61 4.50 49.70
CA LEU H 271 -24.47 5.34 50.52
C LEU H 271 -25.95 4.99 50.36
N LEU H 272 -26.38 4.67 49.12
CA LEU H 272 -27.77 4.30 48.83
C LEU H 272 -28.12 2.94 49.42
N LYS H 273 -27.15 1.99 49.41
CA LYS H 273 -27.31 0.64 49.97
C LYS H 273 -27.36 0.70 51.49
N ALA H 274 -26.56 1.61 52.11
CA ALA H 274 -26.44 1.86 53.55
C ALA H 274 -26.24 0.58 54.39
N GLU H 275 -25.41 -0.35 53.87
CA GLU H 275 -25.08 -1.62 54.51
C GLU H 275 -24.03 -1.39 55.61
N LEU H 276 -23.11 -0.44 55.36
CA LEU H 276 -22.06 -0.02 56.28
C LEU H 276 -22.48 1.29 56.95
N SER H 277 -22.00 1.55 58.19
CA SER H 277 -22.29 2.79 58.92
C SER H 277 -21.67 3.99 58.20
N LEU H 278 -22.24 5.19 58.39
CA LEU H 278 -21.73 6.40 57.74
C LEU H 278 -20.23 6.60 57.94
N GLU H 279 -19.73 6.57 59.20
CA GLU H 279 -18.29 6.78 59.45
C GLU H 279 -17.42 5.60 58.91
N ALA H 280 -18.00 4.40 58.62
CA ALA H 280 -17.29 3.29 57.96
C ALA H 280 -17.21 3.58 56.45
N ILE H 281 -18.31 4.14 55.86
CA ILE H 281 -18.35 4.56 54.45
C ILE H 281 -17.37 5.72 54.28
N LYS H 282 -17.36 6.66 55.25
CA LYS H 282 -16.46 7.81 55.29
C LYS H 282 -15.00 7.33 55.26
N ALA H 283 -14.69 6.34 56.14
CA ALA H 283 -13.37 5.73 56.31
C ALA H 283 -12.86 5.05 55.03
N ASN H 284 -13.70 4.16 54.45
CA ASN H 284 -13.38 3.42 53.23
C ASN H 284 -13.27 4.30 52.00
N SER H 285 -14.17 5.30 51.87
CA SER H 285 -14.20 6.28 50.77
C SER H 285 -12.94 7.16 50.79
N MET H 286 -12.43 7.48 52.00
CA MET H 286 -11.22 8.29 52.21
C MET H 286 -10.02 7.52 51.65
N GLU H 287 -9.93 6.20 51.95
CA GLU H 287 -8.86 5.32 51.48
C GLU H 287 -8.90 5.20 49.97
N LEU H 288 -10.10 5.14 49.38
CA LEU H 288 -10.28 5.04 47.94
C LEU H 288 -9.88 6.35 47.25
N THR H 289 -10.19 7.50 47.87
CA THR H 289 -9.85 8.83 47.35
C THR H 289 -8.34 9.06 47.33
N ALA H 290 -7.67 8.84 48.47
CA ALA H 290 -6.22 9.01 48.64
C ALA H 290 -5.38 7.92 47.98
N GLY H 291 -5.83 6.65 48.08
CA GLY H 291 -5.11 5.51 47.53
C GLY H 291 -5.27 5.27 46.04
N SER H 292 -5.88 6.20 45.31
CA SER H 292 -6.08 6.06 43.87
C SER H 292 -5.28 7.10 43.09
N VAL H 293 -4.48 7.91 43.81
CA VAL H 293 -3.70 9.00 43.25
C VAL H 293 -2.26 8.57 42.89
N ASP H 294 -1.42 8.18 43.87
CA ASP H 294 -0.03 7.80 43.61
C ASP H 294 0.12 6.35 43.07
N THR H 295 -0.81 5.47 43.44
CA THR H 295 -0.78 4.07 43.05
C THR H 295 -1.02 3.86 41.57
N THR H 296 -1.94 4.58 40.95
CA THR H 296 -2.25 4.41 39.52
C THR H 296 -1.28 5.20 38.62
N ALA H 297 -0.92 6.47 39.05
CA ALA H 297 -0.06 7.43 38.34
C ALA H 297 1.40 7.01 38.15
N PHE H 298 2.02 6.26 39.09
CA PHE H 298 3.42 5.86 38.85
C PHE H 298 3.53 4.70 37.82
N PRO H 299 2.78 3.57 37.91
CA PRO H 299 2.93 2.55 36.87
C PRO H 299 2.48 3.02 35.49
N LEU H 300 1.56 4.01 35.42
CA LEU H 300 1.12 4.62 34.15
C LEU H 300 2.31 5.32 33.49
N LEU H 301 3.04 6.11 34.30
CA LEU H 301 4.24 6.86 33.93
C LEU H 301 5.34 5.91 33.50
N MET H 302 5.46 4.78 34.21
CA MET H 302 6.49 3.79 33.92
C MET H 302 6.21 3.00 32.66
N THR H 303 4.90 2.76 32.34
CA THR H 303 4.52 2.06 31.10
C THR H 303 4.88 2.99 29.93
N LEU H 304 4.51 4.29 30.05
CA LEU H 304 4.78 5.30 29.05
C LEU H 304 6.27 5.39 28.75
N PHE H 305 7.11 5.38 29.80
CA PHE H 305 8.56 5.41 29.68
C PHE H 305 9.09 4.14 28.98
N GLU H 306 8.63 2.95 29.41
CA GLU H 306 9.06 1.69 28.83
C GLU H 306 8.60 1.51 27.40
N LEU H 307 7.44 2.10 27.03
CA LEU H 307 6.95 2.05 25.65
C LEU H 307 7.78 2.99 24.78
N ALA H 308 8.21 4.14 25.34
CA ALA H 308 9.05 5.10 24.65
C ALA H 308 10.46 4.53 24.47
N ARG H 309 10.90 3.66 25.40
CA ARG H 309 12.19 2.96 25.41
C ARG H 309 12.18 1.81 24.42
N ASN H 310 11.05 1.08 24.31
CA ASN H 310 10.88 -0.07 23.43
C ASN H 310 9.87 0.31 22.32
N PRO H 311 10.34 0.92 21.21
CA PRO H 311 9.40 1.34 20.15
C PRO H 311 8.75 0.19 19.39
N ASP H 312 9.45 -0.95 19.31
CA ASP H 312 9.02 -2.17 18.66
C ASP H 312 7.81 -2.77 19.41
N VAL H 313 7.87 -2.78 20.75
CA VAL H 313 6.81 -3.25 21.66
C VAL H 313 5.59 -2.33 21.49
N GLN H 314 5.85 -1.00 21.53
CA GLN H 314 4.88 0.08 21.37
C GLN H 314 4.06 -0.10 20.09
N GLN H 315 4.72 -0.42 18.96
CA GLN H 315 4.09 -0.63 17.66
C GLN H 315 3.05 -1.75 17.70
N ILE H 316 3.39 -2.90 18.32
CA ILE H 316 2.50 -4.05 18.45
C ILE H 316 1.22 -3.66 19.22
N LEU H 317 1.40 -2.95 20.34
CA LEU H 317 0.32 -2.45 21.19
C LEU H 317 -0.56 -1.45 20.47
N ARG H 318 0.03 -0.58 19.62
CA ARG H 318 -0.66 0.42 18.82
C ARG H 318 -1.54 -0.25 17.78
N GLN H 319 -0.99 -1.30 17.11
CA GLN H 319 -1.70 -2.08 16.08
C GLN H 319 -2.92 -2.76 16.67
N GLU H 320 -2.77 -3.26 17.92
CA GLU H 320 -3.83 -3.91 18.67
C GLU H 320 -4.92 -2.90 18.99
N SER H 321 -4.51 -1.76 19.54
CA SER H 321 -5.40 -0.68 19.95
C SER H 321 -6.20 -0.10 18.78
N LEU H 322 -5.54 0.14 17.63
CA LEU H 322 -6.17 0.69 16.43
C LEU H 322 -7.19 -0.27 15.83
N ALA H 323 -6.96 -1.59 15.97
CA ALA H 323 -7.85 -2.63 15.48
C ALA H 323 -9.13 -2.65 16.31
N ALA H 324 -8.98 -2.66 17.65
CA ALA H 324 -10.10 -2.70 18.59
C ALA H 324 -10.73 -1.31 18.84
N ALA H 325 -10.16 -0.23 18.22
CA ALA H 325 -10.63 1.16 18.36
C ALA H 325 -12.12 1.34 18.09
N ALA H 326 -12.61 0.75 17.00
CA ALA H 326 -14.01 0.81 16.56
C ALA H 326 -14.99 0.20 17.56
N SER H 327 -14.67 -0.99 18.09
CA SER H 327 -15.50 -1.71 19.07
C SER H 327 -15.51 -1.05 20.45
N ILE H 328 -14.38 -0.45 20.86
CA ILE H 328 -14.24 0.25 22.15
C ILE H 328 -14.94 1.63 22.10
N SER H 329 -15.02 2.24 20.90
CA SER H 329 -15.71 3.52 20.69
C SER H 329 -17.23 3.34 20.86
N GLU H 330 -17.76 2.17 20.39
CA GLU H 330 -19.16 1.75 20.45
C GLU H 330 -19.56 1.38 21.92
N HIS H 331 -18.80 0.48 22.56
CA HIS H 331 -18.97 0.01 23.94
C HIS H 331 -17.60 0.05 24.66
N PRO H 332 -17.38 1.01 25.59
CA PRO H 332 -16.07 1.13 26.25
C PRO H 332 -15.65 -0.05 27.12
N GLN H 333 -16.63 -0.74 27.77
CA GLN H 333 -16.38 -1.88 28.66
C GLN H 333 -15.68 -3.08 27.96
N LYS H 334 -15.68 -3.09 26.60
CA LYS H 334 -15.03 -4.10 25.76
C LYS H 334 -13.50 -4.01 25.83
N ALA H 335 -12.95 -2.88 26.31
CA ALA H 335 -11.50 -2.62 26.40
C ALA H 335 -10.76 -3.63 27.26
N THR H 336 -11.42 -4.13 28.33
CA THR H 336 -10.86 -5.12 29.25
C THR H 336 -10.54 -6.44 28.52
N THR H 337 -11.53 -6.97 27.78
CA THR H 337 -11.42 -8.22 27.05
C THR H 337 -10.71 -8.12 25.69
N GLU H 338 -10.86 -6.99 24.97
CA GLU H 338 -10.29 -6.81 23.63
C GLU H 338 -8.86 -6.25 23.59
N LEU H 339 -8.18 -6.11 24.74
CA LEU H 339 -6.79 -5.65 24.72
C LEU H 339 -5.86 -6.56 25.56
N PRO H 340 -5.63 -7.83 25.14
CA PRO H 340 -4.76 -8.71 25.93
C PRO H 340 -3.28 -8.31 25.98
N LEU H 341 -2.73 -7.77 24.88
CA LEU H 341 -1.32 -7.33 24.81
C LEU H 341 -1.09 -6.15 25.75
N LEU H 342 -2.02 -5.16 25.76
CA LEU H 342 -1.94 -3.98 26.62
C LEU H 342 -2.06 -4.36 28.09
N ARG H 343 -2.86 -5.40 28.38
CA ARG H 343 -3.00 -5.93 29.74
C ARG H 343 -1.69 -6.61 30.14
N ALA H 344 -1.04 -7.28 29.17
CA ALA H 344 0.25 -7.98 29.37
C ALA H 344 1.42 -7.00 29.44
N ALA H 345 1.24 -5.80 28.86
CA ALA H 345 2.21 -4.72 28.94
C ALA H 345 2.17 -4.14 30.35
N LEU H 346 0.97 -4.07 30.97
CA LEU H 346 0.78 -3.60 32.34
C LEU H 346 1.31 -4.63 33.33
N LYS H 347 1.25 -5.93 32.93
CA LYS H 347 1.76 -7.04 33.73
C LYS H 347 3.27 -6.95 33.89
N GLU H 348 3.99 -6.51 32.81
CA GLU H 348 5.45 -6.36 32.74
C GLU H 348 5.94 -5.07 33.44
N THR H 349 5.10 -4.04 33.43
CA THR H 349 5.42 -2.78 34.08
C THR H 349 5.43 -2.98 35.60
N LEU H 350 4.42 -3.69 36.13
CA LEU H 350 4.26 -3.94 37.55
C LEU H 350 5.26 -4.95 38.09
N ARG H 351 5.84 -5.79 37.18
CA ARG H 351 6.85 -6.79 37.50
C ARG H 351 8.18 -6.06 37.78
N LEU H 352 8.56 -5.17 36.85
CA LEU H 352 9.79 -4.39 36.93
C LEU H 352 9.69 -3.25 37.94
N TYR H 353 8.53 -2.58 37.96
CA TYR H 353 8.30 -1.43 38.82
C TYR H 353 7.07 -1.64 39.74
N PRO H 354 7.24 -2.34 40.88
CA PRO H 354 6.10 -2.52 41.78
C PRO H 354 5.76 -1.23 42.53
N VAL H 355 4.46 -1.04 42.84
CA VAL H 355 3.94 0.12 43.57
C VAL H 355 4.41 0.06 45.04
N GLY H 356 4.22 -1.08 45.68
CA GLY H 356 4.71 -1.31 47.04
C GLY H 356 6.01 -2.10 47.00
N LEU H 357 6.57 -2.44 48.16
CA LEU H 357 7.84 -3.16 48.24
C LEU H 357 7.69 -4.64 48.64
N PHE H 358 6.82 -4.89 49.63
CA PHE H 358 6.54 -6.22 50.21
C PHE H 358 5.06 -6.50 50.44
N LEU H 359 4.61 -7.71 50.07
CA LEU H 359 3.26 -8.18 50.34
C LEU H 359 3.32 -8.75 51.76
N GLU H 360 2.39 -8.39 52.61
CA GLU H 360 2.53 -8.81 53.99
C GLU H 360 1.50 -9.80 54.45
N ARG H 361 1.93 -10.72 55.37
CA ARG H 361 1.05 -11.70 55.99
C ARG H 361 1.58 -12.19 57.34
N VAL H 362 0.79 -11.96 58.41
CA VAL H 362 1.07 -12.43 59.76
C VAL H 362 0.27 -13.74 59.79
N VAL H 363 0.96 -14.84 59.46
CA VAL H 363 0.42 -16.19 59.31
C VAL H 363 -0.38 -16.64 60.53
N SER H 364 -1.59 -17.16 60.28
CA SER H 364 -2.50 -17.66 61.31
C SER H 364 -2.11 -19.05 61.82
N SER H 365 -1.48 -19.88 60.97
CA SER H 365 -1.03 -21.22 61.30
C SER H 365 0.35 -21.54 60.72
N ASP H 366 0.99 -22.64 61.19
CA ASP H 366 2.32 -23.07 60.75
C ASP H 366 2.31 -23.46 59.28
N LEU H 367 3.46 -23.29 58.62
CA LEU H 367 3.69 -23.65 57.22
C LEU H 367 5.17 -23.93 56.96
N VAL H 368 5.46 -24.59 55.83
CA VAL H 368 6.81 -24.89 55.40
C VAL H 368 7.13 -24.04 54.16
N LEU H 369 8.11 -23.13 54.28
CA LEU H 369 8.57 -22.28 53.18
C LEU H 369 10.04 -22.56 52.89
N GLN H 370 10.35 -23.01 51.66
CA GLN H 370 11.70 -23.34 51.19
C GLN H 370 12.38 -24.42 52.11
N ASN H 371 11.59 -25.43 52.54
CA ASN H 371 11.97 -26.53 53.43
C ASN H 371 12.38 -26.04 54.87
N TYR H 372 11.87 -24.87 55.27
CA TYR H 372 12.09 -24.28 56.60
C TYR H 372 10.78 -24.18 57.35
N HIS H 373 10.81 -24.45 58.67
CA HIS H 373 9.62 -24.36 59.49
C HIS H 373 9.25 -22.90 59.80
N ILE H 374 8.04 -22.49 59.42
CA ILE H 374 7.53 -21.14 59.67
C ILE H 374 6.44 -21.25 60.75
N PRO H 375 6.71 -20.80 62.00
CA PRO H 375 5.69 -20.93 63.05
C PRO H 375 4.51 -19.99 62.85
N ALA H 376 3.36 -20.37 63.45
CA ALA H 376 2.11 -19.63 63.42
C ALA H 376 2.33 -18.35 64.19
N GLY H 377 2.20 -17.23 63.51
CA GLY H 377 2.47 -15.94 64.15
C GLY H 377 3.89 -15.56 63.85
N THR H 378 4.16 -15.42 62.55
CA THR H 378 5.41 -15.02 61.92
C THR H 378 5.03 -14.08 60.78
N LEU H 379 5.73 -12.95 60.71
CA LEU H 379 5.51 -11.99 59.64
C LEU H 379 6.26 -12.47 58.40
N VAL H 380 5.51 -12.73 57.32
CA VAL H 380 6.09 -13.20 56.07
C VAL H 380 5.92 -12.09 55.05
N GLN H 381 7.06 -11.60 54.50
CA GLN H 381 7.09 -10.50 53.53
C GLN H 381 7.57 -10.95 52.16
N VAL H 382 6.67 -10.83 51.17
CA VAL H 382 6.94 -11.21 49.79
C VAL H 382 7.53 -10.00 49.09
N PHE H 383 8.81 -10.11 48.77
CA PHE H 383 9.56 -9.07 48.11
C PHE H 383 9.32 -9.07 46.62
N LEU H 384 8.48 -8.09 46.18
CA LEU H 384 8.03 -7.94 44.79
C LEU H 384 9.11 -7.44 43.84
N TYR H 385 10.00 -6.52 44.30
CA TYR H 385 11.10 -5.99 43.48
C TYR H 385 12.02 -7.15 43.02
N SER H 386 12.38 -8.08 43.96
CA SER H 386 13.28 -9.21 43.76
C SER H 386 12.61 -10.46 43.16
N LEU H 387 11.26 -10.56 43.28
CA LEU H 387 10.44 -11.63 42.68
C LEU H 387 10.43 -11.43 41.18
N GLY H 388 10.27 -10.17 40.76
CA GLY H 388 10.22 -9.79 39.35
C GLY H 388 11.57 -9.77 38.68
N ARG H 389 12.65 -9.69 39.47
CA ARG H 389 14.02 -9.65 38.95
C ARG H 389 14.72 -10.98 38.98
N ASN H 390 14.03 -12.02 39.49
CA ASN H 390 14.47 -13.41 39.57
C ASN H 390 14.75 -13.93 38.15
N ALA H 391 16.06 -14.00 37.80
CA ALA H 391 16.53 -14.45 36.49
C ALA H 391 16.06 -15.85 36.13
N ALA H 392 15.95 -16.76 37.12
CA ALA H 392 15.50 -18.14 36.94
C ALA H 392 14.07 -18.22 36.40
N LEU H 393 13.16 -17.35 36.92
CA LEU H 393 11.76 -17.34 36.48
C LEU H 393 11.56 -16.46 35.26
N PHE H 394 12.22 -15.30 35.22
CA PHE H 394 12.08 -14.37 34.10
C PHE H 394 13.42 -14.23 33.37
N PRO H 395 13.69 -15.07 32.33
CA PRO H 395 14.98 -14.96 31.60
C PRO H 395 15.20 -13.54 31.05
N ARG H 396 16.43 -12.96 31.28
CA ARG H 396 16.84 -11.55 31.00
C ARG H 396 15.79 -10.60 31.66
N PRO H 397 15.73 -10.58 33.03
CA PRO H 397 14.67 -9.82 33.74
C PRO H 397 14.59 -8.34 33.40
N GLU H 398 15.71 -7.76 32.95
CA GLU H 398 15.76 -6.35 32.55
C GLU H 398 15.05 -6.09 31.24
N ARG H 399 14.77 -7.12 30.45
CA ARG H 399 14.06 -6.92 29.18
C ARG H 399 12.56 -6.69 29.45
N TYR H 400 11.94 -5.70 28.76
CA TYR H 400 10.50 -5.39 28.89
C TYR H 400 9.81 -6.05 27.70
N ASN H 401 9.17 -7.20 27.93
CA ASN H 401 8.53 -7.93 26.86
C ASN H 401 7.16 -8.46 27.28
N PRO H 402 6.08 -7.85 26.79
CA PRO H 402 4.71 -8.30 27.18
C PRO H 402 4.34 -9.72 26.72
N GLN H 403 5.17 -10.30 25.82
CA GLN H 403 5.05 -11.66 25.27
C GLN H 403 5.30 -12.77 26.31
N ARG H 404 5.94 -12.47 27.46
CA ARG H 404 6.23 -13.53 28.44
C ARG H 404 4.99 -13.92 29.24
N TRP H 405 3.95 -13.06 29.22
CA TRP H 405 2.68 -13.25 29.92
C TRP H 405 1.67 -14.06 29.12
N LEU H 406 1.98 -14.31 27.82
CA LEU H 406 1.23 -15.13 26.90
C LEU H 406 1.26 -16.54 27.47
N ASP H 407 2.47 -16.97 27.89
CA ASP H 407 2.75 -18.29 28.46
C ASP H 407 2.03 -18.57 29.80
N ILE H 408 1.66 -17.50 30.55
CA ILE H 408 0.97 -17.64 31.84
C ILE H 408 -0.55 -17.48 31.66
N ASN H 414 -1.05 -19.38 37.06
CA ASN H 414 -0.82 -17.97 37.42
C ASN H 414 0.27 -17.85 38.55
N PHE H 415 0.11 -16.88 39.50
CA PHE H 415 0.93 -16.58 40.69
C PHE H 415 2.35 -16.03 40.41
N HIS H 416 2.64 -15.74 39.13
CA HIS H 416 3.88 -15.11 38.70
C HIS H 416 3.65 -13.61 38.59
N HIS H 417 2.36 -13.24 38.55
CA HIS H 417 1.84 -11.89 38.54
C HIS H 417 0.95 -11.76 39.78
N VAL H 418 1.49 -11.12 40.85
CA VAL H 418 0.82 -10.89 42.14
C VAL H 418 1.11 -9.46 42.69
N PRO H 419 1.11 -8.37 41.85
CA PRO H 419 1.37 -7.02 42.38
C PRO H 419 0.22 -6.41 43.17
N PHE H 420 -1.00 -6.92 42.98
CA PHE H 420 -2.21 -6.48 43.67
C PHE H 420 -2.49 -7.38 44.87
N GLY H 421 -1.67 -8.41 45.05
CA GLY H 421 -1.81 -9.35 46.15
C GLY H 421 -2.49 -10.64 45.72
N PHE H 422 -3.17 -11.29 46.70
CA PHE H 422 -3.86 -12.57 46.56
C PHE H 422 -5.01 -12.75 47.57
N GLY H 423 -5.87 -13.72 47.27
CA GLY H 423 -7.00 -14.08 48.11
C GLY H 423 -8.04 -13.01 48.30
N MET H 424 -8.68 -13.02 49.48
CA MET H 424 -9.74 -12.07 49.85
C MET H 424 -9.17 -10.69 50.13
N ARG H 425 -7.90 -10.62 50.53
CA ARG H 425 -7.24 -9.36 50.83
C ARG H 425 -6.69 -8.67 49.60
N GLN H 426 -6.67 -9.36 48.42
CA GLN H 426 -6.18 -8.80 47.15
C GLN H 426 -6.86 -7.47 46.88
N CYS H 427 -6.06 -6.46 46.47
CA CYS H 427 -6.42 -5.06 46.21
C CYS H 427 -7.90 -4.82 45.84
N LEU H 428 -8.53 -3.84 46.52
CA LEU H 428 -9.93 -3.45 46.29
C LEU H 428 -10.07 -2.54 45.05
N GLY H 429 -9.07 -1.70 44.82
CA GLY H 429 -9.08 -0.79 43.70
C GLY H 429 -8.53 -1.38 42.43
N ARG H 430 -8.06 -2.65 42.47
CA ARG H 430 -7.44 -3.38 41.38
C ARG H 430 -8.09 -3.13 40.03
N ARG H 431 -9.40 -3.38 39.89
CA ARG H 431 -10.11 -3.21 38.62
C ARG H 431 -10.38 -1.75 38.25
N LEU H 432 -10.37 -0.82 39.22
CA LEU H 432 -10.51 0.61 38.94
C LEU H 432 -9.18 1.13 38.40
N ALA H 433 -8.05 0.73 39.05
CA ALA H 433 -6.70 1.12 38.64
C ALA H 433 -6.41 0.62 37.23
N GLU H 434 -6.76 -0.66 36.95
CA GLU H 434 -6.59 -1.30 35.64
C GLU H 434 -7.29 -0.52 34.55
N ALA H 435 -8.55 -0.14 34.80
CA ALA H 435 -9.37 0.64 33.85
C ALA H 435 -8.73 1.98 33.55
N GLU H 436 -8.24 2.70 34.59
CA GLU H 436 -7.60 4.01 34.42
C GLU H 436 -6.33 3.89 33.57
N MET H 437 -5.55 2.83 33.79
CA MET H 437 -4.30 2.59 33.06
C MET H 437 -4.58 2.21 31.61
N LEU H 438 -5.37 1.13 31.40
CA LEU H 438 -5.74 0.62 30.08
C LEU H 438 -6.33 1.67 29.15
N LEU H 439 -7.41 2.35 29.59
CA LEU H 439 -8.11 3.37 28.82
C LEU H 439 -7.24 4.58 28.44
N LEU H 440 -6.32 5.03 29.34
CA LEU H 440 -5.45 6.16 29.00
C LEU H 440 -4.50 5.73 27.91
N LEU H 441 -3.80 4.60 28.12
CA LEU H 441 -2.83 4.05 27.18
C LEU H 441 -3.46 3.74 25.83
N HIS H 442 -4.69 3.18 25.82
CA HIS H 442 -5.43 2.89 24.58
C HIS H 442 -5.60 4.17 23.73
N HIS H 443 -6.10 5.26 24.32
CA HIS H 443 -6.33 6.52 23.60
C HIS H 443 -5.03 7.24 23.22
N VAL H 444 -3.98 7.10 24.04
CA VAL H 444 -2.67 7.71 23.75
C VAL H 444 -2.03 6.99 22.55
N LEU H 445 -2.05 5.63 22.56
CA LEU H 445 -1.51 4.80 21.49
C LEU H 445 -2.26 5.00 20.17
N LYS H 446 -3.56 5.29 20.24
CA LYS H 446 -4.43 5.52 19.09
C LYS H 446 -4.00 6.72 18.24
N HIS H 447 -3.58 7.83 18.90
CA HIS H 447 -3.24 9.09 18.22
C HIS H 447 -1.78 9.49 18.25
N PHE H 448 -1.00 8.96 19.18
CA PHE H 448 0.38 9.39 19.36
C PHE H 448 1.45 8.33 19.30
N LEU H 449 2.70 8.81 19.15
CA LEU H 449 3.93 8.03 19.15
C LEU H 449 4.76 8.58 20.30
N VAL H 450 5.03 7.74 21.33
CA VAL H 450 5.81 8.14 22.49
C VAL H 450 7.29 7.84 22.25
N GLU H 451 8.16 8.86 22.37
CA GLU H 451 9.60 8.73 22.11
C GLU H 451 10.43 9.40 23.23
N THR H 452 11.66 8.90 23.46
CA THR H 452 12.61 9.47 24.46
C THR H 452 14.05 9.09 24.16
N LEU H 453 14.98 10.03 24.41
CA LEU H 453 16.41 9.82 24.24
C LEU H 453 17.02 9.20 25.52
N THR H 454 16.29 9.34 26.67
CA THR H 454 16.68 8.82 27.99
C THR H 454 16.49 7.30 28.00
N GLN H 455 17.59 6.56 27.81
CA GLN H 455 17.55 5.11 27.79
C GLN H 455 18.07 4.48 29.09
N GLU H 456 18.56 5.33 30.02
CA GLU H 456 19.06 4.95 31.33
C GLU H 456 17.88 4.69 32.23
N ASP H 457 17.88 3.53 32.91
CA ASP H 457 16.83 3.08 33.83
C ASP H 457 16.63 4.12 34.91
N ILE H 458 15.36 4.35 35.29
CA ILE H 458 15.02 5.35 36.32
C ILE H 458 15.19 4.78 37.71
N LYS H 459 15.97 5.46 38.55
CA LYS H 459 16.21 5.05 39.91
C LYS H 459 14.99 5.32 40.77
N MET H 460 14.45 4.25 41.40
CA MET H 460 13.27 4.29 42.25
C MET H 460 13.67 4.75 43.65
N VAL H 461 12.74 5.44 44.33
CA VAL H 461 12.93 5.98 45.67
C VAL H 461 11.90 5.39 46.65
N TYR H 462 12.37 4.92 47.83
CA TYR H 462 11.54 4.29 48.85
C TYR H 462 10.92 5.34 49.81
N SER H 463 9.73 5.76 49.42
CA SER H 463 8.91 6.70 50.15
C SER H 463 7.60 5.93 50.39
N PHE H 464 7.69 4.72 51.01
CA PHE H 464 6.60 3.78 51.33
C PHE H 464 5.90 3.21 50.10
N ILE H 465 5.92 3.96 48.99
CA ILE H 465 5.38 3.64 47.66
C ILE H 465 6.51 3.94 46.66
N LEU H 466 6.96 2.91 45.94
CA LEU H 466 8.09 2.94 45.03
C LEU H 466 7.91 3.94 43.89
N ARG H 467 8.46 5.15 44.15
CA ARG H 467 8.38 6.32 43.28
C ARG H 467 9.68 6.66 42.53
N PRO H 468 9.58 6.83 41.22
CA PRO H 468 10.76 7.22 40.43
C PRO H 468 11.37 8.55 40.83
N GLY H 469 12.70 8.56 40.92
CA GLY H 469 13.46 9.73 41.29
C GLY H 469 13.55 10.77 40.20
N THR H 470 13.35 10.33 38.93
CA THR H 470 13.42 11.20 37.76
C THR H 470 12.16 11.06 36.92
N SER H 471 11.69 12.17 36.32
CA SER H 471 10.59 12.13 35.37
C SER H 471 11.19 12.50 34.02
N PRO H 472 11.26 11.53 33.08
CA PRO H 472 11.94 11.80 31.80
C PRO H 472 11.10 12.61 30.83
N LEU H 473 11.79 13.22 29.86
CA LEU H 473 11.15 14.00 28.81
C LEU H 473 10.61 13.05 27.76
N LEU H 474 9.30 13.09 27.53
CA LEU H 474 8.64 12.24 26.53
C LEU H 474 8.07 13.07 25.41
N THR H 475 8.34 12.65 24.17
CA THR H 475 7.82 13.33 22.98
C THR H 475 6.56 12.62 22.53
N PHE H 476 5.46 13.37 22.37
CA PHE H 476 4.17 12.86 21.91
C PHE H 476 3.92 13.40 20.51
N ARG H 477 4.18 12.56 19.49
CA ARG H 477 4.02 12.93 18.08
C ARG H 477 2.68 12.43 17.54
N ALA H 478 1.88 13.33 16.97
CA ALA H 478 0.58 12.99 16.40
C ALA H 478 0.72 12.18 15.11
N ILE H 479 -0.19 11.22 14.86
CA ILE H 479 -0.15 10.38 13.67
C ILE H 479 -0.83 11.09 12.44
N ASN H 480 -1.89 11.90 12.72
CA ASN H 480 -2.67 12.63 11.71
C ASN H 480 -3.15 13.97 12.29
N THR I 11 -39.20 -63.72 -7.29
CA THR I 11 -40.12 -63.43 -8.39
C THR I 11 -40.19 -61.90 -8.61
N VAL I 12 -39.77 -61.45 -9.82
CA VAL I 12 -39.69 -60.04 -10.24
C VAL I 12 -40.64 -59.78 -11.44
N LEU I 13 -41.53 -58.78 -11.29
CA LEU I 13 -42.55 -58.38 -12.27
C LEU I 13 -41.97 -57.64 -13.49
N PRO I 14 -42.57 -57.80 -14.70
CA PRO I 14 -42.04 -57.08 -15.88
C PRO I 14 -42.26 -55.57 -15.82
N PHE I 15 -41.61 -54.83 -16.73
CA PHE I 15 -41.69 -53.37 -16.81
C PHE I 15 -43.11 -52.85 -17.07
N GLU I 16 -43.83 -53.52 -17.99
CA GLU I 16 -45.18 -53.21 -18.45
C GLU I 16 -46.23 -53.22 -17.34
N ALA I 17 -46.09 -54.14 -16.37
CA ALA I 17 -47.02 -54.33 -15.23
C ALA I 17 -47.05 -53.15 -14.24
N MET I 18 -46.00 -52.31 -14.24
CA MET I 18 -45.86 -51.12 -13.39
C MET I 18 -47.03 -50.15 -13.61
N PRO I 19 -47.56 -49.49 -12.55
CA PRO I 19 -48.67 -48.55 -12.76
C PRO I 19 -48.25 -47.41 -13.70
N GLN I 20 -49.12 -47.09 -14.66
CA GLN I 20 -48.85 -46.04 -15.64
C GLN I 20 -49.58 -44.75 -15.29
N HIS I 21 -48.92 -43.58 -15.50
CA HIS I 21 -49.48 -42.25 -15.25
C HIS I 21 -50.78 -42.09 -16.08
N PRO I 22 -51.90 -41.60 -15.48
CA PRO I 22 -53.15 -41.52 -16.24
C PRO I 22 -53.18 -40.46 -17.33
N GLY I 23 -52.36 -39.41 -17.15
CA GLY I 23 -52.20 -38.32 -18.11
C GLY I 23 -51.57 -38.84 -19.38
N ASN I 24 -52.30 -38.60 -20.48
CA ASN I 24 -52.03 -39.00 -21.86
C ASN I 24 -50.79 -38.33 -22.45
N ARG I 25 -50.45 -38.73 -23.71
CA ARG I 25 -49.40 -38.17 -24.55
C ARG I 25 -49.93 -36.79 -25.01
N TRP I 26 -51.25 -36.74 -25.29
CA TRP I 26 -52.05 -35.61 -25.76
C TRP I 26 -52.33 -34.59 -24.63
N LEU I 27 -52.62 -35.09 -23.40
CA LEU I 27 -52.97 -34.27 -22.23
C LEU I 27 -51.78 -33.55 -21.56
N ARG I 28 -50.54 -34.01 -21.82
CA ARG I 28 -49.31 -33.41 -21.26
C ARG I 28 -49.11 -31.99 -21.80
N LEU I 29 -49.25 -31.83 -23.12
CA LEU I 29 -49.10 -30.55 -23.83
C LEU I 29 -50.39 -29.71 -23.85
N LEU I 30 -51.51 -30.28 -23.34
CA LEU I 30 -52.81 -29.60 -23.22
C LEU I 30 -52.82 -28.54 -22.09
N GLN I 31 -51.83 -28.60 -21.16
CA GLN I 31 -51.68 -27.64 -20.05
C GLN I 31 -50.19 -27.21 -19.84
N ILE I 32 -49.39 -27.28 -20.92
CA ILE I 32 -47.99 -26.84 -21.03
C ILE I 32 -48.02 -25.65 -22.02
N TRP I 33 -48.71 -25.84 -23.17
CA TRP I 33 -48.91 -24.84 -24.21
C TRP I 33 -50.08 -23.92 -23.84
N ARG I 34 -50.91 -24.33 -22.84
CA ARG I 34 -52.07 -23.58 -22.35
C ARG I 34 -51.65 -22.46 -21.37
N GLU I 35 -51.43 -22.81 -20.08
CA GLU I 35 -51.05 -21.88 -19.01
C GLU I 35 -49.73 -21.17 -19.32
N GLN I 36 -48.84 -21.85 -20.08
CA GLN I 36 -47.46 -21.47 -20.44
C GLN I 36 -46.56 -21.76 -19.23
N GLY I 37 -47.17 -22.22 -18.14
CA GLY I 37 -46.53 -22.54 -16.87
C GLY I 37 -47.05 -23.80 -16.19
N TYR I 38 -46.10 -24.72 -15.91
CA TYR I 38 -46.31 -25.99 -15.23
C TYR I 38 -45.91 -25.77 -13.75
N GLU I 39 -46.52 -24.76 -13.12
CA GLU I 39 -46.26 -24.37 -11.73
C GLU I 39 -46.58 -25.51 -10.77
N HIS I 40 -47.76 -26.14 -10.90
CA HIS I 40 -48.26 -27.24 -10.07
C HIS I 40 -47.64 -28.61 -10.40
N LEU I 41 -46.45 -28.66 -11.06
CA LEU I 41 -45.83 -29.93 -11.38
C LEU I 41 -45.47 -30.74 -10.13
N HIS I 42 -44.88 -30.12 -9.09
CA HIS I 42 -44.51 -30.78 -7.83
C HIS I 42 -45.70 -31.32 -7.04
N LEU I 43 -46.82 -30.58 -7.03
CA LEU I 43 -48.05 -31.00 -6.36
C LEU I 43 -48.76 -32.09 -7.16
N GLU I 44 -48.72 -31.99 -8.51
CA GLU I 44 -49.32 -32.96 -9.43
C GLU I 44 -48.63 -34.33 -9.29
N MET I 45 -47.29 -34.33 -9.27
CA MET I 45 -46.48 -35.53 -9.14
C MET I 45 -46.66 -36.19 -7.77
N HIS I 46 -46.73 -35.37 -6.70
CA HIS I 46 -46.93 -35.85 -5.33
C HIS I 46 -48.27 -36.58 -5.19
N GLN I 47 -49.33 -36.01 -5.79
CA GLN I 47 -50.70 -36.56 -5.82
C GLN I 47 -50.73 -37.90 -6.56
N THR I 48 -49.93 -38.03 -7.65
CA THR I 48 -49.80 -39.23 -8.47
C THR I 48 -49.22 -40.39 -7.65
N PHE I 49 -48.17 -40.13 -6.84
CA PHE I 49 -47.52 -41.11 -5.98
C PHE I 49 -48.45 -41.64 -4.89
N GLN I 50 -49.26 -40.75 -4.30
CA GLN I 50 -50.14 -41.12 -3.20
C GLN I 50 -51.46 -41.71 -3.71
N GLU I 51 -51.42 -42.31 -4.92
CA GLU I 51 -52.55 -42.98 -5.59
C GLU I 51 -52.06 -44.20 -6.37
N LEU I 52 -50.98 -44.04 -7.17
CA LEU I 52 -50.38 -45.15 -7.95
C LEU I 52 -49.32 -45.96 -7.18
N GLY I 53 -48.81 -45.43 -6.06
CA GLY I 53 -47.81 -46.10 -5.24
C GLY I 53 -46.44 -45.43 -5.27
N PRO I 54 -45.41 -46.02 -4.62
CA PRO I 54 -44.08 -45.38 -4.61
C PRO I 54 -43.27 -45.48 -5.90
N ILE I 55 -43.85 -46.09 -6.94
CA ILE I 55 -43.25 -46.29 -8.27
C ILE I 55 -44.32 -46.28 -9.37
N PHE I 56 -44.06 -45.53 -10.46
CA PHE I 56 -44.93 -45.43 -11.63
C PHE I 56 -44.15 -45.06 -12.89
N ARG I 57 -44.65 -45.51 -14.05
CA ARG I 57 -44.05 -45.24 -15.36
C ARG I 57 -44.81 -44.18 -16.15
N TYR I 58 -44.06 -43.48 -17.04
CA TYR I 58 -44.53 -42.41 -17.92
C TYR I 58 -44.56 -42.81 -19.38
N PRO I 63 -39.22 -42.35 -25.03
CA PRO I 63 -38.27 -42.94 -24.08
C PRO I 63 -38.95 -43.69 -22.92
N ARG I 64 -38.19 -44.56 -22.23
CA ARG I 64 -38.65 -45.29 -21.03
C ARG I 64 -38.41 -44.38 -19.83
N MET I 65 -39.46 -44.12 -19.02
CA MET I 65 -39.39 -43.20 -17.88
C MET I 65 -40.04 -43.75 -16.61
N VAL I 66 -39.25 -43.85 -15.51
CA VAL I 66 -39.66 -44.35 -14.20
C VAL I 66 -39.57 -43.23 -13.14
N CYS I 67 -40.58 -43.16 -12.25
CA CYS I 67 -40.58 -42.20 -11.16
C CYS I 67 -40.58 -42.93 -9.82
N VAL I 68 -39.63 -42.55 -8.94
CA VAL I 68 -39.47 -43.12 -7.60
C VAL I 68 -39.45 -42.03 -6.53
N MET I 69 -39.63 -42.42 -5.25
CA MET I 69 -39.66 -41.48 -4.11
C MET I 69 -39.13 -42.08 -2.79
N LEU I 70 -38.60 -43.33 -2.85
CA LEU I 70 -38.10 -44.04 -1.68
C LEU I 70 -36.56 -44.06 -1.63
N PRO I 71 -35.93 -43.91 -0.44
CA PRO I 71 -34.45 -43.94 -0.38
C PRO I 71 -33.87 -45.31 -0.70
N GLU I 72 -34.65 -46.40 -0.45
CA GLU I 72 -34.26 -47.77 -0.78
C GLU I 72 -34.07 -47.93 -2.30
N ASP I 73 -34.76 -47.08 -3.09
CA ASP I 73 -34.66 -47.01 -4.54
C ASP I 73 -33.44 -46.17 -4.94
N VAL I 74 -33.09 -45.17 -4.12
CA VAL I 74 -31.91 -44.30 -4.34
C VAL I 74 -30.60 -45.13 -4.16
N GLU I 75 -30.55 -46.06 -3.16
CA GLU I 75 -29.39 -46.96 -2.94
C GLU I 75 -29.22 -47.85 -4.17
N LYS I 76 -30.32 -48.52 -4.61
CA LYS I 76 -30.43 -49.38 -5.78
C LYS I 76 -30.08 -48.60 -7.06
N LEU I 77 -30.22 -47.27 -7.04
CA LEU I 77 -29.84 -46.44 -8.18
C LEU I 77 -28.36 -46.03 -8.11
N GLN I 78 -27.82 -45.94 -6.89
CA GLN I 78 -26.42 -45.60 -6.63
C GLN I 78 -25.50 -46.80 -6.98
N GLN I 79 -25.96 -48.06 -6.75
CA GLN I 79 -25.19 -49.27 -7.06
C GLN I 79 -24.93 -49.44 -8.56
N VAL I 80 -25.87 -48.96 -9.40
CA VAL I 80 -25.85 -49.05 -10.87
C VAL I 80 -25.17 -47.80 -11.47
N ASP I 81 -24.83 -46.82 -10.61
CA ASP I 81 -24.23 -45.55 -10.97
C ASP I 81 -23.17 -45.65 -12.05
N SER I 82 -22.18 -46.57 -11.89
CA SER I 82 -21.07 -46.85 -12.82
C SER I 82 -19.94 -45.77 -12.79
N LEU I 83 -19.16 -45.64 -13.91
CA LEU I 83 -18.04 -44.70 -14.07
C LEU I 83 -18.48 -43.35 -14.62
N HIS I 84 -19.36 -43.36 -15.61
CA HIS I 84 -19.86 -42.10 -16.13
C HIS I 84 -21.34 -42.03 -15.94
N PRO I 85 -21.84 -41.61 -14.76
CA PRO I 85 -23.30 -41.56 -14.59
C PRO I 85 -23.90 -40.53 -15.51
N CYS I 86 -25.06 -40.91 -16.07
CA CYS I 86 -25.80 -40.16 -17.08
C CYS I 86 -27.13 -39.63 -16.60
N ARG I 87 -27.42 -38.37 -16.97
CA ARG I 87 -28.68 -37.70 -16.69
C ARG I 87 -29.22 -37.25 -18.04
N MET I 88 -30.56 -37.30 -18.22
CA MET I 88 -31.24 -36.93 -19.46
C MET I 88 -30.91 -35.48 -19.84
N ILE I 89 -30.16 -35.33 -20.95
CA ILE I 89 -29.66 -34.08 -21.52
C ILE I 89 -30.72 -32.95 -21.53
N LEU I 90 -30.25 -31.72 -21.35
CA LEU I 90 -31.08 -30.52 -21.33
C LEU I 90 -30.87 -29.78 -22.64
N GLU I 91 -31.67 -30.17 -23.64
CA GLU I 91 -31.66 -29.65 -25.01
C GLU I 91 -31.63 -28.11 -25.14
N PRO I 92 -32.48 -27.30 -24.45
CA PRO I 92 -32.41 -25.84 -24.63
C PRO I 92 -31.06 -25.18 -24.27
N TRP I 93 -30.46 -25.60 -23.15
CA TRP I 93 -29.18 -25.09 -22.65
C TRP I 93 -28.02 -25.49 -23.56
N VAL I 94 -27.97 -26.78 -23.96
CA VAL I 94 -26.95 -27.36 -24.83
C VAL I 94 -27.00 -26.68 -26.20
N ALA I 95 -28.23 -26.43 -26.73
CA ALA I 95 -28.48 -25.77 -28.01
C ALA I 95 -27.83 -24.39 -28.06
N TYR I 96 -27.86 -23.64 -26.95
CA TYR I 96 -27.22 -22.33 -26.91
C TYR I 96 -25.70 -22.46 -27.04
N ARG I 97 -25.09 -23.39 -26.29
CA ARG I 97 -23.65 -23.63 -26.30
C ARG I 97 -23.16 -23.98 -27.70
N GLN I 98 -23.88 -24.91 -28.39
CA GLN I 98 -23.53 -25.35 -29.74
C GLN I 98 -23.66 -24.23 -30.78
N HIS I 99 -24.74 -23.44 -30.67
CA HIS I 99 -25.04 -22.31 -31.55
C HIS I 99 -23.96 -21.21 -31.45
N ARG I 100 -23.53 -20.89 -30.23
CA ARG I 100 -22.55 -19.85 -29.98
C ARG I 100 -21.10 -20.36 -29.95
N GLY I 101 -20.93 -21.67 -30.13
CA GLY I 101 -19.63 -22.33 -30.18
C GLY I 101 -18.88 -22.42 -28.86
N HIS I 102 -19.61 -22.41 -27.74
CA HIS I 102 -19.03 -22.55 -26.41
C HIS I 102 -19.03 -24.01 -26.01
N LYS I 103 -18.11 -24.42 -25.13
CA LYS I 103 -18.12 -25.79 -24.64
C LYS I 103 -19.17 -25.85 -23.52
N CYS I 104 -19.76 -27.02 -23.27
CA CYS I 104 -20.72 -27.17 -22.18
C CYS I 104 -19.96 -27.66 -20.97
N GLY I 105 -20.31 -27.10 -19.81
CA GLY I 105 -19.69 -27.35 -18.52
C GLY I 105 -20.12 -28.65 -17.91
N VAL I 106 -19.52 -28.96 -16.76
CA VAL I 106 -19.70 -30.17 -15.97
C VAL I 106 -21.19 -30.51 -15.67
N PHE I 107 -22.10 -29.51 -15.65
CA PHE I 107 -23.52 -29.73 -15.42
C PHE I 107 -24.21 -30.35 -16.64
N LEU I 108 -23.83 -29.91 -17.87
CA LEU I 108 -24.43 -30.38 -19.12
C LEU I 108 -23.69 -31.53 -19.82
N LEU I 109 -22.49 -31.89 -19.32
CA LEU I 109 -21.69 -32.96 -19.93
C LEU I 109 -22.10 -34.32 -19.42
N ASN I 110 -21.67 -35.40 -20.11
CA ASN I 110 -21.93 -36.80 -19.80
C ASN I 110 -20.82 -37.65 -20.40
N GLY I 111 -20.60 -38.83 -19.86
CA GLY I 111 -19.59 -39.70 -20.42
C GLY I 111 -18.18 -39.26 -20.10
N PRO I 112 -17.20 -39.56 -20.98
CA PRO I 112 -15.79 -39.29 -20.65
C PRO I 112 -15.37 -37.83 -20.61
N GLU I 113 -16.04 -36.98 -21.40
CA GLU I 113 -15.77 -35.55 -21.44
C GLU I 113 -16.12 -34.94 -20.08
N TRP I 114 -17.20 -35.41 -19.45
CA TRP I 114 -17.61 -34.96 -18.12
C TRP I 114 -16.55 -35.32 -17.06
N ARG I 115 -16.07 -36.62 -17.04
CA ARG I 115 -15.10 -37.15 -16.08
C ARG I 115 -13.82 -36.36 -16.05
N PHE I 116 -13.31 -35.99 -17.24
CA PHE I 116 -12.09 -35.19 -17.39
C PHE I 116 -12.24 -33.85 -16.69
N ASN I 117 -13.37 -33.16 -16.94
CA ASN I 117 -13.72 -31.86 -16.37
C ASN I 117 -13.87 -31.96 -14.86
N ARG I 118 -14.81 -32.82 -14.41
CA ARG I 118 -15.15 -33.05 -13.01
C ARG I 118 -13.94 -33.29 -12.12
N LEU I 119 -13.01 -34.16 -12.55
CA LEU I 119 -11.79 -34.49 -11.80
C LEU I 119 -10.83 -33.32 -11.66
N ARG I 120 -10.84 -32.41 -12.63
CA ARG I 120 -9.99 -31.22 -12.64
C ARG I 120 -10.64 -30.01 -11.95
N LEU I 121 -11.93 -30.15 -11.56
CA LEU I 121 -12.68 -29.11 -10.87
C LEU I 121 -12.79 -29.38 -9.37
N ASN I 122 -13.02 -30.65 -8.98
CA ASN I 122 -13.14 -31.06 -7.58
C ASN I 122 -12.07 -30.51 -6.63
N PRO I 123 -10.75 -30.47 -6.99
CA PRO I 123 -9.76 -29.98 -6.01
C PRO I 123 -9.84 -28.50 -5.65
N ASP I 124 -10.52 -27.67 -6.46
CA ASP I 124 -10.59 -26.23 -6.21
C ASP I 124 -12.02 -25.70 -5.94
N VAL I 125 -13.07 -26.54 -6.18
CA VAL I 125 -14.46 -26.15 -5.99
C VAL I 125 -15.11 -26.86 -4.79
N LEU I 126 -14.87 -28.18 -4.67
CA LEU I 126 -15.53 -29.02 -3.67
C LEU I 126 -14.63 -29.55 -2.53
N SER I 127 -13.35 -29.83 -2.80
CA SER I 127 -12.40 -30.37 -1.83
C SER I 127 -12.34 -29.61 -0.48
N PRO I 128 -12.09 -30.33 0.67
CA PRO I 128 -12.01 -29.64 1.96
C PRO I 128 -10.90 -28.58 2.04
N LYS I 129 -9.76 -28.82 1.36
CA LYS I 129 -8.61 -27.91 1.29
C LYS I 129 -9.01 -26.59 0.66
N ALA I 130 -9.84 -26.64 -0.41
CA ALA I 130 -10.36 -25.48 -1.13
C ALA I 130 -11.32 -24.67 -0.28
N VAL I 131 -12.20 -25.37 0.48
CA VAL I 131 -13.22 -24.79 1.37
C VAL I 131 -12.56 -23.95 2.46
N GLN I 132 -11.43 -24.44 3.02
CA GLN I 132 -10.63 -23.77 4.04
C GLN I 132 -10.13 -22.40 3.57
N ARG I 133 -9.92 -22.25 2.25
CA ARG I 133 -9.39 -21.04 1.63
C ARG I 133 -10.44 -20.02 1.22
N PHE I 134 -11.61 -20.45 0.67
CA PHE I 134 -12.64 -19.50 0.26
C PHE I 134 -13.63 -19.16 1.38
N LEU I 135 -13.73 -20.01 2.42
CA LEU I 135 -14.62 -19.77 3.57
C LEU I 135 -14.41 -18.41 4.26
N PRO I 136 -13.17 -17.97 4.61
CA PRO I 136 -13.00 -16.65 5.24
C PRO I 136 -13.46 -15.46 4.38
N MET I 137 -13.41 -15.63 3.04
CA MET I 137 -13.82 -14.62 2.06
C MET I 137 -15.34 -14.46 2.14
N VAL I 138 -16.06 -15.59 2.17
CA VAL I 138 -17.52 -15.64 2.27
C VAL I 138 -17.96 -15.03 3.60
N ASP I 139 -17.25 -15.36 4.71
CA ASP I 139 -17.50 -14.83 6.06
C ASP I 139 -17.53 -13.30 6.07
N ALA I 140 -16.58 -12.65 5.35
CA ALA I 140 -16.46 -11.19 5.25
C ALA I 140 -17.71 -10.57 4.65
N VAL I 141 -18.27 -11.23 3.60
CA VAL I 141 -19.50 -10.79 2.91
C VAL I 141 -20.70 -10.95 3.86
N ALA I 142 -20.81 -12.12 4.53
CA ALA I 142 -21.86 -12.45 5.48
C ALA I 142 -21.89 -11.49 6.65
N ARG I 143 -20.69 -11.03 7.11
CA ARG I 143 -20.50 -10.05 8.19
C ARG I 143 -21.09 -8.72 7.73
N ASP I 144 -20.72 -8.31 6.48
CA ASP I 144 -21.16 -7.07 5.84
C ASP I 144 -22.67 -7.00 5.64
N PHE I 145 -23.33 -8.13 5.37
CA PHE I 145 -24.78 -8.21 5.24
C PHE I 145 -25.49 -7.86 6.56
N SER I 146 -25.13 -8.53 7.70
CA SER I 146 -25.72 -8.32 9.02
C SER I 146 -25.35 -6.95 9.61
N GLN I 147 -24.16 -6.41 9.26
CA GLN I 147 -23.71 -5.09 9.71
C GLN I 147 -24.51 -3.96 9.04
N ALA I 148 -24.73 -4.07 7.72
CA ALA I 148 -25.51 -3.10 6.95
C ALA I 148 -26.98 -3.14 7.35
N LEU I 149 -27.48 -4.35 7.68
CA LEU I 149 -28.85 -4.56 8.16
C LEU I 149 -29.01 -3.86 9.51
N LYS I 150 -28.04 -4.05 10.43
CA LYS I 150 -28.01 -3.45 11.77
C LYS I 150 -28.02 -1.93 11.69
N LYS I 151 -27.34 -1.35 10.69
CA LYS I 151 -27.28 0.10 10.47
C LYS I 151 -28.68 0.66 10.19
N LYS I 152 -29.46 -0.04 9.32
CA LYS I 152 -30.83 0.34 8.95
C LYS I 152 -31.80 0.18 10.13
N VAL I 153 -31.70 -0.95 10.86
CA VAL I 153 -32.51 -1.34 12.03
C VAL I 153 -32.45 -0.26 13.12
N LEU I 154 -31.23 0.19 13.47
CA LEU I 154 -31.00 1.18 14.52
C LEU I 154 -31.49 2.60 14.17
N GLN I 155 -31.91 2.81 12.91
CA GLN I 155 -32.44 4.10 12.45
C GLN I 155 -33.95 4.21 12.72
N ASN I 156 -34.61 3.07 13.00
CA ASN I 156 -36.04 2.97 13.32
C ASN I 156 -36.26 3.01 14.83
N ALA I 157 -37.26 3.80 15.27
CA ALA I 157 -37.63 4.01 16.67
C ALA I 157 -37.87 2.72 17.47
N ARG I 158 -38.46 1.70 16.84
CA ARG I 158 -38.72 0.39 17.46
C ARG I 158 -37.50 -0.53 17.47
N GLY I 159 -36.40 -0.08 16.84
CA GLY I 159 -35.16 -0.84 16.74
C GLY I 159 -35.35 -2.17 16.02
N SER I 160 -36.11 -2.12 14.91
CA SER I 160 -36.42 -3.27 14.08
C SER I 160 -36.70 -2.86 12.63
N LEU I 161 -36.52 -3.80 11.67
CA LEU I 161 -36.79 -3.54 10.26
C LEU I 161 -37.62 -4.67 9.64
N THR I 162 -38.79 -4.31 9.11
CA THR I 162 -39.72 -5.23 8.44
C THR I 162 -39.59 -5.02 6.93
N LEU I 163 -39.17 -6.06 6.19
CA LEU I 163 -38.93 -5.95 4.74
C LEU I 163 -39.08 -7.25 3.96
N ASP I 164 -39.04 -7.12 2.62
CA ASP I 164 -39.01 -8.25 1.69
C ASP I 164 -37.52 -8.52 1.54
N VAL I 165 -37.05 -9.63 2.15
CA VAL I 165 -35.63 -9.97 2.17
C VAL I 165 -35.10 -10.47 0.81
N GLN I 166 -35.96 -11.06 -0.03
CA GLN I 166 -35.58 -11.66 -1.32
C GLN I 166 -34.55 -10.81 -2.14
N PRO I 167 -34.77 -9.52 -2.51
CA PRO I 167 -33.74 -8.80 -3.27
C PRO I 167 -32.39 -8.73 -2.55
N SER I 168 -32.37 -8.37 -1.24
CA SER I 168 -31.13 -8.28 -0.45
C SER I 168 -30.35 -9.60 -0.35
N ILE I 169 -31.07 -10.74 -0.22
CA ILE I 169 -30.52 -12.10 -0.14
C ILE I 169 -29.91 -12.47 -1.49
N PHE I 170 -30.57 -12.09 -2.59
CA PHE I 170 -30.11 -12.36 -3.93
C PHE I 170 -28.80 -11.65 -4.21
N HIS I 171 -28.69 -10.38 -3.78
CA HIS I 171 -27.46 -9.58 -3.94
C HIS I 171 -26.33 -10.10 -3.06
N TYR I 172 -26.66 -10.82 -1.98
CA TYR I 172 -25.68 -11.47 -1.12
C TYR I 172 -25.06 -12.64 -1.87
N THR I 173 -25.92 -13.49 -2.47
CA THR I 173 -25.50 -14.69 -3.20
C THR I 173 -24.74 -14.35 -4.48
N ILE I 174 -24.87 -13.11 -5.00
CA ILE I 174 -24.09 -12.59 -6.14
C ILE I 174 -22.70 -12.14 -5.61
N GLU I 175 -22.67 -11.31 -4.56
CA GLU I 175 -21.46 -10.77 -3.93
C GLU I 175 -20.55 -11.85 -3.38
N ALA I 176 -21.11 -12.81 -2.60
CA ALA I 176 -20.40 -13.91 -1.98
C ALA I 176 -19.80 -14.89 -3.00
N SER I 177 -20.55 -15.20 -4.07
CA SER I 177 -20.09 -16.10 -5.12
C SER I 177 -18.98 -15.48 -5.97
N ASN I 178 -19.14 -14.19 -6.34
CA ASN I 178 -18.13 -13.48 -7.14
C ASN I 178 -16.82 -13.40 -6.39
N LEU I 179 -16.88 -13.14 -5.08
CA LEU I 179 -15.66 -13.06 -4.26
C LEU I 179 -15.01 -14.44 -4.12
N ALA I 180 -15.83 -15.49 -3.91
CA ALA I 180 -15.30 -16.84 -3.76
C ALA I 180 -14.71 -17.36 -5.05
N LEU I 181 -15.33 -17.03 -6.20
CA LEU I 181 -14.89 -17.50 -7.53
C LEU I 181 -13.76 -16.65 -8.15
N PHE I 182 -13.95 -15.33 -8.18
CA PHE I 182 -13.03 -14.41 -8.84
C PHE I 182 -12.17 -13.56 -7.91
N GLY I 183 -12.52 -13.49 -6.63
CA GLY I 183 -11.78 -12.68 -5.67
C GLY I 183 -11.98 -11.19 -5.91
N GLU I 184 -13.23 -10.81 -6.24
CA GLU I 184 -13.63 -9.42 -6.52
C GLU I 184 -14.87 -9.06 -5.75
N ARG I 185 -14.83 -7.92 -5.04
CA ARG I 185 -16.00 -7.45 -4.31
C ARG I 185 -16.80 -6.59 -5.27
N LEU I 186 -18.08 -6.92 -5.49
CA LEU I 186 -18.89 -6.14 -6.44
C LEU I 186 -19.57 -4.88 -5.83
N GLY I 187 -19.58 -4.81 -4.50
CA GLY I 187 -20.17 -3.72 -3.75
C GLY I 187 -21.68 -3.67 -3.78
N LEU I 188 -22.33 -4.86 -3.80
CA LEU I 188 -23.78 -5.00 -3.82
C LEU I 188 -24.39 -5.11 -2.43
N VAL I 189 -23.61 -5.65 -1.47
CA VAL I 189 -24.03 -5.82 -0.08
C VAL I 189 -23.92 -4.48 0.66
N GLY I 190 -25.07 -4.00 1.15
CA GLY I 190 -25.16 -2.73 1.87
C GLY I 190 -25.33 -1.51 1.00
N HIS I 191 -25.51 -1.73 -0.31
CA HIS I 191 -25.70 -0.67 -1.32
C HIS I 191 -26.86 -0.97 -2.25
N SER I 192 -27.29 0.06 -3.01
CA SER I 192 -28.35 -0.05 -4.00
C SER I 192 -27.92 -1.04 -5.10
N PRO I 193 -28.86 -1.86 -5.64
CA PRO I 193 -28.48 -2.84 -6.68
C PRO I 193 -28.07 -2.18 -7.99
N SER I 194 -26.99 -2.69 -8.60
CA SER I 194 -26.48 -2.18 -9.88
C SER I 194 -27.36 -2.65 -11.04
N SER I 195 -27.43 -1.83 -12.11
CA SER I 195 -28.22 -2.14 -13.30
C SER I 195 -27.76 -3.47 -13.89
N ALA I 196 -26.43 -3.69 -13.91
CA ALA I 196 -25.78 -4.90 -14.39
C ALA I 196 -26.22 -6.17 -13.62
N SER I 197 -26.36 -6.06 -12.28
CA SER I 197 -26.79 -7.16 -11.42
C SER I 197 -28.26 -7.48 -11.64
N LEU I 198 -29.11 -6.45 -11.67
CA LEU I 198 -30.56 -6.58 -11.87
C LEU I 198 -30.88 -7.22 -13.21
N ASN I 199 -30.08 -6.90 -14.27
CA ASN I 199 -30.24 -7.45 -15.62
C ASN I 199 -29.87 -8.92 -15.64
N PHE I 200 -28.80 -9.27 -14.91
CA PHE I 200 -28.33 -10.63 -14.79
C PHE I 200 -29.38 -11.53 -14.11
N LEU I 201 -29.94 -11.06 -12.98
CA LEU I 201 -30.99 -11.75 -12.23
C LEU I 201 -32.22 -12.01 -13.12
N HIS I 202 -32.68 -10.99 -13.87
CA HIS I 202 -33.82 -11.06 -14.78
C HIS I 202 -33.54 -12.02 -15.94
N ALA I 203 -32.29 -12.03 -16.42
CA ALA I 203 -31.87 -12.93 -17.48
C ALA I 203 -31.99 -14.37 -17.00
N LEU I 204 -31.61 -14.66 -15.74
CA LEU I 204 -31.73 -15.99 -15.14
C LEU I 204 -33.21 -16.34 -15.00
N GLU I 205 -34.04 -15.41 -14.47
CA GLU I 205 -35.49 -15.56 -14.28
C GLU I 205 -36.15 -16.00 -15.59
N VAL I 206 -35.83 -15.31 -16.70
CA VAL I 206 -36.34 -15.58 -18.05
C VAL I 206 -35.80 -16.91 -18.57
N MET I 207 -34.49 -17.16 -18.37
CA MET I 207 -33.79 -18.38 -18.78
C MET I 207 -34.47 -19.60 -18.20
N PHE I 208 -34.81 -19.55 -16.89
CA PHE I 208 -35.46 -20.61 -16.15
C PHE I 208 -36.88 -20.93 -16.61
N LYS I 209 -37.77 -19.92 -16.85
CA LYS I 209 -39.15 -20.20 -17.29
C LYS I 209 -39.16 -20.79 -18.70
N SER I 210 -38.38 -20.17 -19.63
CA SER I 210 -38.20 -20.62 -21.00
C SER I 210 -37.57 -22.00 -21.03
N THR I 211 -36.79 -22.37 -19.97
CA THR I 211 -36.20 -23.72 -19.82
C THR I 211 -37.34 -24.76 -19.76
N VAL I 212 -38.39 -24.49 -18.95
CA VAL I 212 -39.55 -25.37 -18.74
C VAL I 212 -40.36 -25.49 -20.02
N GLN I 213 -40.62 -24.32 -20.66
CA GLN I 213 -41.38 -24.19 -21.90
C GLN I 213 -40.85 -25.03 -23.08
N LEU I 214 -39.53 -25.20 -23.18
CA LEU I 214 -38.91 -25.96 -24.27
C LEU I 214 -38.45 -27.38 -23.87
N MET I 215 -38.58 -27.73 -22.58
CA MET I 215 -38.16 -28.98 -21.99
C MET I 215 -38.92 -30.23 -22.43
N PHE I 216 -40.26 -30.16 -22.49
CA PHE I 216 -41.11 -31.32 -22.77
C PHE I 216 -41.60 -31.37 -24.23
N MET I 217 -40.62 -31.46 -25.16
CA MET I 217 -40.68 -31.60 -26.63
C MET I 217 -39.26 -31.41 -27.20
N PRO I 218 -38.80 -32.32 -28.09
CA PRO I 218 -37.41 -32.20 -28.58
C PRO I 218 -37.15 -31.02 -29.53
N ARG I 219 -35.86 -30.81 -29.89
CA ARG I 219 -35.37 -29.76 -30.79
C ARG I 219 -36.18 -29.68 -32.11
N SER I 220 -36.35 -30.82 -32.81
CA SER I 220 -37.07 -30.92 -34.08
C SER I 220 -38.55 -30.51 -34.01
N LEU I 221 -39.21 -30.71 -32.84
CA LEU I 221 -40.63 -30.40 -32.65
C LEU I 221 -40.90 -28.99 -32.12
N SER I 222 -40.15 -28.55 -31.08
CA SER I 222 -40.25 -27.22 -30.45
C SER I 222 -39.88 -26.08 -31.42
N ARG I 223 -38.86 -26.28 -32.29
CA ARG I 223 -38.31 -25.35 -33.30
C ARG I 223 -39.34 -24.68 -34.18
N TRP I 224 -40.55 -25.26 -34.27
CA TRP I 224 -41.62 -24.75 -35.13
C TRP I 224 -42.84 -24.32 -34.33
N ILE I 225 -43.22 -25.10 -33.29
CA ILE I 225 -44.38 -24.86 -32.44
C ILE I 225 -44.28 -23.54 -31.65
N SER I 226 -43.06 -23.16 -31.22
CA SER I 226 -42.81 -21.91 -30.50
C SER I 226 -41.38 -21.39 -30.69
N PRO I 227 -41.13 -20.58 -31.76
CA PRO I 227 -39.78 -20.01 -31.93
C PRO I 227 -39.56 -18.78 -31.03
N LYS I 228 -40.67 -18.16 -30.56
CA LYS I 228 -40.63 -16.99 -29.69
C LYS I 228 -39.97 -17.31 -28.36
N VAL I 229 -40.23 -18.51 -27.82
CA VAL I 229 -39.62 -18.97 -26.57
C VAL I 229 -38.15 -19.26 -26.83
N TRP I 230 -37.84 -19.72 -28.05
CA TRP I 230 -36.48 -20.01 -28.45
C TRP I 230 -35.63 -18.77 -28.55
N LYS I 231 -36.20 -17.66 -29.12
CA LYS I 231 -35.50 -16.38 -29.23
C LYS I 231 -35.35 -15.86 -27.84
N GLU I 232 -36.46 -15.78 -27.07
CA GLU I 232 -36.57 -15.42 -25.64
C GLU I 232 -35.45 -16.09 -24.78
N HIS I 233 -35.32 -17.44 -24.87
CA HIS I 233 -34.36 -18.30 -24.17
C HIS I 233 -32.89 -17.97 -24.50
N PHE I 234 -32.57 -17.79 -25.79
CA PHE I 234 -31.23 -17.46 -26.26
C PHE I 234 -30.83 -16.03 -25.88
N GLU I 235 -31.80 -15.07 -25.90
CA GLU I 235 -31.60 -13.66 -25.52
C GLU I 235 -31.24 -13.55 -24.04
N ALA I 236 -31.84 -14.43 -23.20
CA ALA I 236 -31.59 -14.52 -21.75
C ALA I 236 -30.18 -15.07 -21.50
N TRP I 237 -29.77 -16.08 -22.28
CA TRP I 237 -28.44 -16.68 -22.20
C TRP I 237 -27.37 -15.71 -22.69
N ASP I 238 -27.67 -14.93 -23.78
CA ASP I 238 -26.76 -13.92 -24.33
C ASP I 238 -26.39 -12.90 -23.26
N CYS I 239 -27.36 -12.55 -22.40
CA CYS I 239 -27.17 -11.63 -21.29
C CYS I 239 -26.37 -12.29 -20.15
N ILE I 240 -26.72 -13.56 -19.79
CA ILE I 240 -26.03 -14.33 -18.73
C ILE I 240 -24.54 -14.50 -19.11
N PHE I 241 -24.29 -14.89 -20.38
CA PHE I 241 -22.96 -15.10 -20.91
C PHE I 241 -22.14 -13.82 -20.98
N GLN I 242 -22.79 -12.70 -21.30
CA GLN I 242 -22.16 -11.38 -21.34
C GLN I 242 -21.63 -10.99 -19.95
N TYR I 243 -22.44 -11.26 -18.90
CA TYR I 243 -22.10 -10.99 -17.50
C TYR I 243 -20.89 -11.83 -17.05
N GLY I 244 -21.00 -13.15 -17.25
CA GLY I 244 -19.99 -14.12 -16.88
C GLY I 244 -18.68 -13.94 -17.62
N ASP I 245 -18.75 -13.61 -18.93
CA ASP I 245 -17.55 -13.42 -19.76
C ASP I 245 -16.78 -12.17 -19.31
N ASN I 246 -17.48 -11.13 -18.87
CA ASN I 246 -16.88 -9.90 -18.35
C ASN I 246 -16.02 -10.20 -17.12
N CYS I 247 -16.49 -11.13 -16.24
CA CYS I 247 -15.79 -11.60 -15.04
C CYS I 247 -14.52 -12.32 -15.46
N ILE I 248 -14.66 -13.29 -16.38
CA ILE I 248 -13.59 -14.14 -16.89
C ILE I 248 -12.52 -13.33 -17.64
N GLN I 249 -12.92 -12.27 -18.38
CA GLN I 249 -11.97 -11.43 -19.12
C GLN I 249 -11.14 -10.58 -18.15
N LYS I 250 -11.75 -10.14 -17.03
CA LYS I 250 -11.10 -9.37 -15.99
C LYS I 250 -10.00 -10.20 -15.30
N ILE I 251 -10.35 -11.42 -14.81
CA ILE I 251 -9.44 -12.32 -14.09
C ILE I 251 -8.31 -12.85 -15.00
N TYR I 252 -8.61 -13.12 -16.28
CA TYR I 252 -7.62 -13.62 -17.24
C TYR I 252 -6.55 -12.56 -17.54
N GLN I 253 -6.96 -11.27 -17.60
CA GLN I 253 -6.02 -10.17 -17.86
C GLN I 253 -5.18 -9.89 -16.61
N GLU I 254 -5.81 -9.94 -15.43
CA GLU I 254 -5.16 -9.72 -14.13
C GLU I 254 -4.07 -10.79 -13.87
N LEU I 255 -4.36 -12.05 -14.24
CA LEU I 255 -3.44 -13.16 -14.05
C LEU I 255 -2.35 -13.23 -15.09
N ALA I 256 -2.60 -12.70 -16.30
CA ALA I 256 -1.65 -12.69 -17.40
C ALA I 256 -0.45 -11.82 -17.09
N PHE I 257 -0.66 -10.76 -16.27
CA PHE I 257 0.39 -9.81 -15.92
C PHE I 257 1.05 -10.07 -14.57
N ASN I 258 0.35 -10.78 -13.66
CA ASN I 258 0.91 -11.13 -12.35
C ASN I 258 0.27 -12.38 -11.74
N ARG I 259 1.11 -13.35 -11.34
CA ARG I 259 0.69 -14.58 -10.67
C ARG I 259 0.77 -14.30 -9.15
N PRO I 260 -0.39 -14.25 -8.42
CA PRO I 260 -0.33 -13.92 -6.99
C PRO I 260 0.18 -15.06 -6.12
N GLN I 261 0.81 -14.70 -4.98
CA GLN I 261 1.35 -15.67 -4.03
C GLN I 261 0.21 -16.29 -3.20
N HIS I 262 -0.73 -15.45 -2.76
CA HIS I 262 -1.87 -15.82 -1.91
C HIS I 262 -3.08 -16.23 -2.75
N TYR I 263 -4.07 -16.86 -2.06
CA TYR I 263 -5.34 -17.33 -2.65
C TYR I 263 -6.19 -16.14 -3.07
N THR I 264 -6.65 -16.15 -4.32
CA THR I 264 -7.47 -15.06 -4.89
C THR I 264 -8.74 -15.60 -5.60
N GLY I 265 -9.25 -16.74 -5.11
CA GLY I 265 -10.46 -17.34 -5.64
C GLY I 265 -10.29 -18.66 -6.35
N ILE I 266 -11.44 -19.34 -6.59
CA ILE I 266 -11.60 -20.65 -7.24
C ILE I 266 -11.14 -20.62 -8.70
N VAL I 267 -11.64 -19.64 -9.49
CA VAL I 267 -11.34 -19.48 -10.92
C VAL I 267 -9.85 -19.21 -11.12
N ALA I 268 -9.27 -18.35 -10.26
CA ALA I 268 -7.84 -18.02 -10.28
C ALA I 268 -7.00 -19.30 -10.19
N GLU I 269 -7.34 -20.20 -9.24
CA GLU I 269 -6.66 -21.49 -9.04
C GLU I 269 -6.72 -22.40 -10.28
N LEU I 270 -7.90 -22.46 -10.95
CA LEU I 270 -8.13 -23.27 -12.14
C LEU I 270 -7.28 -22.76 -13.32
N LEU I 271 -7.24 -21.43 -13.49
CA LEU I 271 -6.49 -20.77 -14.57
C LEU I 271 -5.00 -20.94 -14.38
N LEU I 272 -4.52 -20.88 -13.12
CA LEU I 272 -3.10 -21.04 -12.79
C LEU I 272 -2.64 -22.48 -13.00
N LYS I 273 -3.50 -23.44 -12.66
CA LYS I 273 -3.22 -24.87 -12.83
C LYS I 273 -3.17 -25.24 -14.31
N ALA I 274 -4.07 -24.62 -15.12
CA ALA I 274 -4.22 -24.81 -16.56
C ALA I 274 -4.26 -26.30 -17.00
N GLU I 275 -4.97 -27.12 -16.22
CA GLU I 275 -5.16 -28.54 -16.48
C GLU I 275 -6.28 -28.68 -17.52
N LEU I 276 -7.29 -27.77 -17.47
CA LEU I 276 -8.39 -27.70 -18.42
C LEU I 276 -8.12 -26.59 -19.47
N SER I 277 -8.65 -26.76 -20.70
CA SER I 277 -8.49 -25.76 -21.76
C SER I 277 -9.21 -24.45 -21.38
N LEU I 278 -8.76 -23.31 -21.94
CA LEU I 278 -9.38 -22.02 -21.62
C LEU I 278 -10.88 -22.03 -21.83
N GLU I 279 -11.38 -22.54 -22.98
CA GLU I 279 -12.80 -22.62 -23.30
C GLU I 279 -13.58 -23.51 -22.32
N ALA I 280 -12.91 -24.55 -21.73
CA ALA I 280 -13.49 -25.46 -20.74
C ALA I 280 -13.59 -24.74 -19.41
N ILE I 281 -12.55 -23.92 -19.06
CA ILE I 281 -12.52 -23.13 -17.82
C ILE I 281 -13.60 -22.06 -17.96
N LYS I 282 -13.72 -21.44 -19.14
CA LYS I 282 -14.72 -20.43 -19.46
C LYS I 282 -16.12 -21.01 -19.23
N ALA I 283 -16.35 -22.24 -19.77
CA ALA I 283 -17.61 -23.00 -19.70
C ALA I 283 -18.02 -23.33 -18.28
N ASN I 284 -17.09 -23.93 -17.50
CA ASN I 284 -17.33 -24.33 -16.12
C ASN I 284 -17.49 -23.15 -15.19
N SER I 285 -16.69 -22.07 -15.38
CA SER I 285 -16.75 -20.84 -14.59
C SER I 285 -18.07 -20.12 -14.80
N MET I 286 -18.58 -20.19 -16.04
CA MET I 286 -19.87 -19.63 -16.38
C MET I 286 -20.97 -20.32 -15.53
N GLU I 287 -21.00 -21.65 -15.54
CA GLU I 287 -21.97 -22.44 -14.81
C GLU I 287 -21.90 -22.11 -13.32
N LEU I 288 -20.68 -21.90 -12.78
CA LEU I 288 -20.48 -21.59 -11.38
C LEU I 288 -21.00 -20.19 -11.04
N THR I 289 -20.82 -19.22 -11.97
CA THR I 289 -21.28 -17.83 -11.80
C THR I 289 -22.81 -17.78 -11.78
N ALA I 290 -23.46 -18.36 -12.80
CA ALA I 290 -24.92 -18.39 -12.96
C ALA I 290 -25.64 -19.34 -11.99
N GLY I 291 -25.06 -20.51 -11.74
CA GLY I 291 -25.65 -21.52 -10.87
C GLY I 291 -25.47 -21.32 -9.39
N SER I 292 -24.94 -20.18 -8.97
CA SER I 292 -24.72 -19.93 -7.55
C SER I 292 -25.60 -18.79 -7.05
N VAL I 293 -26.43 -18.23 -7.96
CA VAL I 293 -27.30 -17.11 -7.60
C VAL I 293 -28.63 -17.58 -6.99
N ASP I 294 -29.51 -18.20 -7.82
CA ASP I 294 -30.84 -18.67 -7.41
C ASP I 294 -30.79 -19.89 -6.46
N THR I 295 -29.88 -20.84 -6.74
CA THR I 295 -29.74 -22.09 -5.98
C THR I 295 -29.47 -21.89 -4.49
N THR I 296 -28.62 -20.90 -4.14
CA THR I 296 -28.27 -20.64 -2.74
C THR I 296 -29.31 -19.74 -2.05
N ALA I 297 -29.82 -18.72 -2.76
CA ALA I 297 -30.76 -17.73 -2.25
C ALA I 297 -32.12 -18.28 -1.81
N PHE I 298 -32.78 -19.13 -2.65
CA PHE I 298 -34.11 -19.64 -2.30
C PHE I 298 -34.11 -20.47 -0.99
N PRO I 299 -33.20 -21.45 -0.75
CA PRO I 299 -33.22 -22.13 0.56
C PRO I 299 -32.80 -21.22 1.72
N LEU I 300 -32.00 -20.15 1.45
CA LEU I 300 -31.60 -19.18 2.49
C LEU I 300 -32.86 -18.44 2.99
N LEU I 301 -33.69 -17.93 2.05
CA LEU I 301 -34.98 -17.25 2.28
C LEU I 301 -35.94 -18.18 3.01
N MET I 302 -35.93 -19.50 2.64
CA MET I 302 -36.83 -20.50 3.23
C MET I 302 -36.43 -20.85 4.65
N THR I 303 -35.11 -20.87 4.96
CA THR I 303 -34.61 -21.13 6.32
C THR I 303 -35.06 -19.96 7.20
N LEU I 304 -34.84 -18.72 6.73
CA LEU I 304 -35.23 -17.51 7.39
C LEU I 304 -36.72 -17.51 7.70
N PHE I 305 -37.56 -17.93 6.73
CA PHE I 305 -39.01 -18.00 6.90
C PHE I 305 -39.37 -19.03 7.97
N GLU I 306 -38.78 -20.26 7.87
CA GLU I 306 -39.05 -21.35 8.83
C GLU I 306 -38.54 -21.04 10.24
N LEU I 307 -37.47 -20.23 10.39
CA LEU I 307 -36.97 -19.80 11.70
C LEU I 307 -37.92 -18.77 12.29
N ALA I 308 -38.48 -17.90 11.41
CA ALA I 308 -39.45 -16.85 11.80
C ALA I 308 -40.79 -17.47 12.18
N ARG I 309 -41.08 -18.66 11.61
CA ARG I 309 -42.28 -19.46 11.86
C ARG I 309 -42.12 -20.27 13.15
N ASN I 310 -40.87 -20.73 13.43
CA ASN I 310 -40.47 -21.55 14.58
C ASN I 310 -39.43 -20.86 15.49
N PRO I 311 -39.92 -19.99 16.42
CA PRO I 311 -39.01 -19.27 17.33
C PRO I 311 -38.24 -20.18 18.28
N ASP I 312 -38.88 -21.27 18.74
CA ASP I 312 -38.29 -22.27 19.64
C ASP I 312 -37.03 -22.88 19.00
N VAL I 313 -37.12 -23.23 17.69
CA VAL I 313 -36.04 -23.78 16.88
C VAL I 313 -34.95 -22.71 16.75
N GLN I 314 -35.39 -21.48 16.38
CA GLN I 314 -34.55 -20.30 16.18
C GLN I 314 -33.69 -20.02 17.39
N GLN I 315 -34.29 -20.08 18.61
CA GLN I 315 -33.62 -19.86 19.89
C GLN I 315 -32.45 -20.82 20.11
N ILE I 316 -32.65 -22.14 19.83
CA ILE I 316 -31.62 -23.17 19.99
C ILE I 316 -30.42 -22.85 19.10
N LEU I 317 -30.69 -22.49 17.84
CA LEU I 317 -29.69 -22.13 16.83
C LEU I 317 -28.92 -20.87 17.21
N ARG I 318 -29.62 -19.89 17.83
CA ARG I 318 -29.05 -18.64 18.31
C ARG I 318 -28.09 -18.89 19.46
N GLN I 319 -28.49 -19.77 20.42
CA GLN I 319 -27.68 -20.15 21.59
C GLN I 319 -26.39 -20.84 21.14
N GLU I 320 -26.50 -21.67 20.10
CA GLU I 320 -25.38 -22.39 19.50
C GLU I 320 -24.41 -21.40 18.86
N SER I 321 -24.96 -20.48 18.02
CA SER I 321 -24.19 -19.48 17.29
C SER I 321 -23.49 -18.47 18.21
N LEU I 322 -24.13 -18.09 19.33
CA LEU I 322 -23.54 -17.14 20.28
C LEU I 322 -22.39 -17.77 21.07
N ALA I 323 -22.47 -19.09 21.30
CA ALA I 323 -21.45 -19.87 22.00
C ALA I 323 -20.19 -19.98 21.14
N ALA I 324 -20.36 -20.40 19.88
CA ALA I 324 -19.27 -20.57 18.93
C ALA I 324 -18.82 -19.25 18.25
N ALA I 325 -19.48 -18.11 18.57
CA ALA I 325 -19.19 -16.77 18.03
C ALA I 325 -17.73 -16.36 18.16
N ALA I 326 -17.15 -16.57 19.35
CA ALA I 326 -15.76 -16.22 19.69
C ALA I 326 -14.73 -16.96 18.85
N SER I 327 -14.90 -18.29 18.68
CA SER I 327 -14.02 -19.17 17.91
C SER I 327 -14.12 -18.93 16.38
N ILE I 328 -15.34 -18.61 15.88
CA ILE I 328 -15.64 -18.29 14.45
C ILE I 328 -15.14 -16.86 14.09
N SER I 329 -14.98 -15.98 15.09
CA SER I 329 -14.44 -14.64 14.89
C SER I 329 -12.93 -14.69 14.65
N GLU I 330 -12.22 -15.61 15.36
CA GLU I 330 -10.77 -15.81 15.26
C GLU I 330 -10.43 -16.55 13.93
N HIS I 331 -11.07 -17.71 13.72
CA HIS I 331 -10.88 -18.56 12.54
C HIS I 331 -12.26 -18.91 11.95
N PRO I 332 -12.62 -18.30 10.79
CA PRO I 332 -13.95 -18.54 10.22
C PRO I 332 -14.22 -19.97 9.78
N GLN I 333 -13.19 -20.70 9.29
CA GLN I 333 -13.31 -22.08 8.80
C GLN I 333 -13.82 -23.07 9.87
N LYS I 334 -13.78 -22.68 11.16
CA LYS I 334 -14.27 -23.50 12.28
C LYS I 334 -15.81 -23.62 12.27
N ALA I 335 -16.50 -22.72 11.53
CA ALA I 335 -17.97 -22.66 11.42
C ALA I 335 -18.59 -23.97 10.93
N THR I 336 -17.88 -24.69 10.04
CA THR I 336 -18.32 -25.97 9.48
C THR I 336 -18.48 -27.02 10.58
N THR I 337 -17.44 -27.21 11.39
CA THR I 337 -17.41 -28.21 12.47
C THR I 337 -18.14 -27.77 13.75
N GLU I 338 -18.11 -26.47 14.11
CA GLU I 338 -18.69 -25.92 15.34
C GLU I 338 -20.17 -25.51 15.27
N LEU I 339 -20.86 -25.77 14.15
CA LEU I 339 -22.30 -25.44 14.06
C LEU I 339 -23.11 -26.63 13.53
N PRO I 340 -23.22 -27.75 14.31
CA PRO I 340 -23.98 -28.91 13.80
C PRO I 340 -25.49 -28.68 13.65
N LEU I 341 -26.11 -27.92 14.59
CA LEU I 341 -27.55 -27.60 14.58
C LEU I 341 -27.90 -26.78 13.36
N LEU I 342 -27.09 -25.75 13.06
CA LEU I 342 -27.31 -24.87 11.90
C LEU I 342 -27.18 -25.60 10.57
N ARG I 343 -26.20 -26.52 10.43
CA ARG I 343 -26.04 -27.33 9.22
C ARG I 343 -27.26 -28.28 9.10
N ALA I 344 -27.76 -28.81 10.26
CA ALA I 344 -28.93 -29.69 10.32
C ALA I 344 -30.23 -28.89 10.03
N ALA I 345 -30.24 -27.58 10.30
CA ALA I 345 -31.37 -26.71 9.99
C ALA I 345 -31.46 -26.56 8.48
N LEU I 346 -30.27 -26.53 7.80
CA LEU I 346 -30.14 -26.42 6.34
C LEU I 346 -30.55 -27.71 5.63
N LYS I 347 -30.22 -28.88 6.24
CA LYS I 347 -30.58 -30.20 5.71
C LYS I 347 -32.11 -30.35 5.76
N GLU I 348 -32.74 -29.77 6.80
CA GLU I 348 -34.18 -29.76 7.03
C GLU I 348 -34.90 -28.89 6.01
N THR I 349 -34.33 -27.70 5.70
CA THR I 349 -34.91 -26.74 4.75
C THR I 349 -34.94 -27.29 3.34
N LEU I 350 -33.87 -28.01 2.95
CA LEU I 350 -33.70 -28.65 1.63
C LEU I 350 -34.57 -29.90 1.48
N ARG I 351 -34.95 -30.50 2.62
CA ARG I 351 -35.81 -31.67 2.67
C ARG I 351 -37.24 -31.24 2.31
N LEU I 352 -37.71 -30.20 2.96
CA LEU I 352 -39.04 -29.67 2.76
C LEU I 352 -39.12 -28.88 1.47
N TYR I 353 -38.15 -27.99 1.23
CA TYR I 353 -38.12 -27.12 0.07
C TYR I 353 -36.93 -27.42 -0.83
N PRO I 354 -37.03 -28.45 -1.74
CA PRO I 354 -35.89 -28.74 -2.64
C PRO I 354 -35.74 -27.66 -3.72
N VAL I 355 -34.48 -27.43 -4.16
CA VAL I 355 -34.11 -26.42 -5.17
C VAL I 355 -34.62 -26.89 -6.53
N GLY I 356 -34.32 -28.14 -6.87
CA GLY I 356 -34.81 -28.75 -8.10
C GLY I 356 -35.95 -29.70 -7.78
N LEU I 357 -36.48 -30.37 -8.81
CA LEU I 357 -37.60 -31.27 -8.62
C LEU I 357 -37.17 -32.72 -8.38
N PHE I 358 -36.39 -33.27 -9.31
CA PHE I 358 -35.96 -34.66 -9.29
C PHE I 358 -34.52 -34.84 -9.69
N LEU I 359 -33.99 -35.99 -9.30
CA LEU I 359 -32.65 -36.46 -9.60
C LEU I 359 -32.84 -37.38 -10.81
N GLU I 360 -32.18 -37.11 -11.94
CA GLU I 360 -32.37 -38.01 -13.10
C GLU I 360 -31.13 -38.84 -13.41
N ARG I 361 -31.37 -40.10 -13.72
CA ARG I 361 -30.35 -41.08 -14.07
C ARG I 361 -30.82 -41.98 -15.21
N VAL I 362 -30.04 -41.98 -16.30
CA VAL I 362 -30.23 -42.86 -17.46
C VAL I 362 -29.33 -44.04 -17.12
N VAL I 363 -29.93 -45.08 -16.52
CA VAL I 363 -29.27 -46.29 -16.03
C VAL I 363 -28.43 -46.99 -17.11
N SER I 364 -27.19 -47.35 -16.76
CA SER I 364 -26.23 -48.02 -17.62
C SER I 364 -26.50 -49.53 -17.78
N SER I 365 -27.09 -50.14 -16.75
CA SER I 365 -27.44 -51.57 -16.75
C SER I 365 -28.80 -51.84 -16.09
N ASP I 366 -29.34 -53.06 -16.31
CA ASP I 366 -30.61 -53.52 -15.75
C ASP I 366 -30.58 -53.55 -14.21
N LEU I 367 -31.73 -53.29 -13.58
CA LEU I 367 -31.89 -53.28 -12.13
C LEU I 367 -33.32 -53.56 -11.69
N VAL I 368 -33.50 -53.90 -10.41
CA VAL I 368 -34.81 -54.17 -9.86
C VAL I 368 -35.18 -53.06 -8.86
N LEU I 369 -36.25 -52.30 -9.17
CA LEU I 369 -36.75 -51.24 -8.32
C LEU I 369 -38.19 -51.56 -7.92
N GLN I 370 -38.42 -51.71 -6.59
CA GLN I 370 -39.72 -52.03 -6.00
C GLN I 370 -40.34 -53.33 -6.58
N ASN I 371 -39.49 -54.37 -6.79
CA ASN I 371 -39.81 -55.69 -7.37
C ASN I 371 -40.28 -55.62 -8.86
N TYR I 372 -39.87 -54.54 -9.57
CA TYR I 372 -40.17 -54.33 -10.99
C TYR I 372 -38.88 -54.33 -11.80
N HIS I 373 -38.93 -54.92 -13.01
CA HIS I 373 -37.76 -54.96 -13.88
C HIS I 373 -37.53 -53.61 -14.56
N ILE I 374 -36.34 -53.03 -14.35
CA ILE I 374 -35.94 -51.75 -14.96
C ILE I 374 -34.87 -52.05 -16.01
N PRO I 375 -35.18 -51.96 -17.32
CA PRO I 375 -34.16 -52.26 -18.34
C PRO I 375 -33.09 -51.17 -18.43
N ALA I 376 -31.96 -51.47 -19.11
CA ALA I 376 -30.88 -50.50 -19.29
C ALA I 376 -31.35 -49.39 -20.24
N GLY I 377 -30.86 -48.19 -20.02
CA GLY I 377 -31.21 -47.01 -20.82
C GLY I 377 -32.53 -46.39 -20.42
N THR I 378 -33.08 -46.80 -19.27
CA THR I 378 -34.33 -46.29 -18.73
C THR I 378 -34.04 -45.06 -17.89
N LEU I 379 -34.83 -44.02 -18.08
CA LEU I 379 -34.67 -42.80 -17.32
C LEU I 379 -35.40 -42.99 -16.00
N VAL I 380 -34.65 -42.87 -14.90
CA VAL I 380 -35.20 -43.04 -13.56
C VAL I 380 -35.14 -41.67 -12.86
N GLN I 381 -36.30 -41.17 -12.39
CA GLN I 381 -36.43 -39.88 -11.70
C GLN I 381 -36.74 -40.03 -10.22
N VAL I 382 -35.86 -39.46 -9.36
CA VAL I 382 -36.06 -39.49 -7.91
C VAL I 382 -36.69 -38.16 -7.54
N PHE I 383 -38.00 -38.19 -7.29
CA PHE I 383 -38.79 -37.01 -6.94
C PHE I 383 -38.57 -36.60 -5.46
N LEU I 384 -37.72 -35.56 -5.27
CA LEU I 384 -37.26 -35.03 -3.98
C LEU I 384 -38.34 -34.43 -3.10
N TYR I 385 -39.36 -33.77 -3.69
CA TYR I 385 -40.47 -33.19 -2.94
C TYR I 385 -41.20 -34.26 -2.11
N SER I 386 -41.56 -35.40 -2.76
CA SER I 386 -42.26 -36.53 -2.13
C SER I 386 -41.38 -37.30 -1.17
N LEU I 387 -40.10 -37.53 -1.55
CA LEU I 387 -39.12 -38.24 -0.74
C LEU I 387 -38.93 -37.58 0.65
N GLY I 388 -38.91 -36.24 0.70
CA GLY I 388 -38.80 -35.47 1.93
C GLY I 388 -40.06 -35.46 2.76
N ARG I 389 -41.21 -35.77 2.14
CA ARG I 389 -42.52 -35.81 2.77
C ARG I 389 -42.95 -37.22 3.23
N ASN I 390 -42.08 -38.22 2.98
CA ASN I 390 -42.24 -39.63 3.35
C ASN I 390 -42.28 -39.75 4.88
N ALA I 391 -43.48 -40.01 5.42
CA ALA I 391 -43.73 -40.14 6.85
C ALA I 391 -42.92 -41.27 7.52
N ALA I 392 -42.64 -42.36 6.78
CA ALA I 392 -41.84 -43.49 7.25
C ALA I 392 -40.37 -43.09 7.48
N LEU I 393 -39.77 -42.38 6.50
CA LEU I 393 -38.38 -41.92 6.59
C LEU I 393 -38.27 -40.69 7.50
N PHE I 394 -39.34 -39.88 7.53
CA PHE I 394 -39.36 -38.68 8.34
C PHE I 394 -40.57 -38.62 9.27
N PRO I 395 -40.47 -39.02 10.58
CA PRO I 395 -41.63 -38.91 11.47
C PRO I 395 -42.06 -37.45 11.63
N ARG I 396 -43.38 -37.17 11.45
CA ARG I 396 -43.99 -35.81 11.42
C ARG I 396 -43.27 -35.01 10.31
N PRO I 397 -43.45 -35.40 9.01
CA PRO I 397 -42.68 -34.72 7.94
C PRO I 397 -42.95 -33.26 7.77
N GLU I 398 -44.19 -32.84 8.06
CA GLU I 398 -44.58 -31.45 7.98
C GLU I 398 -43.96 -30.59 9.09
N ARG I 399 -43.21 -31.20 10.03
CA ARG I 399 -42.55 -30.47 11.09
C ARG I 399 -41.14 -30.09 10.73
N TYR I 400 -40.83 -28.81 10.94
CA TYR I 400 -39.48 -28.31 10.72
C TYR I 400 -38.69 -28.55 12.02
N ASN I 401 -37.98 -29.69 12.07
CA ASN I 401 -37.17 -30.07 13.24
C ASN I 401 -35.74 -30.45 12.84
N PRO I 402 -34.74 -29.55 13.05
CA PRO I 402 -33.35 -29.88 12.68
C PRO I 402 -32.73 -30.97 13.53
N GLN I 403 -33.27 -31.21 14.74
CA GLN I 403 -32.77 -32.25 15.63
C GLN I 403 -32.80 -33.66 15.04
N ARG I 404 -33.74 -33.95 14.10
CA ARG I 404 -33.86 -35.27 13.49
C ARG I 404 -32.57 -35.72 12.79
N TRP I 405 -31.85 -34.77 12.16
CA TRP I 405 -30.60 -34.98 11.42
C TRP I 405 -29.43 -35.38 12.32
N LEU I 406 -29.61 -35.28 13.65
CA LEU I 406 -28.57 -35.62 14.62
C LEU I 406 -28.87 -36.93 15.30
N ASP I 407 -30.10 -37.42 15.14
CA ASP I 407 -30.56 -38.66 15.74
C ASP I 407 -30.35 -39.91 14.82
N ILE I 408 -29.70 -39.71 13.63
CA ILE I 408 -29.40 -40.80 12.68
C ILE I 408 -27.90 -41.19 12.71
N HIS I 417 -30.65 -39.26 4.05
CA HIS I 417 -31.07 -38.49 2.89
C HIS I 417 -30.01 -37.51 2.39
N VAL I 418 -29.86 -37.40 1.04
CA VAL I 418 -28.92 -36.50 0.38
C VAL I 418 -29.61 -35.60 -0.68
N PRO I 419 -29.78 -34.28 -0.40
CA PRO I 419 -30.47 -33.39 -1.35
C PRO I 419 -29.57 -32.74 -2.40
N PHE I 420 -28.29 -33.10 -2.41
CA PHE I 420 -27.33 -32.55 -3.38
C PHE I 420 -27.02 -33.57 -4.46
N GLY I 421 -27.73 -34.68 -4.42
CA GLY I 421 -27.51 -35.78 -5.34
C GLY I 421 -26.71 -36.88 -4.67
N PHE I 422 -26.01 -37.69 -5.48
CA PHE I 422 -25.21 -38.81 -5.01
C PHE I 422 -24.06 -39.16 -5.95
N GLY I 423 -23.12 -39.93 -5.40
CA GLY I 423 -21.97 -40.43 -6.14
C GLY I 423 -21.02 -39.36 -6.59
N MET I 424 -20.33 -39.63 -7.71
CA MET I 424 -19.33 -38.73 -8.28
C MET I 424 -19.97 -37.55 -8.98
N ARG I 425 -21.25 -37.69 -9.36
CA ARG I 425 -22.01 -36.63 -10.02
C ARG I 425 -22.60 -35.62 -9.03
N GLN I 426 -22.69 -36.00 -7.73
CA GLN I 426 -23.21 -35.15 -6.66
C GLN I 426 -22.66 -33.74 -6.78
N CYS I 427 -23.55 -32.74 -6.65
CA CYS I 427 -23.32 -31.28 -6.75
C CYS I 427 -21.87 -30.81 -6.54
N LEU I 428 -21.36 -30.01 -7.48
CA LEU I 428 -20.03 -29.43 -7.43
C LEU I 428 -19.97 -28.20 -6.50
N GLY I 429 -21.05 -27.41 -6.48
CA GLY I 429 -21.15 -26.21 -5.66
C GLY I 429 -21.59 -26.44 -4.24
N ARG I 430 -21.92 -27.71 -3.89
CA ARG I 430 -22.42 -28.15 -2.59
C ARG I 430 -21.76 -27.44 -1.39
N ARG I 431 -20.41 -27.52 -1.27
CA ARG I 431 -19.70 -26.92 -0.14
C ARG I 431 -19.59 -25.40 -0.21
N LEU I 432 -19.73 -24.79 -1.42
CA LEU I 432 -19.73 -23.33 -1.57
C LEU I 432 -21.08 -22.80 -1.13
N ALA I 433 -22.16 -23.46 -1.56
CA ALA I 433 -23.52 -23.10 -1.21
C ALA I 433 -23.72 -23.17 0.31
N GLU I 434 -23.25 -24.28 0.93
CA GLU I 434 -23.33 -24.53 2.37
C GLU I 434 -22.71 -23.40 3.15
N ALA I 435 -21.51 -22.97 2.76
CA ALA I 435 -20.81 -21.88 3.44
C ALA I 435 -21.56 -20.55 3.33
N GLU I 436 -22.08 -20.20 2.14
CA GLU I 436 -22.85 -18.98 1.95
C GLU I 436 -24.08 -18.97 2.86
N MET I 437 -24.75 -20.11 2.99
CA MET I 437 -25.94 -20.23 3.82
C MET I 437 -25.57 -20.16 5.32
N LEU I 438 -24.68 -21.05 5.79
CA LEU I 438 -24.22 -21.14 7.20
C LEU I 438 -23.77 -19.81 7.76
N LEU I 439 -22.79 -19.18 7.10
CA LEU I 439 -22.19 -17.92 7.51
C LEU I 439 -23.17 -16.76 7.55
N LEU I 440 -24.15 -16.68 6.61
CA LEU I 440 -25.14 -15.60 6.65
C LEU I 440 -26.04 -15.79 7.87
N LEU I 441 -26.61 -17.00 8.02
CA LEU I 441 -27.49 -17.34 9.13
C LEU I 441 -26.80 -17.18 10.49
N HIS I 442 -25.51 -17.58 10.60
CA HIS I 442 -24.73 -17.43 11.84
C HIS I 442 -24.70 -15.97 12.29
N HIS I 443 -24.35 -15.03 11.39
CA HIS I 443 -24.26 -13.61 11.69
C HIS I 443 -25.62 -12.95 11.90
N VAL I 444 -26.67 -13.45 11.23
CA VAL I 444 -28.02 -12.92 11.39
C VAL I 444 -28.56 -13.33 12.78
N LEU I 445 -28.37 -14.61 13.16
CA LEU I 445 -28.79 -15.14 14.47
C LEU I 445 -28.05 -14.50 15.64
N LYS I 446 -26.78 -14.11 15.43
CA LYS I 446 -25.89 -13.46 16.40
C LYS I 446 -26.44 -12.09 16.86
N HIS I 447 -27.04 -11.26 15.92
CA HIS I 447 -27.55 -9.91 16.22
C HIS I 447 -29.08 -9.70 16.14
N PHE I 448 -29.84 -10.62 15.50
CA PHE I 448 -31.27 -10.37 15.33
C PHE I 448 -32.24 -11.44 15.82
N LEU I 449 -33.54 -11.08 15.74
CA LEU I 449 -34.67 -11.95 16.05
C LEU I 449 -35.58 -11.85 14.84
N VAL I 450 -35.75 -12.96 14.11
CA VAL I 450 -36.57 -13.00 12.88
C VAL I 450 -38.01 -13.37 13.26
N GLU I 451 -38.97 -12.53 12.86
CA GLU I 451 -40.39 -12.72 13.18
C GLU I 451 -41.27 -12.47 11.94
N THR I 452 -42.47 -13.10 11.90
CA THR I 452 -43.46 -12.93 10.83
C THR I 452 -44.87 -13.32 11.27
N LEU I 453 -45.90 -12.61 10.77
CA LEU I 453 -47.30 -12.91 11.08
C LEU I 453 -47.87 -13.97 10.13
N THR I 454 -47.35 -14.03 8.91
CA THR I 454 -47.80 -14.98 7.88
C THR I 454 -47.30 -16.40 8.22
N GLN I 455 -48.19 -17.20 8.80
CA GLN I 455 -47.92 -18.58 9.23
C GLN I 455 -48.41 -19.60 8.20
N GLU I 456 -49.01 -19.10 7.10
CA GLU I 456 -49.48 -19.92 6.00
C GLU I 456 -48.28 -20.30 5.16
N ASP I 457 -48.17 -21.61 4.84
CA ASP I 457 -47.08 -22.17 4.04
C ASP I 457 -46.98 -21.43 2.71
N ILE I 458 -45.76 -21.20 2.22
CA ILE I 458 -45.57 -20.49 0.96
C ILE I 458 -45.73 -21.46 -0.19
N LYS I 459 -46.57 -21.10 -1.17
CA LYS I 459 -46.81 -21.92 -2.34
C LYS I 459 -45.61 -21.83 -3.27
N MET I 460 -44.99 -22.98 -3.56
CA MET I 460 -43.83 -23.10 -4.43
C MET I 460 -44.29 -23.12 -5.89
N VAL I 461 -43.47 -22.55 -6.79
CA VAL I 461 -43.76 -22.47 -8.21
C VAL I 461 -42.66 -23.19 -9.00
N TYR I 462 -43.05 -24.12 -9.89
CA TYR I 462 -42.07 -24.84 -10.70
C TYR I 462 -41.71 -24.05 -11.96
N SER I 463 -40.48 -23.54 -11.98
CA SER I 463 -39.88 -22.81 -13.09
C SER I 463 -38.43 -23.31 -13.19
N PHE I 464 -38.27 -24.65 -13.37
CA PHE I 464 -37.04 -25.44 -13.39
C PHE I 464 -36.47 -25.52 -11.96
N ILE I 465 -36.29 -24.35 -11.34
CA ILE I 465 -35.92 -24.15 -9.95
C ILE I 465 -37.25 -23.99 -9.23
N LEU I 466 -37.48 -24.81 -8.20
CA LEU I 466 -38.70 -24.79 -7.40
C LEU I 466 -38.59 -23.55 -6.50
N ARG I 467 -39.24 -22.44 -6.91
CA ARG I 467 -39.15 -21.15 -6.22
C ARG I 467 -40.43 -20.64 -5.55
N PRO I 468 -40.32 -20.01 -4.35
CA PRO I 468 -41.53 -19.53 -3.66
C PRO I 468 -42.27 -18.44 -4.43
N GLY I 469 -43.58 -18.59 -4.47
CA GLY I 469 -44.48 -17.66 -5.16
C GLY I 469 -44.65 -16.35 -4.42
N THR I 470 -44.44 -16.40 -3.10
CA THR I 470 -44.58 -15.24 -2.22
C THR I 470 -43.31 -15.03 -1.41
N SER I 471 -42.94 -13.76 -1.18
CA SER I 471 -41.82 -13.43 -0.32
C SER I 471 -42.45 -12.74 0.88
N PRO I 472 -42.43 -13.40 2.06
CA PRO I 472 -43.10 -12.82 3.22
C PRO I 472 -42.33 -11.67 3.86
N LEU I 473 -43.06 -10.85 4.63
CA LEU I 473 -42.50 -9.73 5.36
C LEU I 473 -41.85 -10.28 6.61
N LEU I 474 -40.53 -10.05 6.77
CA LEU I 474 -39.79 -10.53 7.92
C LEU I 474 -39.30 -9.36 8.74
N THR I 475 -39.52 -9.44 10.06
CA THR I 475 -39.08 -8.41 10.99
C THR I 475 -37.74 -8.83 11.58
N PHE I 476 -36.74 -7.97 11.47
CA PHE I 476 -35.40 -8.18 12.02
C PHE I 476 -35.22 -7.23 13.22
N ARG I 477 -35.41 -7.76 14.44
CA ARG I 477 -35.29 -6.98 15.69
C ARG I 477 -33.91 -7.17 16.28
N ALA I 478 -33.20 -6.06 16.54
CA ALA I 478 -31.84 -6.09 17.10
C ALA I 478 -31.85 -6.53 18.55
N ILE I 479 -30.79 -7.24 18.97
CA ILE I 479 -30.63 -7.72 20.35
C ILE I 479 -29.89 -6.68 21.24
N ASN I 480 -28.72 -6.16 20.76
CA ASN I 480 -27.85 -5.23 21.48
C ASN I 480 -27.91 -3.77 20.97
N THR J 11 -44.90 65.38 82.51
CA THR J 11 -43.86 65.28 83.54
C THR J 11 -42.83 64.19 83.11
N VAL J 12 -41.65 64.66 82.63
CA VAL J 12 -40.55 63.85 82.09
C VAL J 12 -39.47 63.52 83.16
N LEU J 13 -38.59 62.52 82.85
CA LEU J 13 -37.49 62.06 83.72
C LEU J 13 -36.12 62.58 83.26
N PRO J 14 -35.19 62.88 84.20
CA PRO J 14 -33.86 63.37 83.79
C PRO J 14 -32.98 62.30 83.15
N PHE J 15 -31.82 62.75 82.62
CA PHE J 15 -30.80 61.94 81.93
C PHE J 15 -30.17 60.84 82.81
N GLU J 16 -29.71 61.20 84.01
CA GLU J 16 -29.04 60.28 84.96
C GLU J 16 -30.00 59.27 85.62
N ALA J 17 -31.33 59.42 85.42
CA ALA J 17 -32.36 58.51 85.93
C ALA J 17 -32.40 57.21 85.12
N MET J 18 -31.88 57.26 83.88
CA MET J 18 -31.80 56.17 82.91
C MET J 18 -30.96 55.00 83.44
N PRO J 19 -31.34 53.71 83.16
CA PRO J 19 -30.51 52.58 83.62
C PRO J 19 -29.10 52.66 83.04
N GLN J 20 -28.11 52.36 83.89
CA GLN J 20 -26.71 52.41 83.50
C GLN J 20 -26.16 51.02 83.24
N HIS J 21 -25.24 50.89 82.26
CA HIS J 21 -24.58 49.64 81.93
C HIS J 21 -23.74 49.21 83.16
N PRO J 22 -23.80 47.92 83.60
CA PRO J 22 -23.05 47.53 84.82
C PRO J 22 -21.53 47.56 84.68
N GLY J 23 -21.03 47.36 83.46
CA GLY J 23 -19.61 47.41 83.18
C GLY J 23 -19.11 48.84 83.16
N ASN J 24 -17.99 49.11 83.83
CA ASN J 24 -17.40 50.45 83.87
C ASN J 24 -16.85 50.79 82.46
N ARG J 25 -16.29 52.00 82.28
CA ARG J 25 -15.69 52.45 81.02
C ARG J 25 -14.46 51.60 80.64
N TRP J 26 -13.92 50.84 81.61
CA TRP J 26 -12.74 49.99 81.48
C TRP J 26 -13.03 48.49 81.34
N LEU J 27 -14.19 48.01 81.84
CA LEU J 27 -14.57 46.58 81.74
C LEU J 27 -14.83 46.13 80.29
N ARG J 28 -14.98 47.10 79.36
CA ARG J 28 -15.11 46.86 77.93
C ARG J 28 -13.72 46.49 77.41
N LEU J 29 -12.67 47.23 77.85
CA LEU J 29 -11.26 47.03 77.49
C LEU J 29 -10.68 45.68 77.97
N LEU J 30 -11.45 44.89 78.77
CA LEU J 30 -11.06 43.56 79.26
C LEU J 30 -10.97 42.54 78.10
N GLN J 31 -11.35 42.99 76.89
CA GLN J 31 -11.32 42.20 75.66
C GLN J 31 -10.61 42.96 74.52
N ILE J 32 -10.35 44.29 74.70
CA ILE J 32 -9.69 45.13 73.69
C ILE J 32 -8.17 44.87 73.67
N TRP J 33 -7.48 45.10 74.79
CA TRP J 33 -6.03 44.86 74.90
C TRP J 33 -5.76 43.36 74.96
N ARG J 34 -6.71 42.60 75.54
CA ARG J 34 -6.64 41.14 75.71
C ARG J 34 -6.72 40.34 74.40
N GLU J 35 -7.96 40.14 73.88
CA GLU J 35 -8.26 39.34 72.69
C GLU J 35 -7.87 39.98 71.34
N GLN J 36 -7.67 41.32 71.31
CA GLN J 36 -7.39 42.15 70.12
C GLN J 36 -8.64 42.24 69.21
N GLY J 37 -9.80 41.86 69.77
CA GLY J 37 -11.10 41.86 69.09
C GLY J 37 -12.29 41.51 69.97
N TYR J 38 -13.49 41.84 69.49
CA TYR J 38 -14.75 41.58 70.18
C TYR J 38 -15.69 40.77 69.30
N GLU J 39 -15.70 39.44 69.49
CA GLU J 39 -16.50 38.47 68.73
C GLU J 39 -18.01 38.67 68.91
N HIS J 40 -18.52 38.47 70.14
CA HIS J 40 -19.95 38.56 70.42
C HIS J 40 -20.41 39.93 70.93
N LEU J 41 -19.91 41.05 70.35
CA LEU J 41 -20.34 42.37 70.81
C LEU J 41 -21.85 42.58 70.68
N HIS J 42 -22.41 42.18 69.51
CA HIS J 42 -23.84 42.22 69.17
C HIS J 42 -24.71 41.42 70.16
N LEU J 43 -24.23 40.22 70.61
CA LEU J 43 -24.93 39.28 71.51
C LEU J 43 -24.77 39.62 73.00
N GLU J 44 -23.75 40.44 73.34
CA GLU J 44 -23.46 41.00 74.69
C GLU J 44 -24.33 42.24 74.95
N MET J 45 -24.44 43.10 73.91
CA MET J 45 -25.28 44.29 73.92
C MET J 45 -26.76 43.90 73.94
N HIS J 46 -27.13 42.82 73.20
CA HIS J 46 -28.49 42.28 73.14
C HIS J 46 -28.96 41.80 74.52
N GLN J 47 -28.07 41.12 75.25
CA GLN J 47 -28.30 40.59 76.61
C GLN J 47 -28.51 41.74 77.61
N THR J 48 -27.78 42.86 77.41
CA THR J 48 -27.86 44.07 78.23
C THR J 48 -29.26 44.71 78.11
N PHE J 49 -29.80 44.79 76.87
CA PHE J 49 -31.13 45.34 76.59
C PHE J 49 -32.24 44.51 77.25
N GLN J 50 -32.03 43.19 77.35
CA GLN J 50 -32.99 42.27 77.97
C GLN J 50 -33.03 42.45 79.49
N GLU J 51 -31.92 42.93 80.07
CA GLU J 51 -31.75 43.12 81.52
C GLU J 51 -32.06 44.54 82.01
N LEU J 52 -31.75 45.58 81.20
CA LEU J 52 -31.93 46.98 81.59
C LEU J 52 -33.12 47.71 80.91
N GLY J 53 -33.67 47.14 79.85
CA GLY J 53 -34.79 47.72 79.13
C GLY J 53 -34.46 48.19 77.73
N PRO J 54 -35.41 48.84 77.02
CA PRO J 54 -35.13 49.28 75.64
C PRO J 54 -34.23 50.51 75.49
N ILE J 55 -33.76 51.07 76.62
CA ILE J 55 -32.89 52.23 76.69
C ILE J 55 -31.94 52.13 77.89
N PHE J 56 -30.64 52.40 77.66
CA PHE J 56 -29.61 52.41 78.70
C PHE J 56 -28.44 53.33 78.36
N ARG J 57 -27.80 53.90 79.38
CA ARG J 57 -26.65 54.78 79.21
C ARG J 57 -25.33 54.05 79.52
N TYR J 58 -24.29 54.29 78.70
CA TYR J 58 -22.97 53.65 78.84
C TYR J 58 -21.90 54.64 79.34
N ASN J 59 -20.96 54.16 80.18
CA ASN J 59 -19.85 54.93 80.72
C ASN J 59 -18.77 55.19 79.69
N GLY J 62 -15.63 58.65 78.63
CA GLY J 62 -15.44 60.04 78.29
C GLY J 62 -16.72 60.73 77.87
N PRO J 63 -17.19 60.52 76.61
CA PRO J 63 -18.44 61.19 76.18
C PRO J 63 -19.73 60.62 76.80
N ARG J 64 -20.87 61.32 76.58
CA ARG J 64 -22.21 60.89 76.99
C ARG J 64 -22.71 59.91 75.90
N MET J 65 -23.22 58.73 76.29
CA MET J 65 -23.63 57.69 75.34
C MET J 65 -24.94 57.01 75.73
N VAL J 66 -25.91 56.99 74.80
CA VAL J 66 -27.23 56.36 74.99
C VAL J 66 -27.45 55.25 73.93
N CYS J 67 -27.97 54.09 74.36
CA CYS J 67 -28.25 52.96 73.49
C CYS J 67 -29.76 52.70 73.39
N VAL J 68 -30.27 52.62 72.16
CA VAL J 68 -31.69 52.38 71.88
C VAL J 68 -31.89 51.19 70.94
N MET J 69 -33.13 50.67 70.87
CA MET J 69 -33.47 49.52 70.01
C MET J 69 -34.93 49.53 69.50
N LEU J 70 -35.66 50.64 69.75
CA LEU J 70 -37.06 50.80 69.34
C LEU J 70 -37.23 51.74 68.14
N PRO J 71 -38.15 51.44 67.18
CA PRO J 71 -38.32 52.35 66.02
C PRO J 71 -38.94 53.69 66.42
N GLU J 72 -39.74 53.71 67.53
CA GLU J 72 -40.34 54.94 68.05
C GLU J 72 -39.24 55.93 68.48
N ASP J 73 -38.05 55.41 68.85
CA ASP J 73 -36.87 56.17 69.22
C ASP J 73 -36.16 56.68 67.95
N VAL J 74 -36.12 55.83 66.89
CA VAL J 74 -35.51 56.15 65.59
C VAL J 74 -36.31 57.31 64.93
N GLU J 75 -37.65 57.24 65.06
CA GLU J 75 -38.67 58.17 64.57
C GLU J 75 -38.45 59.56 65.14
N LYS J 76 -38.04 59.61 66.42
CA LYS J 76 -37.77 60.81 67.21
C LYS J 76 -36.36 61.32 66.94
N LEU J 77 -35.42 60.40 66.66
CA LEU J 77 -34.03 60.73 66.34
C LEU J 77 -33.92 61.39 64.97
N GLN J 78 -34.82 61.04 64.06
CA GLN J 78 -34.83 61.62 62.71
C GLN J 78 -35.51 62.98 62.82
N GLN J 79 -36.59 63.06 63.64
CA GLN J 79 -37.34 64.28 63.88
C GLN J 79 -36.40 65.42 64.27
N VAL J 80 -35.35 65.09 65.05
CA VAL J 80 -34.32 66.03 65.46
C VAL J 80 -33.42 66.18 64.19
N ASP J 81 -32.37 65.35 64.07
CA ASP J 81 -31.40 65.30 62.97
C ASP J 81 -30.81 66.66 62.57
N SER J 82 -31.55 67.50 61.78
CA SER J 82 -31.19 68.84 61.24
C SER J 82 -30.64 68.79 59.82
N LEU J 83 -30.09 69.92 59.32
CA LEU J 83 -29.51 69.97 57.97
C LEU J 83 -28.24 69.16 57.86
N HIS J 84 -27.47 69.11 58.95
CA HIS J 84 -26.24 68.36 58.96
C HIS J 84 -26.23 67.24 60.02
N PRO J 85 -26.86 66.07 59.74
CA PRO J 85 -26.85 64.98 60.72
C PRO J 85 -25.41 64.50 60.91
N CYS J 86 -24.97 64.54 62.19
CA CYS J 86 -23.60 64.21 62.58
C CYS J 86 -23.45 62.81 63.17
N ARG J 87 -22.36 62.14 62.80
CA ARG J 87 -21.99 60.83 63.34
C ARG J 87 -20.54 60.97 63.84
N MET J 88 -20.22 60.29 64.96
CA MET J 88 -18.89 60.28 65.56
C MET J 88 -17.86 59.84 64.55
N ILE J 89 -16.86 60.71 64.32
CA ILE J 89 -15.77 60.54 63.35
C ILE J 89 -14.96 59.27 63.62
N LEU J 90 -14.80 58.46 62.55
CA LEU J 90 -14.07 57.19 62.58
C LEU J 90 -12.59 57.53 62.45
N GLU J 91 -11.95 57.81 63.59
CA GLU J 91 -10.55 58.23 63.73
C GLU J 91 -9.54 57.39 62.90
N PRO J 92 -9.52 56.02 62.92
CA PRO J 92 -8.49 55.31 62.13
C PRO J 92 -8.52 55.56 60.62
N TRP J 93 -9.72 55.60 60.03
CA TRP J 93 -9.94 55.82 58.60
C TRP J 93 -9.57 57.25 58.19
N VAL J 94 -10.04 58.25 58.97
CA VAL J 94 -9.77 59.67 58.76
C VAL J 94 -8.27 59.97 58.87
N ALA J 95 -7.59 59.31 59.84
CA ALA J 95 -6.15 59.45 60.08
C ALA J 95 -5.33 59.08 58.83
N TYR J 96 -5.77 58.04 58.10
CA TYR J 96 -5.09 57.65 56.87
C TYR J 96 -5.22 58.75 55.79
N ARG J 97 -6.45 59.29 55.62
CA ARG J 97 -6.75 60.34 54.64
C ARG J 97 -5.87 61.58 54.88
N GLN J 98 -5.78 62.03 56.16
CA GLN J 98 -4.99 63.20 56.57
C GLN J 98 -3.51 62.99 56.33
N HIS J 99 -2.98 61.80 56.69
CA HIS J 99 -1.58 61.40 56.54
C HIS J 99 -1.13 61.38 55.08
N ARG J 100 -2.00 60.84 54.19
CA ARG J 100 -1.70 60.70 52.77
C ARG J 100 -2.19 61.90 51.92
N GLY J 101 -2.83 62.86 52.57
CA GLY J 101 -3.33 64.08 51.96
C GLY J 101 -4.53 63.93 51.04
N HIS J 102 -5.35 62.90 51.28
CA HIS J 102 -6.57 62.66 50.50
C HIS J 102 -7.74 63.30 51.19
N LYS J 103 -8.79 63.64 50.42
CA LYS J 103 -10.01 64.19 51.00
C LYS J 103 -10.85 63.04 51.53
N CYS J 104 -11.81 63.36 52.41
CA CYS J 104 -12.71 62.37 52.99
C CYS J 104 -13.96 62.25 52.13
N GLY J 105 -14.46 61.03 52.01
CA GLY J 105 -15.69 60.78 51.28
C GLY J 105 -16.89 61.02 52.16
N VAL J 106 -18.08 61.00 51.53
CA VAL J 106 -19.40 61.25 52.11
C VAL J 106 -19.67 60.43 53.41
N PHE J 107 -19.08 59.22 53.52
CA PHE J 107 -19.24 58.36 54.70
C PHE J 107 -18.57 58.93 55.95
N LEU J 108 -17.35 59.48 55.83
CA LEU J 108 -16.63 59.99 57.01
C LEU J 108 -16.92 61.47 57.28
N LEU J 109 -17.33 62.24 56.22
CA LEU J 109 -17.59 63.68 56.31
C LEU J 109 -18.70 64.04 57.26
N ASN J 110 -18.72 65.30 57.71
CA ASN J 110 -19.72 65.86 58.61
C ASN J 110 -19.95 67.33 58.28
N GLY J 111 -21.13 67.83 58.66
CA GLY J 111 -21.50 69.22 58.49
C GLY J 111 -21.68 69.69 57.07
N PRO J 112 -21.31 70.97 56.77
CA PRO J 112 -21.49 71.55 55.42
C PRO J 112 -20.73 70.87 54.30
N GLU J 113 -19.52 70.34 54.61
CA GLU J 113 -18.68 69.64 53.64
C GLU J 113 -19.37 68.37 53.16
N TRP J 114 -20.07 67.68 54.07
CA TRP J 114 -20.82 66.47 53.76
C TRP J 114 -21.99 66.75 52.79
N ARG J 115 -22.86 67.77 53.07
CA ARG J 115 -24.03 68.14 52.24
C ARG J 115 -23.65 68.55 50.81
N PHE J 116 -22.52 69.27 50.64
CA PHE J 116 -22.06 69.65 49.32
C PHE J 116 -21.82 68.41 48.49
N ASN J 117 -21.12 67.41 49.08
CA ASN J 117 -20.79 66.14 48.45
C ASN J 117 -22.04 65.33 48.18
N ARG J 118 -22.77 65.00 49.24
CA ARG J 118 -23.98 64.19 49.21
C ARG J 118 -24.97 64.65 48.14
N LEU J 119 -25.23 65.97 48.03
CA LEU J 119 -26.14 66.53 47.04
C LEU J 119 -25.68 66.33 45.60
N ARG J 120 -24.34 66.29 45.39
CA ARG J 120 -23.72 66.11 44.08
C ARG J 120 -23.50 64.63 43.71
N LEU J 121 -23.76 63.72 44.68
CA LEU J 121 -23.62 62.28 44.48
C LEU J 121 -24.95 61.60 44.24
N ASN J 122 -26.01 62.01 44.98
CA ASN J 122 -27.36 61.45 44.88
C ASN J 122 -27.89 61.31 43.45
N PRO J 123 -27.73 62.28 42.51
CA PRO J 123 -28.31 62.10 41.16
C PRO J 123 -27.72 60.97 40.31
N ASP J 124 -26.51 60.49 40.63
CA ASP J 124 -25.85 59.45 39.82
C ASP J 124 -25.59 58.13 40.56
N VAL J 125 -25.76 58.12 41.89
CA VAL J 125 -25.52 56.93 42.71
C VAL J 125 -26.82 56.32 43.26
N LEU J 126 -27.74 57.17 43.73
CA LEU J 126 -28.95 56.72 44.39
C LEU J 126 -30.26 56.96 43.63
N SER J 127 -30.37 58.08 42.87
CA SER J 127 -31.59 58.50 42.17
C SER J 127 -32.23 57.40 41.30
N PRO J 128 -33.60 57.37 41.16
CA PRO J 128 -34.23 56.33 40.33
C PRO J 128 -33.80 56.35 38.87
N LYS J 129 -33.55 57.57 38.32
CA LYS J 129 -33.09 57.79 36.95
C LYS J 129 -31.73 57.12 36.71
N ALA J 130 -30.83 57.18 37.72
CA ALA J 130 -29.50 56.56 37.68
C ALA J 130 -29.58 55.04 37.74
N VAL J 131 -30.51 54.51 38.56
CA VAL J 131 -30.73 53.08 38.74
C VAL J 131 -31.18 52.44 37.43
N GLN J 132 -32.04 53.14 36.67
CA GLN J 132 -32.54 52.72 35.35
C GLN J 132 -31.39 52.48 34.36
N ARG J 133 -30.26 53.16 34.58
CA ARG J 133 -29.08 53.08 33.72
C ARG J 133 -28.10 51.96 34.10
N PHE J 134 -27.74 51.82 35.41
CA PHE J 134 -26.77 50.80 35.83
C PHE J 134 -27.40 49.44 36.00
N LEU J 135 -28.73 49.40 36.19
CA LEU J 135 -29.44 48.12 36.38
C LEU J 135 -29.19 47.10 35.24
N PRO J 136 -29.30 47.46 33.94
CA PRO J 136 -29.04 46.46 32.88
C PRO J 136 -27.61 45.92 32.86
N MET J 137 -26.64 46.73 33.32
CA MET J 137 -25.23 46.35 33.40
C MET J 137 -25.05 45.29 34.47
N VAL J 138 -25.67 45.51 35.64
CA VAL J 138 -25.62 44.58 36.76
C VAL J 138 -26.29 43.25 36.35
N ASP J 139 -27.44 43.33 35.62
CA ASP J 139 -28.19 42.17 35.11
C ASP J 139 -27.30 41.24 34.30
N ALA J 140 -26.43 41.81 33.43
CA ALA J 140 -25.50 41.08 32.58
C ALA J 140 -24.52 40.25 33.40
N VAL J 141 -24.01 40.82 34.51
CA VAL J 141 -23.09 40.15 35.44
C VAL J 141 -23.83 39.01 36.17
N ALA J 142 -25.04 39.30 36.70
CA ALA J 142 -25.91 38.36 37.40
C ALA J 142 -26.28 37.16 36.52
N ARG J 143 -26.48 37.41 35.20
CA ARG J 143 -26.79 36.40 34.19
C ARG J 143 -25.58 35.48 34.05
N ASP J 144 -24.39 36.09 33.95
CA ASP J 144 -23.11 35.40 33.79
C ASP J 144 -22.78 34.50 34.98
N PHE J 145 -23.15 34.91 36.18
CA PHE J 145 -22.95 34.12 37.39
C PHE J 145 -23.77 32.83 37.34
N SER J 146 -25.06 32.91 36.94
CA SER J 146 -25.97 31.75 36.84
C SER J 146 -25.52 30.74 35.79
N GLN J 147 -25.12 31.24 34.60
CA GLN J 147 -24.63 30.44 33.46
C GLN J 147 -23.40 29.63 33.86
N ALA J 148 -22.43 30.23 34.61
CA ALA J 148 -21.19 29.58 35.08
C ALA J 148 -21.49 28.48 36.08
N LEU J 149 -22.54 28.67 36.88
CA LEU J 149 -22.99 27.68 37.82
C LEU J 149 -23.61 26.55 36.99
N LYS J 150 -24.53 26.91 36.06
CA LYS J 150 -25.19 25.99 35.13
C LYS J 150 -24.15 25.17 34.34
N LYS J 151 -22.96 25.74 34.05
CA LYS J 151 -21.87 25.07 33.34
C LYS J 151 -21.30 23.92 34.16
N LYS J 152 -20.88 24.20 35.41
CA LYS J 152 -20.33 23.19 36.31
C LYS J 152 -21.42 22.18 36.68
N VAL J 153 -22.66 22.67 36.99
CA VAL J 153 -23.78 21.84 37.44
C VAL J 153 -24.05 20.67 36.46
N LEU J 154 -24.20 20.98 35.17
CA LEU J 154 -24.49 20.00 34.13
C LEU J 154 -23.31 19.05 33.82
N GLN J 155 -22.11 19.34 34.41
CA GLN J 155 -20.93 18.47 34.24
C GLN J 155 -20.92 17.32 35.26
N ASN J 156 -21.74 17.44 36.33
CA ASN J 156 -21.90 16.45 37.40
C ASN J 156 -23.06 15.51 37.09
N ALA J 157 -22.84 14.21 37.30
CA ALA J 157 -23.81 13.11 37.03
C ALA J 157 -25.18 13.30 37.68
N ARG J 158 -25.21 13.88 38.89
CA ARG J 158 -26.43 14.16 39.64
C ARG J 158 -27.12 15.46 39.21
N GLY J 159 -26.47 16.21 38.32
CA GLY J 159 -26.98 17.47 37.80
C GLY J 159 -27.16 18.51 38.89
N SER J 160 -26.15 18.58 39.79
CA SER J 160 -26.12 19.51 40.93
C SER J 160 -24.67 19.83 41.35
N LEU J 161 -24.46 20.97 42.02
CA LEU J 161 -23.15 21.40 42.51
C LEU J 161 -23.22 21.87 43.97
N THR J 162 -22.45 21.19 44.84
CA THR J 162 -22.37 21.51 46.28
C THR J 162 -21.06 22.24 46.53
N LEU J 163 -21.12 23.48 47.02
CA LEU J 163 -19.93 24.31 47.24
C LEU J 163 -20.05 25.37 48.33
N ASP J 164 -18.91 26.01 48.65
CA ASP J 164 -18.80 27.16 49.53
C ASP J 164 -18.99 28.35 48.57
N VAL J 165 -20.16 28.99 48.61
CA VAL J 165 -20.50 30.07 47.68
C VAL J 165 -19.84 31.42 48.01
N GLN J 166 -19.33 31.62 49.26
CA GLN J 166 -18.67 32.86 49.71
C GLN J 166 -17.62 33.41 48.70
N PRO J 167 -16.55 32.68 48.28
CA PRO J 167 -15.62 33.27 47.31
C PRO J 167 -16.27 33.76 46.02
N SER J 168 -17.11 32.90 45.40
CA SER J 168 -17.83 33.20 44.14
C SER J 168 -18.76 34.41 44.24
N ILE J 169 -19.46 34.58 45.38
CA ILE J 169 -20.37 35.70 45.68
C ILE J 169 -19.57 37.00 45.84
N PHE J 170 -18.40 36.92 46.49
CA PHE J 170 -17.52 38.05 46.68
C PHE J 170 -16.99 38.59 45.36
N HIS J 171 -16.63 37.66 44.45
CA HIS J 171 -16.11 37.99 43.11
C HIS J 171 -17.19 38.51 42.20
N TYR J 172 -18.48 38.27 42.56
CA TYR J 172 -19.64 38.79 41.85
C TYR J 172 -19.80 40.26 42.24
N THR J 173 -19.79 40.56 43.57
CA THR J 173 -19.91 41.93 44.08
C THR J 173 -18.78 42.82 43.54
N ILE J 174 -17.55 42.27 43.36
CA ILE J 174 -16.42 43.02 42.79
C ILE J 174 -16.70 43.34 41.30
N GLU J 175 -17.06 42.32 40.50
CA GLU J 175 -17.37 42.41 39.06
C GLU J 175 -18.53 43.34 38.78
N ALA J 176 -19.67 43.15 39.49
CA ALA J 176 -20.90 43.93 39.35
C ALA J 176 -20.72 45.41 39.76
N SER J 177 -19.97 45.68 40.85
CA SER J 177 -19.72 47.04 41.31
C SER J 177 -18.79 47.78 40.37
N ASN J 178 -17.71 47.11 39.87
CA ASN J 178 -16.75 47.70 38.94
C ASN J 178 -17.40 48.06 37.61
N LEU J 179 -18.36 47.24 37.16
CA LEU J 179 -19.08 47.52 35.93
C LEU J 179 -20.07 48.65 36.13
N ALA J 180 -20.76 48.67 37.28
CA ALA J 180 -21.74 49.72 37.57
C ALA J 180 -21.08 51.06 37.81
N LEU J 181 -19.89 51.07 38.46
CA LEU J 181 -19.16 52.30 38.78
C LEU J 181 -18.29 52.82 37.63
N PHE J 182 -17.45 51.94 37.05
CA PHE J 182 -16.48 52.32 36.03
C PHE J 182 -16.83 51.87 34.60
N GLY J 183 -17.77 50.94 34.45
CA GLY J 183 -18.14 50.44 33.12
C GLY J 183 -17.07 49.55 32.53
N GLU J 184 -16.45 48.72 33.39
CA GLU J 184 -15.37 47.79 33.02
C GLU J 184 -15.63 46.40 33.58
N ARG J 185 -15.53 45.40 32.71
CA ARG J 185 -15.69 44.01 33.11
C ARG J 185 -14.32 43.51 33.53
N LEU J 186 -14.20 43.00 34.78
CA LEU J 186 -12.91 42.52 35.27
C LEU J 186 -12.60 41.05 34.91
N GLY J 187 -13.63 40.32 34.47
CA GLY J 187 -13.53 38.92 34.07
C GLY J 187 -13.31 37.96 35.24
N LEU J 188 -13.90 38.30 36.40
CA LEU J 188 -13.84 37.50 37.62
C LEU J 188 -14.98 36.47 37.68
N VAL J 189 -16.21 36.89 37.26
CA VAL J 189 -17.40 36.03 37.26
C VAL J 189 -17.27 34.90 36.21
N GLY J 190 -17.18 33.67 36.71
CA GLY J 190 -17.04 32.45 35.93
C GLY J 190 -15.62 32.00 35.67
N HIS J 191 -14.64 32.70 36.29
CA HIS J 191 -13.21 32.41 36.15
C HIS J 191 -12.53 32.39 37.51
N SER J 192 -11.27 31.93 37.55
CA SER J 192 -10.48 31.92 38.78
C SER J 192 -10.16 33.36 39.22
N PRO J 193 -10.18 33.65 40.55
CA PRO J 193 -9.91 35.02 41.00
C PRO J 193 -8.48 35.49 40.75
N SER J 194 -8.34 36.75 40.33
CA SER J 194 -7.06 37.40 40.06
C SER J 194 -6.34 37.73 41.37
N SER J 195 -4.98 37.73 41.33
CA SER J 195 -4.13 38.05 42.48
C SER J 195 -4.49 39.43 43.04
N ALA J 196 -4.75 40.39 42.14
CA ALA J 196 -5.13 41.76 42.44
C ALA J 196 -6.42 41.84 43.27
N SER J 197 -7.45 41.01 42.95
CA SER J 197 -8.72 41.02 43.67
C SER J 197 -8.58 40.34 45.03
N LEU J 198 -7.86 39.20 45.06
CA LEU J 198 -7.60 38.46 46.30
C LEU J 198 -6.86 39.31 47.32
N ASN J 199 -5.91 40.17 46.86
CA ASN J 199 -5.16 41.10 47.70
C ASN J 199 -6.06 42.19 48.23
N PHE J 200 -6.97 42.69 47.37
CA PHE J 200 -7.94 43.71 47.70
C PHE J 200 -8.90 43.23 48.80
N LEU J 201 -9.45 42.00 48.63
CA LEU J 201 -10.37 41.35 49.57
C LEU J 201 -9.72 41.20 50.95
N HIS J 202 -8.45 40.74 50.98
CA HIS J 202 -7.65 40.56 52.21
C HIS J 202 -7.32 41.88 52.87
N ALA J 203 -7.03 42.91 52.07
CA ALA J 203 -6.74 44.25 52.57
C ALA J 203 -7.97 44.80 53.28
N LEU J 204 -9.19 44.55 52.74
CA LEU J 204 -10.44 44.96 53.37
C LEU J 204 -10.61 44.20 54.69
N GLU J 205 -10.42 42.86 54.66
CA GLU J 205 -10.50 41.95 55.82
C GLU J 205 -9.64 42.45 56.98
N VAL J 206 -8.39 42.83 56.67
CA VAL J 206 -7.40 43.37 57.62
C VAL J 206 -7.82 44.77 58.09
N MET J 207 -8.28 45.61 57.15
CA MET J 207 -8.72 46.99 57.41
C MET J 207 -9.81 47.00 58.46
N PHE J 208 -10.87 46.16 58.31
CA PHE J 208 -11.97 46.08 59.27
C PHE J 208 -11.53 45.53 60.63
N LYS J 209 -10.72 44.44 60.65
CA LYS J 209 -10.18 43.82 61.88
C LYS J 209 -9.42 44.85 62.75
N SER J 210 -8.48 45.60 62.13
CA SER J 210 -7.67 46.64 62.77
C SER J 210 -8.46 47.90 63.11
N THR J 211 -9.63 48.12 62.48
CA THR J 211 -10.49 49.26 62.79
C THR J 211 -10.98 49.08 64.21
N VAL J 212 -11.61 47.94 64.52
CA VAL J 212 -12.12 47.66 65.85
C VAL J 212 -10.97 47.46 66.89
N GLN J 213 -9.71 47.44 66.41
CA GLN J 213 -8.53 47.37 67.27
C GLN J 213 -8.13 48.80 67.67
N LEU J 214 -8.30 49.77 66.74
CA LEU J 214 -7.98 51.19 66.91
C LEU J 214 -9.25 52.10 67.07
N MET J 215 -10.44 51.52 67.33
CA MET J 215 -11.75 52.21 67.39
C MET J 215 -12.16 52.88 68.69
N PHE J 216 -11.94 52.22 69.83
CA PHE J 216 -12.44 52.65 71.13
C PHE J 216 -11.49 53.54 71.99
N MET J 217 -10.88 54.58 71.37
CA MET J 217 -10.02 55.59 72.02
C MET J 217 -9.40 56.58 71.03
N PRO J 218 -9.20 57.86 71.43
CA PRO J 218 -8.55 58.81 70.52
C PRO J 218 -7.07 58.47 70.34
N ARG J 219 -6.48 58.93 69.22
CA ARG J 219 -5.11 58.70 68.77
C ARG J 219 -4.11 58.56 69.91
N SER J 220 -3.77 59.67 70.58
CA SER J 220 -2.82 59.76 71.71
C SER J 220 -2.58 58.44 72.47
N LEU J 221 -3.63 57.87 73.12
CA LEU J 221 -3.58 56.61 73.90
C LEU J 221 -3.09 55.40 73.10
N SER J 222 -3.85 55.01 72.05
CA SER J 222 -3.58 53.87 71.16
C SER J 222 -2.34 54.04 70.28
N ARG J 223 -1.89 55.31 70.09
CA ARG J 223 -0.73 55.70 69.28
C ARG J 223 0.54 54.99 69.73
N TRP J 224 0.68 54.79 71.05
CA TRP J 224 1.82 54.09 71.65
C TRP J 224 1.43 52.77 72.32
N ILE J 225 0.12 52.56 72.65
CA ILE J 225 -0.36 51.33 73.28
C ILE J 225 -0.30 50.16 72.29
N SER J 226 -0.60 50.44 71.01
CA SER J 226 -0.63 49.47 69.92
C SER J 226 -0.17 50.07 68.57
N PRO J 227 1.16 50.25 68.34
CA PRO J 227 1.63 50.84 67.08
C PRO J 227 1.61 49.86 65.91
N LYS J 228 1.68 48.53 66.19
CA LYS J 228 1.60 47.47 65.18
C LYS J 228 0.21 47.47 64.52
N VAL J 229 -0.81 48.05 65.19
CA VAL J 229 -2.16 48.16 64.61
C VAL J 229 -2.15 49.32 63.62
N TRP J 230 -1.52 50.46 63.97
CA TRP J 230 -1.33 51.64 63.11
C TRP J 230 -0.50 51.20 61.89
N LYS J 231 0.48 50.30 62.11
CA LYS J 231 1.35 49.73 61.09
C LYS J 231 0.49 48.94 60.09
N GLU J 232 -0.22 47.90 60.57
CA GLU J 232 -1.06 46.98 59.81
C GLU J 232 -2.29 47.66 59.17
N HIS J 233 -2.98 48.58 59.91
CA HIS J 233 -4.17 49.32 59.46
C HIS J 233 -3.83 50.21 58.27
N PHE J 234 -2.68 50.91 58.33
CA PHE J 234 -2.24 51.80 57.26
C PHE J 234 -1.78 51.05 56.03
N GLU J 235 -1.09 49.92 56.23
CA GLU J 235 -0.64 49.07 55.14
C GLU J 235 -1.86 48.54 54.36
N ALA J 236 -2.99 48.29 55.07
CA ALA J 236 -4.25 47.83 54.50
C ALA J 236 -4.90 48.95 53.67
N TRP J 237 -4.90 50.20 54.19
CA TRP J 237 -5.45 51.35 53.50
C TRP J 237 -4.51 51.81 52.37
N ASP J 238 -3.25 51.31 52.36
CA ASP J 238 -2.28 51.58 51.32
C ASP J 238 -2.58 50.71 50.09
N CYS J 239 -3.11 49.47 50.33
CA CYS J 239 -3.52 48.46 49.35
C CYS J 239 -4.88 48.78 48.71
N ILE J 240 -5.90 49.14 49.54
CA ILE J 240 -7.25 49.51 49.07
C ILE J 240 -7.16 50.74 48.14
N PHE J 241 -6.34 51.74 48.54
CA PHE J 241 -6.15 52.95 47.76
C PHE J 241 -5.45 52.69 46.45
N GLN J 242 -4.49 51.75 46.43
CA GLN J 242 -3.76 51.33 45.24
C GLN J 242 -4.73 50.71 44.23
N TYR J 243 -5.67 49.86 44.70
CA TYR J 243 -6.68 49.21 43.87
C TYR J 243 -7.64 50.23 43.27
N GLY J 244 -8.23 51.04 44.13
CA GLY J 244 -9.18 52.07 43.74
C GLY J 244 -8.60 53.14 42.84
N ASP J 245 -7.35 53.57 43.10
CA ASP J 245 -6.69 54.60 42.29
C ASP J 245 -6.41 54.11 40.87
N ASN J 246 -6.08 52.82 40.73
CA ASN J 246 -5.85 52.18 39.43
C ASN J 246 -7.11 52.28 38.55
N CYS J 247 -8.30 52.10 39.15
CA CYS J 247 -9.60 52.18 38.47
C CYS J 247 -9.88 53.61 38.04
N ILE J 248 -9.64 54.57 38.95
CA ILE J 248 -9.86 56.00 38.75
C ILE J 248 -8.90 56.56 37.68
N GLN J 249 -7.62 56.09 37.65
CA GLN J 249 -6.64 56.56 36.68
C GLN J 249 -7.00 56.08 35.26
N LYS J 250 -7.56 54.87 35.16
CA LYS J 250 -8.00 54.27 33.89
C LYS J 250 -9.16 55.06 33.30
N ILE J 251 -10.24 55.31 34.09
CA ILE J 251 -11.44 56.01 33.65
C ILE J 251 -11.15 57.49 33.33
N TYR J 252 -10.27 58.16 34.11
CA TYR J 252 -9.91 59.56 33.90
C TYR J 252 -9.17 59.77 32.59
N GLN J 253 -8.31 58.79 32.20
CA GLN J 253 -7.54 58.83 30.95
C GLN J 253 -8.44 58.51 29.76
N GLU J 254 -9.35 57.54 29.94
CA GLU J 254 -10.31 57.12 28.92
C GLU J 254 -11.27 58.26 28.56
N LEU J 255 -11.71 59.02 29.58
CA LEU J 255 -12.62 60.15 29.40
C LEU J 255 -11.93 61.41 28.89
N ALA J 256 -10.63 61.56 29.17
CA ALA J 256 -9.87 62.72 28.73
C ALA J 256 -9.73 62.76 27.22
N PHE J 257 -9.70 61.58 26.58
CA PHE J 257 -9.54 61.46 25.13
C PHE J 257 -10.84 61.30 24.35
N ASN J 258 -11.93 60.85 25.02
CA ASN J 258 -13.23 60.68 24.38
C ASN J 258 -14.38 60.72 25.38
N ARG J 259 -15.36 61.60 25.13
CA ARG J 259 -16.57 61.74 25.91
C ARG J 259 -17.63 60.83 25.26
N PRO J 260 -18.07 59.75 25.93
CA PRO J 260 -19.04 58.86 25.27
C PRO J 260 -20.45 59.41 25.24
N GLN J 261 -21.23 59.02 24.23
CA GLN J 261 -22.62 59.45 24.10
C GLN J 261 -23.51 58.65 25.05
N HIS J 262 -23.27 57.33 25.13
CA HIS J 262 -24.02 56.40 25.97
C HIS J 262 -23.51 56.32 27.40
N TYR J 263 -24.33 55.73 28.31
CA TYR J 263 -24.02 55.53 29.72
C TYR J 263 -22.87 54.53 29.87
N THR J 264 -21.82 54.91 30.62
CA THR J 264 -20.63 54.07 30.85
C THR J 264 -20.25 53.99 32.34
N GLY J 265 -21.25 54.08 33.22
CA GLY J 265 -21.05 53.95 34.66
C GLY J 265 -21.29 55.21 35.48
N ILE J 266 -21.37 55.01 36.82
CA ILE J 266 -21.60 56.03 37.85
C ILE J 266 -20.48 57.06 37.89
N VAL J 267 -19.21 56.60 38.02
CA VAL J 267 -18.00 57.43 38.12
C VAL J 267 -17.83 58.28 36.86
N ALA J 268 -18.08 57.68 35.68
CA ALA J 268 -18.03 58.37 34.39
C ALA J 268 -18.96 59.60 34.40
N GLU J 269 -20.22 59.42 34.88
CA GLU J 269 -21.21 60.48 34.99
C GLU J 269 -20.77 61.63 35.91
N LEU J 270 -20.12 61.29 37.06
CA LEU J 270 -19.62 62.26 38.03
C LEU J 270 -18.48 63.10 37.45
N LEU J 271 -17.56 62.43 36.73
CA LEU J 271 -16.41 63.08 36.10
C LEU J 271 -16.82 63.99 34.95
N LEU J 272 -17.84 63.58 34.18
CA LEU J 272 -18.36 64.37 33.06
C LEU J 272 -19.11 65.60 33.54
N LYS J 273 -19.85 65.47 34.65
CA LYS J 273 -20.60 66.57 35.27
C LYS J 273 -19.65 67.60 35.89
N ALA J 274 -18.52 67.11 36.48
CA ALA J 274 -17.47 67.89 37.13
C ALA J 274 -17.99 68.94 38.13
N GLU J 275 -19.00 68.55 38.93
CA GLU J 275 -19.61 69.40 39.94
C GLU J 275 -18.73 69.38 41.20
N LEU J 276 -18.11 68.21 41.47
CA LEU J 276 -17.18 68.00 42.58
C LEU J 276 -15.74 68.06 42.07
N SER J 277 -14.78 68.49 42.93
CA SER J 277 -13.36 68.56 42.59
C SER J 277 -12.81 67.17 42.34
N LEU J 278 -11.72 67.07 41.54
CA LEU J 278 -11.15 65.76 41.22
C LEU J 278 -10.84 64.93 42.47
N GLU J 279 -10.17 65.54 43.47
CA GLU J 279 -9.82 64.85 44.72
C GLU J 279 -11.04 64.42 45.53
N ALA J 280 -12.19 65.13 45.37
CA ALA J 280 -13.44 64.79 46.04
C ALA J 280 -14.09 63.62 45.30
N ILE J 281 -13.97 63.59 43.95
CA ILE J 281 -14.50 62.50 43.12
C ILE J 281 -13.68 61.26 43.45
N LYS J 282 -12.34 61.42 43.54
CA LYS J 282 -11.37 60.38 43.89
C LYS J 282 -11.75 59.77 45.23
N ALA J 283 -12.05 60.64 46.23
CA ALA J 283 -12.48 60.26 47.60
C ALA J 283 -13.75 59.38 47.58
N ASN J 284 -14.91 59.94 47.13
CA ASN J 284 -16.21 59.28 47.04
C ASN J 284 -16.16 58.00 46.22
N SER J 285 -15.43 58.02 45.07
CA SER J 285 -15.28 56.84 44.22
C SER J 285 -14.54 55.71 44.95
N MET J 286 -13.57 56.06 45.81
CA MET J 286 -12.79 55.11 46.60
C MET J 286 -13.70 54.41 47.60
N GLU J 287 -14.58 55.19 48.28
CA GLU J 287 -15.54 54.66 49.25
C GLU J 287 -16.58 53.77 48.57
N LEU J 288 -16.98 54.13 47.34
CA LEU J 288 -17.93 53.34 46.58
C LEU J 288 -17.30 52.02 46.12
N THR J 289 -16.01 52.05 45.75
CA THR J 289 -15.27 50.86 45.30
C THR J 289 -15.10 49.85 46.44
N ALA J 290 -14.58 50.31 47.59
CA ALA J 290 -14.33 49.50 48.78
C ALA J 290 -15.60 49.11 49.55
N GLY J 291 -16.54 50.04 49.67
CA GLY J 291 -17.77 49.83 50.41
C GLY J 291 -18.86 49.06 49.69
N SER J 292 -18.55 48.48 48.53
CA SER J 292 -19.55 47.74 47.76
C SER J 292 -19.19 46.27 47.68
N VAL J 293 -18.08 45.87 48.30
CA VAL J 293 -17.61 44.50 48.25
C VAL J 293 -18.23 43.65 49.35
N ASP J 294 -17.84 43.89 50.63
CA ASP J 294 -18.30 43.13 51.78
C ASP J 294 -19.77 43.39 52.12
N THR J 295 -20.20 44.67 52.06
CA THR J 295 -21.56 45.12 52.39
C THR J 295 -22.67 44.43 51.60
N THR J 296 -22.48 44.19 50.30
CA THR J 296 -23.49 43.52 49.46
C THR J 296 -23.39 41.98 49.57
N ALA J 297 -22.15 41.46 49.64
CA ALA J 297 -21.80 40.04 49.65
C ALA J 297 -22.26 39.22 50.86
N PHE J 298 -22.19 39.78 52.10
CA PHE J 298 -22.63 39.07 53.30
C PHE J 298 -24.18 38.89 53.37
N PRO J 299 -25.04 39.93 53.14
CA PRO J 299 -26.49 39.65 53.11
C PRO J 299 -26.94 38.78 51.92
N LEU J 300 -26.17 38.77 50.79
CA LEU J 300 -26.47 37.92 49.63
C LEU J 300 -26.33 36.46 50.04
N LEU J 301 -25.22 36.16 50.75
CA LEU J 301 -24.86 34.85 51.28
C LEU J 301 -25.89 34.40 52.30
N MET J 302 -26.38 35.33 53.12
CA MET J 302 -27.35 35.04 54.16
C MET J 302 -28.74 34.78 53.58
N THR J 303 -29.11 35.47 52.47
CA THR J 303 -30.40 35.24 51.81
C THR J 303 -30.39 33.83 51.24
N LEU J 304 -29.28 33.48 50.55
CA LEU J 304 -29.08 32.16 49.96
C LEU J 304 -29.21 31.07 51.00
N PHE J 305 -28.59 31.27 52.19
CA PHE J 305 -28.66 30.33 53.29
C PHE J 305 -30.08 30.19 53.81
N GLU J 306 -30.76 31.34 54.06
CA GLU J 306 -32.14 31.35 54.57
C GLU J 306 -33.15 30.78 53.58
N LEU J 307 -32.89 30.92 52.27
CA LEU J 307 -33.75 30.35 51.25
C LEU J 307 -33.54 28.83 51.18
N ALA J 308 -32.29 28.37 51.40
CA ALA J 308 -31.93 26.95 51.43
C ALA J 308 -32.50 26.30 52.70
N ARG J 309 -32.67 27.09 53.78
CA ARG J 309 -33.23 26.70 55.08
C ARG J 309 -34.76 26.64 55.01
N ASN J 310 -35.38 27.60 54.32
CA ASN J 310 -36.84 27.72 54.15
C ASN J 310 -37.19 27.40 52.69
N PRO J 311 -37.40 26.12 52.34
CA PRO J 311 -37.70 25.78 50.94
C PRO J 311 -39.07 26.27 50.48
N ASP J 312 -40.02 26.38 51.43
CA ASP J 312 -41.39 26.86 51.20
C ASP J 312 -41.38 28.32 50.74
N VAL J 313 -40.54 29.15 51.40
CA VAL J 313 -40.35 30.57 51.11
C VAL J 313 -39.72 30.69 49.73
N GLN J 314 -38.66 29.89 49.48
CA GLN J 314 -37.89 29.80 48.25
C GLN J 314 -38.82 29.55 47.05
N GLN J 315 -39.77 28.59 47.19
CA GLN J 315 -40.73 28.22 46.17
C GLN J 315 -41.59 29.40 45.72
N ILE J 316 -42.12 30.19 46.69
CA ILE J 316 -42.96 31.37 46.41
C ILE J 316 -42.17 32.38 45.56
N LEU J 317 -40.92 32.64 45.97
CA LEU J 317 -40.00 33.57 45.30
C LEU J 317 -39.64 33.09 43.89
N ARG J 318 -39.49 31.76 43.71
CA ARG J 318 -39.18 31.12 42.43
C ARG J 318 -40.36 31.28 41.47
N GLN J 319 -41.60 31.07 41.97
CA GLN J 319 -42.84 31.20 41.19
C GLN J 319 -43.01 32.63 40.70
N GLU J 320 -42.65 33.61 41.56
CA GLU J 320 -42.69 35.03 41.27
C GLU J 320 -41.67 35.37 40.18
N SER J 321 -40.42 34.89 40.35
CA SER J 321 -39.32 35.13 39.42
C SER J 321 -39.52 34.48 38.05
N LEU J 322 -40.14 33.29 37.99
CA LEU J 322 -40.41 32.60 36.73
C LEU J 322 -41.54 33.27 35.95
N ALA J 323 -42.48 33.90 36.67
CA ALA J 323 -43.60 34.62 36.07
C ALA J 323 -43.11 35.91 35.41
N ALA J 324 -42.33 36.71 36.16
CA ALA J 324 -41.79 37.98 35.68
C ALA J 324 -40.52 37.81 34.82
N ALA J 325 -40.03 36.55 34.62
CA ALA J 325 -38.83 36.22 33.86
C ALA J 325 -38.83 36.81 32.46
N ALA J 326 -39.97 36.70 31.74
CA ALA J 326 -40.17 37.18 30.36
C ALA J 326 -39.99 38.68 30.22
N SER J 327 -40.65 39.44 31.11
CA SER J 327 -40.61 40.91 31.12
C SER J 327 -39.24 41.47 31.53
N ILE J 328 -38.54 40.81 32.48
CA ILE J 328 -37.22 41.21 32.98
C ILE J 328 -36.15 40.87 31.92
N SER J 329 -36.44 39.82 31.11
CA SER J 329 -35.59 39.35 30.00
C SER J 329 -35.48 40.43 28.92
N GLU J 330 -36.60 41.10 28.62
CA GLU J 330 -36.69 42.16 27.61
C GLU J 330 -36.17 43.50 28.12
N HIS J 331 -36.62 43.92 29.32
CA HIS J 331 -36.24 45.16 30.00
C HIS J 331 -35.83 44.85 31.45
N PRO J 332 -34.51 44.87 31.76
CA PRO J 332 -34.07 44.49 33.12
C PRO J 332 -34.53 45.41 34.24
N GLN J 333 -34.68 46.72 33.98
CA GLN J 333 -35.10 47.72 34.97
C GLN J 333 -36.49 47.45 35.57
N LYS J 334 -37.29 46.57 34.93
CA LYS J 334 -38.60 46.16 35.41
C LYS J 334 -38.50 45.29 36.69
N ALA J 335 -37.31 44.73 36.98
CA ALA J 335 -37.04 43.88 38.14
C ALA J 335 -37.37 44.50 39.50
N THR J 336 -37.17 45.83 39.68
CA THR J 336 -37.48 46.49 40.96
C THR J 336 -38.97 46.56 41.23
N THR J 337 -39.76 46.88 40.20
CA THR J 337 -41.20 46.98 40.36
C THR J 337 -41.92 45.64 40.30
N GLU J 338 -41.41 44.68 39.48
CA GLU J 338 -42.04 43.37 39.26
C GLU J 338 -41.61 42.25 40.22
N LEU J 339 -40.79 42.55 41.25
CA LEU J 339 -40.39 41.53 42.22
C LEU J 339 -40.60 42.02 43.67
N PRO J 340 -41.86 42.23 44.13
CA PRO J 340 -42.06 42.71 45.51
C PRO J 340 -41.68 41.72 46.61
N LEU J 341 -41.93 40.40 46.38
CA LEU J 341 -41.62 39.32 47.33
C LEU J 341 -40.12 39.22 47.54
N LEU J 342 -39.35 39.26 46.44
CA LEU J 342 -37.88 39.18 46.49
C LEU J 342 -37.28 40.39 47.18
N ARG J 343 -37.89 41.57 47.00
CA ARG J 343 -37.44 42.81 47.65
C ARG J 343 -37.70 42.72 49.15
N ALA J 344 -38.84 42.12 49.53
CA ALA J 344 -39.21 41.91 50.93
C ALA J 344 -38.31 40.84 51.54
N ALA J 345 -37.92 39.80 50.75
CA ALA J 345 -37.01 38.72 51.21
C ALA J 345 -35.70 39.34 51.65
N LEU J 346 -35.27 40.40 50.94
CA LEU J 346 -34.04 41.14 51.23
C LEU J 346 -34.19 42.01 52.48
N LYS J 347 -35.39 42.58 52.70
CA LYS J 347 -35.68 43.41 53.88
C LYS J 347 -35.68 42.52 55.14
N GLU J 348 -36.05 41.25 54.95
CA GLU J 348 -36.13 40.18 55.95
C GLU J 348 -34.77 39.63 56.35
N THR J 349 -33.82 39.61 55.40
CA THR J 349 -32.44 39.15 55.59
C THR J 349 -31.64 40.20 56.36
N LEU J 350 -31.87 41.50 56.03
CA LEU J 350 -31.18 42.61 56.67
C LEU J 350 -31.68 42.88 58.09
N ARG J 351 -32.91 42.42 58.38
CA ARG J 351 -33.53 42.55 59.70
C ARG J 351 -32.83 41.59 60.67
N LEU J 352 -32.70 40.32 60.24
CA LEU J 352 -32.07 39.24 61.02
C LEU J 352 -30.55 39.35 61.02
N TYR J 353 -29.98 39.67 59.86
CA TYR J 353 -28.54 39.77 59.70
C TYR J 353 -28.11 41.18 59.20
N PRO J 354 -27.99 42.18 60.13
CA PRO J 354 -27.54 43.52 59.71
C PRO J 354 -26.03 43.56 59.42
N VAL J 355 -25.65 44.33 58.38
CA VAL J 355 -24.29 44.52 57.90
C VAL J 355 -23.40 45.13 59.01
N GLY J 356 -23.90 46.13 59.70
CA GLY J 356 -23.16 46.75 60.79
C GLY J 356 -23.86 46.55 62.11
N LEU J 357 -23.23 47.00 63.20
CA LEU J 357 -23.78 46.87 64.54
C LEU J 357 -24.82 47.93 64.84
N PHE J 358 -24.54 49.21 64.50
CA PHE J 358 -25.42 50.33 64.78
C PHE J 358 -25.34 51.48 63.77
N LEU J 359 -26.25 52.47 63.94
CA LEU J 359 -26.37 53.69 63.14
C LEU J 359 -26.47 54.86 64.11
N GLU J 360 -25.30 55.26 64.58
CA GLU J 360 -25.06 56.30 65.58
C GLU J 360 -25.48 57.70 65.13
N ARG J 361 -25.71 58.58 66.12
CA ARG J 361 -26.09 59.97 65.90
C ARG J 361 -25.59 60.85 67.04
N VAL J 362 -24.90 61.92 66.69
CA VAL J 362 -24.46 62.90 67.68
C VAL J 362 -25.50 64.04 67.54
N VAL J 363 -26.50 64.07 68.45
CA VAL J 363 -27.60 65.03 68.37
C VAL J 363 -27.12 66.47 68.44
N SER J 364 -27.93 67.35 67.86
CA SER J 364 -27.72 68.77 67.75
C SER J 364 -28.54 69.50 68.79
N SER J 365 -29.77 69.00 69.03
CA SER J 365 -30.74 69.58 69.95
C SER J 365 -31.19 68.57 70.99
N ASP J 366 -31.69 69.05 72.15
CA ASP J 366 -32.26 68.23 73.23
C ASP J 366 -33.52 67.49 72.74
N LEU J 367 -33.75 66.27 73.25
CA LEU J 367 -34.89 65.42 72.85
C LEU J 367 -35.31 64.44 73.92
N VAL J 368 -36.51 63.87 73.77
CA VAL J 368 -37.08 62.92 74.71
C VAL J 368 -37.20 61.55 74.03
N LEU J 369 -36.45 60.58 74.56
CA LEU J 369 -36.40 59.19 74.10
C LEU J 369 -36.72 58.30 75.28
N GLN J 370 -37.87 57.60 75.20
CA GLN J 370 -38.42 56.69 76.22
C GLN J 370 -38.75 57.40 77.55
N ASN J 371 -39.13 58.69 77.47
CA ASN J 371 -39.44 59.62 78.55
C ASN J 371 -38.17 59.93 79.39
N TYR J 372 -37.06 60.19 78.68
CA TYR J 372 -35.76 60.55 79.26
C TYR J 372 -35.18 61.78 78.61
N HIS J 373 -34.62 62.68 79.42
CA HIS J 373 -34.02 63.93 78.94
C HIS J 373 -32.66 63.68 78.25
N ILE J 374 -32.66 63.62 76.90
CA ILE J 374 -31.44 63.42 76.12
C ILE J 374 -30.87 64.81 75.81
N PRO J 375 -29.73 65.21 76.41
CA PRO J 375 -29.16 66.53 76.12
C PRO J 375 -28.53 66.63 74.74
N ALA J 376 -28.29 67.86 74.25
CA ALA J 376 -27.68 68.12 72.95
C ALA J 376 -26.20 67.74 73.00
N GLY J 377 -25.76 67.01 71.98
CA GLY J 377 -24.38 66.53 71.90
C GLY J 377 -24.19 65.12 72.40
N THR J 378 -25.23 64.54 73.03
CA THR J 378 -25.22 63.19 73.58
C THR J 378 -25.34 62.17 72.44
N LEU J 379 -24.33 61.31 72.28
CA LEU J 379 -24.34 60.30 71.23
C LEU J 379 -25.40 59.23 71.50
N VAL J 380 -26.28 59.04 70.50
CA VAL J 380 -27.35 58.05 70.52
C VAL J 380 -27.02 56.95 69.49
N GLN J 381 -26.98 55.67 69.94
CA GLN J 381 -26.69 54.52 69.08
C GLN J 381 -27.90 53.58 68.94
N VAL J 382 -28.37 53.38 67.70
CA VAL J 382 -29.50 52.50 67.41
C VAL J 382 -28.93 51.14 67.03
N PHE J 383 -29.13 50.13 67.88
CA PHE J 383 -28.63 48.78 67.61
C PHE J 383 -29.57 48.03 66.72
N LEU J 384 -29.14 47.87 65.46
CA LEU J 384 -29.86 47.19 64.38
C LEU J 384 -30.09 45.72 64.71
N TYR J 385 -29.17 45.12 65.50
CA TYR J 385 -29.26 43.73 65.89
C TYR J 385 -30.48 43.40 66.75
N SER J 386 -30.65 44.14 67.85
CA SER J 386 -31.75 43.96 68.79
C SER J 386 -33.08 44.42 68.23
N LEU J 387 -33.08 45.55 67.47
CA LEU J 387 -34.27 46.15 66.87
C LEU J 387 -35.01 45.14 65.98
N GLY J 388 -34.26 44.35 65.22
CA GLY J 388 -34.79 43.31 64.35
C GLY J 388 -35.28 42.07 65.08
N ARG J 389 -34.81 41.88 66.33
CA ARG J 389 -35.17 40.74 67.17
C ARG J 389 -36.31 41.02 68.16
N ASN J 390 -36.82 42.27 68.14
CA ASN J 390 -37.92 42.74 68.98
C ASN J 390 -39.21 42.00 68.59
N ALA J 391 -39.61 41.01 69.42
CA ALA J 391 -40.79 40.18 69.21
C ALA J 391 -42.10 41.00 69.15
N ALA J 392 -42.18 42.10 69.94
CA ALA J 392 -43.35 42.98 69.97
C ALA J 392 -43.56 43.68 68.62
N LEU J 393 -42.44 44.10 68.01
CA LEU J 393 -42.39 44.79 66.73
C LEU J 393 -42.52 43.82 65.52
N PHE J 394 -41.84 42.67 65.57
CA PHE J 394 -41.85 41.65 64.53
C PHE J 394 -42.42 40.34 65.08
N PRO J 395 -43.76 40.12 64.94
CA PRO J 395 -44.36 38.87 65.46
C PRO J 395 -43.70 37.68 64.79
N ARG J 396 -43.30 36.67 65.61
CA ARG J 396 -42.52 35.48 65.23
C ARG J 396 -41.14 36.06 64.75
N PRO J 397 -40.26 36.42 65.72
CA PRO J 397 -39.01 37.13 65.36
C PRO J 397 -37.95 36.35 64.59
N GLU J 398 -37.57 35.18 65.12
CA GLU J 398 -36.59 34.25 64.56
C GLU J 398 -37.07 33.63 63.25
N ARG J 399 -38.35 33.74 62.92
CA ARG J 399 -38.91 33.20 61.70
C ARG J 399 -38.71 34.10 60.49
N TYR J 400 -38.06 33.54 59.44
CA TYR J 400 -37.75 34.20 58.17
C TYR J 400 -38.99 34.21 57.29
N ASN J 401 -39.73 35.34 57.32
CA ASN J 401 -40.97 35.56 56.60
C ASN J 401 -40.91 36.85 55.79
N PRO J 402 -40.92 36.79 54.43
CA PRO J 402 -40.88 38.02 53.64
C PRO J 402 -42.23 38.76 53.53
N GLN J 403 -43.34 38.01 53.64
CA GLN J 403 -44.72 38.50 53.55
C GLN J 403 -45.04 39.74 54.38
N ARG J 404 -44.46 39.80 55.58
CA ARG J 404 -44.63 40.84 56.59
C ARG J 404 -44.31 42.24 56.10
N TRP J 405 -43.17 42.41 55.42
CA TRP J 405 -42.75 43.72 54.89
C TRP J 405 -43.72 44.24 53.81
N LEU J 406 -44.39 43.33 53.09
CA LEU J 406 -45.38 43.66 52.06
C LEU J 406 -46.70 44.19 52.69
N ASP J 407 -46.77 44.20 54.05
CA ASP J 407 -47.94 44.63 54.84
C ASP J 407 -47.73 45.93 55.65
N ILE J 408 -46.46 46.27 55.99
CA ILE J 408 -46.07 47.44 56.79
C ILE J 408 -46.57 48.78 56.20
N ASN J 414 -43.92 53.82 59.20
CA ASN J 414 -43.71 53.33 60.56
C ASN J 414 -42.23 53.13 60.92
N PHE J 415 -41.30 53.40 59.96
CA PHE J 415 -39.84 53.32 60.11
C PHE J 415 -39.35 51.94 60.56
N HIS J 416 -39.98 50.85 60.07
CA HIS J 416 -39.59 49.49 60.42
C HIS J 416 -38.33 49.14 59.63
N HIS J 417 -38.34 49.38 58.31
CA HIS J 417 -37.18 49.15 57.45
C HIS J 417 -36.21 50.31 57.59
N VAL J 418 -35.22 50.10 58.47
CA VAL J 418 -34.16 51.08 58.68
C VAL J 418 -32.75 50.42 58.64
N PRO J 419 -32.46 49.36 57.83
CA PRO J 419 -31.10 48.81 57.84
C PRO J 419 -30.07 49.67 57.09
N PHE J 420 -30.54 50.51 56.18
CA PHE J 420 -29.73 51.42 55.40
C PHE J 420 -29.66 52.81 56.06
N GLY J 421 -30.32 52.97 57.20
CA GLY J 421 -30.35 54.23 57.94
C GLY J 421 -31.61 55.03 57.70
N PHE J 422 -31.50 56.35 57.86
CA PHE J 422 -32.64 57.28 57.72
C PHE J 422 -32.24 58.68 57.26
N GLY J 423 -33.24 59.42 56.80
CA GLY J 423 -33.10 60.81 56.35
C GLY J 423 -32.15 61.01 55.19
N MET J 424 -31.44 62.15 55.20
CA MET J 424 -30.48 62.54 54.17
C MET J 424 -29.20 61.76 54.25
N ARG J 425 -28.88 61.25 55.44
CA ARG J 425 -27.67 60.46 55.64
C ARG J 425 -27.84 59.00 55.25
N GLN J 426 -29.10 58.55 55.01
CA GLN J 426 -29.42 57.17 54.64
C GLN J 426 -28.53 56.73 53.49
N CYS J 427 -27.97 55.51 53.59
CA CYS J 427 -27.04 54.84 52.65
C CYS J 427 -27.09 55.35 51.20
N LEU J 428 -25.90 55.68 50.66
CA LEU J 428 -25.75 56.15 49.27
C LEU J 428 -25.77 54.97 48.27
N GLY J 429 -25.24 53.85 48.66
CA GLY J 429 -25.19 52.67 47.81
C GLY J 429 -26.41 51.77 47.87
N ARG J 430 -27.43 52.13 48.71
CA ARG J 430 -28.66 51.37 48.95
C ARG J 430 -29.32 50.79 47.69
N ARG J 431 -29.51 51.61 46.65
CA ARG J 431 -30.14 51.11 45.44
C ARG J 431 -29.18 50.31 44.54
N LEU J 432 -27.85 50.51 44.68
CA LEU J 432 -26.87 49.72 43.92
C LEU J 432 -26.77 48.35 44.53
N ALA J 433 -26.69 48.29 45.88
CA ALA J 433 -26.61 47.05 46.64
C ALA J 433 -27.85 46.19 46.38
N GLU J 434 -29.05 46.82 46.44
CA GLU J 434 -30.34 46.17 46.19
C GLU J 434 -30.35 45.50 44.83
N ALA J 435 -29.91 46.23 43.76
CA ALA J 435 -29.85 45.73 42.38
C ALA J 435 -28.94 44.50 42.27
N GLU J 436 -27.75 44.54 42.90
CA GLU J 436 -26.80 43.43 42.88
C GLU J 436 -27.40 42.17 43.54
N MET J 437 -28.12 42.38 44.65
CA MET J 437 -28.73 41.29 45.38
C MET J 437 -29.90 40.72 44.60
N LEU J 438 -30.90 41.57 44.23
CA LEU J 438 -32.11 41.19 43.49
C LEU J 438 -31.82 40.40 42.25
N LEU J 439 -31.00 40.97 41.34
CA LEU J 439 -30.68 40.38 40.05
C LEU J 439 -29.94 39.05 40.15
N LEU J 440 -29.06 38.87 41.16
CA LEU J 440 -28.37 37.59 41.33
C LEU J 440 -29.38 36.54 41.74
N LEU J 441 -30.18 36.86 42.80
CA LEU J 441 -31.21 35.99 43.36
C LEU J 441 -32.30 35.64 42.36
N HIS J 442 -32.68 36.60 41.45
CA HIS J 442 -33.67 36.37 40.39
C HIS J 442 -33.20 35.28 39.41
N HIS J 443 -31.95 35.39 38.89
CA HIS J 443 -31.39 34.44 37.95
C HIS J 443 -31.06 33.10 38.57
N VAL J 444 -30.66 33.07 39.85
CA VAL J 444 -30.37 31.83 40.57
C VAL J 444 -31.69 31.05 40.80
N LEU J 445 -32.74 31.75 41.26
CA LEU J 445 -34.07 31.15 41.50
C LEU J 445 -34.71 30.62 40.22
N LYS J 446 -34.43 31.28 39.08
CA LYS J 446 -34.94 30.93 37.76
C LYS J 446 -34.51 29.53 37.31
N HIS J 447 -33.24 29.15 37.57
CA HIS J 447 -32.65 27.88 37.10
C HIS J 447 -32.29 26.83 38.17
N PHE J 448 -32.06 27.25 39.43
CA PHE J 448 -31.63 26.32 40.47
C PHE J 448 -32.51 26.21 41.69
N LEU J 449 -32.30 25.11 42.45
CA LEU J 449 -32.94 24.81 43.73
C LEU J 449 -31.80 24.81 44.73
N VAL J 450 -31.84 25.73 45.71
CA VAL J 450 -30.81 25.84 46.73
C VAL J 450 -31.22 24.99 47.94
N GLU J 451 -30.32 24.09 48.35
CA GLU J 451 -30.57 23.16 49.46
C GLU J 451 -29.37 23.10 50.41
N THR J 452 -29.61 22.78 51.70
CA THR J 452 -28.56 22.59 52.71
C THR J 452 -29.03 21.75 53.87
N LEU J 453 -28.13 20.90 54.40
CA LEU J 453 -28.41 20.05 55.55
C LEU J 453 -28.15 20.82 56.86
N THR J 454 -27.35 21.92 56.78
CA THR J 454 -26.99 22.81 57.88
C THR J 454 -28.20 23.65 58.30
N GLN J 455 -28.91 23.23 59.36
CA GLN J 455 -30.10 23.95 59.82
C GLN J 455 -29.83 24.80 61.07
N GLU J 456 -28.60 24.70 61.61
CA GLU J 456 -28.17 25.50 62.75
C GLU J 456 -27.74 26.86 62.25
N ASP J 457 -28.15 27.94 62.94
CA ASP J 457 -27.78 29.31 62.60
C ASP J 457 -26.24 29.49 62.54
N ILE J 458 -25.77 30.59 61.94
CA ILE J 458 -24.35 30.89 61.90
C ILE J 458 -24.13 31.83 63.06
N LYS J 459 -23.05 31.60 63.80
CA LYS J 459 -22.69 32.45 64.91
C LYS J 459 -21.79 33.54 64.32
N MET J 460 -22.41 34.71 63.97
CA MET J 460 -21.79 35.88 63.35
C MET J 460 -20.62 36.44 64.18
N VAL J 461 -19.70 37.18 63.53
CA VAL J 461 -18.49 37.71 64.14
C VAL J 461 -18.42 39.23 63.93
N TYR J 462 -18.21 39.99 65.02
CA TYR J 462 -18.10 41.44 64.91
C TYR J 462 -16.66 41.86 64.60
N SER J 463 -16.47 42.35 63.38
CA SER J 463 -15.21 42.87 62.86
C SER J 463 -15.59 44.12 62.04
N PHE J 464 -16.24 45.10 62.71
CA PHE J 464 -16.81 46.35 62.18
C PHE J 464 -18.06 46.01 61.36
N ILE J 465 -17.89 45.13 60.37
CA ILE J 465 -18.93 44.53 59.55
C ILE J 465 -19.26 43.22 60.27
N LEU J 466 -20.55 43.01 60.58
CA LEU J 466 -21.05 41.82 61.25
C LEU J 466 -21.04 40.68 60.20
N ARG J 467 -19.99 39.84 60.23
CA ARG J 467 -19.78 38.78 59.23
C ARG J 467 -19.88 37.34 59.74
N PRO J 468 -20.52 36.42 58.97
CA PRO J 468 -20.62 35.02 59.41
C PRO J 468 -19.26 34.33 59.54
N GLY J 469 -19.10 33.61 60.64
CA GLY J 469 -17.86 32.88 60.92
C GLY J 469 -17.73 31.63 60.09
N THR J 470 -18.89 31.08 59.64
CA THR J 470 -18.96 29.87 58.83
C THR J 470 -19.71 30.10 57.53
N SER J 471 -19.23 29.45 56.47
CA SER J 471 -19.85 29.48 55.16
C SER J 471 -20.37 28.07 54.89
N PRO J 472 -21.72 27.89 54.90
CA PRO J 472 -22.28 26.55 54.73
C PRO J 472 -22.23 26.01 53.31
N LEU J 473 -22.31 24.66 53.19
CA LEU J 473 -22.30 23.98 51.91
C LEU J 473 -23.70 24.06 51.33
N LEU J 474 -23.82 24.66 50.14
CA LEU J 474 -25.10 24.81 49.45
C LEU J 474 -25.11 23.99 48.15
N THR J 475 -26.17 23.20 47.92
CA THR J 475 -26.34 22.42 46.69
C THR J 475 -27.18 23.23 45.72
N PHE J 476 -26.69 23.40 44.51
CA PHE J 476 -27.42 24.10 43.46
C PHE J 476 -27.84 23.07 42.43
N ARG J 477 -29.13 22.64 42.49
CA ARG J 477 -29.69 21.61 41.61
C ARG J 477 -30.44 22.28 40.45
N ALA J 478 -30.10 21.91 39.20
CA ALA J 478 -30.74 22.48 38.00
C ALA J 478 -32.17 21.99 37.85
N ILE J 479 -33.05 22.83 37.30
CA ILE J 479 -34.47 22.48 37.11
C ILE J 479 -34.64 21.67 35.79
N ASN J 480 -33.75 21.88 34.79
CA ASN J 480 -33.73 21.13 33.51
C ASN J 480 -32.31 21.01 32.94
N THR K 11 0.54 46.13 -39.93
CA THR K 11 -0.80 45.81 -40.43
C THR K 11 -1.86 46.74 -39.78
N VAL K 12 -2.45 47.66 -40.60
CA VAL K 12 -3.49 48.63 -40.20
C VAL K 12 -4.73 48.51 -41.11
N LEU K 13 -5.90 48.22 -40.50
CA LEU K 13 -7.19 48.03 -41.17
C LEU K 13 -7.84 49.35 -41.63
N PRO K 14 -8.64 49.34 -42.74
CA PRO K 14 -9.30 50.59 -43.18
C PRO K 14 -10.40 51.08 -42.23
N PHE K 15 -10.89 52.31 -42.45
CA PHE K 15 -11.91 52.94 -41.62
C PHE K 15 -13.25 52.21 -41.64
N GLU K 16 -13.77 51.85 -42.83
CA GLU K 16 -15.06 51.18 -42.96
C GLU K 16 -15.09 49.75 -42.41
N ALA K 17 -13.91 49.18 -42.07
CA ALA K 17 -13.79 47.83 -41.49
C ALA K 17 -14.22 47.80 -40.00
N MET K 18 -14.20 48.98 -39.36
CA MET K 18 -14.55 49.24 -37.96
C MET K 18 -16.01 48.86 -37.68
N PRO K 19 -16.34 48.29 -36.49
CA PRO K 19 -17.75 47.96 -36.19
C PRO K 19 -18.63 49.21 -36.21
N GLN K 20 -19.83 49.09 -36.77
CA GLN K 20 -20.75 50.21 -36.89
C GLN K 20 -21.85 50.13 -35.86
N HIS K 21 -22.31 51.31 -35.35
CA HIS K 21 -23.43 51.42 -34.40
C HIS K 21 -24.71 50.95 -35.12
N PRO K 22 -25.53 50.08 -34.50
CA PRO K 22 -26.70 49.56 -35.23
C PRO K 22 -27.82 50.57 -35.41
N LEU K 27 -31.67 58.76 -38.04
CA LEU K 27 -32.57 57.82 -37.36
C LEU K 27 -32.76 58.23 -35.90
N ARG K 28 -31.65 58.25 -35.13
CA ARG K 28 -31.59 58.61 -33.70
C ARG K 28 -32.05 60.06 -33.45
N LEU K 29 -32.36 60.76 -34.54
CA LEU K 29 -32.81 62.15 -34.59
C LEU K 29 -34.26 62.30 -34.17
N LEU K 30 -35.16 61.54 -34.83
CA LEU K 30 -36.61 61.56 -34.61
C LEU K 30 -37.01 60.77 -33.36
N GLN K 31 -36.06 60.01 -32.79
CA GLN K 31 -36.22 59.27 -31.53
C GLN K 31 -36.27 60.32 -30.39
N ILE K 32 -35.58 61.48 -30.55
CA ILE K 32 -35.58 62.58 -29.58
C ILE K 32 -36.88 63.38 -29.70
N TRP K 33 -37.41 63.53 -30.95
CA TRP K 33 -38.67 64.20 -31.30
C TRP K 33 -39.86 63.68 -30.46
N ARG K 34 -39.91 62.35 -30.20
CA ARG K 34 -40.96 61.69 -29.41
C ARG K 34 -40.62 61.65 -27.90
N GLU K 35 -39.42 61.15 -27.54
CA GLU K 35 -38.95 60.98 -26.17
C GLU K 35 -38.66 62.29 -25.44
N GLN K 36 -38.62 63.42 -26.18
CA GLN K 36 -38.34 64.78 -25.67
C GLN K 36 -37.03 64.88 -24.83
N GLY K 37 -36.07 64.01 -25.15
CA GLY K 37 -34.77 63.93 -24.48
C GLY K 37 -34.05 62.60 -24.55
N TYR K 38 -32.71 62.64 -24.46
CA TYR K 38 -31.83 61.48 -24.47
C TYR K 38 -31.57 61.07 -23.03
N GLU K 39 -32.60 60.48 -22.39
CA GLU K 39 -32.62 60.06 -20.98
C GLU K 39 -31.45 59.19 -20.55
N HIS K 40 -31.33 57.99 -21.13
CA HIS K 40 -30.29 57.00 -20.83
C HIS K 40 -29.18 56.85 -21.90
N LEU K 41 -28.70 57.97 -22.50
CA LEU K 41 -27.63 57.93 -23.52
C LEU K 41 -26.33 57.29 -23.01
N HIS K 42 -25.94 57.58 -21.76
CA HIS K 42 -24.72 57.03 -21.15
C HIS K 42 -24.77 55.50 -21.05
N LEU K 43 -25.93 54.95 -20.61
CA LEU K 43 -26.20 53.52 -20.45
C LEU K 43 -26.24 52.85 -21.81
N GLU K 44 -26.86 53.49 -22.82
CA GLU K 44 -26.94 52.98 -24.20
C GLU K 44 -25.54 52.84 -24.74
N MET K 45 -24.75 53.93 -24.73
CA MET K 45 -23.36 53.95 -25.23
C MET K 45 -22.47 52.92 -24.57
N HIS K 46 -22.61 52.75 -23.23
CA HIS K 46 -21.84 51.77 -22.44
C HIS K 46 -22.14 50.34 -22.92
N GLN K 47 -23.44 50.05 -23.16
CA GLN K 47 -23.95 48.77 -23.64
C GLN K 47 -23.43 48.46 -25.05
N THR K 48 -23.29 49.50 -25.90
CA THR K 48 -22.78 49.42 -27.26
C THR K 48 -21.32 48.97 -27.25
N PHE K 49 -20.47 49.54 -26.35
CA PHE K 49 -19.06 49.19 -26.22
C PHE K 49 -18.86 47.74 -25.81
N GLN K 50 -19.79 47.21 -25.00
CA GLN K 50 -19.77 45.83 -24.53
C GLN K 50 -20.08 44.86 -25.66
N GLU K 51 -20.85 45.31 -26.66
CA GLU K 51 -21.29 44.50 -27.81
C GLU K 51 -20.42 44.61 -29.07
N LEU K 52 -19.87 45.80 -29.34
CA LEU K 52 -19.07 46.07 -30.55
C LEU K 52 -17.54 46.18 -30.33
N GLY K 53 -17.11 46.32 -29.09
CA GLY K 53 -15.70 46.42 -28.79
C GLY K 53 -15.28 47.77 -28.25
N PRO K 54 -13.96 47.99 -28.00
CA PRO K 54 -13.53 49.27 -27.44
C PRO K 54 -13.49 50.46 -28.40
N ILE K 55 -13.89 50.22 -29.66
CA ILE K 55 -13.93 51.20 -30.75
C ILE K 55 -15.07 50.85 -31.73
N PHE K 56 -15.87 51.87 -32.08
CA PHE K 56 -16.97 51.75 -33.04
C PHE K 56 -17.26 53.07 -33.74
N ARG K 57 -17.75 52.99 -34.98
CA ARG K 57 -18.09 54.18 -35.77
C ARG K 57 -19.59 54.42 -35.81
N TYR K 58 -19.99 55.69 -35.86
CA TYR K 58 -21.41 56.04 -35.95
C TYR K 58 -21.86 56.19 -37.41
N ASN K 59 -23.17 56.42 -37.60
CA ASN K 59 -23.77 56.64 -38.91
C ASN K 59 -24.23 58.11 -38.98
N LEU K 60 -23.46 58.94 -39.70
CA LEU K 60 -23.70 60.38 -39.86
C LEU K 60 -24.01 60.80 -41.32
N GLY K 61 -23.69 59.92 -42.28
CA GLY K 61 -23.91 60.13 -43.70
C GLY K 61 -23.17 61.33 -44.27
N GLY K 62 -21.86 61.32 -44.08
CA GLY K 62 -20.93 62.38 -44.49
C GLY K 62 -19.79 62.50 -43.48
N PRO K 63 -20.01 63.19 -42.33
CA PRO K 63 -18.93 63.26 -41.33
C PRO K 63 -18.62 61.90 -40.66
N ARG K 64 -17.32 61.62 -40.49
CA ARG K 64 -16.81 60.41 -39.87
C ARG K 64 -16.79 60.63 -38.35
N MET K 65 -17.45 59.72 -37.60
CA MET K 65 -17.54 59.80 -36.14
C MET K 65 -17.08 58.48 -35.50
N VAL K 66 -16.07 58.53 -34.62
CA VAL K 66 -15.48 57.38 -33.94
C VAL K 66 -15.64 57.51 -32.43
N CYS K 67 -16.01 56.41 -31.75
CA CYS K 67 -16.17 56.35 -30.30
C CYS K 67 -15.14 55.44 -29.66
N VAL K 68 -14.43 55.95 -28.64
CA VAL K 68 -13.38 55.23 -27.91
C VAL K 68 -13.63 55.25 -26.40
N MET K 69 -13.05 54.29 -25.65
CA MET K 69 -13.22 54.16 -24.19
C MET K 69 -11.95 53.74 -23.44
N LEU K 70 -10.85 53.51 -24.17
CA LEU K 70 -9.57 53.12 -23.61
C LEU K 70 -8.54 54.29 -23.50
N PRO K 71 -7.81 54.40 -22.35
CA PRO K 71 -6.83 55.50 -22.18
C PRO K 71 -5.66 55.44 -23.17
N GLU K 72 -5.36 54.23 -23.70
CA GLU K 72 -4.33 54.01 -24.73
C GLU K 72 -4.70 54.77 -26.00
N ASP K 73 -6.02 55.00 -26.21
CA ASP K 73 -6.55 55.78 -27.32
C ASP K 73 -6.46 57.27 -27.02
N VAL K 74 -6.66 57.65 -25.74
CA VAL K 74 -6.58 59.04 -25.26
C VAL K 74 -5.14 59.54 -25.42
N GLU K 75 -4.18 58.65 -25.07
CA GLU K 75 -2.73 58.82 -25.14
C GLU K 75 -2.32 59.16 -26.59
N LYS K 76 -2.91 58.43 -27.56
CA LYS K 76 -2.68 58.61 -29.00
C LYS K 76 -3.37 59.89 -29.51
N LEU K 77 -4.54 60.24 -28.94
CA LEU K 77 -5.33 61.43 -29.28
C LEU K 77 -4.67 62.71 -28.76
N GLN K 78 -3.93 62.57 -27.63
CA GLN K 78 -3.17 63.62 -26.94
C GLN K 78 -2.14 64.29 -27.85
N GLN K 79 -1.30 63.48 -28.53
CA GLN K 79 -0.28 64.03 -29.42
C GLN K 79 -0.85 64.65 -30.71
N VAL K 80 -1.98 64.12 -31.20
CA VAL K 80 -2.66 64.62 -32.42
C VAL K 80 -3.58 65.83 -32.07
N ASP K 81 -3.14 66.64 -31.08
CA ASP K 81 -3.84 67.85 -30.64
C ASP K 81 -3.54 69.07 -31.54
N SER K 82 -2.25 69.32 -31.85
CA SER K 82 -1.73 70.44 -32.65
C SER K 82 -1.88 71.79 -31.90
N LEU K 83 -1.58 72.91 -32.59
CA LEU K 83 -1.67 74.25 -32.02
C LEU K 83 -3.13 74.60 -31.71
N HIS K 84 -4.07 74.16 -32.56
CA HIS K 84 -5.47 74.47 -32.40
C HIS K 84 -6.33 73.20 -32.27
N PRO K 85 -6.40 72.58 -31.05
CA PRO K 85 -7.26 71.40 -30.90
C PRO K 85 -8.71 71.79 -31.11
N CYS K 86 -9.34 71.16 -32.11
CA CYS K 86 -10.69 71.47 -32.52
C CYS K 86 -11.76 70.55 -31.93
N ARG K 87 -12.82 71.14 -31.38
CA ARG K 87 -13.98 70.44 -30.83
C ARG K 87 -15.15 70.73 -31.75
N MET K 88 -16.17 69.87 -31.73
CA MET K 88 -17.37 70.07 -32.54
C MET K 88 -18.11 71.35 -32.16
N ILE K 89 -18.54 72.13 -33.16
CA ILE K 89 -19.25 73.40 -32.93
C ILE K 89 -20.64 73.12 -32.37
N LEU K 90 -20.92 73.68 -31.19
CA LEU K 90 -22.19 73.52 -30.51
C LEU K 90 -23.16 74.55 -31.07
N GLU K 91 -23.83 74.18 -32.18
CA GLU K 91 -24.77 75.02 -32.93
C GLU K 91 -25.82 75.77 -32.07
N PRO K 92 -26.58 75.17 -31.12
CA PRO K 92 -27.59 75.95 -30.37
C PRO K 92 -27.03 77.14 -29.58
N TRP K 93 -25.90 76.95 -28.88
CA TRP K 93 -25.25 77.95 -28.06
C TRP K 93 -24.66 79.07 -28.91
N VAL K 94 -23.95 78.71 -30.01
CA VAL K 94 -23.32 79.65 -30.95
C VAL K 94 -24.39 80.49 -31.64
N ALA K 95 -25.52 79.85 -32.04
CA ALA K 95 -26.64 80.52 -32.69
C ALA K 95 -27.18 81.66 -31.84
N TYR K 96 -27.23 81.49 -30.49
CA TYR K 96 -27.70 82.54 -29.60
C TYR K 96 -26.72 83.71 -29.62
N ARG K 97 -25.41 83.40 -29.60
CA ARG K 97 -24.32 84.39 -29.60
C ARG K 97 -24.37 85.28 -30.84
N GLN K 98 -24.57 84.65 -32.03
CA GLN K 98 -24.67 85.32 -33.33
C GLN K 98 -25.90 86.21 -33.40
N HIS K 99 -27.05 85.68 -32.94
CA HIS K 99 -28.34 86.35 -32.93
C HIS K 99 -28.38 87.62 -32.07
N ARG K 100 -27.92 87.57 -30.82
CA ARG K 100 -28.03 88.78 -30.03
C ARG K 100 -26.88 89.74 -30.26
N GLY K 101 -25.75 89.23 -30.73
CA GLY K 101 -24.61 90.10 -31.03
C GLY K 101 -23.57 90.15 -29.93
N HIS K 102 -23.10 88.97 -29.55
CA HIS K 102 -22.03 88.79 -28.58
C HIS K 102 -21.01 87.82 -29.13
N LYS K 103 -19.76 87.98 -28.71
CA LYS K 103 -18.68 87.11 -29.11
C LYS K 103 -18.76 85.79 -28.37
N CYS K 104 -18.05 84.79 -28.87
CA CYS K 104 -18.02 83.47 -28.26
C CYS K 104 -16.89 83.37 -27.28
N GLY K 105 -17.12 82.65 -26.21
CA GLY K 105 -16.09 82.43 -25.22
C GLY K 105 -15.23 81.25 -25.60
N VAL K 106 -14.15 81.04 -24.85
CA VAL K 106 -13.13 80.00 -25.01
C VAL K 106 -13.72 78.57 -25.19
N PHE K 107 -14.89 78.30 -24.58
CA PHE K 107 -15.57 77.01 -24.64
C PHE K 107 -16.15 76.72 -26.03
N LEU K 108 -16.71 77.77 -26.70
CA LEU K 108 -17.33 77.67 -28.03
C LEU K 108 -16.42 78.03 -29.20
N LEU K 109 -15.24 78.59 -28.91
CA LEU K 109 -14.28 79.00 -29.95
C LEU K 109 -13.45 77.85 -30.49
N ASN K 110 -12.85 78.09 -31.65
CA ASN K 110 -11.96 77.16 -32.34
C ASN K 110 -10.88 77.94 -33.09
N GLY K 111 -9.75 77.28 -33.29
CA GLY K 111 -8.64 77.83 -34.05
C GLY K 111 -7.88 78.97 -33.43
N PRO K 112 -7.36 79.89 -34.28
CA PRO K 112 -6.54 81.01 -33.75
C PRO K 112 -7.27 81.92 -32.78
N GLU K 113 -8.59 82.10 -32.96
CA GLU K 113 -9.41 82.94 -32.07
C GLU K 113 -9.48 82.34 -30.68
N TRP K 114 -9.54 81.00 -30.58
CA TRP K 114 -9.57 80.28 -29.31
C TRP K 114 -8.25 80.47 -28.56
N ARG K 115 -7.12 80.25 -29.26
CA ARG K 115 -5.76 80.32 -28.73
C ARG K 115 -5.46 81.67 -28.09
N PHE K 116 -5.84 82.77 -28.76
CA PHE K 116 -5.68 84.15 -28.28
C PHE K 116 -6.39 84.29 -26.91
N ASN K 117 -7.69 83.93 -26.87
CA ASN K 117 -8.51 84.01 -25.66
C ASN K 117 -7.93 83.18 -24.53
N ARG K 118 -7.76 81.85 -24.77
CA ARG K 118 -7.24 80.87 -23.82
C ARG K 118 -5.93 81.30 -23.14
N LEU K 119 -4.96 81.81 -23.92
CA LEU K 119 -3.68 82.28 -23.41
C LEU K 119 -3.78 83.50 -22.50
N ARG K 120 -4.80 84.34 -22.72
CA ARG K 120 -5.04 85.54 -21.95
C ARG K 120 -5.94 85.28 -20.72
N LEU K 121 -6.48 84.05 -20.60
CA LEU K 121 -7.35 83.66 -19.50
C LEU K 121 -6.61 82.82 -18.47
N ASN K 122 -5.74 81.88 -18.93
CA ASN K 122 -4.96 80.99 -18.07
C ASN K 122 -4.25 81.69 -16.88
N PRO K 123 -3.62 82.88 -17.02
CA PRO K 123 -2.92 83.46 -15.86
C PRO K 123 -3.80 83.92 -14.69
N ASP K 124 -5.12 84.09 -14.91
CA ASP K 124 -6.03 84.59 -13.86
C ASP K 124 -7.15 83.60 -13.47
N VAL K 125 -7.34 82.54 -14.26
CA VAL K 125 -8.38 81.55 -13.99
C VAL K 125 -7.81 80.20 -13.52
N LEU K 126 -6.73 79.75 -14.16
CA LEU K 126 -6.15 78.42 -13.92
C LEU K 126 -4.79 78.41 -13.20
N SER K 127 -3.90 79.40 -13.46
CA SER K 127 -2.54 79.50 -12.90
C SER K 127 -2.45 79.33 -11.37
N PRO K 128 -1.35 78.72 -10.85
CA PRO K 128 -1.23 78.54 -9.38
C PRO K 128 -1.21 79.83 -8.58
N LYS K 129 -0.64 80.92 -9.15
CA LYS K 129 -0.56 82.25 -8.54
C LYS K 129 -1.97 82.82 -8.34
N ALA K 130 -2.87 82.58 -9.33
CA ALA K 130 -4.27 83.01 -9.29
C ALA K 130 -5.06 82.25 -8.22
N VAL K 131 -4.80 80.93 -8.09
CA VAL K 131 -5.45 80.03 -7.12
C VAL K 131 -5.16 80.47 -5.69
N GLN K 132 -3.91 80.88 -5.43
CA GLN K 132 -3.45 81.37 -4.12
C GLN K 132 -4.27 82.57 -3.64
N ARG K 133 -4.83 83.38 -4.56
CA ARG K 133 -5.56 84.56 -4.15
C ARG K 133 -7.10 84.43 -4.18
N PHE K 134 -7.69 83.48 -4.97
CA PHE K 134 -9.14 83.28 -4.88
C PHE K 134 -9.50 82.19 -3.86
N LEU K 135 -8.54 81.30 -3.51
CA LEU K 135 -8.77 80.23 -2.54
C LEU K 135 -9.26 80.72 -1.16
N PRO K 136 -8.66 81.76 -0.51
CA PRO K 136 -9.19 82.23 0.78
C PRO K 136 -10.63 82.79 0.74
N MET K 137 -11.04 83.36 -0.43
CA MET K 137 -12.38 83.92 -0.70
C MET K 137 -13.38 82.80 -0.70
N VAL K 138 -13.02 81.64 -1.34
CA VAL K 138 -13.86 80.45 -1.44
C VAL K 138 -14.01 79.81 -0.03
N ASP K 139 -12.90 79.74 0.74
CA ASP K 139 -12.85 79.21 2.10
C ASP K 139 -13.89 79.88 2.99
N ALA K 140 -14.01 81.23 2.90
CA ALA K 140 -14.96 82.04 3.67
C ALA K 140 -16.41 81.62 3.44
N VAL K 141 -16.76 81.33 2.15
CA VAL K 141 -18.08 80.86 1.74
C VAL K 141 -18.33 79.45 2.30
N ALA K 142 -17.35 78.54 2.13
CA ALA K 142 -17.39 77.17 2.61
C ALA K 142 -17.57 77.10 4.13
N ARG K 143 -16.94 78.06 4.87
CA ARG K 143 -17.04 78.20 6.33
C ARG K 143 -18.49 78.54 6.68
N ASP K 144 -19.06 79.53 5.96
CA ASP K 144 -20.41 80.03 6.13
C ASP K 144 -21.46 78.97 5.90
N PHE K 145 -21.22 78.04 4.94
CA PHE K 145 -22.13 76.93 4.65
C PHE K 145 -22.23 75.97 5.84
N SER K 146 -21.08 75.53 6.38
CA SER K 146 -20.99 74.62 7.50
C SER K 146 -21.55 75.25 8.77
N GLN K 147 -21.25 76.56 8.99
CA GLN K 147 -21.72 77.34 10.15
C GLN K 147 -23.25 77.49 10.13
N ALA K 148 -23.82 77.82 8.95
CA ALA K 148 -25.26 77.96 8.70
C ALA K 148 -25.99 76.65 8.99
N LEU K 149 -25.37 75.52 8.56
CA LEU K 149 -25.86 74.16 8.75
C LEU K 149 -25.82 73.78 10.23
N LYS K 150 -24.68 74.02 10.92
CA LYS K 150 -24.47 73.72 12.33
C LYS K 150 -25.49 74.42 13.21
N LYS K 151 -25.89 75.66 12.84
CA LYS K 151 -26.87 76.45 13.58
C LYS K 151 -28.22 75.75 13.55
N LYS K 152 -28.63 75.22 12.37
CA LYS K 152 -29.89 74.49 12.21
C LYS K 152 -29.85 73.13 12.95
N VAL K 153 -28.72 72.38 12.81
CA VAL K 153 -28.42 71.05 13.37
C VAL K 153 -28.57 71.04 14.90
N LEU K 154 -28.05 72.08 15.57
CA LEU K 154 -28.09 72.20 17.03
C LEU K 154 -29.47 72.66 17.59
N GLN K 155 -30.41 73.03 16.71
CA GLN K 155 -31.77 73.44 17.11
C GLN K 155 -32.69 72.23 17.27
N ASN K 156 -32.27 71.06 16.73
CA ASN K 156 -33.00 69.80 16.80
C ASN K 156 -32.53 68.99 18.00
N ALA K 157 -33.48 68.41 18.75
CA ALA K 157 -33.25 67.60 19.95
C ALA K 157 -32.22 66.47 19.76
N ARG K 158 -32.25 65.80 18.59
CA ARG K 158 -31.32 64.72 18.25
C ARG K 158 -29.93 65.21 17.80
N GLY K 159 -29.79 66.53 17.65
CA GLY K 159 -28.55 67.18 17.24
C GLY K 159 -28.14 66.75 15.86
N SER K 160 -29.12 66.63 14.96
CA SER K 160 -28.93 66.22 13.56
C SER K 160 -29.98 66.81 12.64
N LEU K 161 -29.64 66.96 11.35
CA LEU K 161 -30.55 67.50 10.35
C LEU K 161 -30.59 66.63 9.09
N THR K 162 -31.79 66.12 8.76
CA THR K 162 -32.03 65.28 7.58
C THR K 162 -32.71 66.13 6.52
N LEU K 163 -32.06 66.30 5.35
CA LEU K 163 -32.57 67.16 4.29
C LEU K 163 -32.11 66.77 2.88
N ASP K 164 -32.72 67.43 1.88
CA ASP K 164 -32.34 67.33 0.47
C ASP K 164 -31.27 68.42 0.33
N VAL K 165 -30.01 68.01 0.20
CA VAL K 165 -28.88 68.94 0.14
C VAL K 165 -28.77 69.69 -1.17
N GLN K 166 -29.30 69.14 -2.28
CA GLN K 166 -29.23 69.73 -3.64
C GLN K 166 -29.49 71.27 -3.67
N PRO K 167 -30.63 71.85 -3.21
CA PRO K 167 -30.77 73.32 -3.26
C PRO K 167 -29.69 74.08 -2.53
N SER K 168 -29.37 73.68 -1.28
CA SER K 168 -28.33 74.33 -0.47
C SER K 168 -26.93 74.30 -1.11
N ILE K 169 -26.57 73.16 -1.77
CA ILE K 169 -25.29 72.95 -2.47
C ILE K 169 -25.23 73.84 -3.70
N PHE K 170 -26.38 73.96 -4.42
CA PHE K 170 -26.49 74.81 -5.61
C PHE K 170 -26.27 76.26 -5.28
N HIS K 171 -26.86 76.74 -4.17
CA HIS K 171 -26.63 78.13 -3.73
C HIS K 171 -25.19 78.36 -3.31
N TYR K 172 -24.53 77.34 -2.77
CA TYR K 172 -23.14 77.45 -2.40
C TYR K 172 -22.30 77.71 -3.64
N THR K 173 -22.48 76.89 -4.71
CA THR K 173 -21.74 77.05 -5.96
C THR K 173 -22.01 78.42 -6.58
N ILE K 174 -23.22 79.00 -6.43
CA ILE K 174 -23.55 80.33 -6.93
C ILE K 174 -22.75 81.40 -6.14
N GLU K 175 -22.85 81.35 -4.79
CA GLU K 175 -22.20 82.26 -3.86
C GLU K 175 -20.67 82.23 -3.98
N ALA K 176 -20.07 81.02 -3.97
CA ALA K 176 -18.63 80.80 -4.08
C ALA K 176 -18.05 81.22 -5.43
N SER K 177 -18.77 80.97 -6.54
CA SER K 177 -18.31 81.35 -7.86
C SER K 177 -18.37 82.85 -8.08
N ASN K 178 -19.46 83.50 -7.62
CA ASN K 178 -19.62 84.94 -7.76
C ASN K 178 -18.54 85.67 -6.99
N LEU K 179 -18.20 85.17 -5.78
CA LEU K 179 -17.16 85.79 -4.98
C LEU K 179 -15.79 85.59 -5.60
N ALA K 180 -15.53 84.39 -6.15
CA ALA K 180 -14.24 84.09 -6.78
C ALA K 180 -14.05 84.86 -8.09
N LEU K 181 -15.12 85.03 -8.87
CA LEU K 181 -15.08 85.72 -10.15
C LEU K 181 -15.18 87.25 -10.05
N PHE K 182 -16.20 87.74 -9.32
CA PHE K 182 -16.48 89.17 -9.22
C PHE K 182 -16.11 89.84 -7.89
N GLY K 183 -15.87 89.05 -6.85
CA GLY K 183 -15.55 89.57 -5.52
C GLY K 183 -16.73 90.21 -4.85
N GLU K 184 -17.90 89.58 -5.00
CA GLU K 184 -19.17 90.04 -4.44
C GLU K 184 -19.90 88.91 -3.72
N ARG K 185 -20.33 89.17 -2.49
CA ARG K 185 -21.09 88.18 -1.73
C ARG K 185 -22.55 88.41 -2.06
N LEU K 186 -23.25 87.37 -2.53
CA LEU K 186 -24.66 87.52 -2.89
C LEU K 186 -25.64 87.31 -1.70
N GLY K 187 -25.14 86.74 -0.61
CA GLY K 187 -25.91 86.48 0.60
C GLY K 187 -26.94 85.37 0.48
N LEU K 188 -26.61 84.34 -0.32
CA LEU K 188 -27.45 83.17 -0.59
C LEU K 188 -27.17 82.04 0.41
N VAL K 189 -25.93 81.94 0.92
CA VAL K 189 -25.50 80.92 1.88
C VAL K 189 -26.03 81.27 3.27
N GLY K 190 -26.89 80.40 3.80
CA GLY K 190 -27.52 80.54 5.10
C GLY K 190 -28.79 81.37 5.11
N HIS K 191 -29.28 81.76 3.93
CA HIS K 191 -30.49 82.56 3.76
C HIS K 191 -31.42 81.97 2.72
N SER K 192 -32.68 82.47 2.69
CA SER K 192 -33.72 82.07 1.73
C SER K 192 -33.24 82.37 0.30
N PRO K 193 -33.55 81.49 -0.69
CA PRO K 193 -33.08 81.76 -2.07
C PRO K 193 -33.79 82.94 -2.72
N SER K 194 -33.01 83.80 -3.40
CA SER K 194 -33.55 84.98 -4.07
C SER K 194 -34.26 84.59 -5.34
N SER K 195 -35.27 85.37 -5.74
CA SER K 195 -36.05 85.15 -6.98
C SER K 195 -35.10 85.13 -8.17
N ALA K 196 -34.11 86.06 -8.18
CA ALA K 196 -33.09 86.19 -9.22
C ALA K 196 -32.23 84.92 -9.36
N SER K 197 -31.86 84.28 -8.21
CA SER K 197 -31.05 83.06 -8.21
C SER K 197 -31.86 81.86 -8.70
N LEU K 198 -33.10 81.73 -8.22
CA LEU K 198 -34.02 80.65 -8.59
C LEU K 198 -34.33 80.68 -10.08
N ASN K 199 -34.46 81.89 -10.68
CA ASN K 199 -34.72 82.09 -12.10
C ASN K 199 -33.52 81.67 -12.92
N PHE K 200 -32.31 82.03 -12.45
CA PHE K 200 -31.05 81.69 -13.08
C PHE K 200 -30.85 80.18 -13.15
N LEU K 201 -31.05 79.47 -12.01
CA LEU K 201 -30.94 78.01 -11.87
C LEU K 201 -31.88 77.28 -12.85
N HIS K 202 -33.14 77.77 -12.95
CA HIS K 202 -34.16 77.19 -13.82
C HIS K 202 -33.84 77.46 -15.27
N ALA K 203 -33.26 78.67 -15.56
CA ALA K 203 -32.87 79.04 -16.91
C ALA K 203 -31.80 78.08 -17.40
N LEU K 204 -30.84 77.72 -16.52
CA LEU K 204 -29.78 76.76 -16.83
C LEU K 204 -30.40 75.37 -17.08
N GLU K 205 -31.29 74.92 -16.16
CA GLU K 205 -31.97 73.64 -16.24
C GLU K 205 -32.65 73.46 -17.63
N VAL K 206 -33.38 74.49 -18.06
CA VAL K 206 -34.10 74.55 -19.34
C VAL K 206 -33.10 74.60 -20.50
N MET K 207 -32.03 75.41 -20.35
CA MET K 207 -30.98 75.61 -21.36
C MET K 207 -30.35 74.28 -21.74
N PHE K 208 -29.95 73.46 -20.74
CA PHE K 208 -29.33 72.15 -20.97
C PHE K 208 -30.32 71.17 -21.60
N LYS K 209 -31.56 71.13 -21.09
CA LYS K 209 -32.65 70.29 -21.58
C LYS K 209 -32.83 70.48 -23.09
N SER K 210 -33.07 71.74 -23.53
CA SER K 210 -33.26 72.14 -24.93
C SER K 210 -32.00 71.94 -25.81
N THR K 211 -30.78 71.97 -25.21
CA THR K 211 -29.52 71.76 -25.94
C THR K 211 -29.54 70.37 -26.57
N VAL K 212 -29.78 69.31 -25.77
CA VAL K 212 -29.84 67.89 -26.20
C VAL K 212 -30.78 67.70 -27.39
N GLN K 213 -31.98 68.32 -27.32
CA GLN K 213 -33.01 68.28 -28.35
C GLN K 213 -32.52 68.86 -29.70
N LEU K 214 -31.76 69.96 -29.66
CA LEU K 214 -31.25 70.65 -30.85
C LEU K 214 -29.81 70.26 -31.25
N MET K 215 -29.15 69.45 -30.42
CA MET K 215 -27.75 69.06 -30.52
C MET K 215 -27.35 68.17 -31.68
N PHE K 216 -28.19 67.18 -32.04
CA PHE K 216 -27.82 66.18 -33.03
C PHE K 216 -28.42 66.37 -34.46
N MET K 217 -28.93 67.58 -34.78
CA MET K 217 -29.50 67.89 -36.10
C MET K 217 -29.12 69.28 -36.62
N PRO K 218 -29.02 69.45 -37.97
CA PRO K 218 -28.64 70.76 -38.54
C PRO K 218 -29.66 71.86 -38.30
N ARG K 219 -29.17 73.12 -38.40
CA ARG K 219 -29.92 74.37 -38.27
C ARG K 219 -31.22 74.23 -39.04
N SER K 220 -31.09 73.86 -40.34
CA SER K 220 -32.14 73.65 -41.33
C SER K 220 -33.24 72.68 -40.88
N LEU K 221 -32.85 71.52 -40.33
CA LEU K 221 -33.74 70.44 -39.88
C LEU K 221 -34.59 70.80 -38.67
N SER K 222 -33.93 71.29 -37.61
CA SER K 222 -34.52 71.68 -36.33
C SER K 222 -35.40 72.94 -36.40
N ARG K 223 -35.16 73.79 -37.42
CA ARG K 223 -35.86 75.05 -37.67
C ARG K 223 -37.40 74.92 -37.78
N TRP K 224 -37.87 73.91 -38.55
CA TRP K 224 -39.29 73.63 -38.82
C TRP K 224 -39.88 72.52 -37.92
N ILE K 225 -39.05 71.52 -37.55
CA ILE K 225 -39.47 70.37 -36.74
C ILE K 225 -39.58 70.71 -35.25
N SER K 226 -38.71 71.61 -34.75
CA SER K 226 -38.71 72.03 -33.35
C SER K 226 -38.57 73.56 -33.20
N PRO K 227 -39.53 74.40 -33.70
CA PRO K 227 -39.36 75.86 -33.51
C PRO K 227 -39.60 76.30 -32.07
N LYS K 228 -40.51 75.61 -31.35
CA LYS K 228 -40.84 75.90 -29.95
C LYS K 228 -39.72 75.49 -28.99
N VAL K 229 -38.84 74.57 -29.44
CA VAL K 229 -37.66 74.14 -28.68
C VAL K 229 -36.61 75.24 -28.83
N TRP K 230 -36.49 75.80 -30.06
CA TRP K 230 -35.57 76.91 -30.34
C TRP K 230 -35.95 78.13 -29.50
N LYS K 231 -37.28 78.46 -29.43
CA LYS K 231 -37.85 79.55 -28.64
C LYS K 231 -37.50 79.39 -27.14
N GLU K 232 -37.73 78.20 -26.53
CA GLU K 232 -37.43 77.98 -25.10
C GLU K 232 -35.91 77.96 -24.80
N HIS K 233 -35.07 77.58 -25.81
CA HIS K 233 -33.61 77.58 -25.68
C HIS K 233 -33.09 79.03 -25.62
N PHE K 234 -33.56 79.90 -26.52
CA PHE K 234 -33.16 81.31 -26.57
C PHE K 234 -33.70 82.11 -25.38
N GLU K 235 -34.96 81.81 -24.95
CA GLU K 235 -35.58 82.46 -23.79
C GLU K 235 -34.81 82.14 -22.49
N ALA K 236 -34.26 80.90 -22.38
CA ALA K 236 -33.45 80.43 -21.25
C ALA K 236 -32.10 81.17 -21.24
N TRP K 237 -31.49 81.36 -22.42
CA TRP K 237 -30.23 82.08 -22.59
C TRP K 237 -30.42 83.56 -22.31
N ASP K 238 -31.55 84.15 -22.73
CA ASP K 238 -31.89 85.56 -22.48
C ASP K 238 -31.89 85.86 -20.98
N CYS K 239 -32.36 84.89 -20.19
CA CYS K 239 -32.40 84.95 -18.73
C CYS K 239 -30.99 84.77 -18.14
N ILE K 240 -30.23 83.76 -18.64
CA ILE K 240 -28.86 83.48 -18.18
C ILE K 240 -27.95 84.70 -18.44
N PHE K 241 -28.06 85.28 -19.66
CA PHE K 241 -27.30 86.44 -20.08
C PHE K 241 -27.66 87.69 -19.30
N GLN K 242 -28.95 87.84 -18.92
CA GLN K 242 -29.44 88.94 -18.11
C GLN K 242 -28.75 88.91 -16.73
N TYR K 243 -28.64 87.72 -16.14
CA TYR K 243 -28.01 87.50 -14.84
C TYR K 243 -26.52 87.85 -14.89
N GLY K 244 -25.81 87.25 -15.84
CA GLY K 244 -24.38 87.45 -16.04
C GLY K 244 -23.99 88.87 -16.39
N ASP K 245 -24.81 89.53 -17.24
CA ASP K 245 -24.56 90.91 -17.64
C ASP K 245 -24.70 91.88 -16.46
N ASN K 246 -25.63 91.60 -15.55
CA ASN K 246 -25.84 92.38 -14.33
C ASN K 246 -24.57 92.38 -13.45
N CYS K 247 -23.90 91.19 -13.35
CA CYS K 247 -22.64 90.95 -12.63
C CYS K 247 -21.48 91.76 -13.25
N ILE K 248 -21.40 91.75 -14.61
CA ILE K 248 -20.39 92.42 -15.42
C ILE K 248 -20.57 93.96 -15.45
N GLN K 249 -21.82 94.45 -15.46
CA GLN K 249 -22.10 95.88 -15.46
C GLN K 249 -21.73 96.52 -14.12
N LYS K 250 -21.93 95.76 -13.01
CA LYS K 250 -21.59 96.18 -11.66
C LYS K 250 -20.06 96.33 -11.49
N ILE K 251 -19.26 95.30 -11.85
CA ILE K 251 -17.81 95.36 -11.67
C ILE K 251 -17.15 96.37 -12.63
N TYR K 252 -17.67 96.52 -13.87
CA TYR K 252 -17.13 97.48 -14.83
C TYR K 252 -17.28 98.93 -14.34
N GLN K 253 -18.41 99.24 -13.66
CA GLN K 253 -18.66 100.56 -13.12
C GLN K 253 -17.82 100.79 -11.85
N GLU K 254 -17.71 99.74 -10.99
CA GLU K 254 -16.94 99.79 -9.75
C GLU K 254 -15.44 100.03 -10.05
N LEU K 255 -14.92 99.39 -11.13
CA LEU K 255 -13.53 99.51 -11.53
C LEU K 255 -13.22 100.81 -12.27
N ALA K 256 -14.25 101.39 -12.94
CA ALA K 256 -14.10 102.63 -13.70
C ALA K 256 -13.81 103.81 -12.79
N PHE K 257 -14.30 103.76 -11.54
CA PHE K 257 -14.14 104.82 -10.55
C PHE K 257 -12.99 104.61 -9.58
N ASN K 258 -12.58 103.34 -9.35
CA ASN K 258 -11.47 103.01 -8.46
C ASN K 258 -10.81 101.68 -8.78
N ARG K 259 -9.47 101.70 -8.95
CA ARG K 259 -8.62 100.54 -9.19
C ARG K 259 -8.16 100.04 -7.81
N PRO K 260 -8.60 98.84 -7.36
CA PRO K 260 -8.22 98.39 -6.01
C PRO K 260 -6.77 97.92 -5.90
N GLN K 261 -6.18 98.08 -4.71
CA GLN K 261 -4.80 97.67 -4.43
C GLN K 261 -4.73 96.14 -4.24
N HIS K 262 -5.71 95.57 -3.52
CA HIS K 262 -5.81 94.15 -3.20
C HIS K 262 -6.60 93.37 -4.25
N TYR K 263 -6.51 92.02 -4.20
CA TYR K 263 -7.20 91.11 -5.11
C TYR K 263 -8.70 91.16 -4.86
N THR K 264 -9.50 91.36 -5.94
CA THR K 264 -10.96 91.45 -5.85
C THR K 264 -11.69 90.52 -6.87
N GLY K 265 -11.07 89.39 -7.18
CA GLY K 265 -11.66 88.43 -8.12
C GLY K 265 -10.96 88.28 -9.46
N ILE K 266 -11.32 87.17 -10.17
CA ILE K 266 -10.83 86.74 -11.48
C ILE K 266 -11.15 87.77 -12.57
N VAL K 267 -12.46 88.14 -12.72
CA VAL K 267 -12.97 89.09 -13.72
C VAL K 267 -12.31 90.48 -13.55
N ALA K 268 -12.17 90.94 -12.27
CA ALA K 268 -11.50 92.19 -11.94
C ALA K 268 -10.09 92.23 -12.55
N GLU K 269 -9.31 91.15 -12.38
CA GLU K 269 -7.95 91.01 -12.91
C GLU K 269 -7.91 91.08 -14.42
N LEU K 270 -8.88 90.46 -15.12
CA LEU K 270 -8.98 90.46 -16.57
C LEU K 270 -9.28 91.84 -17.12
N LEU K 271 -10.21 92.57 -16.45
CA LEU K 271 -10.61 93.93 -16.82
C LEU K 271 -9.47 94.93 -16.62
N LEU K 272 -8.70 94.76 -15.54
CA LEU K 272 -7.57 95.63 -15.22
C LEU K 272 -6.41 95.44 -16.19
N LYS K 273 -6.18 94.18 -16.61
CA LYS K 273 -5.12 93.82 -17.56
C LYS K 273 -5.48 94.32 -18.97
N ALA K 274 -6.79 94.27 -19.33
CA ALA K 274 -7.38 94.70 -20.60
C ALA K 274 -6.62 94.16 -21.84
N GLU K 275 -6.21 92.87 -21.78
CA GLU K 275 -5.53 92.17 -22.85
C GLU K 275 -6.54 91.73 -23.90
N LEU K 276 -7.74 91.35 -23.42
CA LEU K 276 -8.88 90.94 -24.25
C LEU K 276 -9.86 92.09 -24.38
N SER K 277 -10.59 92.16 -25.52
CA SER K 277 -11.60 93.20 -25.78
C SER K 277 -12.75 93.08 -24.78
N LEU K 278 -13.48 94.20 -24.51
CA LEU K 278 -14.58 94.18 -23.55
C LEU K 278 -15.59 93.09 -23.86
N GLU K 279 -16.05 92.98 -25.14
CA GLU K 279 -17.03 91.97 -25.54
C GLU K 279 -16.49 90.52 -25.44
N ALA K 280 -15.15 90.34 -25.47
CA ALA K 280 -14.50 89.04 -25.28
C ALA K 280 -14.45 88.72 -23.79
N ILE K 281 -14.20 89.74 -22.95
CA ILE K 281 -14.19 89.59 -21.49
C ILE K 281 -15.62 89.27 -21.06
N LYS K 282 -16.62 89.98 -21.64
CA LYS K 282 -18.05 89.81 -21.39
C LYS K 282 -18.44 88.38 -21.72
N ALA K 283 -17.98 87.87 -22.90
CA ALA K 283 -18.22 86.51 -23.41
C ALA K 283 -17.65 85.42 -22.52
N ASN K 284 -16.34 85.54 -22.17
CA ASN K 284 -15.64 84.57 -21.33
C ASN K 284 -16.16 84.55 -19.90
N SER K 285 -16.46 85.74 -19.34
CA SER K 285 -17.01 85.91 -18.00
C SER K 285 -18.40 85.27 -17.88
N MET K 286 -19.19 85.33 -18.96
CA MET K 286 -20.53 84.75 -19.02
C MET K 286 -20.44 83.23 -18.92
N GLU K 287 -19.48 82.63 -19.64
CA GLU K 287 -19.25 81.19 -19.62
C GLU K 287 -18.77 80.73 -18.25
N LEU K 288 -17.95 81.55 -17.57
CA LEU K 288 -17.44 81.24 -16.25
C LEU K 288 -18.56 81.33 -15.21
N THR K 289 -19.47 82.31 -15.37
CA THR K 289 -20.61 82.52 -14.46
C THR K 289 -21.60 81.36 -14.55
N ALA K 290 -22.04 81.01 -15.76
CA ALA K 290 -23.02 79.96 -16.01
C ALA K 290 -22.44 78.55 -15.85
N GLY K 291 -21.20 78.35 -16.31
CA GLY K 291 -20.53 77.06 -16.26
C GLY K 291 -19.93 76.66 -14.94
N SER K 292 -20.20 77.42 -13.87
CA SER K 292 -19.67 77.12 -12.55
C SER K 292 -20.76 76.75 -11.56
N VAL K 293 -22.02 76.72 -12.01
CA VAL K 293 -23.15 76.42 -11.12
C VAL K 293 -23.42 74.91 -11.03
N ASP K 294 -23.91 74.30 -12.13
CA ASP K 294 -24.27 72.87 -12.20
C ASP K 294 -23.03 71.96 -12.19
N THR K 295 -21.94 72.36 -12.91
CA THR K 295 -20.70 71.58 -13.03
C THR K 295 -20.01 71.27 -11.69
N THR K 296 -20.01 72.21 -10.74
CA THR K 296 -19.39 72.00 -9.45
C THR K 296 -20.33 71.30 -8.47
N ALA K 297 -21.63 71.69 -8.48
CA ALA K 297 -22.64 71.16 -7.56
C ALA K 297 -22.92 69.66 -7.67
N PHE K 298 -23.12 69.15 -8.89
CA PHE K 298 -23.45 67.72 -9.06
C PHE K 298 -22.34 66.78 -8.52
N PRO K 299 -21.03 66.95 -8.82
CA PRO K 299 -20.04 66.06 -8.21
C PRO K 299 -19.86 66.29 -6.70
N LEU K 300 -20.21 67.51 -6.19
CA LEU K 300 -20.14 67.81 -4.75
C LEU K 300 -21.16 66.97 -4.01
N LEU K 301 -22.40 66.92 -4.51
CA LEU K 301 -23.41 66.11 -3.85
C LEU K 301 -23.12 64.61 -4.05
N MET K 302 -22.54 64.24 -5.19
CA MET K 302 -22.21 62.84 -5.39
C MET K 302 -21.15 62.39 -4.42
N THR K 303 -20.20 63.29 -4.04
CA THR K 303 -19.15 62.97 -3.07
C THR K 303 -19.84 62.77 -1.73
N LEU K 304 -20.73 63.72 -1.36
CA LEU K 304 -21.50 63.67 -0.11
C LEU K 304 -22.28 62.36 -0.01
N PHE K 305 -22.93 61.97 -1.11
CA PHE K 305 -23.70 60.72 -1.15
C PHE K 305 -22.79 59.50 -0.97
N GLU K 306 -21.67 59.45 -1.73
CA GLU K 306 -20.71 58.34 -1.65
C GLU K 306 -20.00 58.26 -0.30
N LEU K 307 -19.81 59.40 0.39
CA LEU K 307 -19.23 59.40 1.72
C LEU K 307 -20.26 58.90 2.74
N ALA K 308 -21.56 59.22 2.52
CA ALA K 308 -22.65 58.76 3.39
C ALA K 308 -22.88 57.27 3.20
N ARG K 309 -22.53 56.77 2.00
CA ARG K 309 -22.63 55.36 1.59
C ARG K 309 -21.46 54.54 2.14
N ASN K 310 -20.24 55.12 2.11
CA ASN K 310 -19.01 54.50 2.56
C ASN K 310 -18.56 55.20 3.86
N PRO K 311 -19.06 54.76 5.04
CA PRO K 311 -18.70 55.44 6.28
C PRO K 311 -17.24 55.26 6.67
N ASP K 312 -16.64 54.12 6.27
CA ASP K 312 -15.25 53.75 6.52
C ASP K 312 -14.30 54.73 5.80
N VAL K 313 -14.64 55.07 4.55
CA VAL K 313 -13.90 56.01 3.69
C VAL K 313 -14.00 57.40 4.32
N GLN K 314 -15.24 57.78 4.70
CA GLN K 314 -15.61 59.04 5.35
C GLN K 314 -14.74 59.31 6.59
N GLN K 315 -14.59 58.27 7.45
CA GLN K 315 -13.78 58.33 8.67
C GLN K 315 -12.33 58.71 8.40
N ILE K 316 -11.70 58.08 7.40
CA ILE K 316 -10.31 58.34 7.00
C ILE K 316 -10.15 59.82 6.60
N LEU K 317 -11.08 60.31 5.75
CA LEU K 317 -11.11 61.69 5.26
C LEU K 317 -11.33 62.69 6.39
N ARG K 318 -12.16 62.33 7.39
CA ARG K 318 -12.45 63.16 8.56
C ARG K 318 -11.21 63.29 9.44
N GLN K 319 -10.48 62.16 9.64
CA GLN K 319 -9.25 62.13 10.45
C GLN K 319 -8.18 62.99 9.82
N GLU K 320 -8.12 62.99 8.47
CA GLU K 320 -7.20 63.78 7.67
C GLU K 320 -7.54 65.28 7.83
N SER K 321 -8.83 65.62 7.65
CA SER K 321 -9.32 67.00 7.72
C SER K 321 -9.19 67.61 9.12
N LEU K 322 -9.39 66.81 10.19
CA LEU K 322 -9.26 67.29 11.56
C LEU K 322 -7.81 67.54 11.94
N ALA K 323 -6.88 66.76 11.34
CA ALA K 323 -5.44 66.88 11.57
C ALA K 323 -4.92 68.17 10.94
N ALA K 324 -5.25 68.39 9.65
CA ALA K 324 -4.83 69.57 8.89
C ALA K 324 -5.70 70.83 9.16
N ALA K 325 -6.74 70.71 10.01
CA ALA K 325 -7.68 71.77 10.37
C ALA K 325 -6.99 73.04 10.85
N ALA K 326 -5.99 72.88 11.75
CA ALA K 326 -5.22 73.97 12.35
C ALA K 326 -4.44 74.79 11.33
N SER K 327 -3.73 74.12 10.41
CA SER K 327 -2.93 74.76 9.35
C SER K 327 -3.78 75.47 8.30
N ILE K 328 -4.95 74.90 7.96
CA ILE K 328 -5.88 75.46 6.96
C ILE K 328 -6.63 76.66 7.54
N SER K 329 -6.83 76.68 8.86
CA SER K 329 -7.50 77.78 9.55
C SER K 329 -6.62 79.05 9.51
N GLU K 330 -5.28 78.88 9.62
CA GLU K 330 -4.28 79.96 9.59
C GLU K 330 -4.10 80.47 8.16
N HIS K 331 -3.80 79.55 7.22
CA HIS K 331 -3.60 79.85 5.80
C HIS K 331 -4.46 78.89 4.96
N PRO K 332 -5.57 79.39 4.34
CA PRO K 332 -6.46 78.49 3.59
C PRO K 332 -5.85 77.83 2.36
N GLN K 333 -4.91 78.50 1.67
CA GLN K 333 -4.24 78.00 0.46
C GLN K 333 -3.42 76.71 0.68
N LYS K 334 -3.09 76.36 1.94
CA LYS K 334 -2.38 75.12 2.23
C LYS K 334 -3.27 73.88 2.07
N ALA K 335 -4.61 74.05 1.96
CA ALA K 335 -5.58 72.96 1.77
C ALA K 335 -5.24 72.08 0.56
N THR K 336 -4.66 72.68 -0.49
CA THR K 336 -4.25 72.00 -1.71
C THR K 336 -3.20 70.91 -1.43
N THR K 337 -2.12 71.30 -0.75
CA THR K 337 -1.00 70.42 -0.41
C THR K 337 -1.28 69.49 0.78
N GLU K 338 -1.94 70.01 1.82
CA GLU K 338 -2.21 69.24 3.04
C GLU K 338 -3.60 68.57 3.07
N LEU K 339 -4.06 68.06 1.91
CA LEU K 339 -5.32 67.27 1.79
C LEU K 339 -5.27 66.28 0.61
N PRO K 340 -4.32 65.31 0.59
CA PRO K 340 -4.24 64.39 -0.57
C PRO K 340 -5.41 63.42 -0.73
N LEU K 341 -5.93 62.88 0.39
CA LEU K 341 -7.05 61.93 0.41
C LEU K 341 -8.33 62.58 -0.11
N LEU K 342 -8.65 63.84 0.33
CA LEU K 342 -9.86 64.55 -0.12
C LEU K 342 -9.77 64.97 -1.57
N ARG K 343 -8.55 65.19 -2.07
CA ARG K 343 -8.33 65.51 -3.47
C ARG K 343 -8.57 64.21 -4.27
N ALA K 344 -8.12 63.06 -3.72
CA ALA K 344 -8.26 61.74 -4.33
C ALA K 344 -9.69 61.22 -4.26
N ALA K 345 -10.48 61.71 -3.27
CA ALA K 345 -11.89 61.37 -3.10
C ALA K 345 -12.67 62.04 -4.22
N LEU K 346 -12.25 63.26 -4.61
CA LEU K 346 -12.83 64.04 -5.71
C LEU K 346 -12.52 63.45 -7.08
N LYS K 347 -11.29 62.90 -7.25
CA LYS K 347 -10.84 62.24 -8.49
C LYS K 347 -11.67 60.96 -8.71
N GLU K 348 -12.03 60.29 -7.58
CA GLU K 348 -12.80 59.06 -7.47
C GLU K 348 -14.29 59.25 -7.79
N THR K 349 -14.85 60.44 -7.43
CA THR K 349 -16.24 60.85 -7.66
C THR K 349 -16.44 61.17 -9.14
N LEU K 350 -15.46 61.87 -9.75
CA LEU K 350 -15.50 62.28 -11.14
C LEU K 350 -15.28 61.13 -12.11
N ARG K 351 -14.65 60.05 -11.61
CA ARG K 351 -14.40 58.83 -12.38
C ARG K 351 -15.73 58.06 -12.55
N LEU K 352 -16.45 57.85 -11.44
CA LEU K 352 -17.73 57.15 -11.40
C LEU K 352 -18.86 57.99 -11.93
N TYR K 353 -18.86 59.29 -11.59
CA TYR K 353 -19.91 60.22 -11.99
C TYR K 353 -19.34 61.39 -12.79
N PRO K 354 -19.11 61.25 -14.12
CA PRO K 354 -18.58 62.38 -14.89
C PRO K 354 -19.65 63.46 -15.05
N VAL K 355 -19.22 64.73 -15.14
CA VAL K 355 -20.10 65.90 -15.31
C VAL K 355 -20.69 65.88 -16.73
N GLY K 356 -19.84 65.71 -17.73
CA GLY K 356 -20.25 65.60 -19.11
C GLY K 356 -20.14 64.16 -19.55
N LEU K 357 -20.42 63.91 -20.84
CA LEU K 357 -20.41 62.54 -21.35
C LEU K 357 -19.13 62.14 -22.05
N PHE K 358 -18.78 62.84 -23.14
CA PHE K 358 -17.60 62.54 -23.92
C PHE K 358 -16.66 63.71 -24.07
N LEU K 359 -15.41 63.42 -24.39
CA LEU K 359 -14.38 64.38 -24.75
C LEU K 359 -14.38 64.38 -26.28
N GLU K 360 -14.50 65.57 -26.91
CA GLU K 360 -14.54 65.69 -28.38
C GLU K 360 -13.24 66.19 -28.96
N ARG K 361 -12.84 65.64 -30.13
CA ARG K 361 -11.67 66.08 -30.89
C ARG K 361 -11.86 65.80 -32.38
N VAL K 362 -11.88 66.86 -33.19
CA VAL K 362 -11.96 66.78 -34.63
C VAL K 362 -10.48 66.83 -35.04
N VAL K 363 -9.89 65.63 -35.20
CA VAL K 363 -8.47 65.39 -35.49
C VAL K 363 -7.97 66.19 -36.70
N SER K 364 -6.81 66.84 -36.52
CA SER K 364 -6.15 67.69 -37.52
C SER K 364 -5.40 66.88 -38.59
N SER K 365 -4.91 65.68 -38.22
CA SER K 365 -4.19 64.79 -39.12
C SER K 365 -4.57 63.33 -38.89
N ASP K 366 -4.22 62.45 -39.85
CA ASP K 366 -4.48 61.00 -39.80
C ASP K 366 -3.79 60.32 -38.62
N LEU K 367 -4.42 59.30 -38.04
CA LEU K 367 -3.90 58.54 -36.90
C LEU K 367 -4.40 57.11 -36.86
N VAL K 368 -3.75 56.24 -36.07
CA VAL K 368 -4.16 54.86 -35.94
C VAL K 368 -4.68 54.62 -34.54
N LEU K 369 -5.97 54.29 -34.42
CA LEU K 369 -6.63 54.00 -33.14
C LEU K 369 -7.14 52.56 -33.16
N GLN K 370 -6.64 51.73 -32.24
CA GLN K 370 -7.01 50.33 -32.08
C GLN K 370 -6.79 49.54 -33.40
N ASN K 371 -5.66 49.82 -34.09
CA ASN K 371 -5.22 49.21 -35.37
C ASN K 371 -6.17 49.54 -36.56
N TYR K 372 -6.91 50.66 -36.45
CA TYR K 372 -7.85 51.15 -37.47
C TYR K 372 -7.38 52.50 -37.99
N HIS K 373 -7.54 52.73 -39.30
CA HIS K 373 -7.17 53.99 -39.91
C HIS K 373 -8.20 55.09 -39.59
N ILE K 374 -7.75 56.17 -38.96
CA ILE K 374 -8.60 57.32 -38.61
C ILE K 374 -8.18 58.48 -39.51
N PRO K 375 -9.01 58.84 -40.51
CA PRO K 375 -8.62 59.95 -41.41
C PRO K 375 -8.70 61.31 -40.72
N ALA K 376 -8.10 62.35 -41.32
CA ALA K 376 -8.15 63.70 -40.78
C ALA K 376 -9.57 64.24 -40.90
N GLY K 377 -9.96 65.05 -39.94
CA GLY K 377 -11.29 65.65 -39.89
C GLY K 377 -12.35 64.72 -39.33
N THR K 378 -11.91 63.63 -38.69
CA THR K 378 -12.78 62.64 -38.08
C THR K 378 -13.06 63.05 -36.65
N LEU K 379 -14.35 63.02 -36.26
CA LEU K 379 -14.77 63.33 -34.89
C LEU K 379 -14.47 62.11 -34.02
N VAL K 380 -13.60 62.28 -33.01
CA VAL K 380 -13.23 61.22 -32.09
C VAL K 380 -13.79 61.60 -30.72
N GLN K 381 -14.66 60.74 -30.19
CA GLN K 381 -15.31 60.96 -28.88
C GLN K 381 -14.86 59.95 -27.82
N VAL K 382 -14.25 60.47 -26.74
CA VAL K 382 -13.78 59.66 -25.62
C VAL K 382 -14.90 59.59 -24.59
N PHE K 383 -15.53 58.41 -24.47
CA PHE K 383 -16.66 58.18 -23.56
C PHE K 383 -16.17 57.94 -22.12
N LEU K 384 -16.29 58.99 -21.28
CA LEU K 384 -15.81 59.05 -19.89
C LEU K 384 -16.53 58.13 -18.91
N TYR K 385 -17.86 57.89 -19.10
CA TYR K 385 -18.63 56.98 -18.25
C TYR K 385 -18.01 55.55 -18.29
N SER K 386 -17.74 55.03 -19.52
CA SER K 386 -17.15 53.70 -19.75
C SER K 386 -15.70 53.62 -19.32
N LEU K 387 -14.92 54.69 -19.60
CA LEU K 387 -13.50 54.78 -19.28
C LEU K 387 -13.24 54.60 -17.79
N GLY K 388 -14.11 55.19 -16.96
CA GLY K 388 -14.02 55.08 -15.51
C GLY K 388 -14.50 53.75 -14.96
N ARG K 389 -15.26 52.99 -15.78
CA ARG K 389 -15.81 51.67 -15.42
C ARG K 389 -14.94 50.50 -15.92
N ASN K 390 -13.84 50.82 -16.62
CA ASN K 390 -12.84 49.89 -17.16
C ASN K 390 -12.14 49.14 -16.02
N ALA K 391 -12.52 47.86 -15.82
CA ALA K 391 -12.01 46.98 -14.78
C ALA K 391 -10.50 46.78 -14.84
N ALA K 392 -9.93 46.74 -16.07
CA ALA K 392 -8.49 46.54 -16.29
C ALA K 392 -7.66 47.67 -15.69
N LEU K 393 -8.11 48.92 -15.84
CA LEU K 393 -7.40 50.08 -15.32
C LEU K 393 -7.73 50.37 -13.86
N PHE K 394 -9.02 50.23 -13.50
CA PHE K 394 -9.48 50.50 -12.14
C PHE K 394 -9.99 49.19 -11.51
N PRO K 395 -9.12 48.42 -10.82
CA PRO K 395 -9.60 47.17 -10.18
C PRO K 395 -10.76 47.47 -9.22
N ARG K 396 -11.85 46.67 -9.32
CA ARG K 396 -13.13 46.83 -8.60
C ARG K 396 -13.65 48.24 -8.98
N PRO K 397 -14.06 48.49 -10.25
CA PRO K 397 -14.47 49.85 -10.62
C PRO K 397 -15.69 50.39 -9.87
N GLU K 398 -16.63 49.50 -9.48
CA GLU K 398 -17.84 49.89 -8.73
C GLU K 398 -17.54 50.38 -7.32
N ARG K 399 -16.41 49.93 -6.74
CA ARG K 399 -15.93 50.27 -5.39
C ARG K 399 -15.38 51.73 -5.33
N TYR K 400 -15.97 52.60 -4.47
CA TYR K 400 -15.55 53.99 -4.26
C TYR K 400 -14.36 53.95 -3.31
N ASN K 401 -13.15 53.99 -3.86
CA ASN K 401 -11.91 53.92 -3.10
C ASN K 401 -10.92 55.04 -3.51
N PRO K 402 -10.80 56.11 -2.69
CA PRO K 402 -9.87 57.20 -3.04
C PRO K 402 -8.39 56.79 -2.98
N GLN K 403 -8.07 55.73 -2.21
CA GLN K 403 -6.71 55.23 -2.04
C GLN K 403 -6.05 54.80 -3.37
N ARG K 404 -6.84 54.40 -4.38
CA ARG K 404 -6.33 53.94 -5.68
C ARG K 404 -5.51 55.01 -6.42
N TRP K 405 -5.81 56.29 -6.18
CA TRP K 405 -5.15 57.43 -6.78
C TRP K 405 -3.79 57.75 -6.16
N LEU K 406 -3.48 57.11 -5.02
CA LEU K 406 -2.22 57.33 -4.31
C LEU K 406 -1.16 56.24 -4.53
N ASP K 407 -1.51 55.15 -5.25
CA ASP K 407 -0.58 54.03 -5.54
C ASP K 407 -0.04 54.01 -6.99
N ILE K 408 -0.90 54.38 -7.97
CA ILE K 408 -0.64 54.41 -9.41
C ILE K 408 0.50 55.38 -9.76
N ASN K 414 0.55 56.85 -16.54
CA ASN K 414 -0.65 56.03 -16.74
C ASN K 414 -1.81 56.81 -17.41
N PHE K 415 -1.95 58.13 -17.09
CA PHE K 415 -2.92 59.07 -17.69
C PHE K 415 -4.40 58.58 -17.60
N HIS K 416 -4.76 57.93 -16.48
CA HIS K 416 -6.12 57.47 -16.19
C HIS K 416 -7.04 58.65 -15.87
N HIS K 417 -6.45 59.77 -15.39
CA HIS K 417 -7.23 60.94 -15.06
C HIS K 417 -7.31 61.90 -16.23
N VAL K 418 -8.52 62.00 -16.80
CA VAL K 418 -8.93 62.87 -17.89
C VAL K 418 -10.34 63.46 -17.62
N PRO K 419 -10.99 63.31 -16.43
CA PRO K 419 -12.30 63.97 -16.22
C PRO K 419 -12.31 65.48 -16.46
N PHE K 420 -11.14 66.14 -16.54
CA PHE K 420 -11.03 67.58 -16.87
C PHE K 420 -10.52 67.83 -18.32
N GLY K 421 -10.29 66.76 -19.06
CA GLY K 421 -9.79 66.79 -20.42
C GLY K 421 -8.29 66.61 -20.47
N PHE K 422 -7.67 67.13 -21.54
CA PHE K 422 -6.24 67.04 -21.77
C PHE K 422 -5.69 68.19 -22.64
N GLY K 423 -4.37 68.34 -22.60
CA GLY K 423 -3.63 69.35 -23.36
C GLY K 423 -3.97 70.79 -23.01
N MET K 424 -3.91 71.65 -24.03
CA MET K 424 -4.19 73.08 -23.92
C MET K 424 -5.67 73.36 -23.78
N ARG K 425 -6.51 72.45 -24.28
CA ARG K 425 -7.96 72.60 -24.21
C ARG K 425 -8.53 72.13 -22.87
N GLN K 426 -7.71 71.44 -22.03
CA GLN K 426 -8.11 70.93 -20.71
C GLN K 426 -8.77 72.07 -19.91
N CYS K 427 -9.89 71.74 -19.23
CA CYS K 427 -10.75 72.62 -18.41
C CYS K 427 -10.06 73.88 -17.86
N LEU K 428 -10.71 75.06 -18.07
CA LEU K 428 -10.24 76.35 -17.60
C LEU K 428 -10.62 76.55 -16.13
N GLY K 429 -11.79 76.08 -15.74
CA GLY K 429 -12.29 76.20 -14.38
C GLY K 429 -11.75 75.16 -13.42
N ARG K 430 -10.98 74.19 -13.95
CA ARG K 430 -10.39 73.05 -13.25
C ARG K 430 -10.01 73.37 -11.77
N ARG K 431 -9.10 74.34 -11.54
CA ARG K 431 -8.62 74.68 -10.20
C ARG K 431 -9.61 75.46 -9.36
N LEU K 432 -10.60 76.13 -10.00
CA LEU K 432 -11.68 76.84 -9.29
C LEU K 432 -12.72 75.83 -8.77
N ALA K 433 -13.17 74.88 -9.60
CA ALA K 433 -14.12 73.84 -9.22
C ALA K 433 -13.51 72.87 -8.18
N GLU K 434 -12.19 72.59 -8.28
CA GLU K 434 -11.49 71.76 -7.30
C GLU K 434 -11.60 72.49 -5.95
N ALA K 435 -11.33 73.84 -5.95
CA ALA K 435 -11.39 74.72 -4.79
C ALA K 435 -12.75 74.71 -4.05
N GLU K 436 -13.86 74.93 -4.79
CA GLU K 436 -15.19 74.93 -4.19
C GLU K 436 -15.55 73.57 -3.60
N MET K 437 -15.19 72.48 -4.28
CA MET K 437 -15.49 71.15 -3.80
C MET K 437 -14.64 70.78 -2.59
N LEU K 438 -13.35 71.10 -2.63
CA LEU K 438 -12.40 70.80 -1.58
C LEU K 438 -12.70 71.48 -0.25
N LEU K 439 -12.93 72.80 -0.32
CA LEU K 439 -13.16 73.63 0.85
C LEU K 439 -14.50 73.40 1.54
N LEU K 440 -15.53 72.92 0.79
CA LEU K 440 -16.83 72.65 1.38
C LEU K 440 -16.76 71.35 2.18
N LEU K 441 -16.26 70.27 1.54
CA LEU K 441 -16.13 68.95 2.16
C LEU K 441 -15.26 68.99 3.39
N HIS K 442 -14.14 69.75 3.35
CA HIS K 442 -13.23 69.89 4.49
C HIS K 442 -13.98 70.40 5.73
N HIS K 443 -14.74 71.50 5.58
CA HIS K 443 -15.49 72.12 6.67
C HIS K 443 -16.72 71.32 7.11
N VAL K 444 -17.32 70.50 6.21
CA VAL K 444 -18.46 69.63 6.54
C VAL K 444 -17.95 68.42 7.33
N LEU K 445 -16.82 67.80 6.89
CA LEU K 445 -16.19 66.65 7.56
C LEU K 445 -15.68 66.99 8.97
N LYS K 446 -15.21 68.25 9.18
CA LYS K 446 -14.69 68.68 10.49
C LYS K 446 -15.75 68.71 11.58
N HIS K 447 -17.03 69.03 11.22
CA HIS K 447 -18.11 69.16 12.20
C HIS K 447 -19.23 68.13 12.14
N PHE K 448 -19.48 67.52 10.96
CA PHE K 448 -20.61 66.60 10.81
C PHE K 448 -20.27 65.18 10.38
N LEU K 449 -21.24 64.27 10.58
CA LEU K 449 -21.22 62.87 10.17
C LEU K 449 -22.36 62.75 9.16
N VAL K 450 -22.03 62.44 7.89
CA VAL K 450 -23.04 62.30 6.83
C VAL K 450 -23.52 60.84 6.76
N GLU K 451 -24.84 60.64 6.89
CA GLU K 451 -25.45 59.31 6.90
C GLU K 451 -26.68 59.24 6.00
N THR K 452 -27.00 58.04 5.49
CA THR K 452 -28.18 57.79 4.64
C THR K 452 -28.58 56.32 4.62
N LEU K 453 -29.89 56.06 4.55
CA LEU K 453 -30.40 54.70 4.44
C LEU K 453 -30.44 54.26 2.96
N THR K 454 -30.43 55.25 2.03
CA THR K 454 -30.46 55.07 0.58
C THR K 454 -29.09 54.52 0.11
N GLN K 455 -29.03 53.19 -0.07
CA GLN K 455 -27.81 52.54 -0.53
C GLN K 455 -27.91 52.16 -2.01
N GLU K 456 -29.08 52.41 -2.62
CA GLU K 456 -29.35 52.16 -4.04
C GLU K 456 -28.67 53.27 -4.83
N ASP K 457 -27.87 52.89 -5.84
CA ASP K 457 -27.17 53.84 -6.71
C ASP K 457 -28.19 54.76 -7.36
N ILE K 458 -27.83 56.03 -7.51
CA ILE K 458 -28.74 56.99 -8.13
C ILE K 458 -28.68 56.78 -9.61
N LYS K 459 -29.86 56.85 -10.25
CA LYS K 459 -29.91 56.76 -11.69
C LYS K 459 -29.57 58.13 -12.25
N MET K 460 -28.53 58.19 -13.10
CA MET K 460 -28.08 59.42 -13.73
C MET K 460 -28.95 59.71 -14.97
N VAL K 461 -29.16 60.99 -15.29
CA VAL K 461 -29.97 61.43 -16.41
C VAL K 461 -29.12 62.29 -17.35
N TYR K 462 -29.11 61.95 -18.66
CA TYR K 462 -28.36 62.76 -19.62
C TYR K 462 -29.20 63.94 -20.15
N SER K 463 -28.81 65.15 -19.72
CA SER K 463 -29.40 66.43 -20.09
C SER K 463 -28.21 67.39 -20.31
N PHE K 464 -27.29 67.01 -21.25
CA PHE K 464 -26.01 67.66 -21.58
C PHE K 464 -25.01 67.46 -20.42
N ILE K 465 -25.43 67.83 -19.21
CA ILE K 465 -24.77 67.59 -17.94
C ILE K 465 -25.40 66.29 -17.41
N LEU K 466 -24.55 65.29 -17.12
CA LEU K 466 -24.96 63.98 -16.59
C LEU K 466 -25.34 64.21 -15.12
N ARG K 467 -26.65 64.37 -14.86
CA ARG K 467 -27.15 64.72 -13.53
C ARG K 467 -27.99 63.64 -12.83
N PRO K 468 -27.87 63.50 -11.49
CA PRO K 468 -28.67 62.49 -10.78
C PRO K 468 -30.16 62.76 -10.83
N GLY K 469 -30.92 61.71 -11.10
CA GLY K 469 -32.37 61.80 -11.19
C GLY K 469 -33.04 62.01 -9.85
N THR K 470 -32.37 61.54 -8.78
CA THR K 470 -32.84 61.61 -7.40
C THR K 470 -31.85 62.27 -6.47
N SER K 471 -32.35 63.02 -5.49
CA SER K 471 -31.52 63.63 -4.47
C SER K 471 -31.89 62.95 -3.17
N PRO K 472 -30.96 62.16 -2.61
CA PRO K 472 -31.26 61.41 -1.39
C PRO K 472 -31.24 62.27 -0.13
N LEU K 473 -31.93 61.77 0.89
CA LEU K 473 -32.02 62.40 2.18
C LEU K 473 -30.73 62.09 2.94
N LEU K 474 -30.01 63.15 3.33
CA LEU K 474 -28.75 63.00 4.05
C LEU K 474 -28.90 63.55 5.45
N THR K 475 -28.44 62.77 6.44
CA THR K 475 -28.47 63.18 7.84
C THR K 475 -27.11 63.76 8.19
N PHE K 476 -27.11 64.99 8.72
CA PHE K 476 -25.89 65.69 9.14
C PHE K 476 -25.91 65.74 10.65
N ARG K 477 -25.16 64.83 11.29
CA ARG K 477 -25.08 64.72 12.75
C ARG K 477 -23.84 65.47 13.25
N ALA K 478 -24.04 66.43 14.19
CA ALA K 478 -22.93 67.20 14.76
C ALA K 478 -22.08 66.33 15.68
N ILE K 479 -20.76 66.56 15.70
CA ILE K 479 -19.85 65.77 16.53
C ILE K 479 -19.93 66.25 18.03
N ASN K 480 -20.43 67.49 18.29
CA ASN K 480 -20.63 68.06 19.64
C ASN K 480 -22.12 68.15 20.00
N THR L 11 -2.10 11.30 -68.36
CA THR L 11 -2.45 10.56 -69.57
C THR L 11 -2.37 9.04 -69.33
N VAL L 12 -3.52 8.34 -69.40
CA VAL L 12 -3.70 6.88 -69.17
C VAL L 12 -4.41 6.22 -70.37
N LEU L 13 -3.83 5.12 -70.89
CA LEU L 13 -4.37 4.35 -72.03
C LEU L 13 -5.55 3.42 -71.63
N PRO L 14 -6.52 3.13 -72.53
CA PRO L 14 -7.61 2.21 -72.17
C PRO L 14 -7.19 0.74 -72.09
N PHE L 15 -8.07 -0.13 -71.57
CA PHE L 15 -7.81 -1.56 -71.39
C PHE L 15 -7.58 -2.33 -72.70
N GLU L 16 -8.45 -2.15 -73.70
CA GLU L 16 -8.34 -2.86 -74.99
C GLU L 16 -7.12 -2.44 -75.85
N ALA L 17 -6.43 -1.36 -75.45
CA ALA L 17 -5.23 -0.86 -76.13
C ALA L 17 -4.01 -1.73 -75.83
N MET L 18 -4.09 -2.52 -74.73
CA MET L 18 -3.07 -3.43 -74.23
C MET L 18 -2.74 -4.55 -75.24
N PRO L 19 -1.45 -4.95 -75.38
CA PRO L 19 -1.12 -6.03 -76.32
C PRO L 19 -1.84 -7.33 -76.00
N GLN L 20 -2.32 -8.03 -77.03
CA GLN L 20 -3.05 -9.29 -76.90
C GLN L 20 -2.16 -10.48 -77.22
N HIS L 21 -2.38 -11.62 -76.53
CA HIS L 21 -1.66 -12.88 -76.74
C HIS L 21 -1.96 -13.37 -78.18
N PRO L 22 -0.94 -13.81 -78.96
CA PRO L 22 -1.21 -14.20 -80.36
C PRO L 22 -1.98 -15.51 -80.55
N GLY L 23 -1.73 -16.49 -79.67
CA GLY L 23 -2.43 -17.77 -79.72
C GLY L 23 -3.73 -17.65 -78.97
N ASN L 24 -4.88 -17.84 -79.66
CA ASN L 24 -6.22 -17.75 -79.04
C ASN L 24 -6.35 -18.74 -77.86
N ARG L 25 -7.00 -18.30 -76.74
CA ARG L 25 -7.20 -19.01 -75.45
C ARG L 25 -7.50 -20.51 -75.51
N TRP L 26 -7.97 -20.99 -76.67
CA TRP L 26 -8.30 -22.39 -76.91
C TRP L 26 -7.14 -23.23 -77.47
N LEU L 27 -6.08 -22.58 -77.99
CA LEU L 27 -4.88 -23.25 -78.51
C LEU L 27 -4.04 -23.75 -77.31
N ARG L 28 -4.23 -23.09 -76.15
CA ARG L 28 -3.64 -23.45 -74.87
C ARG L 28 -4.46 -24.62 -74.27
N LEU L 29 -5.69 -24.81 -74.80
CA LEU L 29 -6.61 -25.86 -74.38
C LEU L 29 -6.24 -27.22 -74.99
N LEU L 30 -5.84 -27.29 -76.27
CA LEU L 30 -5.49 -28.57 -76.86
C LEU L 30 -4.07 -29.05 -76.51
N GLN L 31 -3.26 -28.21 -75.83
CA GLN L 31 -1.92 -28.58 -75.33
C GLN L 31 -2.11 -29.36 -74.00
N ILE L 32 -3.25 -29.12 -73.32
CA ILE L 32 -3.67 -29.80 -72.07
C ILE L 32 -4.16 -31.24 -72.42
N TRP L 33 -4.72 -31.41 -73.65
CA TRP L 33 -5.15 -32.72 -74.16
C TRP L 33 -3.89 -33.48 -74.60
N ARG L 34 -2.88 -32.74 -75.14
CA ARG L 34 -1.58 -33.21 -75.66
C ARG L 34 -0.70 -33.86 -74.58
N GLU L 35 0.26 -33.12 -74.01
CA GLU L 35 1.18 -33.65 -73.00
C GLU L 35 0.50 -33.88 -71.63
N GLN L 36 -0.85 -33.80 -71.60
CA GLN L 36 -1.71 -33.94 -70.40
C GLN L 36 -1.26 -32.92 -69.31
N GLY L 37 -1.08 -31.67 -69.76
CA GLY L 37 -0.62 -30.55 -68.93
C GLY L 37 0.31 -29.60 -69.68
N TYR L 38 0.38 -28.34 -69.22
CA TYR L 38 1.21 -27.32 -69.85
C TYR L 38 2.62 -27.32 -69.26
N GLU L 39 3.38 -28.41 -69.50
CA GLU L 39 4.76 -28.58 -69.01
C GLU L 39 5.65 -27.37 -69.28
N HIS L 40 5.41 -26.67 -70.40
CA HIS L 40 6.20 -25.51 -70.84
C HIS L 40 5.44 -24.19 -70.75
N LEU L 41 4.67 -23.96 -69.65
CA LEU L 41 3.91 -22.70 -69.51
C LEU L 41 4.83 -21.52 -69.14
N HIS L 42 5.89 -21.79 -68.35
CA HIS L 42 6.90 -20.80 -67.92
C HIS L 42 7.79 -20.29 -69.08
N LEU L 43 8.11 -21.19 -70.03
CA LEU L 43 8.91 -20.89 -71.20
C LEU L 43 8.08 -20.06 -72.18
N GLU L 44 6.78 -20.42 -72.33
CA GLU L 44 5.81 -19.74 -73.21
C GLU L 44 5.54 -18.30 -72.80
N MET L 45 5.31 -18.07 -71.50
CA MET L 45 5.03 -16.72 -70.99
C MET L 45 6.23 -15.80 -71.09
N HIS L 46 7.45 -16.28 -70.76
CA HIS L 46 8.70 -15.53 -70.86
C HIS L 46 8.99 -15.06 -72.32
N GLN L 47 8.63 -15.90 -73.31
CA GLN L 47 8.78 -15.62 -74.73
C GLN L 47 7.71 -14.62 -75.18
N THR L 48 6.46 -14.76 -74.66
CA THR L 48 5.32 -13.88 -74.94
C THR L 48 5.61 -12.47 -74.38
N PHE L 49 6.22 -12.39 -73.18
CA PHE L 49 6.60 -11.14 -72.52
C PHE L 49 7.70 -10.45 -73.29
N GLN L 50 8.63 -11.25 -73.85
CA GLN L 50 9.75 -10.80 -74.67
C GLN L 50 9.26 -10.18 -75.99
N GLU L 51 8.13 -10.70 -76.52
CA GLU L 51 7.52 -10.27 -77.79
C GLU L 51 6.51 -9.14 -77.66
N LEU L 52 5.75 -9.09 -76.55
CA LEU L 52 4.67 -8.11 -76.35
C LEU L 52 4.95 -6.99 -75.32
N GLY L 53 5.98 -7.15 -74.49
CA GLY L 53 6.34 -6.17 -73.48
C GLY L 53 6.13 -6.63 -72.04
N PRO L 54 6.34 -5.74 -71.03
CA PRO L 54 6.19 -6.17 -69.63
C PRO L 54 4.75 -6.32 -69.12
N ILE L 55 3.77 -6.12 -70.03
CA ILE L 55 2.32 -6.20 -69.77
C ILE L 55 1.53 -6.56 -71.05
N PHE L 56 0.63 -7.55 -70.92
CA PHE L 56 -0.27 -8.03 -71.97
C PHE L 56 -1.61 -8.49 -71.37
N ARG L 57 -2.63 -8.68 -72.22
CA ARG L 57 -3.96 -9.13 -71.78
C ARG L 57 -4.34 -10.49 -72.39
N TYR L 58 -4.54 -11.49 -71.52
CA TYR L 58 -4.90 -12.85 -71.93
C TYR L 58 -6.40 -12.98 -72.20
N ASN L 59 -6.76 -12.92 -73.49
CA ASN L 59 -8.12 -12.96 -74.02
C ASN L 59 -8.88 -14.25 -73.65
N LEU L 60 -9.61 -14.20 -72.51
CA LEU L 60 -10.46 -15.30 -72.06
C LEU L 60 -11.94 -14.96 -72.28
N GLY L 61 -12.17 -13.97 -73.15
CA GLY L 61 -13.48 -13.46 -73.57
C GLY L 61 -14.15 -12.60 -72.53
N GLY L 62 -14.94 -13.25 -71.67
CA GLY L 62 -15.65 -12.62 -70.58
C GLY L 62 -14.71 -12.12 -69.50
N PRO L 63 -14.12 -13.02 -68.67
CA PRO L 63 -13.20 -12.55 -67.61
C PRO L 63 -11.95 -11.88 -68.17
N ARG L 64 -11.62 -10.69 -67.61
CA ARG L 64 -10.46 -9.89 -68.02
C ARG L 64 -9.26 -10.46 -67.29
N MET L 65 -8.18 -10.68 -68.04
CA MET L 65 -6.95 -11.23 -67.48
C MET L 65 -5.75 -10.42 -67.91
N VAL L 66 -4.96 -9.93 -66.93
CA VAL L 66 -3.77 -9.09 -67.16
C VAL L 66 -2.53 -9.76 -66.58
N CYS L 67 -1.43 -9.75 -67.32
CA CYS L 67 -0.18 -10.35 -66.88
C CYS L 67 0.93 -9.30 -66.74
N VAL L 68 1.67 -9.35 -65.62
CA VAL L 68 2.76 -8.41 -65.30
C VAL L 68 4.04 -9.15 -64.85
N MET L 69 5.19 -8.45 -64.84
CA MET L 69 6.48 -9.03 -64.44
C MET L 69 7.45 -8.02 -63.81
N LEU L 70 6.97 -6.80 -63.52
CA LEU L 70 7.76 -5.71 -62.93
C LEU L 70 7.45 -5.40 -61.45
N PRO L 71 8.49 -4.98 -60.64
CA PRO L 71 8.27 -4.70 -59.20
C PRO L 71 7.42 -3.47 -58.91
N GLU L 72 7.43 -2.54 -59.88
CA GLU L 72 6.66 -1.29 -59.84
C GLU L 72 5.19 -1.60 -59.97
N ASP L 73 4.85 -2.72 -60.65
CA ASP L 73 3.48 -3.20 -60.84
C ASP L 73 3.00 -3.90 -59.58
N VAL L 74 3.90 -4.63 -58.88
CA VAL L 74 3.61 -5.35 -57.63
C VAL L 74 3.27 -4.33 -56.51
N GLU L 75 4.04 -3.22 -56.43
CA GLU L 75 3.84 -2.16 -55.44
C GLU L 75 2.48 -1.47 -55.64
N LYS L 76 2.08 -1.26 -56.92
CA LYS L 76 0.78 -0.68 -57.27
C LYS L 76 -0.35 -1.66 -56.95
N LEU L 77 -0.07 -2.97 -57.11
CA LEU L 77 -1.03 -4.04 -56.82
C LEU L 77 -1.23 -4.20 -55.33
N GLN L 78 -0.21 -3.85 -54.53
CA GLN L 78 -0.21 -3.92 -53.07
C GLN L 78 -1.19 -2.94 -52.45
N GLN L 79 -1.31 -1.74 -53.05
CA GLN L 79 -2.16 -0.64 -52.60
C GLN L 79 -3.66 -0.93 -52.74
N VAL L 80 -4.03 -1.79 -53.69
CA VAL L 80 -5.41 -2.16 -54.03
C VAL L 80 -5.85 -3.45 -53.29
N ASP L 81 -4.95 -4.06 -52.50
CA ASP L 81 -5.15 -5.29 -51.72
C ASP L 81 -6.49 -5.36 -50.96
N SER L 82 -6.82 -4.31 -50.18
CA SER L 82 -8.04 -4.16 -49.36
C SER L 82 -8.10 -5.13 -48.16
N LEU L 83 -9.24 -5.14 -47.44
CA LEU L 83 -9.47 -5.99 -46.27
C LEU L 83 -9.46 -7.48 -46.66
N HIS L 84 -10.05 -7.78 -47.82
CA HIS L 84 -10.16 -9.15 -48.29
C HIS L 84 -9.51 -9.34 -49.67
N PRO L 85 -8.16 -9.51 -49.73
CA PRO L 85 -7.51 -9.71 -51.05
C PRO L 85 -7.99 -11.02 -51.66
N CYS L 86 -8.57 -10.91 -52.86
CA CYS L 86 -9.19 -12.02 -53.55
C CYS L 86 -8.31 -12.68 -54.62
N ARG L 87 -8.21 -14.03 -54.57
CA ARG L 87 -7.51 -14.87 -55.53
C ARG L 87 -8.57 -15.68 -56.28
N MET L 88 -8.24 -16.20 -57.47
CA MET L 88 -9.23 -17.01 -58.21
C MET L 88 -9.46 -18.33 -57.48
N ILE L 89 -10.73 -18.77 -57.39
CA ILE L 89 -11.04 -20.01 -56.69
C ILE L 89 -10.57 -21.19 -57.52
N LEU L 90 -9.69 -22.01 -56.93
CA LEU L 90 -9.14 -23.19 -57.56
C LEU L 90 -10.20 -24.30 -57.44
N GLU L 91 -11.16 -24.32 -58.38
CA GLU L 91 -12.27 -25.27 -58.29
C GLU L 91 -11.86 -26.76 -58.23
N PRO L 92 -10.84 -27.37 -58.92
CA PRO L 92 -10.63 -28.82 -58.69
C PRO L 92 -10.45 -29.18 -57.21
N TRP L 93 -9.66 -28.38 -56.48
CA TRP L 93 -9.39 -28.56 -55.06
C TRP L 93 -10.64 -28.33 -54.22
N VAL L 94 -11.37 -27.23 -54.52
CA VAL L 94 -12.60 -26.77 -53.86
C VAL L 94 -13.72 -27.79 -54.05
N ALA L 95 -13.81 -28.41 -55.25
CA ALA L 95 -14.77 -29.45 -55.64
C ALA L 95 -14.63 -30.71 -54.77
N TYR L 96 -13.38 -31.09 -54.43
CA TYR L 96 -13.14 -32.23 -53.56
C TYR L 96 -13.69 -31.97 -52.15
N ARG L 97 -13.44 -30.76 -51.61
CA ARG L 97 -13.88 -30.33 -50.28
C ARG L 97 -15.41 -30.42 -50.17
N GLN L 98 -16.13 -29.90 -51.18
CA GLN L 98 -17.60 -29.90 -51.26
C GLN L 98 -18.18 -31.34 -51.32
N HIS L 99 -17.59 -32.23 -52.18
CA HIS L 99 -18.07 -33.61 -52.36
C HIS L 99 -17.73 -34.56 -51.20
N ARG L 100 -16.81 -34.14 -50.31
CA ARG L 100 -16.48 -34.95 -49.13
C ARG L 100 -16.94 -34.25 -47.83
N GLY L 101 -17.51 -33.05 -47.97
CA GLY L 101 -18.05 -32.22 -46.88
C GLY L 101 -17.03 -31.59 -45.96
N HIS L 102 -15.81 -31.33 -46.45
CA HIS L 102 -14.75 -30.71 -45.65
C HIS L 102 -14.80 -29.22 -45.87
N LYS L 103 -14.31 -28.44 -44.88
CA LYS L 103 -14.25 -26.97 -45.08
C LYS L 103 -13.01 -26.63 -45.88
N CYS L 104 -12.97 -25.41 -46.46
CA CYS L 104 -11.79 -24.96 -47.21
C CYS L 104 -10.82 -24.26 -46.29
N GLY L 105 -9.54 -24.48 -46.54
CA GLY L 105 -8.49 -23.86 -45.75
C GLY L 105 -8.21 -22.45 -46.22
N VAL L 106 -7.30 -21.76 -45.51
CA VAL L 106 -6.89 -20.37 -45.76
C VAL L 106 -6.37 -20.14 -47.23
N PHE L 107 -5.79 -21.18 -47.85
CA PHE L 107 -5.26 -21.13 -49.21
C PHE L 107 -6.39 -21.05 -50.28
N LEU L 108 -7.54 -21.73 -50.07
CA LEU L 108 -8.70 -21.76 -50.99
C LEU L 108 -9.87 -20.83 -50.56
N LEU L 109 -9.72 -20.08 -49.47
CA LEU L 109 -10.83 -19.23 -49.02
C LEU L 109 -10.66 -17.77 -49.39
N ASN L 110 -11.81 -17.08 -49.58
CA ASN L 110 -11.89 -15.67 -49.94
C ASN L 110 -12.84 -14.93 -49.03
N GLY L 111 -12.63 -13.63 -48.95
CA GLY L 111 -13.50 -12.73 -48.20
C GLY L 111 -13.45 -12.86 -46.70
N PRO L 112 -14.62 -12.58 -46.04
CA PRO L 112 -14.66 -12.62 -44.57
C PRO L 112 -14.31 -13.96 -43.96
N GLU L 113 -14.63 -15.09 -44.66
CA GLU L 113 -14.32 -16.44 -44.19
C GLU L 113 -12.81 -16.65 -44.13
N TRP L 114 -12.07 -16.10 -45.11
CA TRP L 114 -10.62 -16.20 -45.16
C TRP L 114 -9.97 -15.44 -44.00
N ARG L 115 -10.40 -14.19 -43.80
CA ARG L 115 -9.88 -13.27 -42.79
C ARG L 115 -9.97 -13.84 -41.38
N PHE L 116 -11.12 -14.48 -41.04
CA PHE L 116 -11.36 -15.12 -39.74
C PHE L 116 -10.32 -16.19 -39.49
N ASN L 117 -10.10 -17.08 -40.49
CA ASN L 117 -9.14 -18.18 -40.43
C ASN L 117 -7.71 -17.68 -40.30
N ARG L 118 -7.27 -16.85 -41.27
CA ARG L 118 -5.94 -16.25 -41.37
C ARG L 118 -5.46 -15.59 -40.06
N LEU L 119 -6.33 -14.77 -39.44
CA LEU L 119 -6.02 -14.05 -38.21
C LEU L 119 -5.81 -14.97 -37.01
N ARG L 120 -6.48 -16.15 -37.02
CA ARG L 120 -6.39 -17.15 -35.97
C ARG L 120 -5.27 -18.18 -36.21
N LEU L 121 -4.61 -18.11 -37.37
CA LEU L 121 -3.50 -18.98 -37.74
C LEU L 121 -2.15 -18.30 -37.58
N ASN L 122 -2.04 -17.02 -37.98
CA ASN L 122 -0.81 -16.21 -37.88
C ASN L 122 -0.07 -16.31 -36.54
N PRO L 123 -0.71 -16.25 -35.34
CA PRO L 123 0.06 -16.29 -34.10
C PRO L 123 0.80 -17.60 -33.79
N ASP L 124 0.43 -18.72 -34.44
CA ASP L 124 1.07 -20.01 -34.17
C ASP L 124 1.82 -20.62 -35.36
N VAL L 125 1.64 -20.06 -36.58
CA VAL L 125 2.29 -20.58 -37.80
C VAL L 125 3.38 -19.63 -38.31
N LEU L 126 3.10 -18.31 -38.33
CA LEU L 126 3.97 -17.30 -38.92
C LEU L 126 4.68 -16.37 -37.94
N SER L 127 4.04 -16.00 -36.81
CA SER L 127 4.56 -15.08 -35.79
C SER L 127 6.01 -15.39 -35.33
N PRO L 128 6.84 -14.36 -35.03
CA PRO L 128 8.22 -14.62 -34.58
C PRO L 128 8.32 -15.43 -33.29
N LYS L 129 7.35 -15.24 -32.35
CA LYS L 129 7.26 -15.96 -31.08
C LYS L 129 7.06 -17.47 -31.33
N ALA L 130 6.24 -17.82 -32.34
CA ALA L 130 5.97 -19.20 -32.74
C ALA L 130 7.20 -19.88 -33.35
N VAL L 131 7.94 -19.15 -34.22
CA VAL L 131 9.15 -19.68 -34.86
C VAL L 131 10.20 -20.04 -33.81
N GLN L 132 10.40 -19.17 -32.79
CA GLN L 132 11.33 -19.39 -31.68
C GLN L 132 11.12 -20.75 -31.01
N ARG L 133 9.87 -21.24 -31.05
CA ARG L 133 9.43 -22.50 -30.44
C ARG L 133 9.59 -23.74 -31.32
N PHE L 134 9.26 -23.64 -32.63
CA PHE L 134 9.39 -24.80 -33.51
C PHE L 134 10.79 -24.91 -34.15
N LEU L 135 11.57 -23.81 -34.20
CA LEU L 135 12.94 -23.80 -34.78
C LEU L 135 13.88 -24.85 -34.16
N PRO L 136 13.99 -25.00 -32.81
CA PRO L 136 14.89 -26.04 -32.27
C PRO L 136 14.49 -27.47 -32.64
N MET L 137 13.18 -27.72 -32.87
CA MET L 137 12.64 -29.01 -33.28
C MET L 137 13.13 -29.33 -34.68
N VAL L 138 13.05 -28.34 -35.59
CA VAL L 138 13.50 -28.46 -36.99
C VAL L 138 15.02 -28.71 -37.03
N ASP L 139 15.78 -27.99 -36.18
CA ASP L 139 17.24 -28.14 -36.03
C ASP L 139 17.64 -29.59 -35.75
N ALA L 140 16.90 -30.28 -34.84
CA ALA L 140 17.14 -31.67 -34.45
C ALA L 140 17.04 -32.60 -35.64
N VAL L 141 16.03 -32.37 -36.53
CA VAL L 141 15.80 -33.15 -37.77
C VAL L 141 16.96 -32.89 -38.76
N ALA L 142 17.32 -31.59 -38.95
CA ALA L 142 18.40 -31.11 -39.81
C ALA L 142 19.78 -31.65 -39.37
N ARG L 143 19.96 -31.90 -38.07
CA ARG L 143 21.17 -32.48 -37.49
C ARG L 143 21.22 -33.95 -37.87
N ASP L 144 20.07 -34.65 -37.70
CA ASP L 144 19.91 -36.07 -37.98
C ASP L 144 20.13 -36.41 -39.45
N PHE L 145 19.77 -35.49 -40.37
CA PHE L 145 19.98 -35.67 -41.80
C PHE L 145 21.48 -35.70 -42.12
N SER L 146 22.22 -34.70 -41.62
CA SER L 146 23.67 -34.59 -41.84
C SER L 146 24.43 -35.73 -41.18
N GLN L 147 24.01 -36.12 -39.96
CA GLN L 147 24.64 -37.20 -39.18
C GLN L 147 24.45 -38.55 -39.85
N ALA L 148 23.23 -38.82 -40.36
CA ALA L 148 22.89 -40.05 -41.07
C ALA L 148 23.69 -40.14 -42.37
N LEU L 149 23.84 -39.01 -43.07
CA LEU L 149 24.61 -38.89 -44.30
C LEU L 149 26.09 -39.16 -44.03
N LYS L 150 26.64 -38.56 -42.97
CA LYS L 150 28.04 -38.73 -42.55
C LYS L 150 28.35 -40.19 -42.22
N LYS L 151 27.38 -40.92 -41.64
CA LYS L 151 27.53 -42.34 -41.30
C LYS L 151 27.75 -43.19 -42.56
N LYS L 152 26.98 -42.92 -43.63
CA LYS L 152 27.08 -43.58 -44.93
C LYS L 152 28.39 -43.23 -45.63
N VAL L 153 28.74 -41.93 -45.63
CA VAL L 153 29.93 -41.34 -46.28
C VAL L 153 31.23 -41.98 -45.77
N LEU L 154 31.32 -42.17 -44.45
CA LEU L 154 32.51 -42.75 -43.80
C LEU L 154 32.64 -44.26 -44.01
N GLN L 155 31.62 -44.91 -44.62
CA GLN L 155 31.66 -46.34 -44.93
C GLN L 155 32.33 -46.60 -46.29
N ASN L 156 32.49 -45.55 -47.11
CA ASN L 156 33.13 -45.59 -48.43
C ASN L 156 34.61 -45.21 -48.29
N ALA L 157 35.49 -45.98 -48.95
CA ALA L 157 36.94 -45.79 -48.96
C ALA L 157 37.40 -44.38 -49.33
N ARG L 158 36.69 -43.72 -50.27
CA ARG L 158 37.01 -42.36 -50.72
C ARG L 158 36.49 -41.29 -49.76
N GLY L 159 35.71 -41.70 -48.76
CA GLY L 159 35.10 -40.82 -47.78
C GLY L 159 34.17 -39.82 -48.41
N SER L 160 33.29 -40.30 -49.33
CA SER L 160 32.30 -39.51 -50.06
C SER L 160 31.16 -40.39 -50.59
N LEU L 161 30.00 -39.75 -50.88
CA LEU L 161 28.82 -40.46 -51.37
C LEU L 161 28.14 -39.70 -52.50
N THR L 162 28.10 -40.31 -53.70
CA THR L 162 27.46 -39.75 -54.90
C THR L 162 26.08 -40.35 -55.06
N LEU L 163 25.02 -39.52 -55.00
CA LEU L 163 23.63 -40.00 -55.03
C LEU L 163 22.61 -39.01 -55.60
N ASP L 164 21.38 -39.51 -55.83
CA ASP L 164 20.22 -38.72 -56.21
C ASP L 164 19.64 -38.25 -54.84
N VAL L 165 19.81 -36.96 -54.53
CA VAL L 165 19.43 -36.39 -53.22
C VAL L 165 17.92 -36.14 -53.05
N GLN L 166 17.16 -36.10 -54.15
CA GLN L 166 15.70 -35.85 -54.16
C GLN L 166 14.90 -36.74 -53.17
N PRO L 167 14.96 -38.11 -53.19
CA PRO L 167 14.18 -38.87 -52.21
C PRO L 167 14.53 -38.54 -50.76
N SER L 168 15.83 -38.48 -50.41
CA SER L 168 16.30 -38.14 -49.04
C SER L 168 15.84 -36.76 -48.55
N ILE L 169 15.84 -35.75 -49.45
CA ILE L 169 15.42 -34.36 -49.19
C ILE L 169 13.92 -34.32 -48.97
N PHE L 170 13.18 -35.15 -49.73
CA PHE L 170 11.74 -35.25 -49.62
C PHE L 170 11.31 -35.77 -48.28
N HIS L 171 12.01 -36.81 -47.81
CA HIS L 171 11.74 -37.43 -46.53
C HIS L 171 12.14 -36.52 -45.37
N TYR L 172 13.06 -35.56 -45.63
CA TYR L 172 13.46 -34.56 -44.63
C TYR L 172 12.30 -33.58 -44.46
N THR L 173 11.74 -33.08 -45.60
CA THR L 173 10.63 -32.11 -45.61
C THR L 173 9.33 -32.72 -45.07
N ILE L 174 9.23 -34.06 -45.00
CA ILE L 174 8.09 -34.73 -44.39
C ILE L 174 8.34 -34.83 -42.86
N GLU L 175 9.54 -35.29 -42.45
CA GLU L 175 9.96 -35.48 -41.05
C GLU L 175 9.96 -34.16 -40.27
N ALA L 176 10.59 -33.11 -40.84
CA ALA L 176 10.71 -31.77 -40.25
C ALA L 176 9.35 -31.07 -40.11
N SER L 177 8.46 -31.20 -41.11
CA SER L 177 7.13 -30.59 -41.07
C SER L 177 6.21 -31.28 -40.07
N ASN L 178 6.24 -32.63 -40.02
CA ASN L 178 5.41 -33.38 -39.08
C ASN L 178 5.80 -33.08 -37.65
N LEU L 179 7.11 -32.95 -37.38
CA LEU L 179 7.59 -32.62 -36.04
C LEU L 179 7.21 -31.16 -35.66
N ALA L 180 7.33 -30.24 -36.61
CA ALA L 180 7.01 -28.84 -36.36
C ALA L 180 5.49 -28.63 -36.18
N LEU L 181 4.66 -29.37 -36.96
CA LEU L 181 3.21 -29.26 -36.90
C LEU L 181 2.56 -30.07 -35.78
N PHE L 182 2.90 -31.37 -35.69
CA PHE L 182 2.29 -32.30 -34.75
C PHE L 182 3.15 -32.73 -33.57
N GLY L 183 4.46 -32.46 -33.62
CA GLY L 183 5.37 -32.85 -32.54
C GLY L 183 5.57 -34.35 -32.47
N GLU L 184 5.69 -34.98 -33.64
CA GLU L 184 5.89 -36.42 -33.77
C GLU L 184 7.02 -36.71 -34.73
N ARG L 185 7.96 -37.57 -34.31
CA ARG L 185 9.07 -37.99 -35.18
C ARG L 185 8.59 -39.21 -35.95
N LEU L 186 8.61 -39.15 -37.30
CA LEU L 186 8.12 -40.26 -38.12
C LEU L 186 9.19 -41.33 -38.39
N GLY L 187 10.45 -41.00 -38.13
CA GLY L 187 11.60 -41.89 -38.31
C GLY L 187 11.94 -42.19 -39.75
N LEU L 188 11.77 -41.16 -40.62
CA LEU L 188 12.06 -41.25 -42.06
C LEU L 188 13.50 -40.82 -42.37
N VAL L 189 14.06 -39.91 -41.56
CA VAL L 189 15.42 -39.40 -41.71
C VAL L 189 16.43 -40.45 -41.19
N GLY L 190 17.26 -40.93 -42.10
CA GLY L 190 18.28 -41.93 -41.83
C GLY L 190 17.81 -43.37 -41.93
N HIS L 191 16.56 -43.56 -42.39
CA HIS L 191 15.95 -44.88 -42.54
C HIS L 191 15.27 -45.04 -43.89
N SER L 192 14.93 -46.29 -44.25
CA SER L 192 14.24 -46.64 -45.49
C SER L 192 12.86 -45.95 -45.52
N PRO L 193 12.39 -45.46 -46.70
CA PRO L 193 11.09 -44.77 -46.75
C PRO L 193 9.91 -45.70 -46.49
N SER L 194 8.94 -45.23 -45.68
CA SER L 194 7.76 -46.01 -45.36
C SER L 194 6.79 -46.03 -46.53
N SER L 195 6.02 -47.13 -46.66
CA SER L 195 5.01 -47.31 -47.71
C SER L 195 4.03 -46.15 -47.67
N ALA L 196 3.61 -45.75 -46.45
CA ALA L 196 2.68 -44.66 -46.18
C ALA L 196 3.21 -43.31 -46.70
N SER L 197 4.53 -43.05 -46.54
CA SER L 197 5.16 -41.81 -46.99
C SER L 197 5.25 -41.77 -48.51
N LEU L 198 5.68 -42.89 -49.12
CA LEU L 198 5.81 -43.04 -50.57
C LEU L 198 4.48 -42.87 -51.28
N ASN L 199 3.38 -43.37 -50.68
CA ASN L 199 2.02 -43.26 -51.21
C ASN L 199 1.55 -41.81 -51.16
N PHE L 200 1.86 -41.11 -50.07
CA PHE L 200 1.52 -39.72 -49.85
C PHE L 200 2.18 -38.83 -50.90
N LEU L 201 3.51 -39.02 -51.11
CA LEU L 201 4.34 -38.29 -52.09
C LEU L 201 3.79 -38.45 -53.52
N HIS L 202 3.40 -39.69 -53.88
CA HIS L 202 2.84 -40.01 -55.18
C HIS L 202 1.44 -39.42 -55.33
N ALA L 203 0.65 -39.41 -54.24
CA ALA L 203 -0.69 -38.83 -54.24
C ALA L 203 -0.57 -37.34 -54.54
N LEU L 204 0.45 -36.70 -53.95
CA LEU L 204 0.78 -35.28 -54.16
C LEU L 204 1.11 -35.03 -55.62
N GLU L 205 2.13 -35.74 -56.17
CA GLU L 205 2.52 -35.56 -57.57
C GLU L 205 1.35 -35.81 -58.56
N VAL L 206 0.43 -36.76 -58.26
CA VAL L 206 -0.76 -37.01 -59.10
C VAL L 206 -1.76 -35.85 -58.95
N MET L 207 -1.98 -35.38 -57.70
CA MET L 207 -2.88 -34.27 -57.40
C MET L 207 -2.52 -33.03 -58.22
N PHE L 208 -1.21 -32.62 -58.21
CA PHE L 208 -0.74 -31.45 -58.95
C PHE L 208 -0.87 -31.62 -60.46
N LYS L 209 -0.48 -32.81 -60.99
CA LYS L 209 -0.57 -33.19 -62.40
C LYS L 209 -2.00 -32.95 -62.93
N SER L 210 -3.00 -33.57 -62.27
CA SER L 210 -4.42 -33.48 -62.60
C SER L 210 -5.00 -32.08 -62.39
N THR L 211 -4.40 -31.26 -61.48
CA THR L 211 -4.86 -29.88 -61.23
C THR L 211 -4.74 -29.06 -62.51
N VAL L 212 -3.55 -29.04 -63.14
CA VAL L 212 -3.25 -28.34 -64.39
C VAL L 212 -4.23 -28.76 -65.51
N GLN L 213 -4.44 -30.08 -65.66
CA GLN L 213 -5.34 -30.72 -66.62
C GLN L 213 -6.80 -30.24 -66.50
N LEU L 214 -7.25 -29.86 -65.28
CA LEU L 214 -8.63 -29.44 -65.05
C LEU L 214 -8.79 -27.95 -64.67
N MET L 215 -7.65 -27.24 -64.52
CA MET L 215 -7.49 -25.84 -64.14
C MET L 215 -8.02 -24.80 -65.13
N PHE L 216 -7.92 -25.04 -66.45
CA PHE L 216 -8.25 -24.04 -67.46
C PHE L 216 -9.62 -24.21 -68.19
N MET L 217 -10.50 -25.06 -67.66
CA MET L 217 -11.83 -25.28 -68.24
C MET L 217 -12.93 -25.41 -67.17
N PRO L 218 -14.19 -24.97 -67.47
CA PRO L 218 -15.25 -25.02 -66.45
C PRO L 218 -15.60 -26.42 -65.97
N ARG L 219 -16.16 -26.53 -64.74
CA ARG L 219 -16.56 -27.80 -64.15
C ARG L 219 -17.49 -28.58 -65.08
N SER L 220 -18.36 -27.86 -65.81
CA SER L 220 -19.32 -28.39 -66.79
C SER L 220 -18.60 -29.07 -67.95
N LEU L 221 -17.69 -28.34 -68.62
CA LEU L 221 -16.95 -28.79 -69.79
C LEU L 221 -16.00 -29.96 -69.52
N SER L 222 -15.19 -29.88 -68.44
CA SER L 222 -14.21 -30.92 -68.06
C SER L 222 -14.84 -32.25 -67.62
N ARG L 223 -16.11 -32.22 -67.15
CA ARG L 223 -16.89 -33.38 -66.70
C ARG L 223 -16.97 -34.47 -67.76
N TRP L 224 -17.45 -34.12 -68.98
CA TRP L 224 -17.65 -35.02 -70.13
C TRP L 224 -16.47 -35.02 -71.14
N ILE L 225 -15.35 -34.34 -70.80
CA ILE L 225 -14.14 -34.28 -71.63
C ILE L 225 -12.98 -35.03 -70.96
N SER L 226 -12.85 -34.86 -69.62
CA SER L 226 -11.82 -35.54 -68.83
C SER L 226 -12.43 -36.21 -67.56
N PRO L 227 -13.31 -37.23 -67.69
CA PRO L 227 -13.90 -37.82 -66.46
C PRO L 227 -12.91 -38.68 -65.70
N LYS L 228 -12.00 -39.36 -66.41
CA LYS L 228 -10.97 -40.22 -65.80
C LYS L 228 -9.90 -39.38 -65.10
N VAL L 229 -9.87 -38.06 -65.39
CA VAL L 229 -9.00 -37.06 -64.78
C VAL L 229 -9.70 -36.51 -63.51
N TRP L 230 -11.04 -36.45 -63.51
CA TRP L 230 -11.82 -36.06 -62.33
C TRP L 230 -11.82 -37.22 -61.32
N LYS L 231 -11.59 -38.44 -61.78
CA LYS L 231 -11.51 -39.63 -60.94
C LYS L 231 -10.09 -39.69 -60.33
N GLU L 232 -9.03 -39.49 -61.15
CA GLU L 232 -7.62 -39.50 -60.75
C GLU L 232 -7.31 -38.42 -59.73
N HIS L 233 -7.91 -37.22 -59.90
CA HIS L 233 -7.71 -36.07 -59.02
C HIS L 233 -8.29 -36.30 -57.62
N PHE L 234 -9.53 -36.84 -57.57
CA PHE L 234 -10.22 -37.14 -56.32
C PHE L 234 -9.59 -38.30 -55.59
N GLU L 235 -9.12 -39.34 -56.33
CA GLU L 235 -8.43 -40.52 -55.77
C GLU L 235 -7.12 -40.09 -55.07
N ALA L 236 -6.41 -39.10 -55.65
CA ALA L 236 -5.17 -38.53 -55.12
C ALA L 236 -5.42 -37.77 -53.82
N TRP L 237 -6.50 -36.98 -53.77
CA TRP L 237 -6.88 -36.23 -52.59
C TRP L 237 -7.34 -37.20 -51.49
N ASP L 238 -8.12 -38.24 -51.86
CA ASP L 238 -8.60 -39.25 -50.91
C ASP L 238 -7.44 -39.84 -50.12
N CYS L 239 -6.31 -40.04 -50.80
CA CYS L 239 -5.07 -40.56 -50.22
C CYS L 239 -4.38 -39.49 -49.37
N ILE L 240 -4.28 -38.24 -49.88
CA ILE L 240 -3.66 -37.11 -49.17
C ILE L 240 -4.41 -36.85 -47.87
N PHE L 241 -5.76 -36.82 -47.95
CA PHE L 241 -6.65 -36.60 -46.82
C PHE L 241 -6.56 -37.71 -45.78
N GLN L 242 -6.40 -38.97 -46.22
CA GLN L 242 -6.25 -40.14 -45.36
C GLN L 242 -4.98 -39.99 -44.52
N TYR L 243 -3.87 -39.55 -45.15
CA TYR L 243 -2.59 -39.32 -44.48
C TYR L 243 -2.70 -38.20 -43.41
N GLY L 244 -3.20 -37.04 -43.82
CA GLY L 244 -3.38 -35.88 -42.96
C GLY L 244 -4.34 -36.09 -41.81
N ASP L 245 -5.46 -36.80 -42.07
CA ASP L 245 -6.47 -37.10 -41.05
C ASP L 245 -5.91 -38.03 -39.97
N ASN L 246 -5.02 -38.97 -40.36
CA ASN L 246 -4.35 -39.89 -39.44
C ASN L 246 -3.52 -39.10 -38.41
N CYS L 247 -2.85 -38.01 -38.86
CA CYS L 247 -2.03 -37.14 -38.00
C CYS L 247 -2.93 -36.37 -37.03
N ILE L 248 -4.04 -35.82 -37.56
CA ILE L 248 -5.01 -35.02 -36.80
C ILE L 248 -5.74 -35.88 -35.77
N GLN L 249 -6.06 -37.15 -36.11
CA GLN L 249 -6.76 -38.07 -35.19
C GLN L 249 -5.88 -38.47 -34.01
N LYS L 250 -4.56 -38.63 -34.27
CA LYS L 250 -3.55 -38.96 -33.27
C LYS L 250 -3.42 -37.81 -32.23
N ILE L 251 -3.18 -36.56 -32.72
CA ILE L 251 -2.98 -35.37 -31.88
C ILE L 251 -4.26 -35.00 -31.10
N TYR L 252 -5.46 -35.15 -31.72
CA TYR L 252 -6.74 -34.83 -31.07
C TYR L 252 -7.04 -35.78 -29.93
N GLN L 253 -6.66 -37.05 -30.04
CA GLN L 253 -6.86 -38.06 -28.98
C GLN L 253 -5.85 -37.86 -27.85
N GLU L 254 -4.58 -37.57 -28.21
CA GLU L 254 -3.49 -37.29 -27.26
C GLU L 254 -3.82 -36.04 -26.39
N LEU L 255 -4.40 -35.00 -27.00
CA LEU L 255 -4.77 -33.76 -26.32
C LEU L 255 -6.07 -33.85 -25.54
N ALA L 256 -6.98 -34.76 -25.94
CA ALA L 256 -8.26 -34.96 -25.26
C ALA L 256 -8.06 -35.53 -23.86
N PHE L 257 -6.98 -36.31 -23.65
CA PHE L 257 -6.67 -36.93 -22.38
C PHE L 257 -5.68 -36.19 -21.52
N ASN L 258 -4.85 -35.31 -22.10
CA ASN L 258 -3.88 -34.49 -21.37
C ASN L 258 -3.45 -33.24 -22.12
N ARG L 259 -3.52 -32.09 -21.43
CA ARG L 259 -3.10 -30.79 -21.93
C ARG L 259 -1.59 -30.63 -21.55
N PRO L 260 -0.60 -30.61 -22.51
CA PRO L 260 0.80 -30.48 -22.09
C PRO L 260 1.20 -29.05 -21.76
N GLN L 261 2.15 -28.92 -20.81
CA GLN L 261 2.63 -27.61 -20.39
C GLN L 261 3.60 -27.00 -21.40
N HIS L 262 4.47 -27.83 -21.96
CA HIS L 262 5.47 -27.43 -22.94
C HIS L 262 4.94 -27.46 -24.37
N TYR L 263 5.68 -26.80 -25.28
CA TYR L 263 5.36 -26.71 -26.71
C TYR L 263 5.47 -28.08 -27.38
N THR L 264 4.41 -28.50 -28.07
CA THR L 264 4.36 -29.79 -28.76
C THR L 264 3.90 -29.67 -30.21
N GLY L 265 4.12 -28.51 -30.80
CA GLY L 265 3.77 -28.29 -32.20
C GLY L 265 2.69 -27.27 -32.50
N ILE L 266 2.71 -26.77 -33.76
CA ILE L 266 1.80 -25.77 -34.32
C ILE L 266 0.33 -26.16 -34.14
N VAL L 267 -0.04 -27.38 -34.61
CA VAL L 267 -1.40 -27.93 -34.55
C VAL L 267 -1.90 -28.06 -33.10
N ALA L 268 -1.01 -28.54 -32.21
CA ALA L 268 -1.31 -28.66 -30.77
C ALA L 268 -1.75 -27.30 -30.21
N GLU L 269 -1.03 -26.22 -30.53
CA GLU L 269 -1.34 -24.85 -30.10
C GLU L 269 -2.70 -24.36 -30.59
N LEU L 270 -3.05 -24.68 -31.85
CA LEU L 270 -4.32 -24.30 -32.46
C LEU L 270 -5.49 -25.03 -31.78
N LEU L 271 -5.32 -26.32 -31.50
CA LEU L 271 -6.33 -27.14 -30.85
C LEU L 271 -6.57 -26.72 -29.40
N LEU L 272 -5.51 -26.34 -28.69
CA LEU L 272 -5.60 -25.88 -27.29
C LEU L 272 -6.27 -24.50 -27.19
N LYS L 273 -6.01 -23.62 -28.16
CA LYS L 273 -6.59 -22.29 -28.22
C LYS L 273 -8.08 -22.38 -28.57
N ALA L 274 -8.43 -23.31 -29.48
CA ALA L 274 -9.80 -23.60 -29.96
C ALA L 274 -10.58 -22.34 -30.38
N GLU L 275 -9.88 -21.43 -31.08
CA GLU L 275 -10.47 -20.18 -31.60
C GLU L 275 -11.22 -20.51 -32.89
N LEU L 276 -10.70 -21.49 -33.66
CA LEU L 276 -11.29 -22.00 -34.90
C LEU L 276 -12.04 -23.29 -34.62
N SER L 277 -13.11 -23.60 -35.40
CA SER L 277 -13.89 -24.83 -35.21
C SER L 277 -13.03 -26.04 -35.55
N LEU L 278 -13.35 -27.22 -34.98
CA LEU L 278 -12.56 -28.44 -35.25
C LEU L 278 -12.40 -28.67 -36.75
N GLU L 279 -13.54 -28.61 -37.45
CA GLU L 279 -13.70 -28.77 -38.88
C GLU L 279 -12.91 -27.73 -39.71
N ALA L 280 -12.54 -26.57 -39.09
CA ALA L 280 -11.72 -25.51 -39.71
C ALA L 280 -10.25 -25.72 -39.38
N ILE L 281 -9.94 -26.34 -38.21
CA ILE L 281 -8.56 -26.68 -37.77
C ILE L 281 -8.06 -27.84 -38.62
N LYS L 282 -8.89 -28.89 -38.79
CA LYS L 282 -8.57 -30.04 -39.64
C LYS L 282 -8.23 -29.55 -41.05
N ALA L 283 -9.09 -28.64 -41.61
CA ALA L 283 -8.99 -28.07 -42.94
C ALA L 283 -7.71 -27.28 -43.18
N ASN L 284 -7.30 -26.49 -42.20
CA ASN L 284 -6.11 -25.69 -42.31
C ASN L 284 -4.88 -26.52 -42.06
N SER L 285 -4.95 -27.48 -41.13
CA SER L 285 -3.82 -28.39 -40.86
C SER L 285 -3.49 -29.24 -42.12
N MET L 286 -4.53 -29.70 -42.84
CA MET L 286 -4.40 -30.51 -44.06
C MET L 286 -3.55 -29.80 -45.09
N GLU L 287 -3.80 -28.48 -45.26
CA GLU L 287 -3.08 -27.58 -46.16
C GLU L 287 -1.63 -27.40 -45.70
N LEU L 288 -1.40 -27.27 -44.38
CA LEU L 288 -0.06 -27.15 -43.81
C LEU L 288 0.72 -28.49 -43.90
N THR L 289 0.04 -29.64 -43.86
CA THR L 289 0.67 -30.96 -43.98
C THR L 289 1.12 -31.23 -45.44
N ALA L 290 0.20 -31.05 -46.41
CA ALA L 290 0.43 -31.29 -47.84
C ALA L 290 1.26 -30.19 -48.50
N GLY L 291 1.03 -28.94 -48.13
CA GLY L 291 1.75 -27.83 -48.73
C GLY L 291 3.14 -27.55 -48.20
N SER L 292 3.69 -28.46 -47.38
CA SER L 292 5.02 -28.27 -46.79
C SER L 292 5.98 -29.34 -47.23
N VAL L 293 5.46 -30.38 -47.89
CA VAL L 293 6.30 -31.49 -48.31
C VAL L 293 7.15 -31.05 -49.50
N ASP L 294 6.50 -30.89 -50.67
CA ASP L 294 7.11 -30.61 -51.97
C ASP L 294 7.69 -29.22 -52.09
N THR L 295 6.92 -28.16 -51.75
CA THR L 295 7.30 -26.73 -51.87
C THR L 295 8.57 -26.32 -51.15
N THR L 296 8.96 -26.98 -50.04
CA THR L 296 10.21 -26.70 -49.32
C THR L 296 11.37 -27.49 -49.96
N ALA L 297 11.10 -28.73 -50.39
CA ALA L 297 12.08 -29.63 -50.99
C ALA L 297 12.67 -29.06 -52.26
N PHE L 298 11.82 -28.85 -53.29
CA PHE L 298 12.22 -28.40 -54.62
C PHE L 298 13.26 -27.23 -54.55
N PRO L 299 13.06 -26.12 -53.79
CA PRO L 299 14.12 -25.10 -53.71
C PRO L 299 15.35 -25.52 -52.88
N LEU L 300 15.20 -26.48 -51.92
CA LEU L 300 16.32 -27.01 -51.12
C LEU L 300 17.27 -27.74 -52.05
N LEU L 301 16.70 -28.56 -52.94
CA LEU L 301 17.40 -29.33 -53.97
C LEU L 301 18.11 -28.40 -54.96
N MET L 302 17.45 -27.30 -55.31
CA MET L 302 17.98 -26.32 -56.25
C MET L 302 19.12 -25.51 -55.63
N THR L 303 19.07 -25.22 -54.31
CA THR L 303 20.16 -24.53 -53.62
C THR L 303 21.38 -25.44 -53.61
N LEU L 304 21.18 -26.73 -53.25
CA LEU L 304 22.23 -27.75 -53.24
C LEU L 304 22.91 -27.85 -54.61
N PHE L 305 22.11 -27.87 -55.69
CA PHE L 305 22.62 -27.93 -57.05
C PHE L 305 23.45 -26.69 -57.40
N GLU L 306 22.92 -25.50 -57.09
CA GLU L 306 23.56 -24.21 -57.35
C GLU L 306 24.86 -24.03 -56.57
N LEU L 307 24.91 -24.60 -55.35
CA LEU L 307 26.09 -24.54 -54.51
C LEU L 307 27.19 -25.46 -55.03
N ALA L 308 26.83 -26.63 -55.57
CA ALA L 308 27.79 -27.58 -56.13
C ALA L 308 28.34 -27.05 -57.44
N ARG L 309 27.50 -26.30 -58.18
CA ARG L 309 27.83 -25.67 -59.46
C ARG L 309 28.76 -24.47 -59.23
N ASN L 310 28.48 -23.66 -58.16
CA ASN L 310 29.28 -22.48 -57.78
C ASN L 310 30.07 -22.82 -56.50
N PRO L 311 31.26 -23.43 -56.62
CA PRO L 311 32.02 -23.81 -55.41
C PRO L 311 32.58 -22.61 -54.63
N ASP L 312 32.84 -21.51 -55.35
CA ASP L 312 33.33 -20.25 -54.78
C ASP L 312 32.30 -19.64 -53.83
N VAL L 313 31.01 -19.65 -54.24
CA VAL L 313 29.86 -19.17 -53.48
C VAL L 313 29.72 -20.06 -52.24
N GLN L 314 29.81 -21.38 -52.46
CA GLN L 314 29.69 -22.46 -51.47
C GLN L 314 30.72 -22.31 -50.34
N GLN L 315 31.97 -21.93 -50.69
CA GLN L 315 33.05 -21.70 -49.74
C GLN L 315 32.73 -20.56 -48.77
N ILE L 316 32.22 -19.43 -49.29
CA ILE L 316 31.85 -18.25 -48.49
C ILE L 316 30.78 -18.64 -47.46
N LEU L 317 29.74 -19.36 -47.91
CA LEU L 317 28.64 -19.85 -47.08
C LEU L 317 29.11 -20.82 -45.99
N ARG L 318 30.09 -21.69 -46.33
CA ARG L 318 30.70 -22.67 -45.43
C ARG L 318 31.49 -21.96 -44.34
N GLN L 319 32.27 -20.92 -44.71
CA GLN L 319 33.08 -20.11 -43.78
C GLN L 319 32.17 -19.40 -42.77
N GLU L 320 31.02 -18.90 -43.26
CA GLU L 320 30.00 -18.23 -42.47
C GLU L 320 29.40 -19.22 -41.47
N SER L 321 28.96 -20.39 -41.96
CA SER L 321 28.34 -21.44 -41.16
C SER L 321 29.26 -22.08 -40.11
N LEU L 322 30.56 -22.22 -40.43
CA LEU L 322 31.54 -22.78 -39.48
C LEU L 322 31.85 -21.81 -38.37
N ALA L 323 31.79 -20.50 -38.67
CA ALA L 323 32.04 -19.43 -37.69
C ALA L 323 30.89 -19.38 -36.68
N ALA L 324 29.65 -19.35 -37.17
CA ALA L 324 28.44 -19.28 -36.34
C ALA L 324 27.99 -20.65 -35.79
N ALA L 325 28.72 -21.75 -36.15
CA ALA L 325 28.43 -23.12 -35.71
C ALA L 325 28.29 -23.27 -34.20
N ALA L 326 29.20 -22.63 -33.43
CA ALA L 326 29.24 -22.66 -31.97
C ALA L 326 28.01 -22.06 -31.27
N SER L 327 27.58 -20.83 -31.63
CA SER L 327 26.44 -20.17 -30.97
C SER L 327 25.07 -20.74 -31.40
N ILE L 328 25.02 -21.37 -32.60
CA ILE L 328 23.82 -22.02 -33.13
C ILE L 328 23.66 -23.40 -32.44
N SER L 329 24.79 -24.06 -32.09
CA SER L 329 24.80 -25.33 -31.37
C SER L 329 24.21 -25.16 -29.97
N GLU L 330 24.47 -24.00 -29.32
CA GLU L 330 23.96 -23.65 -27.99
C GLU L 330 22.48 -23.27 -28.05
N HIS L 331 22.14 -22.31 -28.93
CA HIS L 331 20.78 -21.82 -29.15
C HIS L 331 20.46 -21.86 -30.66
N PRO L 332 19.62 -22.83 -31.12
CA PRO L 332 19.34 -22.95 -32.56
C PRO L 332 18.63 -21.78 -33.21
N GLN L 333 17.74 -21.08 -32.47
CA GLN L 333 16.96 -19.91 -32.94
C GLN L 333 17.87 -18.74 -33.39
N LYS L 334 19.17 -18.82 -33.00
CA LYS L 334 20.28 -17.91 -33.30
C LYS L 334 20.82 -18.09 -34.73
N ALA L 335 20.16 -18.92 -35.56
CA ALA L 335 20.55 -19.19 -36.94
C ALA L 335 19.97 -18.14 -37.90
N THR L 336 18.74 -17.64 -37.57
CA THR L 336 17.99 -16.65 -38.36
C THR L 336 18.74 -15.35 -38.58
N THR L 337 18.98 -14.61 -37.47
CA THR L 337 19.63 -13.29 -37.48
C THR L 337 21.18 -13.35 -37.36
N GLU L 338 21.79 -14.49 -37.77
CA GLU L 338 23.24 -14.71 -37.69
C GLU L 338 23.86 -15.24 -38.99
N LEU L 339 23.04 -15.77 -39.93
CA LEU L 339 23.44 -16.32 -41.23
C LEU L 339 22.86 -15.46 -42.40
N PRO L 340 23.35 -14.20 -42.62
CA PRO L 340 22.78 -13.35 -43.70
C PRO L 340 23.07 -13.84 -45.11
N LEU L 341 24.28 -14.42 -45.36
CA LEU L 341 24.69 -14.94 -46.67
C LEU L 341 23.82 -16.11 -47.07
N LEU L 342 23.58 -17.06 -46.12
CA LEU L 342 22.76 -18.25 -46.35
C LEU L 342 21.30 -17.87 -46.59
N ARG L 343 20.83 -16.81 -45.93
CA ARG L 343 19.49 -16.24 -46.11
C ARG L 343 19.44 -15.65 -47.54
N ALA L 344 20.56 -15.04 -47.99
CA ALA L 344 20.72 -14.43 -49.30
C ALA L 344 20.90 -15.47 -50.39
N ALA L 345 21.33 -16.68 -50.00
CA ALA L 345 21.52 -17.82 -50.90
C ALA L 345 20.15 -18.39 -51.24
N LEU L 346 19.19 -18.27 -50.30
CA LEU L 346 17.83 -18.76 -50.48
C LEU L 346 16.98 -17.89 -51.41
N LYS L 347 17.05 -16.56 -51.26
CA LYS L 347 16.27 -15.65 -52.11
C LYS L 347 16.67 -15.77 -53.57
N GLU L 348 17.99 -15.96 -53.82
CA GLU L 348 18.60 -16.13 -55.15
C GLU L 348 18.11 -17.45 -55.80
N THR L 349 17.92 -18.49 -54.98
CA THR L 349 17.42 -19.75 -55.45
C THR L 349 15.94 -19.62 -55.78
N LEU L 350 15.21 -18.79 -55.02
CA LEU L 350 13.79 -18.58 -55.26
C LEU L 350 13.55 -17.62 -56.41
N ARG L 351 14.55 -16.79 -56.72
CA ARG L 351 14.49 -15.82 -57.79
C ARG L 351 14.58 -16.53 -59.15
N LEU L 352 15.59 -17.41 -59.28
CA LEU L 352 15.88 -18.19 -60.49
C LEU L 352 14.91 -19.35 -60.66
N TYR L 353 14.55 -20.01 -59.53
CA TYR L 353 13.68 -21.18 -59.51
C TYR L 353 12.48 -21.00 -58.59
N PRO L 354 11.38 -20.43 -59.12
CA PRO L 354 10.17 -20.25 -58.30
C PRO L 354 9.34 -21.53 -58.27
N VAL L 355 8.50 -21.65 -57.27
CA VAL L 355 7.66 -22.81 -57.05
C VAL L 355 6.33 -22.72 -57.82
N GLY L 356 5.82 -21.52 -58.03
CA GLY L 356 4.57 -21.33 -58.75
C GLY L 356 4.73 -20.46 -59.98
N LEU L 357 3.73 -20.49 -60.89
CA LEU L 357 3.76 -19.72 -62.13
C LEU L 357 3.42 -18.23 -61.93
N PHE L 358 2.15 -17.93 -61.55
CA PHE L 358 1.60 -16.59 -61.38
C PHE L 358 1.21 -16.27 -59.92
N LEU L 359 1.10 -14.94 -59.61
CA LEU L 359 0.61 -14.39 -58.34
C LEU L 359 -0.75 -13.75 -58.63
N GLU L 360 -1.84 -14.44 -58.26
CA GLU L 360 -3.23 -14.06 -58.53
C GLU L 360 -3.81 -12.99 -57.60
N ARG L 361 -4.43 -11.96 -58.19
CA ARG L 361 -5.20 -10.92 -57.50
C ARG L 361 -6.35 -10.47 -58.37
N VAL L 362 -7.59 -10.73 -57.92
CA VAL L 362 -8.82 -10.30 -58.57
C VAL L 362 -9.09 -8.98 -57.85
N VAL L 363 -8.59 -7.89 -58.47
CA VAL L 363 -8.62 -6.52 -57.96
C VAL L 363 -10.01 -6.08 -57.52
N SER L 364 -10.09 -5.51 -56.30
CA SER L 364 -11.31 -5.02 -55.65
C SER L 364 -11.76 -3.67 -56.21
N SER L 365 -10.84 -2.84 -56.72
CA SER L 365 -11.12 -1.54 -57.32
C SER L 365 -10.24 -1.26 -58.54
N ASP L 366 -10.60 -0.24 -59.36
CA ASP L 366 -9.85 0.17 -60.54
C ASP L 366 -8.44 0.67 -60.19
N LEU L 367 -7.47 0.47 -61.10
CA LEU L 367 -6.06 0.87 -60.91
C LEU L 367 -5.33 1.08 -62.23
N VAL L 368 -4.19 1.75 -62.19
CA VAL L 368 -3.38 2.01 -63.38
C VAL L 368 -2.09 1.20 -63.29
N LEU L 369 -1.93 0.22 -64.19
CA LEU L 369 -0.73 -0.60 -64.22
C LEU L 369 0.04 -0.34 -65.51
N GLN L 370 1.28 0.18 -65.38
CA GLN L 370 2.19 0.49 -66.48
C GLN L 370 1.47 1.26 -67.62
N ASN L 371 0.78 2.38 -67.25
CA ASN L 371 0.02 3.32 -68.10
C ASN L 371 -1.40 2.85 -68.50
N TYR L 372 -1.69 1.55 -68.44
CA TYR L 372 -3.00 1.02 -68.85
C TYR L 372 -4.08 1.02 -67.74
N HIS L 373 -5.35 1.27 -68.14
CA HIS L 373 -6.50 1.23 -67.24
C HIS L 373 -6.87 -0.21 -66.91
N ILE L 374 -6.85 -0.56 -65.62
CA ILE L 374 -7.20 -1.89 -65.14
C ILE L 374 -8.53 -1.79 -64.40
N PRO L 375 -9.64 -2.30 -64.97
CA PRO L 375 -10.94 -2.22 -64.29
C PRO L 375 -11.06 -3.19 -63.11
N ALA L 376 -12.21 -3.19 -62.42
CA ALA L 376 -12.47 -4.12 -61.32
C ALA L 376 -12.96 -5.47 -61.85
N GLY L 377 -12.69 -6.54 -61.09
CA GLY L 377 -13.05 -7.91 -61.43
C GLY L 377 -11.99 -8.59 -62.28
N THR L 378 -11.07 -7.78 -62.83
CA THR L 378 -9.96 -8.21 -63.67
C THR L 378 -8.99 -9.02 -62.79
N LEU L 379 -8.50 -10.16 -63.32
CA LEU L 379 -7.51 -10.99 -62.63
C LEU L 379 -6.11 -10.57 -63.10
N VAL L 380 -5.28 -10.05 -62.15
CA VAL L 380 -3.91 -9.58 -62.38
C VAL L 380 -2.93 -10.67 -61.90
N GLN L 381 -2.07 -11.16 -62.81
CA GLN L 381 -1.11 -12.22 -62.53
C GLN L 381 0.33 -11.75 -62.59
N VAL L 382 1.06 -11.88 -61.47
CA VAL L 382 2.47 -11.50 -61.40
C VAL L 382 3.25 -12.78 -61.68
N PHE L 383 3.84 -12.90 -62.89
CA PHE L 383 4.63 -14.04 -63.37
C PHE L 383 6.08 -13.91 -62.86
N LEU L 384 6.37 -14.67 -61.81
CA LEU L 384 7.59 -14.72 -61.02
C LEU L 384 8.87 -15.18 -61.73
N TYR L 385 8.74 -16.09 -62.72
CA TYR L 385 9.88 -16.63 -63.50
C TYR L 385 10.52 -15.48 -64.27
N SER L 386 9.70 -14.67 -64.95
CA SER L 386 10.15 -13.52 -65.73
C SER L 386 10.67 -12.39 -64.85
N LEU L 387 9.98 -12.10 -63.72
CA LEU L 387 10.35 -11.05 -62.78
C LEU L 387 11.79 -11.24 -62.27
N GLY L 388 12.18 -12.49 -61.99
CA GLY L 388 13.53 -12.87 -61.55
C GLY L 388 14.56 -12.85 -62.65
N ARG L 389 14.06 -12.99 -63.91
CA ARG L 389 14.78 -12.96 -65.20
C ARG L 389 14.55 -11.60 -65.90
N ASN L 390 14.96 -10.56 -65.18
CA ASN L 390 14.87 -9.18 -65.60
C ASN L 390 16.30 -8.65 -65.40
N ALA L 391 16.94 -8.25 -66.52
CA ALA L 391 18.32 -7.77 -66.51
C ALA L 391 18.49 -6.38 -65.88
N ALA L 392 17.52 -5.48 -66.07
CA ALA L 392 17.54 -4.13 -65.52
C ALA L 392 17.52 -4.14 -63.99
N LEU L 393 16.71 -5.03 -63.37
CA LEU L 393 16.62 -5.13 -61.92
C LEU L 393 17.71 -6.00 -61.33
N PHE L 394 18.00 -7.13 -61.98
CA PHE L 394 19.01 -8.07 -61.50
C PHE L 394 20.16 -8.10 -62.49
N PRO L 395 21.21 -7.26 -62.30
CA PRO L 395 22.33 -7.27 -63.25
C PRO L 395 22.93 -8.66 -63.34
N ARG L 396 23.08 -9.18 -64.58
CA ARG L 396 23.55 -10.53 -64.91
C ARG L 396 22.59 -11.55 -64.23
N PRO L 397 21.33 -11.65 -64.73
CA PRO L 397 20.33 -12.49 -64.07
C PRO L 397 20.63 -13.99 -64.04
N GLU L 398 21.36 -14.50 -65.04
CA GLU L 398 21.72 -15.92 -65.13
C GLU L 398 22.69 -16.36 -64.04
N ARG L 399 23.47 -15.43 -63.49
CA ARG L 399 24.49 -15.71 -62.49
C ARG L 399 23.96 -15.82 -61.08
N TYR L 400 24.19 -16.97 -60.45
CA TYR L 400 23.79 -17.24 -59.08
C TYR L 400 24.76 -16.52 -58.14
N ASN L 401 24.34 -15.31 -57.68
CA ASN L 401 25.13 -14.47 -56.77
C ASN L 401 24.31 -14.00 -55.55
N PRO L 402 24.50 -14.63 -54.37
CA PRO L 402 23.73 -14.21 -53.18
C PRO L 402 24.11 -12.82 -52.68
N GLN L 403 25.33 -12.35 -53.01
CA GLN L 403 25.83 -11.04 -52.59
C GLN L 403 24.97 -9.85 -53.07
N ARG L 404 24.23 -10.01 -54.19
CA ARG L 404 23.36 -8.97 -54.79
C ARG L 404 22.27 -8.46 -53.84
N TRP L 405 21.81 -9.34 -52.94
CA TRP L 405 20.77 -9.06 -51.95
C TRP L 405 21.28 -8.22 -50.79
N LEU L 406 22.62 -8.12 -50.65
CA LEU L 406 23.24 -7.34 -49.58
C LEU L 406 23.68 -5.93 -50.10
N ASP L 407 23.04 -5.48 -51.23
CA ASP L 407 23.27 -4.20 -51.93
C ASP L 407 22.04 -3.28 -52.02
N ILE L 408 20.81 -3.87 -51.99
CA ILE L 408 19.52 -3.18 -52.11
C ILE L 408 19.27 -2.20 -50.94
N HIS L 416 12.13 -7.36 -56.76
CA HIS L 416 11.79 -6.75 -55.48
C HIS L 416 11.11 -7.80 -54.59
N HIS L 417 11.94 -8.71 -53.98
CA HIS L 417 11.58 -9.82 -53.09
C HIS L 417 10.41 -10.65 -53.62
N VAL L 418 9.27 -10.62 -52.91
CA VAL L 418 7.98 -11.25 -53.12
C VAL L 418 8.07 -12.76 -53.51
N PRO L 419 8.99 -13.58 -52.95
CA PRO L 419 9.00 -15.01 -53.33
C PRO L 419 7.99 -15.84 -52.51
N PHE L 420 7.18 -15.14 -51.69
CA PHE L 420 6.15 -15.67 -50.79
C PHE L 420 4.86 -14.84 -50.88
N GLY L 421 4.86 -13.83 -51.76
CA GLY L 421 3.70 -12.98 -51.98
C GLY L 421 3.82 -11.65 -51.29
N PHE L 422 2.67 -11.04 -50.98
CA PHE L 422 2.60 -9.73 -50.32
C PHE L 422 1.32 -9.53 -49.49
N GLY L 423 1.36 -8.53 -48.61
CA GLY L 423 0.26 -8.14 -47.75
C GLY L 423 -0.16 -9.20 -46.76
N MET L 424 -1.46 -9.21 -46.45
CA MET L 424 -2.08 -10.15 -45.51
C MET L 424 -2.19 -11.56 -46.08
N ARG L 425 -2.23 -11.69 -47.41
CA ARG L 425 -2.32 -12.98 -48.07
C ARG L 425 -0.97 -13.65 -48.25
N GLN L 426 0.14 -12.91 -47.99
CA GLN L 426 1.51 -13.43 -48.09
C GLN L 426 1.63 -14.74 -47.31
N CYS L 427 2.30 -15.74 -47.93
CA CYS L 427 2.52 -17.12 -47.44
C CYS L 427 2.46 -17.30 -45.91
N LEU L 428 1.68 -18.29 -45.46
CA LEU L 428 1.52 -18.65 -44.05
C LEU L 428 2.69 -19.53 -43.57
N GLY L 429 3.17 -20.41 -44.46
CA GLY L 429 4.26 -21.32 -44.16
C GLY L 429 5.64 -20.74 -44.33
N ARG L 430 5.72 -19.49 -44.85
CA ARG L 430 6.94 -18.74 -45.15
C ARG L 430 8.07 -18.97 -44.15
N ARG L 431 7.83 -18.69 -42.85
CA ARG L 431 8.85 -18.82 -41.81
C ARG L 431 9.15 -20.30 -41.42
N LEU L 432 8.22 -21.22 -41.69
CA LEU L 432 8.46 -22.65 -41.44
C LEU L 432 9.34 -23.21 -42.54
N ALA L 433 9.03 -22.86 -43.81
CA ALA L 433 9.80 -23.29 -45.00
C ALA L 433 11.23 -22.79 -44.91
N GLU L 434 11.40 -21.49 -44.55
CA GLU L 434 12.71 -20.84 -44.37
C GLU L 434 13.54 -21.61 -43.35
N ALA L 435 12.91 -21.98 -42.23
CA ALA L 435 13.53 -22.70 -41.12
C ALA L 435 14.06 -24.06 -41.55
N GLU L 436 13.29 -24.80 -42.34
CA GLU L 436 13.66 -26.12 -42.86
C GLU L 436 14.82 -26.04 -43.84
N MET L 437 14.83 -24.99 -44.68
CA MET L 437 15.89 -24.76 -45.68
C MET L 437 17.22 -24.35 -45.05
N LEU L 438 17.25 -23.22 -44.30
CA LEU L 438 18.42 -22.68 -43.60
C LEU L 438 19.16 -23.68 -42.73
N LEU L 439 18.42 -24.37 -41.83
CA LEU L 439 18.97 -25.36 -40.90
C LEU L 439 19.55 -26.59 -41.59
N LEU L 440 18.92 -27.09 -42.69
CA LEU L 440 19.48 -28.24 -43.41
C LEU L 440 20.81 -27.84 -44.07
N LEU L 441 20.80 -26.73 -44.82
CA LEU L 441 21.97 -26.20 -45.50
C LEU L 441 23.11 -25.86 -44.53
N HIS L 442 22.79 -25.29 -43.37
CA HIS L 442 23.79 -24.98 -42.35
C HIS L 442 24.58 -26.24 -41.92
N HIS L 443 23.87 -27.32 -41.58
CA HIS L 443 24.50 -28.58 -41.14
C HIS L 443 25.26 -29.30 -42.25
N VAL L 444 24.70 -29.27 -43.47
CA VAL L 444 25.29 -29.89 -44.66
C VAL L 444 26.61 -29.17 -45.02
N LEU L 445 26.65 -27.83 -44.95
CA LEU L 445 27.85 -27.02 -45.23
C LEU L 445 28.94 -27.21 -44.18
N LYS L 446 28.51 -27.44 -42.94
CA LYS L 446 29.40 -27.65 -41.79
C LYS L 446 30.34 -28.85 -41.95
N HIS L 447 29.82 -29.99 -42.51
CA HIS L 447 30.56 -31.26 -42.63
C HIS L 447 30.91 -31.73 -44.05
N PHE L 448 30.16 -31.30 -45.08
CA PHE L 448 30.39 -31.78 -46.44
C PHE L 448 30.73 -30.73 -47.49
N LEU L 449 31.28 -31.20 -48.62
CA LEU L 449 31.61 -30.45 -49.83
C LEU L 449 30.70 -31.03 -50.90
N VAL L 450 29.82 -30.21 -51.47
CA VAL L 450 28.88 -30.66 -52.50
C VAL L 450 29.50 -30.39 -53.88
N GLU L 451 29.61 -31.45 -54.71
CA GLU L 451 30.23 -31.37 -56.04
C GLU L 451 29.35 -32.05 -57.10
N THR L 452 29.44 -31.60 -58.37
CA THR L 452 28.72 -32.18 -59.52
C THR L 452 29.38 -31.85 -60.87
N LEU L 453 29.33 -32.81 -61.81
CA LEU L 453 29.87 -32.64 -63.17
C LEU L 453 28.80 -31.99 -64.07
N THR L 454 27.51 -32.12 -63.68
CA THR L 454 26.36 -31.59 -64.39
C THR L 454 26.33 -30.05 -64.24
N GLN L 455 26.82 -29.34 -65.25
CA GLN L 455 26.84 -27.87 -65.23
C GLN L 455 25.72 -27.26 -66.09
N GLU L 456 24.99 -28.14 -66.80
CA GLU L 456 23.85 -27.81 -67.65
C GLU L 456 22.67 -27.54 -66.75
N ASP L 457 22.02 -26.39 -66.95
CA ASP L 457 20.84 -25.96 -66.19
C ASP L 457 19.76 -27.05 -66.24
N ILE L 458 19.05 -27.26 -65.11
CA ILE L 458 18.01 -28.27 -65.04
C ILE L 458 16.73 -27.71 -65.65
N LYS L 459 16.11 -28.47 -66.57
CA LYS L 459 14.86 -28.10 -67.22
C LYS L 459 13.72 -28.25 -66.20
N MET L 460 13.02 -27.13 -65.92
CA MET L 460 11.88 -27.11 -64.98
C MET L 460 10.62 -27.54 -65.70
N VAL L 461 9.70 -28.20 -64.99
CA VAL L 461 8.44 -28.72 -65.55
C VAL L 461 7.26 -28.09 -64.78
N TYR L 462 6.31 -27.45 -65.49
CA TYR L 462 5.15 -26.82 -64.85
C TYR L 462 4.00 -27.80 -64.61
N SER L 463 3.86 -28.25 -63.36
CA SER L 463 2.82 -29.18 -62.89
C SER L 463 2.25 -28.55 -61.61
N PHE L 464 1.69 -27.33 -61.74
CA PHE L 464 1.15 -26.44 -60.70
C PHE L 464 2.32 -25.90 -59.87
N ILE L 465 3.18 -26.80 -59.35
CA ILE L 465 4.44 -26.49 -58.71
C ILE L 465 5.48 -26.62 -59.85
N LEU L 466 6.33 -25.59 -60.02
CA LEU L 466 7.42 -25.56 -61.01
C LEU L 466 8.54 -26.47 -60.47
N ARG L 467 8.57 -27.74 -60.94
CA ARG L 467 9.50 -28.78 -60.44
C ARG L 467 10.56 -29.25 -61.43
N PRO L 468 11.81 -29.51 -60.96
CA PRO L 468 12.89 -29.94 -61.89
C PRO L 468 12.62 -31.29 -62.53
N GLY L 469 12.88 -31.36 -63.83
CA GLY L 469 12.69 -32.58 -64.60
C GLY L 469 13.78 -33.61 -64.36
N THR L 470 14.96 -33.16 -63.91
CA THR L 470 16.10 -34.01 -63.66
C THR L 470 16.61 -33.82 -62.25
N SER L 471 17.08 -34.92 -61.62
CA SER L 471 17.72 -34.83 -60.31
C SER L 471 19.17 -35.22 -60.53
N PRO L 472 20.09 -34.26 -60.42
CA PRO L 472 21.50 -34.55 -60.70
C PRO L 472 22.20 -35.31 -59.60
N LEU L 473 23.30 -35.95 -59.97
CA LEU L 473 24.14 -36.71 -59.07
C LEU L 473 25.02 -35.73 -58.31
N LEU L 474 24.90 -35.74 -56.97
CA LEU L 474 25.69 -34.84 -56.12
C LEU L 474 26.63 -35.66 -55.26
N THR L 475 27.90 -35.24 -55.21
CA THR L 475 28.90 -35.90 -54.39
C THR L 475 29.02 -35.14 -53.08
N PHE L 476 28.89 -35.85 -51.96
CA PHE L 476 29.02 -35.29 -50.62
C PHE L 476 30.30 -35.82 -50.00
N ARG L 477 31.36 -34.99 -50.03
CA ARG L 477 32.69 -35.33 -49.50
C ARG L 477 32.87 -34.80 -48.08
N ALA L 478 33.20 -35.67 -47.12
CA ALA L 478 33.39 -35.28 -45.72
C ALA L 478 34.67 -34.45 -45.54
N ILE L 479 34.63 -33.48 -44.61
CA ILE L 479 35.79 -32.64 -44.28
C ILE L 479 36.59 -33.33 -43.16
#